data_3H1C
#
_entry.id   3H1C
#
_cell.length_a   167.742
_cell.length_b   262.887
_cell.length_c   264.125
_cell.angle_alpha   90.00
_cell.angle_beta   90.00
_cell.angle_gamma   90.00
#
_symmetry.space_group_name_H-M   'P 21 21 21'
#
loop_
_entity.id
_entity.type
_entity.pdbx_description
1 polymer 'Polyribonucleotide nucleotidyltransferase'
2 polymer 'Ribonuclease E'
3 non-polymer TUNGSTATE(VI)ION
#
loop_
_entity_poly.entity_id
_entity_poly.type
_entity_poly.pdbx_seq_one_letter_code
_entity_poly.pdbx_strand_id
1 'polypeptide(L)'
;MLNPIVRKFQYGQHTVTLETGMMARQATAAVMVSMDDTAVFVTVVGQKKAKPGQDFFPLTVNYQERTYAAGRIPGSFFRR
EGRPSEGETLIARLIDRPIRPLFPEGFVNEVQVIATVVSVNPQVNPDIVAMIGASAALSLSGIPFNGPIGAARVGYINDQ
YVLNPTQDELKESKLDLVVAGTEAAVLMVESEAQLLSEDQMLGAVVFGHEQQQVVIQNINELVKEAGKPRWDWQPEPVNE
ALNARVAALAEARLSDAYRITDKQERYAQVDVIKSETIATLLAEDETLDENELGEILHAIEKNVVRSRVLAGEPRIDGRE
KDMIRGLDVRTGVLPRTHGSALFTRGETQALVTATLGTARDAQVLDELMGERTDTFLFHYNFPPYSVGETGMVGSPKRRE
IGHGRLAKRGVLAVMPDMDKFPYTVRVVSEITESNGSSSMASVCGASLALMDAGVPIKAAVAGIAMGLVKEGDNYVVLSD
ILGDEDHLGDMDFKVAGSRDGISALQMDIKIEGITKEIMQVALNQAKGARLHILGVMEQAINAPRGDIS
;
A,B,C,G,I,K,M,O,R,T,V,X
2 'polypeptide(L)' EAPRHSDWQRPTFAFEGKGAAGGHTATHHASAAPARPQPVE D,E,F,H,J,L,N,P,S,U,W,Y
#
loop_
_chem_comp.id
_chem_comp.type
_chem_comp.name
_chem_comp.formula
WO4 non-polymer TUNGSTATE(VI)ION 'O4 W -2'
#
# COMPACT_ATOMS: atom_id res chain seq x y z
N MET A 1 -18.65 42.35 -47.52
CA MET A 1 -17.79 41.84 -48.63
C MET A 1 -16.59 42.75 -48.86
N LEU A 2 -15.42 42.14 -49.07
CA LEU A 2 -14.18 42.87 -49.33
C LEU A 2 -13.62 42.53 -50.71
N ASN A 3 -13.37 43.55 -51.50
CA ASN A 3 -12.87 43.30 -52.83
C ASN A 3 -11.46 43.80 -53.01
N PRO A 4 -10.65 42.99 -53.64
CA PRO A 4 -9.25 43.31 -53.87
C PRO A 4 -9.05 44.26 -55.06
N ILE A 5 -7.91 44.95 -55.08
CA ILE A 5 -7.56 45.85 -56.18
C ILE A 5 -6.43 45.21 -57.00
N VAL A 6 -6.73 44.97 -58.28
CA VAL A 6 -5.81 44.25 -59.17
C VAL A 6 -5.32 45.08 -60.36
N ARG A 7 -4.16 44.72 -60.89
CA ARG A 7 -3.59 45.36 -62.07
C ARG A 7 -2.79 44.35 -62.89
N LYS A 8 -3.21 44.14 -64.14
CA LYS A 8 -2.57 43.18 -65.03
C LYS A 8 -1.70 43.87 -66.08
N PHE A 9 -0.54 43.27 -66.36
CA PHE A 9 0.37 43.80 -67.38
C PHE A 9 1.17 42.69 -68.07
N GLN A 10 1.52 42.92 -69.33
CA GLN A 10 2.31 41.98 -70.12
C GLN A 10 3.80 42.13 -69.81
N TYR A 11 4.47 41.02 -69.58
CA TYR A 11 5.90 41.02 -69.28
C TYR A 11 6.61 39.83 -69.95
N GLY A 12 7.29 40.13 -71.07
CA GLY A 12 7.99 39.11 -71.84
C GLY A 12 7.02 38.25 -72.65
N GLN A 13 6.74 37.06 -72.12
CA GLN A 13 5.80 36.13 -72.74
C GLN A 13 4.67 35.76 -71.77
N HIS A 14 4.74 36.30 -70.55
CA HIS A 14 3.79 35.98 -69.49
C HIS A 14 3.04 37.22 -69.00
N THR A 15 1.81 37.01 -68.54
CA THR A 15 0.97 38.10 -68.03
C THR A 15 0.98 38.12 -66.50
N VAL A 16 1.74 39.05 -65.93
CA VAL A 16 1.92 39.15 -64.48
C VAL A 16 0.73 39.87 -63.83
N THR A 17 0.20 39.27 -62.77
CA THR A 17 -0.94 39.82 -62.04
C THR A 17 -0.55 40.17 -60.60
N LEU A 18 -0.93 41.38 -60.16
CA LEU A 18 -0.65 41.84 -58.80
C LEU A 18 -1.96 42.14 -58.05
N GLU A 19 -2.09 41.59 -56.85
CA GLU A 19 -3.29 41.76 -56.03
C GLU A 19 -2.93 42.21 -54.61
N THR A 20 -3.74 43.12 -54.07
CA THR A 20 -3.52 43.65 -52.72
C THR A 20 -4.82 44.05 -52.01
N GLY A 21 -4.76 44.12 -50.68
CA GLY A 21 -5.86 44.64 -49.87
C GLY A 21 -7.05 43.72 -49.67
N MET A 22 -6.79 42.42 -49.59
CA MET A 22 -7.85 41.44 -49.36
C MET A 22 -7.50 40.24 -48.48
N MET A 23 -6.22 39.89 -48.44
CA MET A 23 -5.76 38.71 -47.72
C MET A 23 -5.30 39.16 -46.33
N ALA A 24 -4.09 39.71 -46.24
CA ALA A 24 -3.55 40.15 -44.95
C ALA A 24 -3.73 41.65 -44.76
N ARG A 25 -4.66 42.03 -43.89
CA ARG A 25 -4.91 43.43 -43.56
C ARG A 25 -4.13 43.88 -42.33
N GLN A 26 -3.96 42.96 -41.38
CA GLN A 26 -3.24 43.25 -40.13
C GLN A 26 -1.74 43.43 -40.35
N ALA A 27 -1.22 42.81 -41.40
CA ALA A 27 0.15 43.06 -41.86
C ALA A 27 0.20 44.41 -42.57
N THR A 28 1.30 45.13 -42.40
CA THR A 28 1.46 46.47 -42.99
C THR A 28 1.48 46.44 -44.51
N ALA A 29 1.89 45.31 -45.08
CA ALA A 29 1.95 45.13 -46.52
C ALA A 29 1.64 43.69 -46.92
N ALA A 30 0.85 43.53 -47.98
CA ALA A 30 0.49 42.21 -48.50
C ALA A 30 0.14 42.24 -49.99
N VAL A 31 0.96 41.60 -50.80
CA VAL A 31 0.70 41.45 -52.23
C VAL A 31 0.85 40.00 -52.68
N MET A 32 0.02 39.59 -53.64
CA MET A 32 0.09 38.26 -54.23
C MET A 32 0.50 38.36 -55.69
N VAL A 33 1.69 37.84 -56.00
CA VAL A 33 2.24 37.91 -57.35
C VAL A 33 1.95 36.61 -58.11
N SER A 34 1.60 36.75 -59.39
CA SER A 34 1.37 35.62 -60.27
C SER A 34 1.92 35.93 -61.66
N MET A 35 3.07 35.34 -61.98
CA MET A 35 3.75 35.60 -63.25
C MET A 35 2.83 35.12 -64.38
N ASP A 36 2.58 33.81 -64.42
CA ASP A 36 1.67 33.21 -65.39
C ASP A 36 0.78 32.14 -64.76
N ASP A 37 1.41 31.26 -63.98
CA ASP A 37 0.71 30.20 -63.27
C ASP A 37 1.38 29.95 -61.91
N THR A 38 2.63 30.40 -61.79
CA THR A 38 3.37 30.33 -60.54
C THR A 38 3.06 31.55 -59.67
N ALA A 39 2.63 31.29 -58.43
CA ALA A 39 2.26 32.36 -57.51
C ALA A 39 3.07 32.33 -56.22
N VAL A 40 3.53 33.50 -55.79
CA VAL A 40 4.23 33.66 -54.52
C VAL A 40 3.60 34.79 -53.71
N PHE A 41 3.11 34.46 -52.52
CA PHE A 41 2.48 35.43 -51.63
C PHE A 41 3.52 36.06 -50.69
N VAL A 42 3.70 37.37 -50.82
CA VAL A 42 4.73 38.09 -50.08
C VAL A 42 4.10 39.11 -49.12
N THR A 43 4.53 39.08 -47.86
CA THR A 43 4.07 40.02 -46.84
C THR A 43 5.24 40.73 -46.15
N VAL A 44 5.07 42.03 -45.91
CA VAL A 44 6.09 42.83 -45.23
C VAL A 44 5.49 43.44 -43.95
N VAL A 45 6.11 43.15 -42.82
CA VAL A 45 5.69 43.70 -41.53
C VAL A 45 6.81 44.54 -40.93
N GLY A 46 6.50 45.81 -40.66
CA GLY A 46 7.47 46.73 -40.09
C GLY A 46 6.91 47.51 -38.92
N GLN A 47 7.69 47.61 -37.85
CA GLN A 47 7.27 48.33 -36.66
C GLN A 47 7.50 49.83 -36.80
N LYS A 48 6.62 50.62 -36.20
CA LYS A 48 6.73 52.07 -36.26
C LYS A 48 7.82 52.59 -35.33
N LYS A 49 7.85 52.06 -34.11
CA LYS A 49 8.84 52.46 -33.12
C LYS A 49 9.64 51.27 -32.62
N ALA A 50 10.86 51.14 -33.13
CA ALA A 50 11.75 50.04 -32.74
C ALA A 50 12.46 50.35 -31.43
N LYS A 51 13.36 49.45 -31.03
CA LYS A 51 14.13 49.62 -29.80
C LYS A 51 15.11 50.78 -29.91
N PRO A 52 15.48 51.35 -28.77
CA PRO A 52 16.42 52.48 -28.75
C PRO A 52 17.87 52.01 -28.70
N GLY A 53 18.09 50.79 -28.22
CA GLY A 53 19.44 50.23 -28.12
C GLY A 53 19.86 49.45 -29.35
N GLN A 54 19.45 49.93 -30.53
CA GLN A 54 19.78 49.29 -31.80
C GLN A 54 20.72 50.16 -32.62
N ASP A 55 21.78 49.55 -33.13
CA ASP A 55 22.78 50.24 -33.95
C ASP A 55 22.80 49.74 -35.39
N PHE A 56 22.29 48.53 -35.59
CA PHE A 56 22.24 47.91 -36.92
C PHE A 56 20.80 47.79 -37.43
N PHE A 57 20.65 47.91 -38.75
CA PHE A 57 19.35 47.76 -39.41
C PHE A 57 18.98 46.27 -39.50
N PRO A 58 17.97 45.85 -38.72
CA PRO A 58 17.62 44.44 -38.58
C PRO A 58 16.57 43.99 -39.59
N LEU A 59 17.00 43.76 -40.84
CA LEU A 59 16.11 43.26 -41.88
C LEU A 59 16.34 41.76 -42.08
N THR A 60 15.24 41.00 -42.02
CA THR A 60 15.29 39.55 -42.23
C THR A 60 14.25 39.10 -43.24
N VAL A 61 14.70 38.35 -44.25
CA VAL A 61 13.83 37.83 -45.29
C VAL A 61 13.77 36.30 -45.21
N ASN A 62 12.57 35.77 -45.03
CA ASN A 62 12.37 34.32 -44.94
C ASN A 62 11.60 33.76 -46.12
N TYR A 63 12.32 33.05 -46.99
CA TYR A 63 11.74 32.44 -48.18
C TYR A 63 11.44 30.97 -47.92
N GLN A 64 10.22 30.57 -48.27
CA GLN A 64 9.77 29.23 -48.02
C GLN A 64 8.87 28.67 -49.07
N GLU A 65 9.20 27.50 -49.60
CA GLU A 65 8.44 26.86 -50.67
C GLU A 65 7.47 25.84 -50.09
N ARG A 66 6.18 26.07 -50.34
CA ARG A 66 5.14 25.14 -49.88
C ARG A 66 5.01 23.96 -50.83
N THR A 67 4.80 22.77 -50.26
CA THR A 67 4.76 21.52 -51.03
C THR A 67 3.49 21.35 -51.86
N TYR A 68 2.40 22.02 -51.46
CA TYR A 68 1.14 21.95 -52.18
C TYR A 68 1.11 22.80 -53.45
N ALA A 69 2.22 23.50 -53.71
CA ALA A 69 2.36 24.33 -54.91
C ALA A 69 2.41 23.49 -56.18
N ALA A 70 3.22 22.42 -56.14
CA ALA A 70 3.31 21.48 -57.26
C ALA A 70 2.19 20.44 -57.19
N GLY A 71 1.74 20.14 -55.98
CA GLY A 71 0.68 19.17 -55.75
C GLY A 71 1.19 17.81 -55.29
N ARG A 72 2.16 17.84 -54.38
CA ARG A 72 2.77 16.63 -53.85
C ARG A 72 2.94 16.69 -52.33
N ILE A 73 2.71 15.56 -51.68
CA ILE A 73 2.92 15.41 -50.24
C ILE A 73 4.42 15.19 -49.97
N PRO A 74 5.02 16.02 -49.09
CA PRO A 74 6.46 16.00 -48.81
C PRO A 74 7.00 14.63 -48.42
N GLY A 75 8.25 14.35 -48.81
CA GLY A 75 8.88 13.06 -48.56
C GLY A 75 9.60 12.94 -47.23
N SER A 76 9.34 13.89 -46.33
CA SER A 76 9.91 13.88 -44.98
C SER A 76 9.20 12.86 -44.10
N PHE A 77 9.85 12.48 -42.99
CA PHE A 77 9.31 11.49 -42.06
C PHE A 77 8.06 11.99 -41.33
N PHE A 78 8.01 13.29 -41.06
CA PHE A 78 6.87 13.91 -40.39
C PHE A 78 5.78 14.35 -41.36
N ARG A 79 6.05 14.20 -42.66
CA ARG A 79 5.15 14.62 -43.75
C ARG A 79 4.81 16.12 -43.70
N ARG A 80 5.74 16.91 -43.20
CA ARG A 80 5.55 18.36 -43.10
C ARG A 80 6.93 19.00 -43.22
N GLU A 81 7.07 19.92 -44.16
CA GLU A 81 8.33 20.60 -44.39
C GLU A 81 8.79 21.19 -43.06
N GLY A 82 10.05 21.62 -43.01
CA GLY A 82 10.61 22.19 -41.80
C GLY A 82 11.71 23.19 -42.08
N ARG A 83 12.95 22.72 -42.12
CA ARG A 83 14.11 23.58 -42.36
C ARG A 83 14.33 23.84 -43.86
N PRO A 84 14.62 25.11 -44.21
CA PRO A 84 14.88 25.49 -45.60
C PRO A 84 16.12 24.83 -46.17
N SER A 85 16.02 24.35 -47.41
CA SER A 85 17.13 23.68 -48.10
C SER A 85 18.10 24.69 -48.72
N GLU A 86 19.09 24.19 -49.45
CA GLU A 86 20.10 25.03 -50.11
C GLU A 86 19.48 25.92 -51.19
N GLY A 87 18.40 25.45 -51.81
CA GLY A 87 17.68 26.22 -52.82
C GLY A 87 16.92 27.39 -52.24
N GLU A 88 16.20 27.14 -51.14
CA GLU A 88 15.37 28.14 -50.48
C GLU A 88 16.19 29.24 -49.80
N THR A 89 17.40 28.91 -49.37
CA THR A 89 18.31 29.86 -48.72
C THR A 89 18.91 30.84 -49.72
N LEU A 90 19.23 30.35 -50.93
CA LEU A 90 19.80 31.17 -51.98
C LEU A 90 18.83 32.21 -52.55
N ILE A 91 17.55 31.84 -52.60
CA ILE A 91 16.50 32.76 -53.07
C ILE A 91 16.22 33.81 -51.99
N ALA A 92 16.35 33.43 -50.73
CA ALA A 92 16.21 34.35 -49.60
C ALA A 92 17.27 35.45 -49.63
N ARG A 93 18.48 35.08 -50.03
CA ARG A 93 19.58 36.04 -50.24
C ARG A 93 19.39 36.84 -51.52
N LEU A 94 18.71 36.25 -52.49
CA LEU A 94 18.44 36.89 -53.78
C LEU A 94 17.38 37.99 -53.64
N ILE A 95 16.61 37.93 -52.55
CA ILE A 95 15.58 38.93 -52.26
C ILE A 95 16.11 39.96 -51.25
N ASP A 96 16.95 39.54 -50.33
CA ASP A 96 17.35 40.50 -49.38
C ASP A 96 18.24 41.50 -50.05
N ARG A 97 19.25 41.02 -50.75
CA ARG A 97 20.36 41.84 -51.21
C ARG A 97 19.98 43.13 -51.99
N PRO A 98 19.04 43.05 -52.94
CA PRO A 98 18.68 44.26 -53.69
C PRO A 98 17.87 45.29 -52.90
N ILE A 99 17.08 44.83 -51.94
CA ILE A 99 16.19 45.72 -51.18
C ILE A 99 16.89 46.46 -50.01
N ARG A 100 17.99 45.89 -49.53
CA ARG A 100 18.70 46.43 -48.37
C ARG A 100 19.25 47.86 -48.53
N PRO A 101 19.99 48.14 -49.63
CA PRO A 101 20.62 49.45 -49.79
C PRO A 101 19.64 50.60 -50.05
N LEU A 102 18.43 50.27 -50.45
CA LEU A 102 17.40 51.27 -50.78
C LEU A 102 16.83 51.96 -49.54
N PHE A 103 17.00 51.33 -48.38
CA PHE A 103 16.61 51.92 -47.10
C PHE A 103 17.53 53.09 -46.74
N PRO A 104 16.96 54.21 -46.27
CA PRO A 104 17.73 55.39 -45.91
C PRO A 104 18.70 55.15 -44.75
N GLU A 105 19.80 55.91 -44.73
CA GLU A 105 20.81 55.80 -43.68
C GLU A 105 20.29 56.38 -42.36
N GLY A 106 20.35 55.58 -41.31
CA GLY A 106 19.85 55.97 -39.99
C GLY A 106 18.54 55.30 -39.62
N PHE A 107 18.05 54.45 -40.52
CA PHE A 107 16.81 53.70 -40.27
C PHE A 107 17.13 52.40 -39.55
N VAL A 108 16.67 52.29 -38.31
CA VAL A 108 17.04 51.18 -37.43
C VAL A 108 15.83 50.30 -37.05
N ASN A 109 14.68 50.56 -37.68
CA ASN A 109 13.46 49.81 -37.40
C ASN A 109 13.49 48.40 -37.99
N GLU A 110 12.98 47.44 -37.23
CA GLU A 110 12.96 46.03 -37.63
C GLU A 110 11.84 45.76 -38.65
N VAL A 111 12.23 45.21 -39.79
CA VAL A 111 11.28 44.83 -40.85
C VAL A 111 11.49 43.37 -41.26
N GLN A 112 10.38 42.67 -41.52
CA GLN A 112 10.43 41.27 -41.91
C GLN A 112 9.66 41.03 -43.21
N VAL A 113 10.32 40.43 -44.18
CA VAL A 113 9.70 40.10 -45.47
C VAL A 113 9.46 38.59 -45.56
N ILE A 114 8.21 38.19 -45.39
CA ILE A 114 7.83 36.78 -45.45
C ILE A 114 7.27 36.45 -46.84
N ALA A 115 8.03 35.65 -47.59
CA ALA A 115 7.64 35.24 -48.93
C ALA A 115 7.38 33.74 -48.99
N THR A 116 6.11 33.38 -49.18
CA THR A 116 5.70 31.98 -49.27
C THR A 116 5.13 31.64 -50.66
N VAL A 117 5.58 30.52 -51.21
CA VAL A 117 5.14 30.07 -52.53
C VAL A 117 3.77 29.40 -52.43
N VAL A 118 2.83 29.89 -53.24
CA VAL A 118 1.46 29.38 -53.23
C VAL A 118 1.26 28.27 -54.27
N SER A 119 1.51 28.59 -55.54
CA SER A 119 1.41 27.64 -56.63
C SER A 119 2.65 27.74 -57.53
N VAL A 120 2.94 26.69 -58.28
CA VAL A 120 4.12 26.67 -59.16
C VAL A 120 3.89 25.95 -60.49
N ASN A 121 4.41 26.55 -61.56
CA ASN A 121 4.41 25.95 -62.89
C ASN A 121 5.83 25.50 -63.23
N PRO A 122 5.99 24.23 -63.66
CA PRO A 122 7.30 23.63 -63.97
C PRO A 122 8.13 24.36 -65.03
N GLN A 123 7.57 25.41 -65.62
CA GLN A 123 8.27 26.18 -66.65
C GLN A 123 8.85 27.50 -66.12
N VAL A 124 8.04 28.25 -65.38
CA VAL A 124 8.48 29.53 -64.79
C VAL A 124 9.01 29.38 -63.37
N ASN A 125 10.19 29.93 -63.12
CA ASN A 125 10.79 29.90 -61.82
C ASN A 125 10.01 30.84 -61.01
N PRO A 126 10.07 30.70 -59.70
CA PRO A 126 9.43 31.66 -58.84
C PRO A 126 10.41 32.56 -58.19
N ASP A 127 11.67 32.45 -58.53
CA ASP A 127 12.62 33.34 -57.95
C ASP A 127 12.08 34.69 -58.24
N ILE A 128 12.20 35.07 -59.49
CA ILE A 128 11.93 36.45 -59.89
C ILE A 128 10.50 36.89 -59.58
N VAL A 129 9.61 35.92 -59.38
CA VAL A 129 8.22 36.18 -59.01
C VAL A 129 8.15 36.68 -57.57
N ALA A 130 8.98 36.13 -56.70
CA ALA A 130 9.06 36.51 -55.29
C ALA A 130 9.73 37.87 -55.10
N MET A 131 10.65 38.20 -56.02
CA MET A 131 11.38 39.47 -55.97
C MET A 131 10.50 40.67 -56.33
N ILE A 132 9.49 40.42 -57.17
CA ILE A 132 8.49 41.43 -57.52
C ILE A 132 7.59 41.72 -56.33
N GLY A 133 7.28 40.67 -55.56
CA GLY A 133 6.44 40.79 -54.36
C GLY A 133 7.06 41.61 -53.25
N ALA A 134 8.33 41.37 -52.97
CA ALA A 134 9.08 42.14 -51.98
C ALA A 134 9.33 43.57 -52.46
N SER A 135 9.18 43.77 -53.77
CA SER A 135 9.30 45.10 -54.39
C SER A 135 7.98 45.84 -54.35
N ALA A 136 6.88 45.10 -54.50
CA ALA A 136 5.54 45.68 -54.51
C ALA A 136 5.00 45.96 -53.11
N ALA A 137 5.19 45.00 -52.20
CA ALA A 137 4.70 45.13 -50.83
C ALA A 137 5.39 46.25 -50.06
N LEU A 138 6.72 46.30 -50.16
CA LEU A 138 7.53 47.27 -49.41
C LEU A 138 7.26 48.71 -49.86
N SER A 139 6.85 48.87 -51.11
CA SER A 139 6.45 50.17 -51.63
C SER A 139 5.04 50.55 -51.19
N LEU A 140 4.21 49.53 -50.92
CA LEU A 140 2.84 49.71 -50.45
C LEU A 140 2.74 49.81 -48.93
N SER A 141 3.81 49.44 -48.23
CA SER A 141 3.84 49.43 -46.77
C SER A 141 3.79 50.82 -46.15
N GLY A 142 4.48 51.77 -46.79
CA GLY A 142 4.62 53.12 -46.26
C GLY A 142 6.00 53.35 -45.68
N ILE A 143 6.67 52.24 -45.35
CA ILE A 143 8.05 52.27 -44.83
C ILE A 143 8.99 52.89 -45.85
N PRO A 144 9.79 53.90 -45.44
CA PRO A 144 10.75 54.56 -46.32
C PRO A 144 11.60 53.57 -47.12
N PHE A 145 11.29 53.45 -48.41
CA PHE A 145 11.92 52.47 -49.28
C PHE A 145 11.97 53.00 -50.71
N ASN A 146 13.17 53.21 -51.22
CA ASN A 146 13.38 53.70 -52.58
C ASN A 146 13.19 52.60 -53.63
N GLY A 147 12.99 53.02 -54.88
CA GLY A 147 12.80 52.08 -55.98
C GLY A 147 11.51 52.35 -56.74
N PRO A 148 10.69 51.30 -56.95
CA PRO A 148 10.93 49.92 -56.54
C PRO A 148 11.81 49.15 -57.53
N ILE A 149 12.31 47.99 -57.12
CA ILE A 149 13.21 47.19 -57.96
C ILE A 149 12.47 46.31 -58.96
N GLY A 150 13.12 46.06 -60.09
CA GLY A 150 12.60 45.15 -61.12
C GLY A 150 13.33 43.83 -61.12
N ALA A 151 12.60 42.76 -61.42
CA ALA A 151 13.18 41.42 -61.47
C ALA A 151 13.19 40.88 -62.90
N ALA A 152 14.37 40.47 -63.36
CA ALA A 152 14.54 39.97 -64.73
C ALA A 152 15.55 38.83 -64.80
N ARG A 153 15.22 37.81 -65.59
CA ARG A 153 16.11 36.69 -65.85
C ARG A 153 16.56 36.72 -67.31
N VAL A 154 17.87 36.63 -67.54
CA VAL A 154 18.43 36.75 -68.88
C VAL A 154 19.01 35.42 -69.37
N GLY A 155 18.58 35.01 -70.57
CA GLY A 155 19.11 33.83 -71.24
C GLY A 155 20.00 34.22 -72.41
N TYR A 156 20.63 33.22 -73.03
CA TYR A 156 21.55 33.47 -74.14
C TYR A 156 21.52 32.32 -75.16
N ILE A 157 20.76 32.51 -76.23
CA ILE A 157 20.65 31.52 -77.30
C ILE A 157 20.93 32.18 -78.66
N ASN A 158 21.81 31.55 -79.44
CA ASN A 158 22.22 32.02 -80.77
C ASN A 158 22.81 33.43 -80.76
N ASP A 159 23.71 33.68 -79.81
CA ASP A 159 24.38 34.98 -79.63
C ASP A 159 23.41 36.16 -79.47
N GLN A 160 22.27 35.90 -78.82
CA GLN A 160 21.24 36.91 -78.60
C GLN A 160 20.55 36.68 -77.25
N TYR A 161 20.24 37.78 -76.57
CA TYR A 161 19.64 37.74 -75.23
C TYR A 161 18.15 37.41 -75.28
N VAL A 162 17.71 36.49 -74.43
CA VAL A 162 16.31 36.10 -74.33
C VAL A 162 15.78 36.36 -72.92
N LEU A 163 14.68 37.10 -72.82
CA LEU A 163 14.08 37.44 -71.54
C LEU A 163 13.30 36.28 -70.93
N ASN A 164 13.60 35.97 -69.67
CA ASN A 164 12.94 34.92 -68.90
C ASN A 164 12.85 33.55 -69.60
N PRO A 165 13.96 32.80 -69.62
CA PRO A 165 13.93 31.48 -70.24
C PRO A 165 13.36 30.40 -69.31
N THR A 166 12.55 29.52 -69.88
CA THR A 166 11.95 28.41 -69.12
C THR A 166 12.95 27.28 -68.92
N GLN A 167 12.57 26.27 -68.12
CA GLN A 167 13.43 25.13 -67.82
C GLN A 167 13.83 24.33 -69.07
N ASP A 168 12.93 24.27 -70.04
CA ASP A 168 13.21 23.64 -71.32
C ASP A 168 14.10 24.50 -72.20
N GLU A 169 13.98 25.82 -72.06
CA GLU A 169 14.79 26.78 -72.81
C GLU A 169 16.19 26.95 -72.23
N LEU A 170 16.31 26.67 -70.93
CA LEU A 170 17.60 26.78 -70.23
C LEU A 170 18.56 25.64 -70.55
N LYS A 171 18.02 24.55 -71.10
CA LYS A 171 18.81 23.38 -71.50
C LYS A 171 19.68 23.68 -72.73
N GLU A 172 19.25 24.63 -73.55
CA GLU A 172 19.99 25.03 -74.74
C GLU A 172 20.69 26.38 -74.55
N SER A 173 20.35 27.07 -73.47
CA SER A 173 20.91 28.39 -73.16
C SER A 173 22.34 28.29 -72.62
N LYS A 174 23.09 29.37 -72.79
CA LYS A 174 24.49 29.43 -72.35
C LYS A 174 24.66 30.27 -71.07
N LEU A 175 23.96 31.39 -71.01
CA LEU A 175 24.05 32.31 -69.88
C LEU A 175 22.75 32.31 -69.06
N ASP A 176 22.89 32.34 -67.74
CA ASP A 176 21.76 32.40 -66.83
C ASP A 176 22.03 33.37 -65.67
N LEU A 177 21.52 34.59 -65.79
CA LEU A 177 21.70 35.60 -64.75
C LEU A 177 20.40 36.27 -64.32
N VAL A 178 20.34 36.64 -63.04
CA VAL A 178 19.21 37.36 -62.47
C VAL A 178 19.65 38.77 -62.11
N VAL A 179 19.00 39.77 -62.72
CA VAL A 179 19.36 41.17 -62.52
C VAL A 179 18.27 41.94 -61.76
N ALA A 180 18.69 42.70 -60.76
CA ALA A 180 17.79 43.51 -59.94
C ALA A 180 18.33 44.92 -59.75
N GLY A 181 17.42 45.90 -59.70
CA GLY A 181 17.80 47.30 -59.51
C GLY A 181 16.64 48.27 -59.71
N THR A 182 16.84 49.50 -59.23
CA THR A 182 15.83 50.56 -59.35
C THR A 182 15.77 51.13 -60.78
N GLU A 183 14.85 52.05 -61.00
CA GLU A 183 14.66 52.72 -62.30
C GLU A 183 15.93 53.47 -62.74
N ALA A 184 16.62 54.07 -61.77
CA ALA A 184 17.81 54.87 -62.04
C ALA A 184 19.05 54.02 -62.31
N ALA A 185 19.26 52.98 -61.49
CA ALA A 185 20.48 52.17 -61.57
C ALA A 185 20.28 50.70 -61.18
N VAL A 186 21.24 49.87 -61.57
CA VAL A 186 21.28 48.45 -61.22
C VAL A 186 21.77 48.30 -59.78
N LEU A 187 21.36 47.21 -59.11
CA LEU A 187 21.76 46.97 -57.73
C LEU A 187 22.42 45.59 -57.50
N MET A 188 21.82 44.54 -57.97
CA MET A 188 22.55 43.33 -57.88
C MET A 188 22.55 42.68 -59.21
N VAL A 189 23.23 41.58 -59.25
CA VAL A 189 23.29 40.63 -60.35
C VAL A 189 23.95 39.32 -59.92
N GLU A 190 23.22 38.21 -60.07
CA GLU A 190 23.73 36.87 -59.80
C GLU A 190 23.77 36.09 -61.12
N SER A 191 24.97 35.72 -61.55
CA SER A 191 25.16 35.12 -62.88
C SER A 191 25.67 33.69 -62.86
N GLU A 192 25.40 32.97 -63.96
CA GLU A 192 25.90 31.62 -64.19
C GLU A 192 25.95 31.36 -65.70
N ALA A 193 27.11 31.58 -66.29
CA ALA A 193 27.29 31.45 -67.75
C ALA A 193 28.33 30.40 -68.11
N GLN A 194 28.68 30.33 -69.39
CA GLN A 194 29.66 29.37 -69.88
C GLN A 194 31.06 29.96 -69.87
N LEU A 195 31.46 30.56 -71.00
CA LEU A 195 32.78 31.17 -71.12
C LEU A 195 32.72 32.43 -71.98
N LEU A 196 31.57 33.09 -71.99
CA LEU A 196 31.39 34.30 -72.77
C LEU A 196 32.53 35.28 -72.55
N SER A 197 32.52 36.37 -73.30
CA SER A 197 33.57 37.39 -73.20
C SER A 197 33.17 38.49 -72.22
N GLU A 198 33.96 39.57 -72.20
CA GLU A 198 33.68 40.70 -71.30
C GLU A 198 32.56 41.61 -71.80
N ASP A 199 32.46 41.77 -73.12
CA ASP A 199 31.48 42.67 -73.72
C ASP A 199 30.05 42.12 -73.68
N GLN A 200 29.90 40.83 -73.97
CA GLN A 200 28.59 40.19 -74.00
C GLN A 200 28.03 39.88 -72.60
N MET A 201 28.93 39.80 -71.63
CA MET A 201 28.55 39.56 -70.23
C MET A 201 27.94 40.82 -69.61
N LEU A 202 28.46 41.98 -70.01
CA LEU A 202 27.95 43.27 -69.54
C LEU A 202 26.65 43.64 -70.27
N GLY A 203 26.56 43.25 -71.54
CA GLY A 203 25.39 43.52 -72.37
C GLY A 203 24.12 42.86 -71.87
N ALA A 204 24.26 41.71 -71.24
CA ALA A 204 23.14 40.96 -70.66
C ALA A 204 22.59 41.64 -69.40
N VAL A 205 23.48 42.33 -68.68
CA VAL A 205 23.10 43.09 -67.48
C VAL A 205 22.29 44.32 -67.87
N VAL A 206 22.71 44.99 -68.95
CA VAL A 206 22.02 46.17 -69.47
C VAL A 206 20.67 45.77 -70.10
N PHE A 207 20.65 44.63 -70.79
CA PHE A 207 19.45 44.10 -71.41
C PHE A 207 18.33 43.84 -70.39
N GLY A 208 18.67 43.12 -69.32
CA GLY A 208 17.72 42.78 -68.27
C GLY A 208 17.19 43.97 -67.49
N HIS A 209 18.05 44.98 -67.31
CA HIS A 209 17.68 46.22 -66.62
C HIS A 209 16.69 47.05 -67.44
N GLU A 210 16.80 46.99 -68.76
CA GLU A 210 15.89 47.68 -69.66
C GLU A 210 14.54 46.98 -69.78
N GLN A 211 14.57 45.64 -69.68
CA GLN A 211 13.36 44.83 -69.80
C GLN A 211 12.50 44.86 -68.53
N GLN A 212 13.16 44.95 -67.37
CA GLN A 212 12.48 44.97 -66.08
C GLN A 212 11.78 46.30 -65.77
N GLN A 213 11.99 47.28 -66.65
CA GLN A 213 11.40 48.62 -66.51
C GLN A 213 9.87 48.62 -66.56
N VAL A 214 9.30 47.61 -67.20
CA VAL A 214 7.86 47.45 -67.30
C VAL A 214 7.25 47.16 -65.92
N VAL A 215 7.90 46.27 -65.17
CA VAL A 215 7.47 45.89 -63.82
C VAL A 215 7.51 47.07 -62.86
N ILE A 216 8.59 47.86 -62.94
CA ILE A 216 8.79 49.03 -62.06
C ILE A 216 7.69 50.07 -62.23
N GLN A 217 7.31 50.35 -63.48
CA GLN A 217 6.29 51.34 -63.79
C GLN A 217 4.89 50.91 -63.35
N ASN A 218 4.63 49.60 -63.40
CA ASN A 218 3.33 49.04 -63.01
C ASN A 218 3.10 49.01 -61.50
N ILE A 219 4.19 48.90 -60.74
CA ILE A 219 4.13 48.94 -59.27
C ILE A 219 3.89 50.37 -58.79
N ASN A 220 4.58 51.33 -59.41
CA ASN A 220 4.43 52.76 -59.09
C ASN A 220 3.02 53.29 -59.28
N GLU A 221 2.32 52.75 -60.27
CA GLU A 221 0.92 53.10 -60.53
C GLU A 221 -0.01 52.48 -59.48
N LEU A 222 0.41 51.33 -58.94
CA LEU A 222 -0.37 50.61 -57.93
C LEU A 222 -0.25 51.27 -56.55
N VAL A 223 0.88 51.94 -56.31
CA VAL A 223 1.10 52.69 -55.07
C VAL A 223 0.15 53.89 -54.97
N LYS A 224 -0.05 54.56 -56.10
CA LYS A 224 -0.96 55.70 -56.17
C LYS A 224 -2.43 55.27 -56.27
N GLU A 225 -2.65 53.96 -56.38
CA GLU A 225 -3.99 53.39 -56.52
C GLU A 225 -4.48 52.73 -55.25
N ALA A 226 -3.62 51.97 -54.59
CA ALA A 226 -4.01 51.20 -53.40
C ALA A 226 -3.02 51.30 -52.23
N GLY A 227 -1.86 51.91 -52.49
CA GLY A 227 -0.79 51.99 -51.50
C GLY A 227 -1.08 52.87 -50.29
N LYS A 228 -0.59 52.43 -49.13
CA LYS A 228 -0.73 53.17 -47.88
C LYS A 228 0.20 54.38 -47.86
N PRO A 229 -0.21 55.47 -47.16
CA PRO A 229 0.61 56.68 -47.06
C PRO A 229 1.98 56.43 -46.42
N ARG A 230 2.97 57.21 -46.83
CA ARG A 230 4.35 57.07 -46.35
C ARG A 230 4.51 57.39 -44.86
N TRP A 231 5.44 56.69 -44.22
CA TRP A 231 5.75 56.87 -42.81
C TRP A 231 6.41 58.23 -42.56
N ASP A 232 6.02 58.87 -41.46
CA ASP A 232 6.59 60.15 -41.06
C ASP A 232 7.90 59.92 -40.29
N TRP A 233 8.92 59.48 -41.02
CA TRP A 233 10.23 59.19 -40.44
C TRP A 233 11.24 60.27 -40.81
N GLN A 234 11.97 60.75 -39.80
CA GLN A 234 13.04 61.72 -39.99
C GLN A 234 14.32 61.24 -39.32
N PRO A 235 15.45 61.29 -40.04
CA PRO A 235 16.74 60.86 -39.48
C PRO A 235 17.21 61.76 -38.35
N GLU A 236 18.03 61.21 -37.45
CA GLU A 236 18.58 61.95 -36.32
C GLU A 236 19.35 63.18 -36.81
N PRO A 237 18.98 64.38 -36.31
CA PRO A 237 19.57 65.64 -36.76
C PRO A 237 21.10 65.66 -36.62
N VAL A 238 21.78 66.10 -37.68
CA VAL A 238 23.24 66.13 -37.72
C VAL A 238 23.81 67.17 -36.74
N ASN A 239 24.22 66.68 -35.57
CA ASN A 239 24.78 67.53 -34.52
C ASN A 239 26.21 67.96 -34.87
N GLU A 240 26.34 69.21 -35.31
CA GLU A 240 27.62 69.77 -35.74
C GLU A 240 28.53 70.08 -34.55
N ALA A 241 27.94 70.18 -33.37
CA ALA A 241 28.69 70.45 -32.13
C ALA A 241 29.59 69.28 -31.72
N LEU A 242 29.07 68.07 -31.83
CA LEU A 242 29.82 66.86 -31.49
C LEU A 242 30.70 66.37 -32.63
N ASN A 243 30.28 66.62 -33.87
CA ASN A 243 31.04 66.24 -35.06
C ASN A 243 32.35 66.99 -35.22
N ALA A 244 32.51 68.08 -34.47
CA ALA A 244 33.75 68.85 -34.43
C ALA A 244 34.49 68.61 -33.11
N ARG A 245 33.76 68.13 -32.10
CA ARG A 245 34.32 67.86 -30.78
C ARG A 245 35.04 66.52 -30.72
N VAL A 246 34.45 65.50 -31.35
CA VAL A 246 35.05 64.16 -31.41
C VAL A 246 36.18 64.10 -32.43
N ALA A 247 35.99 64.78 -33.56
CA ALA A 247 36.97 64.80 -34.65
C ALA A 247 38.27 65.51 -34.28
N ALA A 248 38.19 66.47 -33.35
CA ALA A 248 39.37 67.20 -32.87
C ALA A 248 40.28 66.33 -32.00
N LEU A 249 39.81 65.14 -31.67
CA LEU A 249 40.55 64.21 -30.81
C LEU A 249 40.82 62.87 -31.53
N ALA A 250 39.97 62.51 -32.47
CA ALA A 250 40.03 61.20 -33.12
C ALA A 250 40.50 61.22 -34.58
N GLU A 251 40.04 62.21 -35.35
CA GLU A 251 40.35 62.30 -36.78
C GLU A 251 41.84 62.43 -37.08
N ALA A 252 42.58 63.05 -36.17
CA ALA A 252 44.03 63.20 -36.30
C ALA A 252 44.77 61.88 -36.16
N ARG A 253 44.33 61.04 -35.23
CA ARG A 253 44.95 59.74 -34.97
C ARG A 253 44.48 58.64 -35.91
N LEU A 254 43.20 58.70 -36.29
CA LEU A 254 42.60 57.71 -37.18
C LEU A 254 43.10 57.85 -38.63
N SER A 255 43.61 59.03 -38.96
CA SER A 255 44.20 59.27 -40.28
C SER A 255 45.55 58.56 -40.42
N ASP A 256 46.30 58.50 -39.32
CA ASP A 256 47.60 57.82 -39.28
C ASP A 256 47.44 56.32 -39.06
N ALA A 257 46.28 55.91 -38.53
CA ALA A 257 46.01 54.51 -38.23
C ALA A 257 45.76 53.67 -39.48
N TYR A 258 45.25 54.31 -40.54
CA TYR A 258 44.92 53.62 -41.79
C TYR A 258 46.06 53.62 -42.81
N ARG A 259 47.30 53.61 -42.31
CA ARG A 259 48.49 53.47 -43.15
C ARG A 259 49.28 52.21 -42.81
N ILE A 260 48.80 51.46 -41.82
CA ILE A 260 49.43 50.21 -41.40
C ILE A 260 49.05 49.08 -42.37
N THR A 261 50.05 48.31 -42.78
CA THR A 261 49.87 47.22 -43.75
C THR A 261 49.16 46.01 -43.15
N ASP A 262 49.62 45.59 -41.97
CA ASP A 262 49.08 44.40 -41.29
C ASP A 262 47.68 44.65 -40.75
N LYS A 263 46.80 43.66 -40.92
CA LYS A 263 45.41 43.74 -40.45
C LYS A 263 45.33 43.63 -38.93
N GLN A 264 46.13 42.74 -38.35
CA GLN A 264 46.15 42.52 -36.91
C GLN A 264 46.64 43.74 -36.13
N GLU A 265 47.64 44.42 -36.68
CA GLU A 265 48.21 45.61 -36.05
C GLU A 265 47.30 46.84 -36.18
N ARG A 266 46.56 46.90 -37.28
CA ARG A 266 45.66 48.02 -37.55
C ARG A 266 44.37 47.94 -36.73
N TYR A 267 43.76 46.75 -36.69
CA TYR A 267 42.52 46.51 -35.95
C TYR A 267 42.70 46.61 -34.44
N ALA A 268 43.89 46.30 -33.96
CA ALA A 268 44.23 46.46 -32.55
C ALA A 268 44.48 47.94 -32.20
N GLN A 269 44.94 48.70 -33.20
CA GLN A 269 45.22 50.12 -33.01
C GLN A 269 43.94 50.96 -33.02
N VAL A 270 43.07 50.73 -34.00
CA VAL A 270 41.82 51.48 -34.14
C VAL A 270 40.82 51.19 -33.01
N ASP A 271 40.99 50.04 -32.37
CA ASP A 271 40.18 49.66 -31.20
C ASP A 271 40.57 50.47 -29.98
N VAL A 272 41.88 50.73 -29.83
CA VAL A 272 42.42 51.54 -28.74
C VAL A 272 41.98 53.01 -28.88
N ILE A 273 42.05 53.54 -30.11
CA ILE A 273 41.62 54.90 -30.41
C ILE A 273 40.12 55.08 -30.14
N LYS A 274 39.32 54.08 -30.52
CA LYS A 274 37.88 54.08 -30.27
C LYS A 274 37.55 53.94 -28.78
N SER A 275 38.38 53.20 -28.05
CA SER A 275 38.15 52.94 -26.63
C SER A 275 38.37 54.17 -25.75
N GLU A 276 39.53 54.80 -25.88
CA GLU A 276 39.91 55.92 -25.01
C GLU A 276 39.21 57.24 -25.34
N THR A 277 38.78 57.39 -26.59
CA THR A 277 38.05 58.59 -27.01
C THR A 277 36.67 58.65 -26.36
N ILE A 278 35.96 57.51 -26.37
CA ILE A 278 34.67 57.39 -25.69
C ILE A 278 34.85 57.46 -24.17
N ALA A 279 35.93 56.87 -23.67
CA ALA A 279 36.27 56.89 -22.24
C ALA A 279 36.49 58.31 -21.71
N THR A 280 37.11 59.15 -22.54
CA THR A 280 37.35 60.56 -22.18
C THR A 280 36.05 61.36 -22.26
N LEU A 281 35.23 61.06 -23.26
CA LEU A 281 33.94 61.72 -23.45
C LEU A 281 32.92 61.34 -22.37
N LEU A 282 33.04 60.12 -21.85
CA LEU A 282 32.23 59.68 -20.71
C LEU A 282 32.73 60.30 -19.40
N ALA A 283 34.03 60.60 -19.36
CA ALA A 283 34.65 61.26 -18.21
C ALA A 283 34.28 62.74 -18.15
N GLU A 284 34.02 63.33 -19.32
CA GLU A 284 33.56 64.72 -19.41
C GLU A 284 32.15 64.85 -18.83
N ASP A 285 31.22 64.08 -19.39
CA ASP A 285 29.84 64.00 -18.90
C ASP A 285 29.19 62.68 -19.28
N GLU A 286 28.31 62.19 -18.40
CA GLU A 286 27.64 60.90 -18.60
C GLU A 286 26.33 61.03 -19.39
N THR A 287 26.07 62.23 -19.89
CA THR A 287 24.86 62.49 -20.67
C THR A 287 25.01 62.03 -22.11
N LEU A 288 26.19 62.26 -22.67
CA LEU A 288 26.47 61.86 -24.05
C LEU A 288 26.02 60.43 -24.31
N ASP A 289 25.24 60.24 -25.38
CA ASP A 289 24.74 58.92 -25.73
C ASP A 289 25.85 58.07 -26.34
N GLU A 290 26.27 57.04 -25.61
CA GLU A 290 27.33 56.14 -26.08
C GLU A 290 27.32 55.77 -27.55
N ASN A 291 26.29 55.04 -27.97
CA ASN A 291 26.17 54.62 -29.36
C ASN A 291 26.49 55.80 -30.29
N GLU A 292 25.75 56.90 -30.12
CA GLU A 292 25.95 58.08 -30.94
C GLU A 292 27.43 58.27 -31.29
N LEU A 293 28.29 58.10 -30.29
CA LEU A 293 29.72 58.26 -30.50
C LEU A 293 30.28 57.18 -31.43
N GLY A 294 29.73 55.98 -31.33
CA GLY A 294 30.17 54.86 -32.15
C GLY A 294 29.92 55.10 -33.62
N GLU A 295 28.92 55.91 -33.94
CA GLU A 295 28.58 56.20 -35.33
C GLU A 295 29.38 57.38 -35.89
N ILE A 296 29.77 58.30 -35.01
CA ILE A 296 30.64 59.43 -35.38
C ILE A 296 32.05 58.93 -35.69
N LEU A 297 32.58 58.06 -34.83
CA LEU A 297 33.88 57.43 -35.03
C LEU A 297 33.91 56.57 -36.30
N HIS A 298 32.78 55.93 -36.60
CA HIS A 298 32.62 55.12 -37.80
C HIS A 298 32.55 55.98 -39.06
N ALA A 299 32.00 57.19 -38.91
CA ALA A 299 31.90 58.16 -40.01
C ALA A 299 33.26 58.75 -40.37
N ILE A 300 34.12 58.90 -39.36
CA ILE A 300 35.49 59.37 -39.56
C ILE A 300 36.31 58.31 -40.28
N GLU A 301 36.15 57.05 -39.86
CA GLU A 301 36.81 55.90 -40.50
C GLU A 301 36.44 55.78 -41.97
N LYS A 302 35.19 56.11 -42.29
CA LYS A 302 34.69 56.07 -43.67
C LYS A 302 35.24 57.24 -44.48
N ASN A 303 35.35 58.41 -43.83
CA ASN A 303 35.82 59.62 -44.50
C ASN A 303 37.32 59.64 -44.79
N VAL A 304 38.10 59.02 -43.90
CA VAL A 304 39.56 58.96 -44.06
C VAL A 304 39.96 58.07 -45.25
N VAL A 305 39.32 56.91 -45.37
CA VAL A 305 39.63 55.94 -46.43
C VAL A 305 39.20 56.45 -47.80
N ARG A 306 37.95 56.90 -47.91
CA ARG A 306 37.35 57.31 -49.19
C ARG A 306 38.01 58.54 -49.82
N SER A 307 38.40 59.50 -48.99
CA SER A 307 39.00 60.75 -49.47
C SER A 307 40.41 60.55 -50.03
N ARG A 308 41.15 59.61 -49.45
CA ARG A 308 42.52 59.33 -49.87
C ARG A 308 42.59 58.57 -51.21
N VAL A 309 41.57 57.76 -51.48
CA VAL A 309 41.47 57.00 -52.73
C VAL A 309 41.12 57.92 -53.91
N LEU A 310 40.22 58.87 -53.66
CA LEU A 310 39.77 59.83 -54.68
C LEU A 310 40.87 60.81 -55.10
N ALA A 311 41.72 61.17 -54.14
CA ALA A 311 42.81 62.12 -54.38
C ALA A 311 43.94 61.54 -55.23
N GLY A 312 44.15 60.23 -55.10
CA GLY A 312 45.21 59.54 -55.84
C GLY A 312 46.30 59.00 -54.93
N GLU A 313 46.12 59.17 -53.62
CA GLU A 313 47.07 58.68 -52.62
C GLU A 313 46.98 57.15 -52.47
N PRO A 314 48.11 56.51 -52.11
CA PRO A 314 48.17 55.06 -51.91
C PRO A 314 47.12 54.51 -50.95
N ARG A 315 46.74 53.25 -51.14
CA ARG A 315 45.68 52.61 -50.37
C ARG A 315 46.12 52.26 -48.93
N ILE A 316 45.30 51.48 -48.24
CA ILE A 316 45.59 51.08 -46.87
C ILE A 316 46.95 50.39 -46.78
N ASP A 317 47.08 49.27 -47.48
CA ASP A 317 48.33 48.51 -47.48
C ASP A 317 49.36 49.14 -48.41
N GLY A 318 49.09 50.36 -48.84
CA GLY A 318 49.98 51.08 -49.74
C GLY A 318 50.06 50.45 -51.11
N ARG A 319 48.90 50.20 -51.71
CA ARG A 319 48.83 49.59 -53.03
C ARG A 319 48.03 50.46 -54.00
N GLU A 320 48.48 50.55 -55.24
CA GLU A 320 47.79 51.33 -56.26
C GLU A 320 46.41 50.74 -56.49
N LYS A 321 45.69 51.31 -57.46
CA LYS A 321 44.35 50.84 -57.78
C LYS A 321 44.23 49.54 -58.58
N ASP A 322 44.98 49.45 -59.67
CA ASP A 322 44.97 48.27 -60.52
C ASP A 322 45.93 47.20 -59.99
N MET A 323 46.60 47.51 -58.88
CA MET A 323 47.54 46.58 -58.28
C MET A 323 46.84 45.64 -57.30
N ILE A 324 47.30 44.39 -57.25
CA ILE A 324 46.72 43.40 -56.36
C ILE A 324 47.75 42.90 -55.35
N ARG A 325 47.30 42.08 -54.41
CA ARG A 325 48.19 41.53 -53.39
C ARG A 325 49.04 40.37 -53.90
N GLY A 326 50.06 40.00 -53.13
CA GLY A 326 50.95 38.89 -53.46
C GLY A 326 50.26 37.55 -53.42
N LEU A 327 50.77 36.60 -54.21
CA LEU A 327 50.14 35.29 -54.36
C LEU A 327 51.05 34.13 -53.94
N ASP A 328 50.45 33.14 -53.30
CA ASP A 328 51.15 31.92 -52.89
C ASP A 328 50.34 30.70 -53.31
N VAL A 329 50.90 29.91 -54.22
CA VAL A 329 50.23 28.73 -54.77
C VAL A 329 50.90 27.44 -54.29
N ARG A 330 50.14 26.60 -53.60
CA ARG A 330 50.64 25.32 -53.10
C ARG A 330 49.71 24.17 -53.50
N THR A 331 50.24 23.25 -54.31
CA THR A 331 49.50 22.09 -54.78
C THR A 331 49.94 20.83 -54.03
N GLY A 332 48.96 20.04 -53.59
CA GLY A 332 49.23 18.80 -52.86
C GLY A 332 49.66 19.03 -51.43
N VAL A 333 48.83 19.73 -50.68
CA VAL A 333 49.13 20.06 -49.28
C VAL A 333 48.82 18.89 -48.33
N LEU A 334 47.74 18.16 -48.61
CA LEU A 334 47.36 17.00 -47.81
C LEU A 334 47.91 15.68 -48.39
N PRO A 335 48.22 14.70 -47.51
CA PRO A 335 48.80 13.44 -47.98
C PRO A 335 47.80 12.36 -48.42
N ARG A 336 46.81 12.07 -47.60
CA ARG A 336 45.85 10.99 -47.88
C ARG A 336 44.50 11.53 -48.37
N THR A 337 44.56 12.37 -49.39
CA THR A 337 43.35 12.86 -50.06
C THR A 337 43.50 12.69 -51.57
N HIS A 338 42.40 12.85 -52.30
CA HIS A 338 42.42 12.81 -53.76
C HIS A 338 43.09 14.07 -54.32
N GLY A 339 42.58 15.23 -53.92
CA GLY A 339 43.15 16.52 -54.34
C GLY A 339 43.13 17.54 -53.22
N SER A 340 44.20 18.33 -53.14
CA SER A 340 44.33 19.37 -52.12
C SER A 340 45.07 20.60 -52.65
N ALA A 341 44.68 21.77 -52.15
CA ALA A 341 45.27 23.03 -52.59
C ALA A 341 45.32 24.07 -51.48
N LEU A 342 46.38 24.88 -51.48
CA LEU A 342 46.53 25.97 -50.53
C LEU A 342 46.82 27.27 -51.29
N PHE A 343 45.76 28.01 -51.57
CA PHE A 343 45.85 29.28 -52.31
C PHE A 343 45.80 30.46 -51.35
N THR A 344 46.79 31.34 -51.46
CA THR A 344 46.91 32.50 -50.58
C THR A 344 47.06 33.80 -51.38
N ARG A 345 46.26 34.80 -51.02
CA ARG A 345 46.34 36.12 -51.64
C ARG A 345 46.48 37.20 -50.55
N GLY A 346 47.72 37.68 -50.38
CA GLY A 346 48.03 38.70 -49.38
C GLY A 346 47.93 38.18 -47.96
N GLU A 347 46.79 38.43 -47.32
CA GLU A 347 46.54 37.97 -45.95
C GLU A 347 45.21 37.23 -45.82
N THR A 348 44.74 36.67 -46.93
CA THR A 348 43.56 35.81 -46.95
C THR A 348 43.80 34.55 -47.78
N GLN A 349 43.42 33.39 -47.24
CA GLN A 349 43.77 32.10 -47.82
C GLN A 349 42.71 31.06 -47.61
N ALA A 350 42.58 30.07 -48.49
CA ALA A 350 41.57 29.03 -48.43
C ALA A 350 42.17 27.63 -48.66
N LEU A 351 41.95 26.75 -47.70
CA LEU A 351 42.35 25.34 -47.82
C LEU A 351 41.27 24.57 -48.56
N VAL A 352 41.50 24.36 -49.85
CA VAL A 352 40.50 23.74 -50.73
C VAL A 352 40.89 22.30 -51.08
N THR A 353 39.95 21.38 -50.86
CA THR A 353 40.17 19.95 -51.12
C THR A 353 39.11 19.37 -52.06
N ALA A 354 39.51 18.37 -52.84
CA ALA A 354 38.62 17.70 -53.78
C ALA A 354 38.48 16.21 -53.45
N THR A 355 37.28 15.68 -53.67
CA THR A 355 36.98 14.27 -53.36
C THR A 355 36.24 13.61 -54.53
N LEU A 356 36.59 12.36 -54.81
CA LEU A 356 35.97 11.59 -55.90
C LEU A 356 35.19 10.39 -55.38
N GLY A 357 34.14 10.02 -56.11
CA GLY A 357 33.29 8.90 -55.74
C GLY A 357 32.45 8.35 -56.87
N THR A 358 31.54 7.42 -56.53
CA THR A 358 30.67 6.78 -57.50
C THR A 358 29.38 7.60 -57.70
N ALA A 359 28.64 7.29 -58.76
CA ALA A 359 27.39 7.98 -59.09
C ALA A 359 26.29 7.77 -58.05
N ARG A 360 26.48 6.79 -57.17
CA ARG A 360 25.53 6.49 -56.10
C ARG A 360 25.58 7.52 -54.97
N ASP A 361 26.70 8.25 -54.88
CA ASP A 361 26.91 9.26 -53.85
C ASP A 361 26.42 10.65 -54.28
N ALA A 362 25.65 10.70 -55.36
CA ALA A 362 25.09 11.95 -55.89
C ALA A 362 23.98 12.48 -54.99
N GLN A 363 23.96 13.80 -54.81
CA GLN A 363 22.95 14.46 -53.99
C GLN A 363 21.61 14.52 -54.71
N VAL A 364 20.63 13.79 -54.18
CA VAL A 364 19.28 13.77 -54.74
C VAL A 364 18.49 14.96 -54.20
N LEU A 365 18.40 16.00 -55.03
CA LEU A 365 17.69 17.23 -54.65
C LEU A 365 16.21 17.12 -54.97
N ASP A 366 15.38 17.26 -53.93
CA ASP A 366 13.92 17.22 -54.09
C ASP A 366 13.36 18.63 -54.17
N GLU A 367 13.62 19.29 -55.29
CA GLU A 367 13.16 20.66 -55.53
C GLU A 367 11.66 20.70 -55.86
N LEU A 368 11.07 21.89 -55.73
CA LEU A 368 9.64 22.08 -55.98
C LEU A 368 9.28 21.99 -57.46
N MET A 369 10.17 22.49 -58.32
CA MET A 369 9.96 22.48 -59.77
C MET A 369 10.16 21.09 -60.38
N GLY A 370 11.08 20.33 -59.83
CA GLY A 370 11.37 18.98 -60.30
C GLY A 370 12.54 18.33 -59.59
N GLU A 371 12.51 16.99 -59.52
CA GLU A 371 13.56 16.22 -58.86
C GLU A 371 14.77 16.04 -59.78
N ARG A 372 15.92 16.53 -59.34
CA ARG A 372 17.17 16.37 -60.08
C ARG A 372 18.31 15.92 -59.17
N THR A 373 19.29 15.25 -59.75
CA THR A 373 20.48 14.80 -59.03
C THR A 373 21.70 15.65 -59.39
N ASP A 374 22.40 16.11 -58.36
CA ASP A 374 23.57 16.97 -58.54
C ASP A 374 24.86 16.14 -58.47
N THR A 375 25.66 16.23 -59.53
CA THR A 375 26.93 15.49 -59.61
C THR A 375 28.06 16.27 -58.94
N PHE A 376 28.18 17.55 -59.28
CA PHE A 376 29.20 18.42 -58.72
C PHE A 376 28.73 19.04 -57.41
N LEU A 377 29.52 18.86 -56.35
CA LEU A 377 29.19 19.39 -55.04
C LEU A 377 30.26 20.38 -54.56
N PHE A 378 29.81 21.50 -54.02
CA PHE A 378 30.71 22.52 -53.48
C PHE A 378 30.24 22.97 -52.11
N HIS A 379 31.16 22.99 -51.14
CA HIS A 379 30.85 23.41 -49.78
C HIS A 379 31.81 24.48 -49.26
N TYR A 380 31.25 25.50 -48.64
CA TYR A 380 32.01 26.65 -48.15
C TYR A 380 31.86 26.78 -46.64
N ASN A 381 32.98 26.69 -45.94
CA ASN A 381 33.01 26.81 -44.49
C ASN A 381 33.74 28.08 -44.05
N PHE A 382 33.10 28.85 -43.17
CA PHE A 382 33.67 30.09 -42.66
C PHE A 382 33.80 30.04 -41.14
N PRO A 383 34.93 29.50 -40.63
CA PRO A 383 35.17 29.38 -39.19
C PRO A 383 35.59 30.71 -38.56
N PRO A 384 35.39 30.88 -37.23
CA PRO A 384 35.69 32.13 -36.54
C PRO A 384 37.19 32.48 -36.46
N TYR A 385 38.06 31.48 -36.62
CA TYR A 385 39.51 31.71 -36.53
C TYR A 385 40.10 32.36 -37.79
N SER A 386 39.27 32.52 -38.82
CA SER A 386 39.69 33.17 -40.07
C SER A 386 39.80 34.69 -39.89
N VAL A 387 38.79 35.29 -39.26
CA VAL A 387 38.78 36.73 -38.98
C VAL A 387 39.56 37.08 -37.71
N GLY A 388 39.71 36.10 -36.82
CA GLY A 388 40.48 36.26 -35.59
C GLY A 388 39.64 36.53 -34.35
N GLU A 389 38.56 35.75 -34.20
CA GLU A 389 37.68 35.86 -33.04
C GLU A 389 37.06 34.51 -32.66
N THR A 390 36.15 34.53 -31.70
CA THR A 390 35.46 33.32 -31.24
C THR A 390 33.97 33.39 -31.55
N GLY A 391 33.40 32.25 -31.93
CA GLY A 391 31.97 32.17 -32.27
C GLY A 391 31.43 30.75 -32.33
N MET A 392 30.17 30.64 -32.72
CA MET A 392 29.49 29.34 -32.84
C MET A 392 29.89 28.60 -34.11
N VAL A 393 30.01 27.28 -34.02
CA VAL A 393 30.38 26.45 -35.16
C VAL A 393 29.62 25.11 -35.15
N GLY A 394 29.16 24.70 -36.32
CA GLY A 394 28.42 23.46 -36.48
C GLY A 394 27.58 23.46 -37.75
N SER A 395 26.55 24.28 -37.77
CA SER A 395 25.67 24.43 -38.92
C SER A 395 26.03 25.67 -39.74
N PRO A 396 26.11 25.52 -41.08
CA PRO A 396 26.42 26.65 -41.96
C PRO A 396 25.34 27.72 -41.97
N LYS A 397 25.74 28.99 -41.87
CA LYS A 397 24.82 30.11 -41.87
C LYS A 397 24.44 30.55 -43.29
N ARG A 398 23.67 31.63 -43.39
CA ARG A 398 23.24 32.15 -44.68
C ARG A 398 24.41 32.27 -45.65
N ARG A 399 25.22 33.31 -45.46
CA ARG A 399 26.38 33.54 -46.31
C ARG A 399 27.08 32.23 -46.66
N GLU A 400 27.64 31.57 -45.66
CA GLU A 400 28.33 30.31 -45.86
C GLU A 400 27.74 29.54 -47.05
N ILE A 401 26.42 29.49 -47.11
CA ILE A 401 25.73 28.79 -48.19
C ILE A 401 25.74 29.61 -49.48
N GLY A 402 25.60 30.92 -49.34
CA GLY A 402 25.58 31.81 -50.49
C GLY A 402 26.92 31.83 -51.21
N HIS A 403 28.00 31.95 -50.46
CA HIS A 403 29.35 31.99 -51.04
C HIS A 403 29.76 30.62 -51.60
N GLY A 404 29.15 29.56 -51.07
CA GLY A 404 29.39 28.20 -51.56
C GLY A 404 28.78 27.95 -52.92
N ARG A 405 27.60 28.51 -53.14
CA ARG A 405 26.92 28.42 -54.42
C ARG A 405 27.60 29.33 -55.46
N LEU A 406 28.19 30.42 -54.96
CA LEU A 406 28.93 31.38 -55.80
C LEU A 406 30.16 30.73 -56.40
N ALA A 407 30.94 30.06 -55.56
CA ALA A 407 32.16 29.37 -55.98
C ALA A 407 31.86 28.14 -56.84
N LYS A 408 30.65 27.61 -56.71
CA LYS A 408 30.18 26.50 -57.52
C LYS A 408 29.89 26.96 -58.96
N ARG A 409 29.31 28.15 -59.09
CA ARG A 409 28.96 28.73 -60.39
C ARG A 409 30.19 29.09 -61.21
N GLY A 410 31.27 29.47 -60.54
CA GLY A 410 32.52 29.86 -61.20
C GLY A 410 33.32 28.69 -61.75
N VAL A 411 32.98 27.47 -61.32
CA VAL A 411 33.69 26.26 -61.73
C VAL A 411 32.82 25.35 -62.61
N LEU A 412 31.50 25.46 -62.44
CA LEU A 412 30.53 24.62 -63.14
C LEU A 412 30.64 24.66 -64.67
N ALA A 413 31.02 25.83 -65.21
CA ALA A 413 31.22 26.01 -66.64
C ALA A 413 32.46 25.27 -67.15
N VAL A 414 33.45 25.13 -66.27
CA VAL A 414 34.72 24.49 -66.60
C VAL A 414 34.62 22.96 -66.49
N MET A 415 33.95 22.49 -65.44
CA MET A 415 33.83 21.06 -65.14
C MET A 415 33.43 20.21 -66.34
N PRO A 416 34.14 19.08 -66.55
CA PRO A 416 33.87 18.15 -67.66
C PRO A 416 32.51 17.47 -67.52
N ASP A 417 31.91 17.12 -68.65
CA ASP A 417 30.59 16.49 -68.69
C ASP A 417 30.63 15.02 -68.28
N MET A 418 29.44 14.43 -68.10
CA MET A 418 29.30 13.04 -67.67
C MET A 418 29.75 12.03 -68.73
N ASP A 419 29.78 12.45 -69.99
CA ASP A 419 30.18 11.60 -71.10
C ASP A 419 31.68 11.28 -71.07
N LYS A 420 32.48 12.20 -70.51
CA LYS A 420 33.92 12.03 -70.42
C LYS A 420 34.35 11.61 -69.01
N PHE A 421 33.70 12.18 -68.00
CA PHE A 421 34.03 11.92 -66.61
C PHE A 421 32.78 11.62 -65.78
N PRO A 422 32.44 10.32 -65.62
CA PRO A 422 31.24 9.90 -64.91
C PRO A 422 31.49 9.61 -63.43
N TYR A 423 31.95 10.61 -62.70
CA TYR A 423 32.19 10.49 -61.25
C TYR A 423 31.68 11.71 -60.50
N THR A 424 31.12 11.47 -59.31
CA THR A 424 30.63 12.53 -58.45
C THR A 424 31.79 13.21 -57.71
N VAL A 425 31.88 14.52 -57.84
CA VAL A 425 32.97 15.29 -57.24
C VAL A 425 32.47 16.21 -56.13
N ARG A 426 33.12 16.14 -54.98
CA ARG A 426 32.81 17.01 -53.84
C ARG A 426 34.01 17.89 -53.50
N VAL A 427 33.83 19.20 -53.61
CA VAL A 427 34.89 20.16 -53.35
C VAL A 427 34.57 20.96 -52.07
N VAL A 428 35.48 20.87 -51.10
CA VAL A 428 35.31 21.55 -49.82
C VAL A 428 36.34 22.66 -49.65
N SER A 429 35.86 23.87 -49.41
CA SER A 429 36.72 25.04 -49.20
C SER A 429 36.72 25.46 -47.72
N GLU A 430 37.92 25.49 -47.13
CA GLU A 430 38.08 25.87 -45.73
C GLU A 430 38.84 27.19 -45.63
N ILE A 431 38.14 28.24 -45.22
CA ILE A 431 38.74 29.57 -45.08
C ILE A 431 39.62 29.63 -43.83
N THR A 432 40.94 29.65 -44.04
CA THR A 432 41.90 29.64 -42.95
C THR A 432 42.09 31.04 -42.39
N GLU A 433 42.13 32.04 -43.27
CA GLU A 433 42.14 33.45 -42.88
C GLU A 433 41.40 34.30 -43.91
N SER A 434 40.77 35.38 -43.45
CA SER A 434 39.92 36.20 -44.32
C SER A 434 40.07 37.71 -44.13
N ASN A 435 40.32 38.41 -45.23
CA ASN A 435 40.49 39.86 -45.19
C ASN A 435 39.74 40.59 -46.30
N GLY A 436 39.76 40.02 -47.50
CA GLY A 436 39.08 40.62 -48.64
C GLY A 436 38.04 39.70 -49.23
N SER A 437 38.44 38.93 -50.24
CA SER A 437 37.52 38.00 -50.91
C SER A 437 37.78 36.57 -50.48
N SER A 438 36.74 35.90 -50.00
CA SER A 438 36.86 34.51 -49.56
C SER A 438 36.14 33.56 -50.50
N SER A 439 35.05 34.04 -51.12
CA SER A 439 34.34 33.28 -52.15
C SER A 439 35.18 33.19 -53.43
N MET A 440 35.83 34.30 -53.78
CA MET A 440 36.68 34.34 -54.97
C MET A 440 37.87 33.39 -54.95
N ALA A 441 38.86 33.71 -54.11
CA ALA A 441 40.06 32.89 -54.00
C ALA A 441 39.70 31.43 -54.17
N SER A 442 38.76 30.95 -53.37
CA SER A 442 38.32 29.56 -53.43
C SER A 442 38.34 29.04 -54.86
N VAL A 443 37.57 29.68 -55.73
CA VAL A 443 37.51 29.28 -57.15
C VAL A 443 38.91 29.04 -57.72
N CYS A 444 39.88 29.80 -57.21
CA CYS A 444 41.28 29.62 -57.56
C CYS A 444 41.82 28.35 -56.91
N GLY A 445 41.39 28.10 -55.68
CA GLY A 445 41.77 26.90 -54.94
C GLY A 445 41.11 25.64 -55.46
N ALA A 446 39.90 25.78 -55.99
CA ALA A 446 39.15 24.66 -56.55
C ALA A 446 39.79 24.14 -57.84
N SER A 447 40.25 25.05 -58.68
CA SER A 447 40.91 24.70 -59.94
C SER A 447 42.22 23.95 -59.70
N LEU A 448 42.92 24.31 -58.63
CA LEU A 448 44.17 23.65 -58.25
C LEU A 448 43.90 22.30 -57.57
N ALA A 449 42.78 22.21 -56.84
CA ALA A 449 42.40 20.99 -56.14
C ALA A 449 41.86 19.92 -57.08
N LEU A 450 41.08 20.34 -58.07
CA LEU A 450 40.53 19.44 -59.09
C LEU A 450 41.62 18.91 -60.03
N MET A 451 42.61 19.71 -60.32
CA MET A 451 43.62 19.16 -61.15
C MET A 451 44.27 18.12 -60.28
N ASP A 452 44.77 18.55 -59.15
CA ASP A 452 45.59 17.67 -58.32
C ASP A 452 44.90 16.32 -58.11
N ALA A 453 43.57 16.33 -58.09
CA ALA A 453 42.77 15.12 -57.87
C ALA A 453 42.80 14.17 -59.07
N GLY A 454 42.83 14.74 -60.27
CA GLY A 454 42.83 13.95 -61.49
C GLY A 454 41.65 14.25 -62.39
N VAL A 455 40.87 15.26 -62.03
CA VAL A 455 39.71 15.69 -62.81
C VAL A 455 40.17 16.50 -64.04
N PRO A 456 39.85 16.01 -65.24
CA PRO A 456 40.25 16.68 -66.47
C PRO A 456 39.41 17.93 -66.76
N ILE A 457 39.75 19.03 -66.10
CA ILE A 457 39.07 20.31 -66.31
C ILE A 457 39.42 20.92 -67.67
N LYS A 458 38.50 21.68 -68.23
CA LYS A 458 38.66 22.27 -69.56
C LYS A 458 39.79 23.30 -69.60
N ALA A 459 39.75 24.26 -68.67
CA ALA A 459 40.77 25.30 -68.56
C ALA A 459 40.88 25.80 -67.12
N ALA A 460 42.08 26.25 -66.74
CA ALA A 460 42.31 26.80 -65.40
C ALA A 460 41.42 28.01 -65.14
N VAL A 461 40.77 28.02 -63.98
CA VAL A 461 39.82 29.08 -63.63
C VAL A 461 40.24 29.85 -62.37
N ALA A 462 40.04 31.17 -62.40
CA ALA A 462 40.38 32.04 -61.27
C ALA A 462 39.28 33.06 -61.02
N GLY A 463 39.54 34.02 -60.13
CA GLY A 463 38.58 35.07 -59.82
C GLY A 463 39.03 36.02 -58.72
N ILE A 464 38.67 37.29 -58.87
CA ILE A 464 38.97 38.34 -57.88
C ILE A 464 37.81 39.32 -57.72
N ALA A 465 37.73 39.96 -56.55
CA ALA A 465 36.69 40.94 -56.26
C ALA A 465 37.17 42.38 -56.49
N MET A 466 36.25 43.23 -56.95
CA MET A 466 36.56 44.64 -57.24
C MET A 466 35.75 45.57 -56.34
N GLY A 467 36.17 46.83 -56.27
CA GLY A 467 35.48 47.83 -55.46
C GLY A 467 35.32 49.17 -56.15
N LEU A 468 34.69 50.12 -55.47
CA LEU A 468 34.42 51.45 -56.01
C LEU A 468 34.32 52.51 -54.92
N VAL A 469 34.94 53.66 -55.18
CA VAL A 469 34.80 54.83 -54.33
C VAL A 469 34.22 55.98 -55.16
N LYS A 470 32.92 56.20 -55.02
CA LYS A 470 32.21 57.20 -55.81
C LYS A 470 31.71 58.36 -54.95
N GLU A 471 32.02 59.58 -55.38
CA GLU A 471 31.60 60.79 -54.69
C GLU A 471 31.26 61.87 -55.71
N GLY A 472 29.97 62.08 -55.94
CA GLY A 472 29.50 63.05 -56.91
C GLY A 472 29.33 62.43 -58.28
N ASP A 473 30.31 62.66 -59.16
CA ASP A 473 30.30 62.10 -60.52
C ASP A 473 31.56 61.29 -60.82
N ASN A 474 32.70 61.74 -60.29
CA ASN A 474 33.97 61.04 -60.48
C ASN A 474 34.09 59.80 -59.59
N TYR A 475 34.96 58.87 -59.99
CA TYR A 475 35.05 57.56 -59.36
C TYR A 475 36.46 56.96 -59.47
N VAL A 476 36.76 56.03 -58.56
CA VAL A 476 37.99 55.25 -58.61
C VAL A 476 37.67 53.76 -58.47
N VAL A 477 38.11 52.97 -59.44
CA VAL A 477 37.90 51.53 -59.43
C VAL A 477 39.08 50.82 -58.77
N LEU A 478 38.77 49.96 -57.79
CA LEU A 478 39.80 49.25 -57.02
C LEU A 478 39.94 47.79 -57.44
N SER A 479 41.18 47.32 -57.49
CA SER A 479 41.48 45.92 -57.81
C SER A 479 41.91 45.17 -56.56
N ASP A 480 41.26 44.03 -56.31
CA ASP A 480 41.47 43.21 -55.11
C ASP A 480 41.31 43.98 -53.80
N ILE A 481 40.05 44.25 -53.44
CA ILE A 481 39.72 45.04 -52.25
C ILE A 481 40.03 44.34 -50.93
N LEU A 482 40.31 45.13 -49.90
CA LEU A 482 40.53 44.63 -48.55
C LEU A 482 39.22 44.62 -47.76
N GLY A 483 39.30 44.26 -46.48
CA GLY A 483 38.12 44.23 -45.61
C GLY A 483 37.56 45.60 -45.31
N ASP A 484 38.45 46.58 -45.13
CA ASP A 484 38.06 47.95 -44.84
C ASP A 484 37.62 48.71 -46.10
N GLU A 485 37.99 48.17 -47.27
CA GLU A 485 37.64 48.76 -48.55
C GLU A 485 36.29 48.22 -49.09
N ASP A 486 35.75 47.22 -48.40
CA ASP A 486 34.47 46.62 -48.78
C ASP A 486 33.33 47.12 -47.89
N HIS A 487 33.59 47.19 -46.58
CA HIS A 487 32.60 47.65 -45.60
C HIS A 487 32.38 49.15 -45.68
N LEU A 488 33.40 49.89 -46.11
CA LEU A 488 33.32 51.33 -46.25
C LEU A 488 33.22 51.76 -47.73
N GLY A 489 33.37 50.79 -48.63
CA GLY A 489 33.28 51.03 -50.07
C GLY A 489 31.87 51.18 -50.58
N ASP A 490 31.71 51.17 -51.89
CA ASP A 490 30.40 51.35 -52.53
C ASP A 490 29.83 50.08 -53.15
N MET A 491 30.71 49.16 -53.51
CA MET A 491 30.28 47.93 -54.11
C MET A 491 31.25 46.80 -53.91
N ASP A 492 30.78 45.56 -54.01
CA ASP A 492 31.58 44.36 -53.98
C ASP A 492 31.47 43.65 -55.32
N PHE A 493 32.20 44.18 -56.31
CA PHE A 493 32.12 43.72 -57.70
C PHE A 493 32.93 42.46 -57.92
N LYS A 494 32.33 41.31 -57.59
CA LYS A 494 33.00 40.02 -57.70
C LYS A 494 32.92 39.47 -59.13
N VAL A 495 34.08 39.05 -59.67
CA VAL A 495 34.17 38.49 -61.03
C VAL A 495 35.05 37.23 -61.02
N ALA A 496 34.55 36.16 -61.63
CA ALA A 496 35.29 34.91 -61.74
C ALA A 496 35.19 34.29 -63.14
N GLY A 497 36.33 33.89 -63.69
CA GLY A 497 36.39 33.30 -65.02
C GLY A 497 37.74 32.69 -65.35
N SER A 498 37.88 32.19 -66.58
CA SER A 498 39.09 31.52 -67.04
C SER A 498 39.98 32.42 -67.90
N ARG A 499 40.91 31.81 -68.63
CA ARG A 499 41.84 32.52 -69.51
C ARG A 499 41.12 33.11 -70.72
N ASP A 500 40.11 32.41 -71.21
CA ASP A 500 39.36 32.82 -72.40
C ASP A 500 38.22 33.78 -72.09
N GLY A 501 37.33 33.37 -71.18
CA GLY A 501 36.15 34.16 -70.85
C GLY A 501 35.78 34.20 -69.38
N ILE A 502 34.54 34.56 -69.10
CA ILE A 502 34.04 34.71 -67.73
C ILE A 502 32.99 33.63 -67.44
N SER A 503 33.17 32.93 -66.31
CA SER A 503 32.26 31.89 -65.88
C SER A 503 31.04 32.48 -65.16
N ALA A 504 31.29 33.16 -64.05
CA ALA A 504 30.22 33.77 -63.24
C ALA A 504 30.73 34.97 -62.45
N LEU A 505 29.91 36.01 -62.39
CA LEU A 505 30.22 37.20 -61.60
C LEU A 505 29.07 37.59 -60.67
N GLN A 506 29.42 38.06 -59.48
CA GLN A 506 28.42 38.55 -58.52
C GLN A 506 28.54 40.06 -58.35
N MET A 507 27.44 40.77 -58.57
CA MET A 507 27.40 42.22 -58.49
C MET A 507 26.61 42.65 -57.26
N ASP A 508 27.29 43.23 -56.28
CA ASP A 508 26.67 43.71 -55.05
C ASP A 508 26.97 45.19 -54.84
N ILE A 509 26.00 46.04 -55.19
CA ILE A 509 26.17 47.49 -55.11
C ILE A 509 25.35 48.06 -53.94
N LYS A 510 25.98 48.94 -53.16
CA LYS A 510 25.37 49.53 -51.96
C LYS A 510 24.76 50.91 -52.22
N ILE A 511 25.14 51.55 -53.32
CA ILE A 511 24.66 52.89 -53.65
C ILE A 511 23.90 52.94 -54.99
N GLU A 512 22.94 53.85 -55.08
CA GLU A 512 22.19 54.07 -56.32
C GLU A 512 22.79 55.22 -57.13
N GLY A 513 22.94 55.00 -58.43
CA GLY A 513 23.57 55.96 -59.33
C GLY A 513 24.70 55.36 -60.13
N ILE A 514 24.75 54.02 -60.14
CA ILE A 514 25.76 53.26 -60.88
C ILE A 514 25.44 53.31 -62.38
N THR A 515 26.48 53.43 -63.21
CA THR A 515 26.32 53.57 -64.65
C THR A 515 27.00 52.44 -65.43
N LYS A 516 26.59 52.28 -66.69
CA LYS A 516 27.17 51.28 -67.58
C LYS A 516 28.58 51.66 -68.04
N GLU A 517 28.90 52.95 -67.97
CA GLU A 517 30.21 53.47 -68.34
C GLU A 517 31.27 53.08 -67.30
N ILE A 518 30.91 53.15 -66.03
CA ILE A 518 31.81 52.76 -64.95
C ILE A 518 31.79 51.26 -64.71
N MET A 519 30.80 50.59 -65.30
CA MET A 519 30.69 49.13 -65.25
C MET A 519 31.74 48.50 -66.16
N GLN A 520 32.03 49.17 -67.27
CA GLN A 520 33.01 48.71 -68.26
C GLN A 520 34.43 48.74 -67.71
N VAL A 521 34.74 49.77 -66.95
CA VAL A 521 36.07 49.94 -66.34
C VAL A 521 36.32 48.87 -65.27
N ALA A 522 35.29 48.58 -64.47
CA ALA A 522 35.37 47.54 -63.44
C ALA A 522 35.41 46.14 -64.04
N LEU A 523 34.85 45.98 -65.24
CA LEU A 523 34.82 44.70 -65.93
C LEU A 523 36.15 44.42 -66.63
N ASN A 524 36.73 45.46 -67.21
CA ASN A 524 38.00 45.34 -67.95
C ASN A 524 39.22 45.20 -67.05
N GLN A 525 39.24 45.93 -65.94
CA GLN A 525 40.34 45.89 -64.98
C GLN A 525 40.38 44.57 -64.21
N ALA A 526 39.21 43.95 -64.07
CA ALA A 526 39.10 42.63 -63.44
C ALA A 526 39.66 41.54 -64.34
N LYS A 527 39.62 41.74 -65.65
CA LYS A 527 40.16 40.76 -66.60
C LYS A 527 41.66 40.77 -66.63
N GLY A 528 42.23 41.94 -66.47
CA GLY A 528 43.68 42.06 -66.38
C GLY A 528 44.26 41.42 -65.13
N ALA A 529 43.52 41.54 -64.03
CA ALA A 529 43.91 40.94 -62.76
C ALA A 529 43.65 39.44 -62.73
N ARG A 530 42.63 39.00 -63.48
CA ARG A 530 42.26 37.59 -63.56
C ARG A 530 43.32 36.76 -64.29
N LEU A 531 43.93 37.35 -65.33
CA LEU A 531 45.01 36.72 -66.07
C LEU A 531 46.29 36.67 -65.25
N HIS A 532 46.43 37.59 -64.30
CA HIS A 532 47.58 37.66 -63.41
C HIS A 532 47.56 36.54 -62.37
N ILE A 533 46.36 36.19 -61.90
CA ILE A 533 46.18 35.06 -60.98
C ILE A 533 46.53 33.75 -61.67
N LEU A 534 46.07 33.60 -62.92
CA LEU A 534 46.29 32.41 -63.72
C LEU A 534 47.75 32.22 -64.15
N GLY A 535 48.47 33.34 -64.27
CA GLY A 535 49.88 33.31 -64.63
C GLY A 535 50.76 32.68 -63.56
N VAL A 536 50.31 32.75 -62.32
CA VAL A 536 50.99 32.15 -61.17
C VAL A 536 50.46 30.73 -60.93
N MET A 537 49.19 30.52 -61.23
CA MET A 537 48.55 29.21 -61.09
C MET A 537 49.07 28.19 -62.10
N GLU A 538 49.30 28.65 -63.34
CA GLU A 538 49.84 27.80 -64.40
C GLU A 538 51.35 27.56 -64.24
N GLN A 539 51.99 28.38 -63.43
CA GLN A 539 53.42 28.25 -63.13
C GLN A 539 53.69 27.02 -62.27
N ALA A 540 52.75 26.69 -61.39
CA ALA A 540 52.85 25.51 -60.54
C ALA A 540 52.38 24.25 -61.27
N ILE A 541 51.10 24.25 -61.68
CA ILE A 541 50.51 23.13 -62.43
C ILE A 541 49.73 23.61 -63.64
N ASN A 542 49.87 22.90 -64.76
CA ASN A 542 49.22 23.24 -66.01
C ASN A 542 48.46 22.08 -66.66
N ALA A 543 48.60 20.89 -66.08
CA ALA A 543 47.93 19.70 -66.59
C ALA A 543 47.43 18.80 -65.45
N PRO A 544 46.20 18.26 -65.59
CA PRO A 544 45.63 17.35 -64.60
C PRO A 544 46.33 15.99 -64.57
N GLY B 19 53.14 10.33 -45.80
CA GLY B 19 54.44 10.67 -45.16
C GLY B 19 54.32 11.77 -44.12
N ALA B 20 54.04 12.98 -44.60
CA ALA B 20 53.86 14.14 -43.73
C ALA B 20 52.86 15.13 -44.31
N ALA B 21 52.12 15.81 -43.44
CA ALA B 21 51.13 16.80 -43.86
C ALA B 21 51.58 18.22 -43.56
N GLY B 22 50.99 19.18 -44.28
CA GLY B 22 51.34 20.59 -44.15
C GLY B 22 51.71 21.21 -45.47
N GLY B 23 51.91 22.53 -45.47
CA GLY B 23 52.25 23.27 -46.68
C GLY B 23 53.67 23.06 -47.18
N HIS B 24 54.53 22.54 -46.32
CA HIS B 24 55.93 22.26 -46.67
C HIS B 24 56.06 21.01 -47.54
N THR B 25 55.05 20.14 -47.49
CA THR B 25 55.02 18.91 -48.28
C THR B 25 54.26 19.07 -49.60
N ALA B 26 54.16 20.31 -50.07
CA ALA B 26 53.50 20.61 -51.34
C ALA B 26 54.33 20.11 -52.52
N THR B 27 53.69 19.36 -53.42
CA THR B 27 54.36 18.78 -54.58
C THR B 27 54.69 19.82 -55.66
N HIS B 28 53.98 20.94 -55.63
CA HIS B 28 54.24 22.05 -56.54
C HIS B 28 54.22 23.39 -55.79
N HIS B 29 55.34 24.10 -55.85
CA HIS B 29 55.51 25.36 -55.12
C HIS B 29 55.67 26.55 -56.07
N ALA B 30 54.87 27.59 -55.83
CA ALA B 30 54.91 28.82 -56.63
C ALA B 30 54.59 30.05 -55.77
N SER B 31 55.31 31.14 -56.03
CA SER B 31 55.14 32.38 -55.27
C SER B 31 55.22 33.61 -56.19
N ALA B 32 54.52 34.67 -55.79
CA ALA B 32 54.49 35.92 -56.56
C ALA B 32 54.40 37.15 -55.67
N ALA B 33 55.06 38.23 -56.11
CA ALA B 33 55.03 39.51 -55.40
C ALA B 33 53.87 40.38 -55.89
N PRO B 34 53.32 41.24 -55.01
CA PRO B 34 52.24 42.15 -55.40
C PRO B 34 52.66 43.14 -56.49
N ALA B 35 51.96 43.11 -57.62
CA ALA B 35 52.29 43.94 -58.78
C ALA B 35 51.08 44.26 -59.66
N ARG B 36 51.29 45.14 -60.64
CA ARG B 36 50.28 45.51 -61.62
C ARG B 36 49.96 44.37 -62.59
N PRO B 37 48.79 44.43 -63.27
CA PRO B 37 48.50 43.51 -64.38
C PRO B 37 49.54 43.57 -65.49
N GLN B 38 49.52 42.58 -66.39
CA GLN B 38 50.55 42.43 -67.43
C GLN B 38 50.73 43.58 -68.45
N PRO B 39 49.63 44.21 -68.92
CA PRO B 39 48.20 43.98 -68.70
C PRO B 39 47.57 43.14 -69.81
N MET C 1 57.49 33.47 -50.41
CA MET C 1 57.01 34.68 -49.66
C MET C 1 56.53 34.32 -48.26
N LEU C 2 55.85 33.18 -48.14
CA LEU C 2 55.30 32.74 -46.87
C LEU C 2 56.04 31.48 -46.37
N ASN C 3 56.64 31.60 -45.19
CA ASN C 3 57.48 30.54 -44.65
C ASN C 3 56.94 29.91 -43.36
N PRO C 4 56.89 28.57 -43.30
CA PRO C 4 56.46 27.85 -42.11
C PRO C 4 57.62 27.52 -41.16
N ILE C 5 57.27 27.17 -39.91
CA ILE C 5 58.25 26.68 -38.94
C ILE C 5 57.91 25.24 -38.60
N VAL C 6 58.81 24.32 -38.97
CA VAL C 6 58.55 22.89 -38.87
C VAL C 6 59.57 22.15 -38.00
N ARG C 7 59.05 21.31 -37.11
CA ARG C 7 59.87 20.40 -36.30
C ARG C 7 59.24 19.02 -36.24
N LYS C 8 59.96 18.03 -36.78
CA LYS C 8 59.50 16.64 -36.78
C LYS C 8 60.36 15.77 -35.87
N PHE C 9 59.72 14.78 -35.23
CA PHE C 9 60.42 13.89 -34.31
C PHE C 9 59.82 12.49 -34.34
N GLN C 10 60.32 11.62 -33.47
CA GLN C 10 59.84 10.25 -33.40
C GLN C 10 59.13 9.98 -32.06
N TYR C 11 58.04 9.25 -32.12
CA TYR C 11 57.26 8.92 -30.92
C TYR C 11 56.90 7.44 -30.88
N GLY C 12 57.91 6.59 -30.71
CA GLY C 12 57.69 5.15 -30.66
C GLY C 12 57.92 4.57 -32.04
N GLN C 13 57.04 4.89 -32.97
CA GLN C 13 57.16 4.40 -34.34
C GLN C 13 56.79 5.44 -35.39
N HIS C 14 55.55 5.92 -35.34
CA HIS C 14 55.07 6.92 -36.29
C HIS C 14 55.69 8.29 -35.99
N THR C 15 56.37 8.85 -36.99
CA THR C 15 57.00 10.16 -36.84
C THR C 15 55.96 11.27 -36.77
N VAL C 16 56.04 12.08 -35.72
CA VAL C 16 55.09 13.19 -35.53
C VAL C 16 55.69 14.49 -36.06
N THR C 17 54.94 15.15 -36.95
CA THR C 17 55.37 16.41 -37.57
C THR C 17 54.50 17.57 -37.08
N LEU C 18 55.16 18.66 -36.69
CA LEU C 18 54.47 19.86 -36.19
C LEU C 18 54.84 21.06 -37.06
N GLU C 19 53.83 21.82 -37.49
CA GLU C 19 54.05 22.99 -38.35
C GLU C 19 53.18 24.17 -37.92
N THR C 20 53.79 25.35 -37.83
CA THR C 20 53.09 26.59 -37.50
C THR C 20 53.73 27.80 -38.17
N GLY C 21 52.93 28.86 -38.36
CA GLY C 21 53.42 30.12 -38.90
C GLY C 21 52.99 30.44 -40.33
N MET C 22 52.29 29.51 -40.96
CA MET C 22 51.83 29.70 -42.34
C MET C 22 50.31 29.69 -42.46
N MET C 23 49.69 28.63 -41.95
CA MET C 23 48.23 28.50 -41.98
C MET C 23 47.63 29.25 -40.78
N ALA C 24 46.51 29.93 -41.01
CA ALA C 24 45.85 30.69 -39.96
C ALA C 24 46.80 31.65 -39.24
N ARG C 25 47.11 32.76 -39.89
CA ARG C 25 48.01 33.75 -39.33
C ARG C 25 47.27 34.79 -38.49
N GLN C 26 46.02 35.05 -38.86
CA GLN C 26 45.20 36.03 -38.15
C GLN C 26 44.93 35.58 -36.72
N ALA C 27 44.57 34.32 -36.55
CA ALA C 27 44.28 33.76 -35.24
C ALA C 27 45.48 33.92 -34.31
N THR C 28 45.30 33.49 -33.05
CA THR C 28 46.38 33.57 -32.06
C THR C 28 47.45 32.50 -32.29
N ALA C 29 47.01 31.26 -32.52
CA ALA C 29 47.91 30.14 -32.81
C ALA C 29 47.22 29.07 -33.63
N ALA C 30 47.98 28.46 -34.55
CA ALA C 30 47.49 27.38 -35.39
C ALA C 30 48.62 26.41 -35.73
N VAL C 31 48.45 25.14 -35.33
CA VAL C 31 49.47 24.12 -35.53
C VAL C 31 48.96 22.96 -36.37
N MET C 32 49.69 22.63 -37.42
CA MET C 32 49.41 21.49 -38.27
C MET C 32 50.13 20.25 -37.72
N VAL C 33 49.38 19.36 -37.10
CA VAL C 33 49.94 18.14 -36.52
C VAL C 33 49.49 16.91 -37.30
N SER C 34 50.22 15.81 -37.12
CA SER C 34 49.90 14.56 -37.80
C SER C 34 51.03 13.58 -37.49
N MET C 35 50.75 12.30 -37.67
CA MET C 35 51.75 11.25 -37.41
C MET C 35 52.30 10.51 -38.62
N ASP C 36 51.53 9.55 -39.12
CA ASP C 36 51.94 8.77 -40.28
C ASP C 36 51.28 9.50 -41.43
N ASP C 37 49.95 9.55 -41.42
CA ASP C 37 49.19 10.24 -42.45
C ASP C 37 47.99 10.99 -41.87
N THR C 38 47.63 10.64 -40.63
CA THR C 38 46.51 11.28 -39.93
C THR C 38 46.91 12.67 -39.46
N ALA C 39 46.22 13.69 -39.98
CA ALA C 39 46.51 15.08 -39.66
C ALA C 39 45.28 15.79 -39.07
N VAL C 40 45.50 16.49 -37.96
CA VAL C 40 44.46 17.31 -37.34
C VAL C 40 44.94 18.75 -37.20
N PHE C 41 44.24 19.66 -37.88
CA PHE C 41 44.56 21.08 -37.85
C PHE C 41 43.86 21.76 -36.68
N VAL C 42 44.65 22.18 -35.69
CA VAL C 42 44.11 22.75 -34.45
C VAL C 42 44.41 24.25 -34.35
N THR C 43 43.37 25.02 -34.00
CA THR C 43 43.50 26.47 -33.82
C THR C 43 43.02 26.90 -32.44
N VAL C 44 43.76 27.83 -31.84
CA VAL C 44 43.39 28.41 -30.55
C VAL C 44 43.27 29.93 -30.67
N VAL C 45 42.10 30.46 -30.32
CA VAL C 45 41.84 31.90 -30.36
C VAL C 45 41.51 32.42 -28.96
N GLY C 46 42.27 33.43 -28.53
CA GLY C 46 42.08 34.03 -27.22
C GLY C 46 41.74 35.51 -27.30
N GLN C 47 40.64 35.90 -26.65
CA GLN C 47 40.20 37.29 -26.63
C GLN C 47 41.04 38.11 -25.64
N LYS C 48 41.44 39.30 -26.07
CA LYS C 48 42.33 40.16 -25.29
C LYS C 48 41.67 40.67 -24.00
N LYS C 49 40.49 41.26 -24.13
CA LYS C 49 39.74 41.76 -22.97
C LYS C 49 38.56 40.86 -22.61
N ALA C 50 38.29 40.74 -21.32
CA ALA C 50 37.20 39.92 -20.83
C ALA C 50 35.88 40.69 -20.77
N LYS C 51 34.78 39.96 -20.87
CA LYS C 51 33.44 40.53 -20.80
C LYS C 51 33.17 41.04 -19.37
N PRO C 52 32.70 42.30 -19.24
CA PRO C 52 32.44 42.97 -17.94
C PRO C 52 31.80 42.08 -16.88
N GLY C 53 30.77 41.32 -17.28
CA GLY C 53 30.04 40.45 -16.36
C GLY C 53 30.39 38.99 -16.50
N GLN C 54 31.63 38.66 -16.14
CA GLN C 54 32.09 37.27 -16.17
C GLN C 54 32.59 36.81 -14.80
N ASP C 55 32.20 35.59 -14.42
CA ASP C 55 32.59 35.01 -13.14
C ASP C 55 33.29 33.66 -13.31
N PHE C 56 32.92 32.93 -14.36
CA PHE C 56 33.51 31.62 -14.63
C PHE C 56 34.39 31.64 -15.88
N PHE C 57 35.25 30.63 -16.01
CA PHE C 57 36.15 30.50 -17.15
C PHE C 57 35.47 29.72 -18.29
N PRO C 58 35.24 30.41 -19.44
CA PRO C 58 34.55 29.80 -20.56
C PRO C 58 35.49 29.10 -21.55
N LEU C 59 35.61 27.79 -21.41
CA LEU C 59 36.40 26.97 -22.33
C LEU C 59 35.47 26.15 -23.23
N THR C 60 35.55 26.41 -24.53
CA THR C 60 34.69 25.74 -25.51
C THR C 60 35.48 25.02 -26.60
N VAL C 61 35.84 23.77 -26.32
CA VAL C 61 36.60 22.94 -27.26
C VAL C 61 35.64 22.16 -28.14
N ASN C 62 35.72 22.39 -29.45
CA ASN C 62 34.87 21.71 -30.42
C ASN C 62 35.66 20.93 -31.48
N TYR C 63 35.43 19.62 -31.49
CA TYR C 63 36.15 18.69 -32.37
C TYR C 63 35.23 18.23 -33.50
N GLN C 64 35.68 18.41 -34.74
CA GLN C 64 34.88 18.07 -35.92
C GLN C 64 35.64 17.23 -36.94
N GLU C 65 35.07 16.06 -37.27
CA GLU C 65 35.63 15.18 -38.27
C GLU C 65 35.01 15.45 -39.64
N ARG C 66 35.86 15.58 -40.65
CA ARG C 66 35.42 15.86 -42.01
C ARG C 66 35.78 14.71 -42.95
N THR C 67 34.78 14.24 -43.70
CA THR C 67 34.86 12.99 -44.47
C THR C 67 35.79 13.00 -45.69
N TYR C 68 36.29 14.17 -46.09
CA TYR C 68 37.24 14.25 -47.20
C TYR C 68 38.66 13.83 -46.78
N ALA C 69 38.83 13.58 -45.48
CA ALA C 69 40.10 13.12 -44.92
C ALA C 69 40.40 11.68 -45.34
N ALA C 70 39.36 10.85 -45.40
CA ALA C 70 39.48 9.46 -45.80
C ALA C 70 39.29 9.29 -47.31
N GLY C 71 38.72 10.30 -47.95
CA GLY C 71 38.43 10.27 -49.38
C GLY C 71 37.09 9.65 -49.68
N ARG C 72 36.06 10.15 -49.00
CA ARG C 72 34.70 9.62 -49.14
C ARG C 72 33.65 10.74 -49.06
N ILE C 73 32.67 10.66 -49.94
CA ILE C 73 31.52 11.56 -49.91
C ILE C 73 30.55 11.07 -48.82
N PRO C 74 30.20 11.95 -47.85
CA PRO C 74 29.37 11.56 -46.70
C PRO C 74 28.01 11.00 -47.10
N GLY C 75 27.54 10.02 -46.33
CA GLY C 75 26.27 9.34 -46.61
C GLY C 75 25.03 10.06 -46.10
N SER C 76 25.20 11.34 -45.77
CA SER C 76 24.07 12.14 -45.28
C SER C 76 23.13 12.51 -46.41
N PHE C 77 22.05 13.20 -46.08
CA PHE C 77 21.07 13.62 -47.07
C PHE C 77 21.51 14.89 -47.79
N PHE C 78 22.06 15.84 -47.04
CA PHE C 78 22.52 17.09 -47.62
C PHE C 78 23.97 16.98 -48.10
N ARG C 79 24.62 15.87 -47.76
CA ARG C 79 26.00 15.63 -48.15
C ARG C 79 26.96 16.55 -47.39
N ARG C 80 26.62 16.84 -46.13
CA ARG C 80 27.45 17.69 -45.30
C ARG C 80 27.54 17.16 -43.88
N GLU C 81 28.74 17.18 -43.32
CA GLU C 81 28.96 16.70 -41.95
C GLU C 81 28.09 17.42 -40.92
N GLY C 82 28.22 18.75 -40.87
CA GLY C 82 27.38 19.59 -40.02
C GLY C 82 27.56 19.41 -38.52
N ARG C 83 26.50 18.94 -37.87
CA ARG C 83 26.46 18.77 -36.42
C ARG C 83 27.35 17.63 -35.92
N PRO C 84 27.97 17.81 -34.73
CA PRO C 84 28.81 16.77 -34.14
C PRO C 84 28.03 15.52 -33.75
N SER C 85 28.64 14.35 -33.96
CA SER C 85 28.00 13.07 -33.67
C SER C 85 28.27 12.61 -32.23
N GLU C 86 27.87 11.38 -31.92
CA GLU C 86 28.08 10.80 -30.59
C GLU C 86 29.57 10.58 -30.30
N GLY C 87 30.31 10.17 -31.34
CA GLY C 87 31.75 9.94 -31.22
C GLY C 87 32.55 11.22 -31.17
N GLU C 88 32.19 12.18 -32.02
CA GLU C 88 32.91 13.47 -32.13
C GLU C 88 32.91 14.29 -30.84
N THR C 89 31.87 14.13 -30.03
CA THR C 89 31.74 14.84 -28.75
C THR C 89 32.66 14.23 -27.69
N LEU C 90 32.95 12.94 -27.82
CA LEU C 90 33.80 12.22 -26.87
C LEU C 90 35.26 12.62 -26.95
N ILE C 91 35.76 12.80 -28.17
CA ILE C 91 37.13 13.29 -28.39
C ILE C 91 37.23 14.77 -28.00
N ALA C 92 36.16 15.52 -28.23
CA ALA C 92 36.06 16.91 -27.81
C ALA C 92 36.19 17.07 -26.30
N ARG C 93 35.63 16.11 -25.56
CA ARG C 93 35.77 16.05 -24.11
C ARG C 93 37.15 15.55 -23.70
N LEU C 94 37.74 14.69 -24.54
CA LEU C 94 39.06 14.11 -24.30
C LEU C 94 40.17 15.15 -24.45
N ILE C 95 39.86 16.25 -25.13
CA ILE C 95 40.79 17.37 -25.29
C ILE C 95 40.54 18.44 -24.22
N ASP C 96 39.27 18.66 -23.91
CA ASP C 96 38.85 19.71 -22.96
C ASP C 96 39.26 19.42 -21.51
N ARG C 97 39.15 18.16 -21.11
CA ARG C 97 39.36 17.76 -19.71
C ARG C 97 40.79 17.93 -19.16
N PRO C 98 41.83 17.51 -19.92
CA PRO C 98 43.19 17.68 -19.40
C PRO C 98 43.70 19.13 -19.41
N ILE C 99 43.21 19.95 -20.34
CA ILE C 99 43.72 21.32 -20.51
C ILE C 99 43.07 22.35 -19.58
N ARG C 100 41.88 22.04 -19.07
CA ARG C 100 41.09 22.96 -18.24
C ARG C 100 41.77 23.37 -16.92
N PRO C 101 42.31 22.40 -16.14
CA PRO C 101 42.93 22.78 -14.86
C PRO C 101 44.27 23.52 -15.01
N LEU C 102 44.83 23.49 -16.22
CA LEU C 102 46.13 24.11 -16.49
C LEU C 102 46.06 25.64 -16.57
N PHE C 103 44.88 26.16 -16.88
CA PHE C 103 44.64 27.61 -16.87
C PHE C 103 44.65 28.13 -15.43
N PRO C 104 45.41 29.21 -15.16
CA PRO C 104 45.55 29.77 -13.81
C PRO C 104 44.22 30.16 -13.17
N GLU C 105 44.16 30.05 -11.84
CA GLU C 105 42.95 30.38 -11.09
C GLU C 105 42.72 31.89 -11.07
N GLY C 106 41.57 32.30 -11.59
CA GLY C 106 41.22 33.71 -11.70
C GLY C 106 41.09 34.18 -13.14
N PHE C 107 41.61 33.39 -14.07
CA PHE C 107 41.56 33.69 -15.50
C PHE C 107 40.16 33.44 -16.04
N VAL C 108 39.56 34.48 -16.63
CA VAL C 108 38.16 34.42 -17.09
C VAL C 108 37.96 34.79 -18.55
N ASN C 109 39.05 34.97 -19.30
CA ASN C 109 38.99 35.29 -20.71
C ASN C 109 38.53 34.10 -21.57
N GLU C 110 37.65 34.38 -22.52
CA GLU C 110 37.06 33.34 -23.37
C GLU C 110 38.05 32.85 -24.42
N VAL C 111 38.29 31.54 -24.40
CA VAL C 111 39.17 30.89 -25.37
C VAL C 111 38.48 29.73 -26.08
N GLN C 112 38.80 29.54 -27.36
CA GLN C 112 38.19 28.48 -28.16
C GLN C 112 39.26 27.63 -28.85
N VAL C 113 39.18 26.33 -28.63
CA VAL C 113 40.10 25.38 -29.27
C VAL C 113 39.35 24.61 -30.35
N ILE C 114 39.64 24.95 -31.61
CA ILE C 114 38.99 24.33 -32.76
C ILE C 114 39.94 23.32 -33.42
N ALA C 115 39.65 22.03 -33.18
CA ALA C 115 40.42 20.94 -33.77
C ALA C 115 39.61 20.24 -34.85
N THR C 116 40.16 20.20 -36.06
CA THR C 116 39.47 19.57 -37.19
C THR C 116 40.34 18.55 -37.93
N VAL C 117 39.75 17.41 -38.25
CA VAL C 117 40.45 16.36 -38.99
C VAL C 117 40.43 16.68 -40.47
N VAL C 118 41.63 16.80 -41.06
CA VAL C 118 41.79 17.17 -42.46
C VAL C 118 42.39 16.01 -43.28
N SER C 119 43.14 15.14 -42.61
CA SER C 119 43.69 13.93 -43.22
C SER C 119 43.66 12.79 -42.20
N VAL C 120 43.49 11.56 -42.68
CA VAL C 120 43.42 10.39 -41.79
C VAL C 120 44.01 9.11 -42.40
N ASN C 121 44.80 8.40 -41.60
CA ASN C 121 45.26 7.06 -41.92
C ASN C 121 44.35 6.05 -41.21
N PRO C 122 43.90 5.01 -41.94
CA PRO C 122 42.98 4.00 -41.38
C PRO C 122 43.52 3.24 -40.16
N GLN C 123 44.83 3.36 -39.90
CA GLN C 123 45.46 2.68 -38.77
C GLN C 123 45.74 3.61 -37.59
N VAL C 124 46.03 4.88 -37.90
CA VAL C 124 46.36 5.88 -36.88
C VAL C 124 45.11 6.65 -36.44
N ASN C 125 44.89 6.69 -35.13
CA ASN C 125 43.71 7.34 -34.55
C ASN C 125 43.93 8.84 -34.31
N PRO C 126 43.05 9.69 -34.86
CA PRO C 126 43.14 11.15 -34.74
C PRO C 126 42.95 11.72 -33.33
N ASP C 127 42.42 10.91 -32.40
CA ASP C 127 42.11 11.38 -31.05
C ASP C 127 43.33 11.85 -30.26
N ILE C 128 44.42 11.09 -30.34
CA ILE C 128 45.68 11.48 -29.67
C ILE C 128 46.44 12.54 -30.45
N VAL C 129 46.21 12.59 -31.77
CA VAL C 129 46.82 13.59 -32.65
C VAL C 129 46.26 14.98 -32.37
N ALA C 130 44.95 15.03 -32.10
CA ALA C 130 44.26 16.29 -31.78
C ALA C 130 44.66 16.85 -30.42
N MET C 131 44.98 15.95 -29.49
CA MET C 131 45.39 16.33 -28.14
C MET C 131 46.78 16.96 -28.11
N ILE C 132 47.67 16.46 -28.97
CA ILE C 132 49.01 17.03 -29.15
C ILE C 132 48.91 18.39 -29.85
N GLY C 133 47.99 18.50 -30.80
CA GLY C 133 47.73 19.73 -31.55
C GLY C 133 47.24 20.87 -30.68
N ALA C 134 46.35 20.55 -29.74
CA ALA C 134 45.83 21.54 -28.80
C ALA C 134 46.89 21.95 -27.77
N SER C 135 47.73 20.98 -27.38
CA SER C 135 48.81 21.22 -26.43
C SER C 135 49.90 22.12 -27.02
N ALA C 136 50.16 21.95 -28.31
CA ALA C 136 51.14 22.75 -29.02
C ALA C 136 50.63 24.17 -29.29
N ALA C 137 49.36 24.28 -29.67
CA ALA C 137 48.74 25.56 -30.00
C ALA C 137 48.57 26.47 -28.78
N LEU C 138 48.19 25.89 -27.65
CA LEU C 138 48.01 26.65 -26.41
C LEU C 138 49.34 27.13 -25.82
N SER C 139 50.42 26.41 -26.14
CA SER C 139 51.76 26.77 -25.70
C SER C 139 52.41 27.81 -26.60
N LEU C 140 52.01 27.82 -27.87
CA LEU C 140 52.55 28.77 -28.86
C LEU C 140 51.73 30.06 -28.95
N SER C 141 50.57 30.07 -28.30
CA SER C 141 49.66 31.22 -28.33
C SER C 141 50.14 32.38 -27.45
N GLY C 142 50.61 32.05 -26.25
CA GLY C 142 51.03 33.06 -25.27
C GLY C 142 50.05 33.20 -24.13
N ILE C 143 48.83 32.69 -24.33
CA ILE C 143 47.77 32.69 -23.31
C ILE C 143 48.23 31.86 -22.11
N PRO C 144 48.13 32.43 -20.88
CA PRO C 144 48.54 31.75 -19.65
C PRO C 144 48.12 30.27 -19.62
N PHE C 145 49.09 29.39 -19.75
CA PHE C 145 48.86 27.96 -19.85
C PHE C 145 50.04 27.21 -19.22
N ASN C 146 49.76 26.47 -18.14
CA ASN C 146 50.81 25.80 -17.36
C ASN C 146 51.20 24.42 -17.91
N GLY C 147 51.12 24.25 -19.23
CA GLY C 147 51.49 23.00 -19.88
C GLY C 147 52.97 22.96 -20.25
N PRO C 148 53.31 22.27 -21.36
CA PRO C 148 52.41 21.54 -22.25
C PRO C 148 52.17 20.10 -21.78
N ILE C 149 51.21 19.43 -22.42
CA ILE C 149 50.86 18.05 -22.09
C ILE C 149 51.13 17.08 -23.23
N GLY C 150 51.32 15.82 -22.88
CA GLY C 150 51.53 14.76 -23.87
C GLY C 150 50.35 13.81 -23.96
N ALA C 151 50.22 13.15 -25.11
CA ALA C 151 49.14 12.18 -25.35
C ALA C 151 49.71 10.83 -25.72
N ALA C 152 49.26 9.79 -25.01
CA ALA C 152 49.72 8.43 -25.24
C ALA C 152 48.61 7.40 -25.09
N ARG C 153 48.52 6.50 -26.08
CA ARG C 153 47.56 5.40 -26.05
C ARG C 153 48.29 4.12 -25.64
N VAL C 154 47.80 3.47 -24.58
CA VAL C 154 48.47 2.29 -24.03
C VAL C 154 47.67 1.01 -24.28
N GLY C 155 48.30 0.05 -24.95
CA GLY C 155 47.74 -1.27 -25.18
C GLY C 155 48.38 -2.31 -24.28
N TYR C 156 47.77 -3.50 -24.23
CA TYR C 156 48.26 -4.58 -23.38
C TYR C 156 48.16 -5.92 -24.10
N ILE C 157 49.20 -6.24 -24.89
CA ILE C 157 49.25 -7.47 -25.66
C ILE C 157 50.29 -8.42 -25.07
N ASN C 158 49.85 -9.64 -24.76
CA ASN C 158 50.71 -10.69 -24.18
C ASN C 158 51.46 -10.26 -22.92
N ASP C 159 50.70 -9.77 -21.94
CA ASP C 159 51.22 -9.32 -20.63
C ASP C 159 52.23 -8.16 -20.71
N GLN C 160 52.35 -7.55 -21.90
CA GLN C 160 53.32 -6.48 -22.13
C GLN C 160 52.64 -5.20 -22.59
N TYR C 161 53.17 -4.06 -22.14
CA TYR C 161 52.62 -2.75 -22.48
C TYR C 161 53.10 -2.29 -23.86
N VAL C 162 52.16 -1.85 -24.69
CA VAL C 162 52.46 -1.40 -26.05
C VAL C 162 52.04 0.07 -26.23
N LEU C 163 52.97 0.89 -26.71
CA LEU C 163 52.71 2.30 -26.96
C LEU C 163 52.06 2.53 -28.32
N ASN C 164 50.96 3.28 -28.31
CA ASN C 164 50.20 3.64 -29.52
C ASN C 164 49.86 2.45 -30.44
N PRO C 165 48.86 1.65 -30.06
CA PRO C 165 48.46 0.51 -30.89
C PRO C 165 47.56 0.92 -32.05
N THR C 166 47.78 0.30 -33.21
CA THR C 166 46.94 0.54 -34.38
C THR C 166 45.58 -0.16 -34.22
N GLN C 167 44.63 0.19 -35.09
CA GLN C 167 43.27 -0.36 -35.02
C GLN C 167 43.22 -1.87 -35.20
N ASP C 168 44.21 -2.42 -35.90
CA ASP C 168 44.34 -3.87 -36.08
C ASP C 168 44.99 -4.53 -34.86
N GLU C 169 45.86 -3.79 -34.18
CA GLU C 169 46.56 -4.28 -32.99
C GLU C 169 45.69 -4.26 -31.74
N LEU C 170 44.62 -3.47 -31.75
CA LEU C 170 43.71 -3.35 -30.62
C LEU C 170 42.84 -4.60 -30.41
N LYS C 171 42.73 -5.42 -31.45
CA LYS C 171 41.96 -6.66 -31.40
C LYS C 171 42.61 -7.71 -30.50
N GLU C 172 43.93 -7.66 -30.40
CA GLU C 172 44.69 -8.59 -29.56
C GLU C 172 44.88 -8.05 -28.14
N SER C 173 44.79 -6.72 -28.00
CA SER C 173 44.99 -6.04 -26.72
C SER C 173 43.80 -6.22 -25.78
N LYS C 174 44.10 -6.29 -24.48
CA LYS C 174 43.07 -6.41 -23.45
C LYS C 174 42.87 -5.10 -22.69
N LEU C 175 43.51 -4.03 -23.17
CA LEU C 175 43.44 -2.72 -22.54
C LEU C 175 43.57 -1.59 -23.57
N ASP C 176 42.76 -0.55 -23.40
CA ASP C 176 42.79 0.63 -24.26
C ASP C 176 42.59 1.90 -23.43
N LEU C 177 43.70 2.54 -23.05
CA LEU C 177 43.64 3.77 -22.26
C LEU C 177 44.33 4.95 -22.93
N VAL C 178 43.79 6.15 -22.68
CA VAL C 178 44.38 7.40 -23.17
C VAL C 178 44.86 8.22 -21.97
N VAL C 179 46.17 8.29 -21.79
CA VAL C 179 46.77 9.01 -20.68
C VAL C 179 47.26 10.41 -21.10
N ALA C 180 46.98 11.41 -20.27
CA ALA C 180 47.39 12.78 -20.51
C ALA C 180 47.91 13.44 -19.24
N GLY C 181 48.95 14.26 -19.39
CA GLY C 181 49.56 14.95 -18.26
C GLY C 181 50.81 15.73 -18.63
N THR C 182 51.25 16.58 -17.71
CA THR C 182 52.45 17.40 -17.90
C THR C 182 53.74 16.61 -17.72
N GLU C 183 54.87 17.31 -17.72
CA GLU C 183 56.19 16.71 -17.52
C GLU C 183 56.36 16.15 -16.11
N ALA C 184 55.76 16.83 -15.13
CA ALA C 184 55.90 16.46 -13.73
C ALA C 184 54.77 15.57 -13.20
N ALA C 185 53.55 15.83 -13.66
CA ALA C 185 52.37 15.13 -13.13
C ALA C 185 51.36 14.72 -14.20
N VAL C 186 50.56 13.70 -13.88
CA VAL C 186 49.48 13.22 -14.74
C VAL C 186 48.25 14.12 -14.54
N LEU C 187 47.33 14.08 -15.51
CA LEU C 187 46.11 14.88 -15.44
C LEU C 187 44.88 13.99 -15.56
N MET C 188 44.31 13.94 -16.76
CA MET C 188 43.13 13.12 -17.02
C MET C 188 43.53 11.68 -17.35
N VAL C 189 42.53 10.83 -17.59
CA VAL C 189 42.78 9.44 -17.93
C VAL C 189 41.48 8.66 -18.11
N GLU C 190 41.36 8.00 -19.26
CA GLU C 190 40.18 7.20 -19.56
C GLU C 190 40.58 5.83 -20.10
N SER C 191 40.10 4.77 -19.46
CA SER C 191 40.43 3.44 -19.85
C SER C 191 39.32 2.45 -20.03
N GLU C 192 39.66 1.20 -20.33
CA GLU C 192 38.74 0.12 -20.64
C GLU C 192 39.58 -1.15 -20.70
N ALA C 193 39.31 -2.19 -19.91
CA ALA C 193 40.27 -3.26 -19.63
C ALA C 193 39.53 -4.53 -19.24
N GLN C 194 39.71 -5.58 -20.03
CA GLN C 194 39.04 -6.86 -19.76
C GLN C 194 39.54 -7.45 -18.44
N LEU C 195 38.95 -6.98 -17.33
CA LEU C 195 39.19 -7.51 -15.99
C LEU C 195 40.68 -7.62 -15.61
N LEU C 196 41.36 -6.47 -15.57
CA LEU C 196 42.77 -6.43 -15.20
C LEU C 196 42.95 -6.01 -13.74
N SER C 197 44.06 -6.46 -13.14
CA SER C 197 44.36 -6.18 -11.73
C SER C 197 44.76 -4.72 -11.49
N GLU C 198 44.87 -4.35 -10.21
CA GLU C 198 45.21 -2.98 -9.81
C GLU C 198 46.61 -2.56 -10.25
N ASP C 199 47.58 -3.45 -10.10
CA ASP C 199 48.98 -3.19 -10.46
C ASP C 199 49.20 -3.07 -11.97
N GLN C 200 48.36 -3.78 -12.74
CA GLN C 200 48.41 -3.73 -14.20
C GLN C 200 47.85 -2.42 -14.75
N MET C 201 46.78 -1.94 -14.12
CA MET C 201 46.13 -0.69 -14.53
C MET C 201 46.93 0.54 -14.09
N LEU C 202 47.57 0.44 -12.94
CA LEU C 202 48.39 1.53 -12.39
C LEU C 202 49.71 1.66 -13.16
N GLY C 203 50.33 0.53 -13.47
CA GLY C 203 51.59 0.50 -14.20
C GLY C 203 51.47 0.97 -15.64
N ALA C 204 50.27 0.83 -16.21
CA ALA C 204 49.99 1.27 -17.57
C ALA C 204 49.89 2.79 -17.69
N VAL C 205 49.41 3.42 -16.61
CA VAL C 205 49.34 4.89 -16.53
C VAL C 205 50.75 5.48 -16.45
N VAL C 206 51.61 4.84 -15.66
CA VAL C 206 53.01 5.24 -15.50
C VAL C 206 53.79 5.00 -16.80
N PHE C 207 53.49 3.89 -17.48
CA PHE C 207 54.11 3.53 -18.76
C PHE C 207 53.87 4.61 -19.82
N GLY C 208 52.61 5.00 -19.99
CA GLY C 208 52.23 6.01 -20.98
C GLY C 208 52.69 7.41 -20.64
N HIS C 209 52.76 7.71 -19.34
CA HIS C 209 53.21 9.01 -18.84
C HIS C 209 54.69 9.23 -19.11
N GLU C 210 55.48 8.16 -19.02
CA GLU C 210 56.91 8.21 -19.28
C GLU C 210 57.23 8.24 -20.77
N GLN C 211 56.36 7.62 -21.58
CA GLN C 211 56.55 7.55 -23.03
C GLN C 211 56.13 8.84 -23.74
N GLN C 212 55.20 9.57 -23.15
CA GLN C 212 54.70 10.82 -23.73
C GLN C 212 55.58 12.03 -23.40
N GLN C 213 56.69 11.78 -22.69
CA GLN C 213 57.63 12.84 -22.29
C GLN C 213 58.36 13.45 -23.47
N VAL C 214 58.62 12.64 -24.50
CA VAL C 214 59.33 13.10 -25.70
C VAL C 214 58.49 14.06 -26.55
N VAL C 215 57.17 13.97 -26.43
CA VAL C 215 56.24 14.87 -27.11
C VAL C 215 56.30 16.27 -26.48
N ILE C 216 56.26 16.31 -25.16
CA ILE C 216 56.30 17.56 -24.39
C ILE C 216 57.62 18.31 -24.59
N GLN C 217 58.72 17.56 -24.69
CA GLN C 217 60.05 18.12 -24.92
C GLN C 217 60.17 18.81 -26.28
N ASN C 218 59.55 18.21 -27.30
CA ASN C 218 59.57 18.76 -28.65
C ASN C 218 58.64 19.96 -28.84
N ILE C 219 57.59 20.03 -28.04
CA ILE C 219 56.69 21.19 -28.03
C ILE C 219 57.38 22.38 -27.38
N ASN C 220 58.03 22.15 -26.24
CA ASN C 220 58.78 23.17 -25.51
C ASN C 220 59.93 23.79 -26.32
N GLU C 221 60.58 22.97 -27.14
CA GLU C 221 61.65 23.43 -28.02
C GLU C 221 61.12 24.27 -29.18
N LEU C 222 59.89 23.97 -29.60
CA LEU C 222 59.24 24.73 -30.67
C LEU C 222 58.76 26.09 -30.19
N VAL C 223 58.37 26.16 -28.91
CA VAL C 223 57.98 27.41 -28.25
C VAL C 223 59.19 28.35 -28.14
N LYS C 224 60.36 27.77 -27.87
CA LYS C 224 61.60 28.51 -27.78
C LYS C 224 62.09 29.00 -29.15
N GLU C 225 61.62 28.36 -30.22
CA GLU C 225 62.01 28.72 -31.58
C GLU C 225 61.11 29.77 -32.22
N ALA C 226 59.81 29.49 -32.24
CA ALA C 226 58.82 30.40 -32.86
C ALA C 226 57.53 30.47 -32.06
N GLY C 227 57.64 30.89 -30.80
CA GLY C 227 56.49 31.03 -29.92
C GLY C 227 56.18 32.48 -29.61
N LYS C 228 54.90 32.84 -29.69
CA LYS C 228 54.44 34.19 -29.37
C LYS C 228 54.59 34.44 -27.86
N PRO C 229 55.19 35.59 -27.49
CA PRO C 229 55.50 35.93 -26.10
C PRO C 229 54.29 35.80 -25.15
N ARG C 230 54.55 35.32 -23.94
CA ARG C 230 53.52 35.12 -22.93
C ARG C 230 52.74 36.40 -22.63
N TRP C 231 51.44 36.24 -22.41
CA TRP C 231 50.53 37.36 -22.13
C TRP C 231 50.87 38.08 -20.83
N ASP C 232 50.85 39.41 -20.88
CA ASP C 232 51.05 40.23 -19.68
C ASP C 232 49.77 40.24 -18.85
N TRP C 233 49.62 39.20 -18.02
CA TRP C 233 48.42 39.00 -17.23
C TRP C 233 48.74 38.84 -15.74
N GLN C 234 47.95 39.49 -14.91
CA GLN C 234 48.07 39.41 -13.45
C GLN C 234 46.68 39.30 -12.83
N PRO C 235 46.47 38.26 -11.98
CA PRO C 235 45.17 38.02 -11.34
C PRO C 235 44.77 39.12 -10.35
N GLU C 236 43.50 39.11 -9.94
CA GLU C 236 42.98 40.08 -8.97
C GLU C 236 43.71 39.95 -7.64
N PRO C 237 44.31 41.06 -7.15
CA PRO C 237 45.10 41.06 -5.92
C PRO C 237 44.27 40.70 -4.69
N VAL C 238 44.90 40.03 -3.73
CA VAL C 238 44.23 39.61 -2.49
C VAL C 238 43.89 40.81 -1.60
N ASN C 239 42.60 40.96 -1.31
CA ASN C 239 42.12 42.04 -0.47
C ASN C 239 42.07 41.61 1.00
N GLU C 240 43.10 42.01 1.75
CA GLU C 240 43.25 41.63 3.15
C GLU C 240 42.19 42.26 4.05
N ALA C 241 41.79 43.49 3.70
CA ALA C 241 40.78 44.23 4.48
C ALA C 241 39.36 43.78 4.20
N LEU C 242 39.16 42.99 3.15
CA LEU C 242 37.84 42.53 2.75
C LEU C 242 37.62 41.05 3.07
N ASN C 243 38.67 40.24 2.94
CA ASN C 243 38.60 38.81 3.23
C ASN C 243 38.33 38.52 4.71
N ALA C 244 38.90 39.33 5.58
CA ALA C 244 38.67 39.23 7.02
C ALA C 244 37.35 39.88 7.43
N ARG C 245 36.87 40.80 6.59
CA ARG C 245 35.62 41.52 6.82
C ARG C 245 34.41 40.60 6.61
N VAL C 246 34.53 39.68 5.65
CA VAL C 246 33.48 38.69 5.37
C VAL C 246 33.58 37.51 6.34
N ALA C 247 34.80 37.10 6.66
CA ALA C 247 35.06 35.96 7.56
C ALA C 247 34.57 36.20 8.98
N ALA C 248 34.69 37.44 9.45
CA ALA C 248 34.24 37.80 10.80
C ALA C 248 32.72 37.99 10.89
N LEU C 249 32.00 37.50 9.88
CA LEU C 249 30.54 37.62 9.83
C LEU C 249 29.88 36.38 9.25
N ALA C 250 30.60 35.65 8.40
CA ALA C 250 30.05 34.49 7.69
C ALA C 250 30.71 33.17 8.05
N GLU C 251 32.04 33.17 8.16
CA GLU C 251 32.83 31.95 8.42
C GLU C 251 32.41 31.20 9.68
N ALA C 252 31.95 31.95 10.69
CA ALA C 252 31.53 31.38 11.96
C ALA C 252 30.38 30.38 11.81
N ARG C 253 29.33 30.77 11.08
CA ARG C 253 28.16 29.91 10.90
C ARG C 253 28.20 29.07 9.62
N LEU C 254 29.12 29.38 8.72
CA LEU C 254 29.37 28.56 7.53
C LEU C 254 30.12 27.28 7.90
N SER C 255 30.85 27.32 9.01
CA SER C 255 31.55 26.16 9.54
C SER C 255 30.55 25.15 10.11
N ASP C 256 29.46 25.67 10.69
CA ASP C 256 28.39 24.83 11.21
C ASP C 256 27.39 24.44 10.13
N ALA C 257 27.46 25.12 8.99
CA ALA C 257 26.60 24.83 7.84
C ALA C 257 27.01 23.54 7.13
N TYR C 258 28.31 23.27 7.12
CA TYR C 258 28.85 22.03 6.53
C TYR C 258 29.05 20.94 7.58
N ARG C 259 28.20 20.97 8.62
CA ARG C 259 28.25 20.00 9.70
C ARG C 259 27.05 19.05 9.65
N ILE C 260 25.93 19.55 9.14
CA ILE C 260 24.69 18.77 9.03
C ILE C 260 24.75 17.76 7.86
N THR C 261 24.03 16.66 8.01
CA THR C 261 24.12 15.51 7.10
C THR C 261 23.37 15.67 5.78
N ASP C 262 22.10 16.07 5.86
CA ASP C 262 21.21 16.13 4.69
C ASP C 262 21.63 17.19 3.68
N LYS C 263 21.54 16.84 2.39
CA LYS C 263 21.94 17.72 1.30
C LYS C 263 20.99 18.89 1.11
N GLN C 264 19.69 18.62 1.12
CA GLN C 264 18.65 19.65 0.95
C GLN C 264 18.66 20.67 2.09
N GLU C 265 18.96 20.20 3.29
CA GLU C 265 19.05 21.07 4.47
C GLU C 265 20.35 21.89 4.48
N ARG C 266 21.40 21.34 3.87
CA ARG C 266 22.70 22.00 3.81
C ARG C 266 22.73 23.08 2.74
N TYR C 267 22.26 22.76 1.54
CA TYR C 267 22.24 23.69 0.41
C TYR C 267 21.24 24.84 0.59
N ALA C 268 20.29 24.66 1.51
CA ALA C 268 19.38 25.73 1.90
C ALA C 268 20.00 26.60 3.00
N GLN C 269 20.91 26.01 3.76
CA GLN C 269 21.59 26.71 4.84
C GLN C 269 22.76 27.56 4.33
N VAL C 270 23.52 27.02 3.39
CA VAL C 270 24.67 27.74 2.81
C VAL C 270 24.22 28.86 1.88
N ASP C 271 22.98 28.77 1.39
CA ASP C 271 22.41 29.79 0.52
C ASP C 271 21.83 30.94 1.34
N VAL C 272 21.21 30.62 2.48
CA VAL C 272 20.59 31.63 3.35
C VAL C 272 21.63 32.49 4.10
N ILE C 273 22.82 31.94 4.30
CA ILE C 273 23.93 32.69 4.89
C ILE C 273 24.47 33.68 3.85
N LYS C 274 24.66 33.19 2.63
CA LYS C 274 25.13 34.03 1.51
C LYS C 274 24.12 35.12 1.14
N SER C 275 22.83 34.80 1.24
CA SER C 275 21.76 35.75 0.95
C SER C 275 21.63 36.84 2.01
N GLU C 276 22.16 36.58 3.19
CA GLU C 276 22.11 37.54 4.31
C GLU C 276 23.42 38.32 4.49
N THR C 277 24.55 37.67 4.18
CA THR C 277 25.87 38.30 4.32
C THR C 277 26.09 39.37 3.25
N ILE C 278 25.78 39.04 2.00
CA ILE C 278 25.93 39.99 0.89
C ILE C 278 24.95 41.16 1.00
N ALA C 279 23.72 40.86 1.45
CA ALA C 279 22.69 41.88 1.64
C ALA C 279 23.06 42.91 2.71
N THR C 280 23.77 42.47 3.74
CA THR C 280 24.26 43.36 4.80
C THR C 280 25.44 44.18 4.31
N LEU C 281 26.32 43.56 3.52
CA LEU C 281 27.51 44.22 2.98
C LEU C 281 27.16 45.26 1.90
N LEU C 282 26.10 45.00 1.15
CA LEU C 282 25.60 45.95 0.15
C LEU C 282 24.89 47.14 0.81
N ALA C 283 24.24 46.88 1.94
CA ALA C 283 23.57 47.92 2.72
C ALA C 283 24.58 48.84 3.43
N GLU C 284 25.74 48.28 3.75
CA GLU C 284 26.83 49.02 4.38
C GLU C 284 27.49 49.97 3.36
N ASP C 285 27.81 49.42 2.19
CA ASP C 285 28.32 50.22 1.07
C ASP C 285 27.99 49.55 -0.27
N GLU C 286 27.65 50.36 -1.27
CA GLU C 286 27.25 49.87 -2.59
C GLU C 286 28.39 49.88 -3.61
N THR C 287 29.60 50.18 -3.15
CA THR C 287 30.78 50.24 -4.01
C THR C 287 31.34 48.85 -4.33
N LEU C 288 31.00 47.86 -3.50
CA LEU C 288 31.46 46.49 -3.66
C LEU C 288 30.82 45.78 -4.85
N ASP C 289 31.54 44.83 -5.44
CA ASP C 289 31.07 44.04 -6.57
C ASP C 289 30.29 42.82 -6.11
N GLU C 290 29.32 42.41 -6.92
CA GLU C 290 28.47 41.25 -6.61
C GLU C 290 29.23 39.93 -6.67
N ASN C 291 30.03 39.75 -7.73
CA ASN C 291 30.78 38.51 -7.95
C ASN C 291 32.02 38.38 -7.07
N GLU C 292 32.58 39.53 -6.66
CA GLU C 292 33.78 39.55 -5.83
C GLU C 292 33.51 39.01 -4.41
N LEU C 293 32.33 39.32 -3.88
CA LEU C 293 31.92 38.86 -2.55
C LEU C 293 31.62 37.36 -2.53
N GLY C 294 31.13 36.85 -3.65
CA GLY C 294 30.81 35.42 -3.79
C GLY C 294 32.03 34.52 -3.89
N GLU C 295 33.12 35.07 -4.42
CA GLU C 295 34.39 34.35 -4.57
C GLU C 295 35.08 34.13 -3.22
N ILE C 296 34.93 35.11 -2.32
CA ILE C 296 35.49 35.02 -0.97
C ILE C 296 34.69 34.03 -0.13
N LEU C 297 33.37 34.05 -0.31
CA LEU C 297 32.47 33.12 0.39
C LEU C 297 32.69 31.66 -0.04
N HIS C 298 33.03 31.48 -1.31
CA HIS C 298 33.34 30.15 -1.85
C HIS C 298 34.69 29.65 -1.32
N ALA C 299 35.61 30.58 -1.08
CA ALA C 299 36.92 30.26 -0.50
C ALA C 299 36.81 29.81 0.96
N ILE C 300 35.81 30.35 1.66
CA ILE C 300 35.48 29.94 3.02
C ILE C 300 34.90 28.53 3.02
N GLU C 301 33.99 28.27 2.09
CA GLU C 301 33.37 26.94 1.92
C GLU C 301 34.40 25.87 1.59
N LYS C 302 35.41 26.25 0.81
CA LYS C 302 36.50 25.34 0.44
C LYS C 302 37.43 25.07 1.62
N ASN C 303 37.70 26.09 2.43
CA ASN C 303 38.62 26.00 3.55
C ASN C 303 38.09 25.19 4.74
N VAL C 304 36.78 25.33 5.01
CA VAL C 304 36.13 24.63 6.13
C VAL C 304 36.15 23.10 5.94
N VAL C 305 35.76 22.66 4.76
CA VAL C 305 35.69 21.23 4.45
C VAL C 305 37.07 20.57 4.39
N ARG C 306 38.00 21.22 3.69
CA ARG C 306 39.34 20.68 3.48
C ARG C 306 40.20 20.61 4.76
N SER C 307 40.00 21.57 5.67
CA SER C 307 40.74 21.62 6.92
C SER C 307 40.34 20.51 7.90
N ARG C 308 39.07 20.13 7.86
CA ARG C 308 38.53 19.08 8.73
C ARG C 308 38.95 17.69 8.27
N VAL C 309 38.97 17.47 6.96
CA VAL C 309 39.34 16.19 6.37
C VAL C 309 40.84 15.93 6.53
N LEU C 310 41.65 16.97 6.33
CA LEU C 310 43.11 16.87 6.42
C LEU C 310 43.60 16.61 7.86
N ALA C 311 42.89 17.19 8.83
CA ALA C 311 43.24 17.05 10.25
C ALA C 311 42.91 15.66 10.79
N GLY C 312 41.77 15.12 10.37
CA GLY C 312 41.30 13.81 10.83
C GLY C 312 39.93 13.84 11.49
N GLU C 313 39.17 14.89 11.20
CA GLU C 313 37.83 15.06 11.74
C GLU C 313 36.78 14.40 10.83
N PRO C 314 35.63 13.99 11.41
CA PRO C 314 34.55 13.37 10.64
C PRO C 314 34.06 14.23 9.48
N ARG C 315 33.64 13.59 8.40
CA ARG C 315 33.23 14.26 7.17
C ARG C 315 31.88 14.99 7.30
N ILE C 316 31.44 15.59 6.20
CA ILE C 316 30.21 16.41 6.17
C ILE C 316 28.98 15.64 6.66
N ASP C 317 28.79 14.42 6.14
CA ASP C 317 27.65 13.59 6.52
C ASP C 317 27.96 12.64 7.69
N GLY C 318 29.08 12.88 8.36
CA GLY C 318 29.49 12.09 9.52
C GLY C 318 30.06 10.74 9.14
N ARG C 319 30.92 10.73 8.12
CA ARG C 319 31.55 9.50 7.65
C ARG C 319 33.06 9.51 7.90
N GLU C 320 33.65 8.31 7.89
CA GLU C 320 35.10 8.16 7.99
C GLU C 320 35.75 8.28 6.61
N LYS C 321 37.08 8.36 6.59
CA LYS C 321 37.84 8.57 5.35
C LYS C 321 37.71 7.43 4.33
N ASP C 322 37.34 6.24 4.79
CA ASP C 322 37.17 5.08 3.92
C ASP C 322 35.73 4.56 3.91
N MET C 323 34.87 5.14 4.74
CA MET C 323 33.47 4.71 4.88
C MET C 323 32.63 5.08 3.66
N ILE C 324 31.84 4.11 3.19
CA ILE C 324 30.95 4.29 2.06
C ILE C 324 29.49 4.42 2.54
N ARG C 325 28.70 5.22 1.82
CA ARG C 325 27.29 5.47 2.15
C ARG C 325 26.42 4.21 2.09
N GLY C 326 25.22 4.32 2.66
CA GLY C 326 24.25 3.22 2.68
C GLY C 326 23.75 2.85 1.29
N LEU C 327 23.50 1.55 1.09
CA LEU C 327 23.11 1.04 -0.21
C LEU C 327 21.68 0.49 -0.21
N ASP C 328 21.01 0.62 -1.36
CA ASP C 328 19.68 0.07 -1.56
C ASP C 328 19.57 -0.56 -2.94
N VAL C 329 19.47 -1.88 -2.97
CA VAL C 329 19.43 -2.64 -4.22
C VAL C 329 18.02 -3.17 -4.48
N ARG C 330 17.44 -2.75 -5.60
CA ARG C 330 16.11 -3.20 -6.02
C ARG C 330 16.09 -3.58 -7.50
N THR C 331 15.40 -4.67 -7.81
CA THR C 331 15.24 -5.12 -9.20
C THR C 331 13.81 -5.60 -9.46
N GLY C 332 13.40 -5.57 -10.72
CA GLY C 332 12.03 -5.90 -11.10
C GLY C 332 11.06 -4.81 -10.68
N VAL C 333 11.51 -3.57 -10.79
CA VAL C 333 10.75 -2.39 -10.37
C VAL C 333 9.63 -2.03 -11.36
N LEU C 334 9.78 -2.47 -12.60
CA LEU C 334 8.83 -2.16 -13.66
C LEU C 334 8.18 -3.43 -14.24
N PRO C 335 6.88 -3.35 -14.61
CA PRO C 335 6.16 -4.53 -15.06
C PRO C 335 6.36 -4.92 -16.54
N ARG C 336 6.10 -3.99 -17.46
CA ARG C 336 6.08 -4.30 -18.89
C ARG C 336 7.36 -3.91 -19.62
N THR C 337 8.50 -4.30 -19.06
CA THR C 337 9.79 -4.16 -19.73
C THR C 337 10.70 -5.35 -19.41
N HIS C 338 11.72 -5.56 -20.24
CA HIS C 338 12.63 -6.69 -20.09
C HIS C 338 13.48 -6.60 -18.82
N GLY C 339 14.22 -5.50 -18.68
CA GLY C 339 15.09 -5.29 -17.53
C GLY C 339 14.68 -4.12 -16.66
N SER C 340 14.75 -4.31 -15.35
CA SER C 340 14.38 -3.28 -14.38
C SER C 340 15.33 -3.27 -13.19
N ALA C 341 15.80 -2.07 -12.82
CA ALA C 341 16.72 -1.91 -11.69
C ALA C 341 16.56 -0.56 -11.00
N LEU C 342 16.66 -0.57 -9.67
CA LEU C 342 16.63 0.63 -8.86
C LEU C 342 17.73 0.57 -7.81
N PHE C 343 18.92 1.04 -8.20
CA PHE C 343 20.08 1.05 -7.32
C PHE C 343 20.24 2.42 -6.66
N THR C 344 20.44 2.43 -5.34
CA THR C 344 20.59 3.66 -4.58
C THR C 344 21.83 3.62 -3.69
N ARG C 345 22.63 4.69 -3.75
CA ARG C 345 23.80 4.85 -2.89
C ARG C 345 23.74 6.19 -2.16
N GLY C 346 23.42 6.14 -0.87
CA GLY C 346 23.27 7.33 -0.05
C GLY C 346 22.01 8.10 -0.42
N GLU C 347 22.19 9.18 -1.17
CA GLU C 347 21.07 9.96 -1.71
C GLU C 347 21.20 10.12 -3.23
N THR C 348 21.78 9.11 -3.86
CA THR C 348 21.93 9.05 -5.32
C THR C 348 21.32 7.76 -5.83
N GLN C 349 20.44 7.84 -6.82
CA GLN C 349 19.86 6.64 -7.42
C GLN C 349 19.67 6.72 -8.92
N ALA C 350 19.76 5.57 -9.59
CA ALA C 350 19.64 5.48 -11.04
C ALA C 350 18.64 4.40 -11.46
N LEU C 351 17.57 4.84 -12.11
CA LEU C 351 16.58 3.92 -12.69
C LEU C 351 17.12 3.37 -14.00
N VAL C 352 17.74 2.20 -13.92
CA VAL C 352 18.42 1.59 -15.07
C VAL C 352 17.57 0.46 -15.66
N THR C 353 17.36 0.52 -16.97
CA THR C 353 16.54 -0.46 -17.68
C THR C 353 17.32 -1.14 -18.81
N ALA C 354 17.07 -2.44 -19.00
CA ALA C 354 17.68 -3.21 -20.08
C ALA C 354 16.62 -3.65 -21.09
N THR C 355 16.89 -3.43 -22.36
CA THR C 355 15.95 -3.76 -23.44
C THR C 355 16.60 -4.70 -24.45
N LEU C 356 15.90 -5.79 -24.76
CA LEU C 356 16.39 -6.78 -25.72
C LEU C 356 15.86 -6.52 -27.13
N GLY C 357 16.69 -6.79 -28.13
CA GLY C 357 16.32 -6.60 -29.53
C GLY C 357 17.00 -7.57 -30.48
N THR C 358 16.88 -7.29 -31.77
CA THR C 358 17.47 -8.13 -32.81
C THR C 358 18.53 -7.36 -33.59
N ALA C 359 19.26 -8.05 -34.47
CA ALA C 359 20.35 -7.46 -35.26
C ALA C 359 19.92 -6.31 -36.17
N ARG C 360 18.62 -6.23 -36.44
CA ARG C 360 18.04 -5.16 -37.26
C ARG C 360 18.04 -3.82 -36.51
N ASP C 361 17.95 -3.88 -35.18
CA ASP C 361 17.87 -2.69 -34.33
C ASP C 361 19.23 -2.14 -33.91
N ALA C 362 20.30 -2.72 -34.44
CA ALA C 362 21.67 -2.29 -34.12
C ALA C 362 22.02 -0.95 -34.74
N GLN C 363 22.75 -0.13 -34.00
CA GLN C 363 23.16 1.20 -34.46
C GLN C 363 24.33 1.12 -35.43
N VAL C 364 24.14 1.69 -36.62
CA VAL C 364 25.19 1.75 -37.63
C VAL C 364 25.94 3.08 -37.49
N LEU C 365 27.11 3.03 -36.87
CA LEU C 365 27.92 4.22 -36.66
C LEU C 365 28.77 4.53 -37.88
N ASP C 366 28.49 5.67 -38.51
CA ASP C 366 29.26 6.12 -39.67
C ASP C 366 30.49 6.89 -39.21
N GLU C 367 31.42 6.18 -38.58
CA GLU C 367 32.66 6.79 -38.09
C GLU C 367 33.61 7.06 -39.25
N LEU C 368 34.47 8.06 -39.08
CA LEU C 368 35.44 8.42 -40.11
C LEU C 368 36.17 7.23 -40.71
N MET C 369 37.01 6.58 -39.89
CA MET C 369 37.77 5.43 -40.35
C MET C 369 37.15 4.18 -39.73
N GLY C 370 36.20 3.59 -40.44
CA GLY C 370 35.53 2.39 -39.96
C GLY C 370 34.08 2.31 -40.41
N GLU C 371 33.53 1.10 -40.41
CA GLU C 371 32.14 0.89 -40.83
C GLU C 371 31.42 0.01 -39.81
N ARG C 372 31.99 -0.08 -38.61
CA ARG C 372 31.51 -0.97 -37.54
C ARG C 372 30.06 -0.72 -37.10
N THR C 373 29.37 -1.80 -36.76
CA THR C 373 28.01 -1.74 -36.25
C THR C 373 27.99 -2.17 -34.78
N ASP C 374 27.47 -1.30 -33.93
CA ASP C 374 27.45 -1.54 -32.49
C ASP C 374 26.23 -2.35 -32.07
N THR C 375 26.46 -3.40 -31.29
CA THR C 375 25.39 -4.28 -30.81
C THR C 375 24.91 -3.90 -29.40
N PHE C 376 25.80 -3.27 -28.63
CA PHE C 376 25.48 -2.84 -27.27
C PHE C 376 25.32 -1.32 -27.20
N LEU C 377 24.22 -0.88 -26.59
CA LEU C 377 23.91 0.53 -26.47
C LEU C 377 23.76 0.97 -25.02
N PHE C 378 24.32 2.13 -24.70
CA PHE C 378 24.21 2.72 -23.37
C PHE C 378 23.83 4.19 -23.48
N HIS C 379 22.74 4.56 -22.81
CA HIS C 379 22.25 5.94 -22.83
C HIS C 379 22.12 6.51 -21.42
N TYR C 380 22.77 7.63 -21.19
CA TYR C 380 22.76 8.30 -19.89
C TYR C 380 21.93 9.58 -19.96
N ASN C 381 20.99 9.71 -19.03
CA ASN C 381 20.13 10.89 -18.95
C ASN C 381 20.23 11.57 -17.59
N PHE C 382 20.53 12.87 -17.60
CA PHE C 382 20.64 13.66 -16.39
C PHE C 382 19.61 14.81 -16.40
N PRO C 383 18.38 14.52 -15.93
CA PRO C 383 17.29 15.50 -15.91
C PRO C 383 17.44 16.51 -14.78
N PRO C 384 16.77 17.68 -14.88
CA PRO C 384 16.89 18.74 -13.87
C PRO C 384 16.37 18.38 -12.47
N TYR C 385 15.41 17.45 -12.40
CA TYR C 385 14.80 17.08 -11.12
C TYR C 385 15.69 16.22 -10.22
N SER C 386 16.83 15.77 -10.76
CA SER C 386 17.80 14.97 -10.01
C SER C 386 18.52 15.80 -8.94
N VAL C 387 18.92 17.03 -9.32
CA VAL C 387 19.58 17.95 -8.39
C VAL C 387 18.58 18.83 -7.64
N GLY C 388 17.32 18.81 -8.09
CA GLY C 388 16.26 19.62 -7.49
C GLY C 388 16.20 21.02 -8.08
N GLU C 389 16.43 21.11 -9.39
CA GLU C 389 16.43 22.38 -10.10
C GLU C 389 15.54 22.33 -11.34
N THR C 390 15.40 23.47 -12.03
CA THR C 390 14.63 23.56 -13.26
C THR C 390 15.55 23.88 -14.45
N GLY C 391 15.36 23.14 -15.54
CA GLY C 391 16.17 23.33 -16.75
C GLY C 391 15.42 23.02 -18.03
N MET C 392 16.17 22.83 -19.12
CA MET C 392 15.58 22.53 -20.41
C MET C 392 15.95 21.12 -20.87
N VAL C 393 14.96 20.38 -21.35
CA VAL C 393 15.18 19.01 -21.81
C VAL C 393 14.97 18.91 -23.33
N GLY C 394 15.94 18.31 -24.01
CA GLY C 394 15.87 18.15 -25.45
C GLY C 394 16.93 17.20 -25.98
N SER C 395 18.04 17.76 -26.46
CA SER C 395 19.14 16.98 -26.99
C SER C 395 20.16 16.65 -25.91
N PRO C 396 20.63 15.41 -25.90
CA PRO C 396 21.61 14.96 -24.90
C PRO C 396 22.82 15.91 -24.81
N LYS C 397 23.09 16.39 -23.60
CA LYS C 397 24.19 17.31 -23.35
C LYS C 397 25.54 16.59 -23.41
N ARG C 398 26.62 17.37 -23.54
CA ARG C 398 27.98 16.85 -23.61
C ARG C 398 28.34 16.00 -22.39
N ARG C 399 27.84 16.42 -21.23
CA ARG C 399 28.07 15.73 -19.96
C ARG C 399 27.35 14.37 -19.92
N GLU C 400 26.21 14.29 -20.60
CA GLU C 400 25.42 13.06 -20.66
C GLU C 400 26.04 12.01 -21.58
N ILE C 401 26.60 12.46 -22.70
CA ILE C 401 27.27 11.58 -23.67
C ILE C 401 28.60 11.08 -23.10
N GLY C 402 29.29 11.94 -22.35
CA GLY C 402 30.55 11.60 -21.71
C GLY C 402 30.42 10.53 -20.64
N HIS C 403 29.39 10.68 -19.79
CA HIS C 403 29.12 9.70 -18.74
C HIS C 403 28.47 8.43 -19.30
N GLY C 404 27.77 8.56 -20.42
CA GLY C 404 27.12 7.44 -21.09
C GLY C 404 28.10 6.39 -21.59
N ARG C 405 29.16 6.87 -22.23
CA ARG C 405 30.24 6.01 -22.70
C ARG C 405 31.10 5.52 -21.53
N LEU C 406 31.24 6.38 -20.51
CA LEU C 406 32.01 6.07 -19.31
C LEU C 406 31.37 4.92 -18.51
N ALA C 407 30.04 4.90 -18.48
CA ALA C 407 29.30 3.81 -17.86
C ALA C 407 29.31 2.57 -18.74
N LYS C 408 29.43 2.79 -20.05
CA LYS C 408 29.55 1.71 -21.03
C LYS C 408 30.92 1.03 -20.95
N ARG C 409 31.93 1.79 -20.54
CA ARG C 409 33.30 1.29 -20.38
C ARG C 409 33.39 0.12 -19.40
N GLY C 410 32.56 0.15 -18.36
CA GLY C 410 32.58 -0.87 -17.31
C GLY C 410 31.70 -2.08 -17.56
N VAL C 411 30.73 -1.95 -18.46
CA VAL C 411 29.79 -3.03 -18.75
C VAL C 411 30.21 -3.85 -19.98
N LEU C 412 30.83 -3.18 -20.96
CA LEU C 412 31.23 -3.81 -22.22
C LEU C 412 32.21 -4.98 -22.03
N ALA C 413 33.12 -4.85 -21.08
CA ALA C 413 34.16 -5.84 -20.83
C ALA C 413 33.62 -7.14 -20.20
N VAL C 414 32.56 -7.01 -19.42
CA VAL C 414 31.99 -8.15 -18.70
C VAL C 414 30.85 -8.84 -19.47
N MET C 415 30.39 -8.19 -20.54
CA MET C 415 29.31 -8.71 -21.39
C MET C 415 29.72 -9.94 -22.21
N PRO C 416 28.77 -10.88 -22.43
CA PRO C 416 29.02 -12.07 -23.24
C PRO C 416 29.19 -11.76 -24.73
N ASP C 417 29.77 -12.71 -25.46
CA ASP C 417 30.01 -12.56 -26.90
C ASP C 417 28.73 -12.73 -27.72
N MET C 418 28.80 -12.34 -29.00
CA MET C 418 27.66 -12.44 -29.91
C MET C 418 27.34 -13.87 -30.34
N ASP C 419 28.33 -14.75 -30.24
CA ASP C 419 28.18 -16.16 -30.60
C ASP C 419 27.26 -16.92 -29.65
N LYS C 420 27.35 -16.59 -28.36
CA LYS C 420 26.52 -17.22 -27.33
C LYS C 420 25.20 -16.49 -27.13
N PHE C 421 25.20 -15.18 -27.36
CA PHE C 421 24.01 -14.34 -27.20
C PHE C 421 23.87 -13.37 -28.37
N PRO C 422 23.04 -13.73 -29.38
CA PRO C 422 22.88 -12.94 -30.59
C PRO C 422 21.73 -11.94 -30.53
N TYR C 423 21.63 -11.20 -29.43
CA TYR C 423 20.60 -10.18 -29.25
C TYR C 423 21.22 -8.82 -28.95
N THR C 424 20.74 -7.79 -29.64
CA THR C 424 21.19 -6.42 -29.41
C THR C 424 20.55 -5.86 -28.15
N VAL C 425 21.38 -5.48 -27.18
CA VAL C 425 20.90 -5.03 -25.88
C VAL C 425 21.08 -3.51 -25.72
N ARG C 426 20.00 -2.84 -25.33
CA ARG C 426 20.03 -1.40 -25.07
C ARG C 426 19.83 -1.14 -23.58
N VAL C 427 20.73 -0.35 -23.00
CA VAL C 427 20.67 0.00 -21.58
C VAL C 427 20.44 1.50 -21.40
N VAL C 428 19.34 1.85 -20.75
CA VAL C 428 18.98 3.25 -20.51
C VAL C 428 19.02 3.55 -19.01
N SER C 429 19.81 4.54 -18.62
CA SER C 429 19.94 4.95 -17.22
C SER C 429 19.23 6.27 -16.97
N GLU C 430 18.35 6.28 -15.96
CA GLU C 430 17.60 7.47 -15.60
C GLU C 430 17.95 7.94 -14.19
N ILE C 431 18.59 9.10 -14.09
CA ILE C 431 19.01 9.66 -12.81
C ILE C 431 17.84 10.43 -12.17
N THR C 432 17.31 9.88 -11.09
CA THR C 432 16.19 10.51 -10.37
C THR C 432 16.66 11.42 -9.24
N GLU C 433 17.82 11.11 -8.66
CA GLU C 433 18.49 11.98 -7.68
C GLU C 433 20.01 11.83 -7.77
N SER C 434 20.71 12.95 -7.56
CA SER C 434 22.18 12.97 -7.70
C SER C 434 22.91 13.84 -6.70
N ASN C 435 23.97 13.29 -6.12
CA ASN C 435 24.85 13.99 -5.20
C ASN C 435 26.32 13.63 -5.41
N GLY C 436 26.64 12.34 -5.25
CA GLY C 436 27.99 11.83 -5.47
C GLY C 436 28.27 11.55 -6.92
N SER C 437 28.51 10.27 -7.23
CA SER C 437 28.77 9.84 -8.60
C SER C 437 27.61 9.01 -9.14
N SER C 438 26.84 9.61 -10.05
CA SER C 438 25.68 8.95 -10.64
C SER C 438 26.05 8.13 -11.88
N SER C 439 27.15 8.50 -12.51
CA SER C 439 27.66 7.77 -13.68
C SER C 439 28.22 6.41 -13.30
N MET C 440 28.88 6.34 -12.15
CA MET C 440 29.44 5.09 -11.64
C MET C 440 28.37 4.24 -10.96
N ALA C 441 27.32 4.90 -10.48
CA ALA C 441 26.17 4.22 -9.89
C ALA C 441 25.29 3.59 -10.98
N SER C 442 25.40 4.11 -12.19
CA SER C 442 24.70 3.57 -13.36
C SER C 442 25.26 2.22 -13.78
N VAL C 443 26.55 2.02 -13.54
CA VAL C 443 27.23 0.74 -13.81
C VAL C 443 26.72 -0.33 -12.86
N CYS C 444 26.49 0.06 -11.60
CA CYS C 444 25.94 -0.83 -10.59
C CYS C 444 24.50 -1.22 -10.92
N GLY C 445 23.74 -0.26 -11.46
CA GLY C 445 22.36 -0.49 -11.88
C GLY C 445 22.25 -1.25 -13.19
N ALA C 446 23.29 -1.16 -14.01
CA ALA C 446 23.33 -1.85 -15.30
C ALA C 446 23.41 -3.37 -15.14
N SER C 447 24.24 -3.82 -14.20
CA SER C 447 24.42 -5.24 -13.93
C SER C 447 23.15 -5.88 -13.35
N LEU C 448 22.39 -5.09 -12.59
CA LEU C 448 21.13 -5.56 -12.00
C LEU C 448 20.01 -5.60 -13.03
N ALA C 449 20.05 -4.69 -13.99
CA ALA C 449 19.05 -4.61 -15.06
C ALA C 449 19.23 -5.72 -16.08
N LEU C 450 20.48 -6.09 -16.35
CA LEU C 450 20.80 -7.15 -17.32
C LEU C 450 20.45 -8.53 -16.80
N MET C 451 20.63 -8.75 -15.50
CA MET C 451 20.28 -10.02 -14.86
C MET C 451 18.77 -10.22 -14.80
N ASP C 452 18.03 -9.13 -14.66
CA ASP C 452 16.56 -9.16 -14.66
C ASP C 452 16.01 -9.38 -16.07
N ALA C 453 16.73 -8.88 -17.06
CA ALA C 453 16.35 -9.04 -18.47
C ALA C 453 16.59 -10.46 -18.98
N GLY C 454 17.62 -11.11 -18.43
CA GLY C 454 17.97 -12.47 -18.83
C GLY C 454 19.28 -12.56 -19.60
N VAL C 455 20.06 -11.49 -19.54
CA VAL C 455 21.36 -11.43 -20.22
C VAL C 455 22.41 -12.20 -19.40
N PRO C 456 22.99 -13.25 -20.00
CA PRO C 456 23.98 -14.09 -19.30
C PRO C 456 25.36 -13.44 -19.24
N ILE C 457 25.50 -12.42 -18.41
CA ILE C 457 26.78 -11.74 -18.20
C ILE C 457 27.76 -12.62 -17.42
N LYS C 458 29.05 -12.46 -17.72
CA LYS C 458 30.11 -13.28 -17.12
C LYS C 458 30.21 -13.10 -15.61
N ALA C 459 30.12 -11.84 -15.17
CA ALA C 459 30.19 -11.50 -13.74
C ALA C 459 29.41 -10.21 -13.44
N ALA C 460 29.16 -9.98 -12.15
CA ALA C 460 28.51 -8.74 -11.71
C ALA C 460 29.52 -7.60 -11.65
N VAL C 461 29.08 -6.40 -12.02
CA VAL C 461 29.96 -5.23 -12.07
C VAL C 461 29.42 -4.05 -11.23
N ALA C 462 30.32 -3.45 -10.46
CA ALA C 462 30.00 -2.29 -9.63
C ALA C 462 31.19 -1.33 -9.58
N GLY C 463 31.00 -0.17 -8.93
CA GLY C 463 32.07 0.81 -8.80
C GLY C 463 31.70 2.10 -8.09
N ILE C 464 32.73 2.84 -7.70
CA ILE C 464 32.58 4.15 -7.03
C ILE C 464 33.67 5.13 -7.44
N ALA C 465 33.44 6.42 -7.18
CA ALA C 465 34.42 7.46 -7.44
C ALA C 465 35.19 7.82 -6.18
N MET C 466 36.46 8.20 -6.35
CA MET C 466 37.34 8.53 -5.23
C MET C 466 37.78 9.99 -5.27
N GLY C 467 37.95 10.59 -4.10
CA GLY C 467 38.40 11.97 -3.97
C GLY C 467 39.65 12.11 -3.12
N LEU C 468 40.28 13.28 -3.19
CA LEU C 468 41.51 13.54 -2.45
C LEU C 468 41.57 14.99 -1.96
N VAL C 469 42.06 15.16 -0.73
CA VAL C 469 42.30 16.48 -0.17
C VAL C 469 43.80 16.64 0.09
N LYS C 470 44.46 17.41 -0.77
CA LYS C 470 45.89 17.64 -0.67
C LYS C 470 46.23 19.11 -0.90
N GLU C 471 46.98 19.70 0.04
CA GLU C 471 47.44 21.08 -0.09
C GLU C 471 48.96 21.20 0.08
N GLY C 472 49.55 20.24 0.78
CA GLY C 472 51.00 20.17 0.97
C GLY C 472 51.58 18.92 0.34
N ASP C 473 52.09 18.02 1.18
CA ASP C 473 52.60 16.73 0.74
C ASP C 473 51.84 15.57 1.37
N ASN C 474 51.28 15.81 2.55
CA ASN C 474 50.40 14.84 3.22
C ASN C 474 49.00 14.84 2.58
N TYR C 475 48.37 13.67 2.56
CA TYR C 475 47.14 13.46 1.80
C TYR C 475 46.11 12.61 2.54
N VAL C 476 44.84 12.84 2.23
CA VAL C 476 43.74 12.01 2.73
C VAL C 476 42.90 11.53 1.56
N VAL C 477 42.80 10.20 1.43
CA VAL C 477 42.03 9.58 0.35
C VAL C 477 40.60 9.29 0.83
N LEU C 478 39.62 9.76 0.06
CA LEU C 478 38.21 9.61 0.41
C LEU C 478 37.49 8.59 -0.47
N SER C 479 36.67 7.76 0.17
CA SER C 479 35.89 6.73 -0.54
C SER C 479 34.43 7.17 -0.71
N ASP C 480 33.96 7.10 -1.95
CA ASP C 480 32.59 7.51 -2.33
C ASP C 480 32.25 8.93 -1.86
N ILE C 481 32.77 9.92 -2.58
CA ILE C 481 32.61 11.33 -2.22
C ILE C 481 31.25 11.91 -2.58
N LEU C 482 30.91 13.04 -1.96
CA LEU C 482 29.68 13.77 -2.25
C LEU C 482 29.94 14.82 -3.33
N GLY C 483 28.93 15.63 -3.62
CA GLY C 483 29.06 16.73 -4.58
C GLY C 483 29.91 17.87 -4.05
N ASP C 484 29.86 18.07 -2.73
CA ASP C 484 30.64 19.11 -2.06
C ASP C 484 32.11 18.70 -1.91
N GLU C 485 32.35 17.39 -1.86
CA GLU C 485 33.70 16.85 -1.71
C GLU C 485 34.41 16.68 -3.06
N ASP C 486 33.67 16.88 -4.15
CA ASP C 486 34.23 16.78 -5.50
C ASP C 486 34.62 18.15 -6.07
N HIS C 487 33.75 19.14 -5.86
CA HIS C 487 34.00 20.51 -6.31
C HIS C 487 35.07 21.20 -5.47
N LEU C 488 34.98 21.05 -4.15
CA LEU C 488 35.94 21.64 -3.22
C LEU C 488 37.15 20.73 -3.01
N GLY C 489 37.08 19.52 -3.57
CA GLY C 489 38.19 18.56 -3.53
C GLY C 489 39.31 18.91 -4.48
N ASP C 490 40.08 17.90 -4.88
CA ASP C 490 41.22 18.10 -5.76
C ASP C 490 41.24 17.20 -6.99
N MET C 491 40.62 16.03 -6.89
CA MET C 491 40.56 15.09 -8.01
C MET C 491 39.33 14.19 -8.00
N ASP C 492 38.97 13.68 -9.17
CA ASP C 492 37.88 12.73 -9.35
C ASP C 492 38.43 11.42 -9.92
N PHE C 493 38.49 10.39 -9.08
CA PHE C 493 39.11 9.12 -9.42
C PHE C 493 38.08 8.00 -9.51
N LYS C 494 37.58 7.78 -10.73
CA LYS C 494 36.52 6.80 -10.97
C LYS C 494 37.05 5.41 -11.29
N VAL C 495 36.51 4.42 -10.57
CA VAL C 495 36.90 3.01 -10.75
C VAL C 495 35.64 2.14 -10.91
N ALA C 496 35.67 1.25 -11.90
CA ALA C 496 34.58 0.29 -12.12
C ALA C 496 35.15 -1.07 -12.52
N GLY C 497 34.61 -2.12 -11.92
CA GLY C 497 35.06 -3.49 -12.19
C GLY C 497 34.26 -4.57 -11.49
N SER C 498 34.66 -5.82 -11.71
CA SER C 498 34.02 -6.97 -11.10
C SER C 498 34.72 -7.39 -9.80
N ARG C 499 34.44 -8.59 -9.34
CA ARG C 499 35.05 -9.14 -8.13
C ARG C 499 36.51 -9.54 -8.36
N ASP C 500 36.85 -9.87 -9.60
CA ASP C 500 38.20 -10.32 -9.95
C ASP C 500 39.11 -9.20 -10.46
N GLY C 501 38.60 -8.40 -11.39
CA GLY C 501 39.40 -7.34 -12.01
C GLY C 501 38.69 -6.01 -12.23
N ILE C 502 39.40 -5.09 -12.87
CA ILE C 502 38.89 -3.75 -13.16
C ILE C 502 38.48 -3.65 -14.63
N SER C 503 37.28 -3.13 -14.87
CA SER C 503 36.75 -2.98 -16.23
C SER C 503 36.91 -1.55 -16.77
N ALA C 504 36.73 -0.56 -15.90
CA ALA C 504 36.84 0.84 -16.28
C ALA C 504 37.59 1.66 -15.25
N LEU C 505 38.37 2.63 -15.72
CA LEU C 505 39.14 3.52 -14.85
C LEU C 505 39.23 4.92 -15.46
N GLN C 506 38.63 5.90 -14.79
CA GLN C 506 38.69 7.30 -15.21
C GLN C 506 39.43 8.14 -14.17
N MET C 507 40.23 9.09 -14.65
CA MET C 507 41.01 9.95 -13.78
C MET C 507 40.85 11.41 -14.19
N ASP C 508 40.33 12.23 -13.28
CA ASP C 508 40.12 13.65 -13.53
C ASP C 508 40.73 14.49 -12.40
N ILE C 509 41.97 14.91 -12.58
CA ILE C 509 42.71 15.65 -11.57
C ILE C 509 42.69 17.15 -11.89
N LYS C 510 42.40 17.97 -10.88
CA LYS C 510 42.31 19.42 -11.03
C LYS C 510 43.56 20.15 -10.57
N ILE C 511 44.44 19.44 -9.87
CA ILE C 511 45.69 20.02 -9.35
C ILE C 511 46.94 19.34 -9.91
N GLU C 512 48.05 20.07 -9.90
CA GLU C 512 49.35 19.54 -10.32
C GLU C 512 50.12 19.00 -9.12
N GLY C 513 51.00 18.04 -9.39
CA GLY C 513 51.85 17.44 -8.36
C GLY C 513 51.28 16.15 -7.79
N ILE C 514 50.73 15.31 -8.66
CA ILE C 514 50.20 14.00 -8.27
C ILE C 514 51.29 12.93 -8.33
N THR C 515 51.47 12.23 -7.21
CA THR C 515 52.51 11.20 -7.10
C THR C 515 52.00 9.81 -7.45
N LYS C 516 52.91 8.85 -7.54
CA LYS C 516 52.59 7.48 -7.91
C LYS C 516 51.91 6.72 -6.76
N GLU C 517 52.37 6.98 -5.54
CA GLU C 517 51.86 6.28 -4.35
C GLU C 517 50.41 6.62 -4.00
N ILE C 518 49.99 7.84 -4.30
CA ILE C 518 48.62 8.28 -4.01
C ILE C 518 47.61 7.79 -5.04
N MET C 519 48.12 7.40 -6.22
CA MET C 519 47.28 6.85 -7.28
C MET C 519 46.92 5.39 -7.05
N GLN C 520 47.86 4.63 -6.48
CA GLN C 520 47.64 3.21 -6.19
C GLN C 520 46.83 3.00 -4.90
N VAL C 521 46.96 3.91 -3.94
CA VAL C 521 46.21 3.86 -2.69
C VAL C 521 44.74 4.17 -2.96
N ALA C 522 44.49 5.15 -3.82
CA ALA C 522 43.13 5.51 -4.24
C ALA C 522 42.48 4.41 -5.09
N LEU C 523 43.31 3.57 -5.70
CA LEU C 523 42.85 2.45 -6.50
C LEU C 523 42.63 1.20 -5.65
N ASN C 524 43.49 1.00 -4.65
CA ASN C 524 43.38 -0.13 -3.73
C ASN C 524 42.23 0.04 -2.73
N GLN C 525 42.00 1.28 -2.32
CA GLN C 525 40.90 1.61 -1.41
C GLN C 525 39.56 1.55 -2.12
N ALA C 526 39.59 1.78 -3.44
CA ALA C 526 38.40 1.67 -4.28
C ALA C 526 37.97 0.21 -4.47
N LYS C 527 38.94 -0.69 -4.41
CA LYS C 527 38.69 -2.14 -4.52
C LYS C 527 37.87 -2.65 -3.33
N GLY C 528 38.20 -2.16 -2.14
CA GLY C 528 37.50 -2.52 -0.92
C GLY C 528 36.04 -2.08 -0.91
N ALA C 529 35.79 -0.89 -1.44
CA ALA C 529 34.44 -0.36 -1.56
C ALA C 529 33.66 -1.01 -2.70
N ARG C 530 34.39 -1.46 -3.73
CA ARG C 530 33.78 -2.15 -4.87
C ARG C 530 33.29 -3.54 -4.48
N LEU C 531 34.04 -4.21 -3.61
CA LEU C 531 33.65 -5.52 -3.08
C LEU C 531 32.47 -5.43 -2.13
N HIS C 532 32.31 -4.27 -1.50
CA HIS C 532 31.21 -4.00 -0.58
C HIS C 532 29.87 -3.90 -1.31
N ILE C 533 29.86 -3.21 -2.45
CA ILE C 533 28.67 -3.03 -3.26
C ILE C 533 28.25 -4.36 -3.91
N LEU C 534 29.22 -5.09 -4.43
CA LEU C 534 28.98 -6.39 -5.07
C LEU C 534 28.42 -7.43 -4.11
N GLY C 535 28.81 -7.33 -2.83
CA GLY C 535 28.29 -8.20 -1.78
C GLY C 535 26.82 -7.98 -1.50
N VAL C 536 26.40 -6.72 -1.56
CA VAL C 536 24.99 -6.35 -1.37
C VAL C 536 24.18 -6.67 -2.65
N MET C 537 24.83 -6.51 -3.80
CA MET C 537 24.21 -6.82 -5.10
C MET C 537 23.93 -8.31 -5.28
N GLU C 538 24.79 -9.15 -4.70
CA GLU C 538 24.62 -10.60 -4.76
C GLU C 538 23.51 -11.11 -3.84
N GLN C 539 23.15 -10.31 -2.83
CA GLN C 539 22.08 -10.66 -1.90
C GLN C 539 20.71 -10.67 -2.56
N ALA C 540 20.51 -9.76 -3.52
CA ALA C 540 19.26 -9.69 -4.26
C ALA C 540 19.23 -10.69 -5.42
N ILE C 541 20.16 -10.54 -6.36
CA ILE C 541 20.25 -11.42 -7.53
C ILE C 541 21.70 -11.79 -7.86
N ASN C 542 21.90 -13.06 -8.19
CA ASN C 542 23.22 -13.57 -8.56
C ASN C 542 23.26 -14.24 -9.93
N ALA C 543 22.13 -14.82 -10.34
CA ALA C 543 22.00 -15.48 -11.62
C ALA C 543 20.70 -15.11 -12.33
N PRO C 544 20.77 -14.83 -13.65
CA PRO C 544 19.58 -14.48 -14.43
C PRO C 544 18.63 -15.67 -14.61
N GLY D 19 -0.28 -6.46 -10.65
CA GLY D 19 -0.46 -5.42 -11.70
C GLY D 19 -0.23 -4.02 -11.17
N ALA D 20 1.00 -3.75 -10.74
CA ALA D 20 1.38 -2.45 -10.19
C ALA D 20 2.86 -2.16 -10.43
N ALA D 21 3.19 -0.88 -10.56
CA ALA D 21 4.58 -0.45 -10.74
C ALA D 21 5.07 0.37 -9.56
N GLY D 22 6.38 0.30 -9.31
CA GLY D 22 7.00 1.00 -8.20
C GLY D 22 7.99 0.13 -7.44
N GLY D 23 8.68 0.73 -6.48
CA GLY D 23 9.70 0.05 -5.69
C GLY D 23 9.16 -1.01 -4.74
N HIS D 24 7.87 -0.90 -4.41
CA HIS D 24 7.20 -1.87 -3.55
C HIS D 24 6.90 -3.18 -4.28
N THR D 25 6.85 -3.12 -5.61
CA THR D 25 6.56 -4.28 -6.45
C THR D 25 7.86 -4.89 -7.01
N ALA D 26 8.97 -4.66 -6.30
CA ALA D 26 10.26 -5.21 -6.68
C ALA D 26 10.34 -6.69 -6.34
N THR D 27 10.90 -7.48 -7.26
CA THR D 27 11.01 -8.93 -7.09
C THR D 27 12.08 -9.34 -6.07
N HIS D 28 13.10 -8.49 -5.89
CA HIS D 28 14.14 -8.72 -4.90
C HIS D 28 14.52 -7.43 -4.17
N HIS D 29 14.71 -7.54 -2.86
CA HIS D 29 15.06 -6.40 -2.01
C HIS D 29 16.30 -6.68 -1.17
N ALA D 30 17.25 -5.75 -1.23
CA ALA D 30 18.50 -5.84 -0.46
C ALA D 30 19.01 -4.45 -0.08
N SER D 31 18.97 -4.15 1.21
CA SER D 31 19.41 -2.85 1.71
C SER D 31 20.59 -2.98 2.68
N ALA D 32 21.45 -1.96 2.70
CA ALA D 32 22.64 -1.97 3.53
C ALA D 32 22.86 -0.63 4.24
N ALA D 33 23.40 -0.70 5.46
CA ALA D 33 23.73 0.49 6.24
C ALA D 33 25.15 0.97 5.93
N PRO D 34 25.42 2.29 6.09
CA PRO D 34 26.76 2.83 5.87
C PRO D 34 27.82 2.17 6.75
N ALA D 35 28.75 1.46 6.13
CA ALA D 35 29.80 0.73 6.85
C ALA D 35 31.13 0.74 6.10
N ARG D 36 32.22 0.58 6.83
CA ARG D 36 33.56 0.57 6.24
C ARG D 36 33.77 -0.69 5.41
N PRO D 37 34.62 -0.58 4.39
CA PRO D 37 34.92 -1.72 3.51
C PRO D 37 35.53 -2.88 4.27
N GLN D 38 35.45 -4.08 3.70
CA GLN D 38 36.00 -5.27 4.34
C GLN D 38 37.41 -5.57 3.84
N PRO D 39 38.36 -5.65 4.77
CA PRO D 39 39.75 -5.93 4.42
C PRO D 39 39.90 -7.25 3.67
N MET E 1 17.50 1.50 5.31
CA MET E 1 16.58 0.90 4.30
C MET E 1 15.53 1.91 3.85
N LEU E 2 15.35 2.01 2.53
CA LEU E 2 14.37 2.92 1.94
C LEU E 2 12.96 2.34 2.01
N ASN E 3 11.97 3.23 2.06
CA ASN E 3 10.56 2.84 2.21
C ASN E 3 9.59 3.70 1.40
N PRO E 4 8.72 3.04 0.60
CA PRO E 4 7.71 3.75 -0.19
C PRO E 4 6.37 3.93 0.53
N ILE E 5 5.57 4.88 0.05
CA ILE E 5 4.22 5.11 0.57
C ILE E 5 3.21 4.80 -0.53
N VAL E 6 2.46 3.72 -0.33
CA VAL E 6 1.61 3.14 -1.40
C VAL E 6 0.12 3.32 -1.12
N ARG E 7 -0.61 3.72 -2.17
CA ARG E 7 -2.07 3.76 -2.14
C ARG E 7 -2.67 3.09 -3.38
N LYS E 8 -3.62 2.18 -3.14
CA LYS E 8 -4.30 1.47 -4.21
C LYS E 8 -5.82 1.64 -4.13
N PHE E 9 -6.44 1.92 -5.27
CA PHE E 9 -7.90 2.09 -5.34
C PHE E 9 -8.47 1.61 -6.67
N GLN E 10 -9.69 1.09 -6.62
CA GLN E 10 -10.39 0.61 -7.81
C GLN E 10 -10.96 1.77 -8.62
N TYR E 11 -10.69 1.76 -9.91
CA TYR E 11 -11.15 2.81 -10.82
C TYR E 11 -11.63 2.22 -12.15
N GLY E 12 -12.93 1.94 -12.21
CA GLY E 12 -13.54 1.30 -13.38
C GLY E 12 -13.23 -0.17 -13.42
N GLN E 13 -12.49 -0.58 -14.45
CA GLN E 13 -12.02 -1.96 -14.59
C GLN E 13 -10.53 -2.09 -14.27
N HIS E 14 -9.89 -0.94 -14.00
CA HIS E 14 -8.46 -0.88 -13.76
C HIS E 14 -8.14 -0.51 -12.31
N THR E 15 -6.96 -0.92 -11.85
CA THR E 15 -6.48 -0.58 -10.50
C THR E 15 -5.33 0.43 -10.60
N VAL E 16 -5.49 1.56 -9.93
CA VAL E 16 -4.50 2.63 -9.96
C VAL E 16 -3.65 2.62 -8.68
N THR E 17 -2.33 2.61 -8.87
CA THR E 17 -1.38 2.57 -7.76
C THR E 17 -0.56 3.86 -7.70
N LEU E 18 -0.48 4.44 -6.50
CA LEU E 18 0.26 5.68 -6.29
C LEU E 18 1.39 5.48 -5.28
N GLU E 19 2.61 5.78 -5.71
CA GLU E 19 3.80 5.64 -4.87
C GLU E 19 4.60 6.94 -4.78
N THR E 20 4.98 7.32 -3.56
CA THR E 20 5.78 8.52 -3.33
C THR E 20 6.69 8.38 -2.10
N GLY E 21 7.80 9.13 -2.11
CA GLY E 21 8.70 9.18 -0.96
C GLY E 21 10.03 8.47 -1.11
N MET E 22 10.15 7.65 -2.15
CA MET E 22 11.37 6.85 -2.38
C MET E 22 12.09 7.26 -3.67
N MET E 23 11.34 7.37 -4.76
CA MET E 23 11.89 7.79 -6.05
C MET E 23 12.01 9.31 -6.09
N ALA E 24 13.13 9.80 -6.63
CA ALA E 24 13.36 11.24 -6.74
C ALA E 24 12.94 11.95 -5.46
N ARG E 25 13.71 11.79 -4.40
CA ARG E 25 13.42 12.42 -3.13
C ARG E 25 13.93 13.86 -3.08
N GLN E 26 14.86 14.17 -3.98
CA GLN E 26 15.45 15.50 -4.04
C GLN E 26 14.43 16.52 -4.57
N ALA E 27 13.58 16.07 -5.49
CA ALA E 27 12.56 16.94 -6.07
C ALA E 27 11.43 17.20 -5.09
N THR E 28 10.84 18.39 -5.18
CA THR E 28 9.73 18.77 -4.30
C THR E 28 8.63 17.72 -4.33
N ALA E 29 8.42 17.11 -5.49
CA ALA E 29 7.38 16.09 -5.65
C ALA E 29 7.81 15.01 -6.64
N ALA E 30 7.41 13.77 -6.35
CA ALA E 30 7.68 12.62 -7.21
C ALA E 30 6.67 11.51 -6.95
N VAL E 31 5.79 11.26 -7.91
CA VAL E 31 4.74 10.25 -7.77
C VAL E 31 4.79 9.23 -8.91
N MET E 32 4.84 7.96 -8.56
CA MET E 32 4.89 6.88 -9.55
C MET E 32 3.50 6.27 -9.76
N VAL E 33 2.78 6.76 -10.76
CA VAL E 33 1.45 6.25 -11.06
C VAL E 33 1.49 5.25 -12.21
N SER E 34 1.25 3.98 -11.90
CA SER E 34 1.26 2.93 -12.91
C SER E 34 0.06 2.00 -12.74
N MET E 35 -0.81 1.98 -13.75
CA MET E 35 -2.00 1.14 -13.73
C MET E 35 -1.68 -0.27 -14.20
N ASP E 36 -2.68 -0.94 -14.76
CA ASP E 36 -2.51 -2.30 -15.27
C ASP E 36 -1.53 -2.34 -16.43
N ASP E 37 -0.25 -2.49 -16.11
CA ASP E 37 0.79 -2.55 -17.13
C ASP E 37 0.96 -1.20 -17.81
N THR E 38 1.74 -0.31 -17.20
CA THR E 38 1.98 1.01 -17.77
C THR E 38 1.89 2.08 -16.69
N ALA E 39 2.75 3.09 -16.78
CA ALA E 39 2.77 4.18 -15.82
C ALA E 39 3.50 5.39 -16.37
N VAL E 40 3.39 6.52 -15.66
CA VAL E 40 4.04 7.76 -16.08
C VAL E 40 4.65 8.49 -14.89
N PHE E 41 5.93 8.25 -14.64
CA PHE E 41 6.64 8.88 -13.53
C PHE E 41 6.65 10.41 -13.70
N VAL E 42 6.01 11.10 -12.76
CA VAL E 42 5.85 12.55 -12.83
C VAL E 42 6.57 13.24 -11.65
N THR E 43 7.37 14.25 -11.98
CA THR E 43 8.07 15.03 -10.97
C THR E 43 7.79 16.53 -11.11
N VAL E 44 7.66 17.19 -9.96
CA VAL E 44 7.45 18.65 -9.91
C VAL E 44 8.62 19.30 -9.18
N VAL E 45 9.19 20.34 -9.79
CA VAL E 45 10.24 21.14 -9.17
C VAL E 45 9.86 22.61 -9.20
N GLY E 46 9.78 23.21 -8.02
CA GLY E 46 9.44 24.63 -7.87
C GLY E 46 10.49 25.39 -7.10
N GLN E 47 10.97 26.49 -7.70
CA GLN E 47 11.98 27.35 -7.08
C GLN E 47 11.37 28.16 -5.93
N LYS E 48 12.07 28.19 -4.80
CA LYS E 48 11.60 28.93 -3.64
C LYS E 48 11.73 30.43 -3.85
N LYS E 49 12.77 30.84 -4.57
CA LYS E 49 13.01 32.24 -4.85
C LYS E 49 12.54 32.62 -6.25
N ALA E 50 11.74 33.68 -6.33
CA ALA E 50 11.22 34.15 -7.62
C ALA E 50 12.24 35.02 -8.35
N LYS E 51 12.02 35.21 -9.65
CA LYS E 51 12.92 36.01 -10.46
C LYS E 51 13.00 37.45 -9.95
N PRO E 52 13.76 38.29 -10.65
CA PRO E 52 13.91 39.69 -10.27
C PRO E 52 12.81 40.57 -10.85
N GLY E 53 12.52 40.39 -12.14
CA GLY E 53 11.49 41.15 -12.80
C GLY E 53 10.33 40.29 -13.26
N GLN E 54 10.48 38.98 -13.13
CA GLN E 54 9.45 38.04 -13.53
C GLN E 54 8.06 38.63 -13.32
N ASP E 55 7.28 38.69 -14.39
CA ASP E 55 5.92 39.23 -14.32
C ASP E 55 4.88 38.15 -14.60
N PHE E 56 5.06 37.42 -15.70
CA PHE E 56 4.15 36.35 -16.07
C PHE E 56 4.49 35.06 -15.36
N PHE E 57 3.53 34.14 -15.31
CA PHE E 57 3.73 32.85 -14.66
C PHE E 57 4.32 31.82 -15.64
N PRO E 58 5.58 31.39 -15.38
CA PRO E 58 6.28 30.49 -16.28
C PRO E 58 6.06 29.01 -15.93
N LEU E 59 5.08 28.41 -16.59
CA LEU E 59 4.78 26.99 -16.39
C LEU E 59 5.17 26.20 -17.64
N THR E 60 6.08 25.24 -17.45
CA THR E 60 6.55 24.40 -18.54
C THR E 60 6.33 22.91 -18.25
N VAL E 61 5.63 22.23 -19.16
CA VAL E 61 5.31 20.82 -19.02
C VAL E 61 5.97 20.02 -20.15
N ASN E 62 6.81 19.06 -19.78
CA ASN E 62 7.49 18.21 -20.75
C ASN E 62 7.10 16.74 -20.63
N TYR E 63 6.22 16.30 -21.52
CA TYR E 63 5.75 14.91 -21.53
C TYR E 63 6.46 14.10 -22.60
N GLN E 64 7.23 13.12 -22.16
CA GLN E 64 8.00 12.30 -23.07
C GLN E 64 7.79 10.84 -22.94
N GLU E 65 7.91 10.10 -24.04
CA GLU E 65 7.50 8.70 -24.09
C GLU E 65 8.69 7.80 -24.40
N ARG E 66 9.30 7.25 -23.35
CA ARG E 66 10.45 6.36 -23.52
C ARG E 66 10.06 5.10 -24.27
N THR E 67 10.90 4.70 -25.23
CA THR E 67 10.65 3.50 -26.04
C THR E 67 10.77 2.17 -25.31
N TYR E 68 11.49 2.15 -24.19
CA TYR E 68 11.65 0.92 -23.41
C TYR E 68 10.41 0.58 -22.56
N ALA E 69 9.39 1.43 -22.62
CA ALA E 69 8.12 1.23 -21.92
C ALA E 69 7.34 0.05 -22.51
N ALA E 70 7.47 -0.15 -23.82
CA ALA E 70 6.85 -1.27 -24.52
C ALA E 70 7.83 -2.43 -24.69
N GLY E 71 9.12 -2.11 -24.66
CA GLY E 71 10.17 -3.10 -24.84
C GLY E 71 10.67 -3.16 -26.26
N ARG E 72 11.10 -2.01 -26.79
CA ARG E 72 11.57 -1.91 -28.17
C ARG E 72 12.65 -0.84 -28.31
N ILE E 73 13.66 -1.14 -29.13
CA ILE E 73 14.73 -0.20 -29.45
C ILE E 73 14.21 0.78 -30.53
N PRO E 74 14.32 2.10 -30.27
CA PRO E 74 13.79 3.13 -31.18
C PRO E 74 14.42 3.09 -32.57
N GLY E 75 13.59 3.24 -33.59
CA GLY E 75 14.04 3.21 -34.99
C GLY E 75 14.55 4.54 -35.48
N SER E 76 15.79 4.85 -35.14
CA SER E 76 16.44 6.10 -35.54
C SER E 76 17.92 5.88 -35.89
N PHE E 77 18.56 6.93 -36.39
CA PHE E 77 19.99 6.88 -36.73
C PHE E 77 20.86 6.88 -35.47
N PHE E 78 20.38 7.56 -34.43
CA PHE E 78 21.08 7.64 -33.15
C PHE E 78 20.58 6.60 -32.15
N ARG E 79 19.46 5.96 -32.47
CA ARG E 79 18.83 4.92 -31.65
C ARG E 79 18.48 5.40 -30.23
N ARG E 80 18.00 6.65 -30.14
CA ARG E 80 17.59 7.25 -28.88
C ARG E 80 16.41 8.19 -29.10
N GLU E 81 15.50 8.23 -28.13
CA GLU E 81 14.35 9.15 -28.17
C GLU E 81 14.80 10.60 -28.01
N GLY E 82 14.70 11.36 -29.10
CA GLY E 82 15.14 12.76 -29.13
C GLY E 82 14.04 13.72 -28.74
N ARG E 83 13.84 14.75 -29.58
CA ARG E 83 12.83 15.77 -29.34
C ARG E 83 11.42 15.22 -29.57
N PRO E 84 10.44 15.62 -28.72
CA PRO E 84 9.06 15.12 -28.76
C PRO E 84 8.41 15.22 -30.15
N SER E 85 7.62 14.21 -30.49
CA SER E 85 6.93 14.14 -31.77
C SER E 85 5.58 14.88 -31.73
N GLU E 86 4.75 14.66 -32.74
CA GLU E 86 3.43 15.27 -32.83
C GLU E 86 2.50 14.78 -31.72
N GLY E 87 2.62 13.50 -31.37
CA GLY E 87 1.82 12.90 -30.30
C GLY E 87 2.22 13.36 -28.92
N GLU E 88 3.53 13.31 -28.64
CA GLU E 88 4.08 13.68 -27.33
C GLU E 88 3.76 15.12 -26.91
N THR E 89 3.64 16.01 -27.91
CA THR E 89 3.31 17.42 -27.67
C THR E 89 1.83 17.59 -27.28
N LEU E 90 0.98 16.73 -27.83
CA LEU E 90 -0.47 16.80 -27.59
C LEU E 90 -0.86 16.43 -26.16
N ILE E 91 -0.31 15.33 -25.65
CA ILE E 91 -0.57 14.90 -24.27
C ILE E 91 0.00 15.92 -23.27
N ALA E 92 1.15 16.50 -23.62
CA ALA E 92 1.77 17.56 -22.82
C ALA E 92 0.84 18.76 -22.62
N ARG E 93 0.04 19.06 -23.64
CA ARG E 93 -0.96 20.12 -23.57
C ARG E 93 -2.16 19.72 -22.71
N LEU E 94 -2.50 18.43 -22.73
CA LEU E 94 -3.59 17.89 -21.90
C LEU E 94 -3.22 17.83 -20.42
N ILE E 95 -1.94 18.03 -20.12
CA ILE E 95 -1.44 18.10 -18.74
C ILE E 95 -1.29 19.56 -18.32
N ASP E 96 -0.83 20.40 -19.24
CA ASP E 96 -0.56 21.81 -18.99
C ASP E 96 -1.82 22.67 -18.86
N ARG E 97 -2.84 22.35 -19.66
CA ARG E 97 -4.05 23.16 -19.76
C ARG E 97 -4.97 23.17 -18.51
N PRO E 98 -5.20 22.00 -17.88
CA PRO E 98 -6.07 22.01 -16.70
C PRO E 98 -5.42 22.55 -15.43
N ILE E 99 -4.10 22.39 -15.30
CA ILE E 99 -3.38 22.78 -14.07
C ILE E 99 -3.10 24.28 -13.97
N ARG E 100 -2.93 24.94 -15.13
CA ARG E 100 -2.52 26.34 -15.19
C ARG E 100 -3.47 27.35 -14.51
N PRO E 101 -4.80 27.24 -14.76
CA PRO E 101 -5.73 28.18 -14.11
C PRO E 101 -5.86 27.97 -12.60
N LEU E 102 -5.45 26.82 -12.11
CA LEU E 102 -5.57 26.48 -10.69
C LEU E 102 -4.54 27.19 -9.80
N PHE E 103 -3.42 27.60 -10.40
CA PHE E 103 -2.40 28.39 -9.71
C PHE E 103 -2.96 29.79 -9.43
N PRO E 104 -2.79 30.28 -8.18
CA PRO E 104 -3.33 31.58 -7.77
C PRO E 104 -2.70 32.75 -8.53
N GLU E 105 -3.46 33.82 -8.71
CA GLU E 105 -2.99 35.01 -9.42
C GLU E 105 -1.99 35.79 -8.57
N GLY E 106 -0.86 36.13 -9.18
CA GLY E 106 0.22 36.81 -8.48
C GLY E 106 1.41 35.90 -8.22
N PHE E 107 1.24 34.62 -8.51
CA PHE E 107 2.30 33.62 -8.36
C PHE E 107 3.18 33.62 -9.60
N VAL E 108 4.44 34.03 -9.42
CA VAL E 108 5.37 34.19 -10.55
C VAL E 108 6.55 33.23 -10.45
N ASN E 109 6.59 32.42 -9.39
CA ASN E 109 7.66 31.44 -9.18
C ASN E 109 7.66 30.35 -10.26
N GLU E 110 8.84 30.09 -10.82
CA GLU E 110 8.99 29.14 -11.92
C GLU E 110 8.85 27.69 -11.44
N VAL E 111 7.90 26.98 -12.05
CA VAL E 111 7.65 25.57 -11.73
C VAL E 111 7.73 24.70 -12.99
N GLN E 112 8.21 23.47 -12.83
CA GLN E 112 8.35 22.53 -13.94
C GLN E 112 7.75 21.17 -13.60
N VAL E 113 6.74 20.78 -14.36
CA VAL E 113 6.06 19.49 -14.18
C VAL E 113 6.32 18.61 -15.40
N ILE E 114 7.25 17.67 -15.26
CA ILE E 114 7.60 16.77 -16.36
C ILE E 114 7.06 15.35 -16.12
N ALA E 115 6.67 14.69 -17.22
CA ALA E 115 6.14 13.34 -17.16
C ALA E 115 6.86 12.42 -18.14
N THR E 116 7.36 11.31 -17.61
CA THR E 116 8.06 10.32 -18.43
C THR E 116 7.43 8.92 -18.30
N VAL E 117 7.10 8.33 -19.45
CA VAL E 117 6.49 7.00 -19.49
C VAL E 117 7.58 5.94 -19.35
N VAL E 118 7.46 5.12 -18.30
CA VAL E 118 8.45 4.09 -18.00
C VAL E 118 7.92 2.69 -18.33
N SER E 119 6.63 2.49 -18.43
CA SER E 119 6.23 1.21 -18.95
C SER E 119 4.82 1.34 -19.41
N VAL E 120 4.34 0.45 -20.27
CA VAL E 120 3.12 0.71 -21.03
C VAL E 120 2.25 -0.46 -21.42
N ASN E 121 0.92 -0.33 -21.27
CA ASN E 121 0.07 -1.45 -21.69
C ASN E 121 -0.69 -1.06 -22.95
N PRO E 122 -0.67 -1.93 -23.99
CA PRO E 122 -1.31 -1.66 -25.28
C PRO E 122 -2.80 -1.32 -25.21
N GLN E 123 -3.43 -1.56 -24.06
CA GLN E 123 -4.86 -1.31 -23.88
C GLN E 123 -5.13 0.00 -23.14
N VAL E 124 -4.26 0.33 -22.19
CA VAL E 124 -4.43 1.53 -21.37
C VAL E 124 -3.52 2.67 -21.87
N ASN E 125 -4.15 3.78 -22.27
CA ASN E 125 -3.42 4.93 -22.79
C ASN E 125 -2.73 5.74 -21.68
N PRO E 126 -1.45 6.11 -21.90
CA PRO E 126 -0.67 6.83 -20.89
C PRO E 126 -1.06 8.31 -20.69
N ASP E 127 -2.06 8.79 -21.43
CA ASP E 127 -2.44 10.20 -21.38
C ASP E 127 -3.13 10.60 -20.07
N ILE E 128 -4.11 9.82 -19.63
CA ILE E 128 -4.83 10.10 -18.39
C ILE E 128 -4.04 9.67 -17.15
N VAL E 129 -3.11 8.73 -17.34
CA VAL E 129 -2.22 8.27 -16.29
C VAL E 129 -1.23 9.38 -15.91
N ALA E 130 -0.78 10.12 -16.92
CA ALA E 130 0.10 11.26 -16.73
C ALA E 130 -0.64 12.46 -16.13
N MET E 131 -1.91 12.59 -16.47
CA MET E 131 -2.76 13.67 -15.96
C MET E 131 -3.08 13.51 -14.48
N ILE E 132 -3.29 12.26 -14.06
CA ILE E 132 -3.46 11.92 -12.64
C ILE E 132 -2.12 12.06 -11.92
N GLY E 133 -1.04 11.73 -12.62
CA GLY E 133 0.32 11.85 -12.10
C GLY E 133 0.70 13.26 -11.72
N ALA E 134 0.36 14.22 -12.57
CA ALA E 134 0.62 15.64 -12.32
C ALA E 134 -0.32 16.19 -11.24
N SER E 135 -1.53 15.64 -11.19
CA SER E 135 -2.54 16.03 -10.20
C SER E 135 -2.13 15.58 -8.79
N ALA E 136 -1.54 14.39 -8.70
CA ALA E 136 -1.08 13.85 -7.43
C ALA E 136 0.22 14.50 -6.96
N ALA E 137 1.10 14.83 -7.91
CA ALA E 137 2.40 15.42 -7.60
C ALA E 137 2.29 16.87 -7.13
N LEU E 138 1.56 17.69 -7.87
CA LEU E 138 1.39 19.11 -7.54
C LEU E 138 0.67 19.33 -6.21
N SER E 139 -0.18 18.38 -5.83
CA SER E 139 -0.90 18.42 -4.55
C SER E 139 0.01 18.02 -3.39
N LEU E 140 0.93 17.10 -3.64
CA LEU E 140 1.88 16.63 -2.64
C LEU E 140 3.13 17.51 -2.56
N SER E 141 3.30 18.40 -3.55
CA SER E 141 4.48 19.25 -3.64
C SER E 141 4.51 20.34 -2.56
N GLY E 142 3.35 20.93 -2.29
CA GLY E 142 3.25 22.02 -1.33
C GLY E 142 3.05 23.37 -2.01
N ILE E 143 3.41 23.44 -3.30
CA ILE E 143 3.24 24.64 -4.11
C ILE E 143 1.75 24.97 -4.25
N PRO E 144 1.37 26.22 -3.90
CA PRO E 144 -0.02 26.71 -3.96
C PRO E 144 -0.78 26.20 -5.19
N PHE E 145 -1.70 25.27 -4.95
CA PHE E 145 -2.46 24.63 -6.02
C PHE E 145 -3.90 24.38 -5.55
N ASN E 146 -4.85 24.87 -6.33
CA ASN E 146 -6.28 24.78 -5.97
C ASN E 146 -6.97 23.53 -6.52
N GLY E 147 -6.22 22.45 -6.67
CA GLY E 147 -6.76 21.17 -7.15
C GLY E 147 -7.28 20.31 -6.02
N PRO E 148 -7.17 18.97 -6.15
CA PRO E 148 -6.61 18.25 -7.30
C PRO E 148 -7.63 17.98 -8.40
N ILE E 149 -7.15 17.62 -9.58
CA ILE E 149 -8.02 17.32 -10.73
C ILE E 149 -8.12 15.82 -11.03
N GLY E 150 -9.20 15.44 -11.71
CA GLY E 150 -9.40 14.06 -12.15
C GLY E 150 -9.27 13.92 -13.65
N ALA E 151 -8.97 12.71 -14.11
CA ALA E 151 -8.83 12.42 -15.54
C ALA E 151 -9.64 11.20 -15.94
N ALA E 152 -10.46 11.37 -16.98
CA ALA E 152 -11.34 10.29 -17.46
C ALA E 152 -11.63 10.38 -18.95
N ARG E 153 -11.59 9.22 -19.61
CA ARG E 153 -12.03 9.09 -21.00
C ARG E 153 -13.47 8.56 -21.00
N VAL E 154 -14.34 9.21 -21.77
CA VAL E 154 -15.77 8.93 -21.71
C VAL E 154 -16.23 7.88 -22.72
N GLY E 155 -16.07 8.17 -24.01
CA GLY E 155 -16.50 7.25 -25.07
C GLY E 155 -18.00 7.14 -25.22
N TYR E 156 -18.44 6.37 -26.23
CA TYR E 156 -19.86 6.18 -26.50
C TYR E 156 -20.10 4.89 -27.30
N ILE E 157 -20.63 3.87 -26.63
CA ILE E 157 -20.93 2.59 -27.25
C ILE E 157 -22.37 2.17 -26.97
N ASN E 158 -23.12 1.87 -28.04
CA ASN E 158 -24.52 1.41 -27.97
C ASN E 158 -25.43 2.32 -27.16
N ASP E 159 -25.40 3.62 -27.49
CA ASP E 159 -26.18 4.66 -26.80
C ASP E 159 -25.92 4.73 -25.30
N GLN E 160 -24.73 4.30 -24.88
CA GLN E 160 -24.35 4.28 -23.46
C GLN E 160 -22.92 4.78 -23.26
N TYR E 161 -22.58 5.08 -22.01
CA TYR E 161 -21.25 5.58 -21.64
C TYR E 161 -20.45 4.50 -20.90
N VAL E 162 -19.16 4.42 -21.21
CA VAL E 162 -18.26 3.46 -20.56
C VAL E 162 -16.94 4.11 -20.13
N LEU E 163 -16.70 4.11 -18.82
CA LEU E 163 -15.52 4.77 -18.24
C LEU E 163 -14.20 4.18 -18.73
N ASN E 164 -13.37 5.05 -19.32
CA ASN E 164 -12.07 4.69 -19.88
C ASN E 164 -12.08 3.45 -20.79
N PRO E 165 -12.57 3.62 -22.04
CA PRO E 165 -12.58 2.51 -23.00
C PRO E 165 -11.18 2.11 -23.44
N THR E 166 -10.98 0.80 -23.65
CA THR E 166 -9.69 0.27 -24.09
C THR E 166 -9.44 0.56 -25.57
N GLN E 167 -8.23 0.27 -26.03
CA GLN E 167 -7.82 0.51 -27.41
C GLN E 167 -8.64 -0.32 -28.41
N ASP E 168 -9.09 -1.49 -27.98
CA ASP E 168 -9.94 -2.36 -28.79
C ASP E 168 -11.40 -1.89 -28.78
N GLU E 169 -11.83 -1.34 -27.64
CA GLU E 169 -13.20 -0.84 -27.48
C GLU E 169 -13.39 0.54 -28.12
N LEU E 170 -12.29 1.23 -28.38
CA LEU E 170 -12.30 2.57 -28.98
C LEU E 170 -12.69 2.55 -30.45
N LYS E 171 -12.41 1.42 -31.12
CA LYS E 171 -12.75 1.23 -32.53
C LYS E 171 -14.25 1.15 -32.78
N GLU E 172 -14.97 0.56 -31.81
CA GLU E 172 -16.42 0.45 -31.88
C GLU E 172 -17.13 1.71 -31.37
N SER E 173 -16.38 2.53 -30.62
CA SER E 173 -16.91 3.76 -30.04
C SER E 173 -17.07 4.88 -31.07
N LYS E 174 -18.09 5.70 -30.89
CA LYS E 174 -18.36 6.84 -31.77
C LYS E 174 -17.85 8.16 -31.17
N LEU E 175 -17.37 8.10 -29.93
CA LEU E 175 -16.90 9.27 -29.21
C LEU E 175 -15.55 8.99 -28.53
N ASP E 176 -14.71 10.01 -28.45
CA ASP E 176 -13.42 9.93 -27.78
C ASP E 176 -13.06 11.29 -27.16
N LEU E 177 -13.32 11.43 -25.86
CA LEU E 177 -13.06 12.70 -25.17
C LEU E 177 -12.33 12.49 -23.84
N VAL E 178 -11.46 13.44 -23.50
CA VAL E 178 -10.75 13.43 -22.22
C VAL E 178 -11.18 14.65 -21.40
N VAL E 179 -11.78 14.39 -20.25
CA VAL E 179 -12.31 15.45 -19.38
C VAL E 179 -11.46 15.65 -18.12
N ALA E 180 -11.19 16.91 -17.79
CA ALA E 180 -10.41 17.26 -16.62
C ALA E 180 -11.12 18.35 -15.81
N GLY E 181 -11.15 18.15 -14.48
CA GLY E 181 -11.80 19.10 -13.58
C GLY E 181 -11.63 18.75 -12.12
N THR E 182 -11.85 19.75 -11.26
CA THR E 182 -11.73 19.58 -9.81
C THR E 182 -12.98 18.94 -9.21
N GLU E 183 -13.04 18.90 -7.87
CA GLU E 183 -14.20 18.40 -7.14
C GLU E 183 -15.41 19.33 -7.32
N ALA E 184 -15.13 20.62 -7.47
CA ALA E 184 -16.19 21.63 -7.59
C ALA E 184 -16.69 21.82 -9.03
N ALA E 185 -15.77 21.97 -9.97
CA ALA E 185 -16.12 22.29 -11.36
C ALA E 185 -15.19 21.70 -12.41
N VAL E 186 -15.66 21.67 -13.66
CA VAL E 186 -14.90 21.20 -14.81
C VAL E 186 -13.90 22.28 -15.24
N LEU E 187 -12.83 21.88 -15.92
CA LEU E 187 -11.79 22.82 -16.37
C LEU E 187 -11.37 22.63 -17.83
N MET E 188 -11.13 21.42 -18.22
CA MET E 188 -10.89 21.27 -19.60
C MET E 188 -11.62 20.13 -20.17
N VAL E 189 -11.60 20.08 -21.46
CA VAL E 189 -12.18 19.00 -22.26
C VAL E 189 -11.62 19.02 -23.70
N GLU E 190 -11.00 17.91 -24.09
CA GLU E 190 -10.55 17.69 -25.46
C GLU E 190 -11.32 16.50 -26.04
N SER E 191 -12.03 16.70 -27.15
CA SER E 191 -12.95 15.69 -27.65
C SER E 191 -12.90 15.44 -29.17
N GLU E 192 -13.39 14.26 -29.55
CA GLU E 192 -13.58 13.88 -30.95
C GLU E 192 -14.84 13.02 -31.03
N ALA E 193 -15.79 13.43 -31.87
CA ALA E 193 -17.09 12.75 -31.97
C ALA E 193 -17.48 12.46 -33.42
N GLN E 194 -18.28 11.41 -33.61
CA GLN E 194 -18.80 11.04 -34.92
C GLN E 194 -20.24 11.55 -35.09
N LEU E 195 -20.38 12.87 -35.17
CA LEU E 195 -21.67 13.55 -35.35
C LEU E 195 -22.69 13.22 -34.24
N LEU E 196 -22.52 13.85 -33.09
CA LEU E 196 -23.40 13.64 -31.94
C LEU E 196 -24.21 14.89 -31.58
N SER E 197 -25.39 14.67 -31.02
CA SER E 197 -26.29 15.76 -30.61
C SER E 197 -25.78 16.49 -29.38
N GLU E 198 -26.35 17.68 -29.14
CA GLU E 198 -25.94 18.54 -28.01
C GLU E 198 -26.19 17.90 -26.65
N ASP E 199 -27.32 17.19 -26.51
CA ASP E 199 -27.68 16.53 -25.26
C ASP E 199 -26.76 15.37 -24.91
N GLN E 200 -26.33 14.63 -25.94
CA GLN E 200 -25.42 13.50 -25.77
C GLN E 200 -23.98 13.96 -25.54
N MET E 201 -23.62 15.10 -26.14
CA MET E 201 -22.28 15.66 -26.01
C MET E 201 -22.08 16.31 -24.64
N LEU E 202 -23.14 16.96 -24.14
CA LEU E 202 -23.11 17.60 -22.82
C LEU E 202 -23.17 16.56 -21.70
N GLY E 203 -23.98 15.53 -21.91
CA GLY E 203 -24.12 14.44 -20.93
C GLY E 203 -22.86 13.61 -20.78
N ALA E 204 -22.00 13.65 -21.79
CA ALA E 204 -20.73 12.95 -21.78
C ALA E 204 -19.71 13.66 -20.88
N VAL E 205 -19.73 14.98 -20.90
CA VAL E 205 -18.84 15.80 -20.06
C VAL E 205 -19.20 15.63 -18.57
N VAL E 206 -20.49 15.55 -18.29
CA VAL E 206 -20.99 15.35 -16.92
C VAL E 206 -20.66 13.95 -16.40
N PHE E 207 -20.82 12.94 -17.26
CA PHE E 207 -20.53 11.55 -16.92
C PHE E 207 -19.08 11.35 -16.47
N GLY E 208 -18.14 11.83 -17.29
CA GLY E 208 -16.72 11.69 -17.01
C GLY E 208 -16.25 12.46 -15.79
N HIS E 209 -16.90 13.60 -15.53
CA HIS E 209 -16.60 14.42 -14.36
C HIS E 209 -17.07 13.77 -13.06
N GLU E 210 -18.17 13.04 -13.14
CA GLU E 210 -18.72 12.32 -11.98
C GLU E 210 -17.91 11.07 -11.64
N GLN E 211 -17.37 10.42 -12.67
CA GLN E 211 -16.60 9.18 -12.51
C GLN E 211 -15.18 9.43 -12.04
N GLN E 212 -14.64 10.62 -12.33
CA GLN E 212 -13.28 10.99 -11.93
C GLN E 212 -13.22 11.55 -10.50
N GLN E 213 -14.37 11.60 -9.83
CA GLN E 213 -14.48 12.11 -8.46
C GLN E 213 -13.76 11.21 -7.45
N VAL E 214 -13.73 9.91 -7.73
CA VAL E 214 -13.06 8.92 -6.87
C VAL E 214 -11.53 9.08 -6.91
N VAL E 215 -11.01 9.58 -8.03
CA VAL E 215 -9.58 9.85 -8.19
C VAL E 215 -9.17 11.03 -7.32
N ILE E 216 -9.99 12.08 -7.31
CA ILE E 216 -9.75 13.29 -6.53
C ILE E 216 -9.78 12.99 -5.02
N GLN E 217 -10.71 12.12 -4.62
CA GLN E 217 -10.87 11.73 -3.21
C GLN E 217 -9.66 10.92 -2.70
N ASN E 218 -9.11 10.07 -3.56
CA ASN E 218 -7.96 9.24 -3.20
C ASN E 218 -6.63 9.99 -3.17
N ILE E 219 -6.54 11.06 -3.97
CA ILE E 219 -5.38 11.95 -3.96
C ILE E 219 -5.37 12.81 -2.69
N ASN E 220 -6.54 13.35 -2.35
CA ASN E 220 -6.72 14.18 -1.16
C ASN E 220 -6.35 13.47 0.15
N GLU E 221 -6.63 12.17 0.23
CA GLU E 221 -6.30 11.36 1.39
C GLU E 221 -4.79 11.10 1.50
N LEU E 222 -4.11 11.10 0.36
CA LEU E 222 -2.66 10.91 0.31
C LEU E 222 -1.94 12.18 0.73
N VAL E 223 -2.53 13.33 0.42
CA VAL E 223 -1.99 14.64 0.82
C VAL E 223 -2.08 14.82 2.33
N LYS E 224 -3.16 14.32 2.92
CA LYS E 224 -3.36 14.38 4.36
C LYS E 224 -2.48 13.37 5.11
N GLU E 225 -1.89 12.42 4.38
CA GLU E 225 -1.09 11.35 4.96
C GLU E 225 0.42 11.56 4.73
N ALA E 226 0.80 11.87 3.49
CA ALA E 226 2.20 12.00 3.11
C ALA E 226 2.50 13.28 2.31
N GLY E 227 1.79 14.35 2.65
CA GLY E 227 1.96 15.63 1.97
C GLY E 227 2.94 16.56 2.67
N LYS E 228 3.79 17.20 1.87
CA LYS E 228 4.74 18.18 2.39
C LYS E 228 4.02 19.46 2.81
N PRO E 229 4.48 20.10 3.91
CA PRO E 229 3.88 21.34 4.41
C PRO E 229 3.73 22.41 3.31
N ARG E 230 2.56 23.04 3.26
CA ARG E 230 2.25 24.02 2.22
C ARG E 230 3.10 25.29 2.33
N TRP E 231 3.35 25.91 1.20
CA TRP E 231 4.24 27.05 1.12
C TRP E 231 3.65 28.26 1.77
N ASP E 232 4.46 28.98 2.53
CA ASP E 232 4.02 30.21 3.19
C ASP E 232 4.09 31.38 2.21
N TRP E 233 3.15 31.39 1.26
CA TRP E 233 3.10 32.40 0.21
C TRP E 233 1.81 33.22 0.30
N GLN E 234 1.96 34.53 0.15
CA GLN E 234 0.82 35.45 0.19
C GLN E 234 0.91 36.46 -0.95
N PRO E 235 -0.24 36.75 -1.61
CA PRO E 235 -0.27 37.73 -2.70
C PRO E 235 0.02 39.16 -2.21
N GLU E 236 0.44 40.02 -3.14
CA GLU E 236 0.78 41.40 -2.82
C GLU E 236 -0.40 42.16 -2.20
N PRO E 237 -0.16 42.83 -1.05
CA PRO E 237 -1.22 43.57 -0.34
C PRO E 237 -1.80 44.69 -1.21
N VAL E 238 -3.10 44.59 -1.49
CA VAL E 238 -3.79 45.56 -2.33
C VAL E 238 -4.03 46.90 -1.61
N ASN E 239 -3.43 47.96 -2.14
CA ASN E 239 -3.59 49.29 -1.58
C ASN E 239 -4.43 50.20 -2.49
N GLU E 240 -5.32 50.98 -1.88
CA GLU E 240 -6.23 51.86 -2.62
C GLU E 240 -5.63 53.23 -2.88
N ALA E 241 -4.45 53.49 -2.30
CA ALA E 241 -3.74 54.75 -2.49
C ALA E 241 -3.08 54.84 -3.86
N LEU E 242 -2.71 53.69 -4.41
CA LEU E 242 -2.06 53.61 -5.72
C LEU E 242 -3.07 53.28 -6.82
N ASN E 243 -4.08 52.47 -6.48
CA ASN E 243 -5.12 52.06 -7.43
C ASN E 243 -6.00 53.23 -7.91
N ALA E 244 -6.47 54.04 -6.96
CA ALA E 244 -7.29 55.21 -7.26
C ALA E 244 -6.48 56.33 -7.90
N ARG E 245 -5.17 56.30 -7.68
CA ARG E 245 -4.24 57.26 -8.28
C ARG E 245 -4.10 57.05 -9.79
N VAL E 246 -4.19 55.79 -10.21
CA VAL E 246 -4.11 55.44 -11.62
C VAL E 246 -5.49 55.44 -12.27
N ALA E 247 -6.51 54.99 -11.53
CA ALA E 247 -7.89 54.91 -12.02
C ALA E 247 -8.49 56.28 -12.38
N ALA E 248 -8.07 57.31 -11.65
CA ALA E 248 -8.53 58.68 -11.93
C ALA E 248 -7.77 59.32 -13.10
N LEU E 249 -6.94 58.52 -13.77
CA LEU E 249 -6.11 59.00 -14.87
C LEU E 249 -6.17 58.09 -16.10
N ALA E 250 -6.41 56.80 -15.87
CA ALA E 250 -6.35 55.80 -16.94
C ALA E 250 -7.70 55.16 -17.30
N GLU E 251 -8.56 54.99 -16.30
CA GLU E 251 -9.86 54.35 -16.50
C GLU E 251 -10.78 55.12 -17.44
N ALA E 252 -10.65 56.45 -17.44
CA ALA E 252 -11.40 57.31 -18.35
C ALA E 252 -10.90 57.19 -19.79
N ARG E 253 -9.60 56.97 -19.94
CA ARG E 253 -8.97 56.78 -21.25
C ARG E 253 -9.23 55.39 -21.81
N LEU E 254 -9.15 54.38 -20.95
CA LEU E 254 -9.31 52.98 -21.35
C LEU E 254 -10.76 52.60 -21.67
N SER E 255 -11.70 53.40 -21.15
CA SER E 255 -13.13 53.19 -21.41
C SER E 255 -13.46 53.51 -22.87
N ASP E 256 -12.86 54.58 -23.39
CA ASP E 256 -13.05 54.99 -24.79
C ASP E 256 -12.12 54.23 -25.73
N ALA E 257 -11.09 53.61 -25.17
CA ALA E 257 -10.10 52.86 -25.95
C ALA E 257 -10.62 51.52 -26.47
N TYR E 258 -11.68 51.01 -25.85
CA TYR E 258 -12.31 49.76 -26.28
C TYR E 258 -13.58 49.99 -27.10
N ARG E 259 -13.74 51.21 -27.61
CA ARG E 259 -14.85 51.55 -28.51
C ARG E 259 -14.35 51.79 -29.94
N ILE E 260 -13.05 51.60 -30.15
CA ILE E 260 -12.40 51.87 -31.43
C ILE E 260 -12.74 50.82 -32.50
N THR E 261 -13.16 49.64 -32.04
CA THR E 261 -13.64 48.52 -32.89
C THR E 261 -12.58 47.85 -33.76
N ASP E 262 -11.83 48.64 -34.53
CA ASP E 262 -10.77 48.13 -35.38
C ASP E 262 -9.57 47.70 -34.54
N LYS E 263 -9.04 46.52 -34.84
CA LYS E 263 -7.97 45.90 -34.04
C LYS E 263 -6.68 46.70 -34.01
N GLN E 264 -6.23 47.14 -35.19
CA GLN E 264 -4.98 47.90 -35.31
C GLN E 264 -5.04 49.26 -34.63
N GLU E 265 -6.19 49.94 -34.76
CA GLU E 265 -6.38 51.26 -34.18
C GLU E 265 -6.66 51.19 -32.67
N ARG E 266 -7.17 50.05 -32.22
CA ARG E 266 -7.43 49.82 -30.80
C ARG E 266 -6.15 49.50 -30.03
N TYR E 267 -5.32 48.62 -30.60
CA TYR E 267 -4.05 48.22 -29.98
C TYR E 267 -3.01 49.34 -29.97
N ALA E 268 -3.10 50.24 -30.95
CA ALA E 268 -2.23 51.41 -31.00
C ALA E 268 -2.61 52.44 -29.95
N GLN E 269 -3.91 52.57 -29.70
CA GLN E 269 -4.43 53.51 -28.71
C GLN E 269 -4.21 53.00 -27.28
N VAL E 270 -4.39 51.69 -27.08
CA VAL E 270 -4.23 51.08 -25.76
C VAL E 270 -2.77 51.01 -25.31
N ASP E 271 -1.86 51.02 -26.27
CA ASP E 271 -0.42 51.02 -25.99
C ASP E 271 0.06 52.41 -25.59
N VAL E 272 -0.52 53.44 -26.21
CA VAL E 272 -0.19 54.83 -25.91
C VAL E 272 -0.52 55.19 -24.46
N ILE E 273 -1.71 54.77 -24.00
CA ILE E 273 -2.14 54.99 -22.62
C ILE E 273 -1.18 54.33 -21.62
N LYS E 274 -0.82 53.08 -21.91
CA LYS E 274 0.13 52.33 -21.08
C LYS E 274 1.53 52.97 -21.07
N SER E 275 1.94 53.51 -22.21
CA SER E 275 3.25 54.15 -22.35
C SER E 275 3.31 55.53 -21.71
N GLU E 276 2.14 56.17 -21.56
CA GLU E 276 2.06 57.52 -20.99
C GLU E 276 1.78 57.54 -19.49
N THR E 277 0.86 56.68 -19.04
CA THR E 277 0.45 56.61 -17.64
C THR E 277 1.60 56.20 -16.72
N ILE E 278 2.42 55.27 -17.19
CA ILE E 278 3.61 54.84 -16.45
C ILE E 278 4.68 55.93 -16.46
N ALA E 279 4.87 56.58 -17.62
CA ALA E 279 5.87 57.62 -17.80
C ALA E 279 5.60 58.88 -16.97
N THR E 280 4.32 59.24 -16.85
CA THR E 280 3.94 60.43 -16.08
C THR E 280 4.06 60.21 -14.56
N LEU E 281 3.92 58.96 -14.13
CA LEU E 281 4.07 58.59 -12.72
C LEU E 281 5.54 58.48 -12.32
N LEU E 282 6.38 58.10 -13.27
CA LEU E 282 7.83 58.03 -13.06
C LEU E 282 8.46 59.41 -12.98
N ALA E 283 7.86 60.37 -13.66
CA ALA E 283 8.30 61.77 -13.61
C ALA E 283 7.98 62.42 -12.27
N GLU E 284 6.90 61.94 -11.64
CA GLU E 284 6.49 62.41 -10.31
C GLU E 284 7.20 61.63 -9.21
N ASP E 285 7.31 60.31 -9.40
CA ASP E 285 7.98 59.43 -8.44
C ASP E 285 8.65 58.26 -9.17
N GLU E 286 9.98 58.29 -9.21
CA GLU E 286 10.76 57.28 -9.93
C GLU E 286 11.14 56.07 -9.08
N THR E 287 10.66 56.03 -7.84
CA THR E 287 10.93 54.92 -6.93
C THR E 287 9.87 53.81 -6.99
N LEU E 288 8.91 53.98 -7.89
CA LEU E 288 7.83 53.01 -8.08
C LEU E 288 8.21 51.92 -9.08
N ASP E 289 7.70 50.71 -8.84
CA ASP E 289 7.94 49.57 -9.72
C ASP E 289 7.08 49.65 -10.97
N GLU E 290 7.72 49.57 -12.13
CA GLU E 290 7.05 49.60 -13.44
C GLU E 290 6.24 48.34 -13.68
N ASN E 291 6.74 47.22 -13.15
CA ASN E 291 6.10 45.91 -13.31
C ASN E 291 4.76 45.80 -12.59
N GLU E 292 4.63 46.53 -11.48
CA GLU E 292 3.39 46.56 -10.70
C GLU E 292 2.33 47.42 -11.38
N LEU E 293 2.76 48.51 -12.02
CA LEU E 293 1.86 49.44 -12.70
C LEU E 293 1.15 48.81 -13.90
N GLY E 294 1.85 47.91 -14.60
CA GLY E 294 1.29 47.19 -15.74
C GLY E 294 0.24 46.18 -15.34
N GLU E 295 0.37 45.61 -14.14
CA GLU E 295 -0.59 44.65 -13.60
C GLU E 295 -1.88 45.33 -13.16
N ILE E 296 -1.77 46.56 -12.67
CA ILE E 296 -2.93 47.36 -12.28
C ILE E 296 -3.71 47.80 -13.52
N LEU E 297 -2.97 48.23 -14.55
CA LEU E 297 -3.56 48.63 -15.83
C LEU E 297 -4.27 47.46 -16.53
N HIS E 298 -3.74 46.24 -16.34
CA HIS E 298 -4.34 45.03 -16.88
C HIS E 298 -5.64 44.68 -16.14
N ALA E 299 -5.69 45.04 -14.85
CA ALA E 299 -6.89 44.84 -14.03
C ALA E 299 -8.00 45.82 -14.38
N ILE E 300 -7.61 47.04 -14.78
CA ILE E 300 -8.56 48.06 -15.23
C ILE E 300 -9.12 47.67 -16.60
N GLU E 301 -8.26 47.18 -17.48
CA GLU E 301 -8.67 46.65 -18.79
C GLU E 301 -9.68 45.53 -18.65
N LYS E 302 -9.48 44.71 -17.61
CA LYS E 302 -10.37 43.58 -17.31
C LYS E 302 -11.72 44.07 -16.78
N ASN E 303 -11.71 45.14 -16.01
CA ASN E 303 -12.93 45.69 -15.40
C ASN E 303 -13.83 46.44 -16.38
N VAL E 304 -13.23 47.05 -17.41
CA VAL E 304 -13.97 47.84 -18.40
C VAL E 304 -14.78 46.94 -19.35
N VAL E 305 -14.11 45.93 -19.91
CA VAL E 305 -14.72 45.04 -20.91
C VAL E 305 -15.77 44.11 -20.29
N ARG E 306 -15.47 43.58 -19.11
CA ARG E 306 -16.36 42.63 -18.43
C ARG E 306 -17.66 43.27 -17.91
N SER E 307 -17.56 44.50 -17.43
CA SER E 307 -18.72 45.21 -16.88
C SER E 307 -19.69 45.68 -17.97
N ARG E 308 -19.14 46.00 -19.14
CA ARG E 308 -19.94 46.45 -20.29
C ARG E 308 -20.74 45.31 -20.91
N VAL E 309 -20.20 44.10 -20.84
CA VAL E 309 -20.86 42.91 -21.40
C VAL E 309 -21.74 42.19 -20.34
N LEU E 310 -21.49 42.50 -19.06
CA LEU E 310 -22.31 41.98 -17.97
C LEU E 310 -23.71 42.61 -18.01
N ALA E 311 -23.75 43.92 -18.26
CA ALA E 311 -25.01 44.64 -18.45
C ALA E 311 -25.38 44.66 -19.93
N GLY E 312 -26.64 45.01 -20.22
CA GLY E 312 -27.15 45.07 -21.59
C GLY E 312 -26.53 46.24 -22.35
N GLU E 313 -25.36 46.01 -22.92
CA GLU E 313 -24.61 47.03 -23.64
C GLU E 313 -23.67 46.36 -24.65
N PRO E 314 -23.68 46.84 -25.92
CA PRO E 314 -22.85 46.30 -27.00
C PRO E 314 -21.37 46.20 -26.63
N ARG E 315 -20.71 45.15 -27.12
CA ARG E 315 -19.30 44.88 -26.80
C ARG E 315 -18.32 45.78 -27.57
N ILE E 316 -17.06 45.35 -27.63
CA ILE E 316 -15.95 46.18 -28.13
C ILE E 316 -16.03 46.57 -29.61
N ASP E 317 -16.70 45.74 -30.42
CA ASP E 317 -16.80 46.00 -31.87
C ASP E 317 -18.17 46.48 -32.32
N GLY E 318 -19.15 46.45 -31.42
CA GLY E 318 -20.51 46.94 -31.71
C GLY E 318 -21.55 45.85 -31.82
N ARG E 319 -21.12 44.60 -31.72
CA ARG E 319 -22.01 43.44 -31.80
C ARG E 319 -22.83 43.25 -30.53
N GLU E 320 -23.91 42.46 -30.65
CA GLU E 320 -24.75 42.11 -29.51
C GLU E 320 -24.19 40.87 -28.79
N LYS E 321 -24.93 40.24 -27.91
CA LYS E 321 -24.32 39.13 -27.25
C LYS E 321 -24.57 37.82 -27.90
N ASP E 322 -25.28 37.81 -29.00
CA ASP E 322 -25.39 36.61 -29.84
C ASP E 322 -25.02 36.84 -31.30
N MET E 323 -24.93 38.11 -31.71
CA MET E 323 -24.60 38.48 -33.08
C MET E 323 -23.16 38.09 -33.45
N ILE E 324 -23.03 37.40 -34.58
CA ILE E 324 -21.72 36.94 -35.06
C ILE E 324 -21.17 37.84 -36.18
N ARG E 325 -19.86 37.78 -36.39
CA ARG E 325 -19.18 38.62 -37.38
C ARG E 325 -19.50 38.23 -38.83
N GLY E 326 -19.21 39.14 -39.75
CA GLY E 326 -19.47 38.94 -41.18
C GLY E 326 -18.62 37.83 -41.79
N LEU E 327 -19.12 37.25 -42.87
CA LEU E 327 -18.47 36.10 -43.51
C LEU E 327 -18.09 36.36 -44.96
N ASP E 328 -16.98 35.75 -45.38
CA ASP E 328 -16.53 35.83 -46.76
C ASP E 328 -16.07 34.45 -47.23
N VAL E 329 -17.00 33.69 -47.78
CA VAL E 329 -16.73 32.33 -48.27
C VAL E 329 -16.20 32.38 -49.70
N ARG E 330 -15.00 31.83 -49.89
CA ARG E 330 -14.35 31.82 -51.20
C ARG E 330 -13.61 30.50 -51.44
N THR E 331 -13.74 29.98 -52.65
CA THR E 331 -13.05 28.74 -53.06
C THR E 331 -12.59 28.81 -54.52
N GLY E 332 -11.54 28.05 -54.84
CA GLY E 332 -10.91 28.11 -56.15
C GLY E 332 -10.07 29.36 -56.31
N VAL E 333 -9.46 29.78 -55.20
CA VAL E 333 -8.68 31.02 -55.12
C VAL E 333 -7.26 30.83 -55.66
N LEU E 334 -6.79 29.58 -55.71
CA LEU E 334 -5.44 29.25 -56.18
C LEU E 334 -5.52 28.32 -57.41
N PRO E 335 -4.62 28.52 -58.39
CA PRO E 335 -4.71 27.80 -59.66
C PRO E 335 -4.13 26.38 -59.67
N ARG E 336 -2.82 26.25 -59.42
CA ARG E 336 -2.10 24.99 -59.64
C ARG E 336 -2.13 23.96 -58.50
N THR E 337 -2.94 24.22 -57.48
CA THR E 337 -3.14 23.24 -56.39
C THR E 337 -4.43 22.45 -56.60
N HIS E 338 -4.51 21.27 -55.97
CA HIS E 338 -5.67 20.39 -56.08
C HIS E 338 -6.95 21.05 -55.59
N GLY E 339 -6.91 21.57 -54.36
CA GLY E 339 -8.06 22.25 -53.76
C GLY E 339 -7.68 23.60 -53.16
N SER E 340 -8.55 24.59 -53.36
CA SER E 340 -8.31 25.94 -52.88
C SER E 340 -9.47 26.45 -52.04
N ALA E 341 -9.15 27.18 -50.98
CA ALA E 341 -10.16 27.76 -50.08
C ALA E 341 -9.67 29.04 -49.42
N LEU E 342 -10.59 29.99 -49.26
CA LEU E 342 -10.31 31.25 -48.59
C LEU E 342 -11.49 31.64 -47.71
N PHE E 343 -11.34 31.42 -46.40
CA PHE E 343 -12.40 31.72 -45.44
C PHE E 343 -12.04 32.91 -44.57
N THR E 344 -12.95 33.87 -44.47
CA THR E 344 -12.76 35.08 -43.67
C THR E 344 -13.96 35.33 -42.78
N ARG E 345 -13.71 35.48 -41.48
CA ARG E 345 -14.77 35.77 -40.50
C ARG E 345 -14.47 37.04 -39.73
N GLY E 346 -15.02 38.17 -40.21
CA GLY E 346 -14.84 39.46 -39.58
C GLY E 346 -13.43 40.01 -39.72
N GLU E 347 -12.54 39.57 -38.84
CA GLU E 347 -11.15 40.03 -38.83
C GLU E 347 -10.13 38.89 -38.80
N THR E 348 -10.62 37.65 -38.85
CA THR E 348 -9.75 36.47 -38.93
C THR E 348 -9.89 35.77 -40.30
N GLN E 349 -8.77 35.23 -40.78
CA GLN E 349 -8.72 34.60 -42.10
C GLN E 349 -7.84 33.36 -42.11
N ALA E 350 -8.23 32.37 -42.91
CA ALA E 350 -7.47 31.12 -43.05
C ALA E 350 -7.45 30.63 -44.50
N LEU E 351 -6.28 30.70 -45.12
CA LEU E 351 -6.08 30.16 -46.46
C LEU E 351 -5.82 28.66 -46.38
N VAL E 352 -6.83 27.88 -46.75
CA VAL E 352 -6.79 26.42 -46.62
C VAL E 352 -6.61 25.73 -47.96
N THR E 353 -5.67 24.78 -48.01
CA THR E 353 -5.36 24.05 -49.24
C THR E 353 -5.60 22.55 -49.08
N ALA E 354 -5.84 21.87 -50.20
CA ALA E 354 -6.01 20.42 -50.22
C ALA E 354 -5.05 19.77 -51.19
N THR E 355 -4.49 18.63 -50.80
CA THR E 355 -3.52 17.90 -51.64
C THR E 355 -3.84 16.40 -51.65
N LEU E 356 -3.85 15.82 -52.85
CA LEU E 356 -4.14 14.40 -53.02
C LEU E 356 -2.88 13.59 -53.30
N GLY E 357 -2.85 12.35 -52.78
CA GLY E 357 -1.72 11.45 -52.97
C GLY E 357 -2.11 9.99 -52.85
N THR E 358 -1.16 9.11 -53.17
CA THR E 358 -1.38 7.67 -53.10
C THR E 358 -1.05 7.15 -51.70
N ALA E 359 -1.22 5.83 -51.48
CA ALA E 359 -0.89 5.19 -50.20
C ALA E 359 0.61 5.22 -49.90
N ARG E 360 1.41 5.60 -50.89
CA ARG E 360 2.86 5.77 -50.75
C ARG E 360 3.18 6.98 -49.88
N ASP E 361 2.37 8.02 -50.00
CA ASP E 361 2.58 9.28 -49.28
C ASP E 361 1.91 9.32 -47.91
N ALA E 362 1.51 8.14 -47.41
CA ALA E 362 0.83 8.02 -46.12
C ALA E 362 1.78 8.28 -44.95
N GLN E 363 1.27 8.95 -43.92
CA GLN E 363 2.03 9.26 -42.72
C GLN E 363 2.23 8.00 -41.87
N VAL E 364 3.49 7.57 -41.75
CA VAL E 364 3.84 6.41 -40.94
C VAL E 364 4.15 6.88 -39.51
N LEU E 365 3.17 6.71 -38.62
CA LEU E 365 3.31 7.13 -37.23
C LEU E 365 3.93 6.03 -36.38
N ASP E 366 5.04 6.37 -35.72
CA ASP E 366 5.73 5.44 -34.83
C ASP E 366 5.39 5.74 -33.37
N GLU E 367 4.18 5.34 -32.97
CA GLU E 367 3.70 5.56 -31.62
C GLU E 367 4.26 4.51 -30.64
N LEU E 368 4.04 4.74 -29.34
CA LEU E 368 4.54 3.87 -28.29
C LEU E 368 3.84 2.51 -28.24
N MET E 369 2.54 2.51 -28.54
CA MET E 369 1.73 1.29 -28.55
C MET E 369 2.04 0.40 -29.75
N GLY E 370 2.12 1.02 -30.93
CA GLY E 370 2.39 0.29 -32.16
C GLY E 370 2.38 1.19 -33.40
N GLU E 371 2.90 0.67 -34.50
CA GLU E 371 2.96 1.42 -35.75
C GLU E 371 1.62 1.43 -36.47
N ARG E 372 1.19 2.64 -36.86
CA ARG E 372 -0.04 2.82 -37.64
C ARG E 372 0.16 3.84 -38.77
N THR E 373 -0.67 3.73 -39.80
CA THR E 373 -0.60 4.65 -40.95
C THR E 373 -1.76 5.64 -40.93
N ASP E 374 -1.43 6.91 -41.11
CA ASP E 374 -2.43 7.98 -41.12
C ASP E 374 -2.73 8.42 -42.55
N THR E 375 -4.01 8.39 -42.91
CA THR E 375 -4.47 8.75 -44.25
C THR E 375 -4.74 10.25 -44.35
N PHE E 376 -5.50 10.77 -43.37
CA PHE E 376 -5.85 12.19 -43.34
C PHE E 376 -4.77 13.01 -42.64
N LEU E 377 -4.38 14.11 -43.26
CA LEU E 377 -3.34 14.99 -42.73
C LEU E 377 -3.85 16.42 -42.57
N PHE E 378 -3.53 17.03 -41.44
CA PHE E 378 -3.89 18.43 -41.19
C PHE E 378 -2.72 19.17 -40.53
N HIS E 379 -2.32 20.28 -41.14
CA HIS E 379 -1.25 21.12 -40.61
C HIS E 379 -1.72 22.55 -40.36
N TYR E 380 -1.35 23.08 -39.20
CA TYR E 380 -1.74 24.43 -38.80
C TYR E 380 -0.51 25.34 -38.70
N ASN E 381 -0.42 26.31 -39.59
CA ASN E 381 0.66 27.28 -39.58
C ASN E 381 0.19 28.64 -39.09
N PHE E 382 0.88 29.16 -38.08
CA PHE E 382 0.55 30.45 -37.50
C PHE E 382 1.73 31.42 -37.62
N PRO E 383 1.80 32.15 -38.76
CA PRO E 383 2.90 33.09 -39.02
C PRO E 383 2.74 34.41 -38.28
N PRO E 384 3.85 35.15 -38.09
CA PRO E 384 3.83 36.42 -37.36
C PRO E 384 3.04 37.55 -38.05
N TYR E 385 2.89 37.46 -39.38
CA TYR E 385 2.18 38.51 -40.13
C TYR E 385 0.66 38.44 -39.99
N SER E 386 0.16 37.46 -39.24
CA SER E 386 -1.26 37.31 -38.98
C SER E 386 -1.77 38.34 -37.98
N VAL E 387 -1.03 38.52 -36.89
CA VAL E 387 -1.39 39.49 -35.85
C VAL E 387 -0.85 40.90 -36.17
N GLY E 388 0.20 40.95 -36.99
CA GLY E 388 0.84 42.20 -37.37
C GLY E 388 2.11 42.47 -36.59
N GLU E 389 2.89 41.41 -36.36
CA GLU E 389 4.13 41.48 -35.59
C GLU E 389 5.28 40.77 -36.32
N THR E 390 6.47 40.85 -35.73
CA THR E 390 7.67 40.20 -36.30
C THR E 390 8.24 39.14 -35.36
N GLY E 391 8.53 38.01 -35.95
CA GLY E 391 8.80 36.82 -35.21
C GLY E 391 9.63 36.01 -36.15
N MET E 392 10.00 34.81 -35.72
CA MET E 392 10.83 33.92 -36.55
C MET E 392 9.88 33.05 -37.34
N VAL E 393 9.89 33.22 -38.66
CA VAL E 393 9.02 32.45 -39.54
C VAL E 393 9.16 30.97 -39.19
N GLY E 394 10.26 30.62 -38.53
CA GLY E 394 10.50 29.24 -38.14
C GLY E 394 9.32 28.63 -37.41
N SER E 395 9.32 27.31 -37.31
CA SER E 395 8.24 26.60 -36.63
C SER E 395 8.69 25.21 -36.19
N PRO E 396 7.76 24.46 -35.60
CA PRO E 396 6.39 24.95 -35.37
C PRO E 396 6.14 24.96 -33.87
N LYS E 397 5.67 26.09 -33.35
CA LYS E 397 5.39 26.22 -31.93
C LYS E 397 4.43 25.10 -31.54
N ARG E 398 4.23 24.93 -30.23
CA ARG E 398 3.32 23.91 -29.73
C ARG E 398 1.88 24.26 -30.08
N ARG E 399 1.47 25.47 -29.71
CA ARG E 399 0.13 25.93 -30.02
C ARG E 399 -0.22 25.64 -31.47
N GLU E 400 0.81 25.61 -32.32
CA GLU E 400 0.63 25.32 -33.73
C GLU E 400 0.28 23.85 -33.93
N ILE E 401 0.86 22.98 -33.09
CA ILE E 401 0.58 21.55 -33.15
C ILE E 401 -0.76 21.22 -32.49
N GLY E 402 -1.04 21.89 -31.38
CA GLY E 402 -2.28 21.71 -30.63
C GLY E 402 -3.53 22.11 -31.40
N HIS E 403 -3.41 23.20 -32.18
CA HIS E 403 -4.51 23.67 -33.01
C HIS E 403 -4.60 22.91 -34.34
N GLY E 404 -3.52 22.21 -34.69
CA GLY E 404 -3.48 21.37 -35.90
C GLY E 404 -4.34 20.14 -35.77
N ARG E 405 -4.26 19.48 -34.61
CA ARG E 405 -5.08 18.32 -34.31
C ARG E 405 -6.51 18.71 -33.97
N LEU E 406 -6.68 19.93 -33.46
CA LEU E 406 -7.99 20.49 -33.12
C LEU E 406 -8.91 20.52 -34.35
N ALA E 407 -8.38 21.04 -35.46
CA ALA E 407 -9.12 21.11 -36.72
C ALA E 407 -9.20 19.75 -37.41
N LYS E 408 -8.24 18.87 -37.09
CA LYS E 408 -8.22 17.51 -37.64
C LYS E 408 -9.36 16.67 -37.07
N ARG E 409 -9.69 16.89 -35.79
CA ARG E 409 -10.77 16.18 -35.11
C ARG E 409 -12.15 16.60 -35.63
N GLY E 410 -12.24 17.84 -36.14
CA GLY E 410 -13.49 18.38 -36.64
C GLY E 410 -13.85 17.93 -38.05
N VAL E 411 -12.89 17.37 -38.77
CA VAL E 411 -13.08 16.95 -40.15
C VAL E 411 -13.04 15.42 -40.30
N LEU E 412 -12.36 14.75 -39.36
CA LEU E 412 -12.15 13.29 -39.40
C LEU E 412 -13.45 12.49 -39.47
N ALA E 413 -14.48 12.95 -38.76
CA ALA E 413 -15.78 12.29 -38.77
C ALA E 413 -16.52 12.50 -40.09
N VAL E 414 -16.25 13.63 -40.74
CA VAL E 414 -16.86 13.98 -42.02
C VAL E 414 -16.16 13.27 -43.18
N MET E 415 -14.85 13.10 -43.05
CA MET E 415 -14.01 12.48 -44.09
C MET E 415 -14.47 11.07 -44.47
N PRO E 416 -14.50 10.77 -45.78
CA PRO E 416 -14.92 9.46 -46.28
C PRO E 416 -13.94 8.33 -45.91
N ASP E 417 -14.44 7.09 -45.96
CA ASP E 417 -13.65 5.92 -45.61
C ASP E 417 -12.62 5.56 -46.68
N MET E 418 -11.73 4.62 -46.36
CA MET E 418 -10.65 4.19 -47.24
C MET E 418 -11.14 3.42 -48.46
N ASP E 419 -12.25 2.69 -48.30
CA ASP E 419 -12.81 1.87 -49.37
C ASP E 419 -13.43 2.70 -50.50
N LYS E 420 -14.17 3.75 -50.12
CA LYS E 420 -14.84 4.62 -51.09
C LYS E 420 -13.86 5.62 -51.73
N PHE E 421 -12.88 6.06 -50.96
CA PHE E 421 -11.88 7.02 -51.42
C PHE E 421 -10.48 6.61 -50.95
N PRO E 422 -9.73 5.89 -51.80
CA PRO E 422 -8.42 5.36 -51.44
C PRO E 422 -7.27 6.32 -51.81
N TYR E 423 -7.34 7.54 -51.30
CA TYR E 423 -6.30 8.54 -51.53
C TYR E 423 -5.96 9.29 -50.24
N THR E 424 -4.66 9.46 -49.99
CA THR E 424 -4.19 10.19 -48.83
C THR E 424 -4.34 11.70 -49.04
N VAL E 425 -5.06 12.35 -48.12
CA VAL E 425 -5.36 13.77 -48.24
C VAL E 425 -4.53 14.60 -47.26
N ARG E 426 -3.84 15.61 -47.78
CA ARG E 426 -3.06 16.53 -46.97
C ARG E 426 -3.69 17.92 -46.99
N VAL E 427 -4.07 18.41 -45.81
CA VAL E 427 -4.71 19.71 -45.67
C VAL E 427 -3.81 20.68 -44.90
N VAL E 428 -3.49 21.81 -45.51
CA VAL E 428 -2.64 22.83 -44.89
C VAL E 428 -3.42 24.13 -44.69
N SER E 429 -3.47 24.59 -43.44
CA SER E 429 -4.16 25.84 -43.10
C SER E 429 -3.16 26.96 -42.86
N GLU E 430 -3.28 28.03 -43.65
CA GLU E 430 -2.41 29.19 -43.53
C GLU E 430 -3.19 30.39 -42.99
N ILE E 431 -2.88 30.77 -41.75
CA ILE E 431 -3.55 31.89 -41.10
C ILE E 431 -3.03 33.23 -41.65
N THR E 432 -3.88 33.92 -42.39
CA THR E 432 -3.49 35.18 -43.03
C THR E 432 -3.61 36.36 -42.06
N GLU E 433 -4.70 36.39 -41.30
CA GLU E 433 -4.88 37.35 -40.21
C GLU E 433 -5.59 36.71 -39.03
N SER E 434 -5.24 37.12 -37.82
CA SER E 434 -5.76 36.50 -36.60
C SER E 434 -6.44 37.47 -35.64
N ASN E 435 -7.75 37.26 -35.44
CA ASN E 435 -8.52 37.98 -34.43
C ASN E 435 -9.73 37.14 -34.01
N GLY E 436 -9.66 36.62 -32.79
CA GLY E 436 -10.70 35.72 -32.28
C GLY E 436 -10.27 34.27 -32.36
N SER E 437 -11.04 33.48 -33.12
CA SER E 437 -10.72 32.07 -33.31
C SER E 437 -10.27 31.81 -34.75
N SER E 438 -9.04 31.32 -34.88
CA SER E 438 -8.47 30.98 -36.18
C SER E 438 -8.43 29.47 -36.40
N SER E 439 -8.58 28.72 -35.30
CA SER E 439 -8.63 27.26 -35.34
C SER E 439 -9.98 26.77 -35.84
N MET E 440 -11.04 27.48 -35.44
CA MET E 440 -12.39 27.17 -35.89
C MET E 440 -12.62 27.59 -37.34
N ALA E 441 -11.91 28.63 -37.77
CA ALA E 441 -11.95 29.10 -39.16
C ALA E 441 -11.23 28.15 -40.11
N SER E 442 -10.28 27.38 -39.55
CA SER E 442 -9.54 26.37 -40.30
C SER E 442 -10.42 25.19 -40.68
N VAL E 443 -11.39 24.89 -39.82
CA VAL E 443 -12.35 23.80 -40.06
C VAL E 443 -13.34 24.20 -41.17
N CYS E 444 -13.73 25.47 -41.17
CA CYS E 444 -14.64 26.02 -42.18
C CYS E 444 -14.00 26.05 -43.56
N GLY E 445 -12.70 26.35 -43.59
CA GLY E 445 -11.93 26.37 -44.84
C GLY E 445 -11.55 24.98 -45.31
N ALA E 446 -11.53 24.02 -44.39
CA ALA E 446 -11.19 22.63 -44.71
C ALA E 446 -12.22 21.97 -45.62
N SER E 447 -13.50 22.18 -45.31
CA SER E 447 -14.60 21.63 -46.09
C SER E 447 -14.69 22.24 -47.49
N LEU E 448 -14.32 23.51 -47.60
CA LEU E 448 -14.31 24.22 -48.87
C LEU E 448 -13.15 23.79 -49.76
N ALA E 449 -12.03 23.41 -49.12
CA ALA E 449 -10.84 22.93 -49.84
C ALA E 449 -11.04 21.51 -50.36
N LEU E 450 -11.75 20.69 -49.59
CA LEU E 450 -12.02 19.30 -49.97
C LEU E 450 -13.02 19.20 -51.11
N MET E 451 -14.03 20.07 -51.10
CA MET E 451 -15.04 20.11 -52.15
C MET E 451 -14.50 20.66 -53.48
N ASP E 452 -13.51 21.54 -53.38
CA ASP E 452 -12.85 22.09 -54.56
C ASP E 452 -11.89 21.09 -55.19
N ALA E 453 -11.28 20.27 -54.34
CA ALA E 453 -10.33 19.23 -54.78
C ALA E 453 -11.05 18.06 -55.44
N GLY E 454 -12.26 17.76 -54.97
CA GLY E 454 -13.05 16.65 -55.50
C GLY E 454 -13.22 15.52 -54.51
N VAL E 455 -12.90 15.79 -53.24
CA VAL E 455 -13.03 14.80 -52.17
C VAL E 455 -14.49 14.69 -51.74
N PRO E 456 -15.08 13.48 -51.87
CA PRO E 456 -16.49 13.27 -51.55
C PRO E 456 -16.73 13.10 -50.05
N ILE E 457 -16.85 14.22 -49.34
CA ILE E 457 -17.14 14.23 -47.90
C ILE E 457 -18.64 14.04 -47.65
N LYS E 458 -18.98 13.61 -46.43
CA LYS E 458 -20.36 13.33 -46.05
C LYS E 458 -21.26 14.57 -46.11
N ALA E 459 -20.83 15.63 -45.45
CA ALA E 459 -21.57 16.90 -45.42
C ALA E 459 -20.63 18.09 -45.24
N ALA E 460 -21.18 19.30 -45.22
CA ALA E 460 -20.40 20.50 -44.95
C ALA E 460 -20.14 20.62 -43.45
N VAL E 461 -18.94 21.07 -43.09
CA VAL E 461 -18.56 21.22 -41.69
C VAL E 461 -18.09 22.65 -41.37
N ALA E 462 -18.54 23.17 -40.23
CA ALA E 462 -18.17 24.52 -39.77
C ALA E 462 -17.90 24.55 -38.27
N GLY E 463 -17.27 25.63 -37.80
CA GLY E 463 -16.93 25.77 -36.39
C GLY E 463 -16.82 27.21 -35.92
N ILE E 464 -17.25 27.46 -34.69
CA ILE E 464 -17.17 28.79 -34.05
C ILE E 464 -16.77 28.69 -32.58
N ALA E 465 -16.30 29.80 -32.02
CA ALA E 465 -15.90 29.85 -30.61
C ALA E 465 -16.91 30.62 -29.76
N MET E 466 -16.99 30.26 -28.48
CA MET E 466 -17.90 30.90 -27.54
C MET E 466 -17.15 31.38 -26.29
N GLY E 467 -17.59 32.51 -25.75
CA GLY E 467 -16.97 33.08 -24.54
C GLY E 467 -17.95 33.26 -23.40
N LEU E 468 -17.42 33.62 -22.23
CA LEU E 468 -18.23 33.79 -21.03
C LEU E 468 -17.64 34.85 -20.10
N VAL E 469 -18.52 35.66 -19.50
CA VAL E 469 -18.15 36.59 -18.45
C VAL E 469 -19.10 36.41 -17.26
N LYS E 470 -18.55 35.98 -16.13
CA LYS E 470 -19.35 35.71 -14.94
C LYS E 470 -18.77 36.43 -13.72
N GLU E 471 -19.64 37.08 -12.96
CA GLU E 471 -19.25 37.79 -11.74
C GLU E 471 -20.24 37.50 -10.61
N GLY E 472 -19.94 36.49 -9.81
CA GLY E 472 -20.81 36.06 -8.71
C GLY E 472 -21.55 34.79 -9.04
N ASP E 473 -22.71 34.94 -9.68
CA ASP E 473 -23.53 33.80 -10.08
C ASP E 473 -24.25 34.03 -11.41
N ASN E 474 -24.44 35.29 -11.78
CA ASN E 474 -25.06 35.66 -13.06
C ASN E 474 -24.05 35.68 -14.21
N TYR E 475 -24.51 35.28 -15.39
CA TYR E 475 -23.62 35.05 -16.53
C TYR E 475 -24.16 35.60 -17.84
N VAL E 476 -23.25 35.94 -18.76
CA VAL E 476 -23.59 36.36 -20.11
C VAL E 476 -22.76 35.57 -21.12
N VAL E 477 -23.44 34.87 -22.03
CA VAL E 477 -22.78 34.04 -23.03
C VAL E 477 -22.57 34.84 -24.33
N LEU E 478 -21.34 34.80 -24.83
CA LEU E 478 -20.96 35.54 -26.04
C LEU E 478 -20.77 34.61 -27.23
N SER E 479 -21.20 35.06 -28.41
CA SER E 479 -21.06 34.28 -29.63
C SER E 479 -20.00 34.87 -30.55
N ASP E 480 -19.11 34.00 -31.04
CA ASP E 480 -17.97 34.39 -31.89
C ASP E 480 -17.15 35.53 -31.29
N ILE E 481 -16.39 35.20 -30.24
CA ILE E 481 -15.59 36.18 -29.51
C ILE E 481 -14.37 36.68 -30.28
N LEU E 482 -13.92 37.88 -29.94
CA LEU E 482 -12.70 38.45 -30.51
C LEU E 482 -11.47 37.98 -29.72
N GLY E 483 -10.29 38.42 -30.16
CA GLY E 483 -9.06 38.04 -29.51
C GLY E 483 -9.05 38.38 -28.03
N ASP E 484 -9.06 39.66 -27.71
CA ASP E 484 -9.06 40.12 -26.33
C ASP E 484 -10.10 39.38 -25.50
N GLU E 485 -11.34 39.41 -25.96
CA GLU E 485 -12.44 38.75 -25.26
C GLU E 485 -12.02 37.39 -24.72
N ASP E 486 -11.11 36.73 -25.44
CA ASP E 486 -10.63 35.41 -25.02
C ASP E 486 -9.66 35.52 -23.86
N HIS E 487 -8.81 36.54 -23.88
CA HIS E 487 -7.83 36.77 -22.83
C HIS E 487 -8.46 37.38 -21.57
N LEU E 488 -9.41 38.29 -21.77
CA LEU E 488 -10.08 38.98 -20.67
C LEU E 488 -11.37 38.29 -20.22
N GLY E 489 -11.75 37.23 -20.95
CA GLY E 489 -12.95 36.45 -20.63
C GLY E 489 -12.74 35.43 -19.53
N ASP E 490 -13.40 34.29 -19.67
CA ASP E 490 -13.33 33.21 -18.68
C ASP E 490 -13.09 31.83 -19.29
N MET E 491 -13.62 31.61 -20.49
CA MET E 491 -13.49 30.31 -21.16
C MET E 491 -13.41 30.41 -22.68
N ASP E 492 -12.77 29.40 -23.29
CA ASP E 492 -12.66 29.30 -24.75
C ASP E 492 -13.44 28.07 -25.23
N PHE E 493 -14.75 28.28 -25.42
CA PHE E 493 -15.67 27.19 -25.76
C PHE E 493 -15.78 27.01 -27.27
N LYS E 494 -15.05 26.02 -27.79
CA LYS E 494 -15.00 25.75 -29.24
C LYS E 494 -15.92 24.58 -29.63
N VAL E 495 -16.75 24.81 -30.63
CA VAL E 495 -17.66 23.78 -31.15
C VAL E 495 -17.53 23.68 -32.68
N ALA E 496 -17.27 22.47 -33.16
CA ALA E 496 -17.15 22.21 -34.59
C ALA E 496 -17.99 20.99 -34.99
N GLY E 497 -18.77 21.14 -36.06
CA GLY E 497 -19.63 20.08 -36.56
C GLY E 497 -20.44 20.45 -37.78
N SER E 498 -21.35 19.55 -38.16
CA SER E 498 -22.22 19.76 -39.31
C SER E 498 -23.62 20.23 -38.88
N ARG E 499 -24.59 20.08 -39.78
CA ARG E 499 -25.98 20.44 -39.50
C ARG E 499 -26.65 19.42 -38.59
N ASP E 500 -26.21 18.17 -38.68
CA ASP E 500 -26.80 17.07 -37.92
C ASP E 500 -26.21 16.92 -36.52
N GLY E 501 -24.88 16.86 -36.42
CA GLY E 501 -24.21 16.65 -35.14
C GLY E 501 -22.91 17.40 -34.95
N ILE E 502 -22.26 17.14 -33.82
CA ILE E 502 -20.99 17.79 -33.46
C ILE E 502 -19.83 16.83 -33.72
N SER E 503 -18.81 17.33 -34.43
CA SER E 503 -17.63 16.53 -34.76
C SER E 503 -16.51 16.71 -33.74
N ALA E 504 -16.33 17.93 -33.26
CA ALA E 504 -15.31 18.25 -32.26
C ALA E 504 -15.76 19.33 -31.29
N LEU E 505 -15.32 19.20 -30.03
CA LEU E 505 -15.65 20.16 -28.98
C LEU E 505 -14.46 20.37 -28.05
N GLN E 506 -14.04 21.62 -27.90
CA GLN E 506 -12.98 21.97 -26.97
C GLN E 506 -13.50 22.94 -25.89
N MET E 507 -13.23 22.58 -24.64
CA MET E 507 -13.69 23.37 -23.50
C MET E 507 -12.48 23.77 -22.65
N ASP E 508 -12.13 25.06 -22.69
CA ASP E 508 -10.97 25.57 -21.95
C ASP E 508 -11.40 26.62 -20.92
N ILE E 509 -11.89 26.14 -19.78
CA ILE E 509 -12.36 27.00 -18.70
C ILE E 509 -11.19 27.44 -17.82
N LYS E 510 -11.08 28.75 -17.61
CA LYS E 510 -9.98 29.32 -16.83
C LYS E 510 -10.37 29.70 -15.40
N ILE E 511 -11.66 29.58 -15.09
CA ILE E 511 -12.17 29.90 -13.77
C ILE E 511 -13.05 28.78 -13.22
N GLU E 512 -13.00 28.57 -11.91
CA GLU E 512 -13.80 27.54 -11.27
C GLU E 512 -15.19 28.05 -10.92
N GLY E 513 -16.10 27.14 -10.62
CA GLY E 513 -17.46 27.50 -10.27
C GLY E 513 -18.41 27.38 -11.44
N ILE E 514 -17.93 26.80 -12.53
CA ILE E 514 -18.74 26.62 -13.74
C ILE E 514 -19.92 25.68 -13.47
N THR E 515 -21.10 26.08 -13.93
CA THR E 515 -22.30 25.27 -13.74
C THR E 515 -22.64 24.40 -14.96
N LYS E 516 -23.30 23.27 -14.70
CA LYS E 516 -23.81 22.38 -15.74
C LYS E 516 -24.94 23.05 -16.52
N GLU E 517 -25.73 23.88 -15.82
CA GLU E 517 -26.87 24.58 -16.40
C GLU E 517 -26.46 25.59 -17.47
N ILE E 518 -25.30 26.22 -17.28
CA ILE E 518 -24.82 27.24 -18.22
C ILE E 518 -24.10 26.62 -19.43
N MET E 519 -23.71 25.36 -19.30
CA MET E 519 -23.02 24.64 -20.37
C MET E 519 -23.95 24.20 -21.50
N GLN E 520 -25.18 23.84 -21.15
CA GLN E 520 -26.19 23.46 -22.13
C GLN E 520 -26.73 24.67 -22.91
N VAL E 521 -26.63 25.84 -22.31
CA VAL E 521 -27.03 27.10 -22.94
C VAL E 521 -25.95 27.55 -23.94
N ALA E 522 -24.69 27.43 -23.54
CA ALA E 522 -23.56 27.81 -24.38
C ALA E 522 -23.37 26.89 -25.58
N LEU E 523 -23.74 25.62 -25.41
CA LEU E 523 -23.63 24.61 -26.46
C LEU E 523 -24.79 24.73 -27.46
N ASN E 524 -25.97 25.06 -26.95
CA ASN E 524 -27.16 25.25 -27.78
C ASN E 524 -27.09 26.53 -28.62
N GLN E 525 -26.51 27.58 -28.04
CA GLN E 525 -26.31 28.85 -28.72
C GLN E 525 -25.21 28.72 -29.78
N ALA E 526 -24.28 27.80 -29.55
CA ALA E 526 -23.20 27.50 -30.50
C ALA E 526 -23.72 26.75 -31.72
N LYS E 527 -24.79 25.99 -31.54
CA LYS E 527 -25.43 25.26 -32.63
C LYS E 527 -26.07 26.22 -33.63
N GLY E 528 -26.78 27.22 -33.11
CA GLY E 528 -27.42 28.25 -33.93
C GLY E 528 -26.43 29.11 -34.69
N ALA E 529 -25.29 29.39 -34.06
CA ALA E 529 -24.21 30.17 -34.68
C ALA E 529 -23.47 29.37 -35.75
N ARG E 530 -23.43 28.05 -35.58
CA ARG E 530 -22.75 27.15 -36.52
C ARG E 530 -23.56 27.00 -37.82
N LEU E 531 -24.87 27.04 -37.71
CA LEU E 531 -25.77 26.93 -38.87
C LEU E 531 -25.76 28.17 -39.77
N HIS E 532 -25.36 29.31 -39.19
CA HIS E 532 -25.20 30.55 -39.97
C HIS E 532 -23.98 30.46 -40.87
N ILE E 533 -22.90 29.87 -40.35
CA ILE E 533 -21.67 29.65 -41.12
C ILE E 533 -21.92 28.64 -42.24
N LEU E 534 -22.66 27.59 -41.92
CA LEU E 534 -22.95 26.50 -42.85
C LEU E 534 -23.88 26.91 -43.99
N GLY E 535 -24.77 27.85 -43.69
CA GLY E 535 -25.73 28.37 -44.68
C GLY E 535 -25.08 29.16 -45.80
N VAL E 536 -24.07 29.95 -45.45
CA VAL E 536 -23.32 30.74 -46.42
C VAL E 536 -22.34 29.85 -47.20
N MET E 537 -21.85 28.80 -46.54
CA MET E 537 -20.98 27.81 -47.17
C MET E 537 -21.71 26.99 -48.23
N GLU E 538 -22.98 26.68 -47.96
CA GLU E 538 -23.82 25.95 -48.92
C GLU E 538 -24.27 26.82 -50.09
N GLN E 539 -24.24 28.13 -49.89
CA GLN E 539 -24.59 29.10 -50.94
C GLN E 539 -23.55 29.12 -52.04
N ALA E 540 -22.28 28.96 -51.67
CA ALA E 540 -21.19 28.95 -52.63
C ALA E 540 -20.97 27.55 -53.19
N ILE E 541 -21.24 26.54 -52.37
CA ILE E 541 -21.06 25.14 -52.77
C ILE E 541 -21.84 24.22 -51.84
N ASN E 542 -22.56 23.27 -52.43
CA ASN E 542 -23.35 22.32 -51.65
C ASN E 542 -23.05 20.87 -52.01
N ALA E 543 -22.04 20.67 -52.86
CA ALA E 543 -21.67 19.33 -53.28
C ALA E 543 -20.38 19.43 -54.08
N PRO E 544 -19.65 18.33 -54.14
CA PRO E 544 -18.32 18.23 -54.76
C PRO E 544 -18.41 17.74 -56.20
N GLY F 19 -3.70 30.31 -64.85
CA GLY F 19 -4.06 31.59 -65.54
C GLY F 19 -3.84 32.80 -64.65
N ALA F 20 -4.57 32.87 -63.55
CA ALA F 20 -4.47 33.97 -62.61
C ALA F 20 -4.68 33.50 -61.17
N ALA F 21 -3.89 34.07 -60.25
CA ALA F 21 -3.99 33.73 -58.83
C ALA F 21 -4.45 34.92 -57.99
N GLY F 22 -5.30 34.64 -57.01
CA GLY F 22 -5.83 35.68 -56.12
C GLY F 22 -7.32 35.56 -55.91
N GLY F 23 -7.84 36.41 -55.03
CA GLY F 23 -9.26 36.40 -54.66
C GLY F 23 -10.20 36.92 -55.73
N HIS F 24 -9.66 37.74 -56.65
CA HIS F 24 -10.46 38.32 -57.72
C HIS F 24 -10.84 37.29 -58.80
N THR F 25 -9.98 36.28 -58.96
CA THR F 25 -10.24 35.19 -59.91
C THR F 25 -10.50 33.87 -59.17
N ALA F 26 -11.70 33.77 -58.61
CA ALA F 26 -12.14 32.56 -57.92
C ALA F 26 -13.40 32.01 -58.59
N THR F 27 -13.53 30.68 -58.59
CA THR F 27 -14.65 30.02 -59.24
C THR F 27 -15.99 30.20 -58.51
N HIS F 28 -15.92 30.39 -57.19
CA HIS F 28 -17.12 30.63 -56.38
C HIS F 28 -16.87 31.72 -55.33
N HIS F 29 -17.83 32.64 -55.20
CA HIS F 29 -17.73 33.75 -54.27
C HIS F 29 -19.08 34.05 -53.61
N ALA F 30 -19.10 33.98 -52.27
CA ALA F 30 -20.31 34.25 -51.49
C ALA F 30 -19.97 34.95 -50.17
N SER F 31 -20.76 35.96 -49.83
CA SER F 31 -20.53 36.76 -48.62
C SER F 31 -21.83 37.16 -47.94
N ALA F 32 -21.77 37.33 -46.62
CA ALA F 32 -22.93 37.72 -45.82
C ALA F 32 -22.58 38.76 -44.76
N ALA F 33 -23.48 39.72 -44.56
CA ALA F 33 -23.32 40.76 -43.55
C ALA F 33 -23.58 40.22 -42.15
N PRO F 34 -22.87 40.76 -41.12
CA PRO F 34 -23.02 40.29 -39.75
C PRO F 34 -24.45 40.46 -39.21
N ALA F 35 -25.04 39.35 -38.76
CA ALA F 35 -26.41 39.38 -38.24
C ALA F 35 -26.59 38.33 -37.14
N ARG F 36 -27.64 38.50 -36.34
CA ARG F 36 -27.94 37.57 -35.26
C ARG F 36 -28.59 36.29 -35.79
N PRO F 37 -27.91 35.17 -35.61
CA PRO F 37 -28.41 33.87 -36.07
C PRO F 37 -29.81 33.59 -35.53
N GLN F 38 -30.46 32.56 -36.07
CA GLN F 38 -31.80 32.19 -35.63
C GLN F 38 -31.79 30.84 -34.93
N PRO F 39 -32.11 30.84 -33.64
CA PRO F 39 -32.14 29.62 -32.85
C PRO F 39 -31.91 28.37 -33.67
N LEU G 2 45.08 -22.70 63.20
CA LEU G 2 43.78 -22.15 63.71
C LEU G 2 43.49 -22.69 65.12
N ASN G 3 43.62 -21.81 66.10
CA ASN G 3 43.35 -22.16 67.50
C ASN G 3 42.56 -21.08 68.24
N PRO G 4 41.47 -21.48 68.93
CA PRO G 4 40.62 -20.54 69.65
C PRO G 4 41.20 -20.08 71.00
N ILE G 5 40.83 -18.87 71.40
CA ILE G 5 41.21 -18.33 72.72
C ILE G 5 39.93 -18.02 73.49
N VAL G 6 39.75 -18.69 74.62
CA VAL G 6 38.48 -18.64 75.35
C VAL G 6 38.64 -18.29 76.85
N ARG G 7 37.67 -17.56 77.37
CA ARG G 7 37.61 -17.20 78.78
C ARG G 7 36.19 -17.37 79.29
N LYS G 8 36.04 -18.02 80.45
CA LYS G 8 34.73 -18.32 81.02
C LYS G 8 34.67 -17.87 82.47
N PHE G 9 33.67 -17.06 82.81
CA PHE G 9 33.50 -16.53 84.17
C PHE G 9 32.04 -16.41 84.59
N GLN G 10 31.82 -16.30 85.89
CA GLN G 10 30.48 -16.18 86.46
C GLN G 10 30.07 -14.72 86.63
N TYR G 11 28.80 -14.43 86.33
CA TYR G 11 28.25 -13.08 86.46
C TYR G 11 26.78 -13.13 86.86
N GLY G 12 26.52 -12.90 88.15
CA GLY G 12 25.18 -12.96 88.71
C GLY G 12 24.70 -14.38 88.88
N GLN G 13 23.80 -14.80 88.00
CA GLN G 13 23.27 -16.17 87.98
C GLN G 13 23.57 -16.86 86.65
N HIS G 14 24.32 -16.17 85.79
CA HIS G 14 24.64 -16.67 84.46
C HIS G 14 26.15 -16.77 84.23
N THR G 15 26.54 -17.64 83.31
CA THR G 15 27.95 -17.81 82.94
C THR G 15 28.23 -17.11 81.61
N VAL G 16 29.16 -16.17 81.64
CA VAL G 16 29.53 -15.39 80.45
C VAL G 16 30.80 -15.96 79.82
N THR G 17 30.73 -16.27 78.52
CA THR G 17 31.85 -16.84 77.78
C THR G 17 32.35 -15.87 76.71
N LEU G 18 33.67 -15.67 76.69
CA LEU G 18 34.31 -14.77 75.73
C LEU G 18 35.24 -15.55 74.81
N GLU G 19 35.17 -15.27 73.51
CA GLU G 19 35.96 -15.99 72.52
C GLU G 19 36.48 -15.08 71.41
N THR G 20 37.76 -15.22 71.09
CA THR G 20 38.39 -14.45 70.01
C THR G 20 39.55 -15.22 69.36
N GLY G 21 39.88 -14.85 68.12
CA GLY G 21 41.01 -15.44 67.41
C GLY G 21 40.65 -16.42 66.31
N MET G 22 39.39 -16.83 66.27
CA MET G 22 38.91 -17.78 65.27
C MET G 22 38.13 -17.09 64.15
N MET G 23 37.01 -16.46 64.53
CA MET G 23 36.12 -15.82 63.57
C MET G 23 36.51 -14.36 63.31
N ALA G 24 36.33 -13.93 62.05
CA ALA G 24 36.67 -12.58 61.59
C ALA G 24 38.07 -12.13 62.01
N ARG G 25 39.07 -12.88 61.56
CA ARG G 25 40.47 -12.54 61.81
C ARG G 25 40.94 -11.39 60.92
N GLN G 26 40.22 -11.20 59.81
CA GLN G 26 40.53 -10.15 58.84
C GLN G 26 40.12 -8.77 59.35
N ALA G 27 39.14 -8.73 60.24
CA ALA G 27 38.73 -7.51 60.91
C ALA G 27 39.68 -7.20 62.07
N THR G 28 39.69 -5.95 62.52
CA THR G 28 40.58 -5.51 63.61
C THR G 28 40.19 -6.13 64.97
N ALA G 29 38.90 -6.38 65.15
CA ALA G 29 38.39 -6.98 66.39
C ALA G 29 37.15 -7.84 66.13
N ALA G 30 37.08 -8.97 66.84
CA ALA G 30 35.94 -9.87 66.77
C ALA G 30 35.86 -10.74 68.02
N VAL G 31 34.80 -10.55 68.81
CA VAL G 31 34.60 -11.32 70.04
C VAL G 31 33.24 -12.00 70.07
N MET G 32 33.26 -13.32 70.24
CA MET G 32 32.05 -14.14 70.36
C MET G 32 31.63 -14.19 71.83
N VAL G 33 30.63 -13.39 72.18
CA VAL G 33 30.17 -13.27 73.57
C VAL G 33 28.81 -13.96 73.76
N SER G 34 28.76 -14.85 74.74
CA SER G 34 27.52 -15.55 75.09
C SER G 34 27.22 -15.47 76.58
N MET G 35 25.93 -15.43 76.91
CA MET G 35 25.47 -15.40 78.30
C MET G 35 24.24 -16.28 78.46
N ASP G 36 24.47 -17.54 78.87
CA ASP G 36 23.43 -18.56 79.01
C ASP G 36 22.58 -18.73 77.74
N ASP G 37 23.18 -19.39 76.74
CA ASP G 37 22.52 -19.70 75.46
C ASP G 37 22.14 -18.47 74.61
N THR G 38 22.50 -17.28 75.08
CA THR G 38 22.26 -16.04 74.35
C THR G 38 23.59 -15.47 73.85
N ALA G 39 23.86 -15.69 72.56
CA ALA G 39 25.13 -15.29 71.95
C ALA G 39 24.96 -14.19 70.91
N VAL G 40 25.78 -13.14 71.04
CA VAL G 40 25.79 -12.03 70.10
C VAL G 40 27.20 -11.83 69.53
N PHE G 41 27.32 -11.94 68.21
CA PHE G 41 28.60 -11.81 67.52
C PHE G 41 28.89 -10.34 67.21
N VAL G 42 29.96 -9.81 67.79
CA VAL G 42 30.31 -8.40 67.66
C VAL G 42 31.67 -8.21 66.98
N THR G 43 31.70 -7.36 65.96
CA THR G 43 32.92 -7.04 65.23
C THR G 43 33.17 -5.54 65.17
N VAL G 44 34.43 -5.15 65.32
CA VAL G 44 34.84 -3.75 65.22
C VAL G 44 35.89 -3.60 64.11
N VAL G 45 35.64 -2.68 63.19
CA VAL G 45 36.56 -2.39 62.10
C VAL G 45 37.07 -0.94 62.20
N GLY G 46 38.38 -0.80 62.34
CA GLY G 46 39.02 0.51 62.43
C GLY G 46 39.86 0.80 61.21
N GLN G 47 39.54 1.91 60.53
CA GLN G 47 40.25 2.32 59.33
C GLN G 47 41.63 2.88 59.67
N LYS G 48 42.62 2.53 58.87
CA LYS G 48 44.02 2.93 59.09
C LYS G 48 44.23 4.43 58.96
N LYS G 49 43.61 5.03 57.94
CA LYS G 49 43.72 6.47 57.69
C LYS G 49 42.35 7.16 57.65
N ALA G 50 42.32 8.42 58.08
CA ALA G 50 41.11 9.22 58.07
C ALA G 50 41.05 10.12 56.84
N LYS G 51 39.84 10.51 56.45
CA LYS G 51 39.62 11.41 55.33
C LYS G 51 40.12 12.82 55.65
N PRO G 52 40.79 13.48 54.67
CA PRO G 52 41.39 14.80 54.88
C PRO G 52 40.39 15.91 55.22
N GLY G 53 39.15 15.78 54.74
CA GLY G 53 38.11 16.76 54.99
C GLY G 53 37.07 16.31 56.01
N GLN G 54 37.56 15.92 57.19
CA GLN G 54 36.69 15.47 58.28
C GLN G 54 37.03 16.16 59.60
N ASP G 55 35.99 16.65 60.28
CA ASP G 55 36.16 17.33 61.57
C ASP G 55 35.44 16.60 62.71
N PHE G 56 34.32 15.97 62.38
CA PHE G 56 33.52 15.23 63.35
C PHE G 56 33.92 13.76 63.40
N PHE G 57 33.77 13.15 64.58
CA PHE G 57 34.07 11.73 64.78
C PHE G 57 32.87 10.86 64.40
N PRO G 58 33.02 10.01 63.36
CA PRO G 58 31.94 9.16 62.91
C PRO G 58 31.91 7.79 63.60
N LEU G 59 30.85 7.55 64.37
CA LEU G 59 30.64 6.28 65.05
C LEU G 59 29.30 5.67 64.64
N THR G 60 29.36 4.61 63.84
CA THR G 60 28.15 3.91 63.39
C THR G 60 28.04 2.52 64.02
N VAL G 61 27.00 2.35 64.82
CA VAL G 61 26.74 1.08 65.52
C VAL G 61 25.49 0.42 64.96
N ASN G 62 25.64 -0.78 64.41
CA ASN G 62 24.53 -1.54 63.84
C ASN G 62 24.20 -2.78 64.65
N TYR G 63 23.00 -2.77 65.25
CA TYR G 63 22.49 -3.91 66.00
C TYR G 63 21.37 -4.60 65.21
N GLN G 64 21.61 -5.84 64.83
CA GLN G 64 20.65 -6.61 64.04
C GLN G 64 20.36 -7.98 64.67
N GLU G 65 19.08 -8.33 64.74
CA GLU G 65 18.65 -9.60 65.31
C GLU G 65 18.29 -10.60 64.22
N ARG G 66 19.00 -11.72 64.21
CA ARG G 66 18.72 -12.80 63.27
C ARG G 66 17.59 -13.68 63.79
N THR G 67 16.73 -14.11 62.88
CA THR G 67 15.53 -14.89 63.23
C THR G 67 15.85 -16.35 63.57
N TYR G 68 16.95 -16.87 63.03
CA TYR G 68 17.35 -18.26 63.28
C TYR G 68 17.92 -18.47 64.70
N ALA G 69 18.12 -17.36 65.41
CA ALA G 69 18.61 -17.39 66.79
C ALA G 69 17.58 -18.02 67.74
N ALA G 70 16.30 -17.82 67.43
CA ALA G 70 15.20 -18.43 68.19
C ALA G 70 14.72 -19.71 67.53
N GLY G 71 15.12 -19.92 66.27
CA GLY G 71 14.73 -21.09 65.51
C GLY G 71 13.40 -20.90 64.80
N ARG G 72 13.25 -19.76 64.14
CA ARG G 72 12.01 -19.39 63.47
C ARG G 72 12.27 -18.71 62.12
N ILE G 73 11.38 -18.96 61.17
CA ILE G 73 11.44 -18.32 59.85
C ILE G 73 10.70 -16.98 59.92
N PRO G 74 11.37 -15.89 59.47
CA PRO G 74 10.83 -14.52 59.53
C PRO G 74 9.45 -14.40 58.88
N GLY G 75 8.58 -13.60 59.51
CA GLY G 75 7.18 -13.47 59.09
C GLY G 75 6.89 -12.44 58.02
N SER G 76 7.95 -11.86 57.45
CA SER G 76 7.81 -10.88 56.37
C SER G 76 7.48 -11.56 55.04
N PHE G 77 7.08 -10.77 54.04
CA PHE G 77 6.77 -11.28 52.71
C PHE G 77 8.01 -11.79 51.99
N PHE G 78 9.12 -11.08 52.16
CA PHE G 78 10.42 -11.49 51.60
C PHE G 78 11.03 -12.65 52.38
N ARG G 79 10.58 -12.83 53.62
CA ARG G 79 11.11 -13.83 54.56
C ARG G 79 12.62 -13.66 54.77
N ARG G 80 13.01 -12.44 55.10
CA ARG G 80 14.39 -12.08 55.38
C ARG G 80 14.42 -10.93 56.39
N GLU G 81 15.45 -10.91 57.24
CA GLU G 81 15.65 -9.84 58.21
C GLU G 81 15.97 -8.53 57.48
N GLY G 82 14.96 -7.66 57.39
CA GLY G 82 15.10 -6.39 56.68
C GLY G 82 15.80 -5.32 57.47
N ARG G 83 15.41 -4.07 57.22
CA ARG G 83 15.97 -2.91 57.92
C ARG G 83 15.51 -2.86 59.38
N PRO G 84 16.44 -2.54 60.31
CA PRO G 84 16.20 -2.52 61.76
C PRO G 84 14.85 -1.95 62.16
N SER G 85 14.13 -2.68 63.02
CA SER G 85 12.82 -2.28 63.51
C SER G 85 12.92 -1.24 64.62
N GLU G 86 11.78 -0.91 65.22
CA GLU G 86 11.71 0.08 66.31
C GLU G 86 12.49 -0.40 67.54
N GLY G 87 12.45 -1.70 67.80
CA GLY G 87 13.17 -2.30 68.91
C GLY G 87 14.67 -2.42 68.67
N GLU G 88 15.03 -2.92 67.48
CA GLU G 88 16.43 -3.14 67.10
C GLU G 88 17.29 -1.87 67.11
N THR G 89 16.66 -0.74 66.82
CA THR G 89 17.35 0.56 66.80
C THR G 89 17.65 1.06 68.21
N LEU G 90 16.81 0.67 69.17
CA LEU G 90 16.94 1.10 70.56
C LEU G 90 18.16 0.52 71.27
N ILE G 91 18.39 -0.78 71.11
CA ILE G 91 19.55 -1.45 71.69
C ILE G 91 20.85 -0.93 71.06
N ALA G 92 20.79 -0.59 69.78
CA ALA G 92 21.92 0.03 69.06
C ALA G 92 22.35 1.35 69.71
N ARG G 93 21.38 2.08 70.25
CA ARG G 93 21.64 3.33 70.97
C ARG G 93 22.25 3.07 72.34
N LEU G 94 21.81 1.99 72.99
CA LEU G 94 22.34 1.57 74.30
C LEU G 94 23.79 1.08 74.22
N ILE G 95 24.26 0.81 73.01
CA ILE G 95 25.64 0.42 72.76
C ILE G 95 26.49 1.65 72.38
N ASP G 96 25.90 2.53 71.57
CA ASP G 96 26.59 3.72 71.05
C ASP G 96 26.83 4.79 72.11
N ARG G 97 25.85 4.99 72.99
CA ARG G 97 25.90 6.06 74.00
C ARG G 97 27.08 5.99 75.00
N PRO G 98 27.32 4.82 75.62
CA PRO G 98 28.40 4.76 76.60
C PRO G 98 29.82 4.73 76.01
N ILE G 99 29.96 4.24 74.78
CA ILE G 99 31.27 4.05 74.16
C ILE G 99 31.83 5.30 73.46
N ARG G 100 30.93 6.21 73.05
CA ARG G 100 31.31 7.41 72.30
C ARG G 100 32.24 8.39 73.04
N PRO G 101 31.93 8.70 74.33
CA PRO G 101 32.82 9.64 75.05
C PRO G 101 34.17 9.05 75.44
N LEU G 102 34.29 7.72 75.34
CA LEU G 102 35.53 7.02 75.71
C LEU G 102 36.65 7.21 74.70
N PHE G 103 36.30 7.53 73.46
CA PHE G 103 37.28 7.87 72.44
C PHE G 103 37.88 9.24 72.72
N PRO G 104 39.22 9.36 72.67
CA PRO G 104 39.92 10.61 72.99
C PRO G 104 39.56 11.75 72.05
N GLU G 105 39.66 12.99 72.55
CA GLU G 105 39.34 14.18 71.77
C GLU G 105 40.42 14.43 70.71
N GLY G 106 39.98 14.53 69.46
CA GLY G 106 40.89 14.70 68.33
C GLY G 106 40.97 13.47 67.44
N PHE G 107 40.28 12.41 67.82
CA PHE G 107 40.24 11.17 67.05
C PHE G 107 39.19 11.26 65.94
N VAL G 108 39.64 11.11 64.70
CA VAL G 108 38.79 11.33 63.52
C VAL G 108 38.51 10.04 62.75
N ASN G 109 39.35 9.03 62.97
CA ASN G 109 39.24 7.74 62.26
C ASN G 109 37.87 7.08 62.40
N GLU G 110 37.33 6.61 61.28
CA GLU G 110 36.01 5.99 61.24
C GLU G 110 36.03 4.57 61.78
N VAL G 111 35.15 4.29 62.74
CA VAL G 111 35.01 2.95 63.32
C VAL G 111 33.57 2.47 63.29
N GLN G 112 33.38 1.18 63.03
CA GLN G 112 32.05 0.58 62.94
C GLN G 112 31.92 -0.63 63.85
N VAL G 113 30.88 -0.63 64.68
CA VAL G 113 30.59 -1.74 65.59
C VAL G 113 29.34 -2.48 65.12
N ILE G 114 29.52 -3.70 64.64
CA ILE G 114 28.42 -4.51 64.13
C ILE G 114 28.09 -5.65 65.11
N ALA G 115 26.95 -5.54 65.76
CA ALA G 115 26.50 -6.54 66.73
C ALA G 115 25.32 -7.34 66.18
N THR G 116 25.57 -8.59 65.81
CA THR G 116 24.53 -9.47 65.29
C THR G 116 24.18 -10.59 66.28
N VAL G 117 22.89 -10.69 66.59
CA VAL G 117 22.40 -11.73 67.50
C VAL G 117 22.33 -13.06 66.74
N VAL G 118 23.10 -14.03 67.21
CA VAL G 118 23.23 -15.32 66.53
C VAL G 118 22.58 -16.47 67.33
N SER G 119 22.39 -16.24 68.62
CA SER G 119 21.70 -17.19 69.50
C SER G 119 20.97 -16.43 70.60
N VAL G 120 19.76 -16.89 70.94
CA VAL G 120 18.96 -16.25 71.97
C VAL G 120 18.24 -17.27 72.87
N ASN G 121 18.27 -17.01 74.18
CA ASN G 121 17.47 -17.74 75.16
C ASN G 121 16.30 -16.86 75.59
N PRO G 122 15.07 -17.41 75.57
CA PRO G 122 13.85 -16.66 75.90
C PRO G 122 13.80 -16.09 77.32
N GLN G 123 14.88 -16.25 78.08
CA GLN G 123 14.96 -15.73 79.45
C GLN G 123 16.02 -14.64 79.60
N VAL G 124 17.14 -14.80 78.91
CA VAL G 124 18.25 -13.86 78.98
C VAL G 124 18.20 -12.86 77.81
N ASN G 125 18.13 -11.58 78.15
CA ASN G 125 18.02 -10.50 77.16
C ASN G 125 19.36 -10.21 76.48
N PRO G 126 19.37 -10.22 75.13
CA PRO G 126 20.60 -10.00 74.33
C PRO G 126 21.18 -8.59 74.40
N ASP G 127 20.40 -7.63 74.92
CA ASP G 127 20.83 -6.22 74.97
C ASP G 127 22.07 -5.99 75.84
N ILE G 128 22.12 -6.65 77.00
CA ILE G 128 23.27 -6.56 77.90
C ILE G 128 24.42 -7.45 77.46
N VAL G 129 24.11 -8.47 76.66
CA VAL G 129 25.12 -9.37 76.09
C VAL G 129 25.88 -8.66 74.97
N ALA G 130 25.15 -7.88 74.17
CA ALA G 130 25.73 -7.14 73.05
C ALA G 130 26.60 -5.97 73.51
N MET G 131 26.25 -5.39 74.67
CA MET G 131 27.00 -4.28 75.25
C MET G 131 28.36 -4.74 75.79
N ILE G 132 28.42 -5.97 76.28
CA ILE G 132 29.68 -6.60 76.69
C ILE G 132 30.50 -6.95 75.44
N GLY G 133 29.81 -7.35 74.38
CA GLY G 133 30.43 -7.69 73.10
C GLY G 133 31.21 -6.57 72.48
N ALA G 134 30.66 -5.37 72.52
CA ALA G 134 31.34 -4.17 72.02
C ALA G 134 32.46 -3.73 72.96
N SER G 135 32.25 -3.94 74.26
CA SER G 135 33.24 -3.61 75.28
C SER G 135 34.47 -4.49 75.20
N ALA G 136 34.26 -5.77 74.88
CA ALA G 136 35.35 -6.74 74.73
C ALA G 136 36.10 -6.56 73.42
N ALA G 137 35.38 -6.14 72.38
CA ALA G 137 35.96 -5.96 71.04
C ALA G 137 36.82 -4.70 70.93
N LEU G 138 36.28 -3.58 71.42
CA LEU G 138 36.98 -2.29 71.37
C LEU G 138 38.23 -2.25 72.25
N SER G 139 38.32 -3.18 73.19
CA SER G 139 39.49 -3.32 74.06
C SER G 139 40.60 -4.14 73.41
N LEU G 140 40.19 -5.15 72.63
CA LEU G 140 41.14 -6.04 71.93
C LEU G 140 41.53 -5.52 70.56
N SER G 141 40.85 -4.46 70.10
CA SER G 141 41.09 -3.88 68.78
C SER G 141 42.43 -3.18 68.66
N GLY G 142 42.82 -2.46 69.72
CA GLY G 142 44.03 -1.65 69.72
C GLY G 142 43.73 -0.18 69.49
N ILE G 143 42.54 0.09 68.96
CA ILE G 143 42.03 1.44 68.75
C ILE G 143 41.90 2.16 70.10
N PRO G 144 42.50 3.37 70.23
CA PRO G 144 42.47 4.16 71.46
C PRO G 144 41.09 4.19 72.11
N PHE G 145 40.93 3.35 73.14
CA PHE G 145 39.65 3.20 73.85
C PHE G 145 39.90 3.21 75.36
N ASN G 146 39.23 4.11 76.06
CA ASN G 146 39.43 4.30 77.50
C ASN G 146 38.55 3.41 78.38
N GLY G 147 38.14 2.26 77.84
CA GLY G 147 37.31 1.31 78.57
C GLY G 147 38.12 0.36 79.44
N PRO G 148 37.61 -0.86 79.66
CA PRO G 148 36.34 -1.37 79.15
C PRO G 148 35.14 -1.05 80.06
N ILE G 149 33.93 -1.22 79.53
CA ILE G 149 32.71 -0.96 80.28
C ILE G 149 31.93 -2.24 80.61
N GLY G 150 31.04 -2.15 81.59
CA GLY G 150 30.16 -3.25 81.97
C GLY G 150 28.70 -2.94 81.71
N ALA G 151 27.87 -3.98 81.66
CA ALA G 151 26.44 -3.82 81.44
C ALA G 151 25.65 -4.61 82.48
N ALA G 152 24.68 -3.94 83.10
CA ALA G 152 23.87 -4.55 84.15
C ALA G 152 22.42 -4.08 84.09
N ARG G 153 21.50 -5.05 84.00
CA ARG G 153 20.07 -4.77 84.13
C ARG G 153 19.64 -5.05 85.57
N VAL G 154 19.06 -4.05 86.21
CA VAL G 154 18.70 -4.15 87.62
C VAL G 154 17.18 -4.20 87.82
N GLY G 155 16.74 -5.16 88.63
CA GLY G 155 15.34 -5.28 89.00
C GLY G 155 15.09 -4.80 90.43
N TYR G 156 13.84 -4.88 90.87
CA TYR G 156 13.45 -4.42 92.20
C TYR G 156 12.27 -5.24 92.73
N ILE G 157 12.59 -6.32 93.44
CA ILE G 157 11.58 -7.21 94.00
C ILE G 157 11.61 -7.15 95.52
N ASN G 158 10.45 -6.79 96.11
CA ASN G 158 10.27 -6.69 97.56
C ASN G 158 11.29 -5.78 98.26
N ASP G 159 11.44 -4.57 97.73
CA ASP G 159 12.40 -3.56 98.23
C ASP G 159 13.84 -4.08 98.29
N GLN G 160 14.24 -4.80 97.24
CA GLN G 160 15.58 -5.37 97.14
C GLN G 160 16.04 -5.38 95.69
N TYR G 161 17.30 -4.99 95.46
CA TYR G 161 17.86 -4.91 94.12
C TYR G 161 18.30 -6.29 93.62
N VAL G 162 17.86 -6.64 92.41
CA VAL G 162 18.18 -7.93 91.80
C VAL G 162 18.98 -7.72 90.51
N LEU G 163 20.10 -8.44 90.40
CA LEU G 163 20.95 -8.36 89.21
C LEU G 163 20.49 -9.30 88.11
N ASN G 164 20.34 -8.76 86.90
CA ASN G 164 19.90 -9.49 85.71
C ASN G 164 18.66 -10.36 85.91
N PRO G 165 17.47 -9.73 85.99
CA PRO G 165 16.23 -10.50 86.11
C PRO G 165 15.78 -11.04 84.75
N THR G 166 15.21 -12.24 84.76
CA THR G 166 14.70 -12.88 83.54
C THR G 166 13.37 -12.23 83.11
N GLN G 167 12.87 -12.63 81.95
CA GLN G 167 11.61 -12.11 81.41
C GLN G 167 10.41 -12.42 82.31
N ASP G 168 10.52 -13.52 83.06
CA ASP G 168 9.50 -13.91 84.04
C ASP G 168 9.67 -13.15 85.36
N GLU G 169 10.92 -12.87 85.73
CA GLU G 169 11.24 -12.13 86.96
C GLU G 169 10.95 -10.64 86.83
N LEU G 170 11.03 -10.12 85.61
CA LEU G 170 10.80 -8.70 85.33
C LEU G 170 9.33 -8.31 85.48
N LYS G 171 8.44 -9.28 85.28
CA LYS G 171 6.99 -9.06 85.41
C LYS G 171 6.59 -8.80 86.86
N GLU G 172 7.31 -9.42 87.79
CA GLU G 172 7.09 -9.20 89.23
C GLU G 172 7.89 -8.01 89.76
N SER G 173 8.88 -7.57 88.97
CA SER G 173 9.76 -6.48 89.36
C SER G 173 9.09 -5.11 89.27
N LYS G 174 9.61 -4.16 90.05
CA LYS G 174 9.09 -2.79 90.07
C LYS G 174 10.05 -1.82 89.36
N LEU G 175 11.22 -2.34 88.99
CA LEU G 175 12.27 -1.55 88.36
C LEU G 175 12.78 -2.22 87.08
N ASP G 176 13.07 -1.41 86.06
CA ASP G 176 13.66 -1.90 84.83
C ASP G 176 14.64 -0.86 84.26
N LEU G 177 15.93 -1.09 84.50
CA LEU G 177 16.98 -0.18 84.03
C LEU G 177 18.21 -0.89 83.49
N VAL G 178 18.91 -0.22 82.57
CA VAL G 178 20.18 -0.70 82.04
C VAL G 178 21.27 0.34 82.36
N VAL G 179 22.31 -0.10 83.06
CA VAL G 179 23.40 0.79 83.47
C VAL G 179 24.73 0.40 82.82
N ALA G 180 25.49 1.41 82.40
CA ALA G 180 26.80 1.22 81.78
C ALA G 180 27.83 2.18 82.34
N GLY G 181 29.04 1.68 82.61
CA GLY G 181 30.12 2.49 83.15
C GLY G 181 31.45 1.78 83.21
N THR G 182 32.51 2.56 83.39
CA THR G 182 33.87 2.04 83.49
C THR G 182 34.20 1.51 84.88
N GLU G 183 35.49 1.25 85.12
CA GLU G 183 35.98 0.79 86.41
C GLU G 183 35.85 1.88 87.48
N ALA G 184 35.88 3.13 87.06
CA ALA G 184 35.73 4.18 88.03
C ALA G 184 34.58 5.13 87.77
N ALA G 185 33.54 4.71 87.07
CA ALA G 185 32.48 5.66 86.86
C ALA G 185 31.34 5.14 86.05
N VAL G 186 30.45 6.02 85.65
CA VAL G 186 29.26 5.65 84.93
C VAL G 186 29.33 6.25 83.57
N LEU G 187 28.24 6.22 82.84
CA LEU G 187 28.26 6.77 81.52
C LEU G 187 26.90 6.63 80.93
N MET G 188 26.12 5.71 81.43
CA MET G 188 24.77 5.64 80.99
C MET G 188 23.86 5.12 82.05
N VAL G 189 22.59 5.22 81.78
CA VAL G 189 21.54 5.03 82.77
C VAL G 189 20.15 5.22 82.17
N GLU G 190 19.50 4.11 81.82
CA GLU G 190 18.17 4.15 81.24
C GLU G 190 17.12 3.72 82.25
N SER G 191 16.71 4.64 83.12
CA SER G 191 15.71 4.35 84.14
C SER G 191 14.25 4.41 83.70
N GLU G 192 13.49 3.37 84.03
CA GLU G 192 12.08 3.31 83.67
C GLU G 192 11.31 2.34 84.55
N ALA G 193 11.29 2.60 85.85
CA ALA G 193 10.59 1.75 86.81
C ALA G 193 9.17 2.28 86.98
N GLN G 194 8.55 1.94 88.10
CA GLN G 194 7.18 2.37 88.39
C GLN G 194 7.04 3.37 89.53
N LEU G 195 7.45 4.61 89.28
CA LEU G 195 7.36 5.67 90.27
C LEU G 195 8.10 5.36 91.60
N LEU G 196 9.42 5.41 91.54
CA LEU G 196 10.23 5.17 92.70
C LEU G 196 10.89 6.44 93.27
N SER G 197 11.15 6.46 94.57
CA SER G 197 11.75 7.64 95.20
C SER G 197 13.17 7.92 94.70
N GLU G 198 13.74 9.03 95.19
CA GLU G 198 15.07 9.47 94.79
C GLU G 198 16.18 8.54 95.26
N ASP G 199 16.06 8.04 96.49
CA ASP G 199 17.06 7.15 97.08
C ASP G 199 17.04 5.75 96.45
N GLN G 200 15.85 5.30 96.05
CA GLN G 200 15.69 3.99 95.41
C GLN G 200 16.22 4.00 93.98
N MET G 201 16.07 5.13 93.30
CA MET G 201 16.59 5.31 91.94
C MET G 201 18.10 5.46 91.93
N LEU G 202 18.64 6.12 92.95
CA LEU G 202 20.08 6.37 93.06
C LEU G 202 20.85 5.11 93.43
N GLY G 203 20.30 4.34 94.37
CA GLY G 203 20.91 3.10 94.82
C GLY G 203 20.91 2.00 93.77
N ALA G 204 19.97 2.07 92.83
CA ALA G 204 19.85 1.11 91.75
C ALA G 204 20.95 1.30 90.70
N VAL G 205 21.38 2.54 90.49
CA VAL G 205 22.46 2.88 89.58
C VAL G 205 23.80 2.42 90.19
N VAL G 206 23.95 2.62 91.50
CA VAL G 206 25.15 2.20 92.23
C VAL G 206 25.26 0.68 92.30
N PHE G 207 24.13 0.01 92.50
CA PHE G 207 24.07 -1.45 92.57
C PHE G 207 24.57 -2.11 91.29
N GLY G 208 24.07 -1.64 90.15
CA GLY G 208 24.45 -2.17 88.85
C GLY G 208 25.89 -1.88 88.46
N HIS G 209 26.37 -0.69 88.82
CA HIS G 209 27.73 -0.27 88.55
C HIS G 209 28.76 -1.07 89.35
N GLU G 210 28.37 -1.44 90.58
CA GLU G 210 29.24 -2.21 91.47
C GLU G 210 29.27 -3.69 91.10
N GLN G 211 28.16 -4.19 90.58
CA GLN G 211 28.03 -5.60 90.20
C GLN G 211 28.66 -5.92 88.84
N GLN G 212 28.67 -4.94 87.93
CA GLN G 212 29.24 -5.13 86.60
C GLN G 212 30.77 -5.08 86.60
N GLN G 213 31.35 -4.90 87.78
CA GLN G 213 32.81 -4.81 87.95
C GLN G 213 33.54 -6.11 87.56
N VAL G 214 32.95 -7.24 87.92
CA VAL G 214 33.57 -8.56 87.67
C VAL G 214 33.76 -8.85 86.18
N VAL G 215 32.94 -8.24 85.34
CA VAL G 215 33.07 -8.37 83.88
C VAL G 215 34.25 -7.55 83.38
N ILE G 216 34.42 -6.34 83.94
CA ILE G 216 35.49 -5.42 83.57
C ILE G 216 36.88 -6.03 83.80
N GLN G 217 37.04 -6.73 84.93
CA GLN G 217 38.30 -7.41 85.24
C GLN G 217 38.63 -8.53 84.25
N ASN G 218 37.61 -9.26 83.82
CA ASN G 218 37.77 -10.37 82.88
C ASN G 218 38.09 -9.93 81.45
N ILE G 219 37.63 -8.73 81.07
CA ILE G 219 37.97 -8.15 79.78
C ILE G 219 39.42 -7.64 79.80
N ASN G 220 39.83 -7.06 80.93
CA ASN G 220 41.20 -6.60 81.13
C ASN G 220 42.23 -7.73 81.08
N GLU G 221 41.83 -8.91 81.56
CA GLU G 221 42.69 -10.09 81.53
C GLU G 221 42.79 -10.69 80.12
N LEU G 222 41.77 -10.45 79.31
CA LEU G 222 41.75 -10.92 77.93
C LEU G 222 42.73 -10.12 77.06
N VAL G 223 42.84 -8.82 77.35
CA VAL G 223 43.77 -7.93 76.66
C VAL G 223 45.22 -8.32 76.99
N LYS G 224 45.44 -8.73 78.23
CA LYS G 224 46.76 -9.19 78.68
C LYS G 224 47.10 -10.56 78.10
N GLU G 225 46.08 -11.39 77.89
CA GLU G 225 46.26 -12.74 77.37
C GLU G 225 46.45 -12.74 75.84
N ALA G 226 45.49 -12.14 75.13
CA ALA G 226 45.53 -12.10 73.67
C ALA G 226 44.94 -10.80 73.12
N GLY G 227 45.64 -9.69 73.35
CA GLY G 227 45.22 -8.38 72.88
C GLY G 227 46.19 -7.79 71.89
N LYS G 228 45.65 -7.15 70.84
CA LYS G 228 46.45 -6.49 69.82
C LYS G 228 47.14 -5.24 70.38
N PRO G 229 48.42 -5.02 69.99
CA PRO G 229 49.20 -3.86 70.45
C PRO G 229 48.49 -2.53 70.20
N ARG G 230 48.69 -1.57 71.11
CA ARG G 230 48.06 -0.25 71.03
C ARG G 230 48.45 0.49 69.76
N TRP G 231 47.47 1.18 69.18
CA TRP G 231 47.66 1.96 67.95
C TRP G 231 48.66 3.08 68.12
N ASP G 232 49.57 3.22 67.15
CA ASP G 232 50.55 4.29 67.14
C ASP G 232 49.87 5.59 66.69
N TRP G 233 49.12 6.20 67.61
CA TRP G 233 48.34 7.39 67.31
C TRP G 233 48.65 8.51 68.32
N GLN G 234 48.78 9.73 67.79
CA GLN G 234 49.03 10.90 68.61
C GLN G 234 48.14 12.06 68.15
N PRO G 235 47.43 12.71 69.10
CA PRO G 235 46.54 13.83 68.78
C PRO G 235 47.27 15.02 68.18
N GLU G 236 46.54 15.85 67.44
CA GLU G 236 47.09 17.03 66.77
C GLU G 236 47.76 17.98 67.78
N PRO G 237 49.04 18.31 67.55
CA PRO G 237 49.82 19.17 68.47
C PRO G 237 49.21 20.55 68.65
N VAL G 238 49.18 21.02 69.90
CA VAL G 238 48.60 22.33 70.24
C VAL G 238 49.53 23.47 69.83
N ASN G 239 48.97 24.43 69.10
CA ASN G 239 49.72 25.60 68.64
C ASN G 239 49.28 26.86 69.41
N GLU G 240 50.05 27.22 70.42
CA GLU G 240 49.74 28.37 71.28
C GLU G 240 49.91 29.70 70.56
N ALA G 241 50.73 29.70 69.51
CA ALA G 241 50.95 30.88 68.67
C ALA G 241 49.72 31.19 67.79
N LEU G 242 48.87 30.18 67.59
CA LEU G 242 47.65 30.32 66.80
C LEU G 242 46.41 30.41 67.69
N ASN G 243 46.46 29.72 68.83
CA ASN G 243 45.36 29.71 69.81
C ASN G 243 45.10 31.08 70.43
N ALA G 244 46.17 31.82 70.71
CA ALA G 244 46.09 33.17 71.26
C ALA G 244 45.88 34.20 70.14
N ARG G 245 46.23 33.82 68.92
CA ARG G 245 46.10 34.66 67.74
C ARG G 245 44.63 34.84 67.34
N VAL G 246 43.89 33.73 67.33
CA VAL G 246 42.46 33.73 67.00
C VAL G 246 41.62 34.29 68.16
N ALA G 247 42.14 34.18 69.38
CA ALA G 247 41.47 34.70 70.57
C ALA G 247 41.56 36.22 70.67
N ALA G 248 42.56 36.79 70.00
CA ALA G 248 42.77 38.24 69.98
C ALA G 248 41.74 38.97 69.10
N LEU G 249 40.97 38.21 68.34
CA LEU G 249 39.99 38.76 67.41
C LEU G 249 38.57 38.25 67.65
N ALA G 250 38.43 37.18 68.43
CA ALA G 250 37.14 36.51 68.62
C ALA G 250 36.67 36.44 70.08
N GLU G 251 37.58 36.16 71.01
CA GLU G 251 37.24 35.92 72.42
C GLU G 251 36.39 37.03 73.04
N ALA G 252 36.73 38.29 72.73
CA ALA G 252 36.00 39.45 73.26
C ALA G 252 34.60 39.59 72.64
N ARG G 253 34.48 39.20 71.38
CA ARG G 253 33.20 39.27 70.66
C ARG G 253 32.29 38.09 70.99
N LEU G 254 32.91 36.93 71.25
CA LEU G 254 32.16 35.71 71.61
C LEU G 254 31.60 35.79 73.03
N SER G 255 32.29 36.54 73.89
CA SER G 255 31.85 36.75 75.27
C SER G 255 30.57 37.59 75.34
N ASP G 256 30.45 38.55 74.43
CA ASP G 256 29.25 39.38 74.31
C ASP G 256 28.14 38.65 73.54
N ALA G 257 28.55 37.69 72.70
CA ALA G 257 27.61 36.90 71.90
C ALA G 257 26.85 35.88 72.74
N TYR G 258 27.52 35.32 73.76
CA TYR G 258 26.92 34.33 74.64
C TYR G 258 26.23 34.94 75.87
N ARG G 259 25.79 36.20 75.73
CA ARG G 259 25.04 36.89 76.77
C ARG G 259 23.70 37.38 76.24
N ILE G 260 23.42 37.06 74.97
CA ILE G 260 22.15 37.38 74.33
C ILE G 260 21.09 36.35 74.75
N THR G 261 19.91 36.83 75.11
CA THR G 261 18.83 35.99 75.63
C THR G 261 18.19 35.10 74.57
N ASP G 262 17.77 35.70 73.45
CA ASP G 262 17.09 34.98 72.38
C ASP G 262 18.04 34.05 71.63
N LYS G 263 17.56 32.85 71.31
CA LYS G 263 18.36 31.83 70.63
C LYS G 263 18.59 32.17 69.16
N GLN G 264 17.58 32.73 68.52
CA GLN G 264 17.65 33.11 67.10
C GLN G 264 18.64 34.26 66.87
N GLU G 265 18.67 35.21 67.79
CA GLU G 265 19.56 36.36 67.71
C GLU G 265 21.00 35.98 68.07
N ARG G 266 21.15 34.99 68.95
CA ARG G 266 22.47 34.52 69.38
C ARG G 266 23.15 33.66 68.31
N TYR G 267 22.44 32.66 67.81
CA TYR G 267 22.96 31.75 66.79
C TYR G 267 23.30 32.43 65.47
N ALA G 268 22.56 33.50 65.15
CA ALA G 268 22.82 34.29 63.96
C ALA G 268 24.07 35.17 64.14
N GLN G 269 24.24 35.70 65.36
CA GLN G 269 25.37 36.56 65.68
C GLN G 269 26.67 35.75 65.83
N VAL G 270 26.61 34.66 66.58
CA VAL G 270 27.77 33.81 66.84
C VAL G 270 28.34 33.17 65.55
N ASP G 271 27.48 33.07 64.53
CA ASP G 271 27.88 32.58 63.22
C ASP G 271 28.66 33.65 62.45
N VAL G 272 28.27 34.91 62.64
CA VAL G 272 28.93 36.05 61.99
C VAL G 272 30.37 36.22 62.48
N ILE G 273 30.57 36.14 63.79
CA ILE G 273 31.91 36.19 64.40
C ILE G 273 32.81 35.09 63.82
N LYS G 274 32.27 33.88 63.72
CA LYS G 274 32.99 32.75 63.13
C LYS G 274 33.31 32.98 61.65
N SER G 275 32.35 33.50 60.90
CA SER G 275 32.49 33.72 59.47
C SER G 275 33.44 34.88 59.12
N GLU G 276 33.52 35.86 60.02
CA GLU G 276 34.38 37.03 59.81
C GLU G 276 35.82 36.80 60.23
N THR G 277 36.01 36.06 61.32
CA THR G 277 37.35 35.77 61.85
C THR G 277 38.16 34.86 60.91
N ILE G 278 37.50 33.83 60.38
CA ILE G 278 38.13 32.91 59.43
C ILE G 278 38.49 33.62 58.12
N ALA G 279 37.58 34.47 57.64
CA ALA G 279 37.78 35.22 56.40
C ALA G 279 38.92 36.24 56.49
N THR G 280 39.10 36.81 57.69
CA THR G 280 40.18 37.76 57.95
C THR G 280 41.53 37.05 58.03
N LEU G 281 41.55 35.89 58.69
CA LEU G 281 42.77 35.09 58.84
C LEU G 281 43.20 34.41 57.54
N LEU G 282 42.22 34.07 56.69
CA LEU G 282 42.50 33.48 55.38
C LEU G 282 43.05 34.51 54.40
N ALA G 283 42.64 35.77 54.57
CA ALA G 283 43.16 36.88 53.77
C ALA G 283 44.60 37.21 54.13
N GLU G 284 44.95 36.96 55.39
CA GLU G 284 46.31 37.18 55.90
C GLU G 284 47.21 35.98 55.60
N ASP G 285 46.65 34.78 55.73
CA ASP G 285 47.37 33.54 55.44
C ASP G 285 46.44 32.49 54.83
N GLU G 286 46.66 32.19 53.55
CA GLU G 286 45.82 31.25 52.80
C GLU G 286 46.17 29.79 53.08
N THR G 287 47.40 29.55 53.55
CA THR G 287 47.90 28.19 53.78
C THR G 287 47.30 27.52 55.03
N LEU G 288 46.65 28.29 55.88
CA LEU G 288 46.03 27.78 57.10
C LEU G 288 44.82 26.89 56.81
N ASP G 289 44.59 25.92 57.69
CA ASP G 289 43.48 24.99 57.55
C ASP G 289 42.19 25.59 58.12
N GLU G 290 41.09 25.42 57.40
CA GLU G 290 39.78 25.93 57.81
C GLU G 290 39.18 25.07 58.92
N ASN G 291 39.48 23.77 58.88
CA ASN G 291 39.01 22.82 59.90
C ASN G 291 39.69 23.02 61.25
N GLU G 292 40.96 23.45 61.21
CA GLU G 292 41.74 23.71 62.41
C GLU G 292 41.22 24.94 63.15
N LEU G 293 40.89 25.99 62.40
CA LEU G 293 40.38 27.24 62.97
C LEU G 293 39.01 27.06 63.63
N GLY G 294 38.16 26.24 63.02
CA GLY G 294 36.82 25.95 63.54
C GLY G 294 36.83 25.16 64.83
N GLU G 295 37.84 24.31 65.00
CA GLU G 295 37.99 23.49 66.21
C GLU G 295 38.50 24.32 67.39
N ILE G 296 39.38 25.28 67.12
CA ILE G 296 39.92 26.17 68.15
C ILE G 296 38.88 27.22 68.57
N LEU G 297 38.07 27.67 67.61
CA LEU G 297 36.97 28.61 67.89
C LEU G 297 35.90 27.99 68.77
N HIS G 298 35.72 26.67 68.66
CA HIS G 298 34.78 25.93 69.49
C HIS G 298 35.29 25.80 70.93
N ALA G 299 36.61 25.79 71.09
CA ALA G 299 37.25 25.72 72.40
C ALA G 299 37.04 27.02 73.19
N ILE G 300 36.98 28.15 72.47
CA ILE G 300 36.70 29.45 73.08
C ILE G 300 35.22 29.52 73.48
N GLU G 301 34.35 28.99 72.62
CA GLU G 301 32.91 28.89 72.92
C GLU G 301 32.66 28.02 74.15
N LYS G 302 33.46 26.97 74.30
CA LYS G 302 33.39 26.06 75.43
C LYS G 302 33.90 26.72 76.71
N ASN G 303 34.97 27.51 76.58
CA ASN G 303 35.61 28.15 77.73
C ASN G 303 34.83 29.32 78.30
N VAL G 304 34.16 30.09 77.43
CA VAL G 304 33.38 31.26 77.85
C VAL G 304 32.15 30.88 78.68
N VAL G 305 31.41 29.87 78.21
CA VAL G 305 30.20 29.41 78.89
C VAL G 305 30.51 28.71 80.21
N ARG G 306 31.48 27.79 80.19
CA ARG G 306 31.84 26.98 81.36
C ARG G 306 32.42 27.81 82.52
N SER G 307 33.24 28.81 82.19
CA SER G 307 33.89 29.65 83.19
C SER G 307 32.89 30.55 83.93
N ARG G 308 31.88 31.02 83.20
CA ARG G 308 30.85 31.88 83.77
C ARG G 308 29.92 31.13 84.73
N VAL G 309 29.67 29.86 84.43
CA VAL G 309 28.86 28.99 85.29
C VAL G 309 29.66 28.58 86.53
N LEU G 310 30.96 28.32 86.34
CA LEU G 310 31.86 27.91 87.42
C LEU G 310 32.12 29.05 88.42
N ALA G 311 32.26 30.26 87.90
CA ALA G 311 32.52 31.44 88.73
C ALA G 311 31.31 31.82 89.59
N GLY G 312 30.11 31.71 89.02
CA GLY G 312 28.88 31.99 89.73
C GLY G 312 28.13 33.21 89.24
N GLU G 313 28.24 33.50 87.94
CA GLU G 313 27.54 34.61 87.32
C GLU G 313 26.44 34.11 86.37
N PRO G 314 25.34 34.89 86.23
CA PRO G 314 24.16 34.53 85.42
C PRO G 314 24.47 33.90 84.06
N ARG G 315 23.69 32.88 83.72
CA ARG G 315 23.86 32.14 82.46
C ARG G 315 23.42 32.96 81.23
N ILE G 316 23.36 32.30 80.08
CA ILE G 316 23.12 32.95 78.78
C ILE G 316 21.81 33.76 78.75
N ASP G 317 20.72 33.15 79.20
CA ASP G 317 19.41 33.80 79.18
C ASP G 317 19.11 34.64 80.43
N GLY G 318 20.07 34.68 81.35
CA GLY G 318 19.95 35.50 82.56
C GLY G 318 19.21 34.82 83.69
N ARG G 319 19.65 33.61 84.04
CA ARG G 319 19.07 32.85 85.14
C ARG G 319 20.14 32.40 86.14
N GLU G 320 19.70 31.79 87.24
CA GLU G 320 20.62 31.21 88.22
C GLU G 320 20.76 29.70 88.02
N LYS G 321 21.49 29.04 88.91
CA LYS G 321 21.79 27.61 88.78
C LYS G 321 20.59 26.69 88.98
N ASP G 322 19.58 27.16 89.73
CA ASP G 322 18.40 26.36 90.03
C ASP G 322 17.11 26.90 89.39
N MET G 323 17.19 28.11 88.83
CA MET G 323 16.04 28.75 88.20
C MET G 323 15.66 28.10 86.87
N ILE G 324 14.36 27.92 86.66
CA ILE G 324 13.85 27.32 85.42
C ILE G 324 13.05 28.33 84.59
N ARG G 325 12.97 28.07 83.29
CA ARG G 325 12.31 28.97 82.33
C ARG G 325 10.79 29.05 82.51
N GLY G 326 10.19 30.07 81.89
CA GLY G 326 8.75 30.29 81.95
C GLY G 326 7.95 29.20 81.26
N LEU G 327 6.74 28.96 81.75
CA LEU G 327 5.89 27.90 81.26
C LEU G 327 4.60 28.42 80.67
N ASP G 328 4.13 27.78 79.59
CA ASP G 328 2.86 28.12 78.97
C ASP G 328 2.07 26.85 78.66
N VAL G 329 1.07 26.58 79.49
CA VAL G 329 0.25 25.38 79.39
C VAL G 329 -1.07 25.69 78.69
N ARG G 330 -1.32 24.99 77.58
CA ARG G 330 -2.56 25.15 76.81
C ARG G 330 -3.21 23.81 76.52
N THR G 331 -4.53 23.74 76.70
CA THR G 331 -5.28 22.50 76.52
C THR G 331 -6.51 22.75 75.64
N GLY G 332 -6.77 21.82 74.71
CA GLY G 332 -7.91 21.90 73.81
C GLY G 332 -7.65 22.82 72.62
N VAL G 333 -6.57 22.54 71.89
CA VAL G 333 -6.15 23.35 70.76
C VAL G 333 -6.93 22.99 69.49
N LEU G 334 -6.91 21.71 69.12
CA LEU G 334 -7.51 21.25 67.87
C LEU G 334 -8.96 20.83 68.08
N PRO G 335 -9.85 21.14 67.11
CA PRO G 335 -11.28 20.91 67.27
C PRO G 335 -11.75 19.45 67.10
N ARG G 336 -11.27 18.78 66.05
CA ARG G 336 -11.80 17.45 65.69
C ARG G 336 -10.98 16.24 66.17
N THR G 337 -9.85 16.48 66.82
CA THR G 337 -9.06 15.41 67.41
C THR G 337 -9.62 15.04 68.80
N HIS G 338 -9.15 13.92 69.35
CA HIS G 338 -9.62 13.45 70.66
C HIS G 338 -9.09 14.29 71.82
N GLY G 339 -7.80 14.62 71.78
CA GLY G 339 -7.17 15.41 72.83
C GLY G 339 -5.96 16.19 72.33
N SER G 340 -5.91 17.48 72.68
CA SER G 340 -4.81 18.35 72.27
C SER G 340 -4.06 18.91 73.47
N ALA G 341 -2.77 19.19 73.27
CA ALA G 341 -1.94 19.78 74.30
C ALA G 341 -0.82 20.63 73.70
N LEU G 342 -0.75 21.89 74.13
CA LEU G 342 0.31 22.81 73.71
C LEU G 342 1.13 23.24 74.92
N PHE G 343 2.27 22.61 75.08
CA PHE G 343 3.05 22.88 76.23
C PHE G 343 4.35 23.49 75.89
N THR G 344 4.51 24.78 76.14
CA THR G 344 5.70 25.47 75.75
C THR G 344 6.55 25.74 76.95
N ARG G 345 7.85 25.64 76.82
CA ARG G 345 8.75 26.02 77.88
C ARG G 345 9.41 27.07 77.07
N GLY G 346 9.90 28.10 77.71
CA GLY G 346 10.40 29.25 77.01
C GLY G 346 11.25 28.69 75.93
N GLU G 347 10.85 28.85 74.68
CA GLU G 347 11.71 28.49 73.57
C GLU G 347 11.81 27.02 73.20
N THR G 348 11.05 26.16 73.85
CA THR G 348 10.98 24.76 73.44
C THR G 348 9.56 24.24 73.69
N GLN G 349 8.80 24.08 72.61
CA GLN G 349 7.41 23.65 72.72
C GLN G 349 7.10 22.41 71.87
N ALA G 350 6.13 21.62 72.34
CA ALA G 350 5.72 20.41 71.65
C ALA G 350 4.20 20.24 71.64
N LEU G 351 3.63 20.29 70.44
CA LEU G 351 2.20 20.04 70.24
C LEU G 351 1.93 18.55 70.33
N VAL G 352 1.44 18.12 71.51
CA VAL G 352 1.21 16.70 71.78
C VAL G 352 -0.27 16.36 71.67
N THR G 353 -0.57 15.31 70.91
CA THR G 353 -1.95 14.87 70.66
C THR G 353 -2.20 13.44 71.11
N ALA G 354 -3.43 13.17 71.55
CA ALA G 354 -3.84 11.83 71.98
C ALA G 354 -4.98 11.29 71.10
N THR G 355 -4.94 9.98 70.85
CA THR G 355 -5.94 9.34 70.00
C THR G 355 -6.43 8.03 70.63
N LEU G 356 -7.75 7.86 70.66
CA LEU G 356 -8.38 6.65 71.21
C LEU G 356 -8.86 5.71 70.10
N GLY G 357 -8.76 4.42 70.35
CA GLY G 357 -9.17 3.41 69.38
C GLY G 357 -9.58 2.08 69.99
N THR G 358 -9.69 1.06 69.15
CA THR G 358 -10.11 -0.28 69.57
C THR G 358 -8.89 -1.22 69.63
N ALA G 359 -9.07 -2.38 70.26
CA ALA G 359 -8.00 -3.39 70.40
C ALA G 359 -7.46 -3.88 69.06
N ARG G 360 -8.24 -3.68 68.00
CA ARG G 360 -7.85 -4.02 66.63
C ARG G 360 -6.73 -3.11 66.11
N ASP G 361 -6.71 -1.87 66.60
CA ASP G 361 -5.74 -0.87 66.17
C ASP G 361 -4.35 -1.04 66.79
N ALA G 362 -4.24 -1.96 67.76
CA ALA G 362 -2.97 -2.25 68.43
C ALA G 362 -2.02 -3.00 67.51
N GLN G 363 -0.74 -2.63 67.55
CA GLN G 363 0.28 -3.28 66.73
C GLN G 363 0.70 -4.64 67.28
N VAL G 364 0.95 -5.58 66.38
CA VAL G 364 1.46 -6.90 66.75
C VAL G 364 2.97 -6.91 66.53
N LEU G 365 3.71 -6.66 67.60
CA LEU G 365 5.17 -6.59 67.55
C LEU G 365 5.80 -7.97 67.40
N ASP G 366 6.49 -8.18 66.28
CA ASP G 366 7.18 -9.43 66.02
C ASP G 366 8.60 -9.36 66.60
N GLU G 367 8.66 -9.38 67.93
CA GLU G 367 9.93 -9.28 68.67
C GLU G 367 10.68 -10.61 68.63
N LEU G 368 11.95 -10.58 69.01
CA LEU G 368 12.78 -11.78 69.03
C LEU G 368 12.29 -12.82 70.03
N MET G 369 11.82 -12.34 71.15
CA MET G 369 11.34 -13.22 72.19
C MET G 369 9.85 -13.31 72.07
N GLY G 370 9.38 -13.98 71.02
CA GLY G 370 7.97 -14.22 70.83
C GLY G 370 7.24 -12.97 70.40
N GLU G 371 5.96 -13.10 70.09
CA GLU G 371 5.16 -11.99 69.66
C GLU G 371 4.73 -11.27 70.89
N ARG G 372 4.10 -10.13 70.73
CA ARG G 372 3.55 -9.41 71.85
C ARG G 372 2.81 -8.15 71.42
N THR G 373 1.82 -7.77 72.23
CA THR G 373 0.81 -6.78 71.90
C THR G 373 1.07 -5.46 72.62
N ASP G 374 1.11 -4.37 71.85
CA ASP G 374 1.35 -3.04 72.41
C ASP G 374 0.09 -2.20 72.37
N THR G 375 -0.45 -1.89 73.55
CA THR G 375 -1.66 -1.08 73.68
C THR G 375 -1.33 0.41 73.60
N PHE G 376 -0.32 0.83 74.36
CA PHE G 376 0.10 2.23 74.39
C PHE G 376 1.11 2.52 73.30
N LEU G 377 0.76 3.45 72.42
CA LEU G 377 1.63 3.84 71.31
C LEU G 377 2.11 5.28 71.49
N PHE G 378 3.42 5.48 71.41
CA PHE G 378 4.01 6.82 71.51
C PHE G 378 4.88 7.10 70.30
N HIS G 379 4.61 8.22 69.63
CA HIS G 379 5.39 8.61 68.46
C HIS G 379 6.01 10.01 68.63
N TYR G 380 7.29 10.10 68.29
CA TYR G 380 8.08 11.30 68.44
C TYR G 380 8.47 11.83 67.06
N ASN G 381 8.28 13.12 66.85
CA ASN G 381 8.60 13.75 65.57
C ASN G 381 9.43 15.01 65.76
N PHE G 382 10.62 15.03 65.15
CA PHE G 382 11.52 16.17 65.20
C PHE G 382 11.72 16.76 63.79
N PRO G 383 10.86 17.72 63.40
CA PRO G 383 10.95 18.35 62.09
C PRO G 383 12.08 19.37 62.02
N PRO G 384 12.57 19.68 60.80
CA PRO G 384 13.69 20.62 60.62
C PRO G 384 13.37 22.07 61.00
N TYR G 385 12.09 22.45 60.97
CA TYR G 385 11.69 23.82 61.28
C TYR G 385 11.71 24.15 62.78
N SER G 386 11.91 23.13 63.61
CA SER G 386 11.99 23.30 65.07
C SER G 386 13.21 24.10 65.48
N VAL G 387 14.33 23.85 64.81
CA VAL G 387 15.58 24.59 65.06
C VAL G 387 15.72 25.81 64.14
N GLY G 388 14.97 25.79 63.03
CA GLY G 388 15.00 26.88 62.04
C GLY G 388 15.93 26.57 60.88
N GLU G 389 15.90 25.31 60.43
CA GLU G 389 16.74 24.85 59.33
C GLU G 389 15.96 24.02 58.31
N THR G 390 16.62 23.64 57.22
CA THR G 390 16.00 22.83 56.17
C THR G 390 16.58 21.41 56.15
N GLY G 391 15.70 20.43 55.95
CA GLY G 391 16.11 19.02 55.90
C GLY G 391 15.14 18.14 55.14
N MET G 392 15.49 16.86 55.03
CA MET G 392 14.65 15.88 54.33
C MET G 392 13.71 15.17 55.31
N VAL G 393 12.42 15.15 54.96
CA VAL G 393 11.41 14.54 55.81
C VAL G 393 10.88 13.24 55.19
N GLY G 394 10.91 12.16 55.96
CA GLY G 394 10.44 10.86 55.50
C GLY G 394 10.52 9.82 56.61
N SER G 395 11.58 9.03 56.59
CA SER G 395 11.82 8.01 57.61
C SER G 395 12.44 8.64 58.87
N PRO G 396 11.92 8.27 60.06
CA PRO G 396 12.41 8.81 61.33
C PRO G 396 13.87 8.43 61.61
N LYS G 397 14.60 9.29 62.29
CA LYS G 397 15.99 9.04 62.52
C LYS G 397 16.24 8.48 63.89
N ARG G 398 17.48 8.12 64.18
CA ARG G 398 17.82 7.48 65.46
C ARG G 398 17.62 8.44 66.63
N ARG G 399 17.73 9.74 66.37
CA ARG G 399 17.57 10.74 67.41
C ARG G 399 16.11 10.90 67.79
N GLU G 400 15.26 11.16 66.80
CA GLU G 400 13.84 11.35 67.02
C GLU G 400 13.13 10.01 67.26
N ILE G 401 13.93 8.95 67.41
CA ILE G 401 13.38 7.63 67.64
C ILE G 401 13.54 7.22 69.10
N GLY G 402 14.77 7.24 69.59
CA GLY G 402 15.05 6.87 70.96
C GLY G 402 14.51 7.88 71.96
N HIS G 403 13.84 8.91 71.44
CA HIS G 403 13.28 9.92 72.26
C HIS G 403 11.85 9.54 72.36
N GLY G 404 11.39 8.78 71.39
CA GLY G 404 10.00 8.31 71.42
C GLY G 404 9.74 7.31 72.54
N ARG G 405 10.68 6.38 72.70
CA ARG G 405 10.62 5.40 73.78
C ARG G 405 10.94 6.08 75.12
N LEU G 406 11.82 7.09 75.08
CA LEU G 406 12.19 7.88 76.25
C LEU G 406 10.96 8.52 76.89
N ALA G 407 10.13 9.15 76.05
CA ALA G 407 8.91 9.81 76.51
C ALA G 407 7.80 8.80 76.84
N LYS G 408 7.87 7.62 76.24
CA LYS G 408 6.91 6.54 76.50
C LYS G 408 7.10 5.96 77.91
N ARG G 409 8.36 5.88 78.34
CA ARG G 409 8.73 5.32 79.65
C ARG G 409 8.24 6.17 80.82
N GLY G 410 8.12 7.48 80.58
CA GLY G 410 7.64 8.42 81.60
C GLY G 410 6.14 8.40 81.79
N VAL G 411 5.43 7.79 80.84
CA VAL G 411 3.97 7.73 80.86
C VAL G 411 3.47 6.30 81.14
N LEU G 412 4.28 5.32 80.75
CA LEU G 412 3.93 3.90 80.89
C LEU G 412 3.60 3.48 82.33
N ALA G 413 4.33 4.03 83.28
CA ALA G 413 4.12 3.73 84.70
C ALA G 413 2.85 4.39 85.25
N VAL G 414 2.38 5.44 84.56
CA VAL G 414 1.21 6.20 84.97
C VAL G 414 -0.09 5.63 84.37
N MET G 415 0.00 5.20 83.10
CA MET G 415 -1.15 4.71 82.33
C MET G 415 -1.94 3.60 83.05
N PRO G 416 -3.28 3.66 83.00
CA PRO G 416 -4.15 2.64 83.61
C PRO G 416 -4.08 1.30 82.89
N ASP G 417 -4.44 0.24 83.61
CA ASP G 417 -4.41 -1.12 83.07
C ASP G 417 -5.58 -1.43 82.12
N MET G 418 -5.56 -2.63 81.55
CA MET G 418 -6.54 -3.04 80.53
C MET G 418 -7.96 -3.22 81.05
N ASP G 419 -8.09 -3.73 82.28
CA ASP G 419 -9.39 -4.06 82.86
C ASP G 419 -10.25 -2.83 83.17
N LYS G 420 -9.60 -1.73 83.56
CA LYS G 420 -10.30 -0.50 83.89
C LYS G 420 -10.63 0.33 82.65
N PHE G 421 -9.62 0.53 81.79
CA PHE G 421 -9.76 1.32 80.58
C PHE G 421 -9.25 0.55 79.36
N PRO G 422 -10.15 -0.19 78.68
CA PRO G 422 -9.78 -1.04 77.55
C PRO G 422 -9.83 -0.30 76.21
N TYR G 423 -8.91 0.66 76.03
CA TYR G 423 -8.79 1.41 74.78
C TYR G 423 -7.33 1.55 74.39
N THR G 424 -7.04 1.37 73.10
CA THR G 424 -5.70 1.55 72.57
C THR G 424 -5.41 3.03 72.36
N VAL G 425 -4.47 3.57 73.14
CA VAL G 425 -4.17 4.99 73.12
C VAL G 425 -2.90 5.28 72.32
N ARG G 426 -3.02 6.15 71.31
CA ARG G 426 -1.89 6.60 70.53
C ARG G 426 -1.57 8.06 70.85
N VAL G 427 -0.33 8.29 71.29
CA VAL G 427 0.12 9.64 71.64
C VAL G 427 1.19 10.11 70.65
N VAL G 428 0.88 11.19 69.93
CA VAL G 428 1.77 11.74 68.92
C VAL G 428 2.34 13.08 69.38
N SER G 429 3.66 13.22 69.29
CA SER G 429 4.34 14.45 69.70
C SER G 429 4.90 15.20 68.49
N GLU G 430 4.48 16.45 68.33
CA GLU G 430 4.94 17.30 67.24
C GLU G 430 5.71 18.51 67.80
N ILE G 431 6.97 18.64 67.39
CA ILE G 431 7.83 19.72 67.90
C ILE G 431 7.88 20.90 66.93
N THR G 432 7.66 22.10 67.47
CA THR G 432 7.67 23.32 66.68
C THR G 432 8.83 24.24 67.05
N GLU G 433 9.30 24.15 68.29
CA GLU G 433 10.46 24.91 68.77
C GLU G 433 11.40 24.00 69.57
N SER G 434 12.70 24.16 69.36
CA SER G 434 13.70 23.32 70.03
C SER G 434 14.93 24.07 70.55
N ASN G 435 15.07 24.08 71.87
CA ASN G 435 16.25 24.64 72.54
C ASN G 435 16.69 23.80 73.73
N GLY G 436 15.75 23.49 74.61
CA GLY G 436 16.01 22.64 75.77
C GLY G 436 15.83 21.17 75.46
N SER G 437 15.23 20.44 76.41
CA SER G 437 14.95 19.03 76.23
C SER G 437 13.55 18.82 75.66
N SER G 438 13.49 18.33 74.43
CA SER G 438 12.23 18.07 73.75
C SER G 438 11.62 16.73 74.16
N SER G 439 12.45 15.85 74.71
CA SER G 439 12.00 14.56 75.25
C SER G 439 11.18 14.76 76.52
N MET G 440 11.67 15.65 77.39
CA MET G 440 11.02 15.95 78.66
C MET G 440 9.78 16.82 78.47
N ALA G 441 9.79 17.64 77.42
CA ALA G 441 8.65 18.48 77.05
C ALA G 441 7.50 17.65 76.49
N SER G 442 7.84 16.50 75.90
CA SER G 442 6.85 15.58 75.36
C SER G 442 6.11 14.82 76.47
N VAL G 443 6.81 14.56 77.57
CA VAL G 443 6.24 13.89 78.75
C VAL G 443 5.20 14.80 79.43
N CYS G 444 5.55 16.08 79.57
CA CYS G 444 4.64 17.09 80.13
C CYS G 444 3.41 17.30 79.24
N GLY G 445 3.63 17.26 77.93
CA GLY G 445 2.55 17.41 76.96
C GLY G 445 1.66 16.18 76.85
N ALA G 446 2.23 15.01 77.15
CA ALA G 446 1.49 13.74 77.09
C ALA G 446 0.41 13.66 78.17
N SER G 447 0.76 14.09 79.38
CA SER G 447 -0.16 14.07 80.52
C SER G 447 -1.34 15.03 80.32
N LEU G 448 -1.09 16.14 79.64
CA LEU G 448 -2.12 17.12 79.33
C LEU G 448 -3.03 16.66 78.19
N ALA G 449 -2.46 15.88 77.27
CA ALA G 449 -3.18 15.35 76.12
C ALA G 449 -4.10 14.19 76.51
N LEU G 450 -3.66 13.39 77.48
CA LEU G 450 -4.43 12.25 77.97
C LEU G 450 -5.65 12.69 78.76
N MET G 451 -5.49 13.73 79.57
CA MET G 451 -6.58 14.29 80.38
C MET G 451 -7.61 15.01 79.51
N ASP G 452 -7.17 15.57 78.39
CA ASP G 452 -8.05 16.24 77.45
C ASP G 452 -8.87 15.24 76.65
N ALA G 453 -8.26 14.10 76.33
CA ALA G 453 -8.93 13.02 75.59
C ALA G 453 -9.92 12.26 76.47
N GLY G 454 -9.62 12.18 77.76
CA GLY G 454 -10.48 11.49 78.72
C GLY G 454 -9.91 10.16 79.18
N VAL G 455 -8.59 10.12 79.36
CA VAL G 455 -7.91 8.91 79.83
C VAL G 455 -7.66 9.01 81.34
N PRO G 456 -8.24 8.06 82.11
CA PRO G 456 -8.11 8.07 83.58
C PRO G 456 -6.73 7.61 84.05
N ILE G 457 -5.75 8.50 83.94
CA ILE G 457 -4.39 8.24 84.41
C ILE G 457 -4.30 8.37 85.93
N LYS G 458 -3.30 7.73 86.52
CA LYS G 458 -3.12 7.72 87.98
C LYS G 458 -2.83 9.10 88.55
N ALA G 459 -1.84 9.79 87.99
CA ALA G 459 -1.45 11.12 88.43
C ALA G 459 -0.84 11.94 87.29
N ALA G 460 -0.72 13.25 87.50
CA ALA G 460 -0.08 14.14 86.53
C ALA G 460 1.43 13.94 86.52
N VAL G 461 2.00 13.77 85.34
CA VAL G 461 3.43 13.51 85.20
C VAL G 461 4.17 14.63 84.44
N ALA G 462 5.30 15.04 84.98
CA ALA G 462 6.13 16.10 84.39
C ALA G 462 7.62 15.80 84.56
N GLY G 463 8.47 16.72 84.12
CA GLY G 463 9.92 16.58 84.28
C GLY G 463 10.77 17.37 83.31
N ILE G 464 12.03 17.59 83.69
CA ILE G 464 13.00 18.31 82.86
C ILE G 464 14.39 17.66 82.90
N ALA G 465 15.28 18.14 82.05
CA ALA G 465 16.67 17.67 82.00
C ALA G 465 17.60 18.60 82.78
N MET G 466 18.64 18.02 83.38
CA MET G 466 19.61 18.76 84.18
C MET G 466 20.98 18.74 83.52
N GLY G 467 21.79 19.75 83.79
CA GLY G 467 23.14 19.86 83.24
C GLY G 467 24.21 20.03 84.30
N LEU G 468 25.47 19.91 83.89
CA LEU G 468 26.60 20.03 84.81
C LEU G 468 27.82 20.68 84.15
N VAL G 469 28.51 21.52 84.89
CA VAL G 469 29.69 22.21 84.38
C VAL G 469 30.82 22.19 85.40
N LYS G 470 31.43 21.02 85.58
CA LYS G 470 32.53 20.87 86.54
C LYS G 470 33.85 20.62 85.81
N GLU G 471 34.93 21.12 86.39
CA GLU G 471 36.26 20.95 85.81
C GLU G 471 37.04 19.86 86.54
N GLY G 472 37.62 20.22 87.69
CA GLY G 472 38.39 19.28 88.48
C GLY G 472 37.60 18.74 89.66
N ASP G 473 37.48 19.55 90.70
CA ASP G 473 36.74 19.14 91.89
C ASP G 473 35.49 19.98 92.08
N ASN G 474 35.46 21.16 91.45
CA ASN G 474 34.33 22.06 91.55
C ASN G 474 33.25 21.75 90.51
N TYR G 475 31.99 21.79 90.95
CA TYR G 475 30.85 21.47 90.09
C TYR G 475 29.66 22.40 90.33
N VAL G 476 28.90 22.67 89.27
CA VAL G 476 27.67 23.44 89.35
C VAL G 476 26.55 22.69 88.63
N VAL G 477 25.45 22.43 89.34
CA VAL G 477 24.30 21.73 88.78
C VAL G 477 23.30 22.74 88.21
N LEU G 478 22.95 22.56 86.94
CA LEU G 478 22.04 23.47 86.24
C LEU G 478 20.66 22.85 86.03
N SER G 479 19.63 23.69 86.07
CA SER G 479 18.24 23.25 85.90
C SER G 479 17.65 23.77 84.59
N ASP G 480 17.01 22.87 83.85
CA ASP G 480 16.40 23.17 82.54
C ASP G 480 17.40 23.85 81.59
N ILE G 481 18.31 23.04 81.05
CA ILE G 481 19.43 23.54 80.24
C ILE G 481 19.06 23.86 78.79
N LEU G 482 19.77 24.83 78.22
CA LEU G 482 19.62 25.21 76.82
C LEU G 482 20.39 24.26 75.90
N GLY G 483 20.33 24.51 74.59
CA GLY G 483 21.09 23.74 73.61
C GLY G 483 22.58 24.03 73.68
N ASP G 484 22.93 25.23 74.14
CA ASP G 484 24.32 25.64 74.32
C ASP G 484 24.90 25.06 75.61
N GLU G 485 24.02 24.73 76.55
CA GLU G 485 24.43 24.14 77.83
C GLU G 485 24.41 22.62 77.80
N ASP G 486 23.90 22.06 76.70
CA ASP G 486 23.86 20.61 76.50
C ASP G 486 25.01 20.13 75.62
N HIS G 487 25.30 20.90 74.57
CA HIS G 487 26.40 20.59 73.66
C HIS G 487 27.76 20.90 74.27
N LEU G 488 27.83 21.98 75.04
CA LEU G 488 29.07 22.39 75.70
C LEU G 488 29.11 21.97 77.17
N GLY G 489 28.08 21.23 77.59
CA GLY G 489 27.98 20.76 78.97
C GLY G 489 28.78 19.50 79.25
N ASP G 490 28.26 18.66 80.14
CA ASP G 490 28.95 17.44 80.55
C ASP G 490 28.04 16.21 80.60
N MET G 491 26.76 16.42 80.89
CA MET G 491 25.80 15.32 80.99
C MET G 491 24.35 15.73 80.72
N ASP G 492 23.57 14.79 80.19
CA ASP G 492 22.15 14.98 79.95
C ASP G 492 21.35 14.23 81.01
N PHE G 493 21.12 14.90 82.13
CA PHE G 493 20.47 14.31 83.31
C PHE G 493 18.94 14.46 83.22
N LYS G 494 18.31 13.57 82.46
CA LYS G 494 16.86 13.62 82.24
C LYS G 494 16.09 12.90 83.35
N VAL G 495 15.15 13.62 83.96
CA VAL G 495 14.30 13.08 85.02
C VAL G 495 12.83 13.37 84.72
N ALA G 496 12.01 12.32 84.72
CA ALA G 496 10.58 12.44 84.51
C ALA G 496 9.80 11.63 85.54
N GLY G 497 8.83 12.26 86.19
CA GLY G 497 8.02 11.60 87.22
C GLY G 497 6.88 12.45 87.75
N SER G 498 5.98 11.81 88.49
CA SER G 498 4.81 12.47 89.06
C SER G 498 5.16 13.20 90.36
N ARG G 499 4.13 13.53 91.13
CA ARG G 499 4.28 14.22 92.41
C ARG G 499 4.92 13.32 93.48
N ASP G 500 4.61 12.03 93.41
CA ASP G 500 5.08 11.06 94.41
C ASP G 500 6.42 10.43 94.04
N GLY G 501 6.49 9.82 92.85
CA GLY G 501 7.68 9.08 92.42
C GLY G 501 8.25 9.48 91.08
N ILE G 502 9.24 8.72 90.63
CA ILE G 502 9.93 8.97 89.36
C ILE G 502 9.59 7.86 88.36
N SER G 503 9.09 8.26 87.19
CA SER G 503 8.65 7.32 86.17
C SER G 503 9.76 6.99 85.15
N ALA G 504 10.64 7.96 84.90
CA ALA G 504 11.74 7.78 83.96
C ALA G 504 12.98 8.56 84.37
N LEU G 505 14.15 7.96 84.15
CA LEU G 505 15.43 8.60 84.44
C LEU G 505 16.50 8.15 83.43
N GLN G 506 17.18 9.12 82.84
CA GLN G 506 18.23 8.86 81.85
C GLN G 506 19.48 9.71 82.11
N MET G 507 20.63 9.07 82.02
CA MET G 507 21.92 9.75 82.19
C MET G 507 22.83 9.52 80.98
N ASP G 508 23.29 10.62 80.39
CA ASP G 508 24.20 10.57 79.24
C ASP G 508 25.46 11.40 79.52
N ILE G 509 26.38 10.82 80.28
CA ILE G 509 27.62 11.50 80.67
C ILE G 509 28.66 11.39 79.55
N LYS G 510 29.20 12.53 79.14
CA LYS G 510 30.19 12.58 78.06
C LYS G 510 31.61 12.83 78.57
N ILE G 511 31.79 12.85 79.87
CA ILE G 511 33.14 12.91 80.41
C ILE G 511 33.35 11.69 81.22
N GLU G 512 34.60 11.41 81.48
CA GLU G 512 34.96 10.26 82.27
C GLU G 512 34.64 10.45 83.74
N GLY G 513 35.22 11.43 84.39
CA GLY G 513 34.93 11.64 85.80
C GLY G 513 33.52 11.94 86.27
N ILE G 514 33.08 11.30 87.34
CA ILE G 514 31.79 11.57 87.95
C ILE G 514 31.67 10.82 89.25
N THR G 515 30.83 11.34 90.12
CA THR G 515 30.84 11.07 91.55
C THR G 515 29.45 10.75 92.07
N LYS G 516 29.37 9.75 92.95
CA LYS G 516 28.10 9.35 93.55
C LYS G 516 27.45 10.57 94.21
N GLU G 517 28.27 11.53 94.62
CA GLU G 517 27.80 12.74 95.30
C GLU G 517 27.00 13.68 94.39
N ILE G 518 27.46 13.85 93.16
CA ILE G 518 26.83 14.76 92.20
C ILE G 518 25.55 14.20 91.59
N MET G 519 25.41 12.87 91.58
CA MET G 519 24.18 12.21 91.16
C MET G 519 23.08 12.39 92.20
N GLN G 520 23.47 12.41 93.47
CA GLN G 520 22.55 12.61 94.59
C GLN G 520 21.94 14.01 94.59
N VAL G 521 22.79 15.02 94.37
CA VAL G 521 22.35 16.42 94.38
C VAL G 521 21.57 16.81 93.11
N ALA G 522 21.87 16.14 91.99
CA ALA G 522 21.19 16.39 90.73
C ALA G 522 19.79 15.80 90.70
N LEU G 523 19.62 14.65 91.36
CA LEU G 523 18.33 13.99 91.46
C LEU G 523 17.43 14.75 92.44
N ASN G 524 18.03 15.24 93.52
CA ASN G 524 17.31 15.98 94.56
C ASN G 524 16.87 17.38 94.10
N GLN G 525 17.68 18.00 93.23
CA GLN G 525 17.35 19.31 92.67
C GLN G 525 16.30 19.19 91.57
N ALA G 526 16.27 18.04 90.91
CA ALA G 526 15.27 17.73 89.89
C ALA G 526 13.87 17.70 90.50
N LYS G 527 13.75 17.03 91.64
CA LYS G 527 12.51 17.01 92.41
C LYS G 527 12.31 18.39 93.07
N GLY G 528 11.18 19.02 92.77
CA GLY G 528 10.93 20.40 93.18
C GLY G 528 10.79 21.27 91.95
N ALA G 529 11.72 21.13 91.01
CA ALA G 529 11.62 21.74 89.70
C ALA G 529 10.56 21.02 88.86
N ARG G 530 10.43 19.71 89.10
CA ARG G 530 9.36 18.90 88.53
C ARG G 530 8.00 19.31 89.10
N LEU G 531 7.99 19.62 90.40
CA LEU G 531 6.77 20.00 91.11
C LEU G 531 6.25 21.38 90.71
N HIS G 532 7.16 22.26 90.29
CA HIS G 532 6.79 23.59 89.81
C HIS G 532 6.01 23.51 88.51
N ILE G 533 6.50 22.70 87.58
CA ILE G 533 5.84 22.47 86.29
C ILE G 533 4.53 21.71 86.50
N LEU G 534 4.55 20.75 87.42
CA LEU G 534 3.37 19.97 87.78
C LEU G 534 2.31 20.86 88.42
N GLY G 535 2.76 21.88 89.16
CA GLY G 535 1.87 22.85 89.78
C GLY G 535 1.15 23.72 88.77
N VAL G 536 1.87 24.15 87.74
CA VAL G 536 1.29 24.95 86.65
C VAL G 536 0.37 24.10 85.77
N MET G 537 0.74 22.84 85.58
CA MET G 537 -0.06 21.89 84.82
C MET G 537 -1.40 21.59 85.50
N GLU G 538 -1.40 21.53 86.83
CA GLU G 538 -2.61 21.29 87.61
C GLU G 538 -3.50 22.52 87.73
N GLN G 539 -2.93 23.70 87.47
CA GLN G 539 -3.69 24.96 87.47
C GLN G 539 -4.65 25.04 86.29
N ALA G 540 -4.25 24.45 85.16
CA ALA G 540 -5.09 24.39 83.97
C ALA G 540 -6.10 23.25 84.07
N ILE G 541 -5.58 22.02 84.18
CA ILE G 541 -6.43 20.83 84.32
C ILE G 541 -5.88 19.87 85.38
N ASN G 542 -6.78 19.35 86.22
CA ASN G 542 -6.40 18.44 87.30
C ASN G 542 -7.08 17.07 87.20
N ALA G 543 -8.27 17.04 86.59
CA ALA G 543 -9.03 15.80 86.43
C ALA G 543 -9.46 15.59 84.98
N PRO G 544 -9.26 14.37 84.46
CA PRO G 544 -9.66 14.05 83.07
C PRO G 544 -11.17 13.97 82.90
N GLY H 19 -14.60 24.90 65.86
CA GLY H 19 -14.70 26.04 64.91
C GLY H 19 -13.37 26.38 64.27
N ALA H 20 -12.40 26.75 65.10
CA ALA H 20 -11.06 27.12 64.64
C ALA H 20 -9.98 26.48 65.50
N ALA H 21 -8.83 26.21 64.87
CA ALA H 21 -7.69 25.64 65.58
C ALA H 21 -6.63 26.69 65.88
N GLY H 22 -5.86 26.45 66.94
CA GLY H 22 -4.82 27.38 67.37
C GLY H 22 -4.77 27.56 68.87
N GLY H 23 -3.78 28.32 69.34
CA GLY H 23 -3.58 28.55 70.76
C GLY H 23 -4.64 29.42 71.44
N HIS H 24 -5.31 30.25 70.66
CA HIS H 24 -6.33 31.16 71.19
C HIS H 24 -7.65 30.44 71.49
N THR H 25 -7.87 29.30 70.82
CA THR H 25 -9.07 28.50 71.01
C THR H 25 -8.90 27.40 72.07
N ALA H 26 -7.87 27.55 72.90
CA ALA H 26 -7.60 26.61 74.00
C ALA H 26 -8.63 26.77 75.10
N THR H 27 -9.27 25.65 75.48
CA THR H 27 -10.31 25.66 76.51
C THR H 27 -9.75 25.85 77.93
N HIS H 28 -8.46 25.56 78.10
CA HIS H 28 -7.78 25.78 79.37
C HIS H 28 -6.43 26.48 79.13
N HIS H 29 -6.25 27.63 79.78
CA HIS H 29 -5.03 28.43 79.61
C HIS H 29 -4.40 28.77 80.96
N ALA H 30 -3.10 28.47 81.08
CA ALA H 30 -2.33 28.76 82.28
C ALA H 30 -0.87 29.07 81.93
N SER H 31 -0.35 30.14 82.52
CA SER H 31 1.04 30.57 82.28
C SER H 31 1.70 31.10 83.55
N ALA H 32 3.00 30.85 83.67
CA ALA H 32 3.77 31.28 84.83
C ALA H 32 5.11 31.90 84.44
N ALA H 33 5.54 32.90 85.21
CA ALA H 33 6.83 33.56 85.00
C ALA H 33 7.98 32.70 85.50
N PRO H 34 9.15 32.78 84.83
CA PRO H 34 10.34 32.01 85.24
C PRO H 34 10.81 32.38 86.65
N ALA H 35 10.79 31.40 87.55
CA ALA H 35 11.14 31.62 88.95
C ALA H 35 11.80 30.40 89.59
N ARG H 36 12.38 30.62 90.77
CA ARG H 36 12.99 29.55 91.57
C ARG H 36 11.91 28.61 92.11
N PRO H 37 12.08 27.29 91.90
CA PRO H 37 11.11 26.30 92.37
C PRO H 37 11.06 26.20 93.90
N GLN H 38 9.87 25.90 94.42
CA GLN H 38 9.67 25.71 95.85
C GLN H 38 10.26 24.37 96.31
N PRO H 39 11.31 24.43 97.16
CA PRO H 39 12.03 23.22 97.56
C PRO H 39 11.24 22.37 98.56
N LEU I 2 3.42 35.18 75.96
CA LEU I 2 3.10 34.51 74.67
C LEU I 2 1.71 34.90 74.18
N ASN I 3 1.66 35.53 73.01
CA ASN I 3 0.41 36.05 72.45
C ASN I 3 0.16 35.61 71.01
N PRO I 4 -1.08 35.18 70.70
CA PRO I 4 -1.46 34.85 69.32
C PRO I 4 -1.94 36.07 68.53
N ILE I 5 -1.68 36.06 67.23
CA ILE I 5 -2.15 37.12 66.33
C ILE I 5 -3.17 36.51 65.36
N VAL I 6 -4.44 36.79 65.60
CA VAL I 6 -5.55 36.10 64.94
C VAL I 6 -6.38 37.04 64.06
N ARG I 7 -6.67 36.58 62.84
CA ARG I 7 -7.61 37.25 61.94
C ARG I 7 -8.69 36.29 61.44
N LYS I 8 -9.93 36.73 61.53
CA LYS I 8 -11.07 35.93 61.06
C LYS I 8 -11.84 36.68 59.98
N PHE I 9 -12.12 36.00 58.87
CA PHE I 9 -12.87 36.59 57.76
C PHE I 9 -13.81 35.59 57.10
N GLN I 10 -14.97 36.08 56.65
CA GLN I 10 -15.96 35.27 55.97
C GLN I 10 -15.53 35.00 54.53
N TYR I 11 -15.42 33.72 54.18
CA TYR I 11 -15.02 33.31 52.85
C TYR I 11 -16.01 32.29 52.26
N GLY I 12 -16.94 32.80 51.44
CA GLY I 12 -17.97 31.97 50.82
C GLY I 12 -19.04 31.53 51.79
N GLN I 13 -18.84 30.34 52.37
CA GLN I 13 -19.78 29.77 53.33
C GLN I 13 -19.10 29.47 54.67
N HIS I 14 -17.77 29.57 54.69
CA HIS I 14 -16.97 29.22 55.87
C HIS I 14 -16.17 30.41 56.39
N THR I 15 -15.73 30.31 57.64
CA THR I 15 -14.88 31.33 58.25
C THR I 15 -13.43 30.82 58.36
N VAL I 16 -12.53 31.47 57.61
CA VAL I 16 -11.13 31.08 57.59
C VAL I 16 -10.36 31.85 58.66
N THR I 17 -9.68 31.10 59.53
CA THR I 17 -8.93 31.67 60.65
C THR I 17 -7.43 31.54 60.43
N LEU I 18 -6.71 32.63 60.59
CA LEU I 18 -5.26 32.66 60.40
C LEU I 18 -4.56 33.10 61.70
N GLU I 19 -3.73 32.20 62.25
CA GLU I 19 -3.03 32.47 63.50
C GLU I 19 -1.51 32.32 63.34
N THR I 20 -0.77 33.32 63.83
CA THR I 20 0.69 33.32 63.77
C THR I 20 1.31 34.04 64.98
N GLY I 21 2.57 33.74 65.27
CA GLY I 21 3.31 34.41 66.35
C GLY I 21 3.50 33.57 67.60
N MET I 22 2.78 32.46 67.70
CA MET I 22 2.86 31.58 68.85
C MET I 22 3.62 30.30 68.52
N MET I 23 3.06 29.50 67.62
CA MET I 23 3.65 28.22 67.24
C MET I 23 4.82 28.40 66.29
N ALA I 24 5.90 27.65 66.55
CA ALA I 24 7.14 27.69 65.77
C ALA I 24 7.65 29.12 65.52
N ARG I 25 8.07 29.77 66.59
CA ARG I 25 8.65 31.12 66.51
C ARG I 25 10.08 31.08 65.99
N GLN I 26 10.72 29.92 66.13
CA GLN I 26 12.11 29.72 65.72
C GLN I 26 12.26 29.59 64.20
N ALA I 27 11.17 29.22 63.53
CA ALA I 27 11.14 29.17 62.06
C ALA I 27 10.99 30.58 61.48
N THR I 28 11.21 30.71 60.18
CA THR I 28 11.08 32.00 59.49
C THR I 28 9.64 32.52 59.55
N ALA I 29 8.67 31.62 59.35
CA ALA I 29 7.25 31.93 59.51
C ALA I 29 6.43 30.66 59.72
N ALA I 30 5.43 30.75 60.59
CA ALA I 30 4.54 29.64 60.89
C ALA I 30 3.10 30.12 61.09
N VAL I 31 2.19 29.59 60.29
CA VAL I 31 0.78 29.98 60.33
C VAL I 31 -0.14 28.78 60.51
N MET I 32 -1.07 28.89 61.44
CA MET I 32 -2.12 27.89 61.62
C MET I 32 -3.38 28.36 60.89
N VAL I 33 -3.59 27.82 59.69
CA VAL I 33 -4.73 28.18 58.86
C VAL I 33 -5.81 27.13 58.98
N SER I 34 -7.03 27.57 59.32
CA SER I 34 -8.15 26.66 59.56
C SER I 34 -9.46 27.20 59.01
N MET I 35 -10.23 26.34 58.35
CA MET I 35 -11.51 26.73 57.78
C MET I 35 -12.83 26.42 58.48
N ASP I 36 -13.24 25.16 58.42
CA ASP I 36 -14.48 24.74 59.05
C ASP I 36 -14.24 23.30 59.50
N ASP I 37 -13.76 23.15 60.73
CA ASP I 37 -13.48 21.82 61.28
C ASP I 37 -12.17 21.26 60.74
N THR I 38 -11.57 21.97 59.79
CA THR I 38 -10.32 21.54 59.19
C THR I 38 -9.20 22.53 59.48
N ALA I 39 -7.99 22.01 59.66
CA ALA I 39 -6.83 22.86 59.94
C ALA I 39 -5.54 22.29 59.36
N VAL I 40 -4.74 23.16 58.75
CA VAL I 40 -3.43 22.78 58.22
C VAL I 40 -2.35 23.73 58.77
N PHE I 41 -1.34 23.14 59.40
CA PHE I 41 -0.23 23.90 59.96
C PHE I 41 0.93 23.97 58.97
N VAL I 42 1.20 25.16 58.45
CA VAL I 42 2.21 25.36 57.40
C VAL I 42 3.38 26.19 57.91
N THR I 43 4.60 25.70 57.65
CA THR I 43 5.83 26.39 58.04
C THR I 43 6.77 26.57 56.85
N VAL I 44 7.46 27.70 56.82
CA VAL I 44 8.49 27.96 55.81
C VAL I 44 9.83 28.33 56.45
N VAL I 45 10.90 27.80 55.87
CA VAL I 45 12.27 28.10 56.33
C VAL I 45 13.15 28.48 55.15
N GLY I 46 13.66 29.71 55.18
CA GLY I 46 14.54 30.22 54.13
C GLY I 46 15.98 30.28 54.58
N GLN I 47 16.88 29.75 53.76
CA GLN I 47 18.31 29.75 54.05
C GLN I 47 18.89 31.16 53.87
N LYS I 48 19.54 31.66 54.92
CA LYS I 48 20.09 33.02 54.93
C LYS I 48 21.26 33.18 53.95
N LYS I 49 22.14 32.18 53.91
CA LYS I 49 23.30 32.21 53.03
C LYS I 49 23.16 31.20 51.89
N ALA I 50 23.31 31.69 50.66
CA ALA I 50 23.21 30.85 49.47
C ALA I 50 24.48 30.06 49.22
N LYS I 51 24.34 28.90 48.58
CA LYS I 51 25.47 28.04 48.23
C LYS I 51 26.33 28.69 47.15
N PRO I 52 27.66 28.75 47.35
CA PRO I 52 28.59 29.34 46.38
C PRO I 52 28.58 28.64 45.02
N GLY I 53 28.28 27.34 45.01
CA GLY I 53 28.18 26.57 43.78
C GLY I 53 26.75 26.16 43.47
N GLN I 54 25.88 27.16 43.33
CA GLN I 54 24.46 26.93 43.05
C GLN I 54 24.01 27.73 41.82
N ASP I 55 23.20 27.10 40.98
CA ASP I 55 22.70 27.73 39.77
C ASP I 55 21.16 27.68 39.65
N PHE I 56 20.57 26.60 40.14
CA PHE I 56 19.12 26.42 40.08
C PHE I 56 18.44 26.68 41.43
N PHE I 57 17.18 27.06 41.38
CA PHE I 57 16.39 27.38 42.57
C PHE I 57 15.82 26.12 43.21
N PRO I 58 16.26 25.80 44.45
CA PRO I 58 15.81 24.60 45.14
C PRO I 58 14.56 24.84 45.99
N LEU I 59 13.40 24.42 45.47
CA LEU I 59 12.14 24.52 46.18
C LEU I 59 11.61 23.12 46.49
N THR I 60 11.41 22.84 47.78
CA THR I 60 10.88 21.55 48.22
C THR I 60 9.65 21.71 49.12
N VAL I 61 8.53 21.16 48.68
CA VAL I 61 7.29 21.21 49.44
C VAL I 61 6.98 19.84 50.04
N ASN I 62 6.86 19.79 51.37
CA ASN I 62 6.57 18.55 52.06
C ASN I 62 5.18 18.54 52.67
N TYR I 63 4.22 17.95 51.96
CA TYR I 63 2.85 17.87 52.42
C TYR I 63 2.57 16.52 53.08
N GLN I 64 2.30 16.55 54.38
CA GLN I 64 2.02 15.33 55.13
C GLN I 64 0.59 15.30 55.64
N GLU I 65 0.01 14.11 55.74
CA GLU I 65 -1.35 13.95 56.22
C GLU I 65 -1.41 12.98 57.40
N ARG I 66 -1.50 13.54 58.60
CA ARG I 66 -1.57 12.73 59.83
C ARG I 66 -2.96 12.12 60.01
N THR I 67 -3.00 10.94 60.62
CA THR I 67 -4.26 10.24 60.87
C THR I 67 -5.02 10.69 62.12
N TYR I 68 -4.33 11.33 63.06
CA TYR I 68 -4.98 11.82 64.29
C TYR I 68 -5.85 13.06 64.05
N ALA I 69 -5.76 13.61 62.84
CA ALA I 69 -6.55 14.79 62.49
C ALA I 69 -8.03 14.46 62.41
N ALA I 70 -8.33 13.21 62.08
CA ALA I 70 -9.71 12.75 61.97
C ALA I 70 -10.08 11.74 63.05
N GLY I 71 -9.22 11.64 64.06
CA GLY I 71 -9.46 10.71 65.16
C GLY I 71 -9.39 9.21 64.95
N ARG I 72 -8.30 8.75 64.35
CA ARG I 72 -8.11 7.32 64.09
C ARG I 72 -6.64 7.01 63.81
N ILE I 73 -6.24 5.78 64.15
CA ILE I 73 -4.85 5.35 63.94
C ILE I 73 -4.59 5.06 62.46
N PRO I 74 -3.35 4.68 62.15
CA PRO I 74 -2.96 4.36 60.78
C PRO I 74 -2.85 2.87 60.54
N GLY I 75 -3.62 2.36 59.58
CA GLY I 75 -3.60 0.93 59.26
C GLY I 75 -2.28 0.56 58.60
N SER I 76 -1.29 0.25 59.43
CA SER I 76 0.02 -0.17 58.95
C SER I 76 0.69 -1.09 59.98
N PHE I 77 1.84 -1.66 59.62
CA PHE I 77 2.58 -2.57 60.49
C PHE I 77 3.24 -1.83 61.66
N PHE I 78 3.68 -0.61 61.40
CA PHE I 78 4.35 0.22 62.41
C PHE I 78 3.38 1.16 63.14
N ARG I 79 2.19 1.33 62.57
CA ARG I 79 1.15 2.24 63.09
C ARG I 79 1.64 3.69 63.18
N ARG I 80 2.33 4.14 62.13
CA ARG I 80 2.87 5.49 62.05
C ARG I 80 2.89 5.97 60.60
N GLU I 81 2.67 7.27 60.40
CA GLU I 81 2.76 7.90 59.08
C GLU I 81 4.22 7.98 58.65
N GLY I 82 4.52 7.51 57.45
CA GLY I 82 5.87 7.50 56.92
C GLY I 82 5.98 8.03 55.51
N ARG I 83 5.69 7.15 54.54
CA ARG I 83 5.79 7.48 53.13
C ARG I 83 4.49 8.13 52.64
N PRO I 84 4.60 9.29 51.95
CA PRO I 84 3.43 9.97 51.38
C PRO I 84 2.76 9.15 50.29
N SER I 85 1.43 9.11 50.31
CA SER I 85 0.65 8.34 49.34
C SER I 85 0.52 9.05 47.99
N GLU I 86 -0.12 8.38 47.04
CA GLU I 86 -0.32 8.92 45.69
C GLU I 86 -1.12 10.22 45.69
N GLY I 87 -2.18 10.27 46.49
CA GLY I 87 -2.99 11.47 46.65
C GLY I 87 -2.28 12.56 47.41
N GLU I 88 -1.55 12.16 48.45
CA GLU I 88 -0.80 13.07 49.32
C GLU I 88 0.26 13.87 48.57
N THR I 89 0.84 13.27 47.54
CA THR I 89 1.85 13.92 46.71
C THR I 89 1.22 14.93 45.74
N LEU I 90 -0.04 14.70 45.37
CA LEU I 90 -0.78 15.56 44.45
C LEU I 90 -1.11 16.94 45.04
N ILE I 91 -1.37 16.97 46.35
CA ILE I 91 -1.60 18.24 47.05
C ILE I 91 -0.30 19.01 47.19
N ALA I 92 0.80 18.29 47.41
CA ALA I 92 2.14 18.89 47.48
C ALA I 92 2.50 19.62 46.19
N ARG I 93 2.04 19.09 45.07
CA ARG I 93 2.20 19.73 43.76
C ARG I 93 1.23 20.88 43.56
N LEU I 94 0.08 20.81 44.23
CA LEU I 94 -0.95 21.84 44.17
C LEU I 94 -0.53 23.11 44.93
N ILE I 95 0.46 22.97 45.81
CA ILE I 95 1.06 24.10 46.52
C ILE I 95 2.31 24.59 45.80
N ASP I 96 3.11 23.66 45.28
CA ASP I 96 4.41 23.96 44.65
C ASP I 96 4.29 24.72 43.32
N ARG I 97 3.32 24.31 42.49
CA ARG I 97 3.16 24.85 41.15
C ARG I 97 2.77 26.34 41.07
N PRO I 98 1.80 26.80 41.89
CA PRO I 98 1.47 28.23 41.86
C PRO I 98 2.53 29.16 42.48
N ILE I 99 3.25 28.68 43.49
CA ILE I 99 4.22 29.52 44.22
C ILE I 99 5.58 29.66 43.55
N ARG I 100 5.93 28.70 42.70
CA ARG I 100 7.26 28.63 42.07
C ARG I 100 7.62 29.82 41.16
N PRO I 101 6.69 30.23 40.25
CA PRO I 101 7.04 31.32 39.32
C PRO I 101 7.10 32.71 39.97
N LEU I 102 6.51 32.86 41.15
CA LEU I 102 6.45 34.15 41.84
C LEU I 102 7.78 34.59 42.46
N PHE I 103 8.66 33.62 42.72
CA PHE I 103 10.01 33.92 43.22
C PHE I 103 10.83 34.65 42.16
N PRO I 104 11.59 35.69 42.57
CA PRO I 104 12.39 36.49 41.64
C PRO I 104 13.43 35.66 40.91
N GLU I 105 13.69 36.01 39.64
CA GLU I 105 14.63 35.29 38.80
C GLU I 105 16.07 35.57 39.22
N GLY I 106 16.78 34.51 39.61
CA GLY I 106 18.15 34.62 40.10
C GLY I 106 18.30 34.22 41.56
N PHE I 107 17.16 33.99 42.22
CA PHE I 107 17.13 33.57 43.62
C PHE I 107 17.52 32.11 43.73
N VAL I 108 18.55 31.84 44.55
CA VAL I 108 19.11 30.49 44.68
C VAL I 108 19.10 29.94 46.11
N ASN I 109 18.59 30.73 47.05
CA ASN I 109 18.49 30.31 48.45
C ASN I 109 17.44 29.23 48.65
N GLU I 110 17.79 28.21 49.42
CA GLU I 110 16.92 27.05 49.65
C GLU I 110 15.76 27.37 50.58
N VAL I 111 14.55 27.09 50.10
CA VAL I 111 13.32 27.26 50.89
C VAL I 111 12.56 25.94 50.99
N GLN I 112 11.96 25.70 52.15
CA GLN I 112 11.18 24.48 52.38
C GLN I 112 9.81 24.80 52.96
N VAL I 113 8.77 24.34 52.28
CA VAL I 113 7.39 24.54 52.71
C VAL I 113 6.83 23.25 53.31
N ILE I 114 6.78 23.19 54.64
CA ILE I 114 6.28 22.02 55.36
C ILE I 114 4.84 22.25 55.80
N ALA I 115 3.91 21.56 55.15
CA ALA I 115 2.49 21.66 55.45
C ALA I 115 1.96 20.35 56.04
N THR I 116 1.53 20.40 57.29
CA THR I 116 0.99 19.23 57.97
C THR I 116 -0.48 19.38 58.34
N VAL I 117 -1.26 18.34 58.06
CA VAL I 117 -2.68 18.30 58.42
C VAL I 117 -2.81 17.91 59.87
N VAL I 118 -3.37 18.82 60.68
CA VAL I 118 -3.46 18.64 62.12
C VAL I 118 -4.92 18.41 62.58
N SER I 119 -5.87 18.85 61.74
CA SER I 119 -7.29 18.65 61.98
C SER I 119 -8.03 18.62 60.63
N VAL I 120 -9.04 17.76 60.51
CA VAL I 120 -9.77 17.62 59.26
C VAL I 120 -11.27 17.29 59.45
N ASN I 121 -12.11 18.05 58.75
CA ASN I 121 -13.54 17.78 58.69
C ASN I 121 -13.86 16.96 57.44
N PRO I 122 -14.66 15.89 57.60
CA PRO I 122 -15.03 15.00 56.48
C PRO I 122 -15.63 15.69 55.25
N GLN I 123 -16.17 16.89 55.44
CA GLN I 123 -16.82 17.64 54.36
C GLN I 123 -15.91 18.66 53.69
N VAL I 124 -14.98 19.23 54.46
CA VAL I 124 -14.07 20.26 53.95
C VAL I 124 -12.68 19.67 53.67
N ASN I 125 -12.23 19.80 52.43
CA ASN I 125 -10.94 19.25 52.00
C ASN I 125 -9.78 20.16 52.37
N PRO I 126 -8.76 19.62 53.08
CA PRO I 126 -7.59 20.36 53.53
C PRO I 126 -6.62 20.81 52.43
N ASP I 127 -6.85 20.35 51.20
CA ASP I 127 -5.94 20.65 50.09
C ASP I 127 -5.89 22.14 49.72
N ILE I 128 -7.04 22.80 49.79
CA ILE I 128 -7.13 24.23 49.54
C ILE I 128 -6.73 25.05 50.78
N VAL I 129 -6.99 24.49 51.96
CA VAL I 129 -6.62 25.12 53.23
C VAL I 129 -5.09 25.25 53.35
N ALA I 130 -4.38 24.25 52.85
CA ALA I 130 -2.92 24.24 52.83
C ALA I 130 -2.34 25.28 51.88
N MET I 131 -3.10 25.61 50.84
CA MET I 131 -2.68 26.59 49.84
C MET I 131 -2.72 28.02 50.37
N ILE I 132 -3.73 28.34 51.18
CA ILE I 132 -3.79 29.61 51.90
C ILE I 132 -2.67 29.65 52.94
N GLY I 133 -2.45 28.51 53.60
CA GLY I 133 -1.39 28.36 54.59
C GLY I 133 0.01 28.60 54.04
N ALA I 134 0.25 28.11 52.82
CA ALA I 134 1.52 28.31 52.14
C ALA I 134 1.67 29.75 51.64
N SER I 135 0.55 30.36 51.26
CA SER I 135 0.52 31.74 50.78
C SER I 135 0.74 32.75 51.91
N ALA I 136 0.16 32.46 53.08
CA ALA I 136 0.29 33.32 54.25
C ALA I 136 1.67 33.20 54.89
N ALA I 137 2.26 32.00 54.83
CA ALA I 137 3.57 31.73 55.41
C ALA I 137 4.70 32.43 54.63
N LEU I 138 4.66 32.32 53.30
CA LEU I 138 5.67 32.92 52.43
C LEU I 138 5.60 34.46 52.43
N SER I 139 4.42 34.99 52.76
CA SER I 139 4.22 36.43 52.86
C SER I 139 4.76 36.99 54.18
N LEU I 140 4.54 36.26 55.27
CA LEU I 140 4.98 36.68 56.60
C LEU I 140 6.46 36.40 56.86
N SER I 141 7.06 35.56 56.01
CA SER I 141 8.47 35.16 56.16
C SER I 141 9.45 36.29 55.90
N GLY I 142 9.14 37.13 54.91
CA GLY I 142 10.03 38.23 54.51
C GLY I 142 10.85 37.88 53.28
N ILE I 143 10.93 36.59 52.97
CA ILE I 143 11.62 36.09 51.79
C ILE I 143 10.94 36.64 50.53
N PRO I 144 11.73 37.26 49.62
CA PRO I 144 11.22 37.85 48.38
C PRO I 144 10.20 36.94 47.67
N PHE I 145 8.94 37.34 47.76
CA PHE I 145 7.83 36.58 47.17
C PHE I 145 6.79 37.56 46.64
N ASN I 146 6.66 37.60 45.32
CA ASN I 146 5.78 38.56 44.65
C ASN I 146 4.31 38.14 44.61
N GLY I 147 3.81 37.64 45.74
CA GLY I 147 2.42 37.24 45.88
C GLY I 147 1.59 38.33 46.57
N PRO I 148 0.64 37.92 47.43
CA PRO I 148 0.28 36.54 47.75
C PRO I 148 -0.77 35.96 46.80
N ILE I 149 -1.05 34.67 46.94
CA ILE I 149 -2.02 33.98 46.09
C ILE I 149 -3.26 33.51 46.87
N GLY I 150 -4.37 33.36 46.15
CA GLY I 150 -5.60 32.84 46.73
C GLY I 150 -5.93 31.46 46.20
N ALA I 151 -6.73 30.72 46.97
CA ALA I 151 -7.14 29.37 46.58
C ALA I 151 -8.66 29.24 46.60
N ALA I 152 -9.22 28.74 45.51
CA ALA I 152 -10.67 28.57 45.38
C ALA I 152 -11.03 27.28 44.65
N ARG I 153 -11.99 26.55 45.21
CA ARG I 153 -12.53 25.35 44.58
C ARG I 153 -13.84 25.68 43.88
N VAL I 154 -13.93 25.33 42.60
CA VAL I 154 -15.10 25.68 41.79
C VAL I 154 -15.94 24.46 41.46
N GLY I 155 -17.22 24.51 41.83
CA GLY I 155 -18.19 23.47 41.50
C GLY I 155 -19.18 23.96 40.46
N TYR I 156 -19.78 23.02 39.74
CA TYR I 156 -20.74 23.34 38.68
C TYR I 156 -22.02 22.52 38.83
N ILE I 157 -23.02 23.12 39.45
CA ILE I 157 -24.31 22.46 39.68
C ILE I 157 -25.51 23.11 38.99
N ASN I 158 -26.01 22.45 37.95
CA ASN I 158 -27.10 22.93 37.09
C ASN I 158 -26.93 24.36 36.55
N ASP I 159 -26.03 24.49 35.57
CA ASP I 159 -25.74 25.76 34.88
C ASP I 159 -25.44 26.94 35.83
N GLN I 160 -24.72 26.64 36.91
CA GLN I 160 -24.38 27.64 37.92
C GLN I 160 -23.06 27.30 38.60
N TYR I 161 -22.26 28.33 38.85
CA TYR I 161 -20.95 28.17 39.50
C TYR I 161 -21.08 28.26 41.02
N VAL I 162 -20.50 27.27 41.71
CA VAL I 162 -20.55 27.19 43.18
C VAL I 162 -19.15 27.28 43.77
N LEU I 163 -18.98 28.14 44.77
CA LEU I 163 -17.70 28.33 45.45
C LEU I 163 -17.51 27.34 46.60
N ASN I 164 -16.38 26.65 46.58
CA ASN I 164 -15.99 25.66 47.60
C ASN I 164 -17.09 24.64 47.97
N PRO I 165 -17.30 23.63 47.09
CA PRO I 165 -18.30 22.60 47.37
C PRO I 165 -17.76 21.46 48.23
N THR I 166 -18.62 20.89 49.08
CA THR I 166 -18.26 19.77 49.92
C THR I 166 -18.35 18.45 49.15
N GLN I 167 -17.86 17.37 49.76
CA GLN I 167 -17.85 16.03 49.13
C GLN I 167 -19.25 15.50 48.83
N ASP I 168 -20.23 15.91 49.63
CA ASP I 168 -21.64 15.55 49.40
C ASP I 168 -22.24 16.39 48.27
N GLU I 169 -21.71 17.59 48.09
CA GLU I 169 -22.16 18.50 47.02
C GLU I 169 -21.45 18.23 45.70
N LEU I 170 -20.26 17.64 45.77
CA LEU I 170 -19.46 17.31 44.58
C LEU I 170 -20.00 16.10 43.81
N LYS I 171 -20.87 15.33 44.46
CA LYS I 171 -21.51 14.17 43.83
C LYS I 171 -22.51 14.58 42.75
N GLU I 172 -23.05 15.79 42.88
CA GLU I 172 -24.00 16.33 41.91
C GLU I 172 -23.35 17.36 41.00
N SER I 173 -22.15 17.81 41.36
CA SER I 173 -21.38 18.77 40.57
C SER I 173 -20.78 18.12 39.33
N LYS I 174 -20.80 18.85 38.22
CA LYS I 174 -20.27 18.35 36.95
C LYS I 174 -18.81 18.73 36.73
N LEU I 175 -18.33 19.71 37.49
CA LEU I 175 -16.95 20.20 37.37
C LEU I 175 -16.31 20.44 38.73
N ASP I 176 -15.04 20.05 38.85
CA ASP I 176 -14.26 20.25 40.06
C ASP I 176 -12.86 20.74 39.71
N LEU I 177 -12.58 22.01 40.03
CA LEU I 177 -11.27 22.60 39.75
C LEU I 177 -10.73 23.44 40.91
N VAL I 178 -9.41 23.44 41.04
CA VAL I 178 -8.72 24.26 42.02
C VAL I 178 -7.93 25.36 41.30
N VAL I 179 -8.37 26.60 41.48
CA VAL I 179 -7.76 27.75 40.80
C VAL I 179 -6.86 28.54 41.77
N ALA I 180 -5.67 28.90 41.29
CA ALA I 180 -4.70 29.67 42.07
C ALA I 180 -4.10 30.79 41.24
N GLY I 181 -3.91 31.94 41.88
CA GLY I 181 -3.34 33.12 41.22
C GLY I 181 -3.25 34.33 42.12
N THR I 182 -2.36 35.25 41.75
CA THR I 182 -2.16 36.50 42.51
C THR I 182 -3.30 37.50 42.26
N GLU I 183 -3.21 38.66 42.91
CA GLU I 183 -4.19 39.74 42.75
C GLU I 183 -4.30 40.22 41.30
N ALA I 184 -3.16 40.25 40.61
CA ALA I 184 -3.10 40.73 39.23
C ALA I 184 -3.65 39.72 38.22
N ALA I 185 -3.19 38.47 38.30
CA ALA I 185 -3.55 37.44 37.31
C ALA I 185 -3.54 36.01 37.86
N VAL I 186 -4.10 35.10 37.06
CA VAL I 186 -4.16 33.67 37.39
C VAL I 186 -2.79 33.03 37.14
N LEU I 187 -2.48 31.96 37.87
CA LEU I 187 -1.21 31.27 37.74
C LEU I 187 -1.33 29.76 37.54
N MET I 188 -2.18 29.12 38.28
CA MET I 188 -2.41 27.75 38.03
C MET I 188 -3.85 27.47 37.86
N VAL I 189 -4.09 26.27 37.46
CA VAL I 189 -5.42 25.64 37.44
C VAL I 189 -5.30 24.14 37.19
N GLU I 190 -5.96 23.35 38.04
CA GLU I 190 -6.05 21.90 37.89
C GLU I 190 -7.52 21.49 37.93
N SER I 191 -8.01 20.88 36.86
CA SER I 191 -9.44 20.62 36.72
C SER I 191 -9.83 19.28 36.09
N GLU I 192 -11.05 18.84 36.41
CA GLU I 192 -11.71 17.72 35.72
C GLU I 192 -13.21 18.02 35.61
N ALA I 193 -13.74 17.86 34.40
CA ALA I 193 -15.15 18.18 34.13
C ALA I 193 -15.88 17.06 33.38
N GLN I 194 -17.20 17.05 33.48
CA GLN I 194 -18.04 16.03 32.86
C GLN I 194 -18.47 16.47 31.45
N LEU I 195 -17.49 16.56 30.55
CA LEU I 195 -17.70 16.98 29.16
C LEU I 195 -18.41 18.33 29.04
N LEU I 196 -17.68 19.41 29.30
CA LEU I 196 -18.23 20.76 29.24
C LEU I 196 -17.56 21.62 28.16
N SER I 197 -18.29 22.63 27.70
CA SER I 197 -17.83 23.52 26.63
C SER I 197 -16.73 24.48 27.08
N GLU I 198 -16.16 25.21 26.12
CA GLU I 198 -15.07 26.16 26.36
C GLU I 198 -15.50 27.34 27.23
N ASP I 199 -16.70 27.86 26.97
CA ASP I 199 -17.24 29.00 27.72
C ASP I 199 -17.54 28.66 29.18
N GLN I 200 -17.92 27.40 29.41
CA GLN I 200 -18.17 26.90 30.76
C GLN I 200 -16.86 26.66 31.53
N MET I 201 -15.83 26.25 30.80
CA MET I 201 -14.49 26.04 31.37
C MET I 201 -13.79 27.35 31.69
N LEU I 202 -13.88 28.31 30.78
CA LEU I 202 -13.24 29.63 30.94
C LEU I 202 -13.92 30.45 32.03
N GLY I 203 -15.25 30.36 32.10
CA GLY I 203 -16.04 31.08 33.09
C GLY I 203 -15.82 30.59 34.52
N ALA I 204 -15.48 29.31 34.67
CA ALA I 204 -15.21 28.71 35.97
C ALA I 204 -13.88 29.15 36.56
N VAL I 205 -12.91 29.43 35.69
CA VAL I 205 -11.59 29.91 36.10
C VAL I 205 -11.68 31.37 36.60
N VAL I 206 -12.46 32.17 35.88
CA VAL I 206 -12.67 33.58 36.22
C VAL I 206 -13.49 33.73 37.51
N PHE I 207 -14.55 32.94 37.63
CA PHE I 207 -15.40 32.94 38.83
C PHE I 207 -14.61 32.67 40.10
N GLY I 208 -13.76 31.64 40.06
CA GLY I 208 -12.93 31.27 41.20
C GLY I 208 -11.86 32.30 41.51
N HIS I 209 -11.31 32.92 40.46
CA HIS I 209 -10.29 33.96 40.61
C HIS I 209 -10.86 35.25 41.22
N GLU I 210 -12.12 35.54 40.90
CA GLU I 210 -12.82 36.70 41.46
C GLU I 210 -13.22 36.50 42.92
N GLN I 211 -13.52 35.26 43.27
CA GLN I 211 -13.97 34.92 44.62
C GLN I 211 -12.81 34.71 45.61
N GLN I 212 -11.63 34.38 45.08
CA GLN I 212 -10.43 34.17 45.92
C GLN I 212 -9.72 35.49 46.23
N GLN I 213 -10.25 36.59 45.73
CA GLN I 213 -9.67 37.93 45.95
C GLN I 213 -9.77 38.38 47.40
N VAL I 214 -10.79 37.91 48.11
CA VAL I 214 -11.00 38.23 49.53
C VAL I 214 -9.99 37.49 50.43
N VAL I 215 -9.47 36.37 49.94
CA VAL I 215 -8.41 35.61 50.62
C VAL I 215 -7.10 36.40 50.58
N ILE I 216 -6.74 36.88 49.39
CA ILE I 216 -5.54 37.69 49.18
C ILE I 216 -5.66 39.03 49.91
N GLN I 217 -6.90 39.49 50.09
CA GLN I 217 -7.19 40.75 50.76
C GLN I 217 -6.82 40.72 52.25
N ASN I 218 -7.02 39.57 52.89
CA ASN I 218 -6.74 39.40 54.31
C ASN I 218 -5.29 39.05 54.63
N ILE I 219 -4.62 38.37 53.71
CA ILE I 219 -3.20 38.05 53.84
C ILE I 219 -2.36 39.34 53.74
N ASN I 220 -2.79 40.25 52.87
CA ASN I 220 -2.16 41.56 52.73
C ASN I 220 -2.41 42.48 53.92
N GLU I 221 -3.49 42.23 54.65
CA GLU I 221 -3.82 42.98 55.86
C GLU I 221 -3.11 42.43 57.09
N LEU I 222 -2.92 41.11 57.12
CA LEU I 222 -2.24 40.44 58.24
C LEU I 222 -0.74 40.68 58.20
N VAL I 223 -0.18 40.78 57.00
CA VAL I 223 1.25 41.03 56.80
C VAL I 223 1.63 42.47 57.19
N LYS I 224 0.63 43.34 57.30
CA LYS I 224 0.82 44.70 57.79
C LYS I 224 0.83 44.74 59.32
N GLU I 225 0.26 43.70 59.93
CA GLU I 225 0.14 43.61 61.39
C GLU I 225 1.31 42.84 62.02
N ALA I 226 1.57 41.65 61.52
CA ALA I 226 2.56 40.74 62.12
C ALA I 226 3.65 40.30 61.13
N GLY I 227 3.80 41.05 60.04
CA GLY I 227 4.77 40.72 59.00
C GLY I 227 6.20 41.06 59.38
N LYS I 228 7.09 40.09 59.20
CA LYS I 228 8.52 40.31 59.41
C LYS I 228 9.15 41.00 58.20
N PRO I 229 10.11 41.92 58.44
CA PRO I 229 10.71 42.77 57.40
C PRO I 229 11.30 42.00 56.22
N ARG I 230 11.34 42.65 55.05
CA ARG I 230 11.83 42.04 53.82
C ARG I 230 13.32 41.74 53.88
N TRP I 231 13.72 40.70 53.17
CA TRP I 231 15.10 40.30 53.18
C TRP I 231 15.88 41.28 52.37
N ASP I 232 17.08 41.53 52.79
CA ASP I 232 17.97 42.38 52.06
C ASP I 232 18.41 41.54 50.94
N TRP I 233 17.98 41.82 49.72
CA TRP I 233 18.37 40.98 48.62
C TRP I 233 18.25 41.61 47.29
N GLN I 234 19.30 41.52 46.51
CA GLN I 234 19.32 42.17 45.22
C GLN I 234 19.91 41.24 44.16
N PRO I 235 19.31 41.20 42.95
CA PRO I 235 19.83 40.36 41.87
C PRO I 235 21.22 40.80 41.41
N GLU I 236 22.00 39.85 40.89
CA GLU I 236 23.37 40.11 40.43
C GLU I 236 23.40 41.18 39.34
N PRO I 237 24.30 42.17 39.46
CA PRO I 237 24.43 43.26 38.49
C PRO I 237 24.68 42.74 37.08
N VAL I 238 23.82 43.14 36.15
CA VAL I 238 23.91 42.68 34.76
C VAL I 238 25.13 43.28 34.04
N ASN I 239 26.08 42.40 33.72
CA ASN I 239 27.31 42.79 33.05
C ASN I 239 27.07 42.98 31.56
N GLU I 240 26.93 44.24 31.15
CA GLU I 240 26.63 44.59 29.76
C GLU I 240 27.80 44.34 28.82
N ALA I 241 29.01 44.53 29.34
CA ALA I 241 30.24 44.30 28.56
C ALA I 241 30.51 42.81 28.34
N LEU I 242 30.15 41.99 29.32
CA LEU I 242 30.33 40.54 29.24
C LEU I 242 29.27 39.89 28.34
N ASN I 243 28.03 40.39 28.42
CA ASN I 243 26.92 39.90 27.60
C ASN I 243 27.13 40.13 26.10
N ALA I 244 27.84 41.21 25.77
CA ALA I 244 28.13 41.56 24.39
C ALA I 244 29.23 40.69 23.79
N ARG I 245 30.22 40.32 24.62
CA ARG I 245 31.36 39.53 24.17
C ARG I 245 31.02 38.06 23.98
N VAL I 246 30.08 37.56 24.79
CA VAL I 246 29.58 36.18 24.67
C VAL I 246 28.70 36.05 23.42
N ALA I 247 27.86 37.06 23.18
CA ALA I 247 26.97 37.08 22.02
C ALA I 247 27.72 37.25 20.71
N ALA I 248 28.88 37.91 20.75
CA ALA I 248 29.72 38.12 19.57
C ALA I 248 30.31 36.82 19.02
N LEU I 249 30.31 35.78 19.85
CA LEU I 249 30.87 34.47 19.47
C LEU I 249 29.81 33.37 19.42
N ALA I 250 28.61 33.66 19.91
CA ALA I 250 27.56 32.65 20.02
C ALA I 250 26.26 33.00 19.31
N GLU I 251 25.80 34.24 19.46
CA GLU I 251 24.50 34.69 18.91
C GLU I 251 24.37 34.46 17.41
N ALA I 252 25.47 34.61 16.67
CA ALA I 252 25.49 34.39 15.23
C ALA I 252 25.30 32.91 14.85
N ARG I 253 25.72 32.01 15.74
CA ARG I 253 25.59 30.57 15.52
C ARG I 253 24.35 29.98 16.17
N LEU I 254 23.92 30.56 17.29
CA LEU I 254 22.74 30.10 18.01
C LEU I 254 21.43 30.37 17.26
N SER I 255 21.45 31.39 16.39
CA SER I 255 20.31 31.71 15.54
C SER I 255 20.11 30.64 14.47
N ASP I 256 21.21 30.10 13.96
CA ASP I 256 21.18 29.02 12.97
C ASP I 256 21.06 27.64 13.62
N ALA I 257 21.34 27.57 14.91
CA ALA I 257 21.27 26.32 15.67
C ALA I 257 19.83 25.88 15.92
N TYR I 258 18.95 26.85 16.17
CA TYR I 258 17.53 26.59 16.39
C TYR I 258 16.73 26.59 15.09
N ARG I 259 17.43 26.72 13.96
CA ARG I 259 16.81 26.67 12.64
C ARG I 259 16.64 25.21 12.18
N ILE I 260 17.35 24.30 12.84
CA ILE I 260 17.28 22.86 12.55
C ILE I 260 15.95 22.29 13.06
N THR I 261 15.28 21.53 12.20
CA THR I 261 13.96 20.97 12.49
C THR I 261 13.99 19.80 13.46
N ASP I 262 14.96 18.90 13.27
CA ASP I 262 15.10 17.70 14.10
C ASP I 262 15.58 18.03 15.51
N LYS I 263 15.06 17.31 16.49
CA LYS I 263 15.39 17.54 17.91
C LYS I 263 16.80 17.06 18.27
N GLN I 264 17.12 15.82 17.90
CA GLN I 264 18.41 15.20 18.21
C GLN I 264 19.59 15.92 17.56
N GLU I 265 19.36 16.42 16.34
CA GLU I 265 20.39 17.16 15.61
C GLU I 265 20.57 18.58 16.16
N ARG I 266 19.52 19.12 16.77
CA ARG I 266 19.55 20.45 17.36
C ARG I 266 20.26 20.45 18.72
N TYR I 267 19.91 19.49 19.57
CA TYR I 267 20.50 19.37 20.90
C TYR I 267 21.98 18.99 20.87
N ALA I 268 22.38 18.27 19.82
CA ALA I 268 23.77 17.93 19.59
C ALA I 268 24.57 19.14 19.10
N GLN I 269 23.92 19.98 18.30
CA GLN I 269 24.55 21.18 17.75
C GLN I 269 24.64 22.31 18.78
N VAL I 270 23.53 22.58 19.48
CA VAL I 270 23.48 23.65 20.47
C VAL I 270 24.45 23.44 21.63
N ASP I 271 24.77 22.18 21.92
CA ASP I 271 25.73 21.83 22.97
C ASP I 271 27.16 22.11 22.54
N VAL I 272 27.43 22.01 21.24
CA VAL I 272 28.75 22.30 20.67
C VAL I 272 29.08 23.80 20.78
N ILE I 273 28.12 24.64 20.39
CA ILE I 273 28.27 26.10 20.50
C ILE I 273 28.50 26.52 21.96
N LYS I 274 27.70 25.95 22.86
CA LYS I 274 27.83 26.23 24.30
C LYS I 274 29.18 25.81 24.87
N SER I 275 29.68 24.66 24.42
CA SER I 275 30.97 24.13 24.89
C SER I 275 32.17 24.85 24.28
N GLU I 276 32.06 25.21 23.00
CA GLU I 276 33.16 25.85 22.27
C GLU I 276 33.37 27.31 22.67
N THR I 277 32.27 28.01 22.94
CA THR I 277 32.32 29.41 23.36
C THR I 277 32.94 29.56 24.76
N ILE I 278 32.54 28.66 25.67
CA ILE I 278 33.06 28.64 27.04
C ILE I 278 34.56 28.29 27.05
N ALA I 279 34.95 27.33 26.21
CA ALA I 279 36.35 26.91 26.09
C ALA I 279 37.26 28.03 25.58
N THR I 280 36.70 28.89 24.73
CA THR I 280 37.43 30.05 24.20
C THR I 280 37.52 31.16 25.25
N LEU I 281 36.43 31.35 26.01
CA LEU I 281 36.36 32.38 27.03
C LEU I 281 37.19 32.08 28.27
N LEU I 282 37.26 30.80 28.64
CA LEU I 282 38.08 30.36 29.78
C LEU I 282 39.57 30.44 29.48
N ALA I 283 39.94 30.21 28.22
CA ALA I 283 41.32 30.30 27.77
C ALA I 283 41.82 31.75 27.75
N GLU I 284 40.92 32.67 27.41
CA GLU I 284 41.23 34.09 27.40
C GLU I 284 41.26 34.69 28.80
N ASP I 285 40.30 34.28 29.63
CA ASP I 285 40.21 34.72 31.03
C ASP I 285 39.78 33.57 31.93
N GLU I 286 40.67 33.19 32.85
CA GLU I 286 40.46 32.06 33.75
C GLU I 286 39.65 32.43 34.99
N THR I 287 39.52 33.73 35.27
CA THR I 287 38.82 34.22 36.45
C THR I 287 37.29 34.24 36.29
N LEU I 288 36.83 33.90 35.10
CA LEU I 288 35.39 33.89 34.78
C LEU I 288 34.65 32.73 35.45
N ASP I 289 33.36 32.94 35.72
CA ASP I 289 32.51 31.93 36.34
C ASP I 289 31.91 30.99 35.29
N GLU I 290 31.76 29.72 35.65
CA GLU I 290 31.24 28.70 34.76
C GLU I 290 29.73 28.82 34.54
N ASN I 291 29.00 29.04 35.64
CA ASN I 291 27.54 29.14 35.60
C ASN I 291 27.01 30.44 35.02
N GLU I 292 27.77 31.52 35.19
CA GLU I 292 27.39 32.84 34.68
C GLU I 292 27.37 32.88 33.15
N LEU I 293 28.34 32.22 32.53
CA LEU I 293 28.43 32.13 31.07
C LEU I 293 27.29 31.29 30.49
N GLY I 294 26.88 30.27 31.24
CA GLY I 294 25.74 29.42 30.86
C GLY I 294 24.41 30.15 30.93
N GLU I 295 24.32 31.10 31.86
CA GLU I 295 23.12 31.93 32.02
C GLU I 295 22.97 32.94 30.88
N ILE I 296 24.10 33.44 30.39
CA ILE I 296 24.12 34.37 29.27
C ILE I 296 23.79 33.63 27.96
N LEU I 297 24.34 32.43 27.81
CA LEU I 297 24.08 31.58 26.65
C LEU I 297 22.60 31.18 26.57
N HIS I 298 22.00 30.92 27.73
CA HIS I 298 20.58 30.58 27.82
C HIS I 298 19.69 31.79 27.55
N ALA I 299 20.17 32.97 27.92
CA ALA I 299 19.45 34.24 27.69
C ALA I 299 19.35 34.57 26.20
N ILE I 300 20.39 34.22 25.45
CA ILE I 300 20.39 34.40 23.99
C ILE I 300 19.47 33.36 23.35
N GLU I 301 19.56 32.12 23.83
CA GLU I 301 18.72 31.01 23.36
C GLU I 301 17.23 31.29 23.58
N LYS I 302 16.92 31.97 24.67
CA LYS I 302 15.54 32.36 24.99
C LYS I 302 15.06 33.48 24.06
N ASN I 303 15.94 34.45 23.80
CA ASN I 303 15.60 35.62 22.99
C ASN I 303 15.44 35.31 21.49
N VAL I 304 16.27 34.40 20.98
CA VAL I 304 16.24 34.01 19.57
C VAL I 304 14.92 33.31 19.20
N VAL I 305 14.47 32.41 20.08
CA VAL I 305 13.22 31.66 19.88
C VAL I 305 12.00 32.57 20.02
N ARG I 306 11.97 33.38 21.08
CA ARG I 306 10.83 34.24 21.38
C ARG I 306 10.60 35.35 20.36
N SER I 307 11.70 35.88 19.80
CA SER I 307 11.63 36.97 18.82
C SER I 307 11.06 36.52 17.47
N ARG I 308 11.35 35.28 17.10
CA ARG I 308 10.86 34.71 15.84
C ARG I 308 9.37 34.39 15.87
N VAL I 309 8.90 33.87 17.01
CA VAL I 309 7.50 33.52 17.20
C VAL I 309 6.63 34.78 17.28
N LEU I 310 7.15 35.82 17.93
CA LEU I 310 6.42 37.08 18.10
C LEU I 310 6.30 37.88 16.80
N ALA I 311 7.35 37.83 15.98
CA ALA I 311 7.38 38.56 14.71
C ALA I 311 6.50 37.92 13.63
N GLY I 312 6.45 36.60 13.62
CA GLY I 312 5.66 35.85 12.64
C GLY I 312 6.48 34.88 11.81
N GLU I 313 7.74 34.68 12.20
CA GLU I 313 8.65 33.76 11.53
C GLU I 313 8.27 32.31 11.86
N PRO I 314 8.55 31.36 10.92
CA PRO I 314 8.26 29.94 11.14
C PRO I 314 8.97 29.37 12.37
N ARG I 315 8.36 28.37 12.98
CA ARG I 315 8.86 27.76 14.22
C ARG I 315 10.13 26.93 13.99
N ILE I 316 10.66 26.37 15.07
CA ILE I 316 11.89 25.58 15.06
C ILE I 316 11.83 24.40 14.08
N ASP I 317 10.74 23.63 14.15
CA ASP I 317 10.53 22.48 13.27
C ASP I 317 9.83 22.84 11.96
N GLY I 318 9.56 24.13 11.76
CA GLY I 318 8.91 24.62 10.55
C GLY I 318 7.41 24.47 10.57
N ARG I 319 6.78 25.08 11.59
CA ARG I 319 5.33 25.04 11.75
C ARG I 319 4.74 26.44 11.90
N GLU I 320 3.44 26.56 11.63
CA GLU I 320 2.71 27.80 11.83
C GLU I 320 2.20 27.89 13.27
N LYS I 321 1.53 29.00 13.59
CA LYS I 321 1.02 29.25 14.96
C LYS I 321 -0.02 28.24 15.43
N ASP I 322 -0.73 27.62 14.49
CA ASP I 322 -1.79 26.67 14.80
C ASP I 322 -1.50 25.24 14.34
N MET I 323 -0.53 25.08 13.44
CA MET I 323 -0.16 23.78 12.90
C MET I 323 0.43 22.85 13.96
N ILE I 324 -0.03 21.59 13.96
CA ILE I 324 0.47 20.58 14.88
C ILE I 324 1.28 19.50 14.14
N ARG I 325 2.06 18.73 14.89
CA ARG I 325 2.94 17.70 14.32
C ARG I 325 2.19 16.49 13.74
N GLY I 326 2.92 15.67 13.00
CA GLY I 326 2.37 14.47 12.37
C GLY I 326 1.92 13.43 13.36
N LEU I 327 0.82 12.74 13.03
CA LEU I 327 0.20 11.77 13.93
C LEU I 327 0.31 10.34 13.40
N ASP I 328 0.64 9.42 14.29
CA ASP I 328 0.68 7.99 13.96
C ASP I 328 -0.15 7.21 14.98
N VAL I 329 -1.26 6.64 14.51
CA VAL I 329 -2.19 5.90 15.35
C VAL I 329 -2.12 4.40 15.03
N ARG I 330 -1.76 3.61 16.05
CA ARG I 330 -1.65 2.16 15.91
C ARG I 330 -2.40 1.43 17.01
N THR I 331 -3.17 0.42 16.62
CA THR I 331 -3.99 -0.36 17.57
C THR I 331 -3.62 -1.83 17.49
N GLY I 332 -3.33 -2.42 18.66
CA GLY I 332 -2.96 -3.83 18.76
C GLY I 332 -1.49 -4.08 18.51
N VAL I 333 -0.64 -3.26 19.14
CA VAL I 333 0.81 -3.35 18.98
C VAL I 333 1.41 -4.56 19.72
N LEU I 334 0.67 -5.08 20.70
CA LEU I 334 1.12 -6.21 21.51
C LEU I 334 0.22 -7.43 21.31
N PRO I 335 0.81 -8.64 21.32
CA PRO I 335 0.03 -9.86 21.07
C PRO I 335 -0.61 -10.50 22.31
N ARG I 336 0.02 -10.38 23.47
CA ARG I 336 -0.45 -11.05 24.68
C ARG I 336 -0.92 -10.07 25.76
N THR I 337 -2.00 -9.35 25.47
CA THR I 337 -2.61 -8.40 26.40
C THR I 337 -4.08 -8.13 26.03
N HIS I 338 -4.82 -7.54 26.97
CA HIS I 338 -6.21 -7.15 26.72
C HIS I 338 -6.27 -5.94 25.79
N GLY I 339 -5.72 -4.82 26.25
CA GLY I 339 -5.68 -3.59 25.48
C GLY I 339 -4.28 -3.21 25.05
N SER I 340 -4.15 -2.80 23.79
CA SER I 340 -2.86 -2.46 23.21
C SER I 340 -2.96 -1.26 22.28
N ALA I 341 -2.11 -0.26 22.51
CA ALA I 341 -2.11 0.97 21.72
C ALA I 341 -0.72 1.58 21.61
N LEU I 342 -0.44 2.18 20.45
CA LEU I 342 0.82 2.88 20.21
C LEU I 342 0.53 4.21 19.52
N PHE I 343 0.62 5.28 20.29
CA PHE I 343 0.36 6.63 19.78
C PHE I 343 1.66 7.41 19.61
N THR I 344 1.78 8.09 18.47
CA THR I 344 2.97 8.89 18.18
C THR I 344 2.49 10.25 17.69
N ARG I 345 3.11 11.28 18.21
CA ARG I 345 2.84 12.62 17.81
C ARG I 345 4.14 13.08 17.32
N GLY I 346 4.46 14.32 17.49
CA GLY I 346 5.64 14.82 16.82
C GLY I 346 6.88 13.97 16.86
N GLU I 347 7.45 13.90 18.03
CA GLU I 347 8.51 13.04 18.41
C GLU I 347 8.14 12.84 19.82
N THR I 348 6.92 12.42 20.04
CA THR I 348 6.42 11.93 21.33
C THR I 348 5.70 10.61 21.12
N GLN I 349 6.08 9.59 21.90
CA GLN I 349 5.54 8.26 21.74
C GLN I 349 5.12 7.66 23.09
N ALA I 350 3.94 7.04 23.11
CA ALA I 350 3.41 6.43 24.31
C ALA I 350 2.88 5.01 24.06
N LEU I 351 3.49 4.04 24.74
CA LEU I 351 3.07 2.65 24.67
C LEU I 351 2.02 2.41 25.76
N VAL I 352 0.75 2.55 25.39
CA VAL I 352 -0.34 2.48 26.36
C VAL I 352 -1.02 1.11 26.34
N THR I 353 -1.21 0.55 27.54
CA THR I 353 -1.81 -0.77 27.71
C THR I 353 -3.05 -0.70 28.61
N ALA I 354 -4.06 -1.51 28.28
CA ALA I 354 -5.26 -1.62 29.10
C ALA I 354 -5.41 -3.02 29.68
N THR I 355 -5.66 -3.11 30.98
CA THR I 355 -5.77 -4.38 31.68
C THR I 355 -7.13 -4.50 32.37
N LEU I 356 -7.75 -5.67 32.24
CA LEU I 356 -9.06 -5.93 32.84
C LEU I 356 -8.97 -6.84 34.06
N GLY I 357 -9.82 -6.57 35.04
CA GLY I 357 -9.87 -7.37 36.27
C GLY I 357 -11.18 -7.24 37.02
N THR I 358 -11.38 -8.14 37.99
CA THR I 358 -12.60 -8.14 38.81
C THR I 358 -12.44 -7.17 39.99
N ALA I 359 -13.51 -6.99 40.75
CA ALA I 359 -13.51 -6.13 41.95
C ALA I 359 -12.56 -6.63 43.04
N ARG I 360 -11.99 -7.82 42.82
CA ARG I 360 -11.02 -8.43 43.72
C ARG I 360 -9.69 -7.68 43.72
N ASP I 361 -9.37 -7.03 42.61
CA ASP I 361 -8.11 -6.32 42.45
C ASP I 361 -8.27 -4.80 42.56
N ALA I 362 -9.30 -4.36 43.26
CA ALA I 362 -9.56 -2.93 43.47
C ALA I 362 -8.62 -2.35 44.53
N GLN I 363 -8.12 -1.14 44.26
CA GLN I 363 -7.19 -0.47 45.17
C GLN I 363 -7.91 0.11 46.38
N VAL I 364 -7.38 -0.19 47.57
CA VAL I 364 -7.94 0.29 48.82
C VAL I 364 -7.17 1.52 49.29
N LEU I 365 -7.90 2.62 49.52
CA LEU I 365 -7.29 3.88 49.95
C LEU I 365 -7.66 4.22 51.39
N ASP I 366 -6.65 4.50 52.21
CA ASP I 366 -6.85 4.89 53.60
C ASP I 366 -6.69 6.41 53.76
N GLU I 367 -7.47 7.16 53.00
CA GLU I 367 -7.41 8.62 53.01
C GLU I 367 -8.10 9.22 54.23
N LEU I 368 -7.74 10.46 54.55
CA LEU I 368 -8.31 11.19 55.68
C LEU I 368 -9.76 11.63 55.43
N MET I 369 -10.11 11.79 54.16
CA MET I 369 -11.47 12.14 53.75
C MET I 369 -12.46 11.01 54.02
N GLY I 370 -11.98 9.78 53.86
CA GLY I 370 -12.80 8.58 54.06
C GLY I 370 -12.28 7.39 53.27
N GLU I 371 -12.54 6.19 53.79
CA GLU I 371 -12.09 4.96 53.13
C GLU I 371 -12.93 4.67 51.88
N ARG I 372 -12.27 4.70 50.73
CA ARG I 372 -12.94 4.47 49.45
C ARG I 372 -12.14 3.54 48.54
N THR I 373 -12.85 2.83 47.66
CA THR I 373 -12.23 1.92 46.70
C THR I 373 -12.16 2.53 45.31
N ASP I 374 -11.02 2.33 44.64
CA ASP I 374 -10.81 2.87 43.30
C ASP I 374 -10.98 1.79 42.24
N THR I 375 -11.73 2.12 41.18
CA THR I 375 -11.98 1.21 40.08
C THR I 375 -11.03 1.46 38.92
N PHE I 376 -10.96 2.72 38.49
CA PHE I 376 -10.10 3.12 37.38
C PHE I 376 -8.71 3.52 37.88
N LEU I 377 -7.70 2.79 37.41
CA LEU I 377 -6.32 3.04 37.80
C LEU I 377 -5.47 3.47 36.61
N PHE I 378 -4.72 4.56 36.80
CA PHE I 378 -3.82 5.06 35.77
C PHE I 378 -2.41 5.20 36.30
N HIS I 379 -1.44 4.66 35.55
CA HIS I 379 -0.03 4.73 35.94
C HIS I 379 0.84 5.30 34.83
N TYR I 380 1.57 6.35 35.18
CA TYR I 380 2.44 7.07 34.25
C TYR I 380 3.89 6.69 34.51
N ASN I 381 4.62 6.39 33.43
CA ASN I 381 6.04 6.05 33.53
C ASN I 381 6.89 6.90 32.60
N PHE I 382 7.91 7.54 33.17
CA PHE I 382 8.81 8.39 32.41
C PHE I 382 10.26 7.89 32.54
N PRO I 383 10.65 6.92 31.69
CA PRO I 383 12.00 6.36 31.71
C PRO I 383 13.03 7.29 31.07
N PRO I 384 14.31 7.17 31.49
CA PRO I 384 15.39 8.05 31.01
C PRO I 384 15.74 7.90 29.52
N TYR I 385 15.41 6.76 28.92
CA TYR I 385 15.74 6.51 27.52
C TYR I 385 14.86 7.27 26.52
N SER I 386 13.77 7.85 27.03
CA SER I 386 12.83 8.61 26.21
C SER I 386 13.39 9.96 25.74
N VAL I 387 14.26 10.54 26.55
CA VAL I 387 14.89 11.84 26.22
C VAL I 387 16.30 11.68 25.64
N GLY I 388 16.95 10.57 25.97
CA GLY I 388 18.28 10.26 25.43
C GLY I 388 19.41 10.43 26.43
N GLU I 389 19.16 10.03 27.68
CA GLU I 389 20.17 10.09 28.74
C GLU I 389 20.00 8.96 29.76
N THR I 390 20.85 8.95 30.79
CA THR I 390 20.83 7.92 31.82
C THR I 390 20.25 8.44 33.14
N GLY I 391 19.55 7.57 33.86
CA GLY I 391 18.95 7.92 35.14
C GLY I 391 18.52 6.71 35.94
N MET I 392 18.18 6.92 37.21
CA MET I 392 17.75 5.84 38.08
C MET I 392 16.28 5.48 37.83
N VAL I 393 16.04 4.21 37.54
CA VAL I 393 14.69 3.73 37.28
C VAL I 393 14.15 2.90 38.43
N GLY I 394 13.83 3.57 39.54
CA GLY I 394 13.30 2.89 40.71
C GLY I 394 11.87 3.25 40.99
N SER I 395 11.66 4.10 41.98
CA SER I 395 10.32 4.54 42.36
C SER I 395 9.91 5.78 41.57
N PRO I 396 8.60 6.03 41.50
CA PRO I 396 8.07 7.18 40.78
C PRO I 396 8.51 8.50 41.39
N LYS I 397 8.60 9.54 40.57
CA LYS I 397 9.01 10.86 41.04
C LYS I 397 7.82 11.81 41.12
N ARG I 398 7.93 12.81 41.98
CA ARG I 398 6.86 13.80 42.15
C ARG I 398 6.09 14.00 40.85
N ARG I 399 6.81 14.25 39.76
CA ARG I 399 6.18 14.46 38.46
C ARG I 399 5.53 13.18 37.94
N GLU I 400 6.35 12.14 37.78
CA GLU I 400 5.85 10.85 37.28
C GLU I 400 4.50 10.51 37.90
N ILE I 401 4.22 11.08 39.07
CA ILE I 401 2.96 10.82 39.76
C ILE I 401 1.91 11.87 39.39
N GLY I 402 2.35 13.14 39.31
CA GLY I 402 1.48 14.26 38.91
C GLY I 402 0.86 14.04 37.54
N HIS I 403 1.70 13.69 36.57
CA HIS I 403 1.23 13.22 35.28
C HIS I 403 0.73 11.80 35.43
N GLY I 404 -0.30 11.44 34.66
CA GLY I 404 -0.97 10.15 34.83
C GLY I 404 -2.30 10.34 35.51
N ARG I 405 -2.29 11.09 36.62
CA ARG I 405 -3.52 11.55 37.26
C ARG I 405 -4.16 12.63 36.37
N LEU I 406 -3.32 13.37 35.67
CA LEU I 406 -3.75 14.33 34.64
C LEU I 406 -4.48 13.59 33.53
N ALA I 407 -3.89 12.48 33.08
CA ALA I 407 -4.47 11.64 32.04
C ALA I 407 -5.63 10.80 32.56
N LYS I 408 -5.65 10.56 33.88
CA LYS I 408 -6.76 9.86 34.54
C LYS I 408 -8.03 10.70 34.48
N ARG I 409 -7.88 11.99 34.76
CA ARG I 409 -9.01 12.94 34.74
C ARG I 409 -9.55 13.17 33.33
N GLY I 410 -8.69 13.00 32.33
CA GLY I 410 -9.07 13.15 30.92
C GLY I 410 -9.89 11.99 30.38
N VAL I 411 -9.81 10.85 31.07
CA VAL I 411 -10.50 9.63 30.65
C VAL I 411 -11.66 9.28 31.60
N LEU I 412 -11.53 9.69 32.86
CA LEU I 412 -12.54 9.41 33.91
C LEU I 412 -13.94 9.89 33.56
N ALA I 413 -14.03 11.00 32.83
CA ALA I 413 -15.30 11.58 32.39
C ALA I 413 -15.98 10.74 31.31
N VAL I 414 -15.19 9.94 30.61
CA VAL I 414 -15.68 9.09 29.52
C VAL I 414 -16.01 7.67 30.01
N MET I 415 -15.26 7.21 31.01
CA MET I 415 -15.39 5.86 31.57
C MET I 415 -16.80 5.52 32.07
N PRO I 416 -17.33 4.35 31.65
CA PRO I 416 -18.59 3.83 32.17
C PRO I 416 -18.46 3.33 33.61
N ASP I 417 -19.58 3.24 34.31
CA ASP I 417 -19.60 2.83 35.72
C ASP I 417 -19.93 1.34 35.90
N MET I 418 -20.19 0.94 37.16
CA MET I 418 -20.53 -0.44 37.51
C MET I 418 -21.85 -0.93 36.92
N ASP I 419 -22.79 -0.01 36.71
CA ASP I 419 -24.12 -0.33 36.21
C ASP I 419 -24.13 -0.77 34.74
N LYS I 420 -23.00 -0.58 34.06
CA LYS I 420 -22.85 -0.99 32.66
C LYS I 420 -21.62 -1.88 32.47
N PHE I 421 -20.51 -1.50 33.12
CA PHE I 421 -19.25 -2.23 33.02
C PHE I 421 -18.56 -2.32 34.39
N PRO I 422 -18.89 -3.37 35.17
CA PRO I 422 -18.36 -3.52 36.52
C PRO I 422 -17.03 -4.28 36.58
N TYR I 423 -15.98 -3.66 36.03
CA TYR I 423 -14.64 -4.24 36.03
C TYR I 423 -13.59 -3.19 36.40
N THR I 424 -12.61 -3.60 37.20
CA THR I 424 -11.49 -2.73 37.56
C THR I 424 -10.51 -2.68 36.39
N VAL I 425 -10.47 -1.53 35.72
CA VAL I 425 -9.62 -1.36 34.53
C VAL I 425 -8.37 -0.56 34.87
N ARG I 426 -7.22 -1.12 34.50
CA ARG I 426 -5.93 -0.48 34.74
C ARG I 426 -5.29 -0.05 33.42
N VAL I 427 -4.91 1.22 33.35
CA VAL I 427 -4.27 1.77 32.14
C VAL I 427 -2.86 2.26 32.46
N VAL I 428 -1.87 1.61 31.84
CA VAL I 428 -0.46 1.95 32.06
C VAL I 428 0.15 2.53 30.78
N SER I 429 0.76 3.71 30.92
CA SER I 429 1.40 4.39 29.79
C SER I 429 2.93 4.29 29.89
N GLU I 430 3.55 3.81 28.81
CA GLU I 430 5.00 3.67 28.75
C GLU I 430 5.57 4.62 27.69
N ILE I 431 6.17 5.71 28.15
CA ILE I 431 6.71 6.74 27.27
C ILE I 431 8.09 6.32 26.72
N THR I 432 8.20 6.30 25.40
CA THR I 432 9.43 5.92 24.72
C THR I 432 10.11 7.10 24.03
N GLU I 433 9.35 8.16 23.79
CA GLU I 433 9.86 9.40 23.21
C GLU I 433 9.22 10.61 23.90
N SER I 434 10.04 11.63 24.17
CA SER I 434 9.57 12.82 24.88
C SER I 434 10.09 14.20 24.47
N ASN I 435 9.22 14.96 23.80
CA ASN I 435 9.51 16.33 23.39
C ASN I 435 8.34 17.30 23.59
N GLY I 436 7.22 17.01 22.94
CA GLY I 436 6.02 17.83 23.03
C GLY I 436 5.10 17.85 24.24
N SER I 437 4.36 16.77 24.45
CA SER I 437 3.48 16.64 25.60
C SER I 437 3.15 15.15 25.73
N SER I 438 3.92 14.46 26.58
CA SER I 438 3.76 13.03 26.81
C SER I 438 2.53 12.72 27.67
N SER I 439 2.11 13.70 28.47
CA SER I 439 0.92 13.57 29.31
C SER I 439 -0.36 13.64 28.47
N MET I 440 -0.34 14.50 27.46
CA MET I 440 -1.47 14.65 26.54
C MET I 440 -1.50 13.53 25.50
N ALA I 441 -0.33 12.99 25.19
CA ALA I 441 -0.20 11.85 24.28
C ALA I 441 -0.70 10.57 24.93
N SER I 442 -0.62 10.51 26.26
CA SER I 442 -1.11 9.38 27.04
C SER I 442 -2.65 9.32 27.04
N VAL I 443 -3.28 10.49 26.97
CA VAL I 443 -4.74 10.60 26.88
C VAL I 443 -5.25 10.03 25.56
N CYS I 444 -4.53 10.35 24.48
CA CYS I 444 -4.85 9.85 23.15
C CYS I 444 -4.64 8.34 23.06
N GLY I 445 -3.57 7.86 23.70
CA GLY I 445 -3.25 6.44 23.71
C GLY I 445 -4.14 5.62 24.63
N ALA I 446 -4.69 6.26 25.66
CA ALA I 446 -5.58 5.60 26.62
C ALA I 446 -6.91 5.21 25.99
N SER I 447 -7.46 6.08 25.16
CA SER I 447 -8.72 5.84 24.47
C SER I 447 -8.61 4.69 23.47
N LEU I 448 -7.47 4.61 22.79
CA LEU I 448 -7.21 3.57 21.80
C LEU I 448 -6.97 2.21 22.46
N ALA I 449 -6.37 2.23 23.65
CA ALA I 449 -6.11 1.01 24.41
C ALA I 449 -7.39 0.41 24.98
N LEU I 450 -8.32 1.27 25.39
CA LEU I 450 -9.60 0.84 25.95
C LEU I 450 -10.53 0.30 24.88
N MET I 451 -10.46 0.87 23.69
CA MET I 451 -11.23 0.40 22.54
C MET I 451 -10.69 -0.93 22.00
N ASP I 452 -9.38 -1.15 22.22
CA ASP I 452 -8.74 -2.41 21.83
C ASP I 452 -9.06 -3.52 22.83
N ALA I 453 -9.20 -3.15 24.11
CA ALA I 453 -9.51 -4.09 25.18
C ALA I 453 -10.96 -4.59 25.12
N GLY I 454 -11.85 -3.71 24.66
CA GLY I 454 -13.27 -4.01 24.60
C GLY I 454 -14.09 -3.22 25.61
N VAL I 455 -13.46 -2.22 26.22
CA VAL I 455 -14.11 -1.34 27.19
C VAL I 455 -15.02 -0.36 26.46
N PRO I 456 -16.33 -0.41 26.74
CA PRO I 456 -17.30 0.44 26.04
C PRO I 456 -17.31 1.88 26.56
N ILE I 457 -16.33 2.66 26.13
CA ILE I 457 -16.27 4.09 26.46
C ILE I 457 -17.29 4.89 25.65
N LYS I 458 -17.71 6.03 26.20
CA LYS I 458 -18.75 6.87 25.58
C LYS I 458 -18.31 7.40 24.21
N ALA I 459 -17.11 7.97 24.16
CA ALA I 459 -16.56 8.52 22.91
C ALA I 459 -15.03 8.49 22.94
N ALA I 460 -14.41 8.70 21.78
CA ALA I 460 -12.95 8.80 21.69
C ALA I 460 -12.46 10.10 22.34
N VAL I 461 -11.36 10.00 23.06
CA VAL I 461 -10.80 11.15 23.79
C VAL I 461 -9.36 11.46 23.38
N ALA I 462 -9.04 12.75 23.32
CA ALA I 462 -7.71 13.22 22.92
C ALA I 462 -7.31 14.47 23.71
N GLY I 463 -6.10 14.97 23.46
CA GLY I 463 -5.60 16.17 24.13
C GLY I 463 -4.25 16.67 23.64
N ILE I 464 -4.04 17.98 23.76
CA ILE I 464 -2.77 18.63 23.42
C ILE I 464 -2.47 19.81 24.34
N ALA I 465 -1.17 20.14 24.44
CA ALA I 465 -0.71 21.27 25.25
C ALA I 465 -0.52 22.52 24.40
N MET I 466 -0.73 23.68 25.01
CA MET I 466 -0.61 24.97 24.31
C MET I 466 0.46 25.86 24.96
N GLY I 467 1.09 26.69 24.16
CA GLY I 467 2.12 27.62 24.63
C GLY I 467 1.83 29.07 24.27
N LEU I 468 2.59 29.98 24.87
CA LEU I 468 2.40 31.41 24.64
C LEU I 468 3.72 32.18 24.75
N VAL I 469 3.89 33.17 23.89
CA VAL I 469 5.01 34.10 23.95
C VAL I 469 4.46 35.52 24.07
N LYS I 470 4.60 36.11 25.25
CA LYS I 470 4.02 37.44 25.52
C LYS I 470 5.07 38.44 25.98
N GLU I 471 5.09 39.61 25.32
CA GLU I 471 5.96 40.72 25.69
C GLU I 471 5.17 42.03 25.65
N GLY I 472 4.70 42.46 26.82
CA GLY I 472 3.91 43.67 26.95
C GLY I 472 2.45 43.45 26.59
N ASP I 473 2.07 43.84 25.37
CA ASP I 473 0.71 43.68 24.89
C ASP I 473 0.58 42.62 23.79
N ASN I 474 1.67 42.39 23.07
CA ASN I 474 1.71 41.40 21.99
C ASN I 474 1.81 39.97 22.52
N TYR I 475 0.96 39.10 21.97
CA TYR I 475 0.92 37.68 22.38
C TYR I 475 0.74 36.77 21.17
N VAL I 476 1.35 35.59 21.23
CA VAL I 476 1.20 34.59 20.17
C VAL I 476 0.83 33.23 20.78
N VAL I 477 -0.36 32.75 20.47
CA VAL I 477 -0.84 31.44 20.93
C VAL I 477 -0.25 30.35 20.03
N LEU I 478 0.40 29.37 20.66
CA LEU I 478 1.10 28.32 19.92
C LEU I 478 0.49 26.94 20.20
N SER I 479 0.24 26.19 19.13
CA SER I 479 -0.39 24.87 19.23
C SER I 479 0.63 23.74 19.22
N ASP I 480 0.46 22.80 20.15
CA ASP I 480 1.34 21.62 20.30
C ASP I 480 2.83 22.00 20.29
N ILE I 481 3.27 22.59 21.40
CA ILE I 481 4.64 23.10 21.52
C ILE I 481 5.69 22.01 21.66
N LEU I 482 6.91 22.31 21.23
CA LEU I 482 8.05 21.41 21.34
C LEU I 482 8.64 21.46 22.76
N GLY I 483 9.77 20.77 22.96
CA GLY I 483 10.47 20.77 24.24
C GLY I 483 11.07 22.12 24.59
N ASP I 484 11.69 22.75 23.60
CA ASP I 484 12.33 24.06 23.78
C ASP I 484 11.31 25.18 23.88
N GLU I 485 10.17 25.01 23.21
CA GLU I 485 9.10 26.02 23.20
C GLU I 485 8.33 26.09 24.52
N ASP I 486 8.37 24.99 25.28
CA ASP I 486 7.72 24.93 26.60
C ASP I 486 8.61 25.56 27.67
N HIS I 487 9.91 25.33 27.57
CA HIS I 487 10.88 25.86 28.54
C HIS I 487 11.14 27.35 28.34
N LEU I 488 11.25 27.77 27.08
CA LEU I 488 11.57 29.15 26.74
C LEU I 488 10.33 30.01 26.47
N GLY I 489 9.15 29.41 26.63
CA GLY I 489 7.89 30.11 26.43
C GLY I 489 7.44 30.88 27.66
N ASP I 490 6.15 30.80 27.97
CA ASP I 490 5.59 31.46 29.14
C ASP I 490 4.64 30.57 29.93
N MET I 491 3.88 29.72 29.24
CA MET I 491 2.89 28.87 29.88
C MET I 491 2.76 27.48 29.26
N ASP I 492 2.23 26.54 30.03
CA ASP I 492 1.91 25.20 29.56
C ASP I 492 0.41 24.96 29.75
N PHE I 493 -0.34 25.18 28.67
CA PHE I 493 -1.80 25.17 28.70
C PHE I 493 -2.37 23.86 28.12
N LYS I 494 -2.60 22.89 29.01
CA LYS I 494 -3.04 21.56 28.61
C LYS I 494 -4.56 21.42 28.58
N VAL I 495 -5.08 20.97 27.44
CA VAL I 495 -6.51 20.75 27.26
C VAL I 495 -6.75 19.31 26.78
N ALA I 496 -7.62 18.59 27.49
CA ALA I 496 -7.98 17.22 27.14
C ALA I 496 -9.48 17.02 27.15
N GLY I 497 -10.02 16.47 26.06
CA GLY I 497 -11.46 16.24 25.93
C GLY I 497 -11.84 15.46 24.68
N SER I 498 -13.15 15.28 24.51
CA SER I 498 -13.69 14.56 23.35
C SER I 498 -14.21 15.52 22.28
N ARG I 499 -14.98 15.00 21.34
CA ARG I 499 -15.59 15.79 20.28
C ARG I 499 -16.70 16.70 20.81
N ASP I 500 -17.40 16.24 21.84
CA ASP I 500 -18.51 16.97 22.44
C ASP I 500 -18.07 18.08 23.39
N GLY I 501 -17.16 17.76 24.31
CA GLY I 501 -16.70 18.72 25.30
C GLY I 501 -15.30 18.45 25.85
N ILE I 502 -14.95 19.19 26.90
CA ILE I 502 -13.64 19.09 27.54
C ILE I 502 -13.74 18.27 28.82
N SER I 503 -12.84 17.29 28.96
CA SER I 503 -12.81 16.41 30.12
C SER I 503 -11.86 16.90 31.21
N ALA I 504 -10.69 17.41 30.80
CA ALA I 504 -9.68 17.90 31.73
C ALA I 504 -8.96 19.12 31.18
N LEU I 505 -8.61 20.05 32.08
CA LEU I 505 -7.88 21.27 31.73
C LEU I 505 -6.85 21.61 32.79
N GLN I 506 -5.59 21.66 32.39
CA GLN I 506 -4.50 22.06 33.28
C GLN I 506 -3.82 23.33 32.79
N MET I 507 -3.54 24.24 33.71
CA MET I 507 -2.95 25.53 33.39
C MET I 507 -1.72 25.79 34.28
N ASP I 508 -0.57 25.96 33.64
CA ASP I 508 0.68 26.27 34.35
C ASP I 508 1.39 27.44 33.69
N ILE I 509 1.28 28.62 34.30
CA ILE I 509 1.89 29.84 33.77
C ILE I 509 3.11 30.24 34.59
N LYS I 510 4.22 30.51 33.91
CA LYS I 510 5.47 30.89 34.56
C LYS I 510 5.60 32.41 34.75
N ILE I 511 4.71 33.17 34.13
CA ILE I 511 4.71 34.63 34.23
C ILE I 511 3.41 35.17 34.82
N GLU I 512 3.47 36.40 35.35
CA GLU I 512 2.29 37.07 35.88
C GLU I 512 1.82 38.20 34.95
N GLY I 513 0.51 38.24 34.70
CA GLY I 513 -0.08 39.23 33.81
C GLY I 513 -0.90 38.62 32.69
N ILE I 514 -1.44 37.43 32.95
CA ILE I 514 -2.29 36.72 32.00
C ILE I 514 -3.65 37.42 31.88
N THR I 515 -4.18 37.48 30.66
CA THR I 515 -5.43 38.17 30.39
C THR I 515 -6.58 37.17 30.19
N LYS I 516 -7.80 37.62 30.44
CA LYS I 516 -9.00 36.81 30.27
C LYS I 516 -9.24 36.46 28.80
N GLU I 517 -8.92 37.40 27.91
CA GLU I 517 -9.14 37.23 26.47
C GLU I 517 -8.12 36.30 25.80
N ILE I 518 -6.92 36.21 26.36
CA ILE I 518 -5.86 35.38 25.79
C ILE I 518 -5.91 33.94 26.28
N MET I 519 -6.71 33.69 27.32
CA MET I 519 -6.94 32.34 27.84
C MET I 519 -8.03 31.61 27.06
N GLN I 520 -9.03 32.35 26.61
CA GLN I 520 -10.14 31.77 25.83
C GLN I 520 -9.74 31.46 24.38
N VAL I 521 -8.80 32.24 23.85
CA VAL I 521 -8.25 31.99 22.52
C VAL I 521 -7.38 30.74 22.53
N ALA I 522 -6.60 30.57 23.61
CA ALA I 522 -5.78 29.39 23.82
C ALA I 522 -6.63 28.14 24.05
N LEU I 523 -7.84 28.35 24.57
CA LEU I 523 -8.80 27.27 24.81
C LEU I 523 -9.60 26.95 23.54
N ASN I 524 -9.80 27.97 22.70
CA ASN I 524 -10.53 27.80 21.44
C ASN I 524 -9.64 27.21 20.34
N GLN I 525 -8.37 27.59 20.33
CA GLN I 525 -7.39 27.08 19.36
C GLN I 525 -7.03 25.64 19.67
N ALA I 526 -7.13 25.26 20.94
CA ALA I 526 -6.88 23.89 21.38
C ALA I 526 -8.01 22.93 20.94
N LYS I 527 -9.21 23.48 20.81
CA LYS I 527 -10.38 22.72 20.37
C LYS I 527 -10.22 22.23 18.93
N GLY I 528 -9.70 23.10 18.06
CA GLY I 528 -9.45 22.76 16.66
C GLY I 528 -8.40 21.70 16.49
N ALA I 529 -7.34 21.78 17.29
CA ALA I 529 -6.26 20.80 17.27
C ALA I 529 -6.68 19.46 17.90
N ARG I 530 -7.62 19.53 18.83
CA ARG I 530 -8.16 18.33 19.48
C ARG I 530 -9.02 17.51 18.52
N LEU I 531 -9.76 18.21 17.66
CA LEU I 531 -10.60 17.58 16.64
C LEU I 531 -9.78 16.94 15.52
N HIS I 532 -8.59 17.49 15.27
CA HIS I 532 -7.68 16.98 14.23
C HIS I 532 -7.12 15.61 14.60
N ILE I 533 -6.79 15.42 15.88
CA ILE I 533 -6.27 14.15 16.38
C ILE I 533 -7.38 13.10 16.40
N LEU I 534 -8.57 13.50 16.84
CA LEU I 534 -9.73 12.60 16.91
C LEU I 534 -10.17 12.09 15.54
N GLY I 535 -9.97 12.92 14.50
CA GLY I 535 -10.25 12.53 13.12
C GLY I 535 -9.35 11.42 12.63
N VAL I 536 -8.09 11.46 13.05
CA VAL I 536 -7.12 10.41 12.73
C VAL I 536 -7.34 9.20 13.62
N MET I 537 -7.80 9.45 14.85
CA MET I 537 -8.13 8.37 15.80
C MET I 537 -9.35 7.57 15.36
N GLU I 538 -10.32 8.26 14.75
CA GLU I 538 -11.53 7.61 14.22
C GLU I 538 -11.26 6.84 12.93
N GLN I 539 -10.18 7.20 12.24
CA GLN I 539 -9.78 6.55 11.00
C GLN I 539 -9.35 5.11 11.24
N ALA I 540 -8.69 4.86 12.37
CA ALA I 540 -8.29 3.51 12.76
C ALA I 540 -9.47 2.75 13.34
N ILE I 541 -9.83 3.07 14.58
CA ILE I 541 -10.98 2.47 15.26
C ILE I 541 -11.74 3.47 16.13
N ASN I 542 -13.08 3.41 16.08
CA ASN I 542 -13.93 4.29 16.87
C ASN I 542 -14.95 3.53 17.73
N ALA I 543 -14.96 2.21 17.59
CA ALA I 543 -15.88 1.36 18.35
C ALA I 543 -15.15 0.14 18.93
N PRO I 544 -15.40 -0.16 20.23
CA PRO I 544 -14.77 -1.32 20.88
C PRO I 544 -15.36 -2.64 20.41
N GLY J 19 3.63 -14.87 14.11
CA GLY J 19 2.80 -13.88 14.85
C GLY J 19 3.39 -13.52 16.19
N ALA J 20 4.31 -12.56 16.18
CA ALA J 20 4.98 -12.09 17.39
C ALA J 20 4.66 -10.61 17.62
N ALA J 21 5.48 -9.94 18.42
CA ALA J 21 5.25 -8.54 18.76
C ALA J 21 5.97 -7.47 17.92
N GLY J 22 5.53 -6.23 18.06
CA GLY J 22 6.13 -5.11 17.33
C GLY J 22 5.10 -4.13 16.78
N GLY J 23 5.58 -2.99 16.29
CA GLY J 23 4.73 -1.97 15.71
C GLY J 23 4.11 -2.36 14.37
N HIS J 24 4.68 -3.39 13.74
CA HIS J 24 4.18 -3.91 12.47
C HIS J 24 2.98 -4.83 12.67
N THR J 25 2.82 -5.35 13.88
CA THR J 25 1.77 -6.31 14.22
C THR J 25 0.39 -5.66 14.36
N ALA J 26 0.38 -4.33 14.51
CA ALA J 26 -0.86 -3.57 14.71
C ALA J 26 -1.98 -3.95 13.73
N THR J 27 -3.13 -4.32 14.28
CA THR J 27 -4.28 -4.76 13.48
C THR J 27 -4.99 -3.59 12.79
N HIS J 28 -4.88 -2.40 13.36
CA HIS J 28 -5.44 -1.19 12.76
C HIS J 28 -4.39 -0.08 12.73
N HIS J 29 -4.15 0.47 11.54
CA HIS J 29 -3.13 1.48 11.33
C HIS J 29 -3.66 2.70 10.58
N ALA J 30 -3.40 3.87 11.14
CA ALA J 30 -3.79 5.14 10.54
C ALA J 30 -2.76 6.24 10.84
N SER J 31 -2.26 6.88 9.78
CA SER J 31 -1.25 7.92 9.91
C SER J 31 -1.64 9.19 9.16
N ALA J 32 -1.14 10.33 9.64
CA ALA J 32 -1.44 11.63 9.02
C ALA J 32 -0.25 12.58 9.06
N ALA J 33 -0.12 13.38 8.00
CA ALA J 33 0.92 14.39 7.88
C ALA J 33 0.59 15.63 8.72
N PRO J 34 1.63 16.35 9.21
CA PRO J 34 1.40 17.58 9.99
C PRO J 34 0.72 18.67 9.17
N ALA J 35 -0.41 19.16 9.67
CA ALA J 35 -1.22 20.15 8.96
C ALA J 35 -2.02 21.07 9.88
N ARG J 36 -2.52 22.17 9.32
CA ARG J 36 -3.39 23.12 10.03
C ARG J 36 -4.73 22.47 10.36
N PRO J 37 -5.19 22.61 11.63
CA PRO J 37 -6.47 22.06 12.07
C PRO J 37 -7.66 22.61 11.30
N GLN J 38 -8.65 21.76 11.08
CA GLN J 38 -9.89 22.14 10.40
C GLN J 38 -10.76 23.04 11.30
N PRO J 39 -10.96 24.31 10.88
CA PRO J 39 -11.64 25.30 11.71
C PRO J 39 -13.14 25.02 11.84
N MET K 1 4.36 7.34 7.93
CA MET K 1 5.55 8.11 8.41
C MET K 1 6.58 7.19 9.07
N LEU K 2 6.14 6.42 10.07
CA LEU K 2 7.02 5.49 10.77
C LEU K 2 7.16 4.17 10.01
N ASN K 3 8.41 3.78 9.77
CA ASN K 3 8.71 2.56 9.03
C ASN K 3 9.70 1.66 9.78
N PRO K 4 9.27 0.44 10.16
CA PRO K 4 10.08 -0.46 10.96
C PRO K 4 11.04 -1.34 10.14
N ILE K 5 12.07 -1.84 10.81
CA ILE K 5 13.00 -2.81 10.21
C ILE K 5 12.80 -4.15 10.91
N VAL K 6 12.19 -5.09 10.20
CA VAL K 6 11.79 -6.37 10.79
C VAL K 6 12.55 -7.58 10.22
N ARG K 7 12.92 -8.49 11.11
CA ARG K 7 13.55 -9.76 10.72
C ARG K 7 12.96 -10.93 11.49
N LYS K 8 12.53 -11.95 10.75
CA LYS K 8 11.97 -13.17 11.34
C LYS K 8 12.84 -14.37 11.00
N PHE K 9 13.25 -15.12 12.03
CA PHE K 9 14.08 -16.31 11.83
C PHE K 9 13.74 -17.44 12.81
N GLN K 10 13.86 -18.67 12.32
CA GLN K 10 13.58 -19.87 13.11
C GLN K 10 14.73 -20.19 14.04
N TYR K 11 14.42 -20.37 15.32
CA TYR K 11 15.41 -20.71 16.34
C TYR K 11 14.84 -21.78 17.29
N GLY K 12 15.29 -23.01 17.09
CA GLY K 12 14.79 -24.16 17.86
C GLY K 12 13.44 -24.62 17.35
N GLN K 13 12.41 -24.35 18.14
CA GLN K 13 11.02 -24.66 17.78
C GLN K 13 10.16 -23.39 17.77
N HIS K 14 10.81 -22.24 17.87
CA HIS K 14 10.13 -20.94 17.94
C HIS K 14 10.59 -20.00 16.82
N THR K 15 9.83 -18.95 16.58
CA THR K 15 10.13 -17.99 15.52
C THR K 15 10.45 -16.61 16.10
N VAL K 16 11.75 -16.31 16.21
CA VAL K 16 12.22 -15.05 16.79
C VAL K 16 12.03 -13.88 15.83
N THR K 17 11.43 -12.80 16.33
CA THR K 17 11.18 -11.60 15.54
C THR K 17 11.85 -10.40 16.19
N LEU K 18 12.62 -9.66 15.39
CA LEU K 18 13.36 -8.49 15.86
C LEU K 18 12.96 -7.24 15.08
N GLU K 19 12.49 -6.21 15.80
CA GLU K 19 12.10 -4.95 15.19
C GLU K 19 12.84 -3.76 15.79
N THR K 20 13.36 -2.88 14.94
CA THR K 20 14.02 -1.66 15.37
C THR K 20 13.74 -0.50 14.40
N GLY K 21 13.71 0.73 14.94
CA GLY K 21 13.53 1.92 14.12
C GLY K 21 12.30 2.75 14.44
N MET K 22 11.23 2.08 14.88
CA MET K 22 9.96 2.75 15.17
C MET K 22 9.88 3.22 16.62
N MET K 23 9.93 2.26 17.55
CA MET K 23 9.80 2.56 18.98
C MET K 23 11.09 3.09 19.59
N ALA K 24 10.96 4.13 20.42
CA ALA K 24 12.09 4.81 21.06
C ALA K 24 13.20 5.21 20.10
N ARG K 25 12.94 6.26 19.32
CA ARG K 25 13.90 6.77 18.32
C ARG K 25 14.94 7.68 18.96
N GLN K 26 14.61 8.24 20.11
CA GLN K 26 15.44 9.22 20.80
C GLN K 26 16.63 8.56 21.41
N ALA K 27 16.44 7.36 21.83
CA ALA K 27 17.51 6.56 22.45
C ALA K 27 18.53 6.15 21.39
N THR K 28 19.71 5.70 21.84
CA THR K 28 20.78 5.26 20.94
C THR K 28 20.34 4.04 20.12
N ALA K 29 19.69 3.09 20.79
CA ALA K 29 19.15 1.89 20.13
C ALA K 29 17.97 1.30 20.91
N ALA K 30 16.99 0.79 20.18
CA ALA K 30 15.81 0.16 20.77
C ALA K 30 15.30 -0.97 19.88
N VAL K 31 15.29 -2.18 20.44
CA VAL K 31 14.87 -3.37 19.69
C VAL K 31 13.71 -4.09 20.38
N MET K 32 12.66 -4.35 19.60
CA MET K 32 11.51 -5.13 20.07
C MET K 32 11.77 -6.60 19.79
N VAL K 33 12.01 -7.37 20.86
CA VAL K 33 12.39 -8.78 20.72
C VAL K 33 11.33 -9.71 21.30
N SER K 34 10.80 -10.59 20.45
CA SER K 34 9.78 -11.54 20.87
C SER K 34 9.79 -12.79 20.00
N MET K 35 9.94 -13.95 20.63
CA MET K 35 9.97 -15.22 19.93
C MET K 35 8.75 -15.92 20.50
N ASP K 36 7.68 -15.99 19.70
CA ASP K 36 6.45 -16.64 20.14
C ASP K 36 5.68 -16.03 21.30
N ASP K 37 5.11 -14.84 21.07
CA ASP K 37 4.34 -14.15 22.09
C ASP K 37 4.76 -13.56 23.44
N THR K 38 6.04 -13.71 23.77
CA THR K 38 6.57 -13.20 25.03
C THR K 38 7.40 -12.13 24.32
N ALA K 39 7.48 -10.95 24.93
CA ALA K 39 8.25 -9.85 24.35
C ALA K 39 8.97 -9.04 25.43
N VAL K 40 10.26 -8.78 25.19
CA VAL K 40 11.06 -7.94 26.06
C VAL K 40 11.60 -6.75 25.26
N PHE K 41 11.06 -5.57 25.55
CA PHE K 41 11.48 -4.33 24.90
C PHE K 41 12.75 -3.80 25.56
N VAL K 42 13.88 -3.91 24.84
CA VAL K 42 15.18 -3.55 25.38
C VAL K 42 15.71 -2.27 24.73
N THR K 43 16.15 -1.33 25.57
CA THR K 43 16.72 -0.07 25.11
C THR K 43 18.12 0.14 25.69
N VAL K 44 19.04 0.57 24.84
CA VAL K 44 20.40 0.91 25.26
C VAL K 44 20.69 2.38 24.96
N VAL K 45 21.02 3.14 26.00
CA VAL K 45 21.33 4.56 25.84
C VAL K 45 22.79 4.85 26.17
N GLY K 46 23.56 5.22 25.15
CA GLY K 46 24.96 5.53 25.34
C GLY K 46 25.23 7.01 25.40
N GLN K 47 26.36 7.38 25.99
CA GLN K 47 26.75 8.78 26.12
C GLN K 47 27.97 9.10 25.26
N LYS K 48 28.00 10.30 24.70
CA LYS K 48 29.11 10.73 23.87
C LYS K 48 30.33 11.06 24.71
N LYS K 49 30.16 11.93 25.69
CA LYS K 49 31.25 12.32 26.58
C LYS K 49 31.06 11.76 27.98
N ALA K 50 32.17 11.25 28.48
CA ALA K 50 32.23 10.49 29.70
C ALA K 50 32.84 11.33 30.76
N LYS K 51 32.26 11.33 31.94
CA LYS K 51 32.69 12.18 33.02
C LYS K 51 34.18 12.27 32.96
N PRO K 52 34.68 13.45 33.25
CA PRO K 52 36.08 13.77 33.08
C PRO K 52 36.94 12.85 33.87
N GLY K 53 36.48 12.44 35.04
CA GLY K 53 37.35 11.73 35.95
C GLY K 53 37.20 10.24 36.18
N GLN K 54 36.11 9.64 35.73
CA GLN K 54 35.81 8.26 36.01
C GLN K 54 36.99 7.37 35.78
N ASP K 55 36.94 6.19 36.39
CA ASP K 55 38.04 5.24 36.38
C ASP K 55 37.51 3.82 36.40
N PHE K 56 36.28 3.70 36.83
CA PHE K 56 35.46 2.50 36.81
C PHE K 56 34.39 2.56 35.73
N PHE K 57 34.27 1.49 34.95
CA PHE K 57 33.29 1.43 33.87
C PHE K 57 31.88 1.24 34.43
N PRO K 58 31.01 2.26 34.27
CA PRO K 58 29.67 2.24 34.84
C PRO K 58 28.63 1.64 33.91
N LEU K 59 28.42 0.33 34.01
CA LEU K 59 27.40 -0.37 33.25
C LEU K 59 26.29 -0.85 34.18
N THR K 60 25.08 -0.39 33.92
CA THR K 60 23.91 -0.80 34.70
C THR K 60 22.81 -1.39 33.82
N VAL K 61 22.37 -2.59 34.18
CA VAL K 61 21.31 -3.28 33.44
C VAL K 61 20.07 -3.41 34.34
N ASN K 62 18.96 -2.84 33.88
CA ASN K 62 17.71 -2.89 34.63
C ASN K 62 16.68 -3.81 33.98
N TYR K 63 16.31 -4.87 34.69
CA TYR K 63 15.33 -5.82 34.19
C TYR K 63 14.06 -5.81 35.03
N GLN K 64 13.00 -5.36 34.48
CA GLN K 64 11.73 -5.02 35.10
C GLN K 64 10.53 -5.57 34.41
N GLU K 65 9.79 -6.48 35.22
CA GLU K 65 8.68 -7.21 34.63
C GLU K 65 7.36 -6.51 34.90
N ARG K 66 6.62 -6.22 33.82
CA ARG K 66 5.34 -5.54 33.94
C ARG K 66 4.21 -6.54 34.17
N THR K 67 3.28 -6.19 35.04
CA THR K 67 2.20 -7.10 35.44
C THR K 67 1.11 -7.24 34.38
N TYR K 68 1.00 -6.25 33.49
CA TYR K 68 0.00 -6.30 32.41
C TYR K 68 0.38 -7.27 31.28
N ALA K 69 1.59 -7.82 31.38
CA ALA K 69 2.11 -8.79 30.40
C ALA K 69 1.32 -10.10 30.42
N ALA K 70 0.93 -10.54 31.61
CA ALA K 70 0.12 -11.74 31.78
C ALA K 70 -1.37 -11.40 31.84
N GLY K 71 -1.67 -10.11 32.01
CA GLY K 71 -3.05 -9.63 32.13
C GLY K 71 -3.53 -9.67 33.57
N ARG K 72 -2.73 -9.10 34.47
CA ARG K 72 -3.02 -9.12 35.89
C ARG K 72 -2.74 -7.77 36.55
N ILE K 73 -3.64 -7.38 37.46
CA ILE K 73 -3.45 -6.18 38.27
C ILE K 73 -2.64 -6.57 39.52
N PRO K 74 -1.53 -5.86 39.77
CA PRO K 74 -0.56 -6.19 40.83
C PRO K 74 -1.19 -6.54 42.18
N GLY K 75 -0.64 -7.55 42.84
CA GLY K 75 -1.12 -8.00 44.15
C GLY K 75 -0.63 -7.15 45.30
N SER K 76 0.21 -6.16 45.01
CA SER K 76 0.74 -5.24 46.01
C SER K 76 -0.31 -4.23 46.46
N PHE K 77 -0.06 -3.58 47.59
CA PHE K 77 -0.97 -2.58 48.16
C PHE K 77 -1.03 -1.31 47.31
N PHE K 78 0.11 -0.93 46.73
CA PHE K 78 0.20 0.24 45.86
C PHE K 78 -0.28 -0.05 44.44
N ARG K 79 -0.43 -1.34 44.11
CA ARG K 79 -0.91 -1.81 42.80
C ARG K 79 0.00 -1.34 41.66
N ARG K 80 1.31 -1.43 41.86
CA ARG K 80 2.27 -1.01 40.86
C ARG K 80 3.55 -1.86 40.92
N GLU K 81 4.26 -1.93 39.80
CA GLU K 81 5.48 -2.71 39.72
C GLU K 81 6.68 -1.89 40.17
N GLY K 82 6.56 -1.26 41.33
CA GLY K 82 7.63 -0.45 41.88
C GLY K 82 8.95 -1.19 41.98
N ARG K 83 9.79 -0.78 42.93
CA ARG K 83 11.07 -1.42 43.13
C ARG K 83 11.06 -2.87 42.67
N PRO K 84 12.18 -3.33 42.13
CA PRO K 84 12.30 -4.71 41.64
C PRO K 84 12.17 -5.72 42.77
N SER K 85 12.32 -7.01 42.44
CA SER K 85 12.21 -8.06 43.44
C SER K 85 13.46 -8.94 43.44
N GLU K 86 13.36 -10.09 44.11
CA GLU K 86 14.48 -11.03 44.19
C GLU K 86 14.71 -11.76 42.87
N GLY K 87 13.61 -12.06 42.17
CA GLY K 87 13.66 -12.75 40.88
C GLY K 87 14.19 -11.87 39.75
N GLU K 88 13.69 -10.63 39.69
CA GLU K 88 14.05 -9.68 38.64
C GLU K 88 15.53 -9.31 38.62
N THR K 89 16.16 -9.35 39.80
CA THR K 89 17.58 -9.04 39.95
C THR K 89 18.47 -10.15 39.37
N LEU K 90 17.97 -11.38 39.40
CA LEU K 90 18.71 -12.54 38.90
C LEU K 90 18.87 -12.53 37.37
N ILE K 91 17.82 -12.13 36.66
CA ILE K 91 17.87 -11.99 35.21
C ILE K 91 18.66 -10.73 34.83
N ALA K 92 18.57 -9.70 35.68
CA ALA K 92 19.33 -8.46 35.49
C ALA K 92 20.83 -8.71 35.51
N ARG K 93 21.27 -9.63 36.36
CA ARG K 93 22.66 -10.08 36.41
C ARG K 93 22.97 -11.02 35.23
N LEU K 94 21.98 -11.79 34.82
CA LEU K 94 22.13 -12.75 33.72
C LEU K 94 22.34 -12.06 32.37
N ILE K 95 21.96 -10.80 32.29
CA ILE K 95 22.17 -9.97 31.10
C ILE K 95 23.48 -9.18 31.23
N ASP K 96 23.77 -8.73 32.44
CA ASP K 96 24.93 -7.88 32.72
C ASP K 96 26.27 -8.63 32.65
N ARG K 97 26.26 -9.89 33.07
CA ARG K 97 27.49 -10.70 33.15
C ARG K 97 28.19 -10.99 31.81
N PRO K 98 27.45 -11.42 30.77
CA PRO K 98 28.14 -11.72 29.51
C PRO K 98 28.50 -10.49 28.65
N ILE K 99 27.89 -9.35 28.91
CA ILE K 99 28.06 -8.17 28.05
C ILE K 99 29.24 -7.26 28.44
N ARG K 100 29.56 -7.21 29.73
CA ARG K 100 30.65 -6.35 30.24
C ARG K 100 32.05 -6.69 29.68
N PRO K 101 32.44 -7.99 29.67
CA PRO K 101 33.76 -8.36 29.15
C PRO K 101 33.99 -7.98 27.68
N LEU K 102 32.91 -7.84 26.92
CA LEU K 102 33.00 -7.50 25.49
C LEU K 102 33.29 -6.03 25.24
N PHE K 103 33.03 -5.19 26.24
CA PHE K 103 33.39 -3.77 26.17
C PHE K 103 34.92 -3.62 26.17
N PRO K 104 35.46 -2.77 25.26
CA PRO K 104 36.91 -2.62 25.11
C PRO K 104 37.60 -2.10 26.36
N GLU K 105 38.87 -2.49 26.53
CA GLU K 105 39.67 -2.09 27.68
C GLU K 105 40.03 -0.60 27.60
N GLY K 106 39.52 0.16 28.56
CA GLY K 106 39.74 1.60 28.60
C GLY K 106 38.50 2.43 28.33
N PHE K 107 37.36 1.75 28.16
CA PHE K 107 36.08 2.41 27.93
C PHE K 107 35.43 2.77 29.26
N VAL K 108 35.18 4.07 29.46
CA VAL K 108 34.68 4.57 30.75
C VAL K 108 33.34 5.30 30.63
N ASN K 109 32.80 5.37 29.41
CA ASN K 109 31.53 6.05 29.16
C ASN K 109 30.34 5.28 29.74
N GLU K 110 29.40 6.01 30.34
CA GLU K 110 28.25 5.42 31.00
C GLU K 110 27.21 4.92 29.99
N VAL K 111 26.87 3.64 30.11
CA VAL K 111 25.85 3.01 29.26
C VAL K 111 24.81 2.26 30.10
N GLN K 112 23.55 2.45 29.77
CA GLN K 112 22.44 1.85 30.50
C GLN K 112 21.60 0.94 29.61
N VAL K 113 21.35 -0.27 30.08
CA VAL K 113 20.52 -1.25 29.36
C VAL K 113 19.20 -1.45 30.09
N ILE K 114 18.12 -0.90 29.54
CA ILE K 114 16.80 -1.01 30.15
C ILE K 114 15.97 -2.06 29.41
N ALA K 115 15.77 -3.19 30.06
CA ALA K 115 15.00 -4.29 29.50
C ALA K 115 13.67 -4.48 30.24
N THR K 116 12.58 -4.15 29.57
CA THR K 116 11.24 -4.29 30.14
C THR K 116 10.40 -5.32 29.41
N VAL K 117 9.80 -6.24 30.17
CA VAL K 117 8.91 -7.27 29.62
C VAL K 117 7.52 -6.68 29.44
N VAL K 118 7.02 -6.70 28.21
CA VAL K 118 5.74 -6.07 27.87
C VAL K 118 4.61 -7.10 27.68
N SER K 119 4.98 -8.30 27.24
CA SER K 119 4.05 -9.43 27.12
C SER K 119 4.76 -10.73 27.47
N VAL K 120 4.00 -11.71 27.96
CA VAL K 120 4.58 -12.98 28.42
C VAL K 120 3.72 -14.20 28.09
N ASN K 121 4.37 -15.28 27.67
CA ASN K 121 3.72 -16.56 27.45
C ASN K 121 4.09 -17.53 28.58
N PRO K 122 3.07 -18.20 29.18
CA PRO K 122 3.26 -19.11 30.31
C PRO K 122 4.21 -20.30 30.03
N GLN K 123 4.60 -20.48 28.77
CA GLN K 123 5.49 -21.57 28.39
C GLN K 123 6.90 -21.09 28.06
N VAL K 124 7.03 -19.80 27.73
CA VAL K 124 8.30 -19.22 27.31
C VAL K 124 8.88 -18.30 28.40
N ASN K 125 10.10 -18.63 28.82
CA ASN K 125 10.80 -17.86 29.84
C ASN K 125 11.50 -16.62 29.26
N PRO K 126 11.10 -15.42 29.72
CA PRO K 126 11.59 -14.14 29.20
C PRO K 126 13.08 -13.86 29.43
N ASP K 127 13.75 -14.67 30.24
CA ASP K 127 15.16 -14.45 30.59
C ASP K 127 16.10 -14.58 29.39
N ILE K 128 15.81 -15.55 28.50
CA ILE K 128 16.62 -15.76 27.30
C ILE K 128 16.24 -14.79 26.18
N VAL K 129 14.99 -14.31 26.21
CA VAL K 129 14.49 -13.33 25.26
C VAL K 129 15.13 -11.96 25.52
N ALA K 130 15.32 -11.64 26.80
CA ALA K 130 15.92 -10.37 27.22
C ALA K 130 17.41 -10.29 26.89
N MET K 131 18.09 -11.43 26.91
CA MET K 131 19.53 -11.51 26.61
C MET K 131 19.82 -11.29 25.13
N ILE K 132 18.91 -11.77 24.27
CA ILE K 132 18.99 -11.53 22.84
C ILE K 132 18.66 -10.06 22.54
N GLY K 133 17.73 -9.51 23.33
CA GLY K 133 17.31 -8.12 23.21
C GLY K 133 18.41 -7.12 23.44
N ALA K 134 19.23 -7.37 24.46
CA ALA K 134 20.38 -6.52 24.77
C ALA K 134 21.52 -6.74 23.78
N SER K 135 21.62 -7.96 23.26
CA SER K 135 22.64 -8.33 22.27
C SER K 135 22.43 -7.59 20.95
N ALA K 136 21.16 -7.44 20.55
CA ALA K 136 20.80 -6.73 19.33
C ALA K 136 20.91 -5.22 19.51
N ALA K 137 20.53 -4.73 20.69
CA ALA K 137 20.54 -3.30 20.99
C ALA K 137 21.95 -2.72 21.13
N LEU K 138 22.85 -3.48 21.75
CA LEU K 138 24.24 -3.04 21.91
C LEU K 138 25.02 -3.06 20.60
N SER K 139 24.58 -3.90 19.66
CA SER K 139 25.22 -4.02 18.36
C SER K 139 24.72 -2.98 17.36
N LEU K 140 23.46 -2.57 17.50
CA LEU K 140 22.84 -1.58 16.62
C LEU K 140 23.08 -0.14 17.08
N SER K 141 23.60 0.01 18.31
CA SER K 141 23.81 1.33 18.91
C SER K 141 24.96 2.11 18.29
N GLY K 142 26.04 1.42 17.97
CA GLY K 142 27.25 2.06 17.45
C GLY K 142 28.34 2.15 18.51
N ILE K 143 27.93 2.00 19.77
CA ILE K 143 28.84 1.98 20.91
C ILE K 143 29.80 0.80 20.78
N PRO K 144 31.12 1.04 20.91
CA PRO K 144 32.12 -0.02 20.81
C PRO K 144 31.75 -1.26 21.61
N PHE K 145 31.36 -2.32 20.90
CA PHE K 145 30.91 -3.56 21.50
C PHE K 145 31.37 -4.73 20.63
N ASN K 146 32.12 -5.65 21.23
CA ASN K 146 32.73 -6.76 20.50
C ASN K 146 31.85 -8.02 20.43
N GLY K 147 30.54 -7.82 20.31
CA GLY K 147 29.59 -8.92 20.22
C GLY K 147 29.33 -9.34 18.78
N PRO K 148 28.10 -9.82 18.49
CA PRO K 148 27.01 -10.00 19.44
C PRO K 148 27.00 -11.38 20.11
N ILE K 149 26.17 -11.54 21.14
CA ILE K 149 26.06 -12.81 21.87
C ILE K 149 24.74 -13.53 21.60
N GLY K 150 24.74 -14.84 21.80
CA GLY K 150 23.54 -15.66 21.67
C GLY K 150 23.10 -16.22 23.01
N ALA K 151 21.79 -16.29 23.20
CA ALA K 151 21.21 -16.85 24.43
C ALA K 151 20.59 -18.22 24.16
N ALA K 152 21.09 -19.22 24.88
CA ALA K 152 20.61 -20.59 24.70
C ALA K 152 20.33 -21.27 26.05
N ARG K 153 19.15 -21.90 26.12
CA ARG K 153 18.73 -22.66 27.29
C ARG K 153 18.55 -24.11 26.88
N VAL K 154 19.24 -25.01 27.56
CA VAL K 154 19.18 -26.44 27.23
C VAL K 154 18.72 -27.32 28.38
N GLY K 155 18.08 -28.44 28.05
CA GLY K 155 17.60 -29.40 29.03
C GLY K 155 18.07 -30.82 28.73
N TYR K 156 18.22 -31.61 29.79
CA TYR K 156 18.71 -32.99 29.67
C TYR K 156 17.58 -33.99 29.92
N ILE K 157 16.92 -34.41 28.84
CA ILE K 157 15.81 -35.35 28.92
C ILE K 157 16.18 -36.67 28.25
N ASN K 158 16.04 -37.76 29.00
CA ASN K 158 16.33 -39.12 28.53
C ASN K 158 17.73 -39.28 27.91
N ASP K 159 18.73 -38.77 28.63
CA ASP K 159 20.14 -38.79 28.21
C ASP K 159 20.38 -38.14 26.84
N GLN K 160 19.63 -37.08 26.55
CA GLN K 160 19.74 -36.34 25.30
C GLN K 160 19.44 -34.85 25.51
N TYR K 161 20.17 -34.00 24.79
CA TYR K 161 20.05 -32.55 24.94
C TYR K 161 18.88 -31.98 24.12
N VAL K 162 18.10 -31.11 24.76
CA VAL K 162 16.96 -30.46 24.12
C VAL K 162 17.09 -28.93 24.23
N LEU K 163 17.03 -28.26 23.08
CA LEU K 163 17.16 -26.80 23.03
C LEU K 163 15.84 -26.10 23.38
N ASN K 164 15.95 -25.07 24.23
CA ASN K 164 14.81 -24.25 24.68
C ASN K 164 13.59 -25.05 25.16
N PRO K 165 13.65 -25.61 26.38
CA PRO K 165 12.51 -26.33 26.92
C PRO K 165 11.44 -25.40 27.49
N THR K 166 10.19 -25.82 27.40
CA THR K 166 9.07 -25.06 27.94
C THR K 166 8.93 -25.29 29.45
N GLN K 167 7.95 -24.64 30.07
CA GLN K 167 7.71 -24.75 31.51
C GLN K 167 7.35 -26.18 31.93
N ASP K 168 6.65 -26.90 31.05
CA ASP K 168 6.27 -28.29 31.30
C ASP K 168 7.41 -29.25 31.02
N GLU K 169 8.29 -28.90 30.09
CA GLU K 169 9.43 -29.73 29.71
C GLU K 169 10.57 -29.70 30.73
N LEU K 170 10.61 -28.64 31.55
CA LEU K 170 11.64 -28.49 32.58
C LEU K 170 11.45 -29.44 33.76
N LYS K 171 10.21 -29.86 33.99
CA LYS K 171 9.87 -30.78 35.08
C LYS K 171 10.41 -32.18 34.82
N GLU K 172 10.39 -32.60 33.55
CA GLU K 172 10.90 -33.91 33.14
C GLU K 172 12.43 -33.88 32.93
N SER K 173 12.97 -32.68 32.74
CA SER K 173 14.39 -32.49 32.49
C SER K 173 15.23 -32.66 33.76
N LYS K 174 16.49 -33.07 33.57
CA LYS K 174 17.43 -33.28 34.66
C LYS K 174 18.38 -32.08 34.82
N LEU K 175 18.55 -31.32 33.73
CA LEU K 175 19.46 -30.18 33.71
C LEU K 175 18.75 -28.90 33.23
N ASP K 176 19.15 -27.77 33.82
CA ASP K 176 18.64 -26.46 33.42
C ASP K 176 19.76 -25.42 33.48
N LEU K 177 20.22 -25.01 32.30
CA LEU K 177 21.29 -24.01 32.19
C LEU K 177 21.07 -22.98 31.10
N VAL K 178 21.57 -21.76 31.35
CA VAL K 178 21.57 -20.69 30.36
C VAL K 178 23.02 -20.37 29.98
N VAL K 179 23.34 -20.53 28.70
CA VAL K 179 24.70 -20.33 28.21
C VAL K 179 24.78 -19.15 27.22
N ALA K 180 25.74 -18.26 27.45
CA ALA K 180 25.95 -17.09 26.60
C ALA K 180 27.38 -17.03 26.07
N GLY K 181 27.51 -16.57 24.83
CA GLY K 181 28.81 -16.44 24.18
C GLY K 181 28.73 -15.88 22.77
N THR K 182 29.88 -15.50 22.23
CA THR K 182 29.98 -14.95 20.88
C THR K 182 30.11 -16.05 19.82
N GLU K 183 30.48 -15.65 18.61
CA GLU K 183 30.67 -16.58 17.50
C GLU K 183 31.90 -17.48 17.71
N ALA K 184 32.91 -16.95 18.42
CA ALA K 184 34.17 -17.65 18.61
C ALA K 184 34.29 -18.34 19.97
N ALA K 185 33.85 -17.67 21.03
CA ALA K 185 34.06 -18.15 22.40
C ALA K 185 32.84 -18.03 23.32
N VAL K 186 32.81 -18.86 24.36
CA VAL K 186 31.78 -18.81 25.39
C VAL K 186 32.14 -17.73 26.40
N LEU K 187 31.13 -17.16 27.06
CA LEU K 187 31.34 -16.07 28.02
C LEU K 187 30.70 -16.29 29.39
N MET K 188 29.49 -16.80 29.41
CA MET K 188 28.82 -17.02 30.65
C MET K 188 28.14 -18.34 30.68
N VAL K 189 27.91 -18.82 31.86
CA VAL K 189 27.13 -20.04 32.12
C VAL K 189 26.51 -19.99 33.52
N GLU K 190 25.23 -20.34 33.60
CA GLU K 190 24.50 -20.41 34.87
C GLU K 190 23.61 -21.67 34.86
N SER K 191 23.93 -22.63 35.72
CA SER K 191 23.31 -23.95 35.67
C SER K 191 22.96 -24.59 37.01
N GLU K 192 22.10 -25.57 36.97
CA GLU K 192 21.91 -26.46 38.07
C GLU K 192 21.51 -27.72 37.41
N ALA K 193 21.70 -28.84 38.09
CA ALA K 193 21.37 -30.18 37.61
C ALA K 193 21.39 -31.23 38.72
N GLN K 194 20.64 -32.31 38.51
CA GLN K 194 20.56 -33.41 39.49
C GLN K 194 21.72 -34.38 39.38
N LEU K 195 22.86 -33.98 39.96
CA LEU K 195 24.05 -34.83 40.09
C LEU K 195 24.48 -35.48 38.76
N LEU K 196 24.87 -34.65 37.79
CA LEU K 196 25.31 -35.14 36.48
C LEU K 196 26.83 -35.17 36.35
N SER K 197 27.30 -36.01 35.42
CA SER K 197 28.74 -36.20 35.20
C SER K 197 29.38 -35.01 34.49
N GLU K 198 30.72 -34.97 34.51
CA GLU K 198 31.51 -33.89 33.92
C GLU K 198 31.31 -33.75 32.41
N ASP K 199 31.23 -34.88 31.71
CA ASP K 199 31.03 -34.90 30.26
C ASP K 199 29.62 -34.46 29.86
N GLN K 200 28.66 -34.71 30.74
CA GLN K 200 27.27 -34.33 30.51
C GLN K 200 27.03 -32.83 30.76
N MET K 201 27.72 -32.30 31.76
CA MET K 201 27.62 -30.88 32.12
C MET K 201 28.31 -29.99 31.09
N LEU K 202 29.50 -30.40 30.64
CA LEU K 202 30.27 -29.67 29.65
C LEU K 202 29.66 -29.81 28.25
N GLY K 203 29.09 -30.98 27.98
CA GLY K 203 28.44 -31.27 26.70
C GLY K 203 27.25 -30.38 26.41
N ALA K 204 26.53 -29.99 27.47
CA ALA K 204 25.38 -29.10 27.35
C ALA K 204 25.79 -27.65 27.08
N VAL K 205 26.98 -27.28 27.56
CA VAL K 205 27.53 -25.95 27.34
C VAL K 205 27.96 -25.79 25.87
N VAL K 206 28.59 -26.82 25.33
CA VAL K 206 29.03 -26.84 23.93
C VAL K 206 27.82 -26.92 22.98
N PHE K 207 26.83 -27.73 23.35
CA PHE K 207 25.59 -27.88 22.57
C PHE K 207 24.83 -26.56 22.46
N GLY K 208 24.75 -25.83 23.58
CA GLY K 208 24.09 -24.52 23.61
C GLY K 208 24.85 -23.47 22.82
N HIS K 209 26.18 -23.54 22.87
CA HIS K 209 27.05 -22.61 22.14
C HIS K 209 26.94 -22.79 20.62
N GLU K 210 26.70 -24.02 20.19
CA GLU K 210 26.55 -24.33 18.77
C GLU K 210 25.17 -23.98 18.23
N GLN K 211 24.15 -24.11 19.07
CA GLN K 211 22.76 -23.86 18.68
C GLN K 211 22.40 -22.37 18.67
N GLN K 212 23.10 -21.58 19.49
CA GLN K 212 22.85 -20.15 19.59
C GLN K 212 23.50 -19.36 18.45
N GLN K 213 24.18 -20.06 17.55
CA GLN K 213 24.91 -19.44 16.44
C GLN K 213 24.00 -18.78 15.41
N VAL K 214 22.80 -19.33 15.22
CA VAL K 214 21.83 -18.78 14.27
C VAL K 214 21.24 -17.45 14.77
N VAL K 215 21.26 -17.25 16.09
CA VAL K 215 20.83 -15.98 16.69
C VAL K 215 21.87 -14.90 16.44
N ILE K 216 23.14 -15.25 16.64
CA ILE K 216 24.26 -14.32 16.44
C ILE K 216 24.39 -13.91 14.96
N GLN K 217 24.15 -14.87 14.06
CA GLN K 217 24.24 -14.63 12.62
C GLN K 217 23.14 -13.71 12.08
N ASN K 218 21.99 -13.71 12.74
CA ASN K 218 20.87 -12.84 12.36
C ASN K 218 20.99 -11.41 12.87
N ILE K 219 21.69 -11.23 13.99
CA ILE K 219 21.96 -9.90 14.54
C ILE K 219 22.98 -9.18 13.66
N ASN K 220 24.03 -9.89 13.28
CA ASN K 220 25.09 -9.36 12.41
C ASN K 220 24.58 -8.89 11.04
N GLU K 221 23.60 -9.61 10.50
CA GLU K 221 22.98 -9.24 9.22
C GLU K 221 22.02 -8.06 9.38
N LEU K 222 21.47 -7.90 10.58
CA LEU K 222 20.56 -6.80 10.89
C LEU K 222 21.32 -5.49 11.09
N VAL K 223 22.52 -5.59 11.66
CA VAL K 223 23.42 -4.44 11.82
C VAL K 223 23.95 -3.99 10.46
N LYS K 224 24.21 -4.96 9.58
CA LYS K 224 24.66 -4.70 8.21
C LYS K 224 23.56 -4.05 7.38
N GLU K 225 22.30 -4.34 7.72
CA GLU K 225 21.14 -3.82 6.99
C GLU K 225 20.75 -2.41 7.45
N ALA K 226 20.41 -2.27 8.74
CA ALA K 226 19.99 -0.99 9.29
C ALA K 226 20.57 -0.75 10.68
N GLY K 227 21.87 -0.44 10.72
CA GLY K 227 22.57 -0.18 11.97
C GLY K 227 23.30 1.15 11.98
N LYS K 228 23.37 1.78 13.15
CA LYS K 228 24.06 3.05 13.32
C LYS K 228 25.57 2.87 13.22
N PRO K 229 26.26 3.81 12.54
CA PRO K 229 27.72 3.76 12.38
C PRO K 229 28.48 3.71 13.71
N ARG K 230 29.63 3.04 13.70
CA ARG K 230 30.45 2.87 14.90
C ARG K 230 30.97 4.20 15.44
N TRP K 231 31.06 4.28 16.77
CA TRP K 231 31.53 5.49 17.46
C TRP K 231 32.99 5.80 17.15
N ASP K 232 33.29 7.09 17.04
CA ASP K 232 34.67 7.55 16.84
C ASP K 232 35.40 7.54 18.17
N TRP K 233 35.80 6.34 18.61
CA TRP K 233 36.47 6.16 19.90
C TRP K 233 37.74 5.34 19.75
N GLN K 234 38.81 5.83 20.37
CA GLN K 234 40.08 5.13 20.42
C GLN K 234 40.62 5.13 21.85
N PRO K 235 41.23 4.01 22.29
CA PRO K 235 41.78 3.90 23.65
C PRO K 235 42.88 4.92 23.93
N GLU K 236 43.06 5.25 25.20
CA GLU K 236 44.07 6.23 25.63
C GLU K 236 45.45 5.91 25.05
N PRO K 237 46.06 6.90 24.37
CA PRO K 237 47.38 6.74 23.75
C PRO K 237 48.43 6.25 24.74
N VAL K 238 49.16 5.20 24.37
CA VAL K 238 50.17 4.59 25.23
C VAL K 238 51.38 5.51 25.45
N ASN K 239 51.38 6.20 26.59
CA ASN K 239 52.48 7.08 26.96
C ASN K 239 53.63 6.27 27.57
N GLU K 240 54.59 5.92 26.72
CA GLU K 240 55.70 5.06 27.10
C GLU K 240 56.72 5.77 28.01
N ALA K 241 56.77 7.10 27.91
CA ALA K 241 57.68 7.91 28.71
C ALA K 241 57.31 7.90 30.19
N LEU K 242 56.00 7.85 30.47
CA LEU K 242 55.49 7.81 31.85
C LEU K 242 55.62 6.41 32.44
N ASN K 243 55.35 5.40 31.61
CA ASN K 243 55.41 4.00 32.03
C ASN K 243 56.79 3.53 32.49
N ALA K 244 57.83 4.05 31.83
CA ALA K 244 59.21 3.71 32.17
C ALA K 244 59.65 4.33 33.50
N ARG K 245 59.06 5.48 33.83
CA ARG K 245 59.37 6.19 35.07
C ARG K 245 58.75 5.51 36.30
N VAL K 246 57.57 4.92 36.11
CA VAL K 246 56.85 4.23 37.19
C VAL K 246 57.44 2.83 37.43
N ALA K 247 57.71 2.10 36.35
CA ALA K 247 58.25 0.74 36.42
C ALA K 247 59.65 0.66 37.03
N ALA K 248 60.47 1.67 36.76
CA ALA K 248 61.84 1.72 37.28
C ALA K 248 61.89 2.18 38.74
N LEU K 249 60.73 2.27 39.37
CA LEU K 249 60.62 2.73 40.76
C LEU K 249 59.67 1.85 41.58
N ALA K 250 58.62 1.35 40.95
CA ALA K 250 57.58 0.58 41.64
C ALA K 250 57.63 -0.93 41.36
N GLU K 251 57.82 -1.29 40.09
CA GLU K 251 57.80 -2.69 39.64
C GLU K 251 58.72 -3.60 40.46
N ALA K 252 59.88 -3.09 40.86
CA ALA K 252 60.83 -3.85 41.67
C ALA K 252 60.29 -4.16 43.06
N ARG K 253 59.68 -3.16 43.70
CA ARG K 253 59.14 -3.31 45.05
C ARG K 253 57.78 -4.02 45.07
N LEU K 254 57.03 -3.88 43.97
CA LEU K 254 55.73 -4.54 43.83
C LEU K 254 55.86 -6.03 43.53
N SER K 255 57.00 -6.41 42.94
CA SER K 255 57.30 -7.81 42.63
C SER K 255 57.53 -8.62 43.90
N ASP K 256 58.14 -8.00 44.90
CA ASP K 256 58.39 -8.62 46.19
C ASP K 256 57.19 -8.48 47.12
N ALA K 257 56.29 -7.56 46.79
CA ALA K 257 55.07 -7.34 47.57
C ALA K 257 54.06 -8.47 47.39
N TYR K 258 53.99 -9.02 46.18
CA TYR K 258 53.11 -10.15 45.87
C TYR K 258 53.84 -11.49 46.05
N ARG K 259 54.58 -11.60 47.15
CA ARG K 259 55.35 -12.80 47.45
C ARG K 259 55.00 -13.37 48.82
N ILE K 260 54.71 -12.48 49.77
CA ILE K 260 54.32 -12.89 51.13
C ILE K 260 52.87 -13.39 51.20
N THR K 261 52.60 -14.24 52.18
CA THR K 261 51.33 -14.98 52.24
C THR K 261 50.13 -14.19 52.77
N ASP K 262 50.30 -13.52 53.92
CA ASP K 262 49.21 -12.84 54.60
C ASP K 262 48.61 -11.69 53.77
N LYS K 263 47.28 -11.67 53.68
CA LYS K 263 46.56 -10.67 52.89
C LYS K 263 46.60 -9.29 53.55
N GLN K 264 46.46 -9.25 54.87
CA GLN K 264 46.52 -8.01 55.64
C GLN K 264 47.90 -7.36 55.57
N GLU K 265 48.93 -8.19 55.42
CA GLU K 265 50.30 -7.71 55.23
C GLU K 265 50.56 -7.37 53.76
N ARG K 266 49.82 -8.01 52.86
CA ARG K 266 49.95 -7.76 51.43
C ARG K 266 49.31 -6.45 51.02
N TYR K 267 48.07 -6.21 51.46
CA TYR K 267 47.35 -4.98 51.15
C TYR K 267 47.84 -3.76 51.93
N ALA K 268 48.72 -4.01 52.91
CA ALA K 268 49.37 -2.92 53.64
C ALA K 268 50.65 -2.49 52.94
N GLN K 269 51.44 -3.46 52.48
CA GLN K 269 52.69 -3.20 51.78
C GLN K 269 52.45 -2.65 50.37
N VAL K 270 51.46 -3.22 49.67
CA VAL K 270 51.14 -2.80 48.31
C VAL K 270 50.51 -1.40 48.26
N ASP K 271 49.93 -0.97 49.38
CA ASP K 271 49.35 0.37 49.50
C ASP K 271 50.43 1.41 49.79
N VAL K 272 51.48 1.00 50.49
CA VAL K 272 52.63 1.86 50.78
C VAL K 272 53.36 2.23 49.48
N ILE K 273 53.61 1.22 48.64
CA ILE K 273 54.23 1.43 47.33
C ILE K 273 53.30 2.23 46.41
N LYS K 274 52.00 2.02 46.56
CA LYS K 274 51.01 2.72 45.74
C LYS K 274 50.71 4.10 46.30
N SER K 275 51.44 4.49 47.34
CA SER K 275 51.25 5.78 47.98
C SER K 275 52.55 6.59 47.99
N GLU K 276 53.68 5.87 48.05
CA GLU K 276 54.99 6.52 48.07
C GLU K 276 55.46 6.88 46.67
N THR K 277 54.97 6.12 45.68
CA THR K 277 55.35 6.36 44.28
C THR K 277 54.64 7.58 43.71
N ILE K 278 53.33 7.68 43.97
CA ILE K 278 52.53 8.81 43.52
C ILE K 278 52.93 10.11 44.21
N ALA K 279 53.21 10.04 45.51
CA ALA K 279 53.62 11.20 46.31
C ALA K 279 54.99 11.75 45.87
N THR K 280 55.89 10.86 45.48
CA THR K 280 57.21 11.25 44.98
C THR K 280 57.09 11.86 43.58
N LEU K 281 56.21 11.29 42.75
CA LEU K 281 55.96 11.80 41.40
C LEU K 281 55.23 13.14 41.40
N LEU K 282 54.37 13.35 42.39
CA LEU K 282 53.68 14.63 42.58
C LEU K 282 54.63 15.71 43.08
N ALA K 283 55.61 15.31 43.88
CA ALA K 283 56.66 16.21 44.36
C ALA K 283 57.66 16.56 43.25
N GLU K 284 57.86 15.60 42.34
CA GLU K 284 58.74 15.79 41.20
C GLU K 284 58.04 16.62 40.11
N ASP K 285 56.77 16.31 39.87
CA ASP K 285 55.95 17.04 38.90
C ASP K 285 54.53 17.18 39.43
N GLU K 286 54.14 18.41 39.76
CA GLU K 286 52.83 18.70 40.36
C GLU K 286 51.65 18.56 39.39
N THR K 287 51.92 18.71 38.10
CA THR K 287 50.89 18.63 37.07
C THR K 287 50.87 17.25 36.41
N LEU K 288 50.21 16.29 37.06
CA LEU K 288 50.06 14.93 36.54
C LEU K 288 48.67 14.39 36.83
N ASP K 289 48.19 13.49 35.97
CA ASP K 289 46.88 12.87 36.13
C ASP K 289 46.90 11.83 37.25
N GLU K 290 46.05 12.04 38.26
CA GLU K 290 45.98 11.18 39.43
C GLU K 290 45.39 9.81 39.10
N ASN K 291 44.38 9.79 38.23
CA ASN K 291 43.71 8.55 37.83
C ASN K 291 44.54 7.68 36.91
N GLU K 292 45.47 8.29 36.17
CA GLU K 292 46.34 7.57 35.25
C GLU K 292 47.45 6.81 35.97
N LEU K 293 48.02 7.43 37.01
CA LEU K 293 49.11 6.84 37.79
C LEU K 293 48.71 5.52 38.44
N GLY K 294 47.47 5.46 38.93
CA GLY K 294 46.92 4.25 39.55
C GLY K 294 46.57 3.17 38.53
N GLU K 295 46.32 3.58 37.29
CA GLU K 295 46.00 2.66 36.21
C GLU K 295 47.22 1.86 35.75
N ILE K 296 48.36 2.55 35.68
CA ILE K 296 49.64 1.90 35.34
C ILE K 296 50.10 0.98 36.48
N LEU K 297 49.92 1.43 37.72
CA LEU K 297 50.25 0.63 38.90
C LEU K 297 49.41 -0.64 39.00
N HIS K 298 48.15 -0.55 38.57
CA HIS K 298 47.25 -1.70 38.51
C HIS K 298 47.68 -2.69 37.43
N ALA K 299 48.25 -2.16 36.34
CA ALA K 299 48.76 -2.98 35.24
C ALA K 299 50.04 -3.73 35.65
N ILE K 300 50.85 -3.10 36.48
CA ILE K 300 52.06 -3.71 37.03
C ILE K 300 51.70 -4.80 38.05
N GLU K 301 50.70 -4.50 38.87
CA GLU K 301 50.17 -5.47 39.85
C GLU K 301 49.62 -6.71 39.17
N LYS K 302 49.01 -6.53 38.00
CA LYS K 302 48.44 -7.62 37.23
C LYS K 302 49.52 -8.45 36.54
N ASN K 303 50.48 -7.78 35.90
CA ASN K 303 51.52 -8.43 35.11
C ASN K 303 52.48 -9.29 35.92
N VAL K 304 52.78 -8.86 37.14
CA VAL K 304 53.66 -9.60 38.04
C VAL K 304 53.04 -10.94 38.47
N VAL K 305 51.74 -10.92 38.74
CA VAL K 305 51.01 -12.11 39.18
C VAL K 305 50.86 -13.15 38.06
N ARG K 306 50.38 -12.70 36.90
CA ARG K 306 50.07 -13.62 35.78
C ARG K 306 51.30 -14.23 35.11
N SER K 307 52.43 -13.54 35.16
CA SER K 307 53.68 -14.01 34.55
C SER K 307 54.30 -15.16 35.33
N ARG K 308 54.18 -15.13 36.65
CA ARG K 308 54.73 -16.16 37.52
C ARG K 308 53.92 -17.46 37.45
N VAL K 309 52.60 -17.32 37.30
CA VAL K 309 51.71 -18.48 37.19
C VAL K 309 51.90 -19.17 35.83
N LEU K 310 52.11 -18.36 34.78
CA LEU K 310 52.27 -18.87 33.42
C LEU K 310 53.62 -19.57 33.21
N ALA K 311 54.67 -19.04 33.82
CA ALA K 311 56.02 -19.57 33.68
C ALA K 311 56.22 -20.90 34.39
N GLY K 312 55.61 -21.04 35.57
CA GLY K 312 55.71 -22.27 36.37
C GLY K 312 56.10 -22.02 37.82
N GLU K 313 56.30 -20.75 38.16
CA GLU K 313 56.65 -20.35 39.52
C GLU K 313 55.43 -20.47 40.45
N PRO K 314 55.67 -20.75 41.75
CA PRO K 314 54.59 -20.89 42.74
C PRO K 314 53.73 -19.62 42.88
N ARG K 315 52.50 -19.80 43.35
CA ARG K 315 51.53 -18.71 43.48
C ARG K 315 51.87 -17.73 44.61
N ILE K 316 51.00 -16.75 44.82
CA ILE K 316 51.21 -15.67 45.79
C ILE K 316 51.45 -16.19 47.22
N ASP K 317 50.60 -17.11 47.67
CA ASP K 317 50.69 -17.67 49.02
C ASP K 317 51.62 -18.89 49.11
N GLY K 318 52.45 -19.09 48.09
CA GLY K 318 53.41 -20.18 48.05
C GLY K 318 52.80 -21.54 47.77
N ARG K 319 51.67 -21.53 47.06
CA ARG K 319 50.97 -22.77 46.70
C ARG K 319 51.35 -23.26 45.31
N GLU K 320 50.94 -24.49 45.00
CA GLU K 320 51.20 -25.11 43.70
C GLU K 320 50.13 -24.74 42.67
N LYS K 321 50.10 -25.49 41.56
CA LYS K 321 49.16 -25.26 40.47
C LYS K 321 47.74 -25.75 40.80
N ASP K 322 47.66 -26.93 41.42
CA ASP K 322 46.37 -27.60 41.63
C ASP K 322 45.98 -27.84 43.09
N MET K 323 46.85 -27.46 44.03
CA MET K 323 46.57 -27.64 45.45
C MET K 323 45.63 -26.55 45.98
N ILE K 324 44.90 -26.88 47.05
CA ILE K 324 43.99 -25.92 47.68
C ILE K 324 44.48 -25.49 49.07
N ARG K 325 43.81 -24.50 49.65
CA ARG K 325 44.15 -23.98 50.98
C ARG K 325 43.74 -24.93 52.11
N GLY K 326 44.21 -24.63 53.32
CA GLY K 326 43.91 -25.45 54.51
C GLY K 326 42.46 -25.39 54.93
N LEU K 327 41.87 -26.55 55.17
CA LEU K 327 40.45 -26.66 55.51
C LEU K 327 40.21 -26.81 57.01
N ASP K 328 39.10 -26.25 57.48
CA ASP K 328 38.67 -26.37 58.87
C ASP K 328 37.15 -26.56 58.92
N VAL K 329 36.74 -27.75 59.37
CA VAL K 329 35.33 -28.12 59.42
C VAL K 329 34.82 -28.20 60.86
N ARG K 330 33.82 -27.39 61.17
CA ARG K 330 33.23 -27.37 62.50
C ARG K 330 31.71 -27.43 62.45
N THR K 331 31.13 -28.32 63.27
CA THR K 331 29.69 -28.53 63.32
C THR K 331 29.19 -28.51 64.76
N GLY K 332 28.07 -27.83 64.99
CA GLY K 332 27.51 -27.68 66.34
C GLY K 332 28.06 -26.45 67.04
N VAL K 333 28.23 -25.38 66.26
CA VAL K 333 28.80 -24.12 66.74
C VAL K 333 27.88 -23.40 67.72
N LEU K 334 26.60 -23.30 67.36
CA LEU K 334 25.63 -22.52 68.12
C LEU K 334 24.68 -23.42 68.94
N PRO K 335 24.34 -22.99 70.17
CA PRO K 335 23.54 -23.82 71.07
C PRO K 335 22.03 -23.85 70.75
N ARG K 336 21.41 -22.68 70.59
CA ARG K 336 19.95 -22.59 70.45
C ARG K 336 19.45 -22.37 69.02
N THR K 337 19.98 -23.16 68.09
CA THR K 337 19.49 -23.20 66.72
C THR K 337 19.50 -24.63 66.18
N HIS K 338 18.71 -24.87 65.14
CA HIS K 338 18.57 -26.21 64.57
C HIS K 338 19.85 -26.70 63.88
N GLY K 339 20.38 -25.88 62.97
CA GLY K 339 21.59 -26.21 62.23
C GLY K 339 22.74 -25.25 62.51
N SER K 340 23.95 -25.79 62.61
CA SER K 340 25.15 -24.99 62.86
C SER K 340 26.35 -25.51 62.06
N ALA K 341 27.08 -24.58 61.45
CA ALA K 341 28.26 -24.92 60.66
C ALA K 341 29.26 -23.77 60.58
N LEU K 342 30.55 -24.11 60.61
CA LEU K 342 31.63 -23.14 60.45
C LEU K 342 32.71 -23.71 59.53
N PHE K 343 32.49 -23.58 58.24
CA PHE K 343 33.44 -24.06 57.23
C PHE K 343 34.48 -22.97 56.93
N THR K 344 35.76 -23.34 57.04
CA THR K 344 36.85 -22.40 56.78
C THR K 344 37.83 -22.99 55.77
N ARG K 345 38.08 -22.24 54.70
CA ARG K 345 39.06 -22.63 53.69
C ARG K 345 40.17 -21.59 53.58
N GLY K 346 41.27 -21.84 54.28
CA GLY K 346 42.40 -20.93 54.27
C GLY K 346 42.12 -19.63 55.00
N GLU K 347 41.58 -18.66 54.27
CA GLU K 347 41.26 -17.36 54.85
C GLU K 347 39.75 -17.09 54.81
N THR K 348 39.08 -17.76 53.87
CA THR K 348 37.63 -17.59 53.73
C THR K 348 36.86 -18.46 54.72
N GLN K 349 35.66 -18.03 55.07
CA GLN K 349 34.83 -18.77 56.03
C GLN K 349 33.38 -18.28 55.97
N ALA K 350 32.48 -19.13 56.44
CA ALA K 350 31.06 -18.81 56.46
C ALA K 350 30.32 -19.52 57.58
N LEU K 351 29.67 -18.74 58.44
CA LEU K 351 28.82 -19.27 59.50
C LEU K 351 27.44 -19.58 58.94
N VAL K 352 27.19 -20.86 58.66
CA VAL K 352 25.97 -21.29 57.99
C VAL K 352 25.02 -21.96 58.97
N THR K 353 23.76 -21.53 58.95
CA THR K 353 22.73 -22.04 59.85
C THR K 353 21.52 -22.60 59.08
N ALA K 354 20.88 -23.61 59.67
CA ALA K 354 19.68 -24.20 59.11
C ALA K 354 18.49 -24.05 60.06
N THR K 355 17.32 -23.76 59.50
CA THR K 355 16.11 -23.53 60.30
C THR K 355 14.93 -24.33 59.77
N LEU K 356 14.25 -25.05 60.65
CA LEU K 356 13.09 -25.86 60.28
C LEU K 356 11.79 -25.11 60.57
N GLY K 357 10.77 -25.36 59.74
CA GLY K 357 9.47 -24.72 59.89
C GLY K 357 8.31 -25.49 59.27
N THR K 358 7.10 -24.96 59.47
CA THR K 358 5.88 -25.57 58.94
C THR K 358 5.60 -25.05 57.53
N ALA K 359 4.62 -25.64 56.85
CA ALA K 359 4.22 -25.25 55.49
C ALA K 359 3.67 -23.82 55.41
N ARG K 360 3.23 -23.29 56.55
CA ARG K 360 2.72 -21.93 56.64
C ARG K 360 3.85 -20.88 56.64
N ASP K 361 5.08 -21.35 56.88
CA ASP K 361 6.26 -20.50 56.88
C ASP K 361 7.00 -20.52 55.53
N ALA K 362 6.33 -21.04 54.51
CA ALA K 362 6.87 -21.07 53.14
C ALA K 362 6.61 -19.76 52.43
N GLN K 363 7.61 -19.29 51.68
CA GLN K 363 7.50 -18.03 50.94
C GLN K 363 6.68 -18.21 49.67
N VAL K 364 5.70 -17.32 49.48
CA VAL K 364 4.86 -17.34 48.29
C VAL K 364 5.42 -16.35 47.26
N LEU K 365 6.04 -16.90 46.21
CA LEU K 365 6.61 -16.08 45.15
C LEU K 365 5.54 -15.61 44.18
N ASP K 366 5.39 -14.28 44.08
CA ASP K 366 4.46 -13.67 43.16
C ASP K 366 5.13 -13.52 41.79
N GLU K 367 5.35 -14.65 41.12
CA GLU K 367 6.06 -14.70 39.86
C GLU K 367 5.12 -14.35 38.70
N LEU K 368 5.71 -13.84 37.61
CA LEU K 368 4.96 -13.37 36.45
C LEU K 368 4.28 -14.48 35.65
N MET K 369 5.03 -15.55 35.38
CA MET K 369 4.53 -16.66 34.55
C MET K 369 3.48 -17.51 35.26
N GLY K 370 3.67 -17.71 36.56
CA GLY K 370 2.73 -18.49 37.37
C GLY K 370 3.05 -18.42 38.85
N GLU K 371 2.02 -18.43 39.68
CA GLU K 371 2.16 -18.36 41.14
C GLU K 371 2.76 -19.65 41.68
N ARG K 372 3.88 -19.51 42.41
CA ARG K 372 4.61 -20.65 42.95
C ARG K 372 5.07 -20.42 44.38
N THR K 373 5.24 -21.51 45.12
CA THR K 373 5.70 -21.46 46.51
C THR K 373 7.07 -22.14 46.66
N ASP K 374 7.85 -21.66 47.63
CA ASP K 374 9.19 -22.21 47.90
C ASP K 374 9.27 -22.89 49.26
N THR K 375 9.67 -24.16 49.24
CA THR K 375 9.89 -24.93 50.46
C THR K 375 11.31 -24.67 50.98
N PHE K 376 12.28 -24.73 50.07
CA PHE K 376 13.68 -24.47 50.40
C PHE K 376 14.03 -23.00 50.14
N LEU K 377 14.65 -22.37 51.14
CA LEU K 377 15.06 -20.98 51.05
C LEU K 377 16.52 -20.81 51.44
N PHE K 378 17.27 -20.07 50.62
CA PHE K 378 18.67 -19.79 50.90
C PHE K 378 18.92 -18.29 50.95
N HIS K 379 19.65 -17.86 51.98
CA HIS K 379 19.97 -16.44 52.16
C HIS K 379 21.47 -16.21 52.35
N TYR K 380 22.00 -15.28 51.56
CA TYR K 380 23.42 -14.93 51.57
C TYR K 380 23.62 -13.53 52.11
N ASN K 381 24.56 -13.37 53.03
CA ASN K 381 24.88 -12.08 53.61
C ASN K 381 26.38 -11.80 53.57
N PHE K 382 26.75 -10.68 52.96
CA PHE K 382 28.14 -10.26 52.88
C PHE K 382 28.33 -8.92 53.60
N PRO K 383 28.64 -8.98 54.91
CA PRO K 383 28.81 -7.79 55.74
C PRO K 383 30.20 -7.15 55.55
N PRO K 384 30.32 -5.85 55.89
CA PRO K 384 31.59 -5.12 55.68
C PRO K 384 32.76 -5.57 56.56
N TYR K 385 32.49 -6.23 57.68
CA TYR K 385 33.56 -6.67 58.59
C TYR K 385 34.45 -7.77 58.00
N SER K 386 33.93 -8.51 57.01
CA SER K 386 34.74 -9.40 56.21
C SER K 386 35.60 -8.57 55.26
N VAL K 387 36.78 -9.08 54.92
CA VAL K 387 37.80 -8.37 54.13
C VAL K 387 38.32 -7.08 54.78
N GLY K 388 37.82 -6.77 55.98
CA GLY K 388 38.29 -5.64 56.77
C GLY K 388 38.03 -4.24 56.25
N GLU K 389 36.75 -3.91 56.06
CA GLU K 389 36.35 -2.58 55.60
C GLU K 389 35.11 -2.06 56.34
N THR K 390 34.69 -0.84 56.01
CA THR K 390 33.49 -0.24 56.58
C THR K 390 32.52 0.18 55.48
N GLY K 391 31.24 -0.17 55.66
CA GLY K 391 30.22 0.18 54.69
C GLY K 391 28.84 0.32 55.31
N MET K 392 27.91 0.87 54.55
CA MET K 392 26.55 1.07 55.04
C MET K 392 25.82 -0.25 54.85
N VAL K 393 25.99 -1.15 55.82
CA VAL K 393 25.35 -2.46 55.77
C VAL K 393 23.91 -1.95 55.91
N GLY K 394 23.17 -1.99 54.82
CA GLY K 394 21.78 -1.54 54.83
C GLY K 394 20.80 -2.68 54.63
N SER K 395 20.80 -3.24 53.42
CA SER K 395 19.90 -4.35 53.11
C SER K 395 20.42 -5.16 51.93
N PRO K 396 19.77 -6.30 51.67
CA PRO K 396 20.18 -7.17 50.56
C PRO K 396 20.85 -6.39 49.44
N LYS K 397 22.00 -6.88 48.98
CA LYS K 397 22.74 -6.22 47.91
C LYS K 397 22.32 -6.76 46.54
N ARG K 398 23.21 -6.61 45.56
CA ARG K 398 22.94 -7.07 44.21
C ARG K 398 23.53 -8.42 44.04
N ARG K 399 24.72 -8.58 44.58
CA ARG K 399 25.44 -9.82 44.48
C ARG K 399 25.08 -10.73 45.60
N GLU K 400 24.62 -10.16 46.69
CA GLU K 400 24.13 -10.96 47.82
C GLU K 400 22.90 -11.79 47.44
N ILE K 401 22.15 -11.31 46.44
CA ILE K 401 21.01 -12.03 45.90
C ILE K 401 21.48 -13.11 44.93
N GLY K 402 22.40 -12.75 44.03
CA GLY K 402 22.95 -13.66 43.02
C GLY K 402 23.75 -14.81 43.60
N HIS K 403 24.54 -14.51 44.63
CA HIS K 403 25.35 -15.52 45.33
C HIS K 403 24.49 -16.40 46.24
N GLY K 404 23.32 -15.89 46.61
CA GLY K 404 22.34 -16.65 47.41
C GLY K 404 21.68 -17.75 46.62
N ARG K 405 21.28 -17.43 45.39
CA ARG K 405 20.70 -18.41 44.47
C ARG K 405 21.77 -19.36 43.93
N LEU K 406 23.01 -18.86 43.84
CA LEU K 406 24.16 -19.64 43.44
C LEU K 406 24.37 -20.83 44.37
N ALA K 407 24.33 -20.56 45.67
CA ALA K 407 24.48 -21.61 46.68
C ALA K 407 23.21 -22.43 46.85
N LYS K 408 22.07 -21.85 46.48
CA LYS K 408 20.79 -22.54 46.51
C LYS K 408 20.73 -23.63 45.44
N ARG K 409 21.26 -23.32 44.25
CA ARG K 409 21.29 -24.25 43.12
C ARG K 409 22.27 -25.40 43.36
N GLY K 410 23.28 -25.17 44.20
CA GLY K 410 24.26 -26.19 44.54
C GLY K 410 23.78 -27.19 45.58
N VAL K 411 22.67 -26.87 46.24
CA VAL K 411 22.09 -27.73 47.28
C VAL K 411 20.71 -28.27 46.86
N LEU K 412 20.08 -27.58 45.91
CA LEU K 412 18.72 -27.91 45.45
C LEU K 412 18.55 -29.37 45.01
N ALA K 413 19.54 -29.89 44.29
CA ALA K 413 19.52 -31.27 43.81
C ALA K 413 19.70 -32.28 44.94
N VAL K 414 20.43 -31.88 45.97
CA VAL K 414 20.71 -32.73 47.13
C VAL K 414 19.49 -32.78 48.07
N MET K 415 18.75 -31.67 48.11
CA MET K 415 17.61 -31.51 49.03
C MET K 415 16.51 -32.55 48.80
N PRO K 416 16.07 -33.23 49.89
CA PRO K 416 15.00 -34.23 49.82
C PRO K 416 13.63 -33.64 49.48
N ASP K 417 12.75 -34.47 48.93
CA ASP K 417 11.41 -34.05 48.53
C ASP K 417 10.44 -33.91 49.72
N MET K 418 9.26 -33.38 49.44
CA MET K 418 8.23 -33.15 50.45
C MET K 418 7.60 -34.43 51.00
N ASP K 419 7.59 -35.48 50.18
CA ASP K 419 6.97 -36.75 50.56
C ASP K 419 7.73 -37.46 51.68
N LYS K 420 9.06 -37.45 51.61
CA LYS K 420 9.90 -38.07 52.62
C LYS K 420 10.16 -37.14 53.81
N PHE K 421 10.19 -35.84 53.53
CA PHE K 421 10.46 -34.83 54.55
C PHE K 421 9.58 -33.59 54.33
N PRO K 422 8.45 -33.50 55.05
CA PRO K 422 7.48 -32.41 54.88
C PRO K 422 7.73 -31.23 55.82
N TYR K 423 8.86 -30.56 55.64
CA TYR K 423 9.20 -29.36 56.42
C TYR K 423 9.88 -28.31 55.56
N THR K 424 9.55 -27.04 55.81
CA THR K 424 10.16 -25.92 55.10
C THR K 424 11.47 -25.52 55.78
N VAL K 425 12.56 -25.54 55.02
CA VAL K 425 13.89 -25.30 55.57
C VAL K 425 14.49 -24.00 55.03
N ARG K 426 14.95 -23.14 55.94
CA ARG K 426 15.62 -21.89 55.59
C ARG K 426 17.10 -21.96 55.99
N VAL K 427 17.98 -21.79 55.01
CA VAL K 427 19.42 -21.85 55.22
C VAL K 427 20.06 -20.47 55.04
N VAL K 428 20.69 -19.98 56.10
CA VAL K 428 21.31 -18.65 56.08
C VAL K 428 22.82 -18.77 56.25
N SER K 429 23.56 -18.17 55.32
CA SER K 429 25.02 -18.16 55.37
C SER K 429 25.55 -16.76 55.72
N GLU K 430 26.42 -16.71 56.73
CA GLU K 430 27.01 -15.46 57.18
C GLU K 430 28.51 -15.45 56.92
N ILE K 431 28.93 -14.63 55.94
CA ILE K 431 30.33 -14.52 55.55
C ILE K 431 31.13 -13.76 56.60
N THR K 432 32.23 -14.35 57.05
CA THR K 432 33.04 -13.77 58.13
C THR K 432 34.41 -13.33 57.62
N GLU K 433 34.98 -14.11 56.69
CA GLU K 433 36.26 -13.78 56.06
C GLU K 433 36.17 -13.96 54.55
N SER K 434 36.88 -13.10 53.80
CA SER K 434 36.80 -13.11 52.35
C SER K 434 38.14 -12.85 51.64
N ASN K 435 38.61 -13.87 50.92
CA ASN K 435 39.79 -13.79 50.06
C ASN K 435 39.74 -14.90 49.01
N GLY K 436 38.74 -14.84 48.15
CA GLY K 436 38.56 -15.85 47.09
C GLY K 436 37.11 -16.24 46.90
N SER K 437 36.85 -17.54 46.86
CA SER K 437 35.50 -18.07 46.66
C SER K 437 34.68 -17.97 47.93
N SER K 438 33.63 -17.16 47.88
CA SER K 438 32.75 -16.95 49.03
C SER K 438 31.38 -17.61 48.83
N SER K 439 31.03 -17.84 47.57
CA SER K 439 29.77 -18.51 47.22
C SER K 439 29.86 -20.01 47.49
N MET K 440 30.98 -20.61 47.10
CA MET K 440 31.19 -22.05 47.25
C MET K 440 31.54 -22.44 48.69
N ALA K 441 32.01 -21.48 49.47
CA ALA K 441 32.25 -21.67 50.90
C ALA K 441 30.93 -21.83 51.66
N SER K 442 29.88 -21.22 51.12
CA SER K 442 28.54 -21.34 51.67
C SER K 442 27.91 -22.69 51.32
N VAL K 443 28.26 -23.22 50.14
CA VAL K 443 27.78 -24.52 49.67
C VAL K 443 28.30 -25.65 50.55
N CYS K 444 29.58 -25.58 50.92
CA CYS K 444 30.20 -26.55 51.82
C CYS K 444 29.59 -26.48 53.21
N GLY K 445 29.33 -25.26 53.69
CA GLY K 445 28.73 -25.04 55.00
C GLY K 445 27.26 -25.40 55.06
N ALA K 446 26.57 -25.31 53.94
CA ALA K 446 25.14 -25.64 53.85
C ALA K 446 24.87 -27.11 54.11
N SER K 447 25.74 -27.97 53.57
CA SER K 447 25.63 -29.42 53.76
C SER K 447 25.95 -29.84 55.19
N LEU K 448 26.86 -29.11 55.83
CA LEU K 448 27.23 -29.36 57.22
C LEU K 448 26.16 -28.88 58.19
N ALA K 449 25.47 -27.81 57.82
CA ALA K 449 24.39 -27.24 58.64
C ALA K 449 23.11 -28.07 58.57
N LEU K 450 22.84 -28.63 57.39
CA LEU K 450 21.66 -29.47 57.18
C LEU K 450 21.78 -30.83 57.89
N MET K 451 23.01 -31.33 57.98
CA MET K 451 23.29 -32.56 58.72
C MET K 451 23.16 -32.36 60.22
N ASP K 452 23.44 -31.14 60.68
CA ASP K 452 23.30 -30.78 62.09
C ASP K 452 21.84 -30.58 62.47
N ALA K 453 21.04 -30.09 61.52
CA ALA K 453 19.62 -29.85 61.72
C ALA K 453 18.82 -31.15 61.79
N GLY K 454 19.28 -32.17 61.08
CA GLY K 454 18.61 -33.47 61.04
C GLY K 454 17.83 -33.70 59.76
N VAL K 455 18.18 -32.96 58.72
CA VAL K 455 17.53 -33.08 57.42
C VAL K 455 18.16 -34.24 56.62
N PRO K 456 17.34 -35.24 56.28
CA PRO K 456 17.84 -36.42 55.54
C PRO K 456 18.15 -36.11 54.06
N ILE K 457 19.30 -35.49 53.84
CA ILE K 457 19.77 -35.19 52.48
C ILE K 457 20.37 -36.44 51.82
N LYS K 458 20.50 -36.40 50.50
CA LYS K 458 21.03 -37.54 49.74
C LYS K 458 22.51 -37.81 50.03
N ALA K 459 23.38 -36.85 49.70
CA ALA K 459 24.81 -36.97 49.92
C ALA K 459 25.46 -35.61 50.16
N ALA K 460 26.61 -35.60 50.83
CA ALA K 460 27.35 -34.37 51.12
C ALA K 460 27.74 -33.63 49.83
N VAL K 461 27.69 -32.30 49.89
CA VAL K 461 27.98 -31.47 48.71
C VAL K 461 28.96 -30.34 49.03
N ALA K 462 29.99 -30.23 48.20
CA ALA K 462 31.03 -29.19 48.35
C ALA K 462 31.20 -28.39 47.07
N GLY K 463 31.91 -27.27 47.16
CA GLY K 463 32.14 -26.39 46.02
C GLY K 463 33.51 -25.75 45.96
N ILE K 464 34.00 -25.54 44.73
CA ILE K 464 35.29 -24.91 44.49
C ILE K 464 35.20 -23.85 43.38
N ALA K 465 36.21 -22.98 43.31
CA ALA K 465 36.33 -22.01 42.23
C ALA K 465 37.69 -22.13 41.55
N MET K 466 37.68 -22.06 40.22
CA MET K 466 38.89 -22.25 39.43
C MET K 466 39.25 -20.99 38.64
N GLY K 467 40.55 -20.73 38.52
CA GLY K 467 41.06 -19.57 37.79
C GLY K 467 41.83 -19.95 36.53
N LEU K 468 42.13 -18.96 35.71
CA LEU K 468 42.84 -19.18 34.45
C LEU K 468 43.72 -17.99 34.06
N VAL K 469 44.93 -18.29 33.59
CA VAL K 469 45.84 -17.29 33.04
C VAL K 469 46.18 -17.71 31.61
N LYS K 470 45.78 -16.87 30.65
CA LYS K 470 45.94 -17.22 29.24
C LYS K 470 46.57 -16.09 28.41
N GLU K 471 47.52 -16.48 27.57
CA GLU K 471 48.16 -15.57 26.62
C GLU K 471 48.41 -16.31 25.30
N GLY K 472 47.59 -16.00 24.30
CA GLY K 472 47.65 -16.67 23.00
C GLY K 472 46.96 -18.02 23.04
N ASP K 473 47.75 -19.06 23.31
CA ASP K 473 47.22 -20.42 23.44
C ASP K 473 47.80 -21.16 24.66
N ASN K 474 48.76 -20.54 25.33
CA ASN K 474 49.34 -21.07 26.55
C ASN K 474 48.48 -20.74 27.77
N TYR K 475 48.17 -21.76 28.56
CA TYR K 475 47.25 -21.61 29.69
C TYR K 475 47.67 -22.41 30.91
N VAL K 476 47.38 -21.86 32.10
CA VAL K 476 47.61 -22.54 33.37
C VAL K 476 46.33 -22.47 34.20
N VAL K 477 45.84 -23.64 34.60
CA VAL K 477 44.59 -23.74 35.37
C VAL K 477 44.89 -23.69 36.88
N LEU K 478 44.17 -22.82 37.57
CA LEU K 478 44.35 -22.62 39.01
C LEU K 478 43.24 -23.28 39.81
N SER K 479 43.58 -23.73 41.02
CA SER K 479 42.62 -24.36 41.93
C SER K 479 42.50 -23.56 43.22
N ASP K 480 41.25 -23.26 43.61
CA ASP K 480 40.93 -22.46 44.79
C ASP K 480 41.67 -21.12 44.79
N ILE K 481 41.21 -20.21 43.94
CA ILE K 481 41.85 -18.90 43.74
C ILE K 481 41.62 -17.93 44.90
N LEU K 482 42.57 -17.01 45.08
CA LEU K 482 42.46 -15.93 46.06
C LEU K 482 41.67 -14.76 45.46
N GLY K 483 41.53 -13.69 46.24
CA GLY K 483 40.89 -12.46 45.77
C GLY K 483 41.71 -11.76 44.70
N ASP K 484 43.03 -11.77 44.87
CA ASP K 484 43.96 -11.15 43.93
C ASP K 484 44.06 -11.94 42.63
N GLU K 485 43.80 -13.25 42.70
CA GLU K 485 43.84 -14.13 41.53
C GLU K 485 42.50 -14.14 40.79
N ASP K 486 41.49 -13.51 41.38
CA ASP K 486 40.17 -13.39 40.77
C ASP K 486 39.98 -12.03 40.10
N HIS K 487 40.48 -10.98 40.75
CA HIS K 487 40.40 -9.62 40.22
C HIS K 487 41.37 -9.40 39.06
N LEU K 488 42.56 -9.98 39.16
CA LEU K 488 43.58 -9.86 38.12
C LEU K 488 43.56 -11.07 37.17
N GLY K 489 42.69 -12.04 37.47
CA GLY K 489 42.56 -13.25 36.66
C GLY K 489 41.75 -13.05 35.39
N ASP K 490 41.62 -14.11 34.61
CA ASP K 490 40.91 -14.07 33.33
C ASP K 490 39.56 -14.78 33.36
N MET K 491 39.44 -15.80 34.21
CA MET K 491 38.23 -16.63 34.26
C MET K 491 37.88 -17.06 35.68
N ASP K 492 36.58 -16.99 35.99
CA ASP K 492 36.05 -17.48 37.26
C ASP K 492 35.19 -18.72 37.01
N PHE K 493 35.76 -19.89 37.29
CA PHE K 493 35.14 -21.17 36.99
C PHE K 493 34.60 -21.83 38.26
N LYS K 494 33.31 -21.62 38.52
CA LYS K 494 32.67 -22.11 39.73
C LYS K 494 32.02 -23.48 39.54
N VAL K 495 32.38 -24.43 40.40
CA VAL K 495 31.85 -25.80 40.35
C VAL K 495 31.29 -26.22 41.71
N ALA K 496 30.09 -26.80 41.71
CA ALA K 496 29.46 -27.31 42.92
C ALA K 496 28.82 -28.68 42.66
N GLY K 497 29.10 -29.64 43.54
CA GLY K 497 28.54 -30.98 43.41
C GLY K 497 28.96 -31.95 44.51
N SER K 498 28.43 -33.17 44.41
CA SER K 498 28.73 -34.23 45.37
C SER K 498 29.92 -35.08 44.90
N ARG K 499 30.10 -36.23 45.53
CA ARG K 499 31.18 -37.16 45.18
C ARG K 499 30.91 -37.85 43.83
N ASP K 500 29.63 -38.09 43.53
CA ASP K 500 29.23 -38.78 42.31
C ASP K 500 28.30 -37.95 41.41
N GLY K 501 28.61 -36.66 41.28
CA GLY K 501 27.82 -35.77 40.42
C GLY K 501 28.06 -34.29 40.64
N ILE K 502 27.55 -33.48 39.71
CA ILE K 502 27.65 -32.03 39.77
C ILE K 502 26.26 -31.41 39.95
N SER K 503 26.10 -30.62 41.00
CA SER K 503 24.84 -29.97 41.31
C SER K 503 24.67 -28.63 40.61
N ALA K 504 25.74 -27.83 40.59
CA ALA K 504 25.72 -26.51 39.96
C ALA K 504 27.06 -26.16 39.30
N LEU K 505 26.99 -25.44 38.20
CA LEU K 505 28.18 -25.00 37.47
C LEU K 505 28.00 -23.57 36.96
N GLN K 506 29.00 -22.73 37.20
CA GLN K 506 28.96 -21.33 36.78
C GLN K 506 30.28 -20.89 36.16
N MET K 507 30.19 -20.21 35.01
CA MET K 507 31.35 -19.68 34.32
C MET K 507 31.24 -18.17 34.14
N ASP K 508 32.20 -17.43 34.68
CA ASP K 508 32.28 -15.98 34.48
C ASP K 508 33.58 -15.63 33.78
N ILE K 509 33.55 -15.67 32.45
CA ILE K 509 34.73 -15.46 31.62
C ILE K 509 34.87 -13.99 31.22
N LYS K 510 36.06 -13.44 31.41
CA LYS K 510 36.36 -12.06 31.07
C LYS K 510 37.09 -11.94 29.73
N ILE K 511 37.78 -13.00 29.33
CA ILE K 511 38.55 -13.01 28.07
C ILE K 511 37.74 -13.51 26.88
N GLU K 512 38.24 -13.23 25.67
CA GLU K 512 37.55 -13.56 24.44
C GLU K 512 38.09 -14.87 23.80
N GLY K 513 38.81 -15.65 24.60
CA GLY K 513 39.40 -16.90 24.12
C GLY K 513 39.03 -18.11 24.97
N ILE K 514 38.07 -18.89 24.48
CA ILE K 514 37.61 -20.10 25.16
C ILE K 514 37.57 -21.30 24.21
N THR K 515 38.21 -22.39 24.62
CA THR K 515 38.19 -23.64 23.86
C THR K 515 37.59 -24.78 24.68
N LYS K 516 37.28 -25.88 24.01
CA LYS K 516 36.72 -27.07 24.64
C LYS K 516 37.76 -27.78 25.53
N GLU K 517 39.03 -27.58 25.19
CA GLU K 517 40.15 -28.18 25.92
C GLU K 517 40.35 -27.56 27.30
N ILE K 518 40.35 -26.22 27.35
CA ILE K 518 40.60 -25.50 28.60
C ILE K 518 39.44 -25.58 29.60
N MET K 519 38.24 -25.81 29.09
CA MET K 519 37.06 -26.02 29.93
C MET K 519 37.05 -27.42 30.52
N GLN K 520 37.65 -28.37 29.79
CA GLN K 520 37.72 -29.77 30.22
C GLN K 520 38.75 -29.96 31.34
N VAL K 521 39.90 -29.31 31.20
CA VAL K 521 40.98 -29.38 32.19
C VAL K 521 40.55 -28.69 33.50
N ALA K 522 39.84 -27.58 33.36
CA ALA K 522 39.34 -26.81 34.51
C ALA K 522 38.28 -27.56 35.31
N LEU K 523 37.44 -28.32 34.60
CA LEU K 523 36.36 -29.08 35.23
C LEU K 523 36.85 -30.39 35.85
N ASN K 524 37.80 -31.05 35.17
CA ASN K 524 38.36 -32.31 35.65
C ASN K 524 39.29 -32.14 36.84
N GLN K 525 39.99 -31.00 36.89
CA GLN K 525 40.87 -30.67 38.00
C GLN K 525 40.05 -30.23 39.22
N ALA K 526 38.87 -29.67 38.96
CA ALA K 526 37.93 -29.27 40.00
C ALA K 526 37.31 -30.48 40.69
N LYS K 527 37.18 -31.59 39.94
CA LYS K 527 36.64 -32.84 40.46
C LYS K 527 37.51 -33.39 41.59
N GLY K 528 38.83 -33.29 41.43
CA GLY K 528 39.78 -33.69 42.47
C GLY K 528 39.73 -32.79 43.68
N ALA K 529 39.62 -31.48 43.45
CA ALA K 529 39.54 -30.48 44.50
C ALA K 529 38.21 -30.55 45.27
N ARG K 530 37.17 -31.03 44.60
CA ARG K 530 35.85 -31.19 45.20
C ARG K 530 35.80 -32.35 46.19
N LEU K 531 36.33 -33.50 45.76
CA LEU K 531 36.34 -34.72 46.58
C LEU K 531 37.26 -34.64 47.80
N HIS K 532 38.30 -33.80 47.70
CA HIS K 532 39.23 -33.57 48.82
C HIS K 532 38.55 -32.84 49.97
N ILE K 533 37.72 -31.84 49.64
CA ILE K 533 36.94 -31.11 50.63
C ILE K 533 35.84 -32.00 51.22
N LEU K 534 35.23 -32.82 50.35
CA LEU K 534 34.18 -33.77 50.76
C LEU K 534 34.69 -34.81 51.75
N GLY K 535 35.95 -35.23 51.58
CA GLY K 535 36.59 -36.19 52.47
C GLY K 535 36.75 -35.69 53.89
N VAL K 536 37.04 -34.40 54.03
CA VAL K 536 37.17 -33.76 55.33
C VAL K 536 35.78 -33.53 55.94
N MET K 537 34.79 -33.27 55.08
CA MET K 537 33.40 -33.13 55.50
C MET K 537 32.80 -34.45 55.96
N GLU K 538 33.25 -35.54 55.35
CA GLU K 538 32.85 -36.90 55.74
C GLU K 538 33.55 -37.35 57.03
N GLN K 539 34.69 -36.73 57.32
CA GLN K 539 35.47 -37.03 58.51
C GLN K 539 34.78 -36.49 59.78
N ALA K 540 34.02 -35.41 59.63
CA ALA K 540 33.27 -34.81 60.74
C ALA K 540 31.90 -35.46 60.91
N ILE K 541 31.08 -35.40 59.87
CA ILE K 541 29.73 -35.96 59.89
C ILE K 541 29.61 -37.09 58.87
N ASN K 542 28.98 -38.19 59.28
CA ASN K 542 28.76 -39.34 58.41
C ASN K 542 27.29 -39.59 58.09
N ALA K 543 26.43 -39.34 59.06
CA ALA K 543 24.99 -39.54 58.92
C ALA K 543 24.19 -38.40 59.55
N PRO K 544 23.11 -37.96 58.88
CA PRO K 544 22.25 -36.88 59.40
C PRO K 544 21.49 -37.31 60.65
N GLY L 19 26.53 -21.73 78.97
CA GLY L 19 26.28 -21.13 77.62
C GLY L 19 27.38 -21.46 76.63
N ALA L 20 26.98 -21.99 75.48
CA ALA L 20 27.91 -22.37 74.42
C ALA L 20 28.00 -21.30 73.33
N ALA L 21 29.18 -21.16 72.73
CA ALA L 21 29.42 -20.18 71.67
C ALA L 21 30.63 -20.56 70.82
N GLY L 22 30.61 -20.15 69.55
CA GLY L 22 31.74 -20.33 68.64
C GLY L 22 32.09 -21.76 68.31
N GLY L 23 33.25 -21.95 67.68
CA GLY L 23 33.68 -23.26 67.21
C GLY L 23 34.40 -24.12 68.22
N HIS L 24 34.65 -23.59 69.41
CA HIS L 24 35.32 -24.34 70.47
C HIS L 24 34.34 -25.25 71.23
N THR L 25 33.05 -24.97 71.10
CA THR L 25 32.00 -25.79 71.69
C THR L 25 31.30 -26.66 70.64
N ALA L 26 31.99 -26.89 69.52
CA ALA L 26 31.46 -27.70 68.42
C ALA L 26 31.38 -29.18 68.80
N THR L 27 30.26 -29.81 68.43
CA THR L 27 30.02 -31.23 68.75
C THR L 27 30.86 -32.17 67.87
N HIS L 28 31.21 -31.72 66.66
CA HIS L 28 32.07 -32.48 65.76
C HIS L 28 33.16 -31.57 65.19
N HIS L 29 34.41 -31.97 65.39
CA HIS L 29 35.57 -31.17 64.98
C HIS L 29 36.42 -31.90 63.94
N ALA L 30 36.82 -31.16 62.90
CA ALA L 30 37.68 -31.69 61.84
C ALA L 30 38.63 -30.62 61.31
N SER L 31 39.85 -31.02 60.98
CA SER L 31 40.87 -30.11 60.47
C SER L 31 41.65 -30.73 59.32
N ALA L 32 42.05 -29.91 58.35
CA ALA L 32 42.80 -30.36 57.18
C ALA L 32 43.94 -29.42 56.81
N ALA L 33 45.07 -30.01 56.41
CA ALA L 33 46.24 -29.26 55.98
C ALA L 33 46.20 -29.03 54.46
N PRO L 34 46.73 -27.87 53.99
CA PRO L 34 46.74 -27.58 52.56
C PRO L 34 47.63 -28.52 51.75
N ALA L 35 47.01 -29.32 50.89
CA ALA L 35 47.72 -30.32 50.09
C ALA L 35 47.04 -30.55 48.73
N ARG L 36 47.79 -31.14 47.81
CA ARG L 36 47.28 -31.48 46.47
C ARG L 36 46.28 -32.63 46.53
N PRO L 37 45.23 -32.59 45.69
CA PRO L 37 44.17 -33.60 45.73
C PRO L 37 44.59 -34.96 45.20
N GLN L 38 43.93 -36.01 45.67
CA GLN L 38 44.13 -37.37 45.20
C GLN L 38 43.23 -37.57 44.01
N PRO L 39 43.77 -37.92 42.86
CA PRO L 39 43.01 -38.09 41.61
C PRO L 39 42.00 -39.24 41.68
N MET M 1 -36.42 -24.84 103.15
CA MET M 1 -35.87 -26.21 103.32
C MET M 1 -35.55 -26.82 101.96
N LEU M 2 -34.31 -26.65 101.53
CA LEU M 2 -33.88 -27.09 100.20
C LEU M 2 -32.41 -27.53 100.19
N ASN M 3 -32.16 -28.69 99.57
CA ASN M 3 -30.81 -29.27 99.49
C ASN M 3 -30.56 -30.00 98.18
N PRO M 4 -29.39 -29.74 97.55
CA PRO M 4 -29.03 -30.40 96.29
C PRO M 4 -28.32 -31.75 96.48
N ILE M 5 -28.37 -32.58 95.45
CA ILE M 5 -27.66 -33.87 95.44
C ILE M 5 -26.55 -33.82 94.38
N VAL M 6 -25.31 -33.93 94.83
CA VAL M 6 -24.14 -33.71 93.98
C VAL M 6 -23.30 -34.98 93.80
N ARG M 7 -22.89 -35.25 92.56
CA ARG M 7 -21.98 -36.34 92.24
C ARG M 7 -20.86 -35.84 91.31
N LYS M 8 -19.62 -36.09 91.71
CA LYS M 8 -18.45 -35.67 90.93
C LYS M 8 -17.63 -36.87 90.46
N PHE M 9 -17.16 -36.82 89.21
CA PHE M 9 -16.29 -37.85 88.67
C PHE M 9 -15.24 -37.28 87.71
N GLN M 10 -14.02 -37.81 87.81
CA GLN M 10 -12.90 -37.36 87.00
C GLN M 10 -12.95 -38.01 85.61
N TYR M 11 -13.39 -37.24 84.62
CA TYR M 11 -13.54 -37.74 83.26
C TYR M 11 -12.48 -37.17 82.31
N GLY M 12 -11.37 -37.89 82.20
CA GLY M 12 -10.27 -37.56 81.29
C GLY M 12 -9.56 -36.22 81.36
N GLN M 13 -8.94 -35.94 82.51
CA GLN M 13 -8.18 -34.71 82.76
C GLN M 13 -9.11 -33.56 83.17
N HIS M 14 -10.41 -33.80 83.10
CA HIS M 14 -11.42 -32.80 83.46
C HIS M 14 -12.34 -33.37 84.52
N THR M 15 -12.90 -32.48 85.35
CA THR M 15 -13.83 -32.87 86.41
C THR M 15 -15.26 -32.49 86.04
N VAL M 16 -16.17 -33.45 86.14
CA VAL M 16 -17.58 -33.24 85.79
C VAL M 16 -18.45 -33.25 87.06
N THR M 17 -19.22 -32.18 87.23
CA THR M 17 -20.10 -32.04 88.40
C THR M 17 -21.57 -32.12 87.98
N LEU M 18 -22.34 -32.95 88.68
CA LEU M 18 -23.76 -33.15 88.38
C LEU M 18 -24.63 -32.79 89.59
N GLU M 19 -25.43 -31.74 89.44
CA GLU M 19 -26.32 -31.27 90.50
C GLU M 19 -27.79 -31.32 90.06
N THR M 20 -28.62 -31.94 90.89
CA THR M 20 -30.05 -32.06 90.61
C THR M 20 -30.92 -32.05 91.88
N GLY M 21 -32.21 -31.79 91.69
CA GLY M 21 -33.17 -31.81 92.79
C GLY M 21 -33.43 -30.47 93.45
N MET M 22 -32.61 -29.47 93.09
CA MET M 22 -32.70 -28.14 93.68
C MET M 22 -33.28 -27.12 92.70
N MET M 23 -32.63 -26.97 91.55
CA MET M 23 -33.06 -26.03 90.52
C MET M 23 -34.17 -26.60 89.65
N ALA M 24 -35.13 -25.75 89.28
CA ALA M 24 -36.31 -26.13 88.49
C ALA M 24 -37.05 -27.35 89.06
N ARG M 25 -37.78 -27.11 90.15
CA ARG M 25 -38.49 -28.16 90.86
C ARG M 25 -39.77 -28.56 90.14
N GLN M 26 -40.34 -27.60 89.40
CA GLN M 26 -41.61 -27.75 88.69
C GLN M 26 -41.45 -28.57 87.44
N ALA M 27 -40.30 -28.49 86.87
CA ALA M 27 -39.97 -29.24 85.67
C ALA M 27 -39.81 -30.73 85.99
N THR M 28 -39.98 -31.57 84.98
CA THR M 28 -39.87 -33.03 85.15
C THR M 28 -38.47 -33.43 85.63
N ALA M 29 -37.45 -32.80 85.06
CA ALA M 29 -36.05 -33.01 85.46
C ALA M 29 -35.16 -31.82 85.09
N ALA M 30 -34.20 -31.54 85.95
CA ALA M 30 -33.22 -30.47 85.72
C ALA M 30 -31.87 -30.82 86.34
N VAL M 31 -30.83 -30.81 85.50
CA VAL M 31 -29.48 -31.17 85.94
C VAL M 31 -28.48 -30.05 85.62
N MET M 32 -27.71 -29.67 86.63
CA MET M 32 -26.63 -28.68 86.48
C MET M 32 -25.32 -29.41 86.19
N VAL M 33 -24.89 -29.40 84.95
CA VAL M 33 -23.70 -30.08 84.55
C VAL M 33 -22.59 -29.12 84.33
N SER M 34 -21.51 -29.26 85.10
CA SER M 34 -20.37 -28.36 84.97
C SER M 34 -19.07 -29.14 84.93
N MET M 35 -18.28 -28.93 83.87
CA MET M 35 -17.00 -29.61 83.72
C MET M 35 -15.85 -28.62 83.69
N ASP M 36 -14.89 -28.81 84.59
CA ASP M 36 -13.73 -27.93 84.67
C ASP M 36 -14.12 -26.54 85.17
N ASP M 37 -14.84 -25.81 84.34
CA ASP M 37 -15.29 -24.46 84.69
C ASP M 37 -16.62 -24.13 84.02
N THR M 38 -16.79 -24.60 82.80
CA THR M 38 -18.03 -24.34 82.04
C THR M 38 -19.23 -24.97 82.75
N ALA M 39 -20.42 -24.58 82.31
CA ALA M 39 -21.65 -25.10 82.89
C ALA M 39 -22.84 -24.87 81.96
N VAL M 40 -23.67 -25.89 81.81
CA VAL M 40 -24.86 -25.80 80.95
C VAL M 40 -26.07 -26.33 81.71
N PHE M 41 -27.03 -25.43 81.95
CA PHE M 41 -28.25 -25.78 82.68
C PHE M 41 -29.29 -26.39 81.74
N VAL M 42 -29.52 -27.68 81.91
CA VAL M 42 -30.42 -28.44 81.03
C VAL M 42 -31.70 -28.84 81.76
N THR M 43 -32.84 -28.56 81.13
CA THR M 43 -34.16 -28.89 81.68
C THR M 43 -34.99 -29.72 80.70
N VAL M 44 -35.76 -30.67 81.25
CA VAL M 44 -36.65 -31.50 80.45
C VAL M 44 -38.08 -31.44 80.99
N VAL M 45 -39.02 -31.11 80.11
CA VAL M 45 -40.44 -31.08 80.46
C VAL M 45 -41.20 -32.13 79.66
N GLY M 46 -41.83 -33.07 80.36
CA GLY M 46 -42.60 -34.13 79.73
C GLY M 46 -44.09 -34.02 80.04
N GLN M 47 -44.90 -33.91 79.00
CA GLN M 47 -46.34 -33.80 79.14
C GLN M 47 -46.95 -35.17 79.48
N LYS M 48 -47.87 -35.18 80.44
CA LYS M 48 -48.47 -36.41 80.95
C LYS M 48 -49.32 -37.13 79.90
N LYS M 49 -50.22 -36.39 79.24
CA LYS M 49 -51.09 -36.94 78.22
C LYS M 49 -50.98 -36.20 76.89
N ALA M 50 -51.06 -36.95 75.79
CA ALA M 50 -50.94 -36.40 74.45
C ALA M 50 -52.30 -36.13 73.81
N LYS M 51 -52.30 -35.33 72.75
CA LYS M 51 -53.50 -35.02 71.98
C LYS M 51 -54.02 -36.27 71.28
N PRO M 52 -55.35 -36.53 71.36
CA PRO M 52 -55.96 -37.69 70.71
C PRO M 52 -55.80 -37.72 69.19
N GLY M 53 -55.58 -36.56 68.58
CA GLY M 53 -55.36 -36.46 67.14
C GLY M 53 -53.89 -36.33 66.78
N GLN M 54 -53.07 -37.21 67.33
CA GLN M 54 -51.62 -37.22 67.08
C GLN M 54 -51.14 -38.58 66.59
N ASP M 55 -50.08 -38.57 65.79
CA ASP M 55 -49.51 -39.79 65.23
C ASP M 55 -47.98 -39.82 65.29
N PHE M 56 -47.35 -38.67 65.06
CA PHE M 56 -45.89 -38.55 65.05
C PHE M 56 -45.34 -38.11 66.41
N PHE M 57 -44.09 -38.46 66.68
CA PHE M 57 -43.42 -38.10 67.93
C PHE M 57 -42.78 -36.72 67.83
N PRO M 58 -43.28 -35.75 68.64
CA PRO M 58 -42.77 -34.39 68.62
C PRO M 58 -41.62 -34.17 69.62
N LEU M 59 -40.42 -34.02 69.08
CA LEU M 59 -39.23 -33.76 69.90
C LEU M 59 -38.59 -32.44 69.50
N THR M 60 -38.66 -31.46 70.41
CA THR M 60 -38.05 -30.15 70.19
C THR M 60 -36.96 -29.86 71.22
N VAL M 61 -35.74 -29.63 70.71
CA VAL M 61 -34.60 -29.34 71.57
C VAL M 61 -34.11 -27.91 71.33
N ASN M 62 -34.12 -27.11 72.40
CA ASN M 62 -33.69 -25.72 72.32
C ASN M 62 -32.35 -25.48 73.03
N TYR M 63 -31.34 -25.13 72.24
CA TYR M 63 -30.01 -24.81 72.77
C TYR M 63 -29.70 -23.33 72.53
N GLN M 64 -29.32 -22.65 73.61
CA GLN M 64 -29.01 -21.22 73.55
C GLN M 64 -27.83 -20.86 74.44
N GLU M 65 -26.89 -20.09 73.88
CA GLU M 65 -25.72 -19.62 74.61
C GLU M 65 -25.94 -18.21 75.11
N ARG M 66 -26.10 -18.07 76.43
CA ARG M 66 -26.26 -16.78 77.08
C ARG M 66 -24.93 -16.03 77.12
N THR M 67 -24.97 -14.74 76.87
CA THR M 67 -23.77 -13.91 76.71
C THR M 67 -23.02 -13.65 78.02
N TYR M 68 -23.72 -13.76 79.15
CA TYR M 68 -23.10 -13.53 80.46
C TYR M 68 -22.20 -14.68 80.91
N ALA M 69 -22.15 -15.75 80.11
CA ALA M 69 -21.32 -16.92 80.38
C ALA M 69 -19.83 -16.61 80.28
N ALA M 70 -19.47 -15.72 79.37
CA ALA M 70 -18.08 -15.30 79.18
C ALA M 70 -17.78 -13.99 79.92
N GLY M 71 -18.80 -13.14 80.04
CA GLY M 71 -18.66 -11.85 80.71
C GLY M 71 -18.63 -10.69 79.74
N ARG M 72 -19.48 -10.76 78.73
CA ARG M 72 -19.57 -9.72 77.70
C ARG M 72 -21.01 -9.37 77.34
N ILE M 73 -21.28 -8.08 77.18
CA ILE M 73 -22.58 -7.57 76.77
C ILE M 73 -22.75 -7.77 75.25
N PRO M 74 -23.88 -8.36 74.81
CA PRO M 74 -24.16 -8.70 73.40
C PRO M 74 -23.78 -7.59 72.40
N GLY M 75 -23.26 -8.00 71.26
CA GLY M 75 -22.87 -7.07 70.20
C GLY M 75 -24.02 -6.60 69.33
N SER M 76 -25.22 -7.10 69.61
CA SER M 76 -26.43 -6.71 68.89
C SER M 76 -26.91 -5.32 69.29
N PHE M 77 -27.82 -4.75 68.50
CA PHE M 77 -28.36 -3.42 68.74
C PHE M 77 -29.25 -3.37 69.98
N PHE M 78 -30.06 -4.42 70.18
CA PHE M 78 -30.97 -4.50 71.32
C PHE M 78 -30.28 -5.04 72.58
N ARG M 79 -29.04 -5.50 72.43
CA ARG M 79 -28.23 -6.07 73.52
C ARG M 79 -28.93 -7.26 74.18
N ARG M 80 -29.60 -8.07 73.37
CA ARG M 80 -30.41 -9.17 73.89
C ARG M 80 -30.29 -10.41 72.99
N GLU M 81 -30.40 -11.59 73.56
CA GLU M 81 -30.30 -12.78 72.76
C GLU M 81 -31.70 -13.28 72.41
N GLY M 82 -31.79 -14.22 71.48
CA GLY M 82 -33.07 -14.65 70.93
C GLY M 82 -33.16 -14.44 69.44
N ARG M 83 -32.03 -14.59 68.76
CA ARG M 83 -32.03 -15.01 67.36
C ARG M 83 -31.02 -16.14 67.13
N PRO M 84 -31.51 -17.37 67.06
CA PRO M 84 -30.65 -18.55 67.19
C PRO M 84 -29.49 -18.51 66.19
N SER M 85 -28.27 -18.59 66.70
CA SER M 85 -27.07 -18.49 65.87
C SER M 85 -26.87 -19.73 65.00
N GLU M 86 -26.07 -19.58 63.94
CA GLU M 86 -25.75 -20.67 63.03
C GLU M 86 -25.01 -21.80 63.73
N GLY M 87 -24.18 -21.42 64.71
CA GLY M 87 -23.47 -22.39 65.55
C GLY M 87 -24.37 -23.04 66.58
N GLU M 88 -25.26 -22.24 67.18
CA GLU M 88 -26.19 -22.70 68.21
C GLU M 88 -27.15 -23.78 67.72
N THR M 89 -27.51 -23.71 66.45
CA THR M 89 -28.42 -24.68 65.82
C THR M 89 -27.74 -26.03 65.63
N LEU M 90 -26.41 -26.01 65.48
CA LEU M 90 -25.62 -27.22 65.27
C LEU M 90 -25.53 -28.10 66.53
N ILE M 91 -25.28 -27.47 67.67
CA ILE M 91 -25.25 -28.17 68.95
C ILE M 91 -26.65 -28.70 69.31
N ALA M 92 -27.68 -27.95 68.92
CA ALA M 92 -29.07 -28.38 69.07
C ALA M 92 -29.34 -29.66 68.28
N ARG M 93 -28.68 -29.80 67.13
CA ARG M 93 -28.74 -31.02 66.34
C ARG M 93 -27.84 -32.12 66.91
N LEU M 94 -26.75 -31.70 67.55
CA LEU M 94 -25.83 -32.62 68.24
C LEU M 94 -26.46 -33.26 69.47
N ILE M 95 -27.53 -32.64 69.98
CA ILE M 95 -28.26 -33.15 71.14
C ILE M 95 -29.48 -33.96 70.72
N ASP M 96 -30.19 -33.46 69.70
CA ASP M 96 -31.45 -34.06 69.25
C ASP M 96 -31.29 -35.40 68.54
N ARG M 97 -30.23 -35.54 67.75
CA ARG M 97 -30.01 -36.73 66.91
C ARG M 97 -29.71 -38.04 67.68
N PRO M 98 -28.82 -37.99 68.70
CA PRO M 98 -28.55 -39.23 69.45
C PRO M 98 -29.66 -39.66 70.41
N ILE M 99 -30.48 -38.71 70.87
CA ILE M 99 -31.53 -39.01 71.86
C ILE M 99 -32.85 -39.48 71.26
N ARG M 100 -33.07 -39.17 69.97
CA ARG M 100 -34.34 -39.46 69.29
C ARG M 100 -34.65 -40.97 69.12
N PRO M 101 -33.67 -41.77 68.66
CA PRO M 101 -33.96 -43.20 68.43
C PRO M 101 -34.08 -44.03 69.71
N LEU M 102 -33.83 -43.40 70.86
CA LEU M 102 -33.89 -44.09 72.15
C LEU M 102 -35.31 -44.17 72.73
N PHE M 103 -36.17 -43.25 72.32
CA PHE M 103 -37.58 -43.26 72.71
C PHE M 103 -38.29 -44.46 72.08
N PRO M 104 -39.07 -45.21 72.88
CA PRO M 104 -39.73 -46.43 72.42
C PRO M 104 -40.70 -46.20 71.26
N GLU M 105 -40.83 -47.21 70.40
CA GLU M 105 -41.70 -47.15 69.23
C GLU M 105 -43.17 -47.14 69.66
N GLY M 106 -43.79 -45.96 69.57
CA GLY M 106 -45.18 -45.78 69.97
C GLY M 106 -45.41 -44.61 70.91
N PHE M 107 -44.31 -43.97 71.34
CA PHE M 107 -44.38 -42.82 72.24
C PHE M 107 -44.73 -41.56 71.45
N VAL M 108 -45.88 -40.98 71.78
CA VAL M 108 -46.41 -39.83 71.03
C VAL M 108 -46.47 -38.55 71.90
N ASN M 109 -46.25 -38.71 73.20
CA ASN M 109 -46.29 -37.58 74.14
C ASN M 109 -45.17 -36.57 73.88
N GLU M 110 -45.53 -35.29 73.95
CA GLU M 110 -44.60 -34.20 73.64
C GLU M 110 -43.58 -33.98 74.76
N VAL M 111 -42.31 -33.93 74.38
CA VAL M 111 -41.21 -33.65 75.30
C VAL M 111 -40.29 -32.56 74.77
N GLN M 112 -39.82 -31.69 75.67
CA GLN M 112 -38.95 -30.58 75.30
C GLN M 112 -37.68 -30.57 76.16
N VAL M 113 -36.53 -30.50 75.49
CA VAL M 113 -35.24 -30.44 76.17
C VAL M 113 -34.62 -29.06 75.96
N ILE M 114 -34.66 -28.23 77.01
CA ILE M 114 -34.13 -26.87 76.95
C ILE M 114 -32.78 -26.80 77.66
N ALA M 115 -31.74 -26.46 76.90
CA ALA M 115 -30.38 -26.34 77.43
C ALA M 115 -29.86 -24.92 77.26
N THR M 116 -29.34 -24.35 78.35
CA THR M 116 -28.79 -23.00 78.33
C THR M 116 -27.42 -22.92 79.01
N VAL M 117 -26.48 -22.26 78.33
CA VAL M 117 -25.12 -22.09 78.86
C VAL M 117 -25.10 -20.92 79.84
N VAL M 118 -24.62 -21.17 81.04
CA VAL M 118 -24.63 -20.17 82.11
C VAL M 118 -23.22 -19.66 82.45
N SER M 119 -22.22 -20.50 82.22
CA SER M 119 -20.81 -20.16 82.40
C SER M 119 -19.94 -20.91 81.40
N VAL M 120 -18.86 -20.29 80.94
CA VAL M 120 -18.00 -20.88 79.92
C VAL M 120 -16.51 -20.62 80.16
N ASN M 121 -15.69 -21.62 79.85
CA ASN M 121 -14.24 -21.50 79.85
C ASN M 121 -13.73 -21.52 78.41
N PRO M 122 -12.88 -20.53 78.04
CA PRO M 122 -12.35 -20.39 76.68
C PRO M 122 -11.64 -21.63 76.13
N GLN M 123 -11.36 -22.61 76.99
CA GLN M 123 -10.66 -23.83 76.59
C GLN M 123 -11.59 -25.04 76.49
N VAL M 124 -12.64 -25.05 77.30
CA VAL M 124 -13.59 -26.17 77.35
C VAL M 124 -14.85 -25.85 76.53
N ASN M 125 -15.20 -26.76 75.62
CA ASN M 125 -16.37 -26.60 74.76
C ASN M 125 -17.64 -27.15 75.40
N PRO M 126 -18.67 -26.29 75.56
CA PRO M 126 -19.95 -26.66 76.18
C PRO M 126 -20.85 -27.57 75.32
N ASP M 127 -20.38 -27.95 74.13
CA ASP M 127 -21.16 -28.79 73.21
C ASP M 127 -21.39 -30.21 73.74
N ILE M 128 -20.36 -30.78 74.35
CA ILE M 128 -20.43 -32.12 74.93
C ILE M 128 -20.95 -32.09 76.37
N VAL M 129 -20.83 -30.94 77.02
CA VAL M 129 -21.36 -30.72 78.37
C VAL M 129 -22.89 -30.69 78.34
N ALA M 130 -23.44 -30.10 77.29
CA ALA M 130 -24.89 -30.03 77.09
C ALA M 130 -25.47 -31.40 76.70
N MET M 131 -24.67 -32.22 76.03
CA MET M 131 -25.07 -33.56 75.61
C MET M 131 -25.17 -34.52 76.80
N ILE M 132 -24.29 -34.34 77.78
CA ILE M 132 -24.33 -35.09 79.03
C ILE M 132 -25.52 -34.63 79.87
N GLY M 133 -25.77 -33.32 79.86
CA GLY M 133 -26.89 -32.73 80.59
C GLY M 133 -28.25 -33.21 80.14
N ALA M 134 -28.42 -33.36 78.82
CA ALA M 134 -29.66 -33.89 78.25
C ALA M 134 -29.79 -35.39 78.50
N SER M 135 -28.67 -36.09 78.53
CA SER M 135 -28.62 -37.53 78.79
C SER M 135 -28.99 -37.85 80.24
N ALA M 136 -28.54 -37.00 81.16
CA ALA M 136 -28.81 -37.16 82.58
C ALA M 136 -30.26 -36.80 82.93
N ALA M 137 -30.76 -35.72 82.34
CA ALA M 137 -32.11 -35.22 82.63
C ALA M 137 -33.20 -36.15 82.11
N LEU M 138 -33.05 -36.65 80.88
CA LEU M 138 -34.02 -37.56 80.29
C LEU M 138 -34.08 -38.92 80.98
N SER M 139 -32.99 -39.26 81.68
CA SER M 139 -32.92 -40.52 82.44
C SER M 139 -33.48 -40.36 83.86
N LEU M 140 -33.32 -39.16 84.43
CA LEU M 140 -33.80 -38.86 85.78
C LEU M 140 -35.27 -38.45 85.81
N SER M 141 -35.81 -38.12 84.63
CA SER M 141 -37.20 -37.66 84.50
C SER M 141 -38.23 -38.74 84.78
N GLY M 142 -37.93 -39.98 84.37
CA GLY M 142 -38.86 -41.09 84.49
C GLY M 142 -39.53 -41.43 83.18
N ILE M 143 -39.45 -40.49 82.23
CA ILE M 143 -39.98 -40.66 80.88
C ILE M 143 -39.25 -41.83 80.19
N PRO M 144 -40.01 -42.80 79.64
CA PRO M 144 -39.45 -43.97 78.96
C PRO M 144 -38.28 -43.63 78.04
N PHE M 145 -37.08 -43.99 78.48
CA PHE M 145 -35.85 -43.67 77.77
C PHE M 145 -34.89 -44.86 77.87
N ASN M 146 -34.49 -45.39 76.72
CA ASN M 146 -33.64 -46.57 76.65
C ASN M 146 -32.13 -46.25 76.68
N GLY M 147 -31.79 -45.10 77.24
CA GLY M 147 -30.39 -44.68 77.37
C GLY M 147 -29.73 -45.22 78.63
N PRO M 148 -28.84 -44.42 79.25
CA PRO M 148 -28.42 -43.09 78.81
C PRO M 148 -27.22 -43.12 77.85
N ILE M 149 -26.83 -41.96 77.35
CA ILE M 149 -25.72 -41.84 76.40
C ILE M 149 -24.55 -41.03 76.94
N GLY M 150 -23.37 -41.27 76.38
CA GLY M 150 -22.17 -40.52 76.74
C GLY M 150 -21.74 -39.57 75.63
N ALA M 151 -20.89 -38.61 75.99
CA ALA M 151 -20.37 -37.63 75.03
C ALA M 151 -18.85 -37.57 75.10
N ALA M 152 -18.21 -37.77 73.95
CA ALA M 152 -16.75 -37.75 73.85
C ALA M 152 -16.27 -37.10 72.57
N ARG M 153 -15.25 -36.25 72.69
CA ARG M 153 -14.61 -35.61 71.54
C ARG M 153 -13.20 -36.16 71.36
N VAL M 154 -12.89 -36.59 70.14
CA VAL M 154 -11.62 -37.24 69.85
C VAL M 154 -10.72 -36.38 68.97
N GLY M 155 -9.45 -36.25 69.36
CA GLY M 155 -8.44 -35.56 68.58
C GLY M 155 -7.41 -36.52 68.02
N TYR M 156 -6.43 -35.98 67.29
CA TYR M 156 -5.37 -36.79 66.68
C TYR M 156 -4.05 -36.02 66.60
N ILE M 157 -3.24 -36.15 67.66
CA ILE M 157 -1.96 -35.47 67.74
C ILE M 157 -0.82 -36.49 67.80
N ASN M 158 0.19 -36.29 66.94
CA ASN M 158 1.37 -37.16 66.85
C ASN M 158 1.04 -38.64 66.60
N ASP M 159 0.11 -38.86 65.67
CA ASP M 159 -0.40 -40.20 65.33
C ASP M 159 -0.95 -40.95 66.55
N GLN M 160 -1.66 -40.22 67.41
CA GLN M 160 -2.24 -40.78 68.64
C GLN M 160 -3.51 -40.02 69.03
N TYR M 161 -4.47 -40.75 69.58
CA TYR M 161 -5.78 -40.18 69.93
C TYR M 161 -5.76 -39.44 71.26
N VAL M 162 -6.44 -38.30 71.31
CA VAL M 162 -6.55 -37.47 72.51
C VAL M 162 -8.02 -37.22 72.86
N LEU M 163 -8.38 -37.51 74.11
CA LEU M 163 -9.74 -37.29 74.58
C LEU M 163 -9.99 -35.83 74.95
N ASN M 164 -11.07 -35.27 74.39
CA ASN M 164 -11.49 -33.88 74.64
C ASN M 164 -10.37 -32.84 74.55
N PRO M 165 -9.94 -32.49 73.32
CA PRO M 165 -8.88 -31.50 73.15
C PRO M 165 -9.38 -30.08 73.41
N THR M 166 -8.52 -29.25 74.00
CA THR M 166 -8.86 -27.85 74.30
C THR M 166 -8.78 -26.99 73.03
N GLN M 167 -9.00 -25.69 73.21
CA GLN M 167 -9.00 -24.73 72.09
C GLN M 167 -7.60 -24.51 71.49
N ASP M 168 -6.57 -24.87 72.25
CA ASP M 168 -5.18 -24.76 71.80
C ASP M 168 -4.59 -26.10 71.37
N GLU M 169 -5.35 -27.18 71.59
CA GLU M 169 -4.89 -28.53 71.27
C GLU M 169 -5.40 -29.05 69.92
N LEU M 170 -6.58 -28.59 69.51
CA LEU M 170 -7.22 -29.08 68.28
C LEU M 170 -6.65 -28.46 67.00
N LYS M 171 -5.93 -27.34 67.15
CA LYS M 171 -5.27 -26.69 66.01
C LYS M 171 -4.08 -27.49 65.48
N GLU M 172 -3.45 -28.25 66.37
CA GLU M 172 -2.37 -29.16 66.00
C GLU M 172 -2.92 -30.52 65.57
N SER M 173 -4.16 -30.79 65.96
CA SER M 173 -4.83 -32.05 65.63
C SER M 173 -5.29 -32.09 64.18
N LYS M 174 -5.29 -33.29 63.61
CA LYS M 174 -5.72 -33.50 62.22
C LYS M 174 -7.14 -34.06 62.13
N LEU M 175 -7.71 -34.40 63.28
CA LEU M 175 -9.06 -34.99 63.37
C LEU M 175 -9.87 -34.39 64.51
N ASP M 176 -11.14 -34.13 64.25
CA ASP M 176 -12.07 -33.62 65.26
C ASP M 176 -13.45 -34.26 65.08
N LEU M 177 -13.81 -35.13 66.03
CA LEU M 177 -15.11 -35.82 65.98
C LEU M 177 -15.78 -35.93 67.34
N VAL M 178 -17.11 -35.85 67.32
CA VAL M 178 -17.93 -36.02 68.53
C VAL M 178 -18.74 -37.31 68.41
N VAL M 179 -18.52 -38.22 69.36
CA VAL M 179 -19.17 -39.54 69.35
C VAL M 179 -20.17 -39.67 70.50
N ALA M 180 -21.34 -40.24 70.19
CA ALA M 180 -22.40 -40.46 71.17
C ALA M 180 -23.04 -41.83 71.00
N GLY M 181 -23.38 -42.46 72.12
CA GLY M 181 -24.00 -43.78 72.10
C GLY M 181 -24.26 -44.34 73.49
N THR M 182 -25.18 -45.30 73.57
CA THR M 182 -25.54 -45.95 74.83
C THR M 182 -24.46 -46.95 75.29
N GLU M 183 -24.69 -47.57 76.44
CA GLU M 183 -23.77 -48.55 77.02
C GLU M 183 -23.54 -49.75 76.10
N ALA M 184 -24.58 -50.17 75.40
CA ALA M 184 -24.52 -51.33 74.52
C ALA M 184 -23.93 -51.01 73.14
N ALA M 185 -24.33 -49.88 72.56
CA ALA M 185 -23.95 -49.54 71.19
C ALA M 185 -23.80 -48.05 70.93
N VAL M 186 -23.10 -47.71 69.85
CA VAL M 186 -22.94 -46.32 69.39
C VAL M 186 -24.23 -45.86 68.70
N LEU M 187 -24.49 -44.56 68.73
CA LEU M 187 -25.72 -44.01 68.15
C LEU M 187 -25.51 -42.86 67.17
N MET M 188 -24.59 -41.94 67.47
CA MET M 188 -24.37 -40.75 66.65
C MET M 188 -22.91 -40.29 66.63
N VAL M 189 -22.39 -40.05 65.42
CA VAL M 189 -21.03 -39.55 65.23
C VAL M 189 -21.01 -38.41 64.19
N GLU M 190 -20.39 -37.30 64.55
CA GLU M 190 -20.18 -36.16 63.65
C GLU M 190 -18.69 -35.81 63.63
N SER M 191 -18.10 -35.77 62.43
CA SER M 191 -16.65 -35.63 62.31
C SER M 191 -16.15 -34.76 61.15
N GLU M 192 -14.92 -34.27 61.30
CA GLU M 192 -14.17 -33.62 60.22
C GLU M 192 -12.67 -33.90 60.40
N ALA M 193 -12.05 -34.45 59.36
CA ALA M 193 -10.65 -34.87 59.42
C ALA M 193 -9.84 -34.42 58.20
N GLN M 194 -8.52 -34.30 58.39
CA GLN M 194 -7.61 -33.87 57.32
C GLN M 194 -7.15 -35.06 56.46
N LEU M 195 -8.07 -35.58 55.66
CA LEU M 195 -7.80 -36.69 54.73
C LEU M 195 -7.09 -37.88 55.40
N LEU M 196 -7.83 -38.62 56.20
CA LEU M 196 -7.28 -39.76 56.93
C LEU M 196 -7.83 -41.10 56.46
N SER M 197 -7.09 -42.17 56.74
CA SER M 197 -7.44 -43.52 56.30
C SER M 197 -8.62 -44.12 57.06
N GLU M 198 -9.13 -45.24 56.56
CA GLU M 198 -10.28 -45.93 57.13
C GLU M 198 -10.01 -46.54 58.51
N ASP M 199 -8.76 -46.98 58.73
CA ASP M 199 -8.34 -47.55 60.01
C ASP M 199 -8.27 -46.50 61.11
N GLN M 200 -7.85 -45.28 60.74
CA GLN M 200 -7.79 -44.15 61.66
C GLN M 200 -9.17 -43.55 61.89
N MET M 201 -10.04 -43.68 60.90
CA MET M 201 -11.41 -43.17 60.97
C MET M 201 -12.27 -44.00 61.93
N LEU M 202 -12.15 -45.32 61.82
CA LEU M 202 -12.91 -46.25 62.65
C LEU M 202 -12.33 -46.34 64.07
N GLY M 203 -11.00 -46.27 64.17
CA GLY M 203 -10.30 -46.37 65.45
C GLY M 203 -10.61 -45.25 66.43
N ALA M 204 -10.91 -44.07 65.90
CA ALA M 204 -11.25 -42.90 66.71
C ALA M 204 -12.66 -42.99 67.29
N VAL M 205 -13.55 -43.66 66.58
CA VAL M 205 -14.93 -43.87 67.02
C VAL M 205 -14.98 -44.88 68.18
N VAL M 206 -14.17 -45.93 68.07
CA VAL M 206 -14.08 -46.97 69.10
C VAL M 206 -13.41 -46.41 70.38
N PHE M 207 -12.38 -45.59 70.20
CA PHE M 207 -11.67 -44.97 71.32
C PHE M 207 -12.56 -44.04 72.13
N GLY M 208 -13.43 -43.29 71.44
CA GLY M 208 -14.34 -42.36 72.09
C GLY M 208 -15.50 -43.04 72.80
N HIS M 209 -16.04 -44.08 72.18
CA HIS M 209 -17.17 -44.84 72.72
C HIS M 209 -16.81 -45.61 74.00
N GLU M 210 -15.60 -46.14 74.04
CA GLU M 210 -15.12 -46.90 75.20
C GLU M 210 -14.74 -45.98 76.37
N GLN M 211 -14.29 -44.78 76.05
CA GLN M 211 -13.86 -43.82 77.06
C GLN M 211 -15.03 -43.08 77.71
N GLN M 212 -16.10 -42.87 76.94
CA GLN M 212 -17.29 -42.17 77.43
C GLN M 212 -18.17 -43.04 78.33
N GLN M 213 -17.74 -44.29 78.54
CA GLN M 213 -18.45 -45.24 79.39
C GLN M 213 -18.48 -44.83 80.86
N VAL M 214 -17.47 -44.06 81.27
CA VAL M 214 -17.38 -43.53 82.64
C VAL M 214 -18.55 -42.59 82.95
N VAL M 215 -18.95 -41.81 81.95
CA VAL M 215 -20.10 -40.90 82.07
C VAL M 215 -21.40 -41.70 82.23
N ILE M 216 -21.54 -42.76 81.44
CA ILE M 216 -22.73 -43.63 81.48
C ILE M 216 -22.82 -44.39 82.80
N GLN M 217 -21.67 -44.82 83.32
CA GLN M 217 -21.60 -45.54 84.59
C GLN M 217 -21.98 -44.67 85.79
N ASN M 218 -21.64 -43.39 85.73
CA ASN M 218 -21.92 -42.45 86.81
C ASN M 218 -23.33 -41.87 86.79
N ILE M 219 -23.93 -41.79 85.60
CA ILE M 219 -25.32 -41.35 85.45
C ILE M 219 -26.28 -42.40 86.01
N ASN M 220 -26.03 -43.66 85.67
CA ASN M 220 -26.84 -44.79 86.16
C ASN M 220 -26.89 -44.91 87.68
N GLU M 221 -25.79 -44.52 88.35
CA GLU M 221 -25.72 -44.50 89.80
C GLU M 221 -26.54 -43.35 90.39
N LEU M 222 -26.66 -42.25 89.63
CA LEU M 222 -27.41 -41.08 90.06
C LEU M 222 -28.92 -41.30 89.90
N VAL M 223 -29.30 -42.17 88.96
CA VAL M 223 -30.69 -42.56 88.75
C VAL M 223 -31.21 -43.35 89.96
N LYS M 224 -30.32 -44.13 90.57
CA LYS M 224 -30.64 -44.90 91.78
C LYS M 224 -30.70 -44.01 93.02
N GLU M 225 -30.09 -42.83 92.94
CA GLU M 225 -30.05 -41.90 94.07
C GLU M 225 -31.12 -40.82 94.02
N ALA M 226 -31.19 -40.10 92.90
CA ALA M 226 -32.10 -38.96 92.76
C ALA M 226 -33.09 -39.10 91.59
N GLY M 227 -33.35 -40.35 91.20
CA GLY M 227 -34.25 -40.63 90.08
C GLY M 227 -35.71 -40.66 90.49
N LYS M 228 -36.53 -39.92 89.76
CA LYS M 228 -37.98 -39.91 89.96
C LYS M 228 -38.59 -41.23 89.45
N PRO M 229 -39.67 -41.70 90.09
CA PRO M 229 -40.33 -42.96 89.71
C PRO M 229 -40.67 -43.02 88.23
N ARG M 230 -40.44 -44.18 87.62
CA ARG M 230 -40.65 -44.39 86.19
C ARG M 230 -42.10 -44.20 85.77
N TRP M 231 -42.29 -43.61 84.59
CA TRP M 231 -43.61 -43.35 84.03
C TRP M 231 -44.36 -44.64 83.72
N ASP M 232 -45.62 -44.71 84.15
CA ASP M 232 -46.47 -45.86 83.87
C ASP M 232 -46.98 -45.79 82.43
N TRP M 233 -46.13 -46.18 81.49
CA TRP M 233 -46.46 -46.13 80.07
C TRP M 233 -46.37 -47.51 79.43
N GLN M 234 -47.43 -47.88 78.73
CA GLN M 234 -47.51 -49.16 78.03
C GLN M 234 -47.84 -48.94 76.55
N PRO M 235 -47.12 -49.64 75.65
CA PRO M 235 -47.37 -49.55 74.21
C PRO M 235 -48.74 -50.09 73.83
N GLU M 236 -49.28 -49.60 72.71
CA GLU M 236 -50.58 -50.04 72.20
C GLU M 236 -50.54 -51.54 71.91
N PRO M 237 -51.49 -52.30 72.50
CA PRO M 237 -51.54 -53.75 72.34
C PRO M 237 -51.64 -54.19 70.88
N VAL M 238 -50.78 -55.13 70.49
CA VAL M 238 -50.72 -55.62 69.12
C VAL M 238 -51.98 -56.42 68.75
N ASN M 239 -52.72 -55.91 67.77
CA ASN M 239 -53.98 -56.51 67.35
C ASN M 239 -53.81 -57.37 66.10
N GLU M 240 -53.93 -58.69 66.28
CA GLU M 240 -53.82 -59.65 65.18
C GLU M 240 -55.07 -59.67 64.31
N ALA M 241 -56.15 -59.10 64.83
CA ALA M 241 -57.42 -59.00 64.10
C ALA M 241 -57.35 -57.98 62.97
N LEU M 242 -56.49 -56.98 63.12
CA LEU M 242 -56.30 -55.95 62.10
C LEU M 242 -55.00 -56.13 61.31
N ASN M 243 -54.02 -56.79 61.91
CA ASN M 243 -52.75 -57.09 61.25
C ASN M 243 -52.84 -58.31 60.32
N ALA M 244 -54.06 -58.79 60.11
CA ALA M 244 -54.33 -59.89 59.19
C ALA M 244 -55.38 -59.50 58.14
N ARG M 245 -56.29 -58.61 58.53
CA ARG M 245 -57.32 -58.09 57.62
C ARG M 245 -56.73 -57.13 56.59
N VAL M 246 -55.92 -56.19 57.06
CA VAL M 246 -55.27 -55.21 56.20
C VAL M 246 -54.09 -55.83 55.45
N ALA M 247 -53.40 -56.76 56.10
CA ALA M 247 -52.27 -57.46 55.50
C ALA M 247 -52.70 -58.59 54.54
N ALA M 248 -53.91 -58.44 54.00
CA ALA M 248 -54.43 -59.37 53.00
C ALA M 248 -55.06 -58.58 51.83
N LEU M 249 -55.47 -57.35 52.12
CA LEU M 249 -56.07 -56.47 51.12
C LEU M 249 -55.05 -55.48 50.56
N ALA M 250 -53.97 -55.25 51.31
CA ALA M 250 -52.95 -54.28 50.93
C ALA M 250 -51.57 -54.89 50.71
N GLU M 251 -51.24 -55.94 51.45
CA GLU M 251 -49.92 -56.59 51.40
C GLU M 251 -49.56 -57.09 50.00
N ALA M 252 -50.53 -57.66 49.31
CA ALA M 252 -50.32 -58.17 47.94
C ALA M 252 -50.08 -57.05 46.93
N ARG M 253 -50.75 -55.92 47.14
CA ARG M 253 -50.62 -54.77 46.25
C ARG M 253 -49.38 -53.93 46.54
N LEU M 254 -48.97 -53.89 47.80
CA LEU M 254 -47.77 -53.14 48.21
C LEU M 254 -46.47 -53.82 47.78
N SER M 255 -46.53 -55.12 47.53
CA SER M 255 -45.38 -55.89 47.07
C SER M 255 -44.99 -55.50 45.64
N ASP M 256 -46.00 -55.26 44.80
CA ASP M 256 -45.79 -54.82 43.43
C ASP M 256 -45.49 -53.32 43.33
N ALA M 257 -45.87 -52.60 44.39
CA ALA M 257 -45.67 -51.14 44.45
C ALA M 257 -44.21 -50.75 44.65
N TYR M 258 -43.49 -51.54 45.44
CA TYR M 258 -42.07 -51.29 45.71
C TYR M 258 -41.15 -52.02 44.73
N ARG M 259 -41.71 -52.43 43.59
CA ARG M 259 -40.94 -53.02 42.51
C ARG M 259 -40.66 -51.97 41.43
N ILE M 260 -41.46 -50.91 41.45
CA ILE M 260 -41.32 -49.79 40.51
C ILE M 260 -40.04 -49.00 40.79
N THR M 261 -39.29 -48.72 39.74
CA THR M 261 -37.97 -48.07 39.85
C THR M 261 -38.07 -46.56 40.11
N ASP M 262 -38.90 -45.87 39.33
CA ASP M 262 -39.04 -44.41 39.41
C ASP M 262 -39.78 -43.98 40.68
N LYS M 263 -39.34 -42.87 41.26
CA LYS M 263 -39.90 -42.36 42.52
C LYS M 263 -41.32 -41.81 42.35
N GLN M 264 -41.54 -41.02 41.31
CA GLN M 264 -42.83 -40.39 41.05
C GLN M 264 -43.93 -41.41 40.75
N GLU M 265 -43.56 -42.49 40.07
CA GLU M 265 -44.51 -43.55 39.73
C GLU M 265 -44.77 -44.49 40.91
N ARG M 266 -43.80 -44.59 41.82
CA ARG M 266 -43.92 -45.44 43.00
C ARG M 266 -44.76 -44.77 44.09
N TYR M 267 -44.43 -43.53 44.43
CA TYR M 267 -45.12 -42.76 45.48
C TYR M 267 -46.58 -42.48 45.15
N ALA M 268 -46.89 -42.37 43.86
CA ALA M 268 -48.28 -42.20 43.41
C ALA M 268 -49.06 -43.51 43.50
N GLN M 269 -48.36 -44.62 43.29
CA GLN M 269 -48.94 -45.95 43.39
C GLN M 269 -49.16 -46.35 44.86
N VAL M 270 -48.16 -46.10 45.69
CA VAL M 270 -48.23 -46.39 47.13
C VAL M 270 -49.39 -45.65 47.80
N ASP M 271 -49.65 -44.42 47.34
CA ASP M 271 -50.70 -43.57 47.89
C ASP M 271 -52.11 -44.11 47.61
N VAL M 272 -52.35 -44.59 46.39
CA VAL M 272 -53.68 -45.07 46.00
C VAL M 272 -54.06 -46.42 46.63
N ILE M 273 -53.04 -47.20 47.03
CA ILE M 273 -53.26 -48.42 47.80
C ILE M 273 -53.67 -48.06 49.23
N LYS M 274 -52.97 -47.09 49.82
CA LYS M 274 -53.27 -46.60 51.16
C LYS M 274 -54.65 -45.94 51.24
N SER M 275 -55.04 -45.25 50.18
CA SER M 275 -56.31 -44.53 50.12
C SER M 275 -57.51 -45.47 49.98
N GLU M 276 -57.38 -46.47 49.10
CA GLU M 276 -58.47 -47.41 48.81
C GLU M 276 -58.69 -48.45 49.91
N THR M 277 -57.64 -48.74 50.67
CA THR M 277 -57.74 -49.70 51.79
C THR M 277 -58.53 -49.11 52.94
N ILE M 278 -58.25 -47.86 53.29
CA ILE M 278 -58.97 -47.14 54.35
C ILE M 278 -60.41 -46.85 53.94
N ALA M 279 -60.62 -46.53 52.66
CA ALA M 279 -61.95 -46.25 52.11
C ALA M 279 -62.90 -47.44 52.24
N THR M 280 -62.35 -48.65 52.12
CA THR M 280 -63.12 -49.88 52.31
C THR M 280 -63.42 -50.11 53.79
N LEU M 281 -62.47 -49.72 54.64
CA LEU M 281 -62.62 -49.86 56.09
C LEU M 281 -63.58 -48.84 56.69
N LEU M 282 -63.64 -47.66 56.09
CA LEU M 282 -64.57 -46.61 56.51
C LEU M 282 -66.02 -46.96 56.15
N ALA M 283 -66.20 -47.63 55.02
CA ALA M 283 -67.51 -48.09 54.58
C ALA M 283 -67.96 -49.33 55.37
N GLU M 284 -67.00 -50.05 55.94
CA GLU M 284 -67.27 -51.22 56.75
C GLU M 284 -67.90 -50.81 58.08
N ASP M 285 -67.14 -50.05 58.88
CA ASP M 285 -67.63 -49.48 60.14
C ASP M 285 -66.78 -48.27 60.55
N GLU M 286 -67.40 -47.32 61.26
CA GLU M 286 -66.75 -46.07 61.61
C GLU M 286 -66.07 -46.09 62.98
N THR M 287 -65.98 -47.28 63.57
CA THR M 287 -65.47 -47.45 64.94
C THR M 287 -63.94 -47.38 65.05
N LEU M 288 -63.25 -47.70 63.97
CA LEU M 288 -61.78 -47.76 63.96
C LEU M 288 -61.12 -46.38 64.04
N ASP M 289 -59.85 -46.38 64.45
CA ASP M 289 -59.04 -45.16 64.50
C ASP M 289 -58.34 -44.93 63.16
N GLU M 290 -58.22 -43.66 62.77
CA GLU M 290 -57.62 -43.28 61.49
C GLU M 290 -56.10 -43.47 61.49
N ASN M 291 -55.45 -43.07 62.58
CA ASN M 291 -53.99 -43.14 62.70
C ASN M 291 -53.45 -44.54 63.02
N GLU M 292 -54.31 -45.39 63.58
CA GLU M 292 -53.95 -46.76 63.91
C GLU M 292 -53.76 -47.61 62.64
N LEU M 293 -54.62 -47.36 61.66
CA LEU M 293 -54.57 -48.06 60.38
C LEU M 293 -53.39 -47.61 59.52
N GLY M 294 -53.05 -46.32 59.61
CA GLY M 294 -51.92 -45.75 58.89
C GLY M 294 -50.58 -46.16 59.44
N GLU M 295 -50.55 -46.53 60.72
CA GLU M 295 -49.34 -46.98 61.39
C GLU M 295 -48.98 -48.40 61.00
N ILE M 296 -49.98 -49.27 60.90
CA ILE M 296 -49.77 -50.67 60.52
C ILE M 296 -49.57 -50.86 59.01
N LEU M 297 -50.12 -49.94 58.22
CA LEU M 297 -49.89 -49.90 56.78
C LEU M 297 -48.44 -49.52 56.47
N HIS M 298 -47.88 -48.65 57.31
CA HIS M 298 -46.48 -48.26 57.24
C HIS M 298 -45.56 -49.42 57.62
N ALA M 299 -46.04 -50.28 58.52
CA ALA M 299 -45.30 -51.45 58.96
C ALA M 299 -45.17 -52.52 57.87
N ILE M 300 -46.21 -52.64 57.03
CA ILE M 300 -46.19 -53.55 55.90
C ILE M 300 -45.22 -53.05 54.82
N GLU M 301 -45.22 -51.73 54.62
CA GLU M 301 -44.29 -51.08 53.68
C GLU M 301 -42.83 -51.33 54.09
N LYS M 302 -42.58 -51.31 55.40
CA LYS M 302 -41.25 -51.56 55.94
C LYS M 302 -40.87 -53.04 55.83
N ASN M 303 -41.87 -53.91 55.96
CA ASN M 303 -41.66 -55.36 55.95
C ASN M 303 -41.28 -55.92 54.58
N VAL M 304 -41.97 -55.47 53.53
CA VAL M 304 -41.75 -55.96 52.16
C VAL M 304 -40.36 -55.60 51.63
N VAL M 305 -39.94 -54.36 51.88
CA VAL M 305 -38.62 -53.89 51.43
C VAL M 305 -37.48 -54.60 52.16
N ARG M 306 -37.61 -54.75 53.48
CA ARG M 306 -36.59 -55.39 54.31
C ARG M 306 -36.47 -56.90 54.06
N SER M 307 -37.57 -57.52 53.61
CA SER M 307 -37.58 -58.95 53.30
C SER M 307 -36.83 -59.27 52.02
N ARG M 308 -36.86 -58.34 51.07
CA ARG M 308 -36.19 -58.51 49.77
C ARG M 308 -34.69 -58.24 49.86
N VAL M 309 -34.31 -57.27 50.69
CA VAL M 309 -32.90 -56.92 50.89
C VAL M 309 -32.16 -58.01 51.68
N LEU M 310 -32.85 -58.59 52.66
CA LEU M 310 -32.28 -59.64 53.51
C LEU M 310 -32.03 -60.93 52.75
N ALA M 311 -32.99 -61.32 51.91
CA ALA M 311 -32.93 -62.57 51.15
C ALA M 311 -31.90 -62.54 50.02
N GLY M 312 -31.68 -61.37 49.45
CA GLY M 312 -30.73 -61.20 48.34
C GLY M 312 -31.39 -60.79 47.04
N GLU M 313 -32.69 -60.49 47.12
CA GLU M 313 -33.47 -60.05 45.97
C GLU M 313 -33.11 -58.60 45.62
N PRO M 314 -32.97 -58.29 44.31
CA PRO M 314 -32.65 -56.94 43.82
C PRO M 314 -33.47 -55.82 44.48
N ARG M 315 -32.84 -54.66 44.62
CA ARG M 315 -33.41 -53.51 45.32
C ARG M 315 -34.62 -52.88 44.60
N ILE M 316 -35.19 -51.84 45.22
CA ILE M 316 -36.39 -51.16 44.71
C ILE M 316 -36.22 -50.66 43.27
N ASP M 317 -35.09 -49.99 43.01
CA ASP M 317 -34.79 -49.46 41.67
C ASP M 317 -34.05 -50.48 40.79
N GLY M 318 -33.89 -51.70 41.31
CA GLY M 318 -33.23 -52.78 40.58
C GLY M 318 -31.72 -52.70 40.64
N ARG M 319 -31.19 -52.88 41.85
CA ARG M 319 -29.74 -52.83 42.08
C ARG M 319 -29.25 -53.92 43.03
N GLU M 320 -27.95 -54.18 42.96
CA GLU M 320 -27.27 -55.08 43.90
C GLU M 320 -26.85 -54.32 45.15
N LYS M 321 -26.34 -55.04 46.14
CA LYS M 321 -25.97 -54.45 47.44
C LYS M 321 -24.79 -53.47 47.37
N ASP M 322 -23.94 -53.62 46.36
CA ASP M 322 -22.70 -52.85 46.27
C ASP M 322 -22.66 -51.79 45.15
N MET M 323 -23.45 -51.98 44.10
CA MET M 323 -23.43 -51.05 42.97
C MET M 323 -24.32 -49.81 43.17
N ILE M 324 -23.91 -48.70 42.58
CA ILE M 324 -24.55 -47.40 42.79
C ILE M 324 -25.32 -46.89 41.56
N ARG M 325 -26.05 -45.79 41.74
CA ARG M 325 -26.91 -45.20 40.72
C ARG M 325 -26.17 -44.57 39.54
N GLY M 326 -26.93 -44.14 38.53
CA GLY M 326 -26.36 -43.47 37.36
C GLY M 326 -25.79 -42.10 37.68
N LEU M 327 -24.77 -41.69 36.94
CA LEU M 327 -24.05 -40.45 37.20
C LEU M 327 -24.02 -39.51 36.01
N ASP M 328 -24.11 -38.21 36.29
CA ASP M 328 -23.99 -37.16 35.27
C ASP M 328 -23.22 -35.96 35.83
N VAL M 329 -22.03 -35.74 35.29
CA VAL M 329 -21.16 -34.66 35.74
C VAL M 329 -21.12 -33.54 34.69
N ARG M 330 -21.57 -32.35 35.08
CA ARG M 330 -21.60 -31.20 34.20
C ARG M 330 -21.01 -29.96 34.87
N THR M 331 -19.90 -29.46 34.34
CA THR M 331 -19.27 -28.24 34.85
C THR M 331 -19.40 -27.10 33.83
N GLY M 332 -19.40 -25.87 34.34
CA GLY M 332 -19.57 -24.68 33.51
C GLY M 332 -20.98 -24.55 32.96
N VAL M 333 -21.96 -24.90 33.79
CA VAL M 333 -23.37 -24.88 33.42
C VAL M 333 -23.92 -23.45 33.29
N LEU M 334 -23.38 -22.52 34.07
CA LEU M 334 -23.84 -21.15 34.10
C LEU M 334 -22.80 -20.18 33.52
N PRO M 335 -23.25 -19.15 32.78
CA PRO M 335 -22.32 -18.27 32.07
C PRO M 335 -21.73 -17.11 32.87
N ARG M 336 -22.53 -16.47 33.72
CA ARG M 336 -22.10 -15.25 34.42
C ARG M 336 -21.29 -15.47 35.69
N THR M 337 -21.72 -16.41 36.53
CA THR M 337 -21.10 -16.66 37.84
C THR M 337 -19.68 -17.24 37.72
N HIS M 338 -18.90 -17.08 38.78
CA HIS M 338 -17.51 -17.57 38.83
C HIS M 338 -17.41 -19.08 38.69
N GLY M 339 -18.08 -19.80 39.60
CA GLY M 339 -18.08 -21.26 39.60
C GLY M 339 -19.43 -21.84 39.25
N SER M 340 -19.44 -22.85 38.38
CA SER M 340 -20.66 -23.50 37.94
C SER M 340 -20.53 -25.02 37.96
N ALA M 341 -21.52 -25.69 38.55
CA ALA M 341 -21.53 -27.15 38.65
C ALA M 341 -22.94 -27.71 38.69
N LEU M 342 -23.13 -28.84 38.00
CA LEU M 342 -24.40 -29.55 38.00
C LEU M 342 -24.15 -31.05 38.10
N PHE M 343 -24.30 -31.58 39.32
CA PHE M 343 -24.10 -33.01 39.59
C PHE M 343 -25.44 -33.72 39.68
N THR M 344 -25.52 -34.88 39.03
CA THR M 344 -26.75 -35.68 39.03
C THR M 344 -26.45 -37.15 39.34
N ARG M 345 -26.92 -37.61 40.49
CA ARG M 345 -26.81 -39.01 40.87
C ARG M 345 -28.19 -39.65 40.92
N GLY M 346 -28.48 -40.50 39.95
CA GLY M 346 -29.79 -41.13 39.82
C GLY M 346 -30.86 -40.12 39.44
N GLU M 347 -31.72 -39.81 40.40
CA GLU M 347 -32.72 -38.75 40.25
C GLU M 347 -32.59 -37.72 41.37
N THR M 348 -31.34 -37.33 41.64
CA THR M 348 -31.02 -36.34 42.67
C THR M 348 -30.00 -35.36 42.11
N GLN M 349 -30.38 -34.07 42.07
CA GLN M 349 -29.55 -33.03 41.48
C GLN M 349 -29.04 -32.03 42.51
N ALA M 350 -27.91 -31.39 42.19
CA ALA M 350 -27.32 -30.36 43.04
C ALA M 350 -26.65 -29.27 42.19
N LEU M 351 -27.37 -28.17 41.98
CA LEU M 351 -26.84 -27.01 41.27
C LEU M 351 -25.93 -26.22 42.21
N VAL M 352 -24.63 -26.51 42.13
CA VAL M 352 -23.64 -25.92 43.03
C VAL M 352 -22.88 -24.78 42.36
N THR M 353 -22.80 -23.64 43.05
CA THR M 353 -22.12 -22.46 42.54
C THR M 353 -21.00 -22.02 43.48
N ALA M 354 -19.92 -21.50 42.90
CA ALA M 354 -18.80 -20.97 43.67
C ALA M 354 -18.62 -19.48 43.40
N THR M 355 -18.42 -18.71 44.48
CA THR M 355 -18.29 -17.26 44.38
C THR M 355 -17.00 -16.78 45.06
N LEU M 356 -16.29 -15.89 44.39
CA LEU M 356 -15.03 -15.34 44.92
C LEU M 356 -15.17 -13.86 45.29
N GLY M 357 -14.55 -13.49 46.41
CA GLY M 357 -14.61 -12.11 46.90
C GLY M 357 -13.35 -11.64 47.61
N THR M 358 -13.44 -10.47 48.22
CA THR M 358 -12.31 -9.86 48.93
C THR M 358 -12.28 -10.27 50.41
N ALA M 359 -11.25 -9.80 51.12
CA ALA M 359 -11.08 -10.10 52.55
C ALA M 359 -12.16 -9.49 53.43
N ARG M 360 -12.75 -8.39 52.97
CA ARG M 360 -13.82 -7.70 53.69
C ARG M 360 -15.15 -8.46 53.61
N ASP M 361 -15.30 -9.26 52.56
CA ASP M 361 -16.52 -10.03 52.33
C ASP M 361 -16.65 -11.26 53.24
N ALA M 362 -15.57 -11.57 53.96
CA ALA M 362 -15.55 -12.70 54.88
C ALA M 362 -16.45 -12.47 56.09
N GLN M 363 -17.12 -13.54 56.54
CA GLN M 363 -18.03 -13.47 57.68
C GLN M 363 -17.28 -13.34 59.00
N VAL M 364 -17.63 -12.31 59.76
CA VAL M 364 -17.06 -12.08 61.08
C VAL M 364 -18.10 -12.44 62.13
N LEU M 365 -18.24 -13.73 62.40
CA LEU M 365 -19.18 -14.22 63.40
C LEU M 365 -18.52 -14.29 64.78
N ASP M 366 -19.18 -13.70 65.77
CA ASP M 366 -18.67 -13.67 67.13
C ASP M 366 -19.38 -14.68 68.03
N GLU M 367 -18.68 -15.78 68.32
CA GLU M 367 -19.23 -16.85 69.15
C GLU M 367 -18.96 -16.58 70.63
N LEU M 368 -19.30 -17.54 71.49
CA LEU M 368 -19.18 -17.39 72.94
C LEU M 368 -17.72 -17.34 73.43
N MET M 369 -16.83 -18.01 72.69
CA MET M 369 -15.42 -18.08 73.06
C MET M 369 -14.63 -16.87 72.58
N GLY M 370 -14.58 -16.69 71.26
CA GLY M 370 -13.84 -15.59 70.66
C GLY M 370 -14.35 -15.24 69.26
N GLU M 371 -13.99 -14.04 68.80
CA GLU M 371 -14.40 -13.56 67.49
C GLU M 371 -13.55 -14.19 66.39
N ARG M 372 -13.93 -15.41 65.99
CA ARG M 372 -13.24 -16.14 64.93
C ARG M 372 -13.81 -15.84 63.55
N THR M 373 -12.95 -15.52 62.60
CA THR M 373 -13.36 -15.15 61.26
C THR M 373 -13.41 -16.37 60.33
N ASP M 374 -14.55 -16.55 59.67
CA ASP M 374 -14.74 -17.66 58.74
C ASP M 374 -14.61 -17.17 57.30
N THR M 375 -13.63 -17.73 56.59
CA THR M 375 -13.37 -17.35 55.20
C THR M 375 -14.12 -18.24 54.22
N PHE M 376 -13.99 -19.55 54.41
CA PHE M 376 -14.70 -20.53 53.58
C PHE M 376 -16.18 -20.60 54.01
N LEU M 377 -17.06 -20.23 53.08
CA LEU M 377 -18.50 -20.20 53.35
C LEU M 377 -19.24 -21.23 52.51
N PHE M 378 -20.09 -22.01 53.16
CA PHE M 378 -20.92 -22.99 52.48
C PHE M 378 -22.39 -22.79 52.85
N HIS M 379 -23.22 -22.60 51.83
CA HIS M 379 -24.65 -22.40 52.01
C HIS M 379 -25.46 -23.46 51.30
N TYR M 380 -26.50 -23.96 51.97
CA TYR M 380 -27.32 -25.05 51.47
C TYR M 380 -28.80 -24.68 51.45
N ASN M 381 -29.46 -25.03 50.35
CA ASN M 381 -30.90 -24.75 50.19
C ASN M 381 -31.66 -25.97 49.72
N PHE M 382 -32.76 -26.27 50.41
CA PHE M 382 -33.64 -27.38 50.05
C PHE M 382 -35.05 -26.86 49.76
N PRO M 383 -35.32 -26.47 48.49
CA PRO M 383 -36.61 -25.94 48.08
C PRO M 383 -37.66 -27.05 47.93
N PRO M 384 -38.96 -26.70 48.06
CA PRO M 384 -40.04 -27.70 47.99
C PRO M 384 -40.26 -28.33 46.62
N TYR M 385 -39.74 -27.71 45.55
CA TYR M 385 -39.92 -28.23 44.20
C TYR M 385 -39.04 -29.44 43.89
N SER M 386 -38.01 -29.65 44.72
CA SER M 386 -37.07 -30.76 44.54
C SER M 386 -37.72 -32.13 44.80
N VAL M 387 -38.68 -32.16 45.73
CA VAL M 387 -39.39 -33.39 46.07
C VAL M 387 -40.74 -33.51 45.34
N GLY M 388 -41.32 -32.38 44.98
CA GLY M 388 -42.57 -32.34 44.23
C GLY M 388 -43.79 -31.95 45.06
N GLU M 389 -43.62 -30.94 45.90
CA GLU M 389 -44.71 -30.43 46.74
C GLU M 389 -44.58 -28.92 46.99
N THR M 390 -45.49 -28.38 47.80
CA THR M 390 -45.51 -26.95 48.11
C THR M 390 -45.17 -26.68 49.58
N GLY M 391 -44.48 -25.57 49.84
CA GLY M 391 -44.10 -25.19 51.19
C GLY M 391 -43.54 -23.78 51.28
N MET M 392 -43.22 -23.35 52.50
CA MET M 392 -42.68 -22.02 52.72
C MET M 392 -41.30 -21.87 52.08
N VAL M 393 -40.91 -20.62 51.83
CA VAL M 393 -39.61 -20.34 51.21
C VAL M 393 -38.93 -19.15 51.86
N GLY M 394 -38.59 -19.31 53.15
CA GLY M 394 -37.91 -18.26 53.88
C GLY M 394 -36.48 -18.02 54.31
N SER M 395 -36.03 -18.76 55.32
CA SER M 395 -34.66 -18.64 55.80
C SER M 395 -34.33 -20.11 55.56
N PRO M 396 -33.42 -20.65 56.36
CA PRO M 396 -33.02 -22.06 56.23
C PRO M 396 -33.53 -22.74 57.49
N LYS M 397 -34.43 -23.72 57.31
CA LYS M 397 -35.00 -24.45 58.44
C LYS M 397 -33.82 -25.08 59.18
N ARG M 398 -34.11 -25.74 60.31
CA ARG M 398 -33.10 -26.39 61.14
C ARG M 398 -32.34 -27.51 60.43
N ARG M 399 -33.02 -28.17 59.49
CA ARG M 399 -32.46 -29.31 58.78
C ARG M 399 -31.46 -28.88 57.69
N GLU M 400 -31.72 -27.73 57.06
CA GLU M 400 -30.85 -27.24 55.98
C GLU M 400 -29.68 -26.37 56.45
N ILE M 401 -29.58 -26.17 57.76
CA ILE M 401 -28.42 -25.49 58.36
C ILE M 401 -27.35 -26.52 58.70
N GLY M 402 -27.76 -27.64 59.29
CA GLY M 402 -26.86 -28.73 59.65
C GLY M 402 -26.25 -29.43 58.45
N HIS M 403 -27.01 -29.52 57.37
CA HIS M 403 -26.55 -30.09 56.11
C HIS M 403 -25.57 -29.17 55.39
N GLY M 404 -25.67 -27.87 55.66
CA GLY M 404 -24.76 -26.87 55.11
C GLY M 404 -23.37 -26.97 55.69
N ARG M 405 -23.30 -27.20 57.00
CA ARG M 405 -22.04 -27.39 57.70
C ARG M 405 -21.47 -28.79 57.42
N LEU M 406 -22.36 -29.74 57.13
CA LEU M 406 -21.99 -31.11 56.81
C LEU M 406 -21.11 -31.17 55.56
N ALA M 407 -21.54 -30.47 54.52
CA ALA M 407 -20.78 -30.41 53.25
C ALA M 407 -19.60 -29.46 53.36
N LYS M 408 -19.66 -28.53 54.32
CA LYS M 408 -18.57 -27.59 54.60
C LYS M 408 -17.36 -28.33 55.18
N ARG M 409 -17.62 -29.31 56.04
CA ARG M 409 -16.57 -30.12 56.67
C ARG M 409 -15.88 -31.05 55.67
N GLY M 410 -16.59 -31.43 54.61
CA GLY M 410 -16.06 -32.33 53.59
C GLY M 410 -15.16 -31.66 52.56
N VAL M 411 -15.17 -30.33 52.54
CA VAL M 411 -14.39 -29.55 51.57
C VAL M 411 -13.26 -28.76 52.26
N LEU M 412 -13.49 -28.38 53.51
CA LEU M 412 -12.54 -27.56 54.29
C LEU M 412 -11.14 -28.17 54.38
N ALA M 413 -11.08 -29.50 54.47
CA ALA M 413 -9.81 -30.24 54.56
C ALA M 413 -9.02 -30.17 53.26
N VAL M 414 -9.71 -29.99 52.14
CA VAL M 414 -9.10 -29.90 50.82
C VAL M 414 -8.69 -28.45 50.50
N MET M 415 -9.49 -27.50 50.96
CA MET M 415 -9.28 -26.08 50.71
C MET M 415 -7.91 -25.57 51.18
N PRO M 416 -7.23 -24.76 50.35
CA PRO M 416 -5.93 -24.19 50.70
C PRO M 416 -6.01 -23.14 51.81
N ASP M 417 -4.86 -22.83 52.41
CA ASP M 417 -4.78 -21.87 53.51
C ASP M 417 -4.91 -20.42 53.04
N MET M 418 -4.82 -19.48 53.98
CA MET M 418 -4.98 -18.05 53.69
C MET M 418 -3.74 -17.39 53.07
N ASP M 419 -2.65 -18.14 52.96
CA ASP M 419 -1.41 -17.62 52.38
C ASP M 419 -1.28 -17.95 50.88
N LYS M 420 -1.72 -19.15 50.50
CA LYS M 420 -1.68 -19.58 49.10
C LYS M 420 -2.81 -18.93 48.29
N PHE M 421 -4.00 -18.88 48.88
CA PHE M 421 -5.16 -18.28 48.23
C PHE M 421 -5.93 -17.41 49.23
N PRO M 422 -5.62 -16.10 49.26
CA PRO M 422 -6.21 -15.16 50.22
C PRO M 422 -7.49 -14.48 49.71
N TYR M 423 -8.50 -15.28 49.40
CA TYR M 423 -9.79 -14.77 48.94
C TYR M 423 -10.97 -15.50 49.57
N THR M 424 -12.05 -14.78 49.82
CA THR M 424 -13.26 -15.34 50.43
C THR M 424 -14.04 -16.16 49.40
N VAL M 425 -14.32 -17.41 49.75
CA VAL M 425 -15.05 -18.32 48.87
C VAL M 425 -16.44 -18.64 49.44
N ARG M 426 -17.47 -18.34 48.66
CA ARG M 426 -18.85 -18.65 49.03
C ARG M 426 -19.42 -19.72 48.10
N VAL M 427 -19.68 -20.89 48.66
CA VAL M 427 -20.21 -22.02 47.89
C VAL M 427 -21.68 -22.24 48.20
N VAL M 428 -22.53 -22.03 47.19
CA VAL M 428 -23.98 -22.16 47.36
C VAL M 428 -24.50 -23.38 46.61
N SER M 429 -25.23 -24.25 47.31
CA SER M 429 -25.79 -25.45 46.73
C SER M 429 -27.31 -25.35 46.58
N GLU M 430 -27.81 -25.69 45.40
CA GLU M 430 -29.24 -25.65 45.10
C GLU M 430 -29.75 -27.03 44.72
N ILE M 431 -30.59 -27.61 45.58
CA ILE M 431 -31.16 -28.93 45.33
C ILE M 431 -32.31 -28.82 44.34
N THR M 432 -32.15 -29.46 43.19
CA THR M 432 -33.15 -29.41 42.12
C THR M 432 -34.00 -30.68 42.11
N GLU M 433 -33.39 -31.79 42.49
CA GLU M 433 -34.08 -33.08 42.63
C GLU M 433 -33.62 -33.79 43.90
N SER M 434 -34.52 -34.55 44.51
CA SER M 434 -34.20 -35.28 45.75
C SER M 434 -34.64 -36.69 46.11
N ASN M 435 -33.67 -37.60 46.16
CA ASN M 435 -33.95 -38.99 46.50
C ASN M 435 -33.21 -39.63 47.66
N GLY M 436 -31.97 -40.02 47.44
CA GLY M 436 -31.15 -40.65 48.47
C GLY M 436 -30.18 -39.68 49.10
N SER M 437 -29.14 -39.33 48.34
CA SER M 437 -28.09 -38.44 48.84
C SER M 437 -28.63 -37.06 49.17
N SER M 438 -29.12 -36.36 48.14
CA SER M 438 -29.61 -35.00 48.33
C SER M 438 -28.26 -34.34 48.55
N SER M 439 -27.51 -34.85 49.52
CA SER M 439 -26.42 -34.20 50.23
C SER M 439 -25.05 -34.74 49.84
N MET M 440 -24.99 -35.99 49.42
CA MET M 440 -23.74 -36.61 49.02
C MET M 440 -23.24 -36.05 47.70
N ALA M 441 -24.17 -35.54 46.89
CA ALA M 441 -23.83 -34.96 45.60
C ALA M 441 -23.23 -33.57 45.75
N SER M 442 -23.75 -32.82 46.71
CA SER M 442 -23.27 -31.46 46.96
C SER M 442 -21.75 -31.43 47.10
N VAL M 443 -21.23 -32.21 48.05
CA VAL M 443 -19.79 -32.28 48.28
C VAL M 443 -19.06 -32.53 46.97
N CYS M 444 -19.67 -33.37 46.12
CA CYS M 444 -19.15 -33.65 44.77
C CYS M 444 -19.24 -32.42 43.89
N GLY M 445 -20.37 -31.71 43.97
CA GLY M 445 -20.61 -30.50 43.20
C GLY M 445 -19.78 -29.31 43.63
N ALA M 446 -19.39 -29.30 44.90
CA ALA M 446 -18.53 -28.25 45.45
C ALA M 446 -17.14 -28.27 44.82
N SER M 447 -16.60 -29.48 44.65
CA SER M 447 -15.28 -29.67 44.04
C SER M 447 -15.27 -29.28 42.57
N LEU M 448 -16.39 -29.53 41.88
CA LEU M 448 -16.54 -29.18 40.48
C LEU M 448 -16.69 -27.67 40.28
N ALA M 449 -17.37 -27.02 41.24
CA ALA M 449 -17.59 -25.58 41.20
C ALA M 449 -16.32 -24.79 41.50
N LEU M 450 -15.48 -25.33 42.39
CA LEU M 450 -14.20 -24.70 42.75
C LEU M 450 -13.20 -24.80 41.60
N MET M 451 -13.20 -25.93 40.90
CA MET M 451 -12.32 -26.15 39.76
C MET M 451 -12.75 -25.34 38.53
N ASP M 452 -14.04 -25.06 38.43
CA ASP M 452 -14.59 -24.25 37.34
C ASP M 452 -14.24 -22.78 37.51
N ALA M 453 -14.25 -22.31 38.76
CA ALA M 453 -13.91 -20.92 39.09
C ALA M 453 -12.41 -20.69 39.01
N GLY M 454 -11.63 -21.71 39.39
CA GLY M 454 -10.17 -21.63 39.37
C GLY M 454 -9.56 -21.58 40.76
N VAL M 455 -10.24 -22.20 41.72
CA VAL M 455 -9.77 -22.26 43.11
C VAL M 455 -8.78 -23.43 43.26
N PRO M 456 -7.51 -23.11 43.59
CA PRO M 456 -6.45 -24.12 43.67
C PRO M 456 -6.59 -25.06 44.88
N ILE M 457 -7.51 -26.01 44.76
CA ILE M 457 -7.70 -27.05 45.79
C ILE M 457 -6.67 -28.18 45.62
N LYS M 458 -6.41 -28.89 46.70
CA LYS M 458 -5.41 -29.96 46.72
C LYS M 458 -5.75 -31.12 45.77
N ALA M 459 -6.98 -31.62 45.89
CA ALA M 459 -7.46 -32.72 45.05
C ALA M 459 -8.98 -32.67 44.89
N ALA M 460 -9.51 -33.55 44.03
CA ALA M 460 -10.95 -33.68 43.86
C ALA M 460 -11.57 -34.40 45.05
N VAL M 461 -12.72 -33.91 45.50
CA VAL M 461 -13.42 -34.50 46.64
C VAL M 461 -14.83 -34.99 46.28
N ALA M 462 -15.20 -36.15 46.81
CA ALA M 462 -16.50 -36.76 46.53
C ALA M 462 -17.13 -37.33 47.79
N GLY M 463 -18.46 -37.49 47.76
CA GLY M 463 -19.20 -38.00 48.91
C GLY M 463 -20.36 -38.92 48.55
N ILE M 464 -20.46 -40.02 49.28
CA ILE M 464 -21.58 -40.97 49.16
C ILE M 464 -21.96 -41.53 50.53
N ALA M 465 -23.20 -42.00 50.65
CA ALA M 465 -23.67 -42.55 51.92
C ALA M 465 -24.07 -44.03 51.82
N MET M 466 -24.07 -44.70 52.97
CA MET M 466 -24.33 -46.14 53.03
C MET M 466 -25.56 -46.44 53.89
N GLY M 467 -26.25 -47.53 53.55
CA GLY M 467 -27.43 -47.97 54.31
C GLY M 467 -27.27 -49.37 54.86
N LEU M 468 -28.17 -49.75 55.77
CA LEU M 468 -28.13 -51.06 56.42
C LEU M 468 -29.51 -51.60 56.76
N VAL M 469 -29.69 -52.91 56.56
CA VAL M 469 -30.88 -53.63 56.99
C VAL M 469 -30.44 -54.79 57.88
N LYS M 470 -30.82 -54.74 59.15
CA LYS M 470 -30.38 -55.73 60.13
C LYS M 470 -31.55 -56.37 60.89
N GLU M 471 -31.52 -57.69 61.00
CA GLU M 471 -32.52 -58.44 61.75
C GLU M 471 -31.84 -59.55 62.57
N GLY M 472 -31.54 -59.25 63.82
CA GLY M 472 -30.85 -60.18 64.72
C GLY M 472 -29.35 -60.12 64.58
N ASP M 473 -28.81 -60.95 63.68
CA ASP M 473 -27.38 -60.99 63.41
C ASP M 473 -27.05 -60.82 61.92
N ASN M 474 -28.04 -61.07 61.07
CA ASN M 474 -27.89 -60.90 59.63
C ASN M 474 -27.88 -59.44 59.23
N TYR M 475 -26.91 -59.06 58.40
CA TYR M 475 -26.77 -57.67 57.96
C TYR M 475 -26.44 -57.55 56.47
N VAL M 476 -27.06 -56.56 55.83
CA VAL M 476 -26.78 -56.26 54.42
C VAL M 476 -26.39 -54.78 54.29
N VAL M 477 -25.24 -54.54 53.69
CA VAL M 477 -24.73 -53.18 53.48
C VAL M 477 -25.13 -52.70 52.08
N LEU M 478 -25.88 -51.59 52.05
CA LEU M 478 -26.39 -51.04 50.79
C LEU M 478 -25.67 -49.76 50.40
N SER M 479 -25.24 -49.69 49.15
CA SER M 479 -24.51 -48.53 48.63
C SER M 479 -25.42 -47.57 47.88
N ASP M 480 -25.31 -46.28 48.21
CA ASP M 480 -26.12 -45.20 47.64
C ASP M 480 -27.62 -45.50 47.76
N ILE M 481 -28.15 -45.34 48.97
CA ILE M 481 -29.54 -45.68 49.28
C ILE M 481 -30.56 -44.67 48.73
N LEU M 482 -31.77 -45.16 48.45
CA LEU M 482 -32.86 -44.34 47.95
C LEU M 482 -33.61 -43.65 49.09
N GLY M 483 -34.68 -42.94 48.75
CA GLY M 483 -35.51 -42.25 49.73
C GLY M 483 -36.26 -43.18 50.65
N ASP M 484 -36.72 -44.31 50.10
CA ASP M 484 -37.45 -45.32 50.86
C ASP M 484 -36.49 -46.19 51.68
N GLU M 485 -35.28 -46.38 51.18
CA GLU M 485 -34.28 -47.21 51.84
C GLU M 485 -33.66 -46.55 53.06
N ASP M 486 -33.71 -45.22 53.12
CA ASP M 486 -33.23 -44.46 54.27
C ASP M 486 -34.25 -44.49 55.41
N HIS M 487 -35.53 -44.39 55.06
CA HIS M 487 -36.61 -44.39 56.03
C HIS M 487 -36.87 -45.78 56.63
N LEU M 488 -36.89 -46.79 55.76
CA LEU M 488 -37.22 -48.16 56.16
C LEU M 488 -35.97 -49.00 56.45
N GLY M 489 -34.81 -48.35 56.45
CA GLY M 489 -33.55 -49.01 56.75
C GLY M 489 -33.25 -49.04 58.25
N ASP M 490 -32.01 -48.74 58.60
CA ASP M 490 -31.58 -48.73 60.01
C ASP M 490 -30.65 -47.58 60.35
N MET M 491 -29.85 -47.14 59.38
CA MET M 491 -28.87 -46.07 59.61
C MET M 491 -28.54 -45.27 58.35
N ASP M 492 -28.05 -44.04 58.55
CA ASP M 492 -27.56 -43.20 57.47
C ASP M 492 -26.06 -42.96 57.68
N PHE M 493 -25.25 -43.69 56.93
CA PHE M 493 -23.79 -43.70 57.10
C PHE M 493 -23.09 -42.89 56.02
N LYS M 494 -22.91 -41.59 56.28
CA LYS M 494 -22.33 -40.66 55.31
C LYS M 494 -20.81 -40.66 55.33
N VAL M 495 -20.20 -40.72 54.13
CA VAL M 495 -18.75 -40.69 53.96
C VAL M 495 -18.36 -39.74 52.83
N ALA M 496 -17.51 -38.76 53.14
CA ALA M 496 -17.01 -37.82 52.14
C ALA M 496 -15.50 -37.65 52.26
N GLY M 497 -14.81 -37.77 51.12
CA GLY M 497 -13.36 -37.66 51.08
C GLY M 497 -12.76 -37.71 49.69
N SER M 498 -11.43 -37.64 49.63
CA SER M 498 -10.70 -37.67 48.36
C SER M 498 -10.29 -39.09 47.97
N ARG M 499 -9.36 -39.20 47.03
CA ARG M 499 -8.87 -40.49 46.54
C ARG M 499 -8.04 -41.24 47.59
N ASP M 500 -7.31 -40.48 48.41
CA ASP M 500 -6.42 -41.07 49.41
C ASP M 500 -7.00 -41.08 50.82
N GLY M 501 -7.70 -40.01 51.21
CA GLY M 501 -8.22 -39.87 52.57
C GLY M 501 -9.69 -39.52 52.67
N ILE M 502 -10.19 -39.49 53.91
CA ILE M 502 -11.57 -39.14 54.21
C ILE M 502 -11.63 -37.79 54.90
N SER M 503 -12.48 -36.90 54.38
CA SER M 503 -12.61 -35.54 54.92
C SER M 503 -13.71 -35.43 55.97
N ALA M 504 -14.86 -36.03 55.70
CA ALA M 504 -16.01 -35.97 56.61
C ALA M 504 -16.70 -37.33 56.76
N LEU M 505 -17.26 -37.56 57.94
CA LEU M 505 -18.01 -38.78 58.25
C LEU M 505 -19.16 -38.48 59.21
N GLN M 506 -20.38 -38.77 58.76
CA GLN M 506 -21.56 -38.64 59.62
C GLN M 506 -22.18 -40.01 59.87
N MET M 507 -22.56 -40.26 61.12
CA MET M 507 -23.15 -41.53 61.53
C MET M 507 -24.33 -41.27 62.47
N ASP M 508 -25.46 -41.90 62.16
CA ASP M 508 -26.65 -41.83 63.02
C ASP M 508 -27.53 -43.08 62.85
N ILE M 509 -27.34 -44.04 63.76
CA ILE M 509 -28.07 -45.30 63.72
C ILE M 509 -29.39 -45.18 64.48
N LYS M 510 -30.47 -45.63 63.86
CA LYS M 510 -31.81 -45.55 64.43
C LYS M 510 -32.11 -46.71 65.38
N ILE M 511 -31.32 -47.77 65.28
CA ILE M 511 -31.50 -48.95 66.12
C ILE M 511 -30.20 -49.31 66.83
N GLU M 512 -30.32 -49.75 68.08
CA GLU M 512 -29.15 -50.13 68.87
C GLU M 512 -28.66 -51.52 68.48
N GLY M 513 -27.43 -51.85 68.90
CA GLY M 513 -26.85 -53.14 68.60
C GLY M 513 -25.77 -53.07 67.53
N ILE M 514 -25.33 -51.85 67.25
CA ILE M 514 -24.30 -51.63 66.23
C ILE M 514 -23.01 -52.36 66.60
N THR M 515 -22.41 -53.01 65.61
CA THR M 515 -21.16 -53.75 65.82
C THR M 515 -19.96 -53.09 65.13
N LYS M 516 -18.77 -53.29 65.71
CA LYS M 516 -17.51 -52.85 65.12
C LYS M 516 -17.23 -53.59 63.81
N GLU M 517 -17.73 -54.82 63.73
CA GLU M 517 -17.57 -55.67 62.55
C GLU M 517 -18.27 -55.09 61.31
N ILE M 518 -19.50 -54.61 61.49
CA ILE M 518 -20.30 -54.08 60.38
C ILE M 518 -19.90 -52.65 59.99
N MET M 519 -19.25 -51.94 60.91
CA MET M 519 -18.71 -50.60 60.64
C MET M 519 -17.50 -50.67 59.71
N GLN M 520 -16.73 -51.74 59.83
CA GLN M 520 -15.56 -51.96 58.99
C GLN M 520 -15.96 -52.28 57.55
N VAL M 521 -17.09 -52.96 57.40
CA VAL M 521 -17.61 -53.34 56.07
C VAL M 521 -18.28 -52.13 55.40
N ALA M 522 -19.05 -51.37 56.16
CA ALA M 522 -19.76 -50.19 55.66
C ALA M 522 -18.82 -49.07 55.22
N LEU M 523 -17.68 -48.97 55.90
CA LEU M 523 -16.66 -47.98 55.56
C LEU M 523 -15.79 -48.45 54.40
N ASN M 524 -15.68 -49.77 54.23
CA ASN M 524 -14.93 -50.37 53.14
C ASN M 524 -15.65 -50.26 51.79
N GLN M 525 -16.97 -50.44 51.82
CA GLN M 525 -17.81 -50.26 50.63
C GLN M 525 -17.94 -48.78 50.27
N ALA M 526 -17.73 -47.92 51.28
CA ALA M 526 -17.71 -46.47 51.08
C ALA M 526 -16.45 -46.03 50.35
N LYS M 527 -15.37 -46.77 50.54
CA LYS M 527 -14.10 -46.52 49.85
C LYS M 527 -14.22 -46.84 48.36
N GLY M 528 -14.81 -47.98 48.05
CA GLY M 528 -14.98 -48.43 46.66
C GLY M 528 -15.95 -47.58 45.86
N ALA M 529 -17.01 -47.11 46.52
CA ALA M 529 -18.01 -46.26 45.87
C ALA M 529 -17.50 -44.83 45.67
N ARG M 530 -16.69 -44.34 46.60
CA ARG M 530 -16.13 -42.99 46.54
C ARG M 530 -15.14 -42.84 45.39
N LEU M 531 -14.37 -43.89 45.12
CA LEU M 531 -13.40 -43.91 44.04
C LEU M 531 -14.07 -43.95 42.66
N HIS M 532 -15.30 -44.47 42.63
CA HIS M 532 -16.08 -44.57 41.39
C HIS M 532 -16.57 -43.21 40.90
N ILE M 533 -17.12 -42.41 41.81
CA ILE M 533 -17.60 -41.07 41.49
C ILE M 533 -16.44 -40.14 41.11
N LEU M 534 -15.32 -40.28 41.81
CA LEU M 534 -14.11 -39.50 41.52
C LEU M 534 -13.55 -39.77 40.12
N GLY M 535 -13.70 -41.02 39.65
CA GLY M 535 -13.27 -41.41 38.31
C GLY M 535 -14.07 -40.74 37.21
N VAL M 536 -15.36 -40.55 37.45
CA VAL M 536 -16.25 -39.86 36.52
C VAL M 536 -16.01 -38.35 36.58
N MET M 537 -15.69 -37.84 37.77
CA MET M 537 -15.37 -36.43 37.98
C MET M 537 -14.07 -36.01 37.29
N GLU M 538 -13.13 -36.95 37.20
CA GLU M 538 -11.85 -36.70 36.52
C GLU M 538 -11.98 -36.62 35.01
N GLN M 539 -13.03 -37.26 34.47
CA GLN M 539 -13.31 -37.26 33.04
C GLN M 539 -13.74 -35.89 32.52
N ALA M 540 -14.38 -35.11 33.40
CA ALA M 540 -14.80 -33.75 33.06
C ALA M 540 -13.62 -32.78 33.18
N ILE M 541 -13.11 -32.61 34.41
CA ILE M 541 -11.94 -31.76 34.66
C ILE M 541 -10.93 -32.47 35.57
N ASN M 542 -9.65 -32.13 35.39
CA ASN M 542 -8.56 -32.71 36.18
C ASN M 542 -7.91 -31.70 37.11
N ALA M 543 -7.45 -30.58 36.55
CA ALA M 543 -6.77 -29.53 37.31
C ALA M 543 -7.62 -28.27 37.39
N PRO M 544 -7.65 -27.62 38.58
CA PRO M 544 -8.43 -26.39 38.77
C PRO M 544 -7.83 -25.20 38.01
N GLY N 19 -22.02 -17.40 26.99
CA GLY N 19 -23.05 -17.14 25.95
C GLY N 19 -24.46 -17.34 26.46
N ALA N 20 -24.93 -18.59 26.41
CA ALA N 20 -26.27 -18.95 26.86
C ALA N 20 -26.23 -19.77 28.15
N ALA N 21 -27.34 -19.77 28.89
CA ALA N 21 -27.45 -20.50 30.15
C ALA N 21 -28.26 -21.78 29.99
N GLY N 22 -27.94 -22.78 30.81
CA GLY N 22 -28.63 -24.07 30.78
C GLY N 22 -27.69 -25.25 30.88
N GLY N 23 -28.26 -26.44 31.03
CA GLY N 23 -27.49 -27.67 31.19
C GLY N 23 -26.74 -28.12 29.95
N HIS N 24 -27.21 -27.69 28.78
CA HIS N 24 -26.59 -28.05 27.51
C HIS N 24 -25.36 -27.19 27.19
N THR N 25 -25.24 -26.05 27.87
CA THR N 25 -24.13 -25.12 27.65
C THR N 25 -22.95 -25.38 28.61
N ALA N 26 -22.71 -26.65 28.93
CA ALA N 26 -21.61 -27.06 29.78
C ALA N 26 -20.30 -27.11 29.00
N THR N 27 -19.22 -26.64 29.62
CA THR N 27 -17.90 -26.62 28.99
C THR N 27 -17.25 -28.00 28.90
N HIS N 28 -17.49 -28.83 29.91
CA HIS N 28 -17.01 -30.21 29.92
C HIS N 28 -18.12 -31.15 30.38
N HIS N 29 -18.23 -32.30 29.72
CA HIS N 29 -19.32 -33.25 30.00
C HIS N 29 -18.80 -34.67 30.23
N ALA N 30 -19.34 -35.31 31.27
CA ALA N 30 -19.02 -36.69 31.61
C ALA N 30 -20.23 -37.39 32.22
N SER N 31 -20.45 -38.65 31.83
CA SER N 31 -21.59 -39.43 32.31
C SER N 31 -21.25 -40.90 32.47
N ALA N 32 -21.94 -41.57 33.41
CA ALA N 32 -21.72 -42.99 33.68
C ALA N 32 -23.02 -43.72 34.00
N ALA N 33 -23.12 -44.96 33.52
CA ALA N 33 -24.27 -45.82 33.76
C ALA N 33 -24.14 -46.52 35.13
N PRO N 34 -25.28 -46.85 35.76
CA PRO N 34 -25.26 -47.56 37.05
C PRO N 34 -24.59 -48.93 36.95
N ALA N 35 -23.41 -49.05 37.57
CA ALA N 35 -22.61 -50.28 37.50
C ALA N 35 -21.85 -50.56 38.79
N ARG N 36 -21.28 -51.75 38.89
CA ARG N 36 -20.50 -52.18 40.04
C ARG N 36 -19.16 -51.45 40.10
N PRO N 37 -18.84 -50.81 41.26
CA PRO N 37 -17.58 -50.09 41.43
C PRO N 37 -16.37 -51.01 41.44
N GLN N 38 -15.22 -50.46 41.04
CA GLN N 38 -13.96 -51.20 41.01
C GLN N 38 -13.46 -51.51 42.42
N PRO N 39 -13.38 -52.81 42.77
CA PRO N 39 -13.00 -53.21 44.12
C PRO N 39 -11.49 -53.36 44.28
N MET O 1 -28.50 -40.87 29.51
CA MET O 1 -29.90 -40.96 30.00
C MET O 1 -30.60 -39.61 30.00
N LEU O 2 -29.83 -38.55 30.27
CA LEU O 2 -30.37 -37.18 30.31
C LEU O 2 -30.25 -36.49 28.95
N ASN O 3 -31.37 -35.99 28.45
CA ASN O 3 -31.43 -35.26 27.19
C ASN O 3 -32.21 -33.95 27.31
N PRO O 4 -31.53 -32.81 27.15
CA PRO O 4 -32.19 -31.50 27.26
C PRO O 4 -33.00 -31.15 26.01
N ILE O 5 -34.16 -30.53 26.22
CA ILE O 5 -35.00 -30.04 25.13
C ILE O 5 -34.90 -28.52 25.08
N VAL O 6 -34.17 -28.01 24.10
CA VAL O 6 -33.83 -26.59 24.02
C VAL O 6 -34.29 -25.95 22.70
N ARG O 7 -34.68 -24.68 22.77
CA ARG O 7 -35.06 -23.91 21.60
C ARG O 7 -34.60 -22.45 21.73
N LYS O 8 -33.98 -21.94 20.68
CA LYS O 8 -33.49 -20.55 20.66
C LYS O 8 -34.22 -19.72 19.60
N PHE O 9 -34.51 -18.46 19.95
CA PHE O 9 -35.15 -17.53 19.03
C PHE O 9 -34.75 -16.08 19.28
N GLN O 10 -34.74 -15.28 18.21
CA GLN O 10 -34.39 -13.86 18.29
C GLN O 10 -35.58 -13.04 18.78
N TYR O 11 -35.30 -12.10 19.67
CA TYR O 11 -36.34 -11.23 20.24
C TYR O 11 -35.81 -9.82 20.46
N GLY O 12 -36.12 -8.94 19.50
CA GLY O 12 -35.69 -7.54 19.54
C GLY O 12 -34.21 -7.38 19.28
N GLN O 13 -33.40 -7.57 20.32
CA GLN O 13 -31.94 -7.43 20.22
C GLN O 13 -31.22 -8.64 20.82
N HIS O 14 -31.89 -9.33 21.73
CA HIS O 14 -31.28 -10.44 22.48
C HIS O 14 -31.86 -11.79 22.08
N THR O 15 -31.01 -12.82 22.17
CA THR O 15 -31.43 -14.20 21.89
C THR O 15 -31.96 -14.86 23.15
N VAL O 16 -33.17 -15.40 23.07
CA VAL O 16 -33.80 -16.06 24.22
C VAL O 16 -33.64 -17.57 24.12
N THR O 17 -33.16 -18.18 25.21
CA THR O 17 -32.91 -19.62 25.26
C THR O 17 -33.79 -20.29 26.33
N LEU O 18 -34.62 -21.23 25.89
CA LEU O 18 -35.50 -21.98 26.79
C LEU O 18 -35.12 -23.45 26.83
N GLU O 19 -34.81 -23.95 28.02
CA GLU O 19 -34.43 -25.34 28.21
C GLU O 19 -35.32 -26.03 29.25
N THR O 20 -35.74 -27.25 28.93
CA THR O 20 -36.55 -28.07 29.83
C THR O 20 -36.25 -29.56 29.66
N GLY O 21 -36.44 -30.32 30.74
CA GLY O 21 -36.26 -31.78 30.70
C GLY O 21 -35.13 -32.33 31.55
N MET O 22 -34.13 -31.49 31.82
CA MET O 22 -32.97 -31.91 32.59
C MET O 22 -33.12 -31.58 34.08
N MET O 23 -33.26 -30.29 34.38
CA MET O 23 -33.35 -29.82 35.77
C MET O 23 -34.77 -29.93 36.33
N ALA O 24 -34.86 -30.38 37.58
CA ALA O 24 -36.13 -30.59 38.29
C ALA O 24 -37.12 -31.47 37.53
N ARG O 25 -36.79 -32.75 37.43
CA ARG O 25 -37.67 -33.73 36.80
C ARG O 25 -38.74 -34.22 37.77
N GLN O 26 -38.45 -34.09 39.07
CA GLN O 26 -39.37 -34.48 40.12
C GLN O 26 -40.49 -33.44 40.30
N ALA O 27 -40.21 -32.21 39.90
CA ALA O 27 -41.21 -31.15 39.88
C ALA O 27 -42.16 -31.35 38.70
N THR O 28 -43.33 -30.70 38.78
CA THR O 28 -44.34 -30.80 37.73
C THR O 28 -43.84 -30.18 36.42
N ALA O 29 -43.18 -29.02 36.53
CA ALA O 29 -42.59 -28.34 35.38
C ALA O 29 -41.42 -27.45 35.79
N ALA O 30 -40.40 -27.39 34.94
CA ALA O 30 -39.24 -26.54 35.14
C ALA O 30 -38.65 -26.09 33.81
N VAL O 31 -38.61 -24.78 33.61
CA VAL O 31 -38.06 -24.20 32.37
C VAL O 31 -36.91 -23.25 32.68
N MET O 32 -35.73 -23.59 32.16
CA MET O 32 -34.55 -22.74 32.28
C MET O 32 -34.55 -21.70 31.17
N VAL O 33 -34.95 -20.48 31.51
CA VAL O 33 -35.02 -19.39 30.54
C VAL O 33 -33.84 -18.43 30.71
N SER O 34 -33.35 -17.90 29.59
CA SER O 34 -32.22 -16.97 29.61
C SER O 34 -32.26 -16.03 28.41
N MET O 35 -32.25 -14.73 28.68
CA MET O 35 -32.28 -13.73 27.62
C MET O 35 -31.01 -12.88 27.62
N ASP O 36 -30.22 -13.02 26.56
CA ASP O 36 -28.97 -12.27 26.44
C ASP O 36 -28.25 -12.18 27.77
N ASP O 37 -27.79 -13.31 28.28
CA ASP O 37 -27.07 -13.36 29.55
C ASP O 37 -28.02 -13.71 30.70
N THR O 38 -28.55 -12.68 31.35
CA THR O 38 -29.47 -12.88 32.47
C THR O 38 -30.21 -14.20 32.34
N ALA O 39 -30.50 -14.82 33.49
CA ALA O 39 -31.21 -16.10 33.52
C ALA O 39 -31.95 -16.28 34.84
N VAL O 40 -33.16 -16.82 34.76
CA VAL O 40 -33.98 -17.06 35.95
C VAL O 40 -34.59 -18.46 35.87
N PHE O 41 -34.21 -19.32 36.81
CA PHE O 41 -34.72 -20.69 36.87
C PHE O 41 -36.08 -20.72 37.56
N VAL O 42 -37.11 -21.05 36.79
CA VAL O 42 -38.49 -21.03 37.28
C VAL O 42 -39.09 -22.43 37.36
N THR O 43 -39.76 -22.72 38.48
CA THR O 43 -40.43 -24.00 38.69
C THR O 43 -41.89 -23.82 39.09
N VAL O 44 -42.75 -24.67 38.55
CA VAL O 44 -44.18 -24.66 38.88
C VAL O 44 -44.60 -26.03 39.42
N VAL O 45 -45.07 -26.05 40.66
CA VAL O 45 -45.55 -27.28 41.30
C VAL O 45 -47.01 -27.10 41.75
N GLY O 46 -47.88 -27.95 41.21
CA GLY O 46 -49.30 -27.93 41.56
C GLY O 46 -49.74 -29.18 42.29
N GLN O 47 -50.56 -29.01 43.32
CA GLN O 47 -51.08 -30.11 44.10
C GLN O 47 -52.12 -30.89 43.30
N LYS O 48 -51.98 -32.21 43.29
CA LYS O 48 -52.85 -33.10 42.50
C LYS O 48 -54.28 -33.13 43.04
N LYS O 49 -54.43 -33.37 44.33
CA LYS O 49 -55.73 -33.42 44.98
C LYS O 49 -56.02 -32.13 45.74
N ALA O 50 -57.19 -31.55 45.49
CA ALA O 50 -57.60 -30.31 46.14
C ALA O 50 -58.03 -30.56 47.58
N LYS O 51 -57.71 -29.61 48.46
CA LYS O 51 -58.06 -29.68 49.87
C LYS O 51 -59.58 -29.50 50.03
N PRO O 52 -60.24 -30.44 50.74
CA PRO O 52 -61.70 -30.43 50.93
C PRO O 52 -62.23 -29.18 51.63
N GLY O 53 -61.45 -28.62 52.55
CA GLY O 53 -61.83 -27.42 53.29
C GLY O 53 -61.25 -26.15 52.69
N GLN O 54 -61.55 -25.91 51.41
CA GLN O 54 -61.04 -24.75 50.69
C GLN O 54 -62.10 -24.13 49.78
N ASP O 55 -62.02 -22.81 49.60
CA ASP O 55 -62.95 -22.08 48.74
C ASP O 55 -62.25 -21.05 47.85
N PHE O 56 -61.14 -20.49 48.35
CA PHE O 56 -60.36 -19.51 47.59
C PHE O 56 -59.19 -20.16 46.87
N PHE O 57 -58.74 -19.53 45.79
CA PHE O 57 -57.62 -20.03 44.99
C PHE O 57 -56.28 -19.53 45.54
N PRO O 58 -55.45 -20.45 46.05
CA PRO O 58 -54.16 -20.09 46.64
C PRO O 58 -53.02 -20.08 45.62
N LEU O 59 -52.63 -18.88 45.19
CA LEU O 59 -51.51 -18.70 44.28
C LEU O 59 -50.41 -17.89 44.94
N THR O 60 -49.24 -18.50 45.11
CA THR O 60 -48.09 -17.83 45.69
C THR O 60 -46.88 -17.87 44.75
N VAL O 61 -46.46 -16.69 44.29
CA VAL O 61 -45.31 -16.55 43.41
C VAL O 61 -44.12 -16.04 44.22
N ASN O 62 -43.06 -16.84 44.27
CA ASN O 62 -41.86 -16.51 45.02
C ASN O 62 -40.70 -16.11 44.12
N TYR O 63 -40.27 -14.86 44.26
CA TYR O 63 -39.16 -14.32 43.48
C TYR O 63 -37.97 -13.98 44.38
N GLN O 64 -36.96 -14.85 44.35
CA GLN O 64 -35.76 -14.67 45.16
C GLN O 64 -34.52 -14.43 44.30
N GLU O 65 -33.87 -13.30 44.54
CA GLU O 65 -32.64 -12.95 43.83
C GLU O 65 -31.42 -13.43 44.60
N ARG O 66 -30.66 -14.33 43.99
CA ARG O 66 -29.45 -14.88 44.61
C ARG O 66 -28.22 -14.10 44.15
N THR O 67 -27.39 -13.73 45.11
CA THR O 67 -26.30 -12.76 44.89
C THR O 67 -25.12 -13.26 44.06
N TYR O 68 -25.01 -14.58 43.89
CA TYR O 68 -23.92 -15.15 43.10
C TYR O 68 -24.10 -14.94 41.59
N ALA O 69 -25.28 -14.44 41.21
CA ALA O 69 -25.61 -14.15 39.82
C ALA O 69 -24.70 -13.08 39.21
N ALA O 70 -24.40 -12.05 40.00
CA ALA O 70 -23.49 -10.97 39.59
C ALA O 70 -22.05 -11.29 39.99
N GLY O 71 -21.87 -12.30 40.83
CA GLY O 71 -20.56 -12.69 41.33
C GLY O 71 -20.15 -11.86 42.53
N ARG O 72 -21.04 -11.78 43.52
CA ARG O 72 -20.82 -10.97 44.72
C ARG O 72 -21.33 -11.68 45.97
N ILE O 73 -20.58 -11.54 47.06
CA ILE O 73 -20.97 -12.07 48.36
C ILE O 73 -21.82 -11.02 49.08
N PRO O 74 -23.01 -11.42 49.57
CA PRO O 74 -23.97 -10.49 50.18
C PRO O 74 -23.42 -9.76 51.40
N GLY O 75 -23.79 -8.49 51.55
CA GLY O 75 -23.32 -7.65 52.65
C GLY O 75 -24.23 -7.67 53.86
N SER O 76 -24.51 -8.88 54.36
CA SER O 76 -25.34 -9.06 55.55
C SER O 76 -24.52 -9.63 56.70
N PHE O 77 -25.11 -9.67 57.89
CA PHE O 77 -24.45 -10.21 59.08
C PHE O 77 -24.29 -11.73 58.99
N PHE O 78 -25.29 -12.39 58.40
CA PHE O 78 -25.26 -13.84 58.20
C PHE O 78 -24.51 -14.24 56.94
N ARG O 79 -24.36 -13.28 56.01
CA ARG O 79 -23.73 -13.49 54.70
C ARG O 79 -24.48 -14.52 53.85
N ARG O 80 -25.80 -14.57 54.03
CA ARG O 80 -26.69 -15.47 53.31
C ARG O 80 -27.84 -14.68 52.68
N GLU O 81 -28.51 -15.28 51.71
CA GLU O 81 -29.68 -14.68 51.06
C GLU O 81 -30.80 -14.47 52.09
N GLY O 82 -31.17 -13.22 52.31
CA GLY O 82 -32.17 -12.86 53.30
C GLY O 82 -33.60 -12.99 52.83
N ARG O 83 -34.52 -12.44 53.62
CA ARG O 83 -35.95 -12.44 53.30
C ARG O 83 -36.23 -11.50 52.13
N PRO O 84 -37.20 -11.87 51.26
CA PRO O 84 -37.55 -11.07 50.07
C PRO O 84 -37.56 -9.57 50.34
N SER O 85 -36.70 -8.85 49.63
CA SER O 85 -36.54 -7.40 49.80
C SER O 85 -37.71 -6.63 49.17
N GLU O 86 -37.69 -5.30 49.35
CA GLU O 86 -38.72 -4.42 48.81
C GLU O 86 -38.83 -4.53 47.28
N GLY O 87 -37.69 -4.67 46.62
CA GLY O 87 -37.64 -4.85 45.17
C GLY O 87 -38.11 -6.22 44.74
N GLU O 88 -37.65 -7.25 45.44
CA GLU O 88 -37.97 -8.65 45.13
C GLU O 88 -39.46 -8.98 45.21
N THR O 89 -40.15 -8.29 46.13
CA THR O 89 -41.60 -8.48 46.31
C THR O 89 -42.42 -7.80 45.20
N LEU O 90 -41.84 -6.78 44.58
CA LEU O 90 -42.51 -6.04 43.50
C LEU O 90 -42.55 -6.83 42.20
N ILE O 91 -41.46 -7.55 41.89
CA ILE O 91 -41.41 -8.44 40.73
C ILE O 91 -42.27 -9.68 40.97
N ALA O 92 -42.37 -10.10 42.23
CA ALA O 92 -43.22 -11.22 42.63
C ALA O 92 -44.69 -10.96 42.30
N ARG O 93 -45.13 -9.71 42.47
CA ARG O 93 -46.48 -9.30 42.09
C ARG O 93 -46.59 -9.09 40.58
N LEU O 94 -45.49 -8.68 39.96
CA LEU O 94 -45.41 -8.45 38.51
C LEU O 94 -45.59 -9.74 37.72
N ILE O 95 -45.30 -10.87 38.37
CA ILE O 95 -45.48 -12.19 37.79
C ILE O 95 -46.86 -12.78 38.15
N ASP O 96 -47.30 -12.50 39.37
CA ASP O 96 -48.55 -13.05 39.91
C ASP O 96 -49.81 -12.45 39.28
N ARG O 97 -49.76 -11.14 38.99
CA ARG O 97 -50.91 -10.39 38.49
C ARG O 97 -51.47 -10.84 37.13
N PRO O 98 -50.60 -11.06 36.11
CA PRO O 98 -51.12 -11.49 34.81
C PRO O 98 -51.53 -12.97 34.74
N ILE O 99 -50.92 -13.80 35.56
CA ILE O 99 -51.16 -15.25 35.51
C ILE O 99 -52.39 -15.72 36.29
N ARG O 100 -52.80 -14.93 37.28
CA ARG O 100 -53.91 -15.29 38.18
C ARG O 100 -55.29 -15.41 37.49
N PRO O 101 -55.67 -14.43 36.64
CA PRO O 101 -57.00 -14.50 36.03
C PRO O 101 -57.13 -15.56 34.94
N LEU O 102 -55.99 -16.09 34.46
CA LEU O 102 -55.99 -17.09 33.40
C LEU O 102 -56.34 -18.49 33.90
N PHE O 103 -56.27 -18.70 35.21
CA PHE O 103 -56.74 -19.93 35.84
C PHE O 103 -58.26 -20.00 35.77
N PRO O 104 -58.83 -21.14 35.35
CA PRO O 104 -60.26 -21.31 35.13
C PRO O 104 -61.12 -20.99 36.35
N GLU O 105 -62.35 -20.57 36.10
CA GLU O 105 -63.31 -20.21 37.15
C GLU O 105 -63.72 -21.42 37.98
N GLY O 106 -63.23 -21.47 39.21
CA GLY O 106 -63.56 -22.57 40.13
C GLY O 106 -62.39 -23.48 40.46
N PHE O 107 -61.17 -23.05 40.09
CA PHE O 107 -59.96 -23.81 40.38
C PHE O 107 -59.49 -23.53 41.81
N VAL O 108 -59.40 -24.58 42.61
CA VAL O 108 -59.12 -24.45 44.04
C VAL O 108 -57.77 -25.05 44.43
N ASN O 109 -57.18 -25.84 43.53
CA ASN O 109 -55.90 -26.52 43.80
C ASN O 109 -54.74 -25.56 44.01
N GLU O 110 -53.86 -25.92 44.96
CA GLU O 110 -52.70 -25.10 45.31
C GLU O 110 -51.60 -25.23 44.27
N VAL O 111 -51.07 -24.10 43.82
CA VAL O 111 -50.00 -24.07 42.83
C VAL O 111 -48.98 -22.98 43.19
N GLN O 112 -47.70 -23.36 43.20
CA GLN O 112 -46.62 -22.47 43.61
C GLN O 112 -45.64 -22.22 42.45
N VAL O 113 -45.32 -20.96 42.23
CA VAL O 113 -44.36 -20.56 41.20
C VAL O 113 -43.09 -20.01 41.84
N ILE O 114 -42.00 -20.78 41.77
CA ILE O 114 -40.74 -20.39 42.36
C ILE O 114 -39.75 -19.96 41.27
N ALA O 115 -39.48 -18.66 41.21
CA ALA O 115 -38.55 -18.10 40.23
C ALA O 115 -37.29 -17.55 40.92
N THR O 116 -36.19 -18.28 40.77
CA THR O 116 -34.91 -17.88 41.35
C THR O 116 -33.92 -17.39 40.29
N VAL O 117 -33.32 -16.23 40.55
CA VAL O 117 -32.32 -15.65 39.65
C VAL O 117 -30.97 -16.34 39.87
N VAL O 118 -30.38 -16.83 38.78
CA VAL O 118 -29.16 -17.62 38.84
C VAL O 118 -27.96 -16.93 38.17
N SER O 119 -28.23 -16.12 37.16
CA SER O 119 -27.20 -15.32 36.47
C SER O 119 -27.80 -14.00 35.96
N VAL O 120 -26.99 -12.94 35.97
CA VAL O 120 -27.47 -11.62 35.58
C VAL O 120 -26.44 -10.82 34.76
N ASN O 121 -26.92 -10.23 33.66
CA ASN O 121 -26.15 -9.28 32.87
C ASN O 121 -26.62 -7.86 33.22
N PRO O 122 -25.67 -6.96 33.54
CA PRO O 122 -25.98 -5.58 33.96
C PRO O 122 -26.86 -4.79 32.98
N GLN O 123 -26.91 -5.23 31.72
CA GLN O 123 -27.69 -4.54 30.70
C GLN O 123 -29.17 -4.93 30.71
N VAL O 124 -29.45 -6.23 30.80
CA VAL O 124 -30.83 -6.73 30.76
C VAL O 124 -31.38 -7.08 32.15
N ASN O 125 -32.59 -6.59 32.42
CA ASN O 125 -33.25 -6.77 33.71
C ASN O 125 -33.95 -8.12 33.81
N PRO O 126 -33.66 -8.89 34.89
CA PRO O 126 -34.24 -10.21 35.12
C PRO O 126 -35.76 -10.25 35.32
N ASP O 127 -36.37 -9.09 35.53
CA ASP O 127 -37.81 -9.00 35.80
C ASP O 127 -38.68 -9.50 34.64
N ILE O 128 -38.32 -9.13 33.42
CA ILE O 128 -39.04 -9.57 32.21
C ILE O 128 -38.64 -11.00 31.80
N VAL O 129 -37.44 -11.42 32.23
CA VAL O 129 -36.95 -12.77 31.98
C VAL O 129 -37.72 -13.78 32.84
N ALA O 130 -37.97 -13.40 34.10
CA ALA O 130 -38.69 -14.25 35.05
C ALA O 130 -40.17 -14.43 34.68
N MET O 131 -40.73 -13.43 34.02
CA MET O 131 -42.14 -13.47 33.59
C MET O 131 -42.35 -14.44 32.43
N ILE O 132 -41.38 -14.50 31.52
CA ILE O 132 -41.41 -15.44 30.39
C ILE O 132 -41.18 -16.87 30.91
N GLY O 133 -40.26 -17.01 31.86
CA GLY O 133 -39.94 -18.29 32.47
C GLY O 133 -41.10 -18.91 33.23
N ALA O 134 -41.88 -18.06 33.91
CA ALA O 134 -43.07 -18.49 34.62
C ALA O 134 -44.19 -18.83 33.65
N SER O 135 -44.25 -18.11 32.54
CA SER O 135 -45.22 -18.35 31.47
C SER O 135 -44.95 -19.66 30.75
N ALA O 136 -43.66 -19.95 30.54
CA ALA O 136 -43.23 -21.19 29.88
C ALA O 136 -43.38 -22.40 30.78
N ALA O 137 -43.21 -22.19 32.09
CA ALA O 137 -43.34 -23.26 33.07
C ALA O 137 -44.80 -23.65 33.31
N LEU O 138 -45.68 -22.65 33.34
CA LEU O 138 -47.12 -22.88 33.52
C LEU O 138 -47.77 -23.50 32.29
N SER O 139 -47.17 -23.26 31.13
CA SER O 139 -47.67 -23.82 29.86
C SER O 139 -47.32 -25.29 29.71
N LEU O 140 -46.15 -25.69 30.21
CA LEU O 140 -45.69 -27.07 30.16
C LEU O 140 -46.00 -27.85 31.44
N SER O 141 -46.73 -27.22 32.36
CA SER O 141 -47.06 -27.83 33.65
C SER O 141 -48.14 -28.90 33.54
N GLY O 142 -49.17 -28.62 32.76
CA GLY O 142 -50.33 -29.49 32.65
C GLY O 142 -51.52 -28.92 33.40
N ILE O 143 -51.24 -28.15 34.44
CA ILE O 143 -52.26 -27.46 35.23
C ILE O 143 -52.99 -26.46 34.32
N PRO O 144 -54.35 -26.55 34.27
CA PRO O 144 -55.17 -25.69 33.42
C PRO O 144 -54.80 -24.21 33.54
N PHE O 145 -54.23 -23.67 32.46
CA PHE O 145 -53.75 -22.30 32.41
C PHE O 145 -53.88 -21.77 30.98
N ASN O 146 -54.87 -20.89 30.77
CA ASN O 146 -55.19 -20.38 29.44
C ASN O 146 -54.25 -19.29 28.95
N GLY O 147 -52.96 -19.64 28.85
CA GLY O 147 -51.94 -18.71 28.36
C GLY O 147 -51.52 -19.06 26.94
N PRO O 148 -50.24 -18.81 26.60
CA PRO O 148 -49.21 -18.21 27.46
C PRO O 148 -49.16 -16.68 27.35
N ILE O 149 -48.34 -16.06 28.18
CA ILE O 149 -48.17 -14.61 28.17
C ILE O 149 -46.73 -14.19 27.80
N GLY O 150 -46.60 -13.01 27.19
CA GLY O 150 -45.31 -12.46 26.82
C GLY O 150 -44.93 -11.26 27.66
N ALA O 151 -43.63 -11.08 27.87
CA ALA O 151 -43.13 -9.95 28.65
C ALA O 151 -42.32 -9.01 27.76
N ALA O 152 -42.72 -7.74 27.75
CA ALA O 152 -42.06 -6.72 26.93
C ALA O 152 -41.85 -5.42 27.71
N ARG O 153 -40.71 -4.78 27.46
CA ARG O 153 -40.39 -3.50 28.09
C ARG O 153 -40.30 -2.41 27.02
N VAL O 154 -41.07 -1.34 27.20
CA VAL O 154 -41.13 -0.26 26.22
C VAL O 154 -40.50 1.02 26.73
N GLY O 155 -39.47 1.48 26.01
CA GLY O 155 -38.82 2.75 26.30
C GLY O 155 -39.17 3.81 25.28
N TYR O 156 -39.12 5.07 25.68
CA TYR O 156 -39.48 6.19 24.81
C TYR O 156 -38.31 7.17 24.66
N ILE O 157 -37.53 6.97 23.60
CA ILE O 157 -36.37 7.82 23.31
C ILE O 157 -36.61 8.66 22.06
N ASN O 158 -36.40 9.96 22.19
CA ASN O 158 -36.64 10.96 21.13
C ASN O 158 -37.86 10.71 20.23
N ASP O 159 -39.04 10.73 20.85
CA ASP O 159 -40.33 10.56 20.17
C ASP O 159 -40.45 9.26 19.37
N GLN O 160 -39.90 8.18 19.92
CA GLN O 160 -39.91 6.86 19.28
C GLN O 160 -39.92 5.74 20.31
N TYR O 161 -40.64 4.67 20.00
CA TYR O 161 -40.76 3.52 20.89
C TYR O 161 -39.60 2.53 20.69
N VAL O 162 -38.98 2.12 21.79
CA VAL O 162 -37.86 1.18 21.75
C VAL O 162 -38.16 -0.05 22.63
N LEU O 163 -38.06 -1.23 22.03
CA LEU O 163 -38.30 -2.48 22.75
C LEU O 163 -37.08 -2.90 23.58
N ASN O 164 -37.34 -3.23 24.84
CA ASN O 164 -36.32 -3.66 25.81
C ASN O 164 -35.08 -2.77 25.87
N PRO O 165 -35.22 -1.57 26.47
CA PRO O 165 -34.05 -0.70 26.62
C PRO O 165 -33.15 -1.16 27.76
N THR O 166 -31.84 -1.09 27.54
CA THR O 166 -30.86 -1.46 28.56
C THR O 166 -30.78 -0.41 29.66
N GLN O 167 -30.08 -0.75 30.76
CA GLN O 167 -29.95 0.14 31.91
C GLN O 167 -29.28 1.47 31.55
N ASP O 168 -28.42 1.43 30.53
CA ASP O 168 -27.77 2.64 30.01
C ASP O 168 -28.73 3.44 29.11
N GLU O 169 -29.59 2.73 28.40
CA GLU O 169 -30.58 3.35 27.50
C GLU O 169 -31.74 4.00 28.24
N LEU O 170 -31.98 3.56 29.48
CA LEU O 170 -33.08 4.06 30.30
C LEU O 170 -32.85 5.49 30.82
N LYS O 171 -31.60 5.95 30.75
CA LYS O 171 -31.23 7.29 31.19
C LYS O 171 -31.82 8.38 30.30
N GLU O 172 -31.88 8.11 28.99
CA GLU O 172 -32.44 9.04 28.02
C GLU O 172 -33.86 8.63 27.60
N SER O 173 -34.53 7.87 28.46
CA SER O 173 -35.89 7.40 28.20
C SER O 173 -36.92 8.18 29.03
N LYS O 174 -38.02 8.55 28.38
CA LYS O 174 -39.09 9.30 29.03
C LYS O 174 -40.20 8.39 29.55
N LEU O 175 -40.07 7.09 29.29
CA LEU O 175 -41.07 6.10 29.65
C LEU O 175 -40.45 4.73 29.94
N ASP O 176 -40.95 4.07 30.98
CA ASP O 176 -40.54 2.71 31.34
C ASP O 176 -41.73 1.91 31.81
N LEU O 177 -42.12 0.90 31.03
CA LEU O 177 -43.29 0.07 31.34
C LEU O 177 -43.04 -1.42 31.16
N VAL O 178 -43.83 -2.22 31.87
CA VAL O 178 -43.83 -3.67 31.72
C VAL O 178 -45.23 -4.13 31.29
N VAL O 179 -45.33 -4.63 30.07
CA VAL O 179 -46.61 -5.05 29.50
C VAL O 179 -46.71 -6.58 29.39
N ALA O 180 -47.82 -7.13 29.89
CA ALA O 180 -48.07 -8.56 29.85
C ALA O 180 -49.48 -8.87 29.35
N GLY O 181 -49.59 -9.89 28.51
CA GLY O 181 -50.87 -10.30 27.95
C GLY O 181 -50.78 -11.53 27.06
N THR O 182 -51.92 -12.14 26.79
CA THR O 182 -51.99 -13.33 25.94
C THR O 182 -51.92 -12.99 24.45
N GLU O 183 -52.12 -14.00 23.60
CA GLU O 183 -52.10 -13.83 22.15
C GLU O 183 -53.24 -12.93 21.66
N ALA O 184 -54.39 -13.03 22.32
CA ALA O 184 -55.58 -12.28 21.93
C ALA O 184 -55.64 -10.87 22.51
N ALA O 185 -55.31 -10.73 23.79
CA ALA O 185 -55.45 -9.46 24.50
C ALA O 185 -54.41 -9.22 25.59
N VAL O 186 -54.31 -7.97 26.02
CA VAL O 186 -53.42 -7.55 27.11
C VAL O 186 -54.07 -7.91 28.46
N LEU O 187 -53.25 -8.11 29.48
CA LEU O 187 -53.75 -8.47 30.81
C LEU O 187 -53.29 -7.52 31.93
N MET O 188 -51.98 -7.26 31.99
CA MET O 188 -51.40 -6.44 33.05
C MET O 188 -50.34 -5.47 32.51
N VAL O 189 -50.45 -4.22 32.94
CA VAL O 189 -49.48 -3.18 32.59
C VAL O 189 -49.08 -2.37 33.81
N GLU O 190 -47.77 -2.33 34.09
CA GLU O 190 -47.21 -1.51 35.16
C GLU O 190 -46.22 -0.52 34.54
N SER O 191 -46.50 0.77 34.66
CA SER O 191 -45.73 1.80 33.97
C SER O 191 -45.45 3.06 34.78
N GLU O 192 -44.28 3.64 34.55
CA GLU O 192 -43.93 4.98 35.02
C GLU O 192 -43.33 5.79 33.88
N ALA O 193 -43.73 7.05 33.79
CA ALA O 193 -43.27 7.92 32.69
C ALA O 193 -43.25 9.39 33.10
N GLN O 194 -42.56 10.19 32.29
CA GLN O 194 -42.56 11.66 32.43
C GLN O 194 -43.91 12.19 31.93
N LEU O 195 -44.10 13.50 32.03
CA LEU O 195 -45.35 14.15 31.62
C LEU O 195 -45.59 13.92 30.12
N LEU O 196 -46.42 12.92 29.81
CA LEU O 196 -46.70 12.52 28.43
C LEU O 196 -48.19 12.39 28.18
N SER O 197 -48.59 12.59 26.93
CA SER O 197 -50.00 12.56 26.53
C SER O 197 -50.61 11.15 26.56
N GLU O 198 -51.94 11.09 26.43
CA GLU O 198 -52.69 9.83 26.51
C GLU O 198 -52.42 8.89 25.34
N ASP O 199 -52.35 9.46 24.13
CA ASP O 199 -52.13 8.67 22.91
C ASP O 199 -50.75 8.02 22.85
N GLN O 200 -49.76 8.67 23.47
CA GLN O 200 -48.40 8.14 23.54
C GLN O 200 -48.29 7.00 24.54
N MET O 201 -49.04 7.10 25.64
CA MET O 201 -49.08 6.06 26.66
C MET O 201 -49.87 4.84 26.19
N LEU O 202 -50.89 5.09 25.37
CA LEU O 202 -51.72 4.04 24.81
C LEU O 202 -50.97 3.27 23.71
N GLY O 203 -50.29 4.03 22.85
CA GLY O 203 -49.52 3.45 21.74
C GLY O 203 -48.33 2.61 22.18
N ALA O 204 -47.86 2.85 23.40
CA ALA O 204 -46.76 2.10 23.99
C ALA O 204 -47.20 0.72 24.46
N VAL O 205 -48.44 0.63 24.95
CA VAL O 205 -49.04 -0.63 25.39
C VAL O 205 -49.29 -1.55 24.18
N VAL O 206 -49.77 -0.94 23.10
CA VAL O 206 -50.03 -1.67 21.84
C VAL O 206 -48.73 -2.14 21.19
N PHE O 207 -47.71 -1.27 21.22
CA PHE O 207 -46.39 -1.60 20.67
C PHE O 207 -45.75 -2.77 21.39
N GLY O 208 -45.85 -2.80 22.71
CA GLY O 208 -45.30 -3.87 23.53
C GLY O 208 -46.05 -5.19 23.38
N HIS O 209 -47.38 -5.09 23.22
CA HIS O 209 -48.23 -6.26 23.04
C HIS O 209 -48.02 -6.92 21.68
N GLU O 210 -47.69 -6.11 20.67
CA GLU O 210 -47.40 -6.61 19.33
C GLU O 210 -46.02 -7.26 19.24
N GLN O 211 -45.06 -6.72 19.97
CA GLN O 211 -43.69 -7.21 19.95
C GLN O 211 -43.50 -8.48 20.78
N GLN O 212 -44.33 -8.66 21.81
CA GLN O 212 -44.26 -9.84 22.67
C GLN O 212 -44.94 -11.07 22.06
N GLN O 213 -45.56 -10.89 20.90
CA GLN O 213 -46.26 -11.96 20.18
C GLN O 213 -45.32 -13.08 19.72
N VAL O 214 -44.09 -12.71 19.38
CA VAL O 214 -43.07 -13.68 18.94
C VAL O 214 -42.61 -14.58 20.10
N VAL O 215 -42.70 -14.06 21.32
CA VAL O 215 -42.39 -14.83 22.53
C VAL O 215 -43.50 -15.86 22.79
N ILE O 216 -44.75 -15.42 22.65
CA ILE O 216 -45.93 -16.27 22.84
C ILE O 216 -45.95 -17.43 21.83
N GLN O 217 -45.55 -17.15 20.59
CA GLN O 217 -45.51 -18.14 19.52
C GLN O 217 -44.47 -19.25 19.77
N ASN O 218 -43.34 -18.88 20.35
CA ASN O 218 -42.26 -19.83 20.65
C ASN O 218 -42.53 -20.72 21.86
N ILE O 219 -43.29 -20.21 22.82
CA ILE O 219 -43.72 -20.99 23.98
C ILE O 219 -44.76 -22.02 23.54
N ASN O 220 -45.71 -21.59 22.71
CA ASN O 220 -46.75 -22.46 22.16
C ASN O 220 -46.23 -23.64 21.35
N GLU O 221 -45.15 -23.39 20.61
CA GLU O 221 -44.52 -24.43 19.79
C GLU O 221 -43.71 -25.41 20.64
N LEU O 222 -43.23 -24.92 21.79
CA LEU O 222 -42.49 -25.73 22.74
C LEU O 222 -43.44 -26.65 23.52
N VAL O 223 -44.69 -26.18 23.68
CA VAL O 223 -45.76 -26.97 24.29
C VAL O 223 -46.12 -28.15 23.38
N LYS O 224 -46.08 -27.92 22.06
CA LYS O 224 -46.34 -28.96 21.08
C LYS O 224 -45.24 -30.02 21.04
N GLU O 225 -44.00 -29.60 21.31
CA GLU O 225 -42.84 -30.50 21.24
C GLU O 225 -42.59 -31.27 22.53
N ALA O 226 -42.65 -30.59 23.67
CA ALA O 226 -42.28 -31.19 24.95
C ALA O 226 -43.27 -30.89 26.09
N GLY O 227 -44.47 -30.47 25.74
CA GLY O 227 -45.50 -30.12 26.72
C GLY O 227 -46.16 -31.33 27.37
N LYS O 228 -46.30 -31.26 28.69
CA LYS O 228 -46.97 -32.30 29.47
C LYS O 228 -48.49 -32.20 29.27
N PRO O 229 -49.16 -33.34 29.02
CA PRO O 229 -50.62 -33.40 28.82
C PRO O 229 -51.40 -32.60 29.87
N ARG O 230 -52.42 -31.88 29.42
CA ARG O 230 -53.26 -31.06 30.29
C ARG O 230 -54.09 -31.90 31.25
N TRP O 231 -54.26 -31.38 32.47
CA TRP O 231 -55.00 -32.05 33.54
C TRP O 231 -56.47 -32.25 33.18
N ASP O 232 -56.98 -33.44 33.50
CA ASP O 232 -58.39 -33.75 33.31
C ASP O 232 -59.21 -33.07 34.41
N TRP O 233 -59.52 -31.79 34.20
CA TRP O 233 -60.22 -30.99 35.20
C TRP O 233 -61.49 -30.37 34.64
N GLN O 234 -62.60 -30.59 35.35
CA GLN O 234 -63.88 -29.97 35.02
C GLN O 234 -64.46 -29.30 36.27
N PRO O 235 -65.00 -28.07 36.12
CA PRO O 235 -65.62 -27.35 37.24
C PRO O 235 -66.89 -28.03 37.73
N GLU O 236 -67.32 -27.68 38.94
CA GLU O 236 -68.53 -28.25 39.54
C GLU O 236 -69.74 -28.17 38.62
N PRO O 237 -70.47 -29.29 38.46
CA PRO O 237 -71.65 -29.36 37.59
C PRO O 237 -72.71 -28.33 37.98
N VAL O 238 -73.29 -27.68 36.97
CA VAL O 238 -74.28 -26.63 37.19
C VAL O 238 -75.58 -27.20 37.73
N ASN O 239 -75.85 -26.92 39.00
CA ASN O 239 -77.06 -27.38 39.66
C ASN O 239 -78.18 -26.34 39.52
N GLU O 240 -78.97 -26.49 38.45
CA GLU O 240 -80.05 -25.54 38.14
C GLU O 240 -81.22 -25.63 39.12
N ALA O 241 -81.40 -26.80 39.71
CA ALA O 241 -82.45 -27.03 40.72
C ALA O 241 -82.12 -26.37 42.05
N LEU O 242 -80.83 -26.28 42.36
CA LEU O 242 -80.36 -25.69 43.62
C LEU O 242 -80.23 -24.17 43.50
N ASN O 243 -79.80 -23.70 42.33
CA ASN O 243 -79.62 -22.26 42.08
C ASN O 243 -80.92 -21.48 42.00
N ALA O 244 -82.00 -22.17 41.63
CA ALA O 244 -83.32 -21.54 41.48
C ALA O 244 -83.99 -21.26 42.82
N ARG O 245 -83.85 -22.18 43.77
CA ARG O 245 -84.48 -22.06 45.09
C ARG O 245 -83.79 -21.05 46.00
N VAL O 246 -82.48 -20.86 45.81
CA VAL O 246 -81.70 -19.87 46.56
C VAL O 246 -82.04 -18.47 46.06
N ALA O 247 -82.14 -18.32 44.74
CA ALA O 247 -82.49 -17.05 44.10
C ALA O 247 -83.94 -16.64 44.37
N ALA O 248 -84.79 -17.63 44.69
CA ALA O 248 -86.19 -17.37 45.03
C ALA O 248 -86.35 -16.72 46.39
N LEU O 249 -85.29 -16.76 47.20
CA LEU O 249 -85.29 -16.20 48.55
C LEU O 249 -84.33 -15.01 48.69
N ALA O 250 -83.22 -15.07 47.94
CA ALA O 250 -82.16 -14.07 48.07
C ALA O 250 -82.19 -12.94 47.03
N GLU O 251 -82.34 -13.31 45.75
CA GLU O 251 -82.26 -12.36 44.64
C GLU O 251 -83.16 -11.12 44.81
N ALA O 252 -84.34 -11.33 45.39
CA ALA O 252 -85.28 -10.23 45.66
C ALA O 252 -84.72 -9.24 46.67
N ARG O 253 -84.13 -9.76 47.75
CA ARG O 253 -83.58 -8.93 48.82
C ARG O 253 -82.20 -8.37 48.47
N LEU O 254 -81.43 -9.12 47.70
CA LEU O 254 -80.07 -8.72 47.30
C LEU O 254 -80.06 -7.60 46.27
N SER O 255 -81.14 -7.50 45.49
CA SER O 255 -81.32 -6.43 44.51
C SER O 255 -81.58 -5.08 45.21
N ASP O 256 -82.27 -5.15 46.35
CA ASP O 256 -82.53 -3.96 47.17
C ASP O 256 -81.37 -3.65 48.10
N ALA O 257 -80.50 -4.64 48.32
CA ALA O 257 -79.32 -4.48 49.17
C ALA O 257 -78.25 -3.61 48.51
N TYR O 258 -78.08 -3.79 47.20
CA TYR O 258 -77.13 -3.00 46.42
C TYR O 258 -77.81 -1.76 45.80
N ARG O 259 -78.67 -1.13 46.58
CA ARG O 259 -79.41 0.06 46.14
C ARG O 259 -79.11 1.25 47.06
N ILE O 260 -78.76 0.97 48.31
CA ILE O 260 -78.44 2.01 49.30
C ILE O 260 -77.01 2.54 49.13
N THR O 261 -76.82 3.80 49.52
CA THR O 261 -75.57 4.54 49.25
C THR O 261 -74.40 4.16 50.16
N ASP O 262 -74.63 4.18 51.47
CA ASP O 262 -73.58 3.98 52.47
C ASP O 262 -72.99 2.57 52.43
N LYS O 263 -71.67 2.49 52.59
CA LYS O 263 -70.95 1.21 52.58
C LYS O 263 -71.22 0.39 53.84
N GLN O 264 -71.21 1.07 54.99
CA GLN O 264 -71.47 0.41 56.28
C GLN O 264 -72.91 -0.10 56.39
N GLU O 265 -73.85 0.60 55.78
CA GLU O 265 -75.24 0.20 55.74
C GLU O 265 -75.48 -0.95 54.76
N ARG O 266 -74.70 -0.97 53.68
CA ARG O 266 -74.83 -2.00 52.65
C ARG O 266 -74.21 -3.33 53.07
N TYR O 267 -72.95 -3.28 53.53
CA TYR O 267 -72.21 -4.47 53.93
C TYR O 267 -72.81 -5.20 55.13
N ALA O 268 -73.51 -4.45 55.99
CA ALA O 268 -74.20 -5.04 57.14
C ALA O 268 -75.52 -5.68 56.74
N GLN O 269 -76.27 -5.00 55.87
CA GLN O 269 -77.57 -5.48 55.40
C GLN O 269 -77.45 -6.70 54.47
N VAL O 270 -76.43 -6.68 53.61
CA VAL O 270 -76.16 -7.79 52.69
C VAL O 270 -75.67 -9.03 53.44
N ASP O 271 -75.09 -8.82 54.62
CA ASP O 271 -74.63 -9.90 55.48
C ASP O 271 -75.80 -10.57 56.20
N VAL O 272 -76.83 -9.78 56.52
CA VAL O 272 -78.04 -10.29 57.16
C VAL O 272 -78.79 -11.23 56.21
N ILE O 273 -78.91 -10.83 54.94
CA ILE O 273 -79.54 -11.65 53.91
C ILE O 273 -78.75 -12.92 53.64
N LYS O 274 -77.41 -12.80 53.61
CA LYS O 274 -76.51 -13.94 53.44
C LYS O 274 -76.62 -14.95 54.58
N SER O 275 -76.68 -14.45 55.81
CA SER O 275 -76.74 -15.30 57.00
C SER O 275 -78.09 -16.02 57.16
N GLU O 276 -79.17 -15.31 56.82
CA GLU O 276 -80.53 -15.86 56.97
C GLU O 276 -80.89 -16.88 55.89
N THR O 277 -80.31 -16.73 54.70
CA THR O 277 -80.55 -17.64 53.59
C THR O 277 -79.87 -19.00 53.81
N ILE O 278 -78.64 -18.96 54.32
CA ILE O 278 -77.89 -20.18 54.64
C ILE O 278 -78.51 -20.92 55.83
N ALA O 279 -78.96 -20.16 56.83
CA ALA O 279 -79.56 -20.72 58.04
C ALA O 279 -80.88 -21.45 57.79
N THR O 280 -81.69 -20.91 56.87
CA THR O 280 -83.00 -21.51 56.55
C THR O 280 -82.88 -22.73 55.63
N LEU O 281 -81.77 -22.84 54.91
CA LEU O 281 -81.49 -23.98 54.05
C LEU O 281 -80.87 -25.14 54.82
N LEU O 282 -80.09 -24.81 55.85
CA LEU O 282 -79.51 -25.81 56.74
C LEU O 282 -80.55 -26.43 57.68
N ALA O 283 -81.60 -25.66 57.97
CA ALA O 283 -82.72 -26.14 58.79
C ALA O 283 -83.64 -27.05 58.00
N GLU O 284 -83.65 -26.88 56.67
CA GLU O 284 -84.46 -27.68 55.77
C GLU O 284 -83.68 -28.88 55.24
N ASP O 285 -82.42 -28.66 54.90
CA ASP O 285 -81.53 -29.71 54.42
C ASP O 285 -80.12 -29.49 54.97
N GLU O 286 -79.80 -30.19 56.06
CA GLU O 286 -78.51 -30.05 56.75
C GLU O 286 -77.35 -30.73 56.01
N THR O 287 -77.67 -31.71 55.18
CA THR O 287 -76.66 -32.42 54.39
C THR O 287 -76.35 -31.67 53.10
N LEU O 288 -75.77 -30.48 53.24
CA LEU O 288 -75.43 -29.62 52.11
C LEU O 288 -74.16 -28.82 52.40
N ASP O 289 -73.37 -28.59 51.35
CA ASP O 289 -72.10 -27.87 51.46
C ASP O 289 -72.32 -26.38 51.74
N GLU O 290 -71.60 -25.86 52.74
CA GLU O 290 -71.70 -24.46 53.14
C GLU O 290 -70.90 -23.54 52.21
N ASN O 291 -69.76 -24.04 51.74
CA ASN O 291 -68.88 -23.29 50.83
C ASN O 291 -69.48 -23.12 49.43
N GLU O 292 -70.30 -24.09 49.02
CA GLU O 292 -70.97 -24.06 47.73
C GLU O 292 -72.08 -23.02 47.68
N LEU O 293 -72.80 -22.89 48.81
CA LEU O 293 -73.91 -21.93 48.93
C LEU O 293 -73.43 -20.48 48.89
N GLY O 294 -72.25 -20.23 49.43
CA GLY O 294 -71.64 -18.89 49.44
C GLY O 294 -71.23 -18.41 48.06
N GLU O 295 -70.88 -19.35 47.19
CA GLU O 295 -70.48 -19.05 45.81
C GLU O 295 -71.69 -18.70 44.94
N ILE O 296 -72.83 -19.33 45.22
CA ILE O 296 -74.08 -19.07 44.51
C ILE O 296 -74.65 -17.71 44.90
N LEU O 297 -74.55 -17.37 46.19
CA LEU O 297 -74.97 -16.07 46.70
C LEU O 297 -74.09 -14.94 46.15
N HIS O 298 -72.81 -15.24 45.92
CA HIS O 298 -71.87 -14.29 45.32
C HIS O 298 -72.15 -14.12 43.83
N ALA O 299 -72.67 -15.16 43.20
CA ALA O 299 -73.03 -15.13 41.78
C ALA O 299 -74.23 -14.23 41.50
N ILE O 300 -75.15 -14.17 42.46
CA ILE O 300 -76.31 -13.28 42.38
C ILE O 300 -75.87 -11.82 42.57
N GLU O 301 -74.96 -11.61 43.53
CA GLU O 301 -74.36 -10.30 43.79
C GLU O 301 -73.65 -9.74 42.56
N LYS O 302 -72.96 -10.63 41.84
CA LYS O 302 -72.24 -10.27 40.62
C LYS O 302 -73.22 -9.97 39.48
N ASN O 303 -74.32 -10.72 39.43
CA ASN O 303 -75.33 -10.56 38.38
C ASN O 303 -76.18 -9.30 38.52
N VAL O 304 -76.45 -8.92 39.77
CA VAL O 304 -77.26 -7.74 40.07
C VAL O 304 -76.54 -6.44 39.71
N VAL O 305 -75.27 -6.33 40.09
CA VAL O 305 -74.48 -5.12 39.86
C VAL O 305 -74.12 -4.92 38.39
N ARG O 306 -73.64 -5.99 37.73
CA ARG O 306 -73.17 -5.92 36.35
C ARG O 306 -74.27 -5.58 35.34
N SER O 307 -75.41 -6.27 35.45
CA SER O 307 -76.52 -6.08 34.51
C SER O 307 -77.23 -4.73 34.70
N ARG O 308 -77.08 -4.15 35.89
CA ARG O 308 -77.70 -2.87 36.23
C ARG O 308 -76.98 -1.70 35.53
N VAL O 309 -75.66 -1.71 35.59
CA VAL O 309 -74.84 -0.66 34.97
C VAL O 309 -74.79 -0.83 33.45
N LEU O 310 -74.87 -2.07 32.99
CA LEU O 310 -74.85 -2.39 31.57
C LEU O 310 -76.11 -1.89 30.84
N ALA O 311 -77.25 -1.95 31.54
CA ALA O 311 -78.53 -1.52 30.98
C ALA O 311 -78.65 0.00 30.89
N GLY O 312 -78.11 0.70 31.88
CA GLY O 312 -78.15 2.16 31.94
C GLY O 312 -78.68 2.71 33.25
N GLU O 313 -78.97 1.81 34.19
CA GLU O 313 -79.47 2.19 35.52
C GLU O 313 -78.35 2.79 36.38
N PRO O 314 -78.72 3.69 37.31
CA PRO O 314 -77.73 4.34 38.19
C PRO O 314 -76.91 3.36 39.04
N ARG O 315 -75.76 3.83 39.51
CA ARG O 315 -74.83 3.02 40.29
C ARG O 315 -75.34 2.71 41.71
N ILE O 316 -74.49 2.10 42.52
CA ILE O 316 -74.84 1.71 43.89
C ILE O 316 -75.15 2.93 44.77
N ASP O 317 -74.29 3.94 44.70
CA ASP O 317 -74.47 5.16 45.50
C ASP O 317 -75.26 6.25 44.77
N GLY O 318 -75.84 5.89 43.62
CA GLY O 318 -76.65 6.81 42.84
C GLY O 318 -75.83 7.81 42.04
N ARG O 319 -74.83 7.31 41.32
CA ARG O 319 -73.97 8.15 40.49
C ARG O 319 -74.11 7.81 39.00
N GLU O 320 -73.62 8.73 38.16
CA GLU O 320 -73.58 8.52 36.71
C GLU O 320 -72.30 7.78 36.32
N LYS O 321 -72.27 7.28 35.08
CA LYS O 321 -71.14 6.48 34.57
C LYS O 321 -69.80 7.22 34.53
N ASP O 322 -69.86 8.55 34.42
CA ASP O 322 -68.65 9.38 34.35
C ASP O 322 -68.48 10.29 35.57
N MET O 323 -69.52 10.35 36.41
CA MET O 323 -69.50 11.20 37.60
C MET O 323 -68.67 10.58 38.73
N ILE O 324 -67.85 11.41 39.37
CA ILE O 324 -66.99 10.96 40.46
C ILE O 324 -67.50 11.44 41.83
N ARG O 325 -66.98 10.85 42.90
CA ARG O 325 -67.44 11.12 44.27
C ARG O 325 -67.06 12.50 44.79
N GLY O 326 -67.56 12.84 45.98
CA GLY O 326 -67.25 14.11 46.64
C GLY O 326 -65.81 14.19 47.13
N LEU O 327 -65.24 15.39 47.06
CA LEU O 327 -63.84 15.60 47.44
C LEU O 327 -63.70 16.52 48.64
N ASP O 328 -62.71 16.22 49.48
CA ASP O 328 -62.38 17.05 50.64
C ASP O 328 -60.86 17.19 50.76
N VAL O 329 -60.37 18.41 50.52
CA VAL O 329 -58.94 18.71 50.54
C VAL O 329 -58.58 19.54 51.77
N ARG O 330 -57.72 18.98 52.62
CA ARG O 330 -57.24 19.67 53.81
C ARG O 330 -55.72 19.62 53.89
N THR O 331 -55.10 20.80 53.94
CA THR O 331 -53.64 20.93 53.97
C THR O 331 -53.18 21.49 55.31
N GLY O 332 -52.12 20.89 55.87
CA GLY O 332 -51.56 21.33 57.15
C GLY O 332 -52.35 20.78 58.33
N VAL O 333 -52.68 19.49 58.26
CA VAL O 333 -53.47 18.82 59.30
C VAL O 333 -52.70 18.64 60.61
N LEU O 334 -51.38 18.48 60.52
CA LEU O 334 -50.54 18.28 61.69
C LEU O 334 -49.65 19.48 61.97
N PRO O 335 -49.44 19.81 63.28
CA PRO O 335 -48.67 21.00 63.65
C PRO O 335 -47.16 20.80 63.74
N ARG O 336 -46.71 19.67 64.28
CA ARG O 336 -45.30 19.44 64.57
C ARG O 336 -44.61 18.58 63.49
N THR O 337 -44.91 18.88 62.23
CA THR O 337 -44.27 18.20 61.10
C THR O 337 -43.96 19.19 59.97
N HIS O 338 -43.17 18.74 58.99
CA HIS O 338 -42.81 19.57 57.84
C HIS O 338 -44.02 19.75 56.92
N GLY O 339 -44.56 18.64 56.43
CA GLY O 339 -45.74 18.66 55.55
C GLY O 339 -46.76 17.61 55.94
N SER O 340 -48.04 18.00 55.86
CA SER O 340 -49.14 17.11 56.22
C SER O 340 -50.38 17.41 55.38
N ALA O 341 -51.09 16.35 54.99
CA ALA O 341 -52.29 16.48 54.16
C ALA O 341 -53.35 15.44 54.49
N LEU O 342 -54.61 15.86 54.48
CA LEU O 342 -55.74 14.97 54.70
C LEU O 342 -56.68 15.03 53.49
N PHE O 343 -56.38 14.20 52.49
CA PHE O 343 -57.19 14.12 51.28
C PHE O 343 -58.30 13.08 51.45
N THR O 344 -59.51 13.42 51.03
CA THR O 344 -60.65 12.52 51.15
C THR O 344 -61.56 12.64 49.93
N ARG O 345 -61.96 11.49 49.45
CA ARG O 345 -62.78 11.40 48.30
C ARG O 345 -63.71 10.30 48.53
N GLY O 346 -64.95 10.59 48.79
CA GLY O 346 -65.92 9.55 48.98
C GLY O 346 -65.85 8.89 50.31
N GLU O 347 -65.44 7.64 50.29
CA GLU O 347 -65.44 6.76 51.41
C GLU O 347 -64.08 6.23 51.36
N THR O 348 -63.16 7.14 51.47
CA THR O 348 -61.74 6.97 51.17
C THR O 348 -61.03 8.18 51.77
N GLN O 349 -59.80 7.96 52.23
CA GLN O 349 -59.00 9.03 52.84
C GLN O 349 -57.62 8.52 53.25
N ALA O 350 -56.61 9.35 53.00
CA ALA O 350 -55.23 9.01 53.31
C ALA O 350 -54.50 10.16 54.02
N LEU O 351 -54.05 9.88 55.24
CA LEU O 351 -53.27 10.82 56.03
C LEU O 351 -51.81 10.79 55.54
N VAL O 352 -51.51 11.67 54.59
CA VAL O 352 -50.21 11.68 53.93
C VAL O 352 -49.31 12.77 54.49
N THR O 353 -48.08 12.40 54.84
CA THR O 353 -47.11 13.32 55.44
C THR O 353 -45.79 13.32 54.67
N ALA O 354 -45.19 14.50 54.55
CA ALA O 354 -43.88 14.66 53.90
C ALA O 354 -42.81 15.03 54.92
N THR O 355 -41.67 14.37 54.83
CA THR O 355 -40.56 14.58 55.77
C THR O 355 -39.28 15.00 55.05
N LEU O 356 -38.68 16.09 55.53
CA LEU O 356 -37.43 16.59 54.97
C LEU O 356 -36.23 16.03 55.74
N GLY O 357 -35.17 15.71 55.01
CA GLY O 357 -33.96 15.15 55.62
C GLY O 357 -32.69 15.38 54.83
N THR O 358 -31.55 15.18 55.49
CA THR O 358 -30.24 15.34 54.89
C THR O 358 -29.87 14.10 54.07
N ALA O 359 -28.84 14.22 53.23
CA ALA O 359 -28.38 13.11 52.38
C ALA O 359 -27.83 11.92 53.17
N ARG O 360 -27.60 12.13 54.46
CA ARG O 360 -27.13 11.07 55.37
C ARG O 360 -28.21 10.05 55.65
N ASP O 361 -29.47 10.49 55.61
CA ASP O 361 -30.62 9.62 55.92
C ASP O 361 -31.20 8.93 54.68
N ALA O 362 -30.42 8.88 53.60
CA ALA O 362 -30.82 8.21 52.36
C ALA O 362 -30.74 6.70 52.49
N GLN O 363 -31.72 6.00 51.93
CA GLN O 363 -31.76 4.54 51.98
C GLN O 363 -30.77 3.94 50.99
N VAL O 364 -29.86 3.12 51.51
CA VAL O 364 -28.87 2.44 50.68
C VAL O 364 -29.45 1.12 50.16
N LEU O 365 -29.84 1.12 48.89
CA LEU O 365 -30.41 -0.06 48.25
C LEU O 365 -29.31 -0.95 47.66
N ASP O 366 -29.12 -2.12 48.27
CA ASP O 366 -28.12 -3.07 47.81
C ASP O 366 -28.76 -4.02 46.78
N GLU O 367 -28.94 -3.50 45.56
CA GLU O 367 -29.55 -4.26 44.47
C GLU O 367 -28.56 -5.26 43.89
N LEU O 368 -29.09 -6.25 43.15
CA LEU O 368 -28.28 -7.34 42.60
C LEU O 368 -27.27 -6.84 41.56
N MET O 369 -27.68 -5.88 40.73
CA MET O 369 -26.83 -5.32 39.68
C MET O 369 -26.26 -3.95 40.08
N GLY O 370 -25.50 -3.94 41.18
CA GLY O 370 -24.89 -2.72 41.69
C GLY O 370 -25.73 -2.01 42.73
N GLU O 371 -25.06 -1.28 43.63
CA GLU O 371 -25.74 -0.56 44.70
C GLU O 371 -26.19 0.83 44.29
N ARG O 372 -27.31 1.30 44.87
CA ARG O 372 -27.84 2.63 44.60
C ARG O 372 -28.27 3.34 45.89
N THR O 373 -28.23 4.66 45.87
CA THR O 373 -28.72 5.48 46.97
C THR O 373 -30.02 6.17 46.57
N ASP O 374 -31.07 5.94 47.36
CA ASP O 374 -32.40 6.47 47.06
C ASP O 374 -32.66 7.79 47.78
N THR O 375 -33.08 8.79 47.03
CA THR O 375 -33.39 10.12 47.56
C THR O 375 -34.86 10.21 47.97
N PHE O 376 -35.75 9.94 47.02
CA PHE O 376 -37.19 9.99 47.25
C PHE O 376 -37.69 8.67 47.82
N LEU O 377 -38.44 8.76 48.92
CA LEU O 377 -38.98 7.58 49.60
C LEU O 377 -40.50 7.69 49.75
N PHE O 378 -41.19 6.57 49.53
CA PHE O 378 -42.63 6.52 49.67
C PHE O 378 -43.06 5.26 50.42
N HIS O 379 -43.99 5.41 51.35
CA HIS O 379 -44.50 4.28 52.14
C HIS O 379 -46.03 4.24 52.17
N TYR O 380 -46.57 3.02 52.01
CA TYR O 380 -48.00 2.79 51.97
C TYR O 380 -48.40 1.87 53.13
N ASN O 381 -49.19 2.41 54.05
CA ASN O 381 -49.67 1.64 55.20
C ASN O 381 -51.17 1.40 55.12
N PHE O 382 -51.55 0.13 55.18
CA PHE O 382 -52.96 -0.27 55.11
C PHE O 382 -53.39 -0.99 56.40
N PRO O 383 -53.86 -0.22 57.40
CA PRO O 383 -54.28 -0.78 58.68
C PRO O 383 -55.69 -1.37 58.63
N PRO O 384 -56.02 -2.28 59.56
CA PRO O 384 -57.33 -2.93 59.57
C PRO O 384 -58.51 -2.02 59.91
N TYR O 385 -58.24 -0.88 60.55
CA TYR O 385 -59.30 0.06 60.94
C TYR O 385 -59.88 0.87 59.77
N SER O 386 -59.23 0.78 58.61
CA SER O 386 -59.66 1.50 57.41
C SER O 386 -60.94 0.92 56.82
N VAL O 387 -61.06 -0.40 56.84
CA VAL O 387 -62.24 -1.11 56.32
C VAL O 387 -63.25 -1.46 57.41
N GLY O 388 -62.80 -1.39 58.67
CA GLY O 388 -63.63 -1.73 59.82
C GLY O 388 -63.49 -3.18 60.22
N GLU O 389 -62.27 -3.70 60.12
CA GLU O 389 -61.97 -5.09 60.46
C GLU O 389 -60.85 -5.18 61.50
N THR O 390 -60.57 -6.40 61.95
CA THR O 390 -59.51 -6.65 62.92
C THR O 390 -58.41 -7.53 62.34
N GLY O 391 -57.16 -7.14 62.58
CA GLY O 391 -56.00 -7.87 62.08
C GLY O 391 -54.70 -7.50 62.77
N MET O 392 -53.70 -8.33 62.60
CA MET O 392 -52.45 -8.07 63.20
C MET O 392 -51.86 -6.96 62.46
N VAL O 393 -50.97 -6.23 63.12
CA VAL O 393 -50.31 -5.08 62.49
C VAL O 393 -48.80 -5.12 62.71
N GLY O 394 -48.08 -5.63 61.72
CA GLY O 394 -46.63 -5.74 61.79
C GLY O 394 -45.96 -5.41 60.48
N SER O 395 -45.22 -6.38 59.94
CA SER O 395 -44.52 -6.18 58.68
C SER O 395 -45.50 -5.82 57.55
N PRO O 396 -45.01 -5.04 56.60
CA PRO O 396 -45.83 -4.60 55.47
C PRO O 396 -46.09 -5.75 54.48
N LYS O 397 -47.35 -6.11 54.30
CA LYS O 397 -47.72 -7.19 53.39
C LYS O 397 -47.28 -6.88 51.95
N ARG O 398 -47.40 -7.88 51.08
CA ARG O 398 -47.04 -7.76 49.67
C ARG O 398 -47.89 -6.71 48.93
N ARG O 399 -49.14 -6.57 49.35
CA ARG O 399 -50.07 -5.61 48.77
C ARG O 399 -49.69 -4.16 49.11
N GLU O 400 -49.16 -3.96 50.32
CA GLU O 400 -48.73 -2.63 50.78
C GLU O 400 -47.48 -2.14 50.05
N ILE O 401 -46.61 -3.07 49.67
CA ILE O 401 -45.40 -2.75 48.92
C ILE O 401 -45.74 -2.41 47.46
N GLY O 402 -46.69 -3.17 46.90
CA GLY O 402 -47.14 -2.96 45.52
C GLY O 402 -47.82 -1.61 45.30
N HIS O 403 -48.64 -1.21 46.26
CA HIS O 403 -49.29 0.10 46.21
C HIS O 403 -48.37 1.22 46.70
N GLY O 404 -47.26 0.85 47.34
CA GLY O 404 -46.26 1.79 47.82
C GLY O 404 -45.44 2.38 46.69
N ARG O 405 -44.97 1.52 45.80
CA ARG O 405 -44.22 1.93 44.62
C ARG O 405 -45.15 2.58 43.58
N LEU O 406 -46.41 2.16 43.59
CA LEU O 406 -47.44 2.71 42.70
C LEU O 406 -47.53 4.23 42.82
N ALA O 407 -47.69 4.70 44.05
CA ALA O 407 -47.78 6.14 44.33
C ALA O 407 -46.43 6.83 44.23
N LYS O 408 -45.35 6.06 44.40
CA LYS O 408 -43.99 6.57 44.24
C LYS O 408 -43.71 6.92 42.78
N ARG O 409 -44.20 6.09 41.87
CA ARG O 409 -44.06 6.29 40.42
C ARG O 409 -44.90 7.48 39.93
N GLY O 410 -45.99 7.76 40.63
CA GLY O 410 -46.89 8.87 40.29
C GLY O 410 -46.39 10.23 40.73
N VAL O 411 -45.34 10.24 41.55
CA VAL O 411 -44.78 11.49 42.09
C VAL O 411 -43.34 11.71 41.60
N LEU O 412 -42.65 10.61 41.30
CA LEU O 412 -41.24 10.63 40.89
C LEU O 412 -40.96 11.52 39.67
N ALA O 413 -41.91 11.53 38.72
CA ALA O 413 -41.80 12.35 37.51
C ALA O 413 -41.96 13.84 37.78
N VAL O 414 -42.62 14.17 38.89
CA VAL O 414 -42.88 15.56 39.27
C VAL O 414 -41.81 16.09 40.24
N MET O 415 -41.26 15.19 41.06
CA MET O 415 -40.26 15.55 42.07
C MET O 415 -39.05 16.26 41.49
N PRO O 416 -38.58 17.34 42.17
CA PRO O 416 -37.40 18.07 41.72
C PRO O 416 -36.11 17.25 41.86
N ASP O 417 -35.18 17.48 40.95
CA ASP O 417 -33.90 16.76 40.93
C ASP O 417 -32.95 17.23 42.03
N MET O 418 -31.89 16.45 42.26
CA MET O 418 -30.89 16.74 43.30
C MET O 418 -30.15 18.06 43.11
N ASP O 419 -30.03 18.50 41.86
CA ASP O 419 -29.29 19.72 41.51
C ASP O 419 -29.91 20.99 42.11
N LYS O 420 -31.24 21.06 42.07
CA LYS O 420 -31.97 22.22 42.60
C LYS O 420 -32.37 22.04 44.06
N PHE O 421 -32.76 20.82 44.41
CA PHE O 421 -33.19 20.50 45.77
C PHE O 421 -32.41 19.30 46.33
N PRO O 422 -31.35 19.59 47.11
CA PRO O 422 -30.47 18.55 47.64
C PRO O 422 -30.88 18.04 49.03
N TYR O 423 -32.12 17.56 49.14
CA TYR O 423 -32.62 16.99 50.39
C TYR O 423 -33.42 15.72 50.14
N THR O 424 -33.20 14.71 50.99
CA THR O 424 -33.91 13.45 50.90
C THR O 424 -35.31 13.57 51.50
N VAL O 425 -36.31 13.19 50.71
CA VAL O 425 -37.72 13.32 51.13
C VAL O 425 -38.36 11.95 51.35
N ARG O 426 -38.96 11.78 52.53
CA ARG O 426 -39.69 10.56 52.86
C ARG O 426 -41.17 10.87 53.02
N VAL O 427 -41.99 10.22 52.20
CA VAL O 427 -43.44 10.45 52.20
C VAL O 427 -44.18 9.21 52.72
N VAL O 428 -44.95 9.40 53.80
CA VAL O 428 -45.68 8.30 54.42
C VAL O 428 -47.19 8.55 54.31
N SER O 429 -47.90 7.57 53.77
CA SER O 429 -49.35 7.64 53.62
C SER O 429 -50.06 6.71 54.61
N GLU O 430 -51.02 7.26 55.34
CA GLU O 430 -51.79 6.50 56.33
C GLU O 430 -53.25 6.45 55.94
N ILE O 431 -53.67 5.31 55.38
CA ILE O 431 -55.05 5.12 54.94
C ILE O 431 -55.98 4.97 56.15
N THR O 432 -56.93 5.89 56.26
CA THR O 432 -57.85 5.95 57.40
C THR O 432 -59.21 5.35 57.05
N GLU O 433 -59.61 5.48 55.79
CA GLU O 433 -60.83 4.85 55.27
C GLU O 433 -60.55 4.24 53.90
N SER O 434 -61.16 3.09 53.63
CA SER O 434 -60.98 2.41 52.36
C SER O 434 -62.16 1.73 51.68
N ASN O 435 -62.46 2.15 50.46
CA ASN O 435 -63.57 1.59 49.70
C ASN O 435 -63.33 1.43 48.20
N GLY O 436 -63.01 2.54 47.54
CA GLY O 436 -62.76 2.54 46.11
C GLY O 436 -61.28 2.46 45.79
N SER O 437 -60.60 3.59 45.87
CA SER O 437 -59.17 3.65 45.58
C SER O 437 -58.42 4.37 46.70
N SER O 438 -57.39 3.71 47.23
CA SER O 438 -56.59 4.28 48.30
C SER O 438 -55.17 4.61 47.82
N SER O 439 -54.75 3.96 46.74
CA SER O 439 -53.43 4.19 46.17
C SER O 439 -53.36 5.53 45.45
N MET O 440 -54.43 5.83 44.71
CA MET O 440 -54.57 7.11 44.01
C MET O 440 -54.91 8.25 44.98
N ALA O 441 -55.47 7.89 46.13
CA ALA O 441 -55.72 8.85 47.21
C ALA O 441 -54.40 9.28 47.85
N SER O 442 -53.41 8.38 47.82
CA SER O 442 -52.07 8.68 48.31
C SER O 442 -51.30 9.57 47.34
N VAL O 443 -51.62 9.44 46.05
CA VAL O 443 -51.02 10.27 45.00
C VAL O 443 -51.48 11.73 45.13
N CYS O 444 -52.78 11.90 45.36
CA CYS O 444 -53.37 13.23 45.58
C CYS O 444 -52.87 13.84 46.89
N GLY O 445 -52.75 13.00 47.93
CA GLY O 445 -52.29 13.43 49.24
C GLY O 445 -50.82 13.77 49.31
N ALA O 446 -50.02 13.15 48.44
CA ALA O 446 -48.57 13.39 48.38
C ALA O 446 -48.25 14.79 47.87
N SER O 447 -48.92 15.19 46.79
CA SER O 447 -48.72 16.51 46.18
C SER O 447 -49.09 17.65 47.12
N LEU O 448 -50.10 17.42 47.95
CA LEU O 448 -50.55 18.40 48.93
C LEU O 448 -49.62 18.45 50.15
N ALA O 449 -49.00 17.32 50.46
CA ALA O 449 -48.08 17.22 51.60
C ALA O 449 -46.69 17.77 51.28
N LEU O 450 -46.24 17.55 50.05
CA LEU O 450 -44.93 18.02 49.59
C LEU O 450 -44.84 19.55 49.53
N MET O 451 -45.90 20.17 49.00
CA MET O 451 -45.97 21.62 48.87
C MET O 451 -46.19 22.30 50.22
N ASP O 452 -46.75 21.55 51.17
CA ASP O 452 -46.90 22.01 52.55
C ASP O 452 -45.55 21.97 53.28
N ALA O 453 -44.72 21.01 52.91
CA ALA O 453 -43.38 20.85 53.50
C ALA O 453 -42.40 21.90 52.99
N GLY O 454 -42.56 22.29 51.72
CA GLY O 454 -41.68 23.27 51.08
C GLY O 454 -40.94 22.70 49.89
N VAL O 455 -41.30 21.48 49.48
CA VAL O 455 -40.71 20.83 48.32
C VAL O 455 -41.26 21.46 47.05
N PRO O 456 -40.37 22.04 46.21
CA PRO O 456 -40.79 22.74 45.01
C PRO O 456 -40.97 21.79 43.81
N ILE O 457 -42.10 21.11 43.77
CA ILE O 457 -42.47 20.24 42.64
C ILE O 457 -42.94 21.06 41.45
N LYS O 458 -42.86 20.47 40.26
CA LYS O 458 -43.22 21.17 39.00
C LYS O 458 -44.68 21.61 38.97
N ALA O 459 -45.59 20.67 39.22
CA ALA O 459 -47.03 20.95 39.23
C ALA O 459 -47.77 19.98 40.15
N ALA O 460 -49.05 20.26 40.38
CA ALA O 460 -49.90 19.38 41.19
C ALA O 460 -50.17 18.07 40.45
N VAL O 461 -50.26 16.97 41.19
CA VAL O 461 -50.50 15.64 40.62
C VAL O 461 -51.64 14.90 41.34
N ALA O 462 -52.60 14.42 40.55
CA ALA O 462 -53.75 13.69 41.08
C ALA O 462 -53.97 12.37 40.33
N GLY O 463 -54.76 11.48 40.93
CA GLY O 463 -55.04 10.17 40.35
C GLY O 463 -56.46 9.69 40.56
N ILE O 464 -56.92 8.84 39.63
CA ILE O 464 -58.28 8.28 39.67
C ILE O 464 -58.28 6.77 39.39
N ALA O 465 -59.43 6.14 39.62
CA ALA O 465 -59.63 4.72 39.32
C ALA O 465 -60.74 4.53 38.27
N MET O 466 -60.55 3.54 37.41
CA MET O 466 -61.51 3.26 36.33
C MET O 466 -61.86 1.78 36.26
N GLY O 467 -63.14 1.50 36.04
CA GLY O 467 -63.64 0.13 35.92
C GLY O 467 -64.45 -0.10 34.66
N LEU O 468 -64.67 -1.37 34.32
CA LEU O 468 -65.41 -1.73 33.12
C LEU O 468 -66.40 -2.88 33.39
N VAL O 469 -67.55 -2.80 32.74
CA VAL O 469 -68.53 -3.90 32.75
C VAL O 469 -68.75 -4.37 31.32
N LYS O 470 -68.33 -5.61 31.04
CA LYS O 470 -68.42 -6.18 29.69
C LYS O 470 -69.09 -7.56 29.73
N GLU O 471 -70.07 -7.76 28.86
CA GLU O 471 -70.78 -9.03 28.76
C GLU O 471 -70.55 -9.68 27.40
N GLY O 472 -70.93 -8.98 26.33
CA GLY O 472 -70.75 -9.47 24.96
C GLY O 472 -69.69 -8.67 24.23
N ASP O 473 -70.14 -7.72 23.41
CA ASP O 473 -69.24 -6.81 22.70
C ASP O 473 -69.39 -5.38 23.19
N ASN O 474 -70.59 -5.02 23.65
CA ASN O 474 -70.85 -3.70 24.22
C ASN O 474 -70.28 -3.55 25.62
N TYR O 475 -70.06 -2.31 26.05
CA TYR O 475 -69.35 -2.02 27.29
C TYR O 475 -69.83 -0.75 27.99
N VAL O 476 -69.58 -0.67 29.29
CA VAL O 476 -69.83 0.54 30.07
C VAL O 476 -68.59 0.85 30.92
N VAL O 477 -68.06 2.07 30.76
CA VAL O 477 -66.89 2.53 31.51
C VAL O 477 -67.34 3.31 32.73
N LEU O 478 -66.75 3.00 33.88
CA LEU O 478 -67.14 3.60 35.15
C LEU O 478 -66.01 4.46 35.77
N SER O 479 -66.38 5.63 36.26
CA SER O 479 -65.43 6.56 36.87
C SER O 479 -65.47 6.48 38.40
N ASP O 480 -64.28 6.44 39.00
CA ASP O 480 -64.10 6.33 40.46
C ASP O 480 -64.93 5.20 41.07
N ILE O 481 -64.51 3.97 40.78
CA ILE O 481 -65.23 2.76 41.21
C ILE O 481 -65.10 2.49 42.71
N LEU O 482 -66.13 1.85 43.27
CA LEU O 482 -66.13 1.45 44.68
C LEU O 482 -65.44 0.10 44.85
N GLY O 483 -65.46 -0.43 46.08
CA GLY O 483 -64.92 -1.75 46.38
C GLY O 483 -65.76 -2.88 45.79
N ASP O 484 -67.06 -2.65 45.70
CA ASP O 484 -68.00 -3.62 45.13
C ASP O 484 -67.92 -3.65 43.61
N GLU O 485 -67.57 -2.51 43.02
CA GLU O 485 -67.46 -2.37 41.57
C GLU O 485 -66.11 -2.85 41.03
N ASP O 486 -65.17 -3.10 41.93
CA ASP O 486 -63.83 -3.59 41.56
C ASP O 486 -63.77 -5.12 41.61
N HIS O 487 -64.35 -5.70 42.67
CA HIS O 487 -64.36 -7.15 42.86
C HIS O 487 -65.36 -7.85 41.93
N LEU O 488 -66.50 -7.19 41.69
CA LEU O 488 -67.54 -7.74 40.82
C LEU O 488 -67.47 -7.19 39.39
N GLY O 489 -66.50 -6.31 39.15
CA GLY O 489 -66.30 -5.70 37.84
C GLY O 489 -65.46 -6.56 36.92
N ASP O 490 -64.55 -5.92 36.19
CA ASP O 490 -63.68 -6.61 35.25
C ASP O 490 -62.22 -6.16 35.33
N MET O 491 -62.00 -4.86 35.50
CA MET O 491 -60.65 -4.30 35.52
C MET O 491 -60.43 -3.27 36.63
N ASP O 492 -59.16 -3.01 36.93
CA ASP O 492 -58.76 -1.98 37.88
C ASP O 492 -57.80 -1.00 37.19
N PHE O 493 -58.35 -0.22 36.26
CA PHE O 493 -57.58 0.73 35.47
C PHE O 493 -57.25 1.97 36.30
N LYS O 494 -55.96 2.21 36.52
CA LYS O 494 -55.51 3.28 37.41
C LYS O 494 -54.55 4.24 36.70
N VAL O 495 -54.88 5.53 36.72
CA VAL O 495 -54.09 6.57 36.05
C VAL O 495 -53.80 7.72 37.01
N ALA O 496 -52.53 8.13 37.07
CA ALA O 496 -52.10 9.27 37.87
C ALA O 496 -51.17 10.18 37.06
N GLY O 497 -51.42 11.48 37.12
CA GLY O 497 -50.62 12.46 36.40
C GLY O 497 -51.01 13.90 36.69
N SER O 498 -50.38 14.84 35.97
CA SER O 498 -50.65 16.26 36.12
C SER O 498 -51.65 16.75 35.06
N ARG O 499 -51.75 18.08 34.92
CA ARG O 499 -52.65 18.69 33.94
C ARG O 499 -52.20 18.45 32.49
N ASP O 500 -50.89 18.33 32.29
CA ASP O 500 -50.32 18.18 30.95
C ASP O 500 -50.03 16.73 30.57
N GLY O 501 -49.52 15.94 31.52
CA GLY O 501 -49.11 14.57 31.25
C GLY O 501 -49.50 13.54 32.28
N ILE O 502 -49.12 12.29 32.02
CA ILE O 502 -49.40 11.16 32.91
C ILE O 502 -48.11 10.66 33.54
N SER O 503 -48.08 10.58 34.86
CA SER O 503 -46.90 10.15 35.61
C SER O 503 -46.84 8.62 35.77
N ALA O 504 -47.96 8.01 36.16
CA ALA O 504 -48.03 6.57 36.36
C ALA O 504 -49.34 5.98 35.85
N LEU O 505 -49.26 4.76 35.33
CA LEU O 505 -50.43 4.05 34.82
C LEU O 505 -50.36 2.56 35.17
N GLN O 506 -51.39 2.08 35.87
CA GLN O 506 -51.48 0.67 36.23
C GLN O 506 -52.77 0.05 35.68
N MET O 507 -52.63 -1.13 35.08
CA MET O 507 -53.77 -1.86 34.55
C MET O 507 -53.80 -3.30 35.07
N ASP O 508 -54.94 -3.69 35.63
CA ASP O 508 -55.15 -5.05 36.15
C ASP O 508 -56.52 -5.57 35.72
N ILE O 509 -56.54 -6.39 34.68
CA ILE O 509 -57.78 -6.93 34.12
C ILE O 509 -57.97 -8.39 34.51
N LYS O 510 -59.21 -8.76 34.82
CA LYS O 510 -59.57 -10.13 35.19
C LYS O 510 -60.10 -10.93 34.00
N ILE O 511 -60.60 -10.24 32.99
CA ILE O 511 -61.15 -10.88 31.80
C ILE O 511 -60.26 -10.71 30.57
N GLU O 512 -60.27 -11.70 29.69
CA GLU O 512 -59.48 -11.66 28.45
C GLU O 512 -60.34 -11.29 27.25
N GLY O 513 -59.89 -10.27 26.52
CA GLY O 513 -60.62 -9.78 25.34
C GLY O 513 -60.74 -8.28 25.30
N ILE O 514 -59.72 -7.58 25.81
CA ILE O 514 -59.68 -6.12 25.79
C ILE O 514 -59.35 -5.59 24.40
N THR O 515 -60.18 -4.67 23.91
CA THR O 515 -59.99 -4.05 22.61
C THR O 515 -59.22 -2.73 22.77
N LYS O 516 -58.73 -2.18 21.67
CA LYS O 516 -58.07 -0.87 21.66
C LYS O 516 -59.08 0.25 21.89
N GLU O 517 -60.35 -0.04 21.62
CA GLU O 517 -61.45 0.91 21.82
C GLU O 517 -61.66 1.24 23.29
N ILE O 518 -61.79 0.20 24.13
CA ILE O 518 -61.96 0.38 25.57
C ILE O 518 -60.68 0.83 26.28
N MET O 519 -59.56 0.70 25.58
CA MET O 519 -58.27 1.21 26.05
C MET O 519 -58.22 2.73 25.95
N GLN O 520 -59.03 3.29 25.05
CA GLN O 520 -59.06 4.73 24.79
C GLN O 520 -60.15 5.45 25.59
N VAL O 521 -61.33 4.85 25.65
CA VAL O 521 -62.48 5.44 26.35
C VAL O 521 -62.22 5.56 27.86
N ALA O 522 -61.58 4.53 28.43
CA ALA O 522 -61.22 4.53 29.85
C ALA O 522 -60.09 5.50 30.18
N LEU O 523 -59.25 5.78 29.17
CA LEU O 523 -58.11 6.68 29.33
C LEU O 523 -58.47 8.14 29.10
N ASN O 524 -59.37 8.40 28.15
CA ASN O 524 -59.83 9.75 27.86
C ASN O 524 -60.79 10.28 28.92
N GLN O 525 -61.55 9.37 29.53
CA GLN O 525 -62.46 9.69 30.63
C GLN O 525 -61.68 9.92 31.92
N ALA O 526 -60.49 9.34 32.00
CA ALA O 526 -59.60 9.52 33.13
C ALA O 526 -59.06 10.94 33.22
N LYS O 527 -58.81 11.54 32.07
CA LYS O 527 -58.30 12.92 31.98
C LYS O 527 -59.27 13.92 32.60
N GLY O 528 -60.55 13.76 32.30
CA GLY O 528 -61.60 14.63 32.85
C GLY O 528 -61.79 14.46 34.35
N ALA O 529 -61.63 13.23 34.83
CA ALA O 529 -61.73 12.92 36.26
C ALA O 529 -60.48 13.37 37.02
N ARG O 530 -59.35 13.37 36.33
CA ARG O 530 -58.08 13.81 36.92
C ARG O 530 -58.02 15.33 37.04
N LEU O 531 -58.48 16.03 36.00
CA LEU O 531 -58.50 17.49 35.97
C LEU O 531 -59.47 18.09 36.99
N HIS O 532 -60.49 17.32 37.37
CA HIS O 532 -61.48 17.74 38.35
C HIS O 532 -60.89 17.81 39.76
N ILE O 533 -60.13 16.79 40.15
CA ILE O 533 -59.47 16.74 41.45
C ILE O 533 -58.36 17.79 41.52
N LEU O 534 -57.65 17.98 40.41
CA LEU O 534 -56.59 18.99 40.30
C LEU O 534 -57.12 20.40 40.48
N GLY O 535 -58.37 20.63 40.04
CA GLY O 535 -59.03 21.92 40.22
C GLY O 535 -59.37 22.22 41.66
N VAL O 536 -59.70 21.17 42.42
CA VAL O 536 -60.01 21.30 43.85
C VAL O 536 -58.72 21.40 44.67
N MET O 537 -57.69 20.68 44.22
CA MET O 537 -56.37 20.70 44.87
C MET O 537 -55.68 22.06 44.74
N GLU O 538 -55.82 22.68 43.57
CA GLU O 538 -55.25 24.01 43.30
C GLU O 538 -56.06 25.12 43.97
N GLN O 539 -57.30 24.82 44.32
CA GLN O 539 -58.19 25.76 45.01
C GLN O 539 -57.71 26.02 46.44
N ALA O 540 -57.10 25.01 47.05
CA ALA O 540 -56.51 25.15 48.39
C ALA O 540 -55.13 25.78 48.30
N ILE O 541 -54.20 25.07 47.66
CA ILE O 541 -52.83 25.56 47.45
C ILE O 541 -52.31 25.26 46.04
N ASN O 542 -51.58 26.21 45.48
CA ASN O 542 -50.96 26.03 44.16
C ASN O 542 -49.49 26.49 44.12
N ALA O 543 -49.01 26.97 45.27
CA ALA O 543 -47.62 27.41 45.42
C ALA O 543 -47.05 26.95 46.75
N PRO O 544 -45.81 26.41 46.74
CA PRO O 544 -45.16 25.92 47.96
C PRO O 544 -44.74 27.07 48.88
N GLY P 19 -51.22 24.86 68.51
CA GLY P 19 -51.49 24.16 69.79
C GLY P 19 -52.20 22.84 69.60
N ALA P 20 -53.46 22.92 69.16
CA ALA P 20 -54.28 21.73 68.91
C ALA P 20 -53.87 21.03 67.61
N ALA P 21 -54.27 19.77 67.48
CA ALA P 21 -53.97 18.98 66.28
C ALA P 21 -55.19 18.22 65.78
N GLY P 22 -55.30 18.11 64.46
CA GLY P 22 -56.42 17.41 63.82
C GLY P 22 -56.88 18.09 62.55
N GLY P 23 -58.03 17.65 62.04
CA GLY P 23 -58.59 18.16 60.78
C GLY P 23 -59.00 19.62 60.80
N HIS P 24 -59.35 20.13 61.97
CA HIS P 24 -59.76 21.53 62.13
C HIS P 24 -58.57 22.49 62.12
N THR P 25 -57.38 21.96 62.38
CA THR P 25 -56.15 22.76 62.44
C THR P 25 -55.61 23.11 61.05
N ALA P 26 -56.15 22.45 60.02
CA ALA P 26 -55.73 22.65 58.63
C ALA P 26 -55.63 24.12 58.23
N THR P 27 -54.45 24.51 57.73
CA THR P 27 -54.17 25.89 57.34
C THR P 27 -54.87 26.29 56.03
N HIS P 28 -55.16 25.29 55.18
CA HIS P 28 -55.88 25.52 53.93
C HIS P 28 -57.01 24.50 53.78
N HIS P 29 -58.21 25.00 53.46
CA HIS P 29 -59.40 24.17 53.37
C HIS P 29 -60.08 24.24 52.01
N ALA P 30 -60.48 23.08 51.50
CA ALA P 30 -61.20 22.97 50.24
C ALA P 30 -62.16 21.78 50.25
N SER P 31 -63.35 21.99 49.69
CA SER P 31 -64.38 20.94 49.64
C SER P 31 -65.16 20.97 48.33
N ALA P 32 -65.56 19.80 47.86
CA ALA P 32 -66.29 19.67 46.60
C ALA P 32 -67.38 18.61 46.65
N ALA P 33 -68.51 18.90 46.01
CA ALA P 33 -69.64 17.98 45.90
C ALA P 33 -69.48 17.08 44.67
N PRO P 34 -70.02 15.85 44.73
CA PRO P 34 -69.96 14.94 43.58
C PRO P 34 -70.71 15.48 42.37
N ALA P 35 -69.98 15.81 41.30
CA ALA P 35 -70.55 16.40 40.10
C ALA P 35 -69.87 15.89 38.83
N ARG P 36 -70.58 16.05 37.70
CA ARG P 36 -70.05 15.66 36.39
C ARG P 36 -68.83 16.49 36.01
N PRO P 37 -67.73 15.82 35.61
CA PRO P 37 -66.49 16.50 35.25
C PRO P 37 -66.62 17.39 34.01
N GLN P 38 -65.77 18.41 33.93
CA GLN P 38 -65.73 19.31 32.77
C GLN P 38 -64.90 18.69 31.64
N PRO P 39 -65.57 18.32 30.52
CA PRO P 39 -64.88 17.63 29.43
C PRO P 39 -64.10 18.59 28.54
N MET Q 1 -68.91 17.04 52.07
CA MET Q 1 -68.17 17.90 53.03
C MET Q 1 -68.06 17.21 54.39
N LEU Q 2 -66.83 17.20 54.93
CA LEU Q 2 -66.57 16.60 56.23
C LEU Q 2 -66.82 17.58 57.37
N ASN Q 3 -67.37 17.07 58.46
CA ASN Q 3 -67.68 17.90 59.63
C ASN Q 3 -67.08 17.32 60.93
N PRO Q 4 -66.17 18.08 61.57
CA PRO Q 4 -65.53 17.65 62.80
C PRO Q 4 -66.35 17.95 64.06
N ILE Q 5 -66.17 17.11 65.08
CA ILE Q 5 -66.79 17.33 66.39
C ILE Q 5 -65.66 17.58 67.40
N VAL Q 6 -65.46 18.85 67.73
CA VAL Q 6 -64.32 19.27 68.55
C VAL Q 6 -64.74 19.84 69.92
N ARG Q 7 -64.02 19.42 70.96
CA ARG Q 7 -64.23 19.93 72.31
C ARG Q 7 -62.90 19.94 73.08
N LYS Q 8 -62.39 21.14 73.34
CA LYS Q 8 -61.12 21.33 74.03
C LYS Q 8 -61.30 21.79 75.48
N PHE Q 9 -60.35 21.42 76.33
CA PHE Q 9 -60.40 21.77 77.76
C PHE Q 9 -59.01 21.97 78.36
N GLN Q 10 -58.95 22.78 79.43
CA GLN Q 10 -57.71 23.03 80.15
C GLN Q 10 -57.36 21.87 81.07
N TYR Q 11 -56.09 21.49 81.07
CA TYR Q 11 -55.60 20.38 81.87
C TYR Q 11 -54.22 20.68 82.46
N GLY Q 12 -54.22 21.42 83.57
CA GLY Q 12 -52.98 21.83 84.23
C GLY Q 12 -52.28 22.94 83.49
N GLN Q 13 -51.12 22.63 82.93
CA GLN Q 13 -50.33 23.59 82.15
C GLN Q 13 -50.56 23.42 80.66
N HIS Q 14 -51.20 22.32 80.27
CA HIS Q 14 -51.42 21.99 78.87
C HIS Q 14 -52.90 21.98 78.51
N THR Q 15 -53.19 22.15 77.22
CA THR Q 15 -54.56 22.12 76.71
C THR Q 15 -54.79 20.83 75.91
N VAL Q 16 -55.82 20.08 76.31
CA VAL Q 16 -56.16 18.81 75.66
C VAL Q 16 -57.34 19.00 74.72
N THR Q 17 -57.16 18.61 73.47
CA THR Q 17 -58.19 18.75 72.43
C THR Q 17 -58.62 17.38 71.90
N LEU Q 18 -59.94 17.19 71.78
CA LEU Q 18 -60.51 15.94 71.29
C LEU Q 18 -61.31 16.16 70.01
N GLU Q 19 -61.01 15.38 68.97
CA GLU Q 19 -61.69 15.50 67.68
C GLU Q 19 -62.17 14.13 67.18
N THR Q 20 -63.41 14.09 66.72
CA THR Q 20 -64.01 12.87 66.17
C THR Q 20 -65.04 13.18 65.06
N GLY Q 21 -65.30 12.17 64.23
CA GLY Q 21 -66.31 12.30 63.18
C GLY Q 21 -65.76 12.47 61.77
N MET Q 22 -64.57 13.04 61.67
CA MET Q 22 -63.93 13.28 60.37
C MET Q 22 -63.07 12.10 59.92
N MET Q 23 -62.13 11.70 60.76
CA MET Q 23 -61.20 10.62 60.44
C MET Q 23 -61.71 9.26 60.89
N ALA Q 24 -61.57 8.27 60.01
CA ALA Q 24 -62.03 6.89 60.23
C ALA Q 24 -63.51 6.79 60.62
N ARG Q 25 -64.37 7.02 59.63
CA ARG Q 25 -65.82 6.90 59.82
C ARG Q 25 -66.26 5.44 59.69
N GLN Q 26 -65.49 4.67 58.94
CA GLN Q 26 -65.78 3.25 58.69
C GLN Q 26 -65.46 2.39 59.92
N ALA Q 27 -64.52 2.87 60.75
CA ALA Q 27 -64.21 2.21 62.01
C ALA Q 27 -65.29 2.51 63.05
N THR Q 28 -65.36 1.69 64.09
CA THR Q 28 -66.36 1.85 65.15
C THR Q 28 -66.22 3.20 65.86
N ALA Q 29 -64.98 3.57 66.18
CA ALA Q 29 -64.67 4.86 66.80
C ALA Q 29 -63.24 5.30 66.57
N ALA Q 30 -63.05 6.61 66.37
CA ALA Q 30 -61.73 7.19 66.19
C ALA Q 30 -61.68 8.61 66.76
N VAL Q 31 -60.82 8.82 67.75
CA VAL Q 31 -60.69 10.12 68.40
C VAL Q 31 -59.26 10.67 68.30
N MET Q 32 -59.15 11.84 67.69
CA MET Q 32 -57.88 12.55 67.57
C MET Q 32 -57.62 13.35 68.86
N VAL Q 33 -56.63 12.91 69.62
CA VAL Q 33 -56.30 13.53 70.91
C VAL Q 33 -54.94 14.22 70.86
N SER Q 34 -54.92 15.51 71.18
CA SER Q 34 -53.69 16.30 71.19
C SER Q 34 -53.47 17.01 72.52
N MET Q 35 -52.21 17.02 72.97
CA MET Q 35 -51.83 17.68 74.21
C MET Q 35 -50.56 18.51 73.99
N ASP Q 36 -50.76 19.78 73.58
CA ASP Q 36 -49.68 20.70 73.25
C ASP Q 36 -48.70 20.14 72.20
N ASP Q 37 -49.15 20.13 70.94
CA ASP Q 37 -48.37 19.64 69.80
C ASP Q 37 -48.05 18.13 69.82
N THR Q 38 -48.52 17.44 70.87
CA THR Q 38 -48.34 16.00 70.99
C THR Q 38 -49.67 15.29 70.72
N ALA Q 39 -49.79 14.71 69.52
CA ALA Q 39 -51.04 14.08 69.09
C ALA Q 39 -50.90 12.59 68.84
N VAL Q 40 -51.84 11.82 69.38
CA VAL Q 40 -51.91 10.37 69.16
C VAL Q 40 -53.27 10.00 68.59
N PHE Q 41 -53.27 9.41 67.39
CA PHE Q 41 -54.50 8.99 66.72
C PHE Q 41 -54.88 7.57 67.16
N VAL Q 42 -56.03 7.46 67.81
CA VAL Q 42 -56.48 6.20 68.41
C VAL Q 42 -57.78 5.71 67.77
N THR Q 43 -57.78 4.45 67.34
CA THR Q 43 -58.96 3.81 66.73
C THR Q 43 -59.36 2.55 67.48
N VAL Q 44 -60.68 2.32 67.57
CA VAL Q 44 -61.22 1.10 68.17
C VAL Q 44 -62.16 0.41 67.19
N VAL Q 45 -61.88 -0.87 66.92
CA VAL Q 45 -62.71 -1.68 66.04
C VAL Q 45 -63.28 -2.88 66.81
N GLY Q 46 -64.61 -2.99 66.79
CA GLY Q 46 -65.29 -4.08 67.49
C GLY Q 46 -66.25 -4.84 66.59
N GLN Q 47 -66.07 -6.16 66.52
CA GLN Q 47 -66.92 -7.03 65.72
C GLN Q 47 -68.26 -7.26 66.42
N LYS Q 48 -69.35 -7.13 65.67
CA LYS Q 48 -70.71 -7.27 66.20
C LYS Q 48 -71.01 -8.66 66.76
N LYS Q 49 -70.55 -9.69 66.03
CA LYS Q 49 -70.73 -11.08 66.46
C LYS Q 49 -69.42 -11.70 66.95
N ALA Q 50 -69.54 -12.60 67.92
CA ALA Q 50 -68.38 -13.26 68.52
C ALA Q 50 -68.07 -14.60 67.87
N LYS Q 51 -66.87 -15.12 68.16
CA LYS Q 51 -66.42 -16.42 67.67
C LYS Q 51 -67.24 -17.54 68.32
N PRO Q 52 -67.72 -18.50 67.50
CA PRO Q 52 -68.52 -19.64 67.99
C PRO Q 52 -67.84 -20.44 69.11
N GLY Q 53 -66.53 -20.62 69.01
CA GLY Q 53 -65.77 -21.34 70.03
C GLY Q 53 -64.86 -20.43 70.84
N GLN Q 54 -65.46 -19.43 71.49
CA GLN Q 54 -64.72 -18.47 72.30
C GLN Q 54 -65.15 -18.50 73.75
N ASP Q 55 -64.17 -18.54 74.65
CA ASP Q 55 -64.42 -18.56 76.09
C ASP Q 55 -63.78 -17.37 76.81
N PHE Q 56 -62.59 -17.00 76.36
CA PHE Q 56 -61.84 -15.88 76.94
C PHE Q 56 -62.06 -14.59 76.14
N PHE Q 57 -61.85 -13.45 76.80
CA PHE Q 57 -62.00 -12.15 76.17
C PHE Q 57 -60.71 -11.73 75.45
N PRO Q 58 -60.78 -11.57 74.11
CA PRO Q 58 -59.61 -11.19 73.32
C PRO Q 58 -59.44 -9.68 73.20
N LEU Q 59 -58.35 -9.17 73.78
CA LEU Q 59 -58.03 -7.75 73.71
C LEU Q 59 -56.56 -7.57 73.31
N THR Q 60 -56.35 -6.82 72.24
CA THR Q 60 -55.00 -6.52 71.74
C THR Q 60 -54.80 -5.04 71.46
N VAL Q 61 -53.94 -4.41 72.26
CA VAL Q 61 -53.63 -2.99 72.11
C VAL Q 61 -52.19 -2.82 71.61
N ASN Q 62 -52.05 -2.24 70.43
CA ASN Q 62 -50.73 -2.01 69.84
C ASN Q 62 -50.39 -0.53 69.68
N TYR Q 63 -49.41 -0.08 70.47
CA TYR Q 63 -48.94 1.29 70.44
C TYR Q 63 -47.71 1.41 69.55
N GLN Q 64 -47.79 2.28 68.55
CA GLN Q 64 -46.69 2.46 67.58
C GLN Q 64 -46.25 3.92 67.45
N GLU Q 65 -44.94 4.13 67.53
CA GLU Q 65 -44.35 5.45 67.36
C GLU Q 65 -43.83 5.61 65.93
N ARG Q 66 -44.17 6.73 65.31
CA ARG Q 66 -43.74 7.02 63.94
C ARG Q 66 -42.80 8.21 63.90
N THR Q 67 -41.74 8.09 63.10
CA THR Q 67 -40.62 9.04 63.11
C THR Q 67 -40.93 10.42 62.52
N TYR Q 68 -41.91 10.49 61.62
CA TYR Q 68 -42.29 11.77 61.00
C TYR Q 68 -43.04 12.69 61.95
N ALA Q 69 -43.40 12.18 63.13
CA ALA Q 69 -44.06 12.94 64.18
C ALA Q 69 -43.12 14.00 64.78
N ALA Q 70 -41.83 13.66 64.86
CA ALA Q 70 -40.82 14.59 65.35
C ALA Q 70 -40.19 15.37 64.20
N GLY Q 71 -40.12 14.73 63.02
CA GLY Q 71 -39.56 15.35 61.83
C GLY Q 71 -38.22 14.77 61.42
N ARG Q 72 -38.10 13.45 61.55
CA ARG Q 72 -36.86 12.74 61.20
C ARG Q 72 -37.12 11.50 60.34
N ILE Q 73 -36.10 11.08 59.61
CA ILE Q 73 -36.12 9.84 58.85
C ILE Q 73 -35.51 8.73 59.72
N PRO Q 74 -36.22 7.60 59.89
CA PRO Q 74 -35.82 6.52 60.80
C PRO Q 74 -34.45 5.92 60.47
N GLY Q 75 -33.67 5.64 61.51
CA GLY Q 75 -32.33 5.07 61.37
C GLY Q 75 -32.36 3.55 61.23
N SER Q 76 -32.77 3.09 60.07
CA SER Q 76 -32.85 1.65 59.77
C SER Q 76 -32.39 1.35 58.35
N PHE Q 77 -32.05 0.08 58.09
CA PHE Q 77 -31.61 -0.36 56.77
C PHE Q 77 -32.76 -0.36 55.76
N PHE Q 78 -33.96 -0.70 56.22
CA PHE Q 78 -35.16 -0.63 55.40
C PHE Q 78 -35.74 0.79 55.34
N ARG Q 79 -35.27 1.63 56.26
CA ARG Q 79 -35.58 3.07 56.29
C ARG Q 79 -37.06 3.40 56.60
N ARG Q 80 -37.71 2.50 57.34
CA ARG Q 80 -39.05 2.77 57.88
C ARG Q 80 -39.31 2.00 59.18
N GLU Q 81 -40.41 2.36 59.86
CA GLU Q 81 -40.79 1.75 61.13
C GLU Q 81 -41.16 0.28 60.95
N GLY Q 82 -40.37 -0.60 61.57
CA GLY Q 82 -40.59 -2.04 61.49
C GLY Q 82 -41.64 -2.49 62.49
N ARG Q 83 -41.21 -3.25 63.49
CA ARG Q 83 -42.10 -3.76 64.54
C ARG Q 83 -41.70 -3.20 65.91
N PRO Q 84 -42.71 -2.94 66.79
CA PRO Q 84 -42.53 -2.32 68.11
C PRO Q 84 -41.29 -2.76 68.88
N SER Q 85 -40.59 -1.80 69.46
CA SER Q 85 -39.38 -2.05 70.25
C SER Q 85 -39.72 -2.29 71.72
N GLU Q 86 -38.72 -2.18 72.58
CA GLU Q 86 -38.88 -2.39 74.03
C GLU Q 86 -39.73 -1.31 74.68
N GLY Q 87 -39.57 -0.07 74.21
CA GLY Q 87 -40.31 1.07 74.74
C GLY Q 87 -41.77 1.10 74.30
N GLU Q 88 -41.99 0.86 73.02
CA GLU Q 88 -43.33 0.91 72.42
C GLU Q 88 -44.30 -0.14 73.00
N THR Q 89 -43.75 -1.25 73.48
CA THR Q 89 -44.55 -2.31 74.10
C THR Q 89 -44.98 -1.92 75.52
N LEU Q 90 -44.17 -1.12 76.18
CA LEU Q 90 -44.42 -0.69 77.56
C LEU Q 90 -45.61 0.27 77.67
N ILE Q 91 -45.71 1.21 76.74
CA ILE Q 91 -46.85 2.12 76.67
C ILE Q 91 -48.11 1.37 76.22
N ALA Q 92 -47.92 0.38 75.33
CA ALA Q 92 -49.00 -0.50 74.90
C ALA Q 92 -49.60 -1.28 76.08
N ARG Q 93 -48.74 -1.68 77.01
CA ARG Q 93 -49.16 -2.32 78.25
C ARG Q 93 -49.78 -1.31 79.22
N LEU Q 94 -49.32 -0.07 79.14
CA LEU Q 94 -49.82 1.02 80.00
C LEU Q 94 -51.24 1.44 79.61
N ILE Q 95 -51.61 1.15 78.37
CA ILE Q 95 -52.97 1.42 77.86
C ILE Q 95 -53.89 0.23 78.11
N ASP Q 96 -53.36 -0.98 77.90
CA ASP Q 96 -54.13 -2.22 77.98
C ASP Q 96 -54.53 -2.59 79.42
N ARG Q 97 -53.67 -2.27 80.37
CA ARG Q 97 -53.86 -2.69 81.77
C ARG Q 97 -55.13 -2.14 82.45
N PRO Q 98 -55.37 -0.81 82.38
CA PRO Q 98 -56.55 -0.27 83.06
C PRO Q 98 -57.89 -0.53 82.36
N ILE Q 99 -57.86 -0.72 81.04
CA ILE Q 99 -59.10 -0.86 80.25
C ILE Q 99 -59.71 -2.27 80.25
N ARG Q 100 -58.87 -3.28 80.49
CA ARG Q 100 -59.30 -4.68 80.43
C ARG Q 100 -60.34 -5.10 81.48
N PRO Q 101 -60.14 -4.72 82.77
CA PRO Q 101 -61.12 -5.12 83.79
C PRO Q 101 -62.45 -4.36 83.69
N LEU Q 102 -62.48 -3.30 82.89
CA LEU Q 102 -63.68 -2.47 82.72
C LEU Q 102 -64.75 -3.13 81.85
N PHE Q 103 -64.32 -4.02 80.95
CA PHE Q 103 -65.24 -4.80 80.13
C PHE Q 103 -66.00 -5.81 81.00
N PRO Q 104 -67.33 -5.88 80.85
CA PRO Q 104 -68.16 -6.80 81.64
C PRO Q 104 -67.80 -8.26 81.40
N GLU Q 105 -67.89 -9.07 82.45
CA GLU Q 105 -67.55 -10.49 82.37
C GLU Q 105 -68.60 -11.26 81.59
N GLY Q 106 -68.13 -12.03 80.61
CA GLY Q 106 -69.01 -12.76 79.69
C GLY Q 106 -68.87 -12.27 78.26
N PHE Q 107 -68.32 -11.07 78.10
CA PHE Q 107 -68.08 -10.47 76.79
C PHE Q 107 -66.88 -11.13 76.12
N VAL Q 108 -67.11 -11.72 74.95
CA VAL Q 108 -66.08 -12.50 74.25
C VAL Q 108 -65.78 -12.00 72.82
N ASN Q 109 -66.36 -10.86 72.45
CA ASN Q 109 -66.15 -10.26 71.14
C ASN Q 109 -64.76 -9.66 71.00
N GLU Q 110 -64.16 -9.83 69.81
CA GLU Q 110 -62.80 -9.35 69.54
C GLU Q 110 -62.77 -7.84 69.31
N VAL Q 111 -62.05 -7.14 70.19
CA VAL Q 111 -61.85 -5.69 70.08
C VAL Q 111 -60.37 -5.34 70.14
N GLN Q 112 -59.97 -4.35 69.35
CA GLN Q 112 -58.57 -3.89 69.35
C GLN Q 112 -58.46 -2.37 69.39
N VAL Q 113 -57.41 -1.90 70.07
CA VAL Q 113 -57.13 -0.47 70.19
C VAL Q 113 -55.81 -0.15 69.49
N ILE Q 114 -55.90 0.57 68.37
CA ILE Q 114 -54.72 0.94 67.59
C ILE Q 114 -54.37 2.41 67.84
N ALA Q 115 -53.31 2.62 68.62
CA ALA Q 115 -52.83 3.96 68.94
C ALA Q 115 -51.53 4.26 68.20
N THR Q 116 -51.57 5.26 67.33
CA THR Q 116 -50.40 5.66 66.56
C THR Q 116 -50.01 7.12 66.82
N VAL Q 117 -48.72 7.34 67.03
CA VAL Q 117 -48.19 8.69 67.24
C VAL Q 117 -47.95 9.34 65.88
N VAL Q 118 -48.69 10.42 65.62
CA VAL Q 118 -48.65 11.11 64.34
C VAL Q 118 -48.04 12.52 64.47
N SER Q 119 -48.02 13.03 65.71
CA SER Q 119 -47.39 14.31 66.03
C SER Q 119 -46.86 14.27 67.46
N VAL Q 120 -45.63 14.71 67.66
CA VAL Q 120 -45.01 14.70 68.99
C VAL Q 120 -44.23 15.98 69.29
N ASN Q 121 -44.43 16.50 70.49
CA ASN Q 121 -43.62 17.60 71.02
C ASN Q 121 -42.59 17.03 71.99
N PRO Q 122 -41.29 17.29 71.72
CA PRO Q 122 -40.17 16.75 72.50
C PRO Q 122 -40.19 17.08 74.00
N GLN Q 123 -41.13 17.92 74.41
CA GLN Q 123 -41.25 18.33 75.81
C GLN Q 123 -42.37 17.58 76.54
N VAL Q 124 -43.41 17.20 75.81
CA VAL Q 124 -44.56 16.49 76.39
C VAL Q 124 -44.56 15.02 75.97
N ASN Q 125 -44.62 14.13 76.97
CA ASN Q 125 -44.62 12.69 76.76
C ASN Q 125 -45.96 12.19 76.20
N PRO Q 126 -45.93 11.38 75.13
CA PRO Q 126 -47.16 10.88 74.51
C PRO Q 126 -47.74 9.63 75.18
N ASP Q 127 -47.20 9.23 76.32
CA ASP Q 127 -47.65 8.02 77.01
C ASP Q 127 -49.04 8.16 77.64
N ILE Q 128 -49.35 9.33 78.19
CA ILE Q 128 -50.68 9.60 78.75
C ILE Q 128 -51.66 10.11 77.69
N VAL Q 129 -51.13 10.70 76.62
CA VAL Q 129 -51.94 11.20 75.51
C VAL Q 129 -52.61 10.03 74.77
N ALA Q 130 -51.89 8.92 74.65
CA ALA Q 130 -52.42 7.70 74.05
C ALA Q 130 -53.43 7.01 74.96
N MET Q 131 -53.25 7.18 76.27
CA MET Q 131 -54.17 6.61 77.27
C MET Q 131 -55.51 7.34 77.29
N ILE Q 132 -55.48 8.66 77.12
CA ILE Q 132 -56.69 9.48 77.01
C ILE Q 132 -57.40 9.17 75.69
N GLY Q 133 -56.61 8.90 74.65
CA GLY Q 133 -57.12 8.54 73.33
C GLY Q 133 -57.96 7.27 73.33
N ALA Q 134 -57.48 6.25 74.04
CA ALA Q 134 -58.20 4.99 74.19
C ALA Q 134 -59.42 5.14 75.10
N SER Q 135 -59.31 6.04 76.08
CA SER Q 135 -60.40 6.34 77.01
C SER Q 135 -61.57 7.02 76.31
N ALA Q 136 -61.26 7.86 75.33
CA ALA Q 136 -62.28 8.58 74.56
C ALA Q 136 -62.87 7.72 73.44
N ALA Q 137 -62.04 6.89 72.82
CA ALA Q 137 -62.46 6.05 71.71
C ALA Q 137 -63.35 4.88 72.14
N LEU Q 138 -63.01 4.26 73.27
CA LEU Q 138 -63.81 3.15 73.80
C LEU Q 138 -65.15 3.61 74.38
N SER Q 139 -65.23 4.89 74.73
CA SER Q 139 -66.46 5.48 75.26
C SER Q 139 -67.45 5.86 74.16
N LEU Q 140 -66.92 6.28 73.00
CA LEU Q 140 -67.74 6.64 71.85
C LEU Q 140 -68.03 5.48 70.91
N SER Q 141 -67.42 4.33 71.18
CA SER Q 141 -67.58 3.14 70.33
C SER Q 141 -68.95 2.48 70.47
N GLY Q 142 -69.52 2.53 71.67
CA GLY Q 142 -70.79 1.88 71.96
C GLY Q 142 -70.60 0.51 72.59
N ILE Q 143 -69.42 -0.07 72.38
CA ILE Q 143 -69.04 -1.35 72.96
C ILE Q 143 -69.06 -1.25 74.49
N PRO Q 144 -69.78 -2.18 75.16
CA PRO Q 144 -69.92 -2.19 76.62
C PRO Q 144 -68.59 -1.92 77.35
N PHE Q 145 -68.46 -0.69 77.84
CA PHE Q 145 -67.24 -0.24 78.51
C PHE Q 145 -67.61 0.62 79.71
N ASN Q 146 -67.12 0.24 80.88
CA ASN Q 146 -67.47 0.91 82.14
C ASN Q 146 -66.60 2.13 82.47
N GLY Q 147 -66.10 2.79 81.43
CA GLY Q 147 -65.26 3.98 81.59
C GLY Q 147 -66.05 5.26 81.73
N PRO Q 148 -65.44 6.40 81.36
CA PRO Q 148 -64.07 6.55 80.87
C PRO Q 148 -63.04 6.65 81.99
N ILE Q 149 -61.77 6.57 81.63
CA ILE Q 149 -60.66 6.66 82.59
C ILE Q 149 -59.81 7.92 82.39
N GLY Q 150 -59.11 8.33 83.44
CA GLY Q 150 -58.20 9.46 83.37
C GLY Q 150 -56.75 9.02 83.35
N ALA Q 151 -55.89 9.85 82.77
CA ALA Q 151 -54.46 9.57 82.70
C ALA Q 151 -53.65 10.75 83.23
N ALA Q 152 -52.81 10.48 84.22
CA ALA Q 152 -51.99 11.51 84.86
C ALA Q 152 -50.67 10.98 85.39
N ARG Q 153 -49.59 11.69 85.07
CA ARG Q 153 -48.28 11.42 85.65
C ARG Q 153 -47.94 12.53 86.64
N VAL Q 154 -47.32 12.15 87.76
CA VAL Q 154 -47.02 13.12 88.82
C VAL Q 154 -45.57 13.01 89.33
N GLY Q 155 -44.91 14.16 89.44
CA GLY Q 155 -43.55 14.24 89.97
C GLY Q 155 -43.53 14.62 91.43
N TYR Q 156 -42.32 14.76 91.99
CA TYR Q 156 -42.15 15.12 93.39
C TYR Q 156 -40.95 16.05 93.56
N ILE Q 157 -41.15 17.32 93.19
CA ILE Q 157 -40.10 18.33 93.27
C ILE Q 157 -40.19 19.07 94.60
N ASN Q 158 -39.04 19.19 95.27
CA ASN Q 158 -38.91 19.83 96.59
C ASN Q 158 -40.07 19.57 97.58
N ASP Q 159 -40.38 18.29 97.77
CA ASP Q 159 -41.46 17.83 98.66
C ASP Q 159 -42.84 18.41 98.28
N GLN Q 160 -43.15 18.37 96.99
CA GLN Q 160 -44.43 18.86 96.46
C GLN Q 160 -44.83 18.10 95.21
N TYR Q 161 -46.11 17.71 95.15
CA TYR Q 161 -46.64 16.96 94.01
C TYR Q 161 -46.96 17.90 92.84
N VAL Q 162 -46.39 17.61 91.67
CA VAL Q 162 -46.60 18.42 90.47
C VAL Q 162 -47.24 17.58 89.36
N LEU Q 163 -48.40 18.04 88.88
CA LEU Q 163 -49.15 17.35 87.84
C LEU Q 163 -48.50 17.50 86.47
N ASN Q 164 -48.28 16.36 85.81
CA ASN Q 164 -47.69 16.28 84.46
C ASN Q 164 -46.44 17.14 84.26
N PRO Q 165 -45.29 16.71 84.82
CA PRO Q 165 -44.04 17.44 84.64
C PRO Q 165 -43.42 17.17 83.28
N THR Q 166 -42.73 18.18 82.74
CA THR Q 166 -42.03 18.04 81.46
C THR Q 166 -40.75 17.21 81.64
N GLN Q 167 -40.11 16.85 80.53
CA GLN Q 167 -38.89 16.06 80.55
C GLN Q 167 -37.72 16.81 81.21
N ASP Q 168 -37.76 18.14 81.13
CA ASP Q 168 -36.79 18.99 81.80
C ASP Q 168 -37.09 19.11 83.30
N GLU Q 169 -38.35 18.92 83.66
CA GLU Q 169 -38.79 18.96 85.06
C GLU Q 169 -38.67 17.58 85.72
N LEU Q 170 -38.65 16.53 84.90
CA LEU Q 170 -38.60 15.15 85.38
C LEU Q 170 -37.24 14.78 85.97
N LYS Q 171 -36.18 15.37 85.42
CA LYS Q 171 -34.81 15.14 85.91
C LYS Q 171 -34.54 15.85 87.24
N GLU Q 172 -35.41 16.81 87.58
CA GLU Q 172 -35.33 17.54 88.85
C GLU Q 172 -36.17 16.85 89.93
N SER Q 173 -37.14 16.04 89.51
CA SER Q 173 -38.03 15.34 90.43
C SER Q 173 -37.44 14.00 90.90
N LYS Q 174 -37.96 13.49 92.02
CA LYS Q 174 -37.51 12.23 92.59
C LYS Q 174 -38.51 11.08 92.35
N LEU Q 175 -39.67 11.43 91.79
CA LEU Q 175 -40.73 10.45 91.56
C LEU Q 175 -41.32 10.56 90.15
N ASP Q 176 -41.68 9.41 89.57
CA ASP Q 176 -42.33 9.35 88.27
C ASP Q 176 -43.33 8.19 88.22
N LEU Q 177 -44.60 8.51 88.50
CA LEU Q 177 -45.65 7.51 88.46
C LEU Q 177 -46.81 7.90 87.55
N VAL Q 178 -47.34 6.93 86.82
CA VAL Q 178 -48.50 7.12 85.95
C VAL Q 178 -49.71 6.42 86.57
N VAL Q 179 -50.75 7.20 86.85
CA VAL Q 179 -51.96 6.68 87.50
C VAL Q 179 -53.15 6.68 86.55
N ALA Q 180 -53.97 5.63 86.65
CA ALA Q 180 -55.17 5.48 85.82
C ALA Q 180 -56.34 4.93 86.63
N GLY Q 181 -57.54 5.36 86.27
CA GLY Q 181 -58.76 4.91 86.96
C GLY Q 181 -59.99 5.72 86.60
N THR Q 182 -61.15 5.21 87.00
CA THR Q 182 -62.43 5.87 86.73
C THR Q 182 -62.73 6.96 87.77
N GLU Q 183 -63.96 7.48 87.71
CA GLU Q 183 -64.44 8.49 88.67
C GLU Q 183 -64.58 7.89 90.08
N ALA Q 184 -64.92 6.61 90.14
CA ALA Q 184 -65.13 5.92 91.41
C ALA Q 184 -63.84 5.59 92.15
N ALA Q 185 -62.93 4.88 91.47
CA ALA Q 185 -61.69 4.41 92.10
C ALA Q 185 -60.52 4.27 91.13
N VAL Q 186 -59.33 4.06 91.69
CA VAL Q 186 -58.10 3.84 90.92
C VAL Q 186 -58.09 2.43 90.32
N LEU Q 187 -57.55 2.31 89.11
CA LEU Q 187 -57.49 1.03 88.40
C LEU Q 187 -56.08 0.57 88.04
N MET Q 188 -55.17 1.52 87.84
CA MET Q 188 -53.81 1.21 87.39
C MET Q 188 -52.78 2.23 87.89
N VAL Q 189 -51.68 1.73 88.43
CA VAL Q 189 -50.54 2.56 88.85
C VAL Q 189 -49.24 1.91 88.40
N GLU Q 190 -48.35 2.71 87.79
CA GLU Q 190 -47.02 2.26 87.40
C GLU Q 190 -46.00 3.33 87.79
N SER Q 191 -45.07 2.99 88.67
CA SER Q 191 -44.21 4.00 89.30
C SER Q 191 -42.72 3.64 89.41
N GLU Q 192 -41.90 4.68 89.52
CA GLU Q 192 -40.50 4.58 89.93
C GLU Q 192 -40.17 5.73 90.88
N ALA Q 193 -39.51 5.41 91.99
CA ALA Q 193 -39.23 6.40 93.03
C ALA Q 193 -37.79 6.32 93.55
N GLN Q 194 -37.29 7.45 94.06
CA GLN Q 194 -35.97 7.51 94.65
C GLN Q 194 -36.03 7.41 96.18
N LEU Q 195 -36.39 6.22 96.66
CA LEU Q 195 -36.51 5.91 98.09
C LEU Q 195 -37.43 6.87 98.85
N LEU Q 196 -38.74 6.72 98.61
CA LEU Q 196 -39.75 7.56 99.26
C LEU Q 196 -40.58 6.75 100.25
N SER Q 197 -41.12 7.44 101.26
CA SER Q 197 -41.93 6.79 102.29
C SER Q 197 -43.31 6.36 101.77
N GLU Q 198 -43.99 5.53 102.56
CA GLU Q 198 -45.31 4.99 102.20
C GLU Q 198 -46.38 6.04 102.01
N ASP Q 199 -46.38 7.05 102.90
CA ASP Q 199 -47.35 8.14 102.85
C ASP Q 199 -47.13 9.08 101.66
N GLN Q 200 -45.87 9.20 101.24
CA GLN Q 200 -45.52 10.01 100.07
C GLN Q 200 -45.90 9.32 98.76
N MET Q 201 -45.91 7.98 98.79
CA MET Q 201 -46.30 7.18 97.63
C MET Q 201 -47.82 7.01 97.53
N LEU Q 202 -48.48 6.93 98.69
CA LEU Q 202 -49.93 6.77 98.76
C LEU Q 202 -50.64 8.08 98.39
N GLY Q 203 -50.10 9.20 98.84
CA GLY Q 203 -50.65 10.52 98.55
C GLY Q 203 -50.47 10.96 97.11
N ALA Q 204 -49.44 10.43 96.47
CA ALA Q 204 -49.14 10.74 95.06
C ALA Q 204 -50.14 10.07 94.12
N VAL Q 205 -50.60 8.88 94.48
CA VAL Q 205 -51.62 8.15 93.72
C VAL Q 205 -52.96 8.88 93.82
N VAL Q 206 -53.27 9.37 95.03
CA VAL Q 206 -54.49 10.12 95.31
C VAL Q 206 -54.51 11.46 94.57
N PHE Q 207 -53.40 12.18 94.62
CA PHE Q 207 -53.25 13.48 93.96
C PHE Q 207 -53.46 13.39 92.45
N GLY Q 208 -52.84 12.40 91.82
CA GLY Q 208 -52.97 12.17 90.38
C GLY Q 208 -54.35 11.73 89.97
N HIS Q 209 -55.01 10.96 90.84
CA HIS Q 209 -56.37 10.48 90.61
C HIS Q 209 -57.40 11.61 90.71
N GLU Q 210 -57.14 12.57 91.58
CA GLU Q 210 -58.02 13.72 91.75
C GLU Q 210 -57.86 14.75 90.63
N GLN Q 211 -56.67 14.78 90.03
CA GLN Q 211 -56.36 15.71 88.94
C GLN Q 211 -56.78 15.19 87.57
N GLN Q 212 -56.87 13.87 87.43
CA GLN Q 212 -57.30 13.25 86.17
C GLN Q 212 -58.83 13.21 86.05
N GLN Q 213 -59.52 13.77 87.04
CA GLN Q 213 -60.98 13.81 87.08
C GLN Q 213 -61.58 14.68 85.97
N VAL Q 214 -60.88 15.74 85.60
CA VAL Q 214 -61.32 16.66 84.54
C VAL Q 214 -61.25 16.03 83.14
N VAL Q 215 -60.41 15.01 82.99
CA VAL Q 215 -60.32 14.24 81.75
C VAL Q 215 -61.57 13.38 81.59
N ILE Q 216 -61.95 12.69 82.66
CA ILE Q 216 -63.14 11.83 82.68
C ILE Q 216 -64.42 12.66 82.54
N GLN Q 217 -64.44 13.82 83.16
CA GLN Q 217 -65.62 14.69 83.17
C GLN Q 217 -65.88 15.35 81.81
N ASN Q 218 -64.83 15.56 81.03
CA ASN Q 218 -64.94 16.17 79.70
C ASN Q 218 -65.21 15.18 78.57
N ILE Q 219 -64.77 13.93 78.73
CA ILE Q 219 -65.06 12.87 77.78
C ILE Q 219 -66.54 12.49 77.85
N ASN Q 220 -67.07 12.39 79.06
CA ASN Q 220 -68.48 12.10 79.30
C ASN Q 220 -69.45 13.09 78.65
N GLU Q 221 -69.03 14.35 78.58
CA GLU Q 221 -69.82 15.39 77.93
C GLU Q 221 -69.79 15.26 76.41
N LEU Q 222 -68.69 14.71 75.88
CA LEU Q 222 -68.54 14.48 74.44
C LEU Q 222 -69.34 13.26 73.99
N VAL Q 223 -69.44 12.26 74.88
CA VAL Q 223 -70.28 11.07 74.64
C VAL Q 223 -71.75 11.46 74.63
N LYS Q 224 -72.12 12.40 75.50
CA LYS Q 224 -73.48 12.92 75.59
C LYS Q 224 -73.86 13.76 74.37
N GLU Q 225 -72.86 14.33 73.71
CA GLU Q 225 -73.08 15.18 72.54
C GLU Q 225 -73.14 14.40 71.22
N ALA Q 226 -72.12 13.59 70.95
CA ALA Q 226 -72.02 12.87 69.69
C ALA Q 226 -71.44 11.45 69.83
N GLY Q 227 -71.88 10.74 70.87
CA GLY Q 227 -71.47 9.35 71.08
C GLY Q 227 -72.42 8.38 70.41
N LYS Q 228 -71.86 7.33 69.81
CA LYS Q 228 -72.65 6.29 69.14
C LYS Q 228 -73.50 5.52 70.14
N PRO Q 229 -74.71 5.09 69.71
CA PRO Q 229 -75.62 4.32 70.58
C PRO Q 229 -74.95 3.08 71.16
N ARG Q 230 -75.18 2.85 72.46
CA ARG Q 230 -74.57 1.73 73.18
C ARG Q 230 -75.07 0.39 72.66
N TRP Q 231 -74.14 -0.56 72.54
CA TRP Q 231 -74.43 -1.90 72.01
C TRP Q 231 -75.50 -2.62 72.82
N ASP Q 232 -76.49 -3.16 72.12
CA ASP Q 232 -77.57 -3.93 72.75
C ASP Q 232 -77.08 -5.35 73.06
N TRP Q 233 -76.20 -5.44 74.05
CA TRP Q 233 -75.62 -6.72 74.46
C TRP Q 233 -76.03 -7.08 75.88
N GLN Q 234 -76.42 -8.34 76.06
CA GLN Q 234 -76.81 -8.86 77.36
C GLN Q 234 -76.21 -10.25 77.58
N PRO Q 235 -75.51 -10.45 78.71
CA PRO Q 235 -74.87 -11.74 79.01
C PRO Q 235 -75.89 -12.85 79.26
N GLU Q 236 -75.44 -14.10 79.09
CA GLU Q 236 -76.30 -15.27 79.29
C GLU Q 236 -76.84 -15.35 80.72
N PRO Q 237 -78.16 -15.57 80.86
CA PRO Q 237 -78.80 -15.66 82.17
C PRO Q 237 -78.30 -16.83 83.01
N VAL Q 238 -78.31 -16.66 84.33
CA VAL Q 238 -77.82 -17.68 85.26
C VAL Q 238 -78.74 -18.91 85.29
N ASN Q 239 -78.16 -20.07 84.96
CA ASN Q 239 -78.91 -21.32 84.95
C ASN Q 239 -78.85 -21.97 86.33
N GLU Q 240 -79.87 -21.66 87.15
CA GLU Q 240 -79.93 -22.11 88.54
C GLU Q 240 -80.07 -23.62 88.68
N ALA Q 241 -80.80 -24.25 87.75
CA ALA Q 241 -81.00 -25.69 87.74
C ALA Q 241 -79.74 -26.44 87.32
N LEU Q 242 -78.89 -25.79 86.54
CA LEU Q 242 -77.65 -26.38 86.04
C LEU Q 242 -76.49 -26.15 87.01
N ASN Q 243 -76.46 -24.96 87.63
CA ASN Q 243 -75.40 -24.59 88.57
C ASN Q 243 -75.39 -25.44 89.85
N ALA Q 244 -76.58 -25.71 90.38
CA ALA Q 244 -76.73 -26.55 91.57
C ALA Q 244 -76.47 -28.03 91.26
N ARG Q 245 -76.69 -28.39 89.99
CA ARG Q 245 -76.44 -29.75 89.51
C ARG Q 245 -74.94 -30.04 89.39
N VAL Q 246 -74.19 -29.06 88.88
CA VAL Q 246 -72.74 -29.17 88.74
C VAL Q 246 -72.05 -29.12 90.10
N ALA Q 247 -72.46 -28.17 90.93
CA ALA Q 247 -71.89 -27.97 92.27
C ALA Q 247 -72.01 -29.20 93.17
N ALA Q 248 -73.12 -29.92 93.04
CA ALA Q 248 -73.38 -31.15 93.82
C ALA Q 248 -72.33 -32.23 93.58
N LEU Q 249 -71.65 -32.16 92.44
CA LEU Q 249 -70.61 -33.11 92.08
C LEU Q 249 -69.21 -32.48 92.02
N ALA Q 250 -69.16 -31.15 92.19
CA ALA Q 250 -67.90 -30.41 92.04
C ALA Q 250 -67.42 -29.72 93.32
N GLU Q 251 -68.29 -28.91 93.94
CA GLU Q 251 -67.89 -28.06 95.07
C GLU Q 251 -67.36 -28.82 96.30
N ALA Q 252 -67.80 -30.07 96.45
CA ALA Q 252 -67.33 -30.94 97.54
C ALA Q 252 -65.90 -31.40 97.30
N ARG Q 253 -65.60 -31.74 96.05
CA ARG Q 253 -64.25 -32.17 95.65
C ARG Q 253 -63.28 -30.98 95.58
N LEU Q 254 -63.78 -29.84 95.14
CA LEU Q 254 -62.97 -28.63 94.95
C LEU Q 254 -62.58 -27.96 96.28
N SER Q 255 -63.37 -28.23 97.33
CA SER Q 255 -63.09 -27.68 98.66
C SER Q 255 -61.85 -28.32 99.29
N ASP Q 256 -61.68 -29.62 99.05
CA ASP Q 256 -60.51 -30.36 99.54
C ASP Q 256 -59.33 -30.27 98.58
N ALA Q 257 -59.60 -29.88 97.33
CA ALA Q 257 -58.58 -29.75 96.30
C ALA Q 257 -57.65 -28.57 96.54
N TYR Q 258 -58.21 -27.47 97.03
CA TYR Q 258 -57.45 -26.25 97.30
C TYR Q 258 -56.90 -26.19 98.73
N ARG Q 259 -56.60 -27.35 99.29
CA ARG Q 259 -55.96 -27.47 100.60
C ARG Q 259 -54.57 -28.09 100.48
N ILE Q 260 -54.23 -28.56 99.28
CA ILE Q 260 -52.94 -29.15 99.00
C ILE Q 260 -51.86 -28.06 98.91
N THR Q 261 -50.73 -28.31 99.58
CA THR Q 261 -49.65 -27.33 99.67
C THR Q 261 -48.91 -27.13 98.35
N ASP Q 262 -48.51 -28.24 97.72
CA ASP Q 262 -47.75 -28.21 96.47
C ASP Q 262 -48.66 -27.90 95.28
N LYS Q 263 -48.12 -27.13 94.33
CA LYS Q 263 -48.86 -26.77 93.11
C LYS Q 263 -49.10 -27.97 92.21
N GLN Q 264 -48.05 -28.77 91.99
CA GLN Q 264 -48.10 -29.92 91.09
C GLN Q 264 -49.13 -30.97 91.49
N GLU Q 265 -49.29 -31.19 92.79
CA GLU Q 265 -50.28 -32.14 93.31
C GLU Q 265 -51.69 -31.54 93.31
N ARG Q 266 -51.78 -30.22 93.41
CA ARG Q 266 -53.05 -29.50 93.41
C ARG Q 266 -53.63 -29.39 91.99
N TYR Q 267 -52.78 -28.99 91.04
CA TYR Q 267 -53.19 -28.81 89.65
C TYR Q 267 -53.50 -30.12 88.93
N ALA Q 268 -52.89 -31.21 89.39
CA ALA Q 268 -53.18 -32.54 88.87
C ALA Q 268 -54.52 -33.06 89.38
N GLN Q 269 -54.81 -32.79 90.64
CA GLN Q 269 -56.06 -33.20 91.27
C GLN Q 269 -57.26 -32.40 90.78
N VAL Q 270 -57.06 -31.09 90.62
CA VAL Q 270 -58.12 -30.18 90.15
C VAL Q 270 -58.48 -30.43 88.68
N ASP Q 271 -57.54 -31.02 87.93
CA ASP Q 271 -57.77 -31.38 86.53
C ASP Q 271 -58.63 -32.65 86.42
N VAL Q 272 -58.47 -33.56 87.38
CA VAL Q 272 -59.26 -34.79 87.45
C VAL Q 272 -60.73 -34.46 87.73
N ILE Q 273 -60.96 -33.56 88.67
CA ILE Q 273 -62.31 -33.11 89.01
C ILE Q 273 -62.98 -32.40 87.83
N LYS Q 274 -62.20 -31.60 87.11
CA LYS Q 274 -62.67 -30.89 85.92
C LYS Q 274 -63.00 -31.82 84.75
N SER Q 275 -62.28 -32.94 84.66
CA SER Q 275 -62.44 -33.88 83.55
C SER Q 275 -63.46 -34.98 83.81
N GLU Q 276 -63.63 -35.36 85.07
CA GLU Q 276 -64.59 -36.42 85.44
C GLU Q 276 -66.03 -35.90 85.53
N THR Q 277 -66.18 -34.65 85.97
CA THR Q 277 -67.50 -34.04 86.08
C THR Q 277 -68.07 -33.69 84.71
N ILE Q 278 -67.20 -33.24 83.80
CA ILE Q 278 -67.60 -32.86 82.44
C ILE Q 278 -67.95 -34.08 81.58
N ALA Q 279 -67.36 -35.24 81.91
CA ALA Q 279 -67.60 -36.48 81.18
C ALA Q 279 -68.87 -37.19 81.65
N THR Q 280 -69.19 -37.04 82.94
CA THR Q 280 -70.38 -37.65 83.53
C THR Q 280 -71.65 -36.93 83.06
N LEU Q 281 -71.57 -35.60 82.93
CA LEU Q 281 -72.69 -34.79 82.47
C LEU Q 281 -73.01 -35.01 80.99
N LEU Q 282 -71.98 -35.31 80.19
CA LEU Q 282 -72.15 -35.64 78.78
C LEU Q 282 -72.74 -37.04 78.62
N ALA Q 283 -72.41 -37.93 79.56
CA ALA Q 283 -72.96 -39.29 79.59
C ALA Q 283 -74.45 -39.29 79.96
N GLU Q 284 -74.85 -38.28 80.72
CA GLU Q 284 -76.25 -38.10 81.11
C GLU Q 284 -77.05 -37.55 79.92
N ASP Q 285 -76.53 -36.47 79.32
CA ASP Q 285 -77.13 -35.87 78.12
C ASP Q 285 -76.09 -35.13 77.29
N GLU Q 286 -76.12 -35.34 75.98
CA GLU Q 286 -75.13 -34.76 75.06
C GLU Q 286 -75.56 -33.39 74.49
N THR Q 287 -76.70 -32.88 74.94
CA THR Q 287 -77.24 -31.61 74.47
C THR Q 287 -76.56 -30.39 75.12
N LEU Q 288 -75.73 -30.64 76.12
CA LEU Q 288 -75.04 -29.57 76.85
C LEU Q 288 -73.77 -29.10 76.13
N ASP Q 289 -73.38 -27.86 76.40
CA ASP Q 289 -72.19 -27.25 75.79
C ASP Q 289 -70.92 -27.66 76.54
N GLU Q 290 -69.83 -27.81 75.79
CA GLU Q 290 -68.54 -28.22 76.35
C GLU Q 290 -67.85 -27.09 77.14
N ASN Q 291 -67.77 -25.92 76.52
CA ASN Q 291 -67.07 -24.77 77.11
C ASN Q 291 -67.86 -24.06 78.22
N GLU Q 292 -69.18 -24.24 78.22
CA GLU Q 292 -70.06 -23.63 79.24
C GLU Q 292 -69.85 -24.27 80.61
N LEU Q 293 -69.66 -25.59 80.62
CA LEU Q 293 -69.45 -26.34 81.87
C LEU Q 293 -68.11 -26.02 82.52
N GLY Q 294 -67.12 -25.65 81.70
CA GLY Q 294 -65.82 -25.23 82.19
C GLY Q 294 -65.85 -23.86 82.86
N GLU Q 295 -66.77 -23.02 82.42
CA GLU Q 295 -66.97 -21.68 83.00
C GLU Q 295 -67.59 -21.75 84.39
N ILE Q 296 -68.46 -22.74 84.59
CA ILE Q 296 -69.11 -22.97 85.88
C ILE Q 296 -68.12 -23.54 86.89
N LEU Q 297 -67.27 -24.46 86.43
CA LEU Q 297 -66.23 -25.07 87.26
C LEU Q 297 -65.20 -24.04 87.73
N HIS Q 298 -64.88 -23.08 86.87
CA HIS Q 298 -63.99 -21.97 87.20
C HIS Q 298 -64.65 -21.00 88.17
N ALA Q 299 -65.97 -20.83 88.04
CA ALA Q 299 -66.74 -19.96 88.91
C ALA Q 299 -66.80 -20.49 90.35
N ILE Q 300 -66.86 -21.81 90.49
CA ILE Q 300 -66.83 -22.46 91.81
C ILE Q 300 -65.41 -22.40 92.39
N GLU Q 301 -64.41 -22.61 91.54
CA GLU Q 301 -63.00 -22.52 91.93
C GLU Q 301 -62.65 -21.15 92.52
N LYS Q 302 -63.25 -20.10 91.97
CA LYS Q 302 -63.10 -18.75 92.49
C LYS Q 302 -63.88 -18.59 93.80
N ASN Q 303 -65.07 -19.18 93.85
CA ASN Q 303 -65.96 -19.07 95.00
C ASN Q 303 -65.46 -19.83 96.24
N VAL Q 304 -64.73 -20.92 96.03
CA VAL Q 304 -64.20 -21.73 97.12
C VAL Q 304 -63.02 -21.06 97.82
N VAL Q 305 -62.06 -20.58 97.02
CA VAL Q 305 -60.82 -20.00 97.55
C VAL Q 305 -61.05 -18.68 98.30
N ARG Q 306 -61.79 -17.76 97.69
CA ARG Q 306 -61.99 -16.42 98.25
C ARG Q 306 -62.92 -16.38 99.48
N SER Q 307 -63.76 -17.41 99.61
CA SER Q 307 -64.65 -17.53 100.78
C SER Q 307 -63.89 -18.02 102.01
N ARG Q 308 -62.87 -18.84 101.78
CA ARG Q 308 -61.99 -19.33 102.85
C ARG Q 308 -61.15 -18.19 103.42
N VAL Q 309 -60.80 -17.25 102.55
CA VAL Q 309 -60.03 -16.06 102.92
C VAL Q 309 -60.87 -15.09 103.75
N LEU Q 310 -62.11 -14.87 103.30
CA LEU Q 310 -63.02 -13.93 103.95
C LEU Q 310 -63.48 -14.43 105.32
N ALA Q 311 -63.59 -15.74 105.47
CA ALA Q 311 -64.02 -16.37 106.72
C ALA Q 311 -62.99 -16.22 107.85
N GLY Q 312 -61.72 -16.27 107.49
CA GLY Q 312 -60.63 -16.17 108.46
C GLY Q 312 -59.81 -17.44 108.60
N GLU Q 313 -60.26 -18.50 107.92
CA GLU Q 313 -59.59 -19.80 107.95
C GLU Q 313 -58.29 -19.77 107.13
N PRO Q 314 -57.32 -20.66 107.46
CA PRO Q 314 -56.02 -20.71 106.77
C PRO Q 314 -56.18 -20.78 105.25
N ARG Q 315 -55.09 -20.47 104.54
CA ARG Q 315 -55.09 -20.40 103.08
C ARG Q 315 -54.78 -21.77 102.46
N ILE Q 316 -54.32 -21.76 101.22
CA ILE Q 316 -54.07 -22.99 100.46
C ILE Q 316 -52.80 -23.71 100.93
N ASP Q 317 -51.68 -22.98 100.97
CA ASP Q 317 -50.38 -23.56 101.29
C ASP Q 317 -50.13 -23.80 102.79
N GLY Q 318 -50.99 -23.22 103.63
CA GLY Q 318 -50.87 -23.39 105.08
C GLY Q 318 -50.78 -22.08 105.85
N ARG Q 319 -50.47 -21.00 105.13
CA ARG Q 319 -50.38 -19.67 105.74
C ARG Q 319 -51.77 -19.08 105.97
N GLU Q 320 -51.84 -17.85 106.47
CA GLU Q 320 -53.13 -17.23 106.82
C GLU Q 320 -53.27 -15.85 106.18
N LYS Q 321 -52.54 -14.87 106.70
CA LYS Q 321 -52.68 -13.48 106.24
C LYS Q 321 -51.36 -12.79 105.89
N ASP Q 322 -50.68 -12.26 106.92
CA ASP Q 322 -49.43 -11.54 106.73
C ASP Q 322 -48.20 -12.45 106.67
N MET Q 323 -48.40 -13.72 107.00
CA MET Q 323 -47.36 -14.73 106.96
C MET Q 323 -46.88 -14.97 105.52
N ILE Q 324 -45.57 -14.89 105.31
CA ILE Q 324 -44.97 -15.09 103.99
C ILE Q 324 -44.22 -16.42 103.92
N ARG Q 325 -43.94 -16.87 102.71
CA ARG Q 325 -43.24 -18.15 102.47
C ARG Q 325 -41.76 -18.08 102.83
N GLY Q 326 -41.13 -19.26 102.94
CA GLY Q 326 -39.72 -19.37 103.30
C GLY Q 326 -38.77 -18.81 102.26
N LEU Q 327 -37.58 -18.43 102.70
CA LEU Q 327 -36.58 -17.81 101.83
C LEU Q 327 -35.28 -18.61 101.77
N ASP Q 328 -34.65 -18.60 100.60
CA ASP Q 328 -33.37 -19.25 100.38
C ASP Q 328 -32.45 -18.34 99.57
N VAL Q 329 -31.44 -17.78 100.23
CA VAL Q 329 -30.52 -16.82 99.62
C VAL Q 329 -29.18 -17.48 99.34
N ARG Q 330 -28.76 -17.47 98.07
CA ARG Q 330 -27.48 -18.05 97.66
C ARG Q 330 -26.68 -17.08 96.79
N THR Q 331 -25.44 -16.83 97.19
CA THR Q 331 -24.55 -15.90 96.50
C THR Q 331 -23.29 -16.61 96.03
N GLY Q 332 -22.86 -16.31 94.80
CA GLY Q 332 -21.69 -16.92 94.23
C GLY Q 332 -21.97 -18.32 93.68
N VAL Q 333 -23.07 -18.45 92.96
CA VAL Q 333 -23.58 -19.76 92.57
C VAL Q 333 -22.88 -20.30 91.34
N LEU Q 334 -22.56 -19.40 90.41
CA LEU Q 334 -21.81 -19.76 89.21
C LEU Q 334 -20.31 -19.68 89.45
N PRO Q 335 -19.53 -19.79 88.39
CA PRO Q 335 -18.07 -19.62 88.46
C PRO Q 335 -17.59 -18.48 87.58
N ARG Q 336 -17.64 -18.67 86.27
CA ARG Q 336 -16.91 -17.84 85.34
C ARG Q 336 -17.74 -16.65 84.88
N THR Q 337 -18.26 -15.89 85.84
CA THR Q 337 -19.00 -14.66 85.54
C THR Q 337 -18.77 -13.62 86.63
N HIS Q 338 -19.09 -12.36 86.32
CA HIS Q 338 -18.89 -11.24 87.25
C HIS Q 338 -19.78 -11.35 88.49
N GLY Q 339 -21.09 -11.42 88.28
CA GLY Q 339 -22.05 -11.51 89.38
C GLY Q 339 -22.90 -12.77 89.33
N SER Q 340 -23.14 -13.34 90.50
CA SER Q 340 -23.93 -14.57 90.62
C SER Q 340 -24.92 -14.47 91.78
N ALA Q 341 -26.17 -14.86 91.52
CA ALA Q 341 -27.22 -14.85 92.53
C ALA Q 341 -28.27 -15.92 92.28
N LEU Q 342 -28.73 -16.54 93.37
CA LEU Q 342 -29.79 -17.54 93.32
C LEU Q 342 -30.77 -17.31 94.46
N PHE Q 343 -31.88 -16.63 94.13
CA PHE Q 343 -32.91 -16.30 95.11
C PHE Q 343 -34.11 -17.23 94.99
N THR Q 344 -34.58 -17.73 96.13
CA THR Q 344 -35.72 -18.64 96.15
C THR Q 344 -36.71 -18.26 97.28
N ARG Q 345 -37.93 -17.91 96.89
CA ARG Q 345 -38.99 -17.61 97.84
C ARG Q 345 -40.14 -18.61 97.68
N GLY Q 346 -40.26 -19.52 98.65
CA GLY Q 346 -41.28 -20.57 98.62
C GLY Q 346 -41.04 -21.56 97.50
N GLU Q 347 -41.75 -21.37 96.39
CA GLU Q 347 -41.57 -22.18 95.19
C GLU Q 347 -41.39 -21.32 93.93
N THR Q 348 -40.78 -20.15 94.11
CA THR Q 348 -40.35 -19.30 93.00
C THR Q 348 -38.83 -19.13 93.06
N GLN Q 349 -38.18 -19.33 91.92
CA GLN Q 349 -36.72 -19.26 91.85
C GLN Q 349 -36.26 -18.35 90.72
N ALA Q 350 -35.24 -17.55 91.00
CA ALA Q 350 -34.69 -16.61 90.01
C ALA Q 350 -33.17 -16.61 90.02
N LEU Q 351 -32.59 -17.11 88.93
CA LEU Q 351 -31.14 -17.10 88.74
C LEU Q 351 -30.73 -15.76 88.12
N VAL Q 352 -30.28 -14.85 88.97
CA VAL Q 352 -29.95 -13.48 88.55
C VAL Q 352 -28.43 -13.33 88.36
N THR Q 353 -28.06 -12.81 87.19
CA THR Q 353 -26.64 -12.64 86.82
C THR Q 353 -26.30 -11.17 86.59
N ALA Q 354 -25.09 -10.79 86.97
CA ALA Q 354 -24.59 -9.44 86.75
C ALA Q 354 -23.35 -9.45 85.88
N THR Q 355 -23.28 -8.53 84.91
CA THR Q 355 -22.17 -8.47 83.97
C THR Q 355 -21.64 -7.04 83.83
N LEU Q 356 -20.33 -6.88 84.00
CA LEU Q 356 -19.67 -5.59 83.87
C LEU Q 356 -19.16 -5.38 82.44
N GLY Q 357 -19.23 -4.15 81.96
CA GLY Q 357 -18.80 -3.80 80.61
C GLY Q 357 -18.17 -2.44 80.48
N THR Q 358 -18.10 -1.95 79.24
CA THR Q 358 -17.50 -0.66 78.92
C THR Q 358 -18.55 0.27 78.29
N ALA Q 359 -18.21 1.55 78.15
CA ALA Q 359 -19.10 2.56 77.56
C ALA Q 359 -19.48 2.26 76.11
N ARG Q 360 -18.70 1.42 75.45
CA ARG Q 360 -18.97 1.00 74.08
C ARG Q 360 -20.17 0.04 74.02
N ASP Q 361 -20.33 -0.75 75.09
CA ASP Q 361 -21.40 -1.74 75.18
C ASP Q 361 -22.75 -1.16 75.64
N ALA Q 362 -22.79 0.14 75.85
CA ALA Q 362 -24.01 0.83 76.26
C ALA Q 362 -25.05 0.84 75.16
N GLN Q 363 -26.30 0.54 75.52
CA GLN Q 363 -27.40 0.48 74.56
C GLN Q 363 -27.86 1.88 74.13
N VAL Q 364 -27.66 2.19 72.86
CA VAL Q 364 -28.12 3.45 72.28
C VAL Q 364 -29.56 3.31 71.79
N LEU Q 365 -30.44 4.10 72.38
CA LEU Q 365 -31.87 4.05 72.08
C LEU Q 365 -32.29 5.19 71.15
N ASP Q 366 -32.98 4.84 70.07
CA ASP Q 366 -33.52 5.81 69.13
C ASP Q 366 -34.98 6.13 69.46
N GLU Q 367 -35.20 6.63 70.67
CA GLU Q 367 -36.53 7.01 71.13
C GLU Q 367 -37.02 8.26 70.41
N LEU Q 368 -38.33 8.33 70.19
CA LEU Q 368 -38.95 9.42 69.44
C LEU Q 368 -38.84 10.77 70.16
N MET Q 369 -38.86 10.73 71.49
CA MET Q 369 -38.77 11.95 72.31
C MET Q 369 -37.34 12.49 72.33
N GLY Q 370 -36.35 11.60 72.29
CA GLY Q 370 -34.94 11.99 72.30
C GLY Q 370 -33.99 10.80 72.37
N GLU Q 371 -32.85 10.92 71.69
CA GLU Q 371 -31.84 9.88 71.67
C GLU Q 371 -31.05 9.86 72.99
N ARG Q 372 -30.97 8.69 73.60
CA ARG Q 372 -30.26 8.51 74.86
C ARG Q 372 -29.55 7.16 74.96
N THR Q 373 -28.42 7.14 75.68
CA THR Q 373 -27.66 5.91 75.91
C THR Q 373 -27.89 5.41 77.33
N ASP Q 374 -28.30 4.14 77.44
CA ASP Q 374 -28.61 3.54 78.74
C ASP Q 374 -27.42 2.80 79.31
N THR Q 375 -27.15 3.04 80.60
CA THR Q 375 -26.03 2.41 81.30
C THR Q 375 -26.49 1.12 81.99
N PHE Q 376 -27.53 1.23 82.82
CA PHE Q 376 -28.10 0.09 83.52
C PHE Q 376 -29.14 -0.61 82.64
N LEU Q 377 -28.93 -1.90 82.42
CA LEU Q 377 -29.85 -2.69 81.59
C LEU Q 377 -30.34 -3.93 82.34
N PHE Q 378 -31.65 -4.07 82.43
CA PHE Q 378 -32.27 -5.23 83.08
C PHE Q 378 -32.95 -6.12 82.05
N HIS Q 379 -32.64 -7.42 82.13
CA HIS Q 379 -33.16 -8.40 81.19
C HIS Q 379 -33.97 -9.47 81.90
N TYR Q 380 -35.25 -9.58 81.54
CA TYR Q 380 -36.18 -10.53 82.14
C TYR Q 380 -36.45 -11.67 81.16
N ASN Q 381 -36.21 -12.90 81.61
CA ASN Q 381 -36.48 -14.09 80.81
C ASN Q 381 -37.41 -15.07 81.52
N PHE Q 382 -38.53 -15.37 80.88
CA PHE Q 382 -39.52 -16.29 81.44
C PHE Q 382 -39.69 -17.52 80.55
N PRO Q 383 -38.92 -18.58 80.82
CA PRO Q 383 -38.98 -19.82 80.05
C PRO Q 383 -40.17 -20.70 80.45
N PRO Q 384 -40.62 -21.60 79.55
CA PRO Q 384 -41.79 -22.45 79.81
C PRO Q 384 -41.58 -23.52 80.89
N TYR Q 385 -40.32 -23.87 81.17
CA TYR Q 385 -40.02 -24.91 82.16
C TYR Q 385 -40.22 -24.47 83.62
N SER Q 386 -40.43 -23.17 83.82
CA SER Q 386 -40.65 -22.60 85.15
C SER Q 386 -41.99 -23.02 85.75
N VAL Q 387 -43.01 -23.07 84.92
CA VAL Q 387 -44.37 -23.46 85.34
C VAL Q 387 -44.62 -24.97 85.20
N GLY Q 388 -44.03 -25.57 84.18
CA GLY Q 388 -44.17 -27.01 83.94
C GLY Q 388 -44.87 -27.36 82.65
N GLU Q 389 -44.73 -26.48 81.65
CA GLU Q 389 -45.33 -26.69 80.33
C GLU Q 389 -44.31 -26.54 79.21
N THR Q 390 -44.73 -26.86 77.98
CA THR Q 390 -43.87 -26.74 76.81
C THR Q 390 -44.27 -25.54 75.96
N GLY Q 391 -43.28 -24.75 75.56
CA GLY Q 391 -43.52 -23.55 74.75
C GLY Q 391 -42.34 -23.17 73.87
N MET Q 392 -42.60 -22.34 72.87
CA MET Q 392 -41.55 -21.81 72.01
C MET Q 392 -40.84 -20.64 72.69
N VAL Q 393 -39.55 -20.47 72.37
CA VAL Q 393 -38.60 -19.87 73.31
C VAL Q 393 -37.65 -18.92 72.61
N GLY Q 394 -38.21 -18.06 71.75
CA GLY Q 394 -37.41 -17.27 70.84
C GLY Q 394 -37.43 -15.79 71.18
N SER Q 395 -38.33 -15.05 70.53
CA SER Q 395 -38.52 -13.64 70.84
C SER Q 395 -39.24 -13.45 72.17
N PRO Q 396 -38.88 -12.40 72.89
CA PRO Q 396 -39.47 -12.11 74.20
C PRO Q 396 -40.96 -11.77 74.11
N LYS Q 397 -41.75 -12.29 75.05
CA LYS Q 397 -43.19 -12.04 75.10
C LYS Q 397 -43.52 -10.62 75.57
N ARG Q 398 -44.79 -10.25 75.47
CA ARG Q 398 -45.27 -8.91 75.84
C ARG Q 398 -45.04 -8.59 77.32
N ARG Q 399 -45.34 -9.57 78.18
CA ARG Q 399 -45.12 -9.42 79.62
C ARG Q 399 -43.65 -9.64 80.01
N GLU Q 400 -42.91 -10.33 79.15
CA GLU Q 400 -41.50 -10.64 79.38
C GLU Q 400 -40.63 -9.38 79.28
N ILE Q 401 -41.06 -8.42 78.47
CA ILE Q 401 -40.38 -7.12 78.36
C ILE Q 401 -40.93 -6.17 79.43
N GLY Q 402 -42.22 -6.33 79.74
CA GLY Q 402 -42.91 -5.50 80.74
C GLY Q 402 -42.41 -5.69 82.15
N HIS Q 403 -42.13 -6.94 82.53
CA HIS Q 403 -41.59 -7.26 83.85
C HIS Q 403 -40.11 -6.87 83.99
N GLY Q 404 -39.44 -6.74 82.84
CA GLY Q 404 -38.02 -6.34 82.81
C GLY Q 404 -37.80 -4.91 83.26
N ARG Q 405 -38.69 -4.01 82.82
CA ARG Q 405 -38.63 -2.61 83.21
C ARG Q 405 -39.12 -2.42 84.66
N LEU Q 406 -40.05 -3.27 85.08
CA LEU Q 406 -40.57 -3.26 86.45
C LEU Q 406 -39.46 -3.56 87.47
N ALA Q 407 -38.64 -4.56 87.14
CA ALA Q 407 -37.50 -4.94 87.97
C ALA Q 407 -36.34 -3.96 87.82
N LYS Q 408 -36.30 -3.26 86.69
CA LYS Q 408 -35.29 -2.22 86.43
C LYS Q 408 -35.53 -1.00 87.32
N ARG Q 409 -36.79 -0.61 87.45
CA ARG Q 409 -37.18 0.56 88.26
C ARG Q 409 -37.03 0.30 89.76
N GLY Q 410 -37.03 -0.97 90.15
CA GLY Q 410 -36.86 -1.36 91.54
C GLY Q 410 -35.44 -1.22 92.05
N VAL Q 411 -34.48 -1.25 91.14
CA VAL Q 411 -33.05 -1.15 91.50
C VAL Q 411 -32.41 0.12 90.90
N LEU Q 412 -33.21 0.91 90.20
CA LEU Q 412 -32.74 2.12 89.52
C LEU Q 412 -32.28 3.21 90.50
N ALA Q 413 -33.02 3.37 91.59
CA ALA Q 413 -32.72 4.39 92.61
C ALA Q 413 -31.47 4.06 93.41
N VAL Q 414 -31.23 2.76 93.62
CA VAL Q 414 -30.10 2.28 94.39
C VAL Q 414 -28.81 2.34 93.58
N MET Q 415 -28.94 2.21 92.26
CA MET Q 415 -27.80 2.17 91.33
C MET Q 415 -27.01 3.48 91.34
N PRO Q 416 -25.67 3.38 91.52
CA PRO Q 416 -24.77 4.54 91.52
C PRO Q 416 -24.64 5.22 90.16
N ASP Q 417 -24.12 6.44 90.16
CA ASP Q 417 -23.99 7.24 88.94
C ASP Q 417 -22.59 7.14 88.30
N MET Q 418 -22.39 7.92 87.24
CA MET Q 418 -21.13 7.92 86.47
C MET Q 418 -19.96 8.55 87.22
N ASP Q 419 -20.27 9.44 88.17
CA ASP Q 419 -19.25 10.17 88.93
C ASP Q 419 -18.41 9.28 89.85
N LYS Q 420 -19.00 8.19 90.31
CA LYS Q 420 -18.32 7.26 91.22
C LYS Q 420 -18.07 5.89 90.57
N PHE Q 421 -19.02 5.45 89.74
CA PHE Q 421 -18.93 4.13 89.11
C PHE Q 421 -19.29 4.19 87.62
N PRO Q 422 -18.27 4.35 86.75
CA PRO Q 422 -18.48 4.46 85.31
C PRO Q 422 -18.37 3.12 84.58
N TYR Q 423 -19.30 2.21 84.88
CA TYR Q 423 -19.34 0.90 84.23
C TYR Q 423 -20.77 0.55 83.80
N THR Q 424 -20.89 0.02 82.58
CA THR Q 424 -22.18 -0.43 82.05
C THR Q 424 -22.49 -1.83 82.57
N VAL Q 425 -23.56 -1.94 83.36
CA VAL Q 425 -23.93 -3.20 84.00
C VAL Q 425 -25.20 -3.78 83.40
N ARG Q 426 -25.10 -5.04 82.95
CA ARG Q 426 -26.24 -5.76 82.39
C ARG Q 426 -26.68 -6.85 83.37
N VAL Q 427 -27.93 -6.75 83.83
CA VAL Q 427 -28.48 -7.68 84.81
C VAL Q 427 -29.54 -8.57 84.15
N VAL Q 428 -29.28 -9.87 84.13
CA VAL Q 428 -30.20 -10.84 83.52
C VAL Q 428 -30.82 -11.75 84.58
N SER Q 429 -32.15 -11.79 84.62
CA SER Q 429 -32.87 -12.63 85.56
C SER Q 429 -33.48 -13.85 84.85
N GLU Q 430 -33.06 -15.04 85.30
CA GLU Q 430 -33.56 -16.29 84.74
C GLU Q 430 -34.50 -16.97 85.74
N ILE Q 431 -35.80 -16.89 85.45
CA ILE Q 431 -36.83 -17.50 86.31
C ILE Q 431 -36.82 -19.01 86.14
N THR Q 432 -36.53 -19.71 87.23
CA THR Q 432 -36.41 -21.17 87.23
C THR Q 432 -37.69 -21.84 87.73
N GLU Q 433 -38.39 -21.15 88.63
CA GLU Q 433 -39.66 -21.62 89.18
C GLU Q 433 -40.67 -20.49 89.24
N SER Q 434 -41.94 -20.80 88.95
CA SER Q 434 -42.99 -19.79 88.92
C SER Q 434 -44.39 -20.14 89.44
N ASN Q 435 -44.68 -19.70 90.66
CA ASN Q 435 -46.00 -19.82 91.27
C ASN Q 435 -46.48 -18.56 91.98
N GLY Q 436 -45.62 -18.01 92.84
CA GLY Q 436 -45.95 -16.83 93.63
C GLY Q 436 -45.99 -15.55 92.81
N SER Q 437 -44.91 -14.78 92.87
CA SER Q 437 -44.83 -13.51 92.16
C SER Q 437 -43.47 -13.30 91.50
N SER Q 438 -43.48 -13.22 90.17
CA SER Q 438 -42.28 -12.92 89.41
C SER Q 438 -42.11 -11.40 89.29
N SER Q 439 -41.06 -10.97 88.60
CA SER Q 439 -40.62 -9.56 88.58
C SER Q 439 -40.07 -9.15 89.94
N MET Q 440 -40.85 -9.41 90.99
CA MET Q 440 -40.37 -9.39 92.36
C MET Q 440 -39.62 -10.71 92.60
N ALA Q 441 -38.75 -10.73 93.61
CA ALA Q 441 -37.77 -11.81 93.82
C ALA Q 441 -36.71 -11.85 92.73
N SER Q 442 -36.88 -11.03 91.69
CA SER Q 442 -35.87 -10.83 90.67
C SER Q 442 -35.16 -9.54 91.09
N VAL Q 443 -35.91 -8.66 91.75
CA VAL Q 443 -35.36 -7.44 92.35
C VAL Q 443 -34.51 -7.82 93.57
N CYS Q 444 -34.97 -8.82 94.32
CA CYS Q 444 -34.25 -9.36 95.46
C CYS Q 444 -32.93 -9.99 95.01
N GLY Q 445 -32.97 -10.72 93.89
CA GLY Q 445 -31.78 -11.36 93.32
C GLY Q 445 -30.85 -10.38 92.63
N ALA Q 446 -31.40 -9.23 92.21
CA ALA Q 446 -30.62 -8.18 91.55
C ALA Q 446 -29.61 -7.53 92.50
N SER Q 447 -30.04 -7.31 93.74
CA SER Q 447 -29.18 -6.72 94.78
C SER Q 447 -28.08 -7.70 95.19
N LEU Q 448 -28.38 -9.00 95.14
CA LEU Q 448 -27.43 -10.04 95.47
C LEU Q 448 -26.40 -10.24 94.36
N ALA Q 449 -26.83 -10.02 93.11
CA ALA Q 449 -25.95 -10.16 91.95
C ALA Q 449 -24.98 -8.99 91.81
N LEU Q 450 -25.47 -7.78 92.11
CA LEU Q 450 -24.66 -6.56 92.04
C LEU Q 450 -23.58 -6.53 93.12
N MET Q 451 -23.91 -7.03 94.31
CA MET Q 451 -22.97 -7.10 95.42
C MET Q 451 -21.92 -8.19 95.20
N ASP Q 452 -22.31 -9.26 94.50
CA ASP Q 452 -21.39 -10.34 94.15
C ASP Q 452 -20.40 -9.91 93.07
N ALA Q 453 -20.86 -9.04 92.17
CA ALA Q 453 -20.03 -8.49 91.10
C ALA Q 453 -19.06 -7.44 91.64
N GLY Q 454 -19.47 -6.74 92.68
CA GLY Q 454 -18.65 -5.70 93.30
C GLY Q 454 -19.11 -4.29 92.96
N VAL Q 455 -20.38 -4.17 92.57
CA VAL Q 455 -20.98 -2.88 92.23
C VAL Q 455 -21.38 -2.14 93.51
N PRO Q 456 -20.79 -0.95 93.74
CA PRO Q 456 -21.06 -0.16 94.94
C PRO Q 456 -22.46 0.47 94.96
N ILE Q 457 -23.46 -0.35 95.23
CA ILE Q 457 -24.84 0.11 95.38
C ILE Q 457 -25.07 0.71 96.76
N LYS Q 458 -26.08 1.59 96.87
CA LYS Q 458 -26.37 2.31 98.11
C LYS Q 458 -26.72 1.39 99.27
N ALA Q 459 -27.71 0.52 99.05
CA ALA Q 459 -28.18 -0.42 100.07
C ALA Q 459 -28.80 -1.66 99.43
N ALA Q 460 -29.26 -2.60 100.26
CA ALA Q 460 -29.94 -3.80 99.79
C ALA Q 460 -31.39 -3.47 99.41
N VAL Q 461 -31.89 -4.12 98.37
CA VAL Q 461 -33.25 -3.88 97.88
C VAL Q 461 -34.04 -5.18 97.67
N ALA Q 462 -35.25 -5.21 98.22
CA ALA Q 462 -36.13 -6.38 98.13
C ALA Q 462 -37.53 -6.00 97.66
N GLY Q 463 -38.35 -7.00 97.31
CA GLY Q 463 -39.70 -6.76 96.83
C GLY Q 463 -40.64 -7.96 96.90
N ILE Q 464 -41.91 -7.67 97.19
CA ILE Q 464 -42.98 -8.69 97.26
C ILE Q 464 -44.32 -8.17 96.73
N ALA Q 465 -45.25 -9.09 96.48
CA ALA Q 465 -46.57 -8.75 95.96
C ALA Q 465 -47.69 -9.03 96.98
N MET Q 466 -48.75 -8.24 96.91
CA MET Q 466 -49.90 -8.38 97.79
C MET Q 466 -51.20 -8.63 97.01
N GLY Q 467 -52.17 -9.24 97.68
CA GLY Q 467 -53.49 -9.52 97.10
C GLY Q 467 -54.63 -9.10 98.00
N LEU Q 468 -55.82 -8.94 97.41
CA LEU Q 468 -57.00 -8.51 98.15
C LEU Q 468 -58.24 -9.32 97.77
N VAL Q 469 -59.02 -9.68 98.79
CA VAL Q 469 -60.30 -10.33 98.60
C VAL Q 469 -61.41 -9.45 99.17
N LYS Q 470 -62.28 -8.95 98.30
CA LYS Q 470 -63.33 -8.02 98.68
C LYS Q 470 -64.62 -8.32 97.89
N GLU Q 471 -65.64 -8.78 98.60
CA GLU Q 471 -66.93 -9.08 97.98
C GLU Q 471 -68.01 -8.08 98.40
N GLY Q 472 -68.16 -7.88 99.71
CA GLY Q 472 -69.02 -6.82 100.24
C GLY Q 472 -68.22 -5.53 100.26
N ASP Q 473 -67.93 -5.04 101.46
CA ASP Q 473 -66.92 -4.00 101.65
C ASP Q 473 -65.84 -4.48 102.61
N ASN Q 474 -66.00 -5.73 103.06
CA ASN Q 474 -65.02 -6.40 103.92
C ASN Q 474 -63.81 -6.83 103.10
N TYR Q 475 -62.62 -6.75 103.70
CA TYR Q 475 -61.38 -7.00 102.99
C TYR Q 475 -60.34 -7.74 103.84
N VAL Q 476 -59.60 -8.64 103.20
CA VAL Q 476 -58.48 -9.33 103.83
C VAL Q 476 -57.24 -9.23 102.94
N VAL Q 477 -56.22 -8.54 103.44
CA VAL Q 477 -54.99 -8.31 102.69
C VAL Q 477 -54.07 -9.53 102.80
N LEU Q 478 -53.68 -10.07 101.64
CA LEU Q 478 -52.83 -11.26 101.58
C LEU Q 478 -51.39 -10.90 101.23
N SER Q 479 -50.45 -11.56 101.92
CA SER Q 479 -49.02 -11.31 101.72
C SER Q 479 -48.36 -12.43 100.93
N ASP Q 480 -47.50 -12.05 99.99
CA ASP Q 480 -46.77 -12.98 99.11
C ASP Q 480 -47.70 -14.01 98.48
N ILE Q 481 -48.55 -13.53 97.57
CA ILE Q 481 -49.63 -14.32 96.98
C ILE Q 481 -49.18 -15.37 95.97
N LEU Q 482 -49.94 -16.47 95.88
CA LEU Q 482 -49.72 -17.52 94.90
C LEU Q 482 -50.34 -17.16 93.56
N GLY Q 483 -50.20 -18.06 92.58
CA GLY Q 483 -50.81 -17.88 91.26
C GLY Q 483 -52.32 -18.05 91.30
N ASP Q 484 -52.77 -18.94 92.18
CA ASP Q 484 -54.21 -19.16 92.40
C ASP Q 484 -54.83 -18.01 93.20
N GLU Q 485 -53.99 -17.30 93.94
CA GLU Q 485 -54.42 -16.13 94.71
C GLU Q 485 -54.35 -14.85 93.87
N ASP Q 486 -53.67 -14.94 92.73
CA ASP Q 486 -53.53 -13.80 91.83
C ASP Q 486 -54.59 -13.79 90.73
N HIS Q 487 -54.85 -14.97 90.14
CA HIS Q 487 -55.84 -15.11 89.07
C HIS Q 487 -57.26 -15.05 89.60
N LEU Q 488 -57.50 -15.67 90.75
CA LEU Q 488 -58.82 -15.68 91.38
C LEU Q 488 -59.00 -14.50 92.35
N GLY Q 489 -57.93 -13.76 92.58
CA GLY Q 489 -57.95 -12.58 93.45
C GLY Q 489 -58.51 -11.35 92.78
N ASP Q 490 -58.35 -10.20 93.43
CA ASP Q 490 -58.89 -8.93 92.93
C ASP Q 490 -57.83 -7.84 92.82
N MET Q 491 -56.63 -8.10 93.34
CA MET Q 491 -55.55 -7.12 93.33
C MET Q 491 -54.16 -7.75 93.24
N ASP Q 492 -53.29 -7.14 92.43
CA ASP Q 492 -51.88 -7.49 92.38
C ASP Q 492 -51.07 -6.27 92.81
N PHE Q 493 -50.77 -6.21 94.11
CA PHE Q 493 -50.14 -5.04 94.73
C PHE Q 493 -48.68 -5.32 95.04
N LYS Q 494 -47.82 -5.19 94.04
CA LYS Q 494 -46.38 -5.46 94.21
C LYS Q 494 -45.54 -4.22 94.45
N VAL Q 495 -44.80 -4.23 95.57
CA VAL Q 495 -43.98 -3.11 96.01
C VAL Q 495 -42.52 -3.53 96.13
N ALA Q 496 -41.62 -2.66 95.67
CA ALA Q 496 -40.18 -2.89 95.79
C ALA Q 496 -39.48 -1.68 96.40
N GLY Q 497 -38.50 -1.94 97.26
CA GLY Q 497 -37.74 -0.87 97.92
C GLY Q 497 -36.69 -1.37 98.89
N SER Q 498 -36.00 -0.43 99.52
CA SER Q 498 -34.97 -0.76 100.50
C SER Q 498 -35.53 -0.71 101.92
N ARG Q 499 -34.64 -0.63 102.91
CA ARG Q 499 -35.03 -0.51 104.32
C ARG Q 499 -35.52 0.91 104.63
N ASP Q 500 -35.06 1.87 103.84
CA ASP Q 500 -35.41 3.28 104.03
C ASP Q 500 -36.74 3.66 103.39
N GLY Q 501 -36.89 3.39 102.09
CA GLY Q 501 -38.08 3.78 101.34
C GLY Q 501 -38.49 2.83 100.24
N ILE Q 502 -39.30 3.35 99.31
CA ILE Q 502 -39.85 2.58 98.19
C ILE Q 502 -39.20 3.00 96.88
N SER Q 503 -38.81 2.02 96.07
CA SER Q 503 -38.19 2.26 94.78
C SER Q 503 -39.14 2.04 93.61
N ALA Q 504 -40.04 1.06 93.74
CA ALA Q 504 -41.02 0.75 92.70
C ALA Q 504 -42.35 0.27 93.28
N LEU Q 505 -43.44 0.60 92.59
CA LEU Q 505 -44.78 0.21 92.99
C LEU Q 505 -45.71 0.10 91.78
N GLN Q 506 -46.27 -1.09 91.58
CA GLN Q 506 -47.27 -1.29 90.53
C GLN Q 506 -48.56 -1.83 91.11
N MET Q 507 -49.66 -1.15 90.80
CA MET Q 507 -50.98 -1.51 91.31
C MET Q 507 -51.87 -2.03 90.17
N ASP Q 508 -52.31 -3.28 90.32
CA ASP Q 508 -53.20 -3.91 89.35
C ASP Q 508 -54.55 -4.19 89.97
N ILE Q 509 -55.57 -3.45 89.54
CA ILE Q 509 -56.93 -3.60 90.07
C ILE Q 509 -57.80 -4.39 89.10
N LYS Q 510 -58.42 -5.46 89.62
CA LYS Q 510 -59.29 -6.31 88.82
C LYS Q 510 -60.76 -5.94 89.00
N ILE Q 511 -61.12 -5.51 90.20
CA ILE Q 511 -62.50 -5.11 90.51
C ILE Q 511 -62.77 -3.63 90.23
N GLU Q 512 -63.83 -3.09 90.85
CA GLU Q 512 -64.26 -1.72 90.58
C GLU Q 512 -63.99 -0.77 91.76
N GLY Q 513 -64.43 -1.16 92.95
CA GLY Q 513 -64.37 -0.29 94.13
C GLY Q 513 -63.16 -0.50 95.02
N ILE Q 514 -62.26 0.48 95.02
CA ILE Q 514 -61.08 0.47 95.88
C ILE Q 514 -61.00 1.79 96.65
N THR Q 515 -61.04 1.71 97.97
CA THR Q 515 -61.00 2.89 98.84
C THR Q 515 -59.58 3.31 99.22
N LYS Q 516 -59.45 4.51 99.79
CA LYS Q 516 -58.16 5.06 100.20
C LYS Q 516 -57.59 4.36 101.43
N GLU Q 517 -58.48 3.93 102.32
CA GLU Q 517 -58.09 3.30 103.58
C GLU Q 517 -57.55 1.87 103.43
N ILE Q 518 -58.00 1.16 102.39
CA ILE Q 518 -57.53 -0.20 102.14
C ILE Q 518 -56.22 -0.22 101.36
N MET Q 519 -55.90 0.91 100.72
CA MET Q 519 -54.66 1.06 99.96
C MET Q 519 -53.45 1.24 100.87
N GLN Q 520 -53.63 1.99 101.96
CA GLN Q 520 -52.54 2.27 102.90
C GLN Q 520 -52.21 1.07 103.80
N VAL Q 521 -53.20 0.22 104.04
CA VAL Q 521 -53.01 -0.99 104.85
C VAL Q 521 -52.18 -2.03 104.09
N ALA Q 522 -52.49 -2.20 102.80
CA ALA Q 522 -51.76 -3.13 101.94
C ALA Q 522 -50.33 -2.66 101.67
N LEU Q 523 -50.12 -1.34 101.67
CA LEU Q 523 -48.81 -0.76 101.44
C LEU Q 523 -47.93 -0.79 102.71
N ASN Q 524 -48.56 -0.62 103.86
CA ASN Q 524 -47.87 -0.68 105.15
C ASN Q 524 -47.51 -2.11 105.55
N GLN Q 525 -48.34 -3.06 105.12
CA GLN Q 525 -48.08 -4.48 105.34
C GLN Q 525 -46.97 -4.97 104.40
N ALA Q 526 -46.81 -4.28 103.27
CA ALA Q 526 -45.75 -4.56 102.31
C ALA Q 526 -44.39 -4.12 102.85
N LYS Q 527 -44.39 -3.14 103.74
CA LYS Q 527 -43.17 -2.67 104.40
C LYS Q 527 -42.61 -3.72 105.34
N GLY Q 528 -43.49 -4.30 106.17
CA GLY Q 528 -43.11 -5.32 107.14
C GLY Q 528 -42.61 -6.61 106.49
N ALA Q 529 -43.25 -7.00 105.40
CA ALA Q 529 -42.86 -8.19 104.64
C ALA Q 529 -41.53 -7.99 103.91
N ARG Q 530 -41.26 -6.75 103.52
CA ARG Q 530 -40.02 -6.39 102.84
C ARG Q 530 -38.83 -6.41 103.80
N LEU Q 531 -39.08 -6.03 105.05
CA LEU Q 531 -38.05 -6.01 106.10
C LEU Q 531 -37.55 -7.42 106.46
N HIS Q 532 -38.44 -8.41 106.31
CA HIS Q 532 -38.09 -9.80 106.59
C HIS Q 532 -37.13 -10.37 105.55
N ILE Q 533 -37.34 -10.00 104.29
CA ILE Q 533 -36.48 -10.44 103.18
C ILE Q 533 -35.10 -9.78 103.27
N LEU Q 534 -35.08 -8.49 103.59
CA LEU Q 534 -33.84 -7.72 103.71
C LEU Q 534 -32.94 -8.23 104.85
N GLY Q 535 -33.58 -8.74 105.91
CA GLY Q 535 -32.85 -9.32 107.05
C GLY Q 535 -32.12 -10.59 106.69
N VAL Q 536 -32.74 -11.42 105.86
CA VAL Q 536 -32.14 -12.67 105.39
C VAL Q 536 -31.09 -12.39 104.31
N MET Q 537 -31.34 -11.36 103.51
CA MET Q 537 -30.41 -10.92 102.46
C MET Q 537 -29.11 -10.34 103.03
N GLU Q 538 -29.23 -9.63 104.15
CA GLU Q 538 -28.08 -9.05 104.84
C GLU Q 538 -27.28 -10.09 105.63
N GLN Q 539 -27.93 -11.22 105.92
CA GLN Q 539 -27.30 -12.33 106.65
C GLN Q 539 -26.25 -13.03 105.80
N ALA Q 540 -26.50 -13.10 104.49
CA ALA Q 540 -25.55 -13.70 103.54
C ALA Q 540 -24.46 -12.72 103.14
N ILE Q 541 -24.86 -11.57 102.58
CA ILE Q 541 -23.93 -10.53 102.15
C ILE Q 541 -24.38 -9.14 102.60
N ASN Q 542 -23.42 -8.32 103.01
CA ASN Q 542 -23.70 -6.96 103.49
C ASN Q 542 -23.10 -5.86 102.63
N ALA Q 543 -21.90 -6.12 102.10
CA ALA Q 543 -21.17 -5.14 101.30
C ALA Q 543 -20.48 -5.79 100.10
N PRO Q 544 -20.45 -5.09 98.95
CA PRO Q 544 -19.79 -5.59 97.74
C PRO Q 544 -18.27 -5.68 97.91
N GLY R 19 -13.37 -24.42 90.28
CA GLY R 19 -13.48 -25.82 90.80
C GLY R 19 -14.72 -26.53 90.30
N ALA R 20 -15.88 -26.01 90.68
CA ALA R 20 -17.18 -26.57 90.29
C ALA R 20 -18.26 -25.49 90.18
N ALA R 21 -19.37 -25.85 89.56
CA ALA R 21 -20.50 -24.93 89.40
C ALA R 21 -21.78 -25.49 90.02
N GLY R 22 -22.64 -24.58 90.49
CA GLY R 22 -23.89 -24.97 91.14
C GLY R 22 -24.11 -24.26 92.46
N GLY R 23 -25.27 -24.48 93.06
CA GLY R 23 -25.63 -23.85 94.34
C GLY R 23 -24.86 -24.37 95.53
N HIS R 24 -24.25 -25.54 95.39
CA HIS R 24 -23.43 -26.13 96.43
C HIS R 24 -22.06 -25.46 96.54
N THR R 25 -21.64 -24.80 95.45
CA THR R 25 -20.38 -24.08 95.40
C THR R 25 -20.58 -22.57 95.63
N ALA R 26 -21.57 -22.24 96.46
CA ALA R 26 -21.88 -20.87 96.79
C ALA R 26 -20.95 -20.33 97.88
N THR R 27 -20.45 -19.12 97.67
CA THR R 27 -19.54 -18.49 98.63
C THR R 27 -20.26 -17.96 99.88
N HIS R 28 -21.57 -17.70 99.74
CA HIS R 28 -22.41 -17.27 100.85
C HIS R 28 -23.74 -18.01 100.83
N HIS R 29 -24.15 -18.51 102.00
CA HIS R 29 -25.37 -19.29 102.13
C HIS R 29 -26.28 -18.78 103.25
N ALA R 30 -27.57 -18.70 102.95
CA ALA R 30 -28.57 -18.26 103.93
C ALA R 30 -29.91 -18.97 103.71
N SER R 31 -30.50 -19.43 104.81
CA SER R 31 -31.77 -20.15 104.78
C SER R 31 -32.77 -19.55 105.78
N ALA R 32 -34.04 -19.53 105.38
CA ALA R 32 -35.11 -18.97 106.22
C ALA R 32 -36.38 -19.82 106.18
N ALA R 33 -37.18 -19.70 107.24
CA ALA R 33 -38.45 -20.42 107.36
C ALA R 33 -39.63 -19.46 107.27
N PRO R 34 -40.79 -19.94 106.79
CA PRO R 34 -42.00 -19.11 106.71
C PRO R 34 -42.43 -18.60 108.09
N ALA R 35 -42.53 -17.28 108.23
CA ALA R 35 -42.85 -16.66 109.51
C ALA R 35 -43.57 -15.32 109.36
N ARG R 36 -44.28 -14.92 110.42
CA ARG R 36 -44.95 -13.63 110.49
C ARG R 36 -43.92 -12.51 110.66
N PRO R 37 -44.00 -11.46 109.83
CA PRO R 37 -43.02 -10.37 109.85
C PRO R 37 -43.02 -9.57 111.15
N GLN R 38 -41.84 -9.02 111.49
CA GLN R 38 -41.68 -8.17 112.67
C GLN R 38 -42.36 -6.81 112.45
N PRO R 39 -43.39 -6.50 113.26
CA PRO R 39 -44.18 -5.28 113.10
C PRO R 39 -43.40 -4.02 113.48
N LEU S 2 46.57 -25.10 -65.80
CA LEU S 2 45.69 -23.94 -66.16
C LEU S 2 46.54 -22.69 -66.39
N ASN S 3 46.72 -22.34 -67.66
CA ASN S 3 47.51 -21.17 -68.05
C ASN S 3 46.91 -20.43 -69.24
N PRO S 4 46.75 -19.09 -69.12
CA PRO S 4 46.24 -18.26 -70.22
C PRO S 4 47.33 -17.82 -71.18
N ILE S 5 46.95 -17.53 -72.42
CA ILE S 5 47.87 -17.06 -73.46
C ILE S 5 47.57 -15.60 -73.79
N VAL S 6 48.57 -14.73 -73.63
CA VAL S 6 48.40 -13.30 -73.78
C VAL S 6 49.31 -12.70 -74.86
N ARG S 7 48.72 -11.94 -75.79
CA ARG S 7 49.46 -11.16 -76.77
C ARG S 7 49.02 -9.70 -76.76
N LYS S 8 50.01 -8.80 -76.70
CA LYS S 8 49.75 -7.36 -76.66
C LYS S 8 50.46 -6.63 -77.81
N PHE S 9 49.75 -5.70 -78.43
CA PHE S 9 50.30 -4.90 -79.52
C PHE S 9 49.71 -3.49 -79.58
N GLN S 10 50.45 -2.59 -80.24
CA GLN S 10 50.02 -1.20 -80.40
C GLN S 10 49.11 -1.04 -81.62
N TYR S 11 48.02 -0.30 -81.44
CA TYR S 11 47.09 -0.01 -82.53
C TYR S 11 46.51 1.40 -82.39
N GLY S 12 47.06 2.32 -83.16
CA GLY S 12 46.68 3.73 -83.10
C GLY S 12 47.27 4.42 -81.88
N GLN S 13 46.42 4.75 -80.93
CA GLN S 13 46.84 5.33 -79.66
C GLN S 13 46.39 4.46 -78.48
N HIS S 14 46.02 3.22 -78.78
CA HIS S 14 45.51 2.28 -77.79
C HIS S 14 46.25 0.95 -77.80
N THR S 15 46.20 0.24 -76.68
CA THR S 15 46.81 -1.09 -76.56
C THR S 15 45.73 -2.17 -76.61
N VAL S 16 45.92 -3.14 -77.50
CA VAL S 16 44.96 -4.24 -77.66
C VAL S 16 45.53 -5.52 -77.04
N THR S 17 44.79 -6.07 -76.08
CA THR S 17 45.21 -7.29 -75.37
C THR S 17 44.25 -8.44 -75.69
N LEU S 18 44.82 -9.56 -76.12
CA LEU S 18 44.05 -10.75 -76.48
C LEU S 18 44.36 -11.92 -75.55
N GLU S 19 43.32 -12.59 -75.07
CA GLU S 19 43.48 -13.74 -74.17
C GLU S 19 42.68 -14.95 -74.66
N THR S 20 43.36 -16.09 -74.74
CA THR S 20 42.73 -17.35 -75.17
C THR S 20 43.26 -18.54 -74.36
N GLY S 21 42.47 -19.62 -74.33
CA GLY S 21 42.85 -20.83 -73.63
C GLY S 21 42.67 -20.85 -72.12
N MET S 22 41.70 -20.08 -71.64
CA MET S 22 41.40 -19.98 -70.21
C MET S 22 39.90 -20.04 -69.95
N MET S 23 39.17 -19.05 -70.47
CA MET S 23 37.72 -18.99 -70.35
C MET S 23 37.04 -19.80 -71.45
N ALA S 24 35.93 -20.44 -71.11
CA ALA S 24 35.12 -21.24 -72.03
C ALA S 24 35.93 -22.25 -72.84
N ARG S 25 36.38 -23.31 -72.17
CA ARG S 25 37.20 -24.35 -72.80
C ARG S 25 36.36 -25.37 -73.56
N GLN S 26 35.14 -25.59 -73.11
CA GLN S 26 34.21 -26.52 -73.75
C GLN S 26 33.71 -26.01 -75.10
N ALA S 27 33.72 -24.68 -75.26
CA ALA S 27 33.43 -24.06 -76.55
C ALA S 27 34.63 -24.23 -77.48
N THR S 28 34.38 -24.18 -78.79
CA THR S 28 35.43 -24.37 -79.80
C THR S 28 36.45 -23.23 -79.78
N ALA S 29 35.97 -22.02 -79.51
CA ALA S 29 36.82 -20.83 -79.44
C ALA S 29 36.29 -19.79 -78.45
N ALA S 30 37.21 -19.13 -77.76
CA ALA S 30 36.87 -18.04 -76.83
C ALA S 30 38.06 -17.09 -76.66
N VAL S 31 37.88 -15.86 -77.13
CA VAL S 31 38.94 -14.85 -77.07
C VAL S 31 38.50 -13.61 -76.30
N MET S 32 39.33 -13.20 -75.34
CA MET S 32 39.07 -12.02 -74.53
C MET S 32 39.89 -10.84 -75.06
N VAL S 33 39.24 -9.95 -75.82
CA VAL S 33 39.90 -8.79 -76.39
C VAL S 33 39.42 -7.50 -75.72
N SER S 34 40.36 -6.77 -75.12
CA SER S 34 40.04 -5.52 -74.44
C SER S 34 40.88 -4.53 -75.24
N MET S 35 40.51 -3.25 -75.15
CA MET S 35 41.24 -2.20 -75.86
C MET S 35 41.74 -1.28 -74.74
N ASP S 36 41.79 0.01 -75.03
CA ASP S 36 42.26 0.99 -74.06
C ASP S 36 41.76 0.51 -72.69
N ASP S 37 40.43 0.45 -72.55
CA ASP S 37 39.82 -0.01 -71.30
C ASP S 37 38.58 -0.85 -71.54
N THR S 38 38.10 -0.85 -72.78
CA THR S 38 36.92 -1.62 -73.13
C THR S 38 37.28 -3.07 -73.44
N ALA S 39 36.32 -3.96 -73.24
CA ALA S 39 36.53 -5.39 -73.49
C ALA S 39 35.27 -6.12 -73.94
N VAL S 40 35.41 -6.96 -74.96
CA VAL S 40 34.32 -7.78 -75.48
C VAL S 40 34.72 -9.26 -75.49
N PHE S 41 33.86 -10.09 -74.90
CA PHE S 41 34.10 -11.54 -74.86
C PHE S 41 33.36 -12.23 -76.00
N VAL S 42 34.12 -12.82 -76.93
CA VAL S 42 33.55 -13.44 -78.12
C VAL S 42 33.77 -14.95 -78.12
N THR S 43 32.72 -15.69 -78.49
CA THR S 43 32.77 -17.15 -78.55
C THR S 43 32.24 -17.68 -79.87
N VAL S 44 32.93 -18.68 -80.41
CA VAL S 44 32.52 -19.34 -81.67
C VAL S 44 32.38 -20.84 -81.45
N VAL S 45 31.19 -21.36 -81.74
CA VAL S 45 30.92 -22.80 -81.63
C VAL S 45 30.48 -23.35 -82.99
N GLY S 46 31.19 -24.36 -83.47
CA GLY S 46 30.89 -24.98 -84.76
C GLY S 46 30.50 -26.44 -84.63
N GLN S 47 29.43 -26.82 -85.34
CA GLN S 47 28.96 -28.20 -85.34
C GLN S 47 29.86 -29.10 -86.17
N LYS S 48 30.25 -30.23 -85.58
CA LYS S 48 31.14 -31.21 -86.23
C LYS S 48 30.48 -31.89 -87.42
N LYS S 49 29.18 -32.16 -87.30
CA LYS S 49 28.41 -32.79 -88.38
C LYS S 49 27.29 -31.87 -88.87
N ALA S 50 27.05 -31.90 -90.18
CA ALA S 50 26.01 -31.07 -90.80
C ALA S 50 24.69 -31.83 -90.97
N LYS S 51 23.61 -31.07 -91.14
CA LYS S 51 22.28 -31.64 -91.35
C LYS S 51 22.19 -32.33 -92.71
N PRO S 52 21.48 -33.49 -92.78
CA PRO S 52 21.32 -34.25 -94.02
C PRO S 52 20.61 -33.48 -95.14
N GLY S 53 19.66 -32.62 -94.77
CA GLY S 53 18.93 -31.80 -95.73
C GLY S 53 19.26 -30.33 -95.59
N GLN S 54 20.51 -29.98 -95.85
CA GLN S 54 20.98 -28.60 -95.75
C GLN S 54 21.45 -28.07 -97.11
N ASP S 55 20.98 -26.88 -97.46
CA ASP S 55 21.35 -26.24 -98.72
C ASP S 55 21.95 -24.84 -98.53
N PHE S 56 21.46 -24.13 -97.52
CA PHE S 56 21.97 -22.79 -97.20
C PHE S 56 22.91 -22.83 -96.00
N PHE S 57 23.89 -21.93 -96.01
CA PHE S 57 24.87 -21.83 -94.92
C PHE S 57 24.33 -20.96 -93.78
N PRO S 58 24.11 -21.58 -92.60
CA PRO S 58 23.53 -20.87 -91.46
C PRO S 58 24.58 -20.20 -90.57
N LEU S 59 24.77 -18.90 -90.76
CA LEU S 59 25.66 -18.11 -89.93
C LEU S 59 24.86 -17.10 -89.10
N THR S 60 24.91 -17.27 -87.79
CA THR S 60 24.21 -16.37 -86.87
C THR S 60 25.17 -15.72 -85.87
N VAL S 61 25.20 -14.39 -85.88
CA VAL S 61 26.05 -13.62 -84.98
C VAL S 61 25.18 -12.81 -84.01
N ASN S 62 25.32 -13.11 -82.72
CA ASN S 62 24.57 -12.43 -81.68
C ASN S 62 25.42 -11.48 -80.86
N TYR S 63 25.14 -10.18 -81.00
CA TYR S 63 25.85 -9.14 -80.28
C TYR S 63 24.96 -8.58 -79.16
N GLN S 64 25.36 -8.86 -77.92
CA GLN S 64 24.60 -8.42 -76.75
C GLN S 64 25.42 -7.49 -75.85
N GLU S 65 24.81 -6.37 -75.48
CA GLU S 65 25.46 -5.36 -74.64
C GLU S 65 24.96 -5.43 -73.20
N ARG S 66 25.80 -5.97 -72.32
CA ARG S 66 25.48 -6.07 -70.91
C ARG S 66 25.66 -4.73 -70.22
N THR S 67 24.73 -4.41 -69.32
CA THR S 67 24.70 -3.09 -68.65
C THR S 67 25.76 -2.93 -67.57
N TYR S 68 26.30 -4.05 -67.06
CA TYR S 68 27.34 -4.00 -66.03
C TYR S 68 28.71 -3.59 -66.57
N ALA S 69 28.81 -3.48 -67.90
CA ALA S 69 30.04 -3.07 -68.58
C ALA S 69 30.42 -1.63 -68.23
N ALA S 70 29.41 -0.75 -68.19
CA ALA S 70 29.60 0.64 -67.82
C ALA S 70 29.43 0.85 -66.31
N GLY S 71 28.59 0.01 -65.70
CA GLY S 71 28.33 0.08 -64.26
C GLY S 71 27.03 0.77 -63.94
N ARG S 72 25.94 0.25 -64.49
CA ARG S 72 24.61 0.83 -64.29
C ARG S 72 23.53 -0.25 -64.31
N ILE S 73 22.58 -0.14 -63.39
CA ILE S 73 21.41 -1.03 -63.35
C ILE S 73 20.41 -0.60 -64.44
N PRO S 74 20.04 -1.54 -65.33
CA PRO S 74 19.16 -1.26 -66.47
C PRO S 74 17.80 -0.68 -66.07
N GLY S 75 17.29 0.24 -66.88
CA GLY S 75 16.03 0.93 -66.59
C GLY S 75 14.81 0.26 -67.16
N SER S 76 14.78 -1.06 -67.14
CA SER S 76 13.63 -1.84 -67.59
C SER S 76 12.78 -2.29 -66.40
N PHE S 77 11.54 -2.68 -66.69
CA PHE S 77 10.59 -3.11 -65.64
C PHE S 77 11.06 -4.37 -64.92
N PHE S 78 11.71 -5.27 -65.65
CA PHE S 78 12.26 -6.50 -65.09
C PHE S 78 13.68 -6.31 -64.53
N ARG S 79 14.29 -5.16 -64.87
CA ARG S 79 15.66 -4.82 -64.47
C ARG S 79 16.71 -5.82 -64.99
N ARG S 80 16.47 -6.32 -66.20
CA ARG S 80 17.38 -7.25 -66.86
C ARG S 80 17.47 -6.91 -68.34
N GLU S 81 18.61 -7.24 -68.96
CA GLU S 81 18.82 -7.03 -70.39
C GLU S 81 17.86 -7.91 -71.20
N GLY S 82 17.04 -7.27 -72.02
CA GLY S 82 16.06 -7.97 -72.84
C GLY S 82 16.58 -8.33 -74.22
N ARG S 83 15.69 -8.30 -75.20
CA ARG S 83 16.04 -8.59 -76.59
C ARG S 83 16.82 -7.43 -77.21
N PRO S 84 17.80 -7.74 -78.09
CA PRO S 84 18.67 -6.73 -78.71
C PRO S 84 17.91 -5.60 -79.41
N SER S 85 18.35 -4.37 -79.20
CA SER S 85 17.72 -3.18 -79.76
C SER S 85 18.37 -2.76 -81.08
N GLU S 86 17.96 -1.60 -81.59
CA GLU S 86 18.47 -1.05 -82.86
C GLU S 86 19.97 -0.77 -82.82
N GLY S 87 20.43 -0.17 -81.72
CA GLY S 87 21.86 0.09 -81.52
C GLY S 87 22.63 -1.10 -80.98
N GLU S 88 22.16 -2.30 -81.32
CA GLU S 88 22.74 -3.56 -80.85
C GLU S 88 22.65 -4.63 -81.92
N THR S 89 21.72 -4.46 -82.86
CA THR S 89 21.52 -5.38 -83.97
C THR S 89 22.40 -4.99 -85.16
N LEU S 90 22.65 -3.69 -85.31
CA LEU S 90 23.48 -3.17 -86.40
C LEU S 90 24.94 -3.57 -86.27
N ILE S 91 25.43 -3.67 -85.03
CA ILE S 91 26.79 -4.11 -84.76
C ILE S 91 26.93 -5.61 -85.02
N ALA S 92 25.85 -6.36 -84.75
CA ALA S 92 25.78 -7.79 -85.06
C ALA S 92 25.91 -8.03 -86.56
N ARG S 93 25.32 -7.14 -87.36
CA ARG S 93 25.45 -7.18 -88.81
C ARG S 93 26.81 -6.67 -89.27
N LEU S 94 27.42 -5.79 -88.47
CA LEU S 94 28.75 -5.25 -88.75
C LEU S 94 29.84 -6.31 -88.54
N ILE S 95 29.51 -7.34 -87.77
CA ILE S 95 30.41 -8.47 -87.54
C ILE S 95 30.14 -9.60 -88.53
N ASP S 96 28.86 -9.84 -88.81
CA ASP S 96 28.40 -10.94 -89.67
C ASP S 96 28.76 -10.74 -91.15
N ARG S 97 28.72 -9.51 -91.61
CA ARG S 97 28.88 -9.20 -93.04
C ARG S 97 30.28 -9.46 -93.62
N PRO S 98 31.36 -9.02 -92.93
CA PRO S 98 32.70 -9.28 -93.47
C PRO S 98 33.16 -10.74 -93.35
N ILE S 99 32.63 -11.47 -92.37
CA ILE S 99 33.03 -12.86 -92.13
C ILE S 99 32.26 -13.87 -92.99
N ARG S 100 31.14 -13.42 -93.56
CA ARG S 100 30.25 -14.27 -94.36
C ARG S 100 30.91 -14.90 -95.61
N PRO S 101 31.60 -14.08 -96.45
CA PRO S 101 32.19 -14.65 -97.66
C PRO S 101 33.50 -15.40 -97.42
N LEU S 102 34.04 -15.29 -96.20
CA LEU S 102 35.32 -15.92 -95.86
C LEU S 102 35.25 -17.43 -95.71
N PHE S 103 34.06 -17.95 -95.41
CA PHE S 103 33.83 -19.40 -95.36
C PHE S 103 33.86 -19.98 -96.76
N PRO S 104 34.58 -21.11 -96.95
CA PRO S 104 34.72 -21.75 -98.26
C PRO S 104 33.39 -22.13 -98.90
N GLU S 105 33.33 -22.11 -100.23
CA GLU S 105 32.12 -22.42 -100.97
C GLU S 105 31.77 -23.90 -100.85
N GLY S 106 30.58 -24.18 -100.31
CA GLY S 106 30.12 -25.53 -100.07
C GLY S 106 29.93 -25.87 -98.60
N PHE S 107 30.51 -25.04 -97.74
CA PHE S 107 30.41 -25.21 -96.29
C PHE S 107 29.02 -24.82 -95.81
N VAL S 108 28.33 -25.78 -95.18
CA VAL S 108 26.94 -25.59 -94.75
C VAL S 108 26.70 -25.97 -93.28
N ASN S 109 27.78 -26.14 -92.52
CA ASN S 109 27.68 -26.45 -91.09
C ASN S 109 27.26 -25.25 -90.25
N GLU S 110 26.45 -25.51 -89.22
CA GLU S 110 25.92 -24.45 -88.36
C GLU S 110 26.99 -23.90 -87.43
N VAL S 111 27.25 -22.59 -87.56
CA VAL S 111 28.21 -21.89 -86.72
C VAL S 111 27.57 -20.67 -86.06
N GLN S 112 27.88 -20.48 -84.77
CA GLN S 112 27.31 -19.37 -84.00
C GLN S 112 28.40 -18.53 -83.35
N VAL S 113 28.36 -17.22 -83.61
CA VAL S 113 29.32 -16.29 -83.04
C VAL S 113 28.62 -15.42 -81.99
N ILE S 114 28.92 -15.67 -80.72
CA ILE S 114 28.31 -14.93 -79.61
C ILE S 114 29.32 -13.95 -79.01
N ALA S 115 29.10 -12.66 -79.27
CA ALA S 115 29.96 -11.61 -78.75
C ALA S 115 29.23 -10.78 -77.70
N THR S 116 29.70 -10.85 -76.46
CA THR S 116 29.09 -10.12 -75.35
C THR S 116 30.02 -9.04 -74.79
N VAL S 117 29.48 -7.83 -74.63
CA VAL S 117 30.22 -6.71 -74.06
C VAL S 117 30.29 -6.86 -72.55
N VAL S 118 31.51 -6.95 -72.03
CA VAL S 118 31.71 -7.19 -70.60
C VAL S 118 32.32 -5.96 -69.88
N SER S 119 32.99 -5.12 -70.66
CA SER S 119 33.61 -3.90 -70.14
C SER S 119 33.65 -2.82 -71.23
N VAL S 120 33.44 -1.57 -70.84
CA VAL S 120 33.39 -0.47 -71.81
C VAL S 120 33.92 0.86 -71.24
N ASN S 121 34.72 1.54 -72.06
CA ASN S 121 35.20 2.89 -71.76
C ASN S 121 34.54 3.87 -72.72
N PRO S 122 33.87 4.91 -72.17
CA PRO S 122 33.13 5.92 -72.95
C PRO S 122 33.93 6.66 -74.03
N GLN S 123 35.20 6.28 -74.22
CA GLN S 123 36.03 6.88 -75.26
C GLN S 123 36.28 5.91 -76.41
N VAL S 124 36.34 4.61 -76.09
CA VAL S 124 36.56 3.57 -77.10
C VAL S 124 35.28 2.76 -77.33
N ASN S 125 34.78 2.79 -78.57
CA ASN S 125 33.55 2.10 -78.94
C ASN S 125 33.76 0.59 -79.11
N PRO S 126 32.96 -0.22 -78.40
CA PRO S 126 33.08 -1.69 -78.43
C PRO S 126 32.65 -2.35 -79.74
N ASP S 127 32.18 -1.55 -80.70
CA ASP S 127 31.71 -2.09 -81.98
C ASP S 127 32.83 -2.61 -82.87
N ILE S 128 33.99 -1.96 -82.81
CA ILE S 128 35.16 -2.38 -83.57
C ILE S 128 36.02 -3.38 -82.78
N VAL S 129 35.86 -3.38 -81.46
CA VAL S 129 36.56 -4.30 -80.58
C VAL S 129 35.95 -5.71 -80.69
N ALA S 130 34.64 -5.76 -80.87
CA ALA S 130 33.90 -7.03 -80.97
C ALA S 130 34.22 -7.81 -82.24
N MET S 131 34.33 -7.10 -83.36
CA MET S 131 34.62 -7.73 -84.65
C MET S 131 36.08 -8.18 -84.78
N ILE S 132 36.96 -7.57 -83.99
CA ILE S 132 38.35 -8.03 -83.87
C ILE S 132 38.39 -9.33 -83.07
N GLY S 133 37.55 -9.39 -82.03
CA GLY S 133 37.40 -10.59 -81.20
C GLY S 133 36.85 -11.77 -81.97
N ALA S 134 35.91 -11.49 -82.87
CA ALA S 134 35.33 -12.52 -83.75
C ALA S 134 36.34 -12.98 -84.80
N SER S 135 37.16 -12.05 -85.28
CA SER S 135 38.23 -12.36 -86.23
C SER S 135 39.31 -13.21 -85.56
N ALA S 136 39.54 -12.98 -84.27
CA ALA S 136 40.49 -13.75 -83.49
C ALA S 136 39.95 -15.13 -83.14
N ALA S 137 38.65 -15.19 -82.81
CA ALA S 137 38.00 -16.44 -82.41
C ALA S 137 37.85 -17.43 -83.57
N LEU S 138 37.35 -16.95 -84.70
CA LEU S 138 37.13 -17.80 -85.88
C LEU S 138 38.43 -18.36 -86.46
N SER S 139 39.52 -17.63 -86.28
CA SER S 139 40.85 -18.06 -86.74
C SER S 139 41.48 -19.06 -85.78
N LEU S 140 41.19 -18.91 -84.49
CA LEU S 140 41.69 -19.81 -83.46
C LEU S 140 40.77 -21.01 -83.23
N SER S 141 39.62 -21.01 -83.90
CA SER S 141 38.60 -22.05 -83.74
C SER S 141 38.99 -23.36 -84.42
N GLY S 142 39.55 -23.26 -85.63
CA GLY S 142 39.90 -24.43 -86.44
C GLY S 142 38.98 -24.60 -87.63
N ILE S 143 37.79 -24.01 -87.54
CA ILE S 143 36.80 -24.01 -88.62
C ILE S 143 37.41 -23.34 -89.86
N PRO S 144 37.30 -24.00 -91.04
CA PRO S 144 37.83 -23.48 -92.30
C PRO S 144 37.51 -22.00 -92.51
N PHE S 145 38.55 -21.17 -92.45
CA PHE S 145 38.39 -19.72 -92.50
C PHE S 145 39.52 -19.09 -93.32
N ASN S 146 39.16 -18.23 -94.26
CA ASN S 146 40.12 -17.59 -95.15
C ASN S 146 40.59 -16.21 -94.65
N GLY S 147 40.44 -15.98 -93.34
CA GLY S 147 40.85 -14.72 -92.74
C GLY S 147 42.32 -14.69 -92.34
N PRO S 148 42.66 -13.94 -91.27
CA PRO S 148 41.75 -13.13 -90.45
C PRO S 148 41.54 -11.72 -91.01
N ILE S 149 40.64 -10.97 -90.39
CA ILE S 149 40.31 -9.61 -90.83
C ILE S 149 40.62 -8.55 -89.77
N GLY S 150 40.98 -7.36 -90.25
CA GLY S 150 41.20 -6.21 -89.38
C GLY S 150 40.03 -5.25 -89.44
N ALA S 151 39.92 -4.38 -88.43
CA ALA S 151 38.85 -3.39 -88.37
C ALA S 151 39.40 -2.03 -87.99
N ALA S 152 39.06 -1.02 -88.80
CA ALA S 152 39.53 0.34 -88.58
C ALA S 152 38.39 1.36 -88.68
N ARG S 153 38.35 2.29 -87.74
CA ARG S 153 37.38 3.38 -87.75
C ARG S 153 38.08 4.64 -88.26
N VAL S 154 37.64 5.11 -89.44
CA VAL S 154 38.28 6.24 -90.10
C VAL S 154 37.48 7.54 -89.91
N GLY S 155 38.14 8.54 -89.36
CA GLY S 155 37.55 9.87 -89.18
C GLY S 155 38.30 10.92 -89.98
N TYR S 156 37.57 11.93 -90.45
CA TYR S 156 38.14 12.99 -91.28
C TYR S 156 38.08 14.33 -90.56
N ILE S 157 39.19 14.71 -89.91
CA ILE S 157 39.27 15.95 -89.15
C ILE S 157 40.31 16.89 -89.77
N ASN S 158 39.86 18.09 -90.13
CA ASN S 158 40.71 19.14 -90.72
C ASN S 158 41.55 18.68 -91.92
N ASP S 159 40.86 18.11 -92.91
CA ASP S 159 41.48 17.60 -94.14
C ASP S 159 42.57 16.55 -93.89
N GLN S 160 42.40 15.77 -92.83
CA GLN S 160 43.38 14.75 -92.43
C GLN S 160 42.68 13.52 -91.86
N TYR S 161 43.21 12.35 -92.21
CA TYR S 161 42.63 11.07 -91.77
C TYR S 161 43.11 10.71 -90.36
N VAL S 162 42.15 10.36 -89.51
CA VAL S 162 42.43 9.99 -88.12
C VAL S 162 41.95 8.57 -87.82
N LEU S 163 42.85 7.73 -87.33
CA LEU S 163 42.53 6.35 -87.00
C LEU S 163 41.88 6.24 -85.62
N ASN S 164 40.74 5.54 -85.58
CA ASN S 164 39.96 5.31 -84.36
C ASN S 164 39.67 6.57 -83.53
N PRO S 165 38.70 7.39 -83.98
CA PRO S 165 38.38 8.63 -83.26
C PRO S 165 37.49 8.38 -82.04
N THR S 166 37.71 9.17 -81.00
CA THR S 166 36.89 9.10 -79.79
C THR S 166 35.54 9.81 -80.00
N GLN S 167 34.64 9.66 -79.04
CA GLN S 167 33.30 10.26 -79.11
C GLN S 167 33.32 11.78 -79.18
N ASP S 168 34.27 12.39 -78.48
CA ASP S 168 34.45 13.85 -78.50
C ASP S 168 35.07 14.33 -79.81
N GLU S 169 35.94 13.51 -80.38
CA GLU S 169 36.57 13.81 -81.67
C GLU S 169 35.64 13.54 -82.84
N LEU S 170 34.64 12.68 -82.60
CA LEU S 170 33.61 12.35 -83.59
C LEU S 170 32.69 13.53 -83.88
N LYS S 171 32.46 14.36 -82.87
CA LYS S 171 31.63 15.56 -83.00
C LYS S 171 32.30 16.62 -83.90
N GLU S 172 33.63 16.66 -83.86
CA GLU S 172 34.41 17.59 -84.68
C GLU S 172 34.71 17.00 -86.06
N SER S 173 34.58 15.67 -86.17
CA SER S 173 34.86 14.95 -87.41
C SER S 173 33.76 15.15 -88.46
N LYS S 174 34.12 14.99 -89.72
CA LYS S 174 33.18 15.13 -90.83
C LYS S 174 32.84 13.77 -91.47
N LEU S 175 33.49 12.71 -90.97
CA LEU S 175 33.31 11.36 -91.50
C LEU S 175 33.41 10.29 -90.42
N ASP S 176 32.56 9.27 -90.53
CA ASP S 176 32.58 8.12 -89.63
C ASP S 176 32.35 6.83 -90.42
N LEU S 177 33.43 6.11 -90.70
CA LEU S 177 33.34 4.85 -91.44
C LEU S 177 34.11 3.70 -90.79
N VAL S 178 33.58 2.49 -90.93
CA VAL S 178 34.22 1.27 -90.44
C VAL S 178 34.60 0.38 -91.63
N VAL S 179 35.90 0.10 -91.75
CA VAL S 179 36.43 -0.70 -92.86
C VAL S 179 36.94 -2.06 -92.36
N ALA S 180 36.51 -3.12 -93.03
CA ALA S 180 36.93 -4.49 -92.70
C ALA S 180 37.41 -5.23 -93.94
N GLY S 181 38.57 -5.88 -93.82
CA GLY S 181 39.15 -6.63 -94.93
C GLY S 181 40.32 -7.51 -94.52
N THR S 182 40.74 -8.36 -95.44
CA THR S 182 41.86 -9.28 -95.21
C THR S 182 43.22 -8.64 -95.49
N GLU S 183 44.25 -9.47 -95.58
CA GLU S 183 45.60 -9.03 -95.92
C GLU S 183 45.70 -8.59 -97.38
N ALA S 184 44.88 -9.19 -98.23
CA ALA S 184 44.90 -8.93 -99.67
C ALA S 184 43.90 -7.84 -100.10
N ALA S 185 42.64 -8.01 -99.71
CA ALA S 185 41.57 -7.13 -100.19
C ALA S 185 40.54 -6.76 -99.10
N VAL S 186 39.76 -5.73 -99.38
CA VAL S 186 38.70 -5.26 -98.48
C VAL S 186 37.44 -6.13 -98.64
N LEU S 187 36.64 -6.22 -97.59
CA LEU S 187 35.44 -7.06 -97.61
C LEU S 187 34.14 -6.33 -97.24
N MET S 188 34.23 -5.38 -96.30
CA MET S 188 33.04 -4.66 -95.83
C MET S 188 33.36 -3.22 -95.40
N VAL S 189 32.58 -2.28 -95.91
CA VAL S 189 32.70 -0.86 -95.54
C VAL S 189 31.32 -0.23 -95.27
N GLU S 190 31.18 0.37 -94.09
CA GLU S 190 29.96 1.10 -93.72
C GLU S 190 30.36 2.53 -93.35
N SER S 191 29.68 3.51 -93.93
CA SER S 191 30.09 4.91 -93.81
C SER S 191 28.96 5.93 -93.58
N GLU S 192 29.34 7.08 -93.03
CA GLU S 192 28.47 8.26 -92.95
C GLU S 192 29.34 9.53 -92.94
N ALA S 193 29.07 10.44 -93.88
CA ALA S 193 29.91 11.63 -94.08
C ALA S 193 29.08 12.89 -94.30
N GLN S 194 29.76 14.04 -94.30
CA GLN S 194 29.12 15.33 -94.54
C GLN S 194 29.37 15.82 -95.97
N LEU S 195 28.99 14.98 -96.93
CA LEU S 195 29.12 15.26 -98.37
C LEU S 195 30.53 15.55 -98.87
N LEU S 196 31.35 14.51 -98.95
CA LEU S 196 32.74 14.63 -99.39
C LEU S 196 32.98 14.10 -100.81
N SER S 197 34.09 14.53 -101.40
CA SER S 197 34.46 14.15 -102.77
C SER S 197 34.88 12.69 -102.89
N GLU S 198 34.90 12.18 -104.12
CA GLU S 198 35.24 10.78 -104.41
C GLU S 198 36.68 10.41 -104.04
N ASP S 199 37.59 11.37 -104.20
CA ASP S 199 39.01 11.16 -103.87
C ASP S 199 39.24 11.04 -102.37
N GLN S 200 38.47 11.79 -101.59
CA GLN S 200 38.53 11.74 -100.13
C GLN S 200 37.81 10.51 -99.59
N MET S 201 36.76 10.10 -100.30
CA MET S 201 35.92 8.96 -99.89
C MET S 201 36.62 7.63 -100.12
N LEU S 202 37.30 7.51 -101.26
CA LEU S 202 38.04 6.30 -101.62
C LEU S 202 39.33 6.19 -100.79
N GLY S 203 39.98 7.33 -100.58
CA GLY S 203 41.23 7.40 -99.81
C GLY S 203 41.07 6.98 -98.36
N ALA S 204 39.88 7.19 -97.80
CA ALA S 204 39.56 6.80 -96.44
C ALA S 204 39.43 5.29 -96.29
N VAL S 205 38.97 4.63 -97.35
CA VAL S 205 38.85 3.17 -97.39
C VAL S 205 40.24 2.53 -97.45
N VAL S 206 41.13 3.14 -98.24
CA VAL S 206 42.51 2.67 -98.38
C VAL S 206 43.33 2.95 -97.11
N PHE S 207 43.07 4.09 -96.47
CA PHE S 207 43.75 4.49 -95.24
C PHE S 207 43.56 3.47 -94.12
N GLY S 208 42.30 3.12 -93.86
CA GLY S 208 41.96 2.18 -92.79
C GLY S 208 42.38 0.74 -93.06
N HIS S 209 42.31 0.34 -94.33
CA HIS S 209 42.70 -1.01 -94.76
C HIS S 209 44.21 -1.24 -94.60
N GLU S 210 44.99 -0.18 -94.79
CA GLU S 210 46.44 -0.24 -94.61
C GLU S 210 46.82 -0.17 -93.12
N GLN S 211 45.97 0.49 -92.33
CA GLN S 211 46.20 0.64 -90.90
C GLN S 211 45.79 -0.58 -90.08
N GLN S 212 44.81 -1.33 -90.58
CA GLN S 212 44.31 -2.53 -89.89
C GLN S 212 45.20 -3.77 -90.11
N GLN S 213 46.24 -3.60 -90.93
CA GLN S 213 47.16 -4.69 -91.27
C GLN S 213 47.98 -5.18 -90.08
N VAL S 214 48.27 -4.27 -89.13
CA VAL S 214 49.03 -4.60 -87.93
C VAL S 214 48.27 -5.52 -86.97
N VAL S 215 46.94 -5.47 -87.03
CA VAL S 215 46.07 -6.33 -86.23
C VAL S 215 46.06 -7.74 -86.82
N ILE S 216 45.96 -7.83 -88.14
CA ILE S 216 45.96 -9.11 -88.87
C ILE S 216 47.28 -9.86 -88.66
N GLN S 217 48.37 -9.12 -88.58
CA GLN S 217 49.70 -9.69 -88.31
C GLN S 217 49.79 -10.33 -86.94
N ASN S 218 49.16 -9.70 -85.94
CA ASN S 218 49.19 -10.18 -84.56
C ASN S 218 48.21 -11.32 -84.27
N ILE S 219 47.09 -11.36 -85.00
CA ILE S 219 46.13 -12.46 -84.90
C ILE S 219 46.73 -13.72 -85.54
N ASN S 220 47.35 -13.57 -86.70
CA ASN S 220 48.04 -14.66 -87.39
C ASN S 220 49.15 -15.28 -86.57
N GLU S 221 49.86 -14.46 -85.80
CA GLU S 221 50.93 -14.92 -84.91
C GLU S 221 50.37 -15.66 -83.70
N LEU S 222 49.19 -15.26 -83.25
CA LEU S 222 48.52 -15.92 -82.13
C LEU S 222 48.01 -17.30 -82.53
N VAL S 223 47.52 -17.40 -83.77
CA VAL S 223 47.11 -18.69 -84.34
C VAL S 223 48.34 -19.57 -84.55
N LYS S 224 49.45 -18.95 -84.92
CA LYS S 224 50.73 -19.65 -85.11
C LYS S 224 51.30 -20.14 -83.78
N GLU S 225 51.15 -19.34 -82.73
CA GLU S 225 51.64 -19.69 -81.39
C GLU S 225 50.89 -20.89 -80.80
N ALA S 226 49.61 -20.69 -80.49
CA ALA S 226 48.78 -21.74 -79.92
C ALA S 226 47.32 -21.60 -80.37
N GLY S 227 46.91 -22.48 -81.28
CA GLY S 227 45.55 -22.49 -81.80
C GLY S 227 45.13 -23.86 -82.28
N LYS S 228 43.81 -24.07 -82.36
CA LYS S 228 43.26 -25.34 -82.82
C LYS S 228 43.50 -25.56 -84.32
N PRO S 229 43.98 -26.75 -84.70
CA PRO S 229 44.31 -27.09 -86.09
C PRO S 229 43.10 -27.03 -87.01
N ARG S 230 43.37 -26.86 -88.31
CA ARG S 230 42.33 -26.77 -89.33
C ARG S 230 41.49 -28.03 -89.41
N TRP S 231 40.18 -27.86 -89.53
CA TRP S 231 39.22 -28.96 -89.59
C TRP S 231 39.43 -29.85 -90.81
N ASP S 232 39.17 -31.14 -90.64
CA ASP S 232 39.19 -32.10 -91.74
C ASP S 232 37.92 -31.91 -92.58
N TRP S 233 37.99 -30.95 -93.51
CA TRP S 233 36.87 -30.61 -94.35
C TRP S 233 37.25 -30.63 -95.83
N GLN S 234 36.46 -31.33 -96.62
CA GLN S 234 36.65 -31.40 -98.07
C GLN S 234 35.35 -31.01 -98.78
N PRO S 235 35.45 -30.17 -99.83
CA PRO S 235 34.27 -29.78 -100.62
C PRO S 235 33.68 -30.99 -101.36
N GLU S 236 32.39 -30.91 -101.67
CA GLU S 236 31.69 -31.97 -102.39
C GLU S 236 32.37 -32.24 -103.74
N PRO S 237 32.87 -33.48 -103.93
CA PRO S 237 33.65 -33.87 -105.11
C PRO S 237 32.98 -33.53 -106.43
N VAL S 238 33.75 -32.98 -107.36
CA VAL S 238 33.24 -32.56 -108.66
C VAL S 238 32.89 -33.75 -109.56
N ASN S 239 31.59 -34.00 -109.70
CA ASN S 239 31.08 -35.07 -110.55
C ASN S 239 30.88 -34.57 -111.97
N GLU S 240 31.88 -34.80 -112.81
CA GLU S 240 31.89 -34.32 -114.19
C GLU S 240 30.89 -35.08 -115.08
N ALA S 241 30.63 -36.33 -114.72
CA ALA S 241 29.67 -37.17 -115.43
C ALA S 241 28.22 -36.72 -115.17
N LEU S 242 27.98 -36.20 -113.97
CA LEU S 242 26.67 -35.72 -113.57
C LEU S 242 26.38 -34.33 -114.15
N ASN S 243 27.39 -33.46 -114.11
CA ASN S 243 27.27 -32.09 -114.60
C ASN S 243 27.09 -31.98 -116.12
N ALA S 244 27.66 -32.93 -116.85
CA ALA S 244 27.58 -32.96 -118.31
C ALA S 244 26.21 -33.41 -118.82
N ARG S 245 25.57 -34.31 -118.07
CA ARG S 245 24.27 -34.85 -118.45
C ARG S 245 23.14 -33.88 -118.12
N VAL S 246 23.36 -33.02 -117.13
CA VAL S 246 22.39 -31.98 -116.76
C VAL S 246 22.46 -30.81 -117.73
N ALA S 247 23.69 -30.40 -118.07
CA ALA S 247 23.92 -29.27 -119.00
C ALA S 247 23.34 -29.51 -120.39
N ALA S 248 23.15 -30.78 -120.75
CA ALA S 248 22.53 -31.16 -122.02
C ALA S 248 21.02 -30.88 -122.02
N LEU S 249 20.44 -30.77 -120.84
CA LEU S 249 19.00 -30.53 -120.68
C LEU S 249 18.69 -29.19 -120.02
N ALA S 250 19.71 -28.52 -119.51
CA ALA S 250 19.53 -27.26 -118.77
C ALA S 250 20.19 -26.06 -119.44
N GLU S 251 21.50 -26.15 -119.67
CA GLU S 251 22.31 -25.03 -120.18
C GLU S 251 21.75 -24.38 -121.44
N ALA S 252 21.13 -25.19 -122.30
CA ALA S 252 20.50 -24.70 -123.53
C ALA S 252 19.29 -23.82 -123.25
N ARG S 253 18.40 -24.29 -122.38
CA ARG S 253 17.17 -23.56 -122.04
C ARG S 253 17.39 -22.43 -121.04
N LEU S 254 18.40 -22.58 -120.18
CA LEU S 254 18.75 -21.55 -119.19
C LEU S 254 19.37 -20.31 -119.85
N SER S 255 19.99 -20.51 -121.00
CA SER S 255 20.55 -19.42 -121.80
C SER S 255 19.43 -18.55 -122.39
N ASP S 256 18.34 -19.19 -122.77
CA ASP S 256 17.15 -18.51 -123.29
C ASP S 256 16.33 -17.90 -122.15
N ALA S 257 16.42 -18.50 -120.97
CA ALA S 257 15.66 -18.07 -119.79
C ALA S 257 16.08 -16.70 -119.28
N TYR S 258 17.38 -16.41 -119.36
CA TYR S 258 17.93 -15.13 -118.90
C TYR S 258 18.07 -14.11 -120.04
N ARG S 259 17.24 -14.25 -121.07
CA ARG S 259 17.21 -13.32 -122.20
C ARG S 259 16.00 -12.40 -122.15
N ILE S 260 14.89 -12.92 -121.62
CA ILE S 260 13.66 -12.15 -121.46
C ILE S 260 13.78 -11.09 -120.34
N THR S 261 13.10 -9.97 -120.54
CA THR S 261 13.28 -8.77 -119.71
C THR S 261 12.54 -8.79 -118.37
N ASP S 262 11.24 -9.08 -118.43
CA ASP S 262 10.35 -9.00 -117.26
C ASP S 262 10.74 -9.98 -116.15
N LYS S 263 10.75 -9.48 -114.91
CA LYS S 263 11.15 -10.25 -113.74
C LYS S 263 10.14 -11.34 -113.37
N GLN S 264 8.85 -11.04 -113.53
CA GLN S 264 7.77 -11.96 -113.17
C GLN S 264 7.76 -13.23 -114.02
N GLU S 265 7.89 -13.06 -115.34
CA GLU S 265 7.85 -14.20 -116.26
C GLU S 265 9.19 -14.91 -116.40
N ARG S 266 10.27 -14.26 -115.98
CA ARG S 266 11.61 -14.86 -115.98
C ARG S 266 11.74 -15.88 -114.85
N TYR S 267 11.32 -15.50 -113.66
CA TYR S 267 11.31 -16.40 -112.50
C TYR S 267 10.27 -17.50 -112.66
N ALA S 268 9.23 -17.25 -113.44
CA ALA S 268 8.22 -18.24 -113.76
C ALA S 268 8.74 -19.26 -114.77
N GLN S 269 9.52 -18.80 -115.74
CA GLN S 269 10.10 -19.65 -116.78
C GLN S 269 11.28 -20.47 -116.25
N VAL S 270 12.18 -19.82 -115.52
CA VAL S 270 13.38 -20.47 -114.98
C VAL S 270 13.05 -21.55 -113.94
N ASP S 271 11.86 -21.45 -113.34
CA ASP S 271 11.37 -22.46 -112.41
C ASP S 271 10.85 -23.70 -113.14
N VAL S 272 10.29 -23.48 -114.33
CA VAL S 272 9.77 -24.57 -115.17
C VAL S 272 10.90 -25.50 -115.63
N ILE S 273 12.02 -24.91 -116.07
CA ILE S 273 13.21 -25.67 -116.45
C ILE S 273 13.71 -26.53 -115.28
N LYS S 274 13.78 -25.94 -114.10
CA LYS S 274 14.18 -26.66 -112.89
C LYS S 274 13.19 -27.74 -112.49
N SER S 275 11.91 -27.47 -112.70
CA SER S 275 10.84 -28.42 -112.35
C SER S 275 10.71 -29.57 -113.36
N GLU S 276 11.22 -29.38 -114.56
CA GLU S 276 11.12 -30.39 -115.62
C GLU S 276 12.39 -31.21 -115.81
N THR S 277 13.54 -30.61 -115.51
CA THR S 277 14.84 -31.29 -115.64
C THR S 277 15.02 -32.34 -114.53
N ILE S 278 14.75 -31.95 -113.29
CA ILE S 278 14.86 -32.83 -112.13
C ILE S 278 13.83 -33.97 -112.18
N ALA S 279 12.63 -33.65 -112.66
CA ALA S 279 11.54 -34.62 -112.79
C ALA S 279 11.86 -35.75 -113.76
N THR S 280 12.61 -35.43 -114.82
CA THR S 280 13.03 -36.42 -115.81
C THR S 280 14.25 -37.20 -115.30
N LEU S 281 15.12 -36.52 -114.56
CA LEU S 281 16.32 -37.15 -113.98
C LEU S 281 16.00 -38.13 -112.86
N LEU S 282 14.99 -37.81 -112.05
CA LEU S 282 14.54 -38.69 -110.98
C LEU S 282 13.76 -39.89 -111.52
N ALA S 283 13.13 -39.70 -112.69
CA ALA S 283 12.40 -40.77 -113.37
C ALA S 283 13.36 -41.80 -113.97
N GLU S 284 14.57 -41.35 -114.32
CA GLU S 284 15.62 -42.22 -114.84
C GLU S 284 16.20 -43.10 -113.72
N ASP S 285 16.60 -42.46 -112.63
CA ASP S 285 17.11 -43.15 -111.44
C ASP S 285 16.85 -42.35 -110.17
N GLU S 286 16.58 -43.08 -109.07
CA GLU S 286 16.27 -42.46 -107.79
C GLU S 286 17.48 -42.40 -106.85
N THR S 287 18.66 -42.68 -107.40
CA THR S 287 19.90 -42.68 -106.63
C THR S 287 20.50 -41.28 -106.48
N LEU S 288 20.01 -40.34 -107.28
CA LEU S 288 20.50 -38.96 -107.29
C LEU S 288 20.03 -38.18 -106.05
N ASP S 289 20.92 -37.35 -105.52
CA ASP S 289 20.61 -36.48 -104.38
C ASP S 289 19.75 -35.31 -104.83
N GLU S 290 18.71 -35.02 -104.05
CA GLU S 290 17.73 -33.99 -104.40
C GLU S 290 18.30 -32.57 -104.25
N ASN S 291 19.12 -32.37 -103.22
CA ASN S 291 19.73 -31.07 -102.96
C ASN S 291 20.96 -30.76 -103.83
N GLU S 292 21.61 -31.82 -104.30
CA GLU S 292 22.81 -31.68 -105.14
C GLU S 292 22.47 -31.22 -106.56
N LEU S 293 21.35 -31.72 -107.09
CA LEU S 293 20.89 -31.38 -108.44
C LEU S 293 20.56 -29.90 -108.59
N GLY S 294 19.88 -29.34 -107.58
CA GLY S 294 19.54 -27.92 -107.57
C GLY S 294 20.73 -27.01 -107.33
N GLU S 295 21.79 -27.57 -106.74
CA GLU S 295 23.01 -26.83 -106.46
C GLU S 295 23.85 -26.61 -107.73
N ILE S 296 23.93 -27.64 -108.57
CA ILE S 296 24.68 -27.56 -109.83
C ILE S 296 23.91 -26.85 -110.95
N LEU S 297 22.59 -26.80 -110.81
CA LEU S 297 21.74 -26.02 -111.71
C LEU S 297 21.96 -24.52 -111.49
N HIS S 298 22.24 -24.15 -110.23
CA HIS S 298 22.57 -22.78 -109.85
C HIS S 298 23.94 -22.38 -110.39
N ALA S 299 24.84 -23.36 -110.50
CA ALA S 299 26.19 -23.14 -111.04
C ALA S 299 26.17 -22.75 -112.51
N ILE S 300 25.19 -23.27 -113.25
CA ILE S 300 24.99 -22.91 -114.66
C ILE S 300 24.38 -21.51 -114.75
N GLU S 301 23.42 -21.21 -113.86
CA GLU S 301 22.79 -19.90 -113.78
C GLU S 301 23.80 -18.79 -113.50
N LYS S 302 24.77 -19.10 -112.64
CA LYS S 302 25.85 -18.17 -112.30
C LYS S 302 26.82 -18.01 -113.47
N ASN S 303 27.05 -19.09 -114.21
CA ASN S 303 27.99 -19.10 -115.32
C ASN S 303 27.49 -18.34 -116.56
N VAL S 304 26.21 -18.48 -116.86
CA VAL S 304 25.60 -17.86 -118.05
C VAL S 304 25.53 -16.33 -117.94
N VAL S 305 25.08 -15.85 -116.78
CA VAL S 305 24.93 -14.41 -116.54
C VAL S 305 26.27 -13.69 -116.50
N ARG S 306 27.24 -14.26 -115.79
CA ARG S 306 28.57 -13.66 -115.65
C ARG S 306 29.37 -13.62 -116.95
N SER S 307 29.19 -14.63 -117.80
CA SER S 307 29.91 -14.72 -119.08
C SER S 307 29.43 -13.70 -120.11
N ARG S 308 28.13 -13.39 -120.07
CA ARG S 308 27.53 -12.43 -121.00
C ARG S 308 27.93 -10.98 -120.69
N VAL S 309 28.08 -10.68 -119.40
CA VAL S 309 28.47 -9.34 -118.95
C VAL S 309 29.97 -9.11 -119.19
N LEU S 310 30.77 -10.17 -119.00
CA LEU S 310 32.22 -10.10 -119.17
C LEU S 310 32.62 -9.94 -120.64
N ALA S 311 31.86 -10.58 -121.54
CA ALA S 311 32.14 -10.52 -122.98
C ALA S 311 31.80 -9.18 -123.59
N GLY S 312 30.73 -8.54 -123.09
CA GLY S 312 30.29 -7.25 -123.59
C GLY S 312 28.89 -7.29 -124.20
N GLU S 313 28.23 -8.43 -124.06
CA GLU S 313 26.86 -8.62 -124.56
C GLU S 313 25.85 -7.90 -123.67
N PRO S 314 24.69 -7.49 -124.25
CA PRO S 314 23.64 -6.82 -123.50
C PRO S 314 23.16 -7.62 -122.29
N ARG S 315 22.74 -6.91 -121.24
CA ARG S 315 22.35 -7.53 -119.97
C ARG S 315 20.98 -8.23 -120.05
N ILE S 316 20.50 -8.68 -118.88
CA ILE S 316 19.25 -9.42 -118.76
C ILE S 316 18.05 -8.65 -119.30
N ASP S 317 17.93 -7.39 -118.89
CA ASP S 317 16.83 -6.52 -119.33
C ASP S 317 17.13 -5.76 -120.64
N GLY S 318 18.31 -5.99 -121.19
CA GLY S 318 18.72 -5.37 -122.45
C GLY S 318 19.55 -4.10 -122.29
N ARG S 319 19.94 -3.80 -121.05
CA ARG S 319 20.75 -2.63 -120.75
C ARG S 319 22.23 -2.88 -121.04
N GLU S 320 23.00 -1.78 -121.10
CA GLU S 320 24.44 -1.85 -121.34
C GLU S 320 25.23 -1.77 -120.03
N LYS S 321 26.49 -1.40 -120.13
CA LYS S 321 27.41 -1.39 -118.99
C LYS S 321 27.13 -0.33 -117.91
N ASP S 322 26.86 0.90 -118.34
CA ASP S 322 26.78 2.05 -117.43
C ASP S 322 25.43 2.76 -117.36
N MET S 323 24.46 2.30 -118.16
CA MET S 323 23.13 2.91 -118.18
C MET S 323 22.21 2.35 -117.07
N ILE S 324 21.31 3.20 -116.59
CA ILE S 324 20.36 2.82 -115.54
C ILE S 324 18.92 2.77 -116.08
N ARG S 325 18.01 2.26 -115.28
CA ARG S 325 16.60 2.10 -115.67
C ARG S 325 15.82 3.42 -115.70
N GLY S 326 14.65 3.39 -116.34
CA GLY S 326 13.80 4.57 -116.48
C GLY S 326 13.06 4.95 -115.22
N LEU S 327 13.45 6.09 -114.65
CA LEU S 327 12.92 6.56 -113.37
C LEU S 327 11.50 7.12 -113.47
N ASP S 328 10.82 7.16 -112.33
CA ASP S 328 9.46 7.73 -112.22
C ASP S 328 9.32 8.43 -110.87
N VAL S 329 8.93 9.70 -110.92
CA VAL S 329 8.87 10.56 -109.74
C VAL S 329 7.47 11.15 -109.53
N ARG S 330 6.94 10.99 -108.31
CA ARG S 330 5.70 11.62 -107.91
C ARG S 330 5.82 12.30 -106.54
N THR S 331 5.17 13.45 -106.40
CA THR S 331 5.20 14.22 -105.16
C THR S 331 3.78 14.62 -104.75
N GLY S 332 3.44 14.39 -103.48
CA GLY S 332 2.12 14.70 -102.95
C GLY S 332 1.11 13.59 -103.26
N VAL S 333 1.43 12.38 -102.80
CA VAL S 333 0.62 11.21 -103.09
C VAL S 333 -0.64 11.15 -102.21
N LEU S 334 -0.45 11.32 -100.90
CA LEU S 334 -1.53 11.18 -99.93
C LEU S 334 -2.10 12.53 -99.51
N PRO S 335 -3.43 12.59 -99.29
CA PRO S 335 -4.06 13.85 -98.88
C PRO S 335 -3.85 14.20 -97.40
N ARG S 336 -3.99 13.22 -96.51
CA ARG S 336 -3.87 13.45 -95.07
C ARG S 336 -2.53 12.97 -94.51
N THR S 337 -1.48 13.75 -94.80
CA THR S 337 -0.13 13.50 -94.29
C THR S 337 0.69 14.79 -94.35
N HIS S 338 1.82 14.81 -93.65
CA HIS S 338 2.74 15.94 -93.71
C HIS S 338 3.45 15.99 -95.07
N GLY S 339 4.08 14.88 -95.43
CA GLY S 339 4.76 14.75 -96.72
C GLY S 339 4.73 13.32 -97.23
N SER S 340 4.51 13.17 -98.54
CA SER S 340 4.45 11.85 -99.18
C SER S 340 5.06 11.88 -100.58
N ALA S 341 5.74 10.79 -100.95
CA ALA S 341 6.38 10.67 -102.25
C ALA S 341 6.42 9.23 -102.74
N LEU S 342 6.18 9.06 -104.04
CA LEU S 342 6.25 7.74 -104.67
C LEU S 342 7.40 7.72 -105.68
N PHE S 343 8.39 6.87 -105.42
CA PHE S 343 9.57 6.75 -106.27
C PHE S 343 9.66 5.38 -106.93
N THR S 344 9.78 5.31 -108.23
CA THR S 344 9.89 4.02 -108.85
C THR S 344 11.01 4.13 -109.78
N ARG S 345 11.98 3.25 -109.69
CA ARG S 345 13.04 3.25 -110.66
C ARG S 345 13.16 1.91 -111.25
N GLY S 346 12.44 1.63 -112.30
CA GLY S 346 12.53 0.33 -112.93
C GLY S 346 11.46 -0.60 -112.46
N GLU S 347 11.76 -1.38 -111.46
CA GLU S 347 10.88 -2.41 -111.04
C GLU S 347 11.10 -2.49 -109.60
N THR S 348 11.38 -1.33 -109.01
CA THR S 348 11.41 -1.11 -107.56
C THR S 348 10.59 0.11 -107.21
N GLN S 349 9.78 0.00 -106.16
CA GLN S 349 8.90 1.09 -105.74
C GLN S 349 8.96 1.31 -104.23
N ALA S 350 9.01 2.59 -103.84
CA ALA S 350 9.08 2.96 -102.43
C ALA S 350 8.14 4.12 -102.10
N LEU S 351 7.12 3.82 -101.30
CA LEU S 351 6.18 4.83 -100.81
C LEU S 351 6.74 5.45 -99.53
N VAL S 352 7.57 6.48 -99.71
CA VAL S 352 8.27 7.12 -98.59
C VAL S 352 7.49 8.34 -98.09
N THR S 353 7.24 8.37 -96.79
CA THR S 353 6.46 9.46 -96.17
C THR S 353 7.22 10.12 -95.03
N ALA S 354 7.05 11.44 -94.91
CA ALA S 354 7.66 12.22 -93.83
C ALA S 354 6.61 12.69 -92.83
N THR S 355 7.00 12.73 -91.56
CA THR S 355 6.09 13.11 -90.47
C THR S 355 6.73 14.17 -89.57
N LEU S 356 5.98 15.22 -89.27
CA LEU S 356 6.44 16.31 -88.40
C LEU S 356 5.86 16.17 -86.99
N GLY S 357 6.68 16.48 -85.99
CA GLY S 357 6.26 16.39 -84.59
C GLY S 357 7.07 17.28 -83.66
N THR S 358 6.56 17.43 -82.44
CA THR S 358 7.21 18.26 -81.41
C THR S 358 8.34 17.47 -80.75
N ALA S 359 9.17 18.17 -79.97
CA ALA S 359 10.28 17.56 -79.23
C ALA S 359 9.79 16.59 -78.15
N ARG S 360 8.49 16.61 -77.88
CA ARG S 360 7.84 15.70 -76.94
C ARG S 360 7.75 14.29 -77.53
N ASP S 361 7.76 14.21 -78.86
CA ASP S 361 7.67 12.94 -79.59
C ASP S 361 9.05 12.46 -80.08
N ALA S 362 10.11 12.90 -79.39
CA ALA S 362 11.47 12.51 -79.73
C ALA S 362 11.87 11.21 -79.03
N GLN S 363 12.64 10.38 -79.73
CA GLN S 363 13.07 9.08 -79.21
C GLN S 363 14.25 9.21 -78.25
N VAL S 364 14.16 8.50 -77.12
CA VAL S 364 15.24 8.45 -76.14
C VAL S 364 15.82 7.04 -76.10
N LEU S 365 17.12 6.93 -76.40
CA LEU S 365 17.80 5.64 -76.43
C LEU S 365 18.73 5.46 -75.24
N ASP S 366 18.69 4.27 -74.64
CA ASP S 366 19.56 3.93 -73.52
C ASP S 366 20.75 3.07 -73.97
N GLU S 367 21.83 3.76 -74.34
CA GLU S 367 23.07 3.09 -74.75
C GLU S 367 24.10 3.15 -73.63
N LEU S 368 24.91 2.10 -73.53
CA LEU S 368 25.95 2.00 -72.51
C LEU S 368 27.11 2.97 -72.78
N MET S 369 27.23 3.39 -74.04
CA MET S 369 28.24 4.36 -74.46
C MET S 369 27.89 5.76 -73.98
N GLY S 370 26.60 6.06 -73.93
CA GLY S 370 26.11 7.37 -73.48
C GLY S 370 24.66 7.60 -73.86
N GLU S 371 23.91 8.21 -72.95
CA GLU S 371 22.50 8.51 -73.17
C GLU S 371 22.35 9.67 -74.16
N ARG S 372 21.51 9.45 -75.18
CA ARG S 372 21.31 10.44 -76.24
C ARG S 372 19.87 10.46 -76.75
N THR S 373 19.41 11.65 -77.12
CA THR S 373 18.08 11.83 -77.70
C THR S 373 18.16 11.93 -79.22
N ASP S 374 17.19 11.32 -79.90
CA ASP S 374 17.16 11.29 -81.36
C ASP S 374 15.96 12.04 -81.90
N THR S 375 16.22 13.05 -82.73
CA THR S 375 15.16 13.87 -83.33
C THR S 375 14.75 13.33 -84.69
N PHE S 376 15.73 12.95 -85.51
CA PHE S 376 15.48 12.38 -86.83
C PHE S 376 15.34 10.86 -86.75
N LEU S 377 14.23 10.35 -87.26
CA LEU S 377 13.95 8.92 -87.24
C LEU S 377 13.70 8.36 -88.64
N PHE S 378 14.22 7.17 -88.91
CA PHE S 378 14.01 6.49 -90.19
C PHE S 378 13.65 5.03 -89.97
N HIS S 379 12.59 4.58 -90.64
CA HIS S 379 12.14 3.19 -90.53
C HIS S 379 11.94 2.56 -91.91
N TYR S 380 12.55 1.38 -92.09
CA TYR S 380 12.47 0.65 -93.34
C TYR S 380 11.54 -0.57 -93.19
N ASN S 381 10.47 -0.57 -93.98
CA ASN S 381 9.51 -1.68 -93.97
C ASN S 381 9.57 -2.48 -95.27
N PHE S 382 9.85 -3.77 -95.15
CA PHE S 382 9.95 -4.67 -96.30
C PHE S 382 8.86 -5.76 -96.24
N PRO S 383 7.71 -5.49 -96.88
CA PRO S 383 6.59 -6.44 -96.94
C PRO S 383 6.85 -7.54 -97.97
N PRO S 384 6.18 -8.70 -97.82
CA PRO S 384 6.39 -9.83 -98.74
C PRO S 384 5.85 -9.62 -100.16
N TYR S 385 4.95 -8.66 -100.34
CA TYR S 385 4.35 -8.40 -101.66
C TYR S 385 5.25 -7.59 -102.59
N SER S 386 6.38 -7.12 -102.07
CA SER S 386 7.37 -6.38 -102.85
C SER S 386 8.11 -7.30 -103.83
N VAL S 387 8.44 -8.49 -103.36
CA VAL S 387 9.10 -9.50 -104.18
C VAL S 387 8.11 -10.42 -104.91
N GLY S 388 6.87 -10.43 -104.41
CA GLY S 388 5.80 -11.25 -104.98
C GLY S 388 5.64 -12.58 -104.29
N GLU S 389 5.70 -12.56 -102.96
CA GLU S 389 5.58 -13.78 -102.15
C GLU S 389 4.70 -13.57 -100.92
N THR S 390 4.52 -14.63 -100.14
CA THR S 390 3.75 -14.57 -98.90
C THR S 390 4.68 -14.79 -97.70
N GLY S 391 4.49 -13.97 -96.67
CA GLY S 391 5.32 -14.04 -95.46
C GLY S 391 4.61 -13.53 -94.22
N MET S 392 4.88 -14.14 -93.09
CA MET S 392 4.26 -13.74 -91.88
C MET S 392 4.86 -12.40 -91.60
N VAL S 393 4.07 -11.50 -91.03
CA VAL S 393 4.55 -10.15 -90.72
C VAL S 393 4.79 -10.00 -89.22
N GLY S 394 5.92 -10.54 -88.75
CA GLY S 394 6.27 -10.46 -87.35
C GLY S 394 7.00 -9.18 -87.01
N SER S 395 8.13 -9.32 -86.32
CA SER S 395 8.95 -8.16 -85.94
C SER S 395 9.97 -7.83 -87.01
N PRO S 396 10.28 -6.54 -87.13
CA PRO S 396 11.25 -6.08 -88.14
C PRO S 396 12.46 -7.00 -88.21
N LYS S 397 12.67 -7.62 -89.37
CA LYS S 397 13.80 -8.53 -89.56
C LYS S 397 15.13 -7.81 -89.35
N ARG S 398 16.21 -8.57 -89.35
CA ARG S 398 17.55 -8.00 -89.17
C ARG S 398 17.98 -7.06 -90.28
N ARG S 399 17.61 -7.40 -91.52
CA ARG S 399 17.96 -6.57 -92.68
C ARG S 399 17.04 -5.37 -92.86
N GLU S 400 15.87 -5.42 -92.24
CA GLU S 400 14.93 -4.28 -92.23
C GLU S 400 15.48 -3.14 -91.36
N ILE S 401 16.13 -3.50 -90.26
CA ILE S 401 16.79 -2.53 -89.39
C ILE S 401 18.10 -2.06 -90.02
N GLY S 402 18.75 -2.97 -90.75
CA GLY S 402 20.01 -2.67 -91.45
C GLY S 402 19.86 -1.65 -92.56
N HIS S 403 18.79 -1.78 -93.34
CA HIS S 403 18.49 -0.84 -94.41
C HIS S 403 17.85 0.45 -93.89
N GLY S 404 17.35 0.40 -92.66
CA GLY S 404 16.74 1.55 -92.00
C GLY S 404 17.75 2.62 -91.62
N ARG S 405 18.87 2.19 -91.03
CA ARG S 405 19.96 3.09 -90.67
C ARG S 405 20.76 3.49 -91.91
N LEU S 406 20.73 2.63 -92.92
CA LEU S 406 21.40 2.88 -94.21
C LEU S 406 20.87 4.14 -94.88
N ALA S 407 19.54 4.24 -94.97
CA ALA S 407 18.88 5.39 -95.58
C ALA S 407 18.89 6.62 -94.67
N LYS S 408 19.06 6.37 -93.37
CA LYS S 408 19.18 7.44 -92.38
C LYS S 408 20.52 8.17 -92.52
N ARG S 409 21.58 7.42 -92.80
CA ARG S 409 22.92 7.96 -93.01
C ARG S 409 23.04 8.71 -94.33
N GLY S 410 22.23 8.31 -95.31
CA GLY S 410 22.24 8.92 -96.64
C GLY S 410 21.61 10.30 -96.70
N VAL S 411 20.72 10.60 -95.77
CA VAL S 411 20.04 11.89 -95.70
C VAL S 411 20.46 12.69 -94.47
N LEU S 412 21.37 12.11 -93.68
CA LEU S 412 21.84 12.73 -92.42
C LEU S 412 22.49 14.09 -92.62
N ALA S 413 23.40 14.16 -93.58
CA ALA S 413 24.12 15.40 -93.90
C ALA S 413 23.23 16.43 -94.61
N VAL S 414 22.23 15.92 -95.32
CA VAL S 414 21.28 16.75 -96.06
C VAL S 414 20.32 17.47 -95.10
N MET S 415 19.93 16.77 -94.03
CA MET S 415 19.01 17.32 -93.03
C MET S 415 19.61 18.51 -92.30
N PRO S 416 18.82 19.60 -92.15
CA PRO S 416 19.27 20.79 -91.43
C PRO S 416 19.42 20.56 -89.93
N ASP S 417 20.29 21.36 -89.30
CA ASP S 417 20.53 21.26 -87.85
C ASP S 417 19.32 21.70 -87.02
N MET S 418 19.32 21.30 -85.75
CA MET S 418 18.16 21.44 -84.86
C MET S 418 17.71 22.89 -84.60
N ASP S 419 18.65 23.80 -84.49
CA ASP S 419 18.36 25.20 -84.11
C ASP S 419 17.60 26.01 -85.15
N LYS S 420 17.51 25.50 -86.38
CA LYS S 420 16.83 26.18 -87.47
C LYS S 420 15.55 25.49 -87.97
N PHE S 421 14.95 24.64 -87.12
CA PHE S 421 13.71 23.95 -87.50
C PHE S 421 12.51 24.27 -86.59
N PRO S 422 12.50 23.79 -85.32
CA PRO S 422 13.33 22.82 -84.61
C PRO S 422 12.64 21.46 -84.41
N TYR S 423 11.62 21.19 -85.23
CA TYR S 423 10.76 20.00 -85.08
C TYR S 423 11.48 18.67 -85.27
N THR S 424 10.83 17.59 -84.81
CA THR S 424 11.35 16.23 -85.00
C THR S 424 10.75 15.59 -86.24
N VAL S 425 11.59 14.92 -87.03
CA VAL S 425 11.17 14.32 -88.29
C VAL S 425 11.22 12.79 -88.25
N ARG S 426 10.11 12.17 -88.61
CA ARG S 426 10.03 10.71 -88.73
C ARG S 426 9.76 10.33 -90.18
N VAL S 427 10.67 9.57 -90.77
CA VAL S 427 10.55 9.15 -92.17
C VAL S 427 10.29 7.65 -92.26
N VAL S 428 9.17 7.28 -92.88
CA VAL S 428 8.79 5.87 -93.04
C VAL S 428 8.75 5.50 -94.51
N SER S 429 9.50 4.47 -94.88
CA SER S 429 9.56 3.98 -96.26
C SER S 429 8.79 2.68 -96.42
N GLU S 430 7.86 2.66 -97.36
CA GLU S 430 7.05 1.47 -97.65
C GLU S 430 7.42 0.89 -99.01
N ILE S 431 8.08 -0.27 -98.99
CA ILE S 431 8.54 -0.91 -100.22
C ILE S 431 7.40 -1.68 -100.89
N THR S 432 7.14 -1.33 -102.15
CA THR S 432 6.00 -1.89 -102.90
C THR S 432 6.47 -2.89 -103.96
N GLU S 433 7.68 -2.65 -104.49
CA GLU S 433 8.25 -3.52 -105.51
C GLU S 433 9.71 -3.83 -105.22
N SER S 434 9.96 -5.00 -104.66
CA SER S 434 11.33 -5.42 -104.32
C SER S 434 11.97 -6.15 -105.50
N ASN S 435 13.07 -5.61 -105.99
CA ASN S 435 13.79 -6.22 -107.11
C ASN S 435 15.19 -5.64 -107.28
N GLY S 436 15.38 -4.41 -106.81
CA GLY S 436 16.67 -3.75 -106.90
C GLY S 436 16.99 -2.93 -105.67
N SER S 437 17.81 -3.50 -104.78
CA SER S 437 18.20 -2.82 -103.56
C SER S 437 17.43 -1.52 -103.37
N SER S 438 16.25 -1.61 -102.78
CA SER S 438 15.42 -0.44 -102.55
C SER S 438 16.09 0.53 -101.57
N SER S 439 16.94 -0.01 -100.71
CA SER S 439 17.65 0.79 -99.72
C SER S 439 18.06 2.14 -100.31
N MET S 440 18.50 2.12 -101.57
CA MET S 440 18.93 3.33 -102.24
C MET S 440 17.74 4.13 -102.76
N ALA S 441 16.69 3.41 -103.17
CA ALA S 441 15.49 4.04 -103.68
C ALA S 441 14.79 4.86 -102.60
N SER S 442 14.85 4.37 -101.37
CA SER S 442 14.22 5.06 -100.24
C SER S 442 14.87 6.41 -99.97
N VAL S 443 16.16 6.52 -100.25
CA VAL S 443 16.92 7.77 -100.10
C VAL S 443 16.42 8.83 -101.09
N CYS S 444 16.14 8.39 -102.32
CA CYS S 444 15.57 9.25 -103.35
C CYS S 444 14.15 9.68 -102.99
N GLY S 445 13.39 8.74 -102.42
CA GLY S 445 12.02 9.00 -101.98
C GLY S 445 11.92 9.88 -100.75
N ALA S 446 12.95 9.83 -99.91
CA ALA S 446 13.01 10.64 -98.69
C ALA S 446 13.21 12.13 -99.01
N SER S 447 14.06 12.42 -100.00
CA SER S 447 14.34 13.78 -100.43
C SER S 447 13.11 14.48 -101.00
N LEU S 448 12.27 13.71 -101.68
CA LEU S 448 11.04 14.23 -102.27
C LEU S 448 9.93 14.37 -101.23
N ALA S 449 9.95 13.48 -100.23
CA ALA S 449 8.96 13.50 -99.15
C ALA S 449 9.20 14.63 -98.16
N LEU S 450 10.47 14.97 -97.94
CA LEU S 450 10.86 16.06 -97.06
C LEU S 450 10.50 17.43 -97.66
N MET S 451 10.61 17.53 -98.97
CA MET S 451 10.22 18.75 -99.70
C MET S 451 8.71 18.91 -99.77
N ASP S 452 8.00 17.77 -99.77
CA ASP S 452 6.54 17.77 -99.75
C ASP S 452 6.02 18.13 -98.35
N ALA S 453 6.79 17.77 -97.33
CA ALA S 453 6.46 18.09 -95.93
C ALA S 453 6.73 19.55 -95.61
N GLY S 454 7.74 20.12 -96.26
CA GLY S 454 8.14 21.51 -96.04
C GLY S 454 9.34 21.63 -95.14
N VAL S 455 10.32 20.75 -95.35
CA VAL S 455 11.56 20.74 -94.57
C VAL S 455 12.69 21.37 -95.38
N PRO S 456 13.27 22.48 -94.87
CA PRO S 456 14.36 23.19 -95.54
C PRO S 456 15.67 22.41 -95.54
N ILE S 457 15.71 21.34 -96.32
CA ILE S 457 16.92 20.52 -96.51
C ILE S 457 17.94 21.25 -97.39
N LYS S 458 19.22 20.98 -97.16
CA LYS S 458 20.31 21.68 -97.84
C LYS S 458 20.29 21.50 -99.37
N ALA S 459 20.08 20.25 -99.80
CA ALA S 459 20.02 19.92 -101.23
C ALA S 459 19.15 18.69 -101.49
N ALA S 460 19.21 18.18 -102.71
CA ALA S 460 18.53 16.92 -103.06
C ALA S 460 19.51 15.77 -102.96
N VAL S 461 19.01 14.59 -102.58
CA VAL S 461 19.86 13.41 -102.41
C VAL S 461 19.37 12.19 -103.19
N ALA S 462 20.29 11.50 -103.87
CA ALA S 462 19.99 10.32 -104.65
C ALA S 462 20.89 9.14 -104.27
N GLY S 463 20.49 7.94 -104.69
CA GLY S 463 21.25 6.73 -104.38
C GLY S 463 21.13 5.62 -105.42
N ILE S 464 22.20 4.85 -105.58
CA ILE S 464 22.25 3.73 -106.53
C ILE S 464 23.08 2.55 -105.99
N ALA S 465 22.86 1.37 -106.58
CA ALA S 465 23.63 0.18 -106.27
C ALA S 465 24.43 -0.28 -107.49
N MET S 466 25.69 -0.64 -107.24
CA MET S 466 26.60 -1.07 -108.32
C MET S 466 27.07 -2.51 -108.10
N GLY S 467 27.34 -3.20 -109.20
CA GLY S 467 27.81 -4.58 -109.16
C GLY S 467 29.11 -4.79 -109.90
N LEU S 468 29.62 -6.02 -109.87
CA LEU S 468 30.89 -6.37 -110.52
C LEU S 468 30.92 -7.83 -110.98
N VAL S 469 31.53 -8.05 -112.14
CA VAL S 469 31.82 -9.39 -112.64
C VAL S 469 33.34 -9.50 -112.84
N LYS S 470 34.00 -10.25 -111.96
CA LYS S 470 35.46 -10.35 -111.96
C LYS S 470 35.94 -11.78 -112.15
N GLU S 471 36.93 -11.94 -113.03
CA GLU S 471 37.55 -13.24 -113.27
C GLU S 471 39.06 -13.05 -113.45
N GLY S 472 39.81 -13.35 -112.39
CA GLY S 472 41.27 -13.18 -112.40
C GLY S 472 41.66 -11.73 -112.20
N ASP S 473 41.68 -10.98 -113.30
CA ASP S 473 42.02 -9.55 -113.27
C ASP S 473 41.16 -8.70 -114.22
N ASN S 474 40.18 -9.35 -114.86
CA ASN S 474 39.25 -8.67 -115.75
C ASN S 474 37.93 -8.35 -115.05
N TYR S 475 37.61 -7.06 -114.98
CA TYR S 475 36.45 -6.58 -114.22
C TYR S 475 35.49 -5.73 -115.06
N VAL S 476 34.20 -5.91 -114.83
CA VAL S 476 33.16 -5.12 -115.49
C VAL S 476 32.25 -4.49 -114.42
N VAL S 477 32.14 -3.17 -114.44
CA VAL S 477 31.32 -2.44 -113.47
C VAL S 477 29.90 -2.23 -113.99
N LEU S 478 28.92 -2.65 -113.20
CA LEU S 478 27.50 -2.56 -113.58
C LEU S 478 26.81 -1.41 -112.85
N SER S 479 25.92 -0.73 -113.57
CA SER S 479 25.13 0.37 -113.01
C SER S 479 23.67 -0.04 -112.80
N ASP S 480 23.17 0.23 -111.59
CA ASP S 480 21.80 -0.14 -111.18
C ASP S 480 21.51 -1.64 -111.42
N ILE S 481 22.03 -2.47 -110.51
CA ILE S 481 21.93 -3.92 -110.63
C ILE S 481 20.54 -4.46 -110.31
N LEU S 482 20.17 -5.54 -111.00
CA LEU S 482 18.88 -6.21 -110.80
C LEU S 482 18.96 -7.21 -109.64
N GLY S 483 17.90 -8.01 -109.48
CA GLY S 483 17.83 -9.03 -108.45
C GLY S 483 18.81 -10.17 -108.68
N ASP S 484 18.90 -10.61 -109.94
CA ASP S 484 19.81 -11.69 -110.32
C ASP S 484 21.25 -11.22 -110.40
N GLU S 485 21.44 -9.94 -110.72
CA GLU S 485 22.77 -9.33 -110.85
C GLU S 485 23.45 -9.10 -109.50
N ASP S 486 22.65 -9.00 -108.44
CA ASP S 486 23.15 -8.81 -107.08
C ASP S 486 23.59 -10.14 -106.46
N HIS S 487 22.81 -11.19 -106.71
CA HIS S 487 23.10 -12.52 -106.17
C HIS S 487 24.23 -13.22 -106.90
N LEU S 488 24.24 -13.12 -108.23
CA LEU S 488 25.22 -13.82 -109.07
C LEU S 488 26.42 -12.94 -109.42
N GLY S 489 26.47 -11.74 -108.86
CA GLY S 489 27.57 -10.81 -109.09
C GLY S 489 28.74 -11.06 -108.17
N ASP S 490 29.34 -9.97 -107.67
CA ASP S 490 30.49 -10.06 -106.76
C ASP S 490 30.37 -9.10 -105.58
N MET S 491 29.74 -7.94 -105.80
CA MET S 491 29.61 -6.92 -104.77
C MET S 491 28.30 -6.13 -104.85
N ASP S 492 27.92 -5.55 -103.71
CA ASP S 492 26.78 -4.65 -103.65
C ASP S 492 27.27 -3.24 -103.30
N PHE S 493 27.87 -2.59 -104.30
CA PHE S 493 28.46 -1.26 -104.13
C PHE S 493 27.38 -0.18 -104.10
N LYS S 494 27.02 0.24 -102.89
CA LYS S 494 25.91 1.18 -102.69
C LYS S 494 26.43 2.56 -102.31
N VAL S 495 25.99 3.58 -103.04
CA VAL S 495 26.45 4.96 -102.83
C VAL S 495 25.28 5.94 -102.78
N ALA S 496 25.26 6.79 -101.75
CA ALA S 496 24.26 7.85 -101.61
C ALA S 496 24.90 9.20 -101.36
N GLY S 497 24.39 10.23 -102.02
CA GLY S 497 24.91 11.60 -101.87
C GLY S 497 24.18 12.63 -102.70
N SER S 498 24.61 13.88 -102.57
CA SER S 498 24.02 15.00 -103.30
C SER S 498 24.77 15.29 -104.60
N ARG S 499 24.55 16.49 -105.15
CA ARG S 499 25.22 16.92 -106.37
C ARG S 499 26.68 17.29 -106.10
N ASP S 500 26.96 17.73 -104.87
CA ASP S 500 28.29 18.18 -104.49
C ASP S 500 29.21 17.04 -104.03
N GLY S 501 28.72 16.24 -103.07
CA GLY S 501 29.53 15.16 -102.50
C GLY S 501 28.77 13.88 -102.17
N ILE S 502 29.40 13.02 -101.40
CA ILE S 502 28.83 11.73 -101.02
C ILE S 502 28.45 11.73 -99.53
N SER S 503 27.18 11.51 -99.24
CA SER S 503 26.67 11.50 -97.88
C SER S 503 27.04 10.20 -97.14
N ALA S 504 26.76 9.06 -97.77
CA ALA S 504 27.05 7.75 -97.18
C ALA S 504 27.14 6.67 -98.26
N LEU S 505 28.11 5.77 -98.10
CA LEU S 505 28.25 4.63 -99.00
C LEU S 505 28.43 3.31 -98.25
N GLN S 506 27.85 2.25 -98.80
CA GLN S 506 27.98 0.90 -98.25
C GLN S 506 28.66 -0.01 -99.26
N MET S 507 29.72 -0.69 -98.82
CA MET S 507 30.49 -1.57 -99.69
C MET S 507 30.47 -3.01 -99.14
N ASP S 508 29.80 -3.89 -99.87
CA ASP S 508 29.69 -5.29 -99.47
C ASP S 508 30.18 -6.23 -100.57
N ILE S 509 31.39 -6.75 -100.40
CA ILE S 509 32.01 -7.63 -101.39
C ILE S 509 31.90 -9.09 -100.96
N LYS S 510 31.46 -9.94 -101.88
CA LYS S 510 31.25 -11.37 -101.60
C LYS S 510 32.45 -12.24 -101.96
N ILE S 511 33.55 -11.59 -102.38
CA ILE S 511 34.76 -12.30 -102.76
C ILE S 511 35.97 -11.73 -102.04
N GLU S 512 37.15 -11.88 -102.66
CA GLU S 512 38.39 -11.38 -102.08
C GLU S 512 39.36 -10.95 -103.18
N GLY S 513 39.36 -9.66 -103.50
CA GLY S 513 40.24 -9.12 -104.52
C GLY S 513 40.05 -7.64 -104.73
N ILE S 514 38.86 -7.25 -105.17
CA ILE S 514 38.53 -5.85 -105.41
C ILE S 514 39.75 -4.96 -105.16
N THR S 515 40.33 -4.44 -106.22
CA THR S 515 41.50 -3.57 -106.12
C THR S 515 41.11 -2.10 -106.30
N LYS S 516 41.94 -1.21 -105.77
CA LYS S 516 41.69 0.23 -105.88
C LYS S 516 41.31 0.61 -107.30
N GLU S 517 42.04 0.08 -108.28
CA GLU S 517 41.78 0.37 -109.67
C GLU S 517 40.29 0.22 -110.00
N ILE S 518 39.70 -0.88 -109.53
CA ILE S 518 38.29 -1.14 -109.77
C ILE S 518 37.41 -0.22 -108.92
N MET S 519 37.91 0.16 -107.76
CA MET S 519 37.17 1.04 -106.86
C MET S 519 37.05 2.45 -107.44
N GLN S 520 38.04 2.84 -108.24
CA GLN S 520 38.04 4.16 -108.86
C GLN S 520 37.01 4.24 -109.98
N VAL S 521 36.76 3.11 -110.63
CA VAL S 521 35.79 3.06 -111.72
C VAL S 521 34.37 2.81 -111.20
N ALA S 522 34.29 2.14 -110.04
CA ALA S 522 33.00 1.84 -109.43
C ALA S 522 32.42 3.06 -108.74
N LEU S 523 33.29 3.86 -108.13
CA LEU S 523 32.87 5.07 -107.42
C LEU S 523 32.65 6.25 -108.37
N ASN S 524 33.43 6.31 -109.44
CA ASN S 524 33.31 7.36 -110.46
C ASN S 524 32.09 7.16 -111.35
N GLN S 525 31.77 5.90 -111.64
CA GLN S 525 30.58 5.56 -112.42
C GLN S 525 29.32 5.71 -111.57
N ALA S 526 29.49 5.65 -110.25
CA ALA S 526 28.41 5.86 -109.29
C ALA S 526 27.96 7.32 -109.27
N LYS S 527 28.88 8.24 -109.59
CA LYS S 527 28.58 9.66 -109.66
C LYS S 527 27.60 9.99 -110.78
N GLY S 528 27.87 9.44 -111.97
CA GLY S 528 27.03 9.65 -113.14
C GLY S 528 25.62 9.11 -112.99
N ALA S 529 25.50 7.94 -112.36
CA ALA S 529 24.21 7.31 -112.08
C ALA S 529 23.43 8.08 -111.01
N ARG S 530 24.15 8.70 -110.09
CA ARG S 530 23.54 9.50 -109.02
C ARG S 530 23.06 10.85 -109.54
N LEU S 531 23.86 11.46 -110.42
CA LEU S 531 23.52 12.76 -111.02
C LEU S 531 22.32 12.66 -111.97
N HIS S 532 22.09 11.48 -112.51
CA HIS S 532 20.97 11.24 -113.42
C HIS S 532 19.63 11.26 -112.68
N ILE S 533 19.61 10.67 -111.48
CA ILE S 533 18.40 10.64 -110.65
C ILE S 533 18.12 12.03 -110.06
N LEU S 534 19.19 12.75 -109.72
CA LEU S 534 19.08 14.11 -109.18
C LEU S 534 18.44 15.08 -110.17
N GLY S 535 18.74 14.89 -111.46
CA GLY S 535 18.20 15.72 -112.52
C GLY S 535 16.71 15.53 -112.75
N VAL S 536 16.23 14.29 -112.57
CA VAL S 536 14.82 13.95 -112.73
C VAL S 536 14.01 14.45 -111.53
N MET S 537 14.57 14.32 -110.33
CA MET S 537 13.94 14.79 -109.11
C MET S 537 13.93 16.31 -109.00
N GLU S 538 14.92 16.95 -109.64
CA GLU S 538 15.02 18.41 -109.69
C GLU S 538 13.91 19.02 -110.54
N GLN S 539 13.44 18.25 -111.52
CA GLN S 539 12.37 18.67 -112.43
C GLN S 539 11.02 18.73 -111.72
N ALA S 540 10.78 17.78 -110.83
CA ALA S 540 9.52 17.70 -110.09
C ALA S 540 9.44 18.73 -108.97
N ILE S 541 10.33 18.59 -107.97
CA ILE S 541 10.37 19.50 -106.83
C ILE S 541 11.80 19.73 -106.34
N ASN S 542 12.14 21.00 -106.12
CA ASN S 542 13.48 21.39 -105.68
C ASN S 542 13.48 22.29 -104.43
N ALA S 543 12.33 22.91 -104.16
CA ALA S 543 12.16 23.79 -103.01
C ALA S 543 11.07 23.28 -102.07
N PRO S 544 11.34 23.29 -100.75
CA PRO S 544 10.37 22.84 -99.75
C PRO S 544 9.15 23.76 -99.65
N GLY T 19 -11.03 14.70 -102.44
CA GLY T 19 -10.31 13.91 -101.40
C GLY T 19 -9.97 12.52 -101.86
N ALA T 20 -9.14 12.43 -102.89
CA ALA T 20 -8.72 11.15 -103.46
C ALA T 20 -7.22 10.90 -103.22
N ALA T 21 -6.87 9.63 -103.06
CA ALA T 21 -5.48 9.23 -102.80
C ALA T 21 -4.94 8.31 -103.91
N GLY T 22 -3.63 8.40 -104.13
CA GLY T 22 -2.96 7.57 -105.13
C GLY T 22 -1.89 8.31 -105.91
N GLY T 23 -1.31 7.61 -106.90
CA GLY T 23 -0.24 8.16 -107.72
C GLY T 23 -0.68 9.22 -108.71
N HIS T 24 -1.96 9.17 -109.11
CA HIS T 24 -2.51 10.11 -110.08
C HIS T 24 -2.89 11.45 -109.44
N THR T 25 -3.02 11.46 -108.12
CA THR T 25 -3.36 12.67 -107.36
C THR T 25 -2.13 13.47 -106.92
N ALA T 26 -0.99 13.18 -107.55
CA ALA T 26 0.26 13.87 -107.27
C ALA T 26 0.28 15.28 -107.84
N THR T 27 0.78 16.23 -107.05
CA THR T 27 0.85 17.63 -107.45
C THR T 27 1.96 17.86 -108.49
N HIS T 28 3.06 17.13 -108.35
CA HIS T 28 4.18 17.21 -109.28
C HIS T 28 4.49 15.85 -109.89
N HIS T 29 4.63 15.81 -111.22
CA HIS T 29 4.87 14.57 -111.95
C HIS T 29 6.12 14.67 -112.82
N ALA T 30 6.98 13.65 -112.73
CA ALA T 30 8.19 13.57 -113.52
C ALA T 30 8.45 12.14 -113.99
N SER T 31 8.86 12.00 -115.25
CA SER T 31 9.12 10.69 -115.84
C SER T 31 10.49 10.65 -116.53
N ALA T 32 11.12 9.48 -116.49
CA ALA T 32 12.43 9.29 -117.10
C ALA T 32 12.51 7.98 -117.90
N ALA T 33 13.33 8.00 -118.95
CA ALA T 33 13.56 6.83 -119.80
C ALA T 33 14.97 6.28 -119.54
N PRO T 34 15.15 4.94 -119.67
CA PRO T 34 16.46 4.34 -119.41
C PRO T 34 17.52 4.78 -120.42
N ALA T 35 18.49 5.57 -119.95
CA ALA T 35 19.55 6.13 -120.81
C ALA T 35 20.88 6.30 -120.07
N ARG T 36 21.94 6.49 -120.84
CA ARG T 36 23.29 6.69 -120.31
C ARG T 36 23.48 8.07 -119.69
N PRO T 37 24.28 8.16 -118.61
CA PRO T 37 24.66 9.46 -118.05
C PRO T 37 25.70 10.15 -118.95
N GLN T 38 25.44 11.41 -119.28
CA GLN T 38 26.32 12.17 -120.17
C GLN T 38 27.58 12.69 -119.45
N PRO T 39 28.74 12.63 -120.13
CA PRO T 39 29.98 13.13 -119.56
C PRO T 39 30.22 14.61 -119.86
N MET U 1 6.91 1.81 -119.80
CA MET U 1 5.82 2.81 -119.60
C MET U 1 4.82 2.34 -118.55
N LEU U 2 4.41 3.26 -117.67
CA LEU U 2 3.45 2.96 -116.62
C LEU U 2 2.27 3.93 -116.61
N ASN U 3 1.06 3.38 -116.55
CA ASN U 3 -0.16 4.16 -116.52
C ASN U 3 -1.21 3.57 -115.57
N PRO U 4 -1.63 4.34 -114.55
CA PRO U 4 -2.61 3.85 -113.58
C PRO U 4 -4.05 3.88 -114.12
N ILE U 5 -4.85 2.91 -113.71
CA ILE U 5 -6.25 2.83 -114.08
C ILE U 5 -7.11 3.34 -112.92
N VAL U 6 -7.92 4.36 -113.18
CA VAL U 6 -8.69 5.03 -112.13
C VAL U 6 -10.20 5.00 -112.40
N ARG U 7 -10.98 4.84 -111.33
CA ARG U 7 -12.44 4.87 -111.41
C ARG U 7 -13.03 5.55 -110.17
N LYS U 8 -13.90 6.53 -110.40
CA LYS U 8 -14.52 7.30 -109.33
C LYS U 8 -16.04 7.14 -109.33
N PHE U 9 -16.62 6.97 -108.15
CA PHE U 9 -18.07 6.86 -107.99
C PHE U 9 -18.58 7.42 -106.66
N GLN U 10 -19.78 7.99 -106.69
CA GLN U 10 -20.41 8.54 -105.49
C GLN U 10 -21.02 7.43 -104.63
N TYR U 11 -20.86 7.56 -103.31
CA TYR U 11 -21.35 6.55 -102.38
C TYR U 11 -21.87 7.19 -101.09
N GLY U 12 -23.20 7.34 -101.02
CA GLY U 12 -23.86 7.96 -99.88
C GLY U 12 -23.65 9.46 -99.82
N GLN U 13 -22.59 9.87 -99.12
CA GLN U 13 -22.21 11.28 -99.01
C GLN U 13 -20.74 11.50 -99.36
N HIS U 14 -20.02 10.39 -99.59
CA HIS U 14 -18.59 10.44 -99.88
C HIS U 14 -18.27 9.86 -101.25
N THR U 15 -17.17 10.33 -101.84
CA THR U 15 -16.71 9.85 -103.13
C THR U 15 -15.60 8.80 -102.94
N VAL U 16 -15.79 7.63 -103.53
CA VAL U 16 -14.83 6.53 -103.43
C VAL U 16 -14.02 6.41 -104.72
N THR U 17 -12.70 6.46 -104.59
CA THR U 17 -11.80 6.38 -105.73
C THR U 17 -11.00 5.08 -105.71
N LEU U 18 -11.02 4.37 -106.84
CA LEU U 18 -10.31 3.10 -106.98
C LEU U 18 -9.17 3.24 -107.99
N GLU U 19 -7.96 2.84 -107.58
CA GLU U 19 -6.79 2.91 -108.46
C GLU U 19 -5.96 1.63 -108.40
N THR U 20 -5.61 1.11 -109.57
CA THR U 20 -4.78 -0.09 -109.68
C THR U 20 -3.91 -0.07 -110.94
N GLY U 21 -2.87 -0.89 -110.94
CA GLY U 21 -1.99 -1.03 -112.09
C GLY U 21 -0.57 -0.53 -111.86
N MET U 22 -0.44 0.66 -111.28
CA MET U 22 0.86 1.28 -111.06
C MET U 22 1.56 0.76 -109.80
N MET U 23 0.86 0.82 -108.66
CA MET U 23 1.41 0.37 -107.39
C MET U 23 1.38 -1.15 -107.25
N ALA U 24 2.50 -1.71 -106.78
CA ALA U 24 2.69 -3.16 -106.64
C ALA U 24 2.37 -3.95 -107.91
N ARG U 25 3.13 -3.68 -108.96
CA ARG U 25 2.98 -4.38 -110.24
C ARG U 25 3.56 -5.79 -110.18
N GLN U 26 4.48 -6.01 -109.24
CA GLN U 26 5.12 -7.31 -109.04
C GLN U 26 4.20 -8.26 -108.27
N ALA U 27 3.30 -7.69 -107.47
CA ALA U 27 2.29 -8.46 -106.75
C ALA U 27 1.15 -8.84 -107.69
N THR U 28 0.30 -9.76 -107.25
CA THR U 28 -0.84 -10.23 -108.06
C THR U 28 -1.87 -9.11 -108.28
N ALA U 29 -2.22 -8.41 -107.22
CA ALA U 29 -3.16 -7.27 -107.29
C ALA U 29 -2.97 -6.29 -106.15
N ALA U 30 -3.17 -5.01 -106.45
CA ALA U 30 -3.11 -3.94 -105.46
C ALA U 30 -4.04 -2.80 -105.83
N VAL U 31 -5.02 -2.52 -104.97
CA VAL U 31 -6.01 -1.48 -105.22
C VAL U 31 -5.93 -0.37 -104.18
N MET U 32 -5.81 0.86 -104.66
CA MET U 32 -5.78 2.05 -103.80
C MET U 32 -7.20 2.60 -103.66
N VAL U 33 -7.85 2.27 -102.55
CA VAL U 33 -9.22 2.70 -102.27
C VAL U 33 -9.23 3.88 -101.31
N SER U 34 -9.81 4.99 -101.74
CA SER U 34 -9.89 6.19 -100.92
C SER U 34 -11.33 6.62 -100.70
N MET U 35 -11.67 6.95 -99.45
CA MET U 35 -13.01 7.38 -99.11
C MET U 35 -12.99 8.72 -98.37
N ASP U 36 -13.01 9.81 -99.12
CA ASP U 36 -12.99 11.14 -98.54
C ASP U 36 -11.74 11.37 -97.70
N ASP U 37 -10.58 11.30 -98.36
CA ASP U 37 -9.31 11.49 -97.67
C ASP U 37 -8.79 10.32 -96.83
N THR U 38 -9.64 9.33 -96.62
CA THR U 38 -9.27 8.16 -95.83
C THR U 38 -8.97 7.13 -96.92
N ALA U 39 -7.81 6.49 -96.81
CA ALA U 39 -7.39 5.48 -97.78
C ALA U 39 -6.64 4.31 -97.14
N VAL U 40 -6.93 3.11 -97.62
CA VAL U 40 -6.25 1.89 -97.18
C VAL U 40 -5.67 1.15 -98.38
N PHE U 41 -4.34 0.99 -98.38
CA PHE U 41 -3.64 0.28 -99.45
C PHE U 41 -3.66 -1.23 -99.19
N VAL U 42 -4.37 -1.95 -100.05
CA VAL U 42 -4.59 -3.39 -99.87
C VAL U 42 -3.97 -4.21 -101.00
N THR U 43 -3.24 -5.26 -100.63
CA THR U 43 -2.59 -6.17 -101.59
C THR U 43 -3.04 -7.61 -101.38
N VAL U 44 -3.14 -8.35 -102.48
CA VAL U 44 -3.46 -9.79 -102.43
C VAL U 44 -2.39 -10.59 -103.18
N VAL U 45 -1.77 -11.54 -102.47
CA VAL U 45 -0.76 -12.41 -103.05
C VAL U 45 -1.22 -13.87 -102.97
N GLY U 46 -1.24 -14.54 -104.12
CA GLY U 46 -1.63 -15.94 -104.18
C GLY U 46 -0.59 -16.81 -104.87
N GLN U 47 -0.25 -17.93 -104.22
CA GLN U 47 0.71 -18.88 -104.76
C GLN U 47 0.12 -19.67 -105.93
N LYS U 48 0.92 -19.88 -106.97
CA LYS U 48 0.49 -20.60 -108.17
C LYS U 48 0.25 -22.08 -107.89
N LYS U 49 1.15 -22.70 -107.13
CA LYS U 49 1.02 -24.11 -106.76
C LYS U 49 0.95 -24.27 -105.23
N ALA U 50 0.04 -25.12 -104.78
CA ALA U 50 -0.17 -25.38 -103.36
C ALA U 50 0.83 -26.39 -102.80
N LYS U 51 0.82 -26.55 -101.48
CA LYS U 51 1.67 -27.52 -100.80
C LYS U 51 1.27 -28.96 -101.16
N PRO U 52 2.26 -29.85 -101.33
CA PRO U 52 2.00 -31.25 -101.70
C PRO U 52 1.16 -32.03 -100.69
N GLY U 53 1.27 -31.66 -99.41
CA GLY U 53 0.49 -32.29 -98.35
C GLY U 53 -0.43 -31.32 -97.64
N GLN U 54 -1.26 -30.62 -98.41
CA GLN U 54 -2.19 -29.63 -97.88
C GLN U 54 -3.63 -30.13 -97.98
N ASP U 55 -4.38 -29.95 -96.89
CA ASP U 55 -5.77 -30.39 -96.82
C ASP U 55 -6.74 -29.25 -96.49
N PHE U 56 -6.29 -28.30 -95.67
CA PHE U 56 -7.11 -27.17 -95.26
C PHE U 56 -6.78 -25.90 -96.07
N PHE U 57 -7.66 -24.91 -95.99
CA PHE U 57 -7.50 -23.64 -96.71
C PHE U 57 -6.81 -22.61 -95.82
N PRO U 58 -5.58 -22.20 -96.20
CA PRO U 58 -4.81 -21.23 -95.43
C PRO U 58 -5.09 -19.78 -95.84
N LEU U 59 -5.93 -19.11 -95.07
CA LEU U 59 -6.26 -17.71 -95.31
C LEU U 59 -5.72 -16.84 -94.18
N THR U 60 -4.84 -15.90 -94.53
CA THR U 60 -4.27 -14.96 -93.57
C THR U 60 -4.51 -13.51 -94.02
N VAL U 61 -5.20 -12.75 -93.17
CA VAL U 61 -5.46 -11.34 -93.43
C VAL U 61 -4.79 -10.47 -92.37
N ASN U 62 -3.86 -9.62 -92.80
CA ASN U 62 -3.13 -8.74 -91.90
C ASN U 62 -3.51 -7.28 -92.09
N TYR U 63 -4.16 -6.71 -91.07
CA TYR U 63 -4.59 -5.32 -91.08
C TYR U 63 -3.76 -4.51 -90.08
N GLN U 64 -2.97 -3.58 -90.60
CA GLN U 64 -2.12 -2.72 -89.77
C GLN U 64 -2.37 -1.24 -90.04
N GLU U 65 -2.66 -0.50 -88.97
CA GLU U 65 -2.85 0.94 -89.03
C GLU U 65 -1.53 1.66 -88.76
N ARG U 66 -1.11 2.47 -89.71
CA ARG U 66 0.15 3.22 -89.59
C ARG U 66 -0.11 4.63 -89.07
N THR U 67 0.78 5.11 -88.22
CA THR U 67 0.58 6.36 -87.47
C THR U 67 0.67 7.65 -88.29
N TYR U 68 1.41 7.60 -89.40
CA TYR U 68 1.56 8.78 -90.26
C TYR U 68 0.30 9.06 -91.11
N ALA U 69 -0.69 8.18 -91.00
CA ALA U 69 -1.99 8.37 -91.65
C ALA U 69 -2.75 9.52 -91.01
N ALA U 70 -2.61 9.65 -89.69
CA ALA U 70 -3.21 10.76 -88.95
C ALA U 70 -2.23 11.93 -88.81
N GLY U 71 -0.96 11.66 -89.13
CA GLY U 71 0.10 12.66 -89.04
C GLY U 71 0.60 12.81 -87.61
N ARG U 72 1.09 11.71 -87.05
CA ARG U 72 1.56 11.68 -85.66
C ARG U 72 2.65 10.65 -85.47
N ILE U 73 3.59 10.95 -84.57
CA ILE U 73 4.64 10.02 -84.16
C ILE U 73 4.09 9.12 -83.04
N PRO U 74 4.18 7.79 -83.20
CA PRO U 74 3.60 6.81 -82.28
C PRO U 74 4.08 6.97 -80.83
N GLY U 75 3.21 6.62 -79.88
CA GLY U 75 3.50 6.77 -78.46
C GLY U 75 4.27 5.61 -77.83
N SER U 76 4.80 4.73 -78.67
CA SER U 76 5.61 3.60 -78.21
C SER U 76 7.01 4.06 -77.82
N PHE U 77 7.74 3.21 -77.09
CA PHE U 77 9.10 3.51 -76.66
C PHE U 77 10.08 3.50 -77.84
N PHE U 78 9.89 2.54 -78.75
CA PHE U 78 10.71 2.42 -79.95
C PHE U 78 10.21 3.36 -81.06
N ARG U 79 9.00 3.89 -80.87
CA ARG U 79 8.34 4.78 -81.84
C ARG U 79 8.24 4.16 -83.24
N ARG U 80 7.64 2.97 -83.29
CA ARG U 80 7.50 2.21 -84.52
C ARG U 80 6.25 1.33 -84.44
N GLU U 81 5.66 1.02 -85.60
CA GLU U 81 4.50 0.14 -85.68
C GLU U 81 4.91 -1.31 -85.40
N GLY U 82 4.56 -1.80 -84.22
CA GLY U 82 4.94 -3.15 -83.80
C GLY U 82 3.80 -4.15 -83.93
N ARG U 83 3.49 -4.82 -82.82
CA ARG U 83 2.42 -5.82 -82.77
C ARG U 83 1.04 -5.16 -82.94
N PRO U 84 0.13 -5.81 -83.68
CA PRO U 84 -1.22 -5.28 -83.90
C PRO U 84 -2.02 -5.12 -82.61
N SER U 85 -2.73 -4.01 -82.49
CA SER U 85 -3.53 -3.70 -81.31
C SER U 85 -4.84 -4.47 -81.29
N GLU U 86 -5.60 -4.31 -80.20
CA GLU U 86 -6.91 -4.96 -80.03
C GLU U 86 -7.90 -4.55 -81.12
N GLY U 87 -7.87 -3.27 -81.50
CA GLY U 87 -8.70 -2.75 -82.58
C GLY U 87 -8.28 -3.26 -83.94
N GLU U 88 -6.97 -3.21 -84.21
CA GLU U 88 -6.40 -3.67 -85.48
C GLU U 88 -6.69 -5.14 -85.77
N THR U 89 -6.81 -5.94 -84.72
CA THR U 89 -7.12 -7.36 -84.83
C THR U 89 -8.60 -7.58 -85.19
N LEU U 90 -9.46 -6.68 -84.69
CA LEU U 90 -10.90 -6.79 -84.91
C LEU U 90 -11.32 -6.50 -86.36
N ILE U 91 -10.80 -5.42 -86.92
CA ILE U 91 -11.06 -5.07 -88.32
C ILE U 91 -10.47 -6.11 -89.27
N ALA U 92 -9.35 -6.71 -88.86
CA ALA U 92 -8.71 -7.79 -89.61
C ALA U 92 -9.65 -8.99 -89.78
N ARG U 93 -10.48 -9.25 -88.76
CA ARG U 93 -11.49 -10.30 -88.84
C ARG U 93 -12.67 -9.88 -89.70
N LEU U 94 -13.00 -8.59 -89.68
CA LEU U 94 -14.08 -8.03 -90.51
C LEU U 94 -13.74 -8.04 -92.00
N ILE U 95 -12.50 -8.40 -92.32
CA ILE U 95 -12.05 -8.57 -93.71
C ILE U 95 -11.90 -10.06 -94.02
N ASP U 96 -11.37 -10.82 -93.06
CA ASP U 96 -11.11 -12.25 -93.23
C ASP U 96 -12.37 -13.11 -93.23
N ARG U 97 -13.31 -12.79 -92.33
CA ARG U 97 -14.52 -13.60 -92.13
C ARG U 97 -15.52 -13.59 -93.31
N PRO U 98 -15.79 -12.40 -93.89
CA PRO U 98 -16.76 -12.37 -94.99
C PRO U 98 -16.26 -12.99 -96.31
N ILE U 99 -14.95 -13.00 -96.51
CA ILE U 99 -14.36 -13.48 -97.78
C ILE U 99 -14.05 -14.98 -97.79
N ARG U 100 -13.96 -15.58 -96.60
CA ARG U 100 -13.59 -16.99 -96.44
C ARG U 100 -14.56 -17.98 -97.14
N PRO U 101 -15.88 -17.81 -96.96
CA PRO U 101 -16.82 -18.73 -97.63
C PRO U 101 -16.96 -18.47 -99.14
N LEU U 102 -16.48 -17.32 -99.60
CA LEU U 102 -16.55 -16.95 -101.02
C LEU U 102 -15.61 -17.75 -101.90
N PHE U 103 -14.52 -18.24 -101.31
CA PHE U 103 -13.58 -19.14 -101.99
C PHE U 103 -14.24 -20.50 -102.23
N PRO U 104 -14.03 -21.08 -103.43
CA PRO U 104 -14.63 -22.37 -103.78
C PRO U 104 -14.11 -23.52 -102.94
N GLU U 105 -14.94 -24.55 -102.76
CA GLU U 105 -14.58 -25.73 -101.97
C GLU U 105 -13.58 -26.60 -102.72
N GLY U 106 -12.47 -26.91 -102.05
CA GLY U 106 -11.39 -27.69 -102.66
C GLY U 106 -10.13 -26.89 -102.91
N PHE U 107 -10.24 -25.58 -102.79
CA PHE U 107 -9.11 -24.67 -102.98
C PHE U 107 -8.16 -24.73 -101.77
N VAL U 108 -6.90 -25.06 -102.04
CA VAL U 108 -5.91 -25.27 -100.97
C VAL U 108 -4.69 -24.34 -101.06
N ASN U 109 -4.63 -23.54 -102.12
CA ASN U 109 -3.52 -22.61 -102.33
C ASN U 109 -3.50 -21.48 -101.32
N GLU U 110 -2.31 -21.14 -100.84
CA GLU U 110 -2.13 -20.11 -99.81
C GLU U 110 -2.31 -18.71 -100.38
N VAL U 111 -3.18 -17.93 -99.74
CA VAL U 111 -3.44 -16.54 -100.12
C VAL U 111 -3.30 -15.59 -98.94
N GLN U 112 -2.72 -14.43 -99.18
CA GLN U 112 -2.50 -13.43 -98.14
C GLN U 112 -3.06 -12.07 -98.53
N VAL U 113 -3.83 -11.47 -97.63
CA VAL U 113 -4.40 -10.14 -97.82
C VAL U 113 -3.80 -9.17 -96.81
N ILE U 114 -3.04 -8.19 -97.31
CA ILE U 114 -2.37 -7.21 -96.45
C ILE U 114 -2.98 -5.83 -96.64
N ALA U 115 -3.68 -5.36 -95.61
CA ALA U 115 -4.31 -4.04 -95.63
C ALA U 115 -3.53 -3.05 -94.77
N THR U 116 -3.07 -1.96 -95.41
CA THR U 116 -2.28 -0.93 -94.73
C THR U 116 -2.96 0.43 -94.80
N VAL U 117 -3.27 0.99 -93.63
CA VAL U 117 -3.84 2.33 -93.55
C VAL U 117 -2.74 3.36 -93.77
N VAL U 118 -2.88 4.15 -94.82
CA VAL U 118 -1.83 5.07 -95.26
C VAL U 118 -2.22 6.55 -95.10
N SER U 119 -3.54 6.82 -95.15
CA SER U 119 -4.08 8.15 -94.89
C SER U 119 -5.48 8.03 -94.30
N VAL U 120 -5.83 8.93 -93.37
CA VAL U 120 -7.11 8.86 -92.67
C VAL U 120 -7.73 10.23 -92.37
N ASN U 121 -9.05 10.29 -92.50
CA ASN U 121 -9.84 11.44 -92.06
C ASN U 121 -10.65 11.05 -90.83
N PRO U 122 -10.48 11.76 -89.71
CA PRO U 122 -11.11 11.44 -88.41
C PRO U 122 -12.61 11.15 -88.48
N GLN U 123 -13.28 11.65 -89.51
CA GLN U 123 -14.72 11.44 -89.70
C GLN U 123 -15.04 10.08 -90.33
N VAL U 124 -14.24 9.69 -91.32
CA VAL U 124 -14.46 8.44 -92.05
C VAL U 124 -13.59 7.30 -91.49
N ASN U 125 -14.24 6.22 -91.09
CA ASN U 125 -13.57 5.06 -90.52
C ASN U 125 -12.94 4.18 -91.61
N PRO U 126 -11.64 3.88 -91.50
CA PRO U 126 -10.92 3.07 -92.49
C PRO U 126 -11.27 1.58 -92.49
N ASP U 127 -12.28 1.18 -91.72
CA ASP U 127 -12.68 -0.23 -91.64
C ASP U 127 -13.44 -0.73 -92.88
N ILE U 128 -14.44 0.03 -93.32
CA ILE U 128 -15.21 -0.33 -94.52
C ILE U 128 -14.47 -0.01 -95.82
N VAL U 129 -13.48 0.88 -95.72
CA VAL U 129 -12.61 1.23 -96.85
C VAL U 129 -11.66 0.08 -97.15
N ALA U 130 -11.19 -0.59 -96.08
CA ALA U 130 -10.31 -1.75 -96.20
C ALA U 130 -11.05 -2.99 -96.71
N MET U 131 -12.34 -3.08 -96.37
CA MET U 131 -13.19 -4.19 -96.82
C MET U 131 -13.47 -4.13 -98.31
N ILE U 132 -13.64 -2.93 -98.84
CA ILE U 132 -13.76 -2.70 -100.28
C ILE U 132 -12.37 -2.87 -100.93
N GLY U 133 -11.34 -2.51 -100.18
CA GLY U 133 -9.94 -2.66 -100.63
C GLY U 133 -9.56 -4.08 -100.97
N ALA U 134 -9.99 -5.01 -100.12
CA ALA U 134 -9.76 -6.44 -100.35
C ALA U 134 -10.73 -7.00 -101.40
N SER U 135 -11.93 -6.42 -101.46
CA SER U 135 -12.96 -6.84 -102.40
C SER U 135 -12.54 -6.61 -103.84
N ALA U 136 -11.97 -5.43 -104.10
CA ALA U 136 -11.49 -5.07 -105.43
C ALA U 136 -10.20 -5.80 -105.78
N ALA U 137 -9.36 -6.04 -104.77
CA ALA U 137 -8.07 -6.72 -104.96
C ALA U 137 -8.23 -8.21 -105.28
N LEU U 138 -9.17 -8.88 -104.61
CA LEU U 138 -9.44 -10.29 -104.87
C LEU U 138 -10.16 -10.51 -106.20
N SER U 139 -10.89 -9.50 -106.65
CA SER U 139 -11.61 -9.56 -107.92
C SER U 139 -10.70 -9.29 -109.12
N LEU U 140 -9.64 -8.52 -108.90
CA LEU U 140 -8.69 -8.16 -109.95
C LEU U 140 -7.46 -9.07 -109.97
N SER U 141 -7.32 -9.91 -108.94
CA SER U 141 -6.18 -10.81 -108.82
C SER U 141 -6.24 -11.98 -109.80
N GLY U 142 -7.42 -12.57 -109.95
CA GLY U 142 -7.60 -13.74 -110.80
C GLY U 142 -7.92 -14.99 -110.01
N ILE U 143 -7.46 -15.02 -108.76
CA ILE U 143 -7.73 -16.11 -107.83
C ILE U 143 -9.24 -16.35 -107.71
N PRO U 144 -9.68 -17.61 -107.92
CA PRO U 144 -11.11 -17.99 -107.90
C PRO U 144 -11.90 -17.31 -106.78
N PHE U 145 -12.74 -16.36 -107.17
CA PHE U 145 -13.52 -15.56 -106.23
C PHE U 145 -14.92 -15.34 -106.79
N ASN U 146 -15.91 -16.02 -106.20
CA ASN U 146 -17.28 -16.00 -106.69
C ASN U 146 -18.01 -14.69 -106.38
N GLY U 147 -17.75 -13.68 -107.20
CA GLY U 147 -18.40 -12.38 -107.07
C GLY U 147 -17.80 -11.49 -105.99
N PRO U 148 -17.73 -10.17 -106.25
CA PRO U 148 -17.20 -9.19 -105.29
C PRO U 148 -18.10 -9.02 -104.07
N ILE U 149 -17.54 -8.46 -103.00
CA ILE U 149 -18.29 -8.25 -101.75
C ILE U 149 -18.43 -6.77 -101.40
N GLY U 150 -19.62 -6.39 -100.93
CA GLY U 150 -19.90 -5.00 -100.57
C GLY U 150 -19.77 -4.74 -99.08
N ALA U 151 -19.51 -3.50 -98.72
CA ALA U 151 -19.38 -3.08 -97.32
C ALA U 151 -20.15 -1.80 -97.05
N ALA U 152 -20.95 -1.82 -95.98
CA ALA U 152 -21.78 -0.67 -95.61
C ALA U 152 -21.97 -0.55 -94.10
N ARG U 153 -21.95 0.68 -93.61
CA ARG U 153 -22.24 0.97 -92.20
C ARG U 153 -23.57 1.70 -92.07
N VAL U 154 -24.41 1.22 -91.16
CA VAL U 154 -25.75 1.78 -90.96
C VAL U 154 -25.91 2.36 -89.56
N GLY U 155 -26.44 3.58 -89.48
CA GLY U 155 -26.74 4.22 -88.21
C GLY U 155 -28.23 4.25 -87.92
N TYR U 156 -28.59 4.85 -86.80
CA TYR U 156 -30.00 4.94 -86.37
C TYR U 156 -30.26 6.23 -85.59
N ILE U 157 -30.59 7.28 -86.33
CA ILE U 157 -30.87 8.59 -85.74
C ILE U 157 -32.36 8.91 -85.86
N ASN U 158 -32.96 9.31 -84.73
CA ASN U 158 -34.40 9.59 -84.60
C ASN U 158 -35.32 8.64 -85.40
N ASP U 159 -35.17 7.35 -85.12
CA ASP U 159 -35.96 6.28 -85.76
C ASP U 159 -35.88 6.27 -87.29
N GLN U 160 -34.66 6.42 -87.80
CA GLN U 160 -34.40 6.40 -89.25
C GLN U 160 -32.97 5.95 -89.53
N TYR U 161 -32.81 5.12 -90.56
CA TYR U 161 -31.51 4.59 -90.95
C TYR U 161 -30.70 5.60 -91.75
N VAL U 162 -29.42 5.74 -91.39
CA VAL U 162 -28.49 6.65 -92.08
C VAL U 162 -27.25 5.87 -92.54
N LEU U 163 -26.92 5.99 -93.82
CA LEU U 163 -25.77 5.30 -94.39
C LEU U 163 -24.44 5.98 -94.07
N ASN U 164 -23.53 5.21 -93.48
CA ASN U 164 -22.19 5.67 -93.10
C ASN U 164 -22.16 6.93 -92.23
N PRO U 165 -22.43 6.78 -90.92
CA PRO U 165 -22.36 7.91 -90.00
C PRO U 165 -20.92 8.22 -89.60
N THR U 166 -20.59 9.51 -89.57
CA THR U 166 -19.25 9.96 -89.17
C THR U 166 -19.08 9.86 -87.65
N GLN U 167 -17.86 10.07 -87.17
CA GLN U 167 -17.52 9.98 -85.74
C GLN U 167 -18.40 10.88 -84.88
N ASP U 168 -18.66 12.10 -85.35
CA ASP U 168 -19.51 13.06 -84.65
C ASP U 168 -21.00 12.71 -84.79
N GLU U 169 -21.34 12.04 -85.88
CA GLU U 169 -22.74 11.67 -86.16
C GLU U 169 -23.13 10.37 -85.49
N LEU U 170 -22.14 9.53 -85.19
CA LEU U 170 -22.36 8.23 -84.56
C LEU U 170 -22.73 8.35 -83.08
N LYS U 171 -22.34 9.48 -82.48
CA LYS U 171 -22.63 9.76 -81.06
C LYS U 171 -24.13 9.88 -80.80
N GLU U 172 -24.85 10.44 -81.77
CA GLU U 172 -26.31 10.57 -81.69
C GLU U 172 -27.02 9.27 -82.07
N SER U 173 -26.33 8.43 -82.84
CA SER U 173 -26.87 7.16 -83.31
C SER U 173 -26.95 6.11 -82.18
N LYS U 174 -27.97 5.26 -82.26
CA LYS U 174 -28.17 4.19 -81.27
C LYS U 174 -27.61 2.86 -81.75
N LEU U 175 -27.63 2.64 -83.06
CA LEU U 175 -27.18 1.39 -83.67
C LEU U 175 -25.97 1.59 -84.59
N ASP U 176 -24.99 0.71 -84.47
CA ASP U 176 -23.82 0.69 -85.34
C ASP U 176 -23.76 -0.62 -86.12
N LEU U 177 -24.49 -0.66 -87.23
CA LEU U 177 -24.62 -1.87 -88.04
C LEU U 177 -23.56 -1.92 -89.15
N VAL U 178 -22.76 -2.98 -89.15
CA VAL U 178 -21.79 -3.23 -90.22
C VAL U 178 -22.18 -4.52 -90.95
N VAL U 179 -22.38 -4.41 -92.26
CA VAL U 179 -22.87 -5.53 -93.07
C VAL U 179 -22.00 -5.80 -94.30
N ALA U 180 -21.77 -7.09 -94.57
CA ALA U 180 -21.00 -7.52 -95.74
C ALA U 180 -21.76 -8.61 -96.49
N GLY U 181 -21.67 -8.57 -97.82
CA GLY U 181 -22.35 -9.56 -98.66
C GLY U 181 -22.08 -9.37 -100.14
N THR U 182 -22.28 -10.44 -100.91
CA THR U 182 -22.10 -10.43 -102.35
C THR U 182 -23.28 -9.77 -103.07
N GLU U 183 -23.25 -9.77 -104.40
CA GLU U 183 -24.31 -9.21 -105.23
C GLU U 183 -25.64 -9.94 -105.00
N ALA U 184 -25.57 -11.24 -104.78
CA ALA U 184 -26.76 -12.08 -104.59
C ALA U 184 -27.35 -11.97 -103.19
N ALA U 185 -26.51 -12.17 -102.17
CA ALA U 185 -26.99 -12.24 -100.78
C ALA U 185 -25.97 -11.75 -99.74
N VAL U 186 -26.43 -11.65 -98.50
CA VAL U 186 -25.60 -11.22 -97.36
C VAL U 186 -24.65 -12.34 -96.94
N LEU U 187 -23.52 -11.97 -96.33
CA LEU U 187 -22.50 -12.93 -95.90
C LEU U 187 -22.01 -12.75 -94.47
N MET U 188 -21.85 -11.49 -94.04
CA MET U 188 -21.32 -11.19 -92.71
C MET U 188 -21.98 -9.96 -92.08
N VAL U 189 -22.34 -10.08 -90.81
CA VAL U 189 -22.93 -8.97 -90.04
C VAL U 189 -22.26 -8.86 -88.67
N GLU U 190 -21.90 -7.64 -88.30
CA GLU U 190 -21.29 -7.35 -86.99
C GLU U 190 -21.81 -6.01 -86.49
N SER U 191 -22.52 -6.02 -85.36
CA SER U 191 -23.19 -4.81 -84.88
C SER U 191 -23.34 -4.71 -83.35
N GLU U 192 -23.53 -3.48 -82.88
CA GLU U 192 -23.93 -3.19 -81.51
C GLU U 192 -25.03 -2.13 -81.49
N ALA U 193 -25.99 -2.28 -80.58
CA ALA U 193 -27.11 -1.34 -80.45
C ALA U 193 -27.62 -1.30 -79.01
N GLN U 194 -28.48 -0.32 -78.72
CA GLN U 194 -29.10 -0.21 -77.40
C GLN U 194 -30.26 -1.17 -77.07
N LEU U 195 -31.43 -0.90 -77.63
CA LEU U 195 -32.60 -1.76 -77.44
C LEU U 195 -33.55 -1.49 -78.61
N LEU U 196 -33.46 -2.33 -79.64
CA LEU U 196 -34.28 -2.19 -80.84
C LEU U 196 -35.09 -3.45 -81.14
N SER U 197 -36.18 -3.28 -81.86
CA SER U 197 -37.09 -4.38 -82.21
C SER U 197 -36.50 -5.31 -83.26
N GLU U 198 -37.11 -6.48 -83.41
CA GLU U 198 -36.67 -7.50 -84.38
C GLU U 198 -36.80 -7.04 -85.82
N ASP U 199 -37.84 -6.25 -86.10
CA ASP U 199 -38.04 -5.66 -87.43
C ASP U 199 -37.07 -4.52 -87.68
N GLN U 200 -36.69 -3.82 -86.62
CA GLN U 200 -35.77 -2.69 -86.70
C GLN U 200 -34.31 -3.15 -86.83
N MET U 201 -33.97 -4.25 -86.16
CA MET U 201 -32.62 -4.81 -86.21
C MET U 201 -32.35 -5.51 -87.54
N LEU U 202 -33.39 -6.15 -88.09
CA LEU U 202 -33.31 -6.81 -89.39
C LEU U 202 -33.35 -5.79 -90.52
N GLY U 203 -34.12 -4.72 -90.32
CA GLY U 203 -34.27 -3.66 -91.31
C GLY U 203 -32.99 -2.90 -91.61
N ALA U 204 -32.11 -2.82 -90.62
CA ALA U 204 -30.80 -2.18 -90.77
C ALA U 204 -29.86 -3.01 -91.64
N VAL U 205 -30.00 -4.33 -91.59
CA VAL U 205 -29.19 -5.26 -92.37
C VAL U 205 -29.57 -5.19 -93.86
N VAL U 206 -30.88 -5.15 -94.12
CA VAL U 206 -31.41 -5.07 -95.48
C VAL U 206 -31.10 -3.71 -96.13
N PHE U 207 -31.18 -2.65 -95.34
CA PHE U 207 -30.88 -1.29 -95.80
C PHE U 207 -29.41 -1.15 -96.23
N GLY U 208 -28.51 -1.74 -95.45
CA GLY U 208 -27.08 -1.71 -95.75
C GLY U 208 -26.70 -2.57 -96.93
N HIS U 209 -27.36 -3.72 -97.07
CA HIS U 209 -27.13 -4.64 -98.18
C HIS U 209 -27.61 -4.07 -99.52
N GLU U 210 -28.64 -3.23 -99.47
CA GLU U 210 -29.20 -2.62 -100.67
C GLU U 210 -28.44 -1.36 -101.09
N GLN U 211 -27.81 -0.69 -100.11
CA GLN U 211 -27.03 0.51 -100.37
C GLN U 211 -25.60 0.22 -100.84
N GLN U 212 -25.10 -0.97 -100.51
CA GLN U 212 -23.75 -1.39 -100.89
C GLN U 212 -23.70 -2.00 -102.30
N GLN U 213 -24.85 -2.04 -102.98
CA GLN U 213 -24.97 -2.61 -104.31
C GLN U 213 -24.26 -1.78 -105.40
N VAL U 214 -24.13 -0.47 -105.14
CA VAL U 214 -23.44 0.43 -106.07
C VAL U 214 -21.92 0.19 -106.06
N VAL U 215 -21.41 -0.30 -104.94
CA VAL U 215 -19.99 -0.65 -104.80
C VAL U 215 -19.67 -1.91 -105.62
N ILE U 216 -20.59 -2.87 -105.58
CA ILE U 216 -20.46 -4.13 -106.31
C ILE U 216 -20.26 -3.91 -107.82
N GLN U 217 -21.14 -3.11 -108.41
CA GLN U 217 -21.16 -2.87 -109.85
C GLN U 217 -19.93 -2.13 -110.36
N ASN U 218 -19.38 -1.24 -109.53
CA ASN U 218 -18.18 -0.49 -109.87
C ASN U 218 -16.89 -1.33 -109.80
N ILE U 219 -16.91 -2.37 -108.98
CA ILE U 219 -15.79 -3.32 -108.90
C ILE U 219 -15.81 -4.24 -110.12
N ASN U 220 -17.00 -4.72 -110.48
CA ASN U 220 -17.19 -5.59 -111.64
C ASN U 220 -16.86 -4.90 -112.98
N GLU U 221 -17.08 -3.59 -113.04
CA GLU U 221 -16.73 -2.79 -114.22
C GLU U 221 -15.23 -2.59 -114.36
N LEU U 222 -14.51 -2.62 -113.23
CA LEU U 222 -13.06 -2.49 -113.22
C LEU U 222 -12.39 -3.77 -113.70
N VAL U 223 -12.98 -4.92 -113.35
CA VAL U 223 -12.51 -6.22 -113.80
C VAL U 223 -12.74 -6.38 -115.31
N LYS U 224 -13.81 -5.76 -115.81
CA LYS U 224 -14.14 -5.76 -117.23
C LYS U 224 -13.15 -4.91 -118.04
N GLU U 225 -12.59 -3.88 -117.40
CA GLU U 225 -11.66 -2.97 -118.06
C GLU U 225 -10.20 -3.42 -117.93
N ALA U 226 -9.68 -3.44 -116.70
CA ALA U 226 -8.28 -3.78 -116.46
C ALA U 226 -8.14 -4.92 -115.45
N GLY U 227 -8.91 -5.99 -115.65
CA GLY U 227 -8.86 -7.14 -114.78
C GLY U 227 -8.01 -8.27 -115.34
N LYS U 228 -7.30 -8.96 -114.45
CA LYS U 228 -6.45 -10.07 -114.85
C LYS U 228 -7.27 -11.32 -115.15
N PRO U 229 -6.82 -12.12 -116.11
CA PRO U 229 -7.51 -13.35 -116.48
C PRO U 229 -7.81 -14.22 -115.27
N ARG U 230 -9.03 -14.76 -115.21
CA ARG U 230 -9.43 -15.61 -114.09
C ARG U 230 -8.49 -16.82 -114.05
N TRP U 231 -7.79 -16.98 -112.94
CA TRP U 231 -6.87 -18.06 -112.77
C TRP U 231 -7.58 -19.23 -113.35
N ASP U 232 -6.83 -20.22 -113.78
CA ASP U 232 -7.42 -21.43 -114.29
C ASP U 232 -7.19 -22.51 -113.30
N TRP U 233 -8.25 -23.08 -112.77
CA TRP U 233 -8.10 -24.10 -111.78
C TRP U 233 -9.31 -24.96 -111.75
N GLN U 234 -9.09 -26.23 -111.55
CA GLN U 234 -10.19 -27.17 -111.48
C GLN U 234 -10.14 -27.98 -110.19
N PRO U 235 -11.30 -28.16 -109.52
CA PRO U 235 -11.37 -28.99 -108.32
C PRO U 235 -11.07 -30.46 -108.63
N GLU U 236 -10.54 -31.17 -107.63
CA GLU U 236 -10.18 -32.58 -107.79
C GLU U 236 -11.39 -33.41 -108.21
N PRO U 237 -11.28 -34.14 -109.34
CA PRO U 237 -12.39 -34.92 -109.91
C PRO U 237 -12.96 -35.92 -108.92
N VAL U 238 -14.30 -35.99 -108.85
CA VAL U 238 -14.99 -36.88 -107.93
C VAL U 238 -14.83 -38.35 -108.33
N ASN U 239 -14.26 -39.13 -107.41
CA ASN U 239 -14.05 -40.56 -107.63
C ASN U 239 -15.20 -41.37 -107.03
N GLU U 240 -16.12 -41.79 -107.89
CA GLU U 240 -17.32 -42.52 -107.48
C GLU U 240 -17.02 -43.94 -107.00
N ALA U 241 -15.92 -44.50 -107.49
CA ALA U 241 -15.49 -45.86 -107.13
C ALA U 241 -15.04 -45.95 -105.67
N LEU U 242 -14.50 -44.85 -105.14
CA LEU U 242 -14.03 -44.81 -103.75
C LEU U 242 -15.05 -44.21 -102.78
N ASN U 243 -15.94 -43.35 -103.29
CA ASN U 243 -16.97 -42.72 -102.48
C ASN U 243 -17.97 -43.70 -101.89
N ALA U 244 -18.37 -44.69 -102.69
CA ALA U 244 -19.28 -45.75 -102.26
C ALA U 244 -18.53 -46.85 -101.50
N ARG U 245 -17.21 -46.92 -101.73
CA ARG U 245 -16.35 -47.90 -101.08
C ARG U 245 -16.16 -47.59 -99.59
N VAL U 246 -15.96 -46.30 -99.29
CA VAL U 246 -15.80 -45.85 -97.91
C VAL U 246 -17.15 -45.83 -97.18
N ALA U 247 -18.21 -45.45 -97.90
CA ALA U 247 -19.56 -45.39 -97.35
C ALA U 247 -20.10 -46.76 -96.93
N ALA U 248 -19.65 -47.81 -97.62
CA ALA U 248 -20.04 -49.18 -97.29
C ALA U 248 -19.38 -49.69 -96.01
N LEU U 249 -18.45 -48.89 -95.47
CA LEU U 249 -17.70 -49.25 -94.27
C LEU U 249 -17.88 -48.24 -93.14
N ALA U 250 -18.11 -46.97 -93.51
CA ALA U 250 -18.16 -45.88 -92.54
C ALA U 250 -19.56 -45.29 -92.30
N GLU U 251 -20.31 -45.09 -93.38
CA GLU U 251 -21.62 -44.42 -93.32
C GLU U 251 -22.61 -45.10 -92.38
N ALA U 252 -22.56 -46.43 -92.30
CA ALA U 252 -23.43 -47.20 -91.42
C ALA U 252 -23.01 -47.12 -89.96
N ARG U 253 -21.70 -46.97 -89.72
CA ARG U 253 -21.16 -46.91 -88.36
C ARG U 253 -21.13 -45.48 -87.80
N LEU U 254 -21.05 -44.50 -88.69
CA LEU U 254 -21.06 -43.08 -88.30
C LEU U 254 -22.46 -42.57 -87.98
N SER U 255 -23.47 -43.23 -88.53
CA SER U 255 -24.88 -42.87 -88.31
C SER U 255 -25.30 -43.10 -86.85
N ASP U 256 -24.78 -44.18 -86.26
CA ASP U 256 -25.05 -44.49 -84.85
C ASP U 256 -24.13 -43.68 -83.93
N ALA U 257 -23.01 -43.20 -84.47
CA ALA U 257 -22.03 -42.43 -83.72
C ALA U 257 -22.50 -41.00 -83.42
N TYR U 258 -23.25 -40.43 -84.35
CA TYR U 258 -23.76 -39.06 -84.19
C TYR U 258 -25.11 -38.98 -83.48
N ARG U 259 -25.57 -40.11 -82.93
CA ARG U 259 -26.79 -40.16 -82.14
C ARG U 259 -26.47 -40.17 -80.64
N ILE U 260 -25.18 -40.29 -80.32
CA ILE U 260 -24.71 -40.29 -78.93
C ILE U 260 -24.88 -38.90 -78.31
N THR U 261 -25.50 -38.86 -77.13
CA THR U 261 -25.82 -37.61 -76.44
C THR U 261 -24.58 -36.86 -75.93
N ASP U 262 -23.66 -37.59 -75.31
CA ASP U 262 -22.45 -37.02 -74.73
C ASP U 262 -21.47 -36.54 -75.80
N LYS U 263 -20.83 -35.41 -75.54
CA LYS U 263 -19.87 -34.80 -76.47
C LYS U 263 -18.54 -35.55 -76.47
N GLN U 264 -18.09 -35.98 -75.28
CA GLN U 264 -16.83 -36.69 -75.12
C GLN U 264 -16.83 -38.08 -75.74
N GLU U 265 -17.90 -38.83 -75.50
CA GLU U 265 -18.04 -40.19 -76.00
C GLU U 265 -18.24 -40.25 -77.51
N ARG U 266 -18.82 -39.19 -78.07
CA ARG U 266 -19.00 -39.07 -79.51
C ARG U 266 -17.67 -38.78 -80.22
N TYR U 267 -16.89 -37.86 -79.64
CA TYR U 267 -15.58 -37.50 -80.16
C TYR U 267 -14.55 -38.63 -80.01
N ALA U 268 -14.73 -39.46 -78.98
CA ALA U 268 -13.88 -40.62 -78.77
C ALA U 268 -14.20 -41.75 -79.74
N GLN U 269 -15.48 -41.89 -80.08
CA GLN U 269 -15.94 -42.94 -80.99
C GLN U 269 -15.65 -42.59 -82.44
N VAL U 270 -15.86 -41.33 -82.81
CA VAL U 270 -15.66 -40.86 -84.20
C VAL U 270 -14.21 -41.02 -84.67
N ASP U 271 -13.27 -40.96 -83.71
CA ASP U 271 -11.85 -41.15 -84.00
C ASP U 271 -11.53 -42.64 -84.21
N VAL U 272 -12.30 -43.51 -83.56
CA VAL U 272 -12.15 -44.96 -83.71
C VAL U 272 -12.58 -45.40 -85.11
N ILE U 273 -13.71 -44.87 -85.59
CA ILE U 273 -14.17 -45.11 -86.96
C ILE U 273 -13.15 -44.60 -87.98
N LYS U 274 -12.65 -43.38 -87.76
CA LYS U 274 -11.66 -42.75 -88.64
C LYS U 274 -10.39 -43.59 -88.76
N SER U 275 -9.91 -44.13 -87.63
CA SER U 275 -8.66 -44.89 -87.58
C SER U 275 -8.81 -46.31 -88.15
N GLU U 276 -9.91 -46.98 -87.80
CA GLU U 276 -10.14 -48.36 -88.22
C GLU U 276 -10.49 -48.51 -89.70
N THR U 277 -11.20 -47.52 -90.24
CA THR U 277 -11.59 -47.53 -91.65
C THR U 277 -10.38 -47.24 -92.56
N ILE U 278 -9.55 -46.28 -92.16
CA ILE U 278 -8.37 -45.89 -92.94
C ILE U 278 -7.26 -46.95 -92.87
N ALA U 279 -7.25 -47.74 -91.81
CA ALA U 279 -6.27 -48.82 -91.64
C ALA U 279 -6.59 -50.01 -92.53
N THR U 280 -7.88 -50.31 -92.67
CA THR U 280 -8.36 -51.41 -93.51
C THR U 280 -8.26 -51.08 -95.00
N LEU U 281 -8.42 -49.80 -95.34
CA LEU U 281 -8.33 -49.34 -96.72
C LEU U 281 -6.89 -49.27 -97.22
N LEU U 282 -5.97 -48.89 -96.33
CA LEU U 282 -4.54 -48.83 -96.66
C LEU U 282 -3.88 -50.21 -96.63
N ALA U 283 -4.54 -51.18 -96.00
CA ALA U 283 -4.04 -52.55 -95.91
C ALA U 283 -4.11 -53.26 -97.27
N GLU U 284 -5.13 -52.93 -98.06
CA GLU U 284 -5.29 -53.48 -99.41
C GLU U 284 -4.30 -52.84 -100.38
N ASP U 285 -4.18 -51.52 -100.32
CA ASP U 285 -3.23 -50.77 -101.14
C ASP U 285 -2.74 -49.51 -100.43
N GLU U 286 -1.42 -49.34 -100.39
CA GLU U 286 -0.79 -48.21 -99.68
C GLU U 286 -0.63 -46.98 -100.58
N THR U 287 -0.98 -47.12 -101.85
CA THR U 287 -0.85 -46.05 -102.84
C THR U 287 -1.85 -44.91 -102.64
N LEU U 288 -2.95 -45.21 -101.94
CA LEU U 288 -3.98 -44.21 -101.65
C LEU U 288 -3.51 -43.17 -100.65
N ASP U 289 -3.93 -41.92 -100.87
CA ASP U 289 -3.57 -40.80 -100.01
C ASP U 289 -4.35 -40.82 -98.70
N GLU U 290 -3.68 -40.48 -97.61
CA GLU U 290 -4.29 -40.47 -96.27
C GLU U 290 -5.23 -39.27 -96.09
N ASN U 291 -4.85 -38.14 -96.67
CA ASN U 291 -5.65 -36.91 -96.59
C ASN U 291 -6.88 -36.94 -97.49
N GLU U 292 -6.80 -37.71 -98.58
CA GLU U 292 -7.90 -37.84 -99.53
C GLU U 292 -9.06 -38.64 -98.93
N LEU U 293 -8.72 -39.70 -98.18
CA LEU U 293 -9.71 -40.55 -97.51
C LEU U 293 -10.38 -39.83 -96.34
N GLY U 294 -9.65 -38.92 -95.70
CA GLY U 294 -10.17 -38.11 -94.60
C GLY U 294 -11.19 -37.08 -95.06
N GLU U 295 -11.04 -36.63 -96.31
CA GLU U 295 -11.98 -35.68 -96.92
C GLU U 295 -13.31 -36.37 -97.25
N ILE U 296 -13.22 -37.64 -97.64
CA ILE U 296 -14.40 -38.47 -97.92
C ILE U 296 -15.17 -38.76 -96.63
N LEU U 297 -14.43 -39.08 -95.57
CA LEU U 297 -15.02 -39.33 -94.24
C LEU U 297 -15.76 -38.10 -93.71
N HIS U 298 -15.20 -36.92 -93.96
CA HIS U 298 -15.81 -35.65 -93.56
C HIS U 298 -17.08 -35.35 -94.35
N ALA U 299 -17.11 -35.79 -95.61
CA ALA U 299 -18.26 -35.59 -96.49
C ALA U 299 -19.48 -36.40 -96.05
N ILE U 300 -19.24 -37.62 -95.56
CA ILE U 300 -20.29 -38.48 -95.03
C ILE U 300 -20.76 -37.98 -93.66
N GLU U 301 -19.80 -37.61 -92.80
CA GLU U 301 -20.09 -37.06 -91.47
C GLU U 301 -20.97 -35.80 -91.52
N LYS U 302 -20.78 -35.01 -92.57
CA LYS U 302 -21.59 -33.82 -92.81
C LYS U 302 -22.98 -34.20 -93.32
N ASN U 303 -23.03 -35.19 -94.20
CA ASN U 303 -24.28 -35.65 -94.83
C ASN U 303 -25.24 -36.34 -93.85
N VAL U 304 -24.68 -37.06 -92.89
CA VAL U 304 -25.47 -37.79 -91.89
C VAL U 304 -26.22 -36.83 -90.96
N VAL U 305 -25.53 -35.78 -90.51
CA VAL U 305 -26.10 -34.77 -89.61
C VAL U 305 -27.15 -33.90 -90.32
N ARG U 306 -26.84 -33.49 -91.55
CA ARG U 306 -27.71 -32.60 -92.33
C ARG U 306 -29.04 -33.26 -92.72
N SER U 307 -28.98 -34.55 -93.09
CA SER U 307 -30.17 -35.30 -93.49
C SER U 307 -31.06 -35.68 -92.30
N ARG U 308 -30.47 -35.70 -91.11
CA ARG U 308 -31.17 -36.05 -89.88
C ARG U 308 -32.11 -34.93 -89.43
N VAL U 309 -31.66 -33.68 -89.57
CA VAL U 309 -32.46 -32.54 -89.18
C VAL U 309 -33.29 -32.01 -90.35
N LEU U 310 -33.13 -32.65 -91.51
CA LEU U 310 -33.86 -32.24 -92.71
C LEU U 310 -35.06 -33.13 -92.96
N ALA U 311 -35.50 -33.85 -91.93
CA ALA U 311 -36.64 -34.74 -92.04
C ALA U 311 -37.74 -34.35 -91.06
N GLY U 312 -37.56 -34.72 -89.79
CA GLY U 312 -36.38 -35.46 -89.38
C GLY U 312 -36.49 -35.85 -87.92
N GLU U 313 -35.65 -36.79 -87.50
CA GLU U 313 -35.64 -37.26 -86.12
C GLU U 313 -35.01 -36.17 -85.26
N PRO U 314 -34.71 -36.50 -84.01
CA PRO U 314 -34.11 -35.55 -83.07
C PRO U 314 -32.67 -35.23 -83.46
N ARG U 315 -32.10 -34.19 -82.85
CA ARG U 315 -30.72 -33.78 -83.13
C ARG U 315 -29.68 -34.74 -82.53
N ILE U 316 -28.44 -34.26 -82.44
CA ILE U 316 -27.31 -35.04 -81.95
C ILE U 316 -27.50 -35.48 -80.49
N ASP U 317 -27.87 -34.55 -79.63
CA ASP U 317 -28.08 -34.83 -78.20
C ASP U 317 -29.54 -35.13 -77.87
N GLY U 318 -30.39 -35.20 -78.90
CA GLY U 318 -31.80 -35.52 -78.73
C GLY U 318 -32.68 -34.31 -78.44
N ARG U 319 -32.39 -33.20 -79.11
CA ARG U 319 -33.18 -31.98 -78.97
C ARG U 319 -33.96 -31.66 -80.25
N GLU U 320 -34.96 -30.80 -80.13
CA GLU U 320 -35.82 -30.44 -81.26
C GLU U 320 -35.39 -29.12 -81.91
N LYS U 321 -36.22 -28.59 -82.80
CA LYS U 321 -35.94 -27.38 -83.57
C LYS U 321 -35.66 -26.15 -82.69
N ASP U 322 -36.50 -25.94 -81.68
CA ASP U 322 -36.41 -24.75 -80.83
C ASP U 322 -35.86 -25.03 -79.43
N MET U 323 -35.82 -26.30 -79.03
CA MET U 323 -35.41 -26.72 -77.69
C MET U 323 -33.98 -26.32 -77.33
N ILE U 324 -33.82 -25.66 -76.19
CA ILE U 324 -32.51 -25.27 -75.67
C ILE U 324 -32.09 -26.18 -74.51
N ARG U 325 -30.79 -26.20 -74.22
CA ARG U 325 -30.23 -27.07 -73.18
C ARG U 325 -30.54 -26.56 -71.76
N GLY U 326 -30.29 -27.42 -70.78
CA GLY U 326 -30.51 -27.10 -69.36
C GLY U 326 -29.58 -26.02 -68.85
N LEU U 327 -30.02 -25.32 -67.81
CA LEU U 327 -29.30 -24.17 -67.28
C LEU U 327 -28.83 -24.35 -65.85
N ASP U 328 -27.71 -23.71 -65.51
CA ASP U 328 -27.16 -23.74 -64.16
C ASP U 328 -26.59 -22.36 -63.81
N VAL U 329 -27.20 -21.72 -62.81
CA VAL U 329 -26.88 -20.33 -62.45
C VAL U 329 -26.30 -20.23 -61.04
N ARG U 330 -25.16 -19.54 -60.92
CA ARG U 330 -24.51 -19.29 -59.63
C ARG U 330 -24.14 -17.82 -59.45
N THR U 331 -24.09 -17.36 -58.21
CA THR U 331 -23.78 -15.97 -57.90
C THR U 331 -22.79 -15.86 -56.73
N GLY U 332 -21.57 -15.40 -57.03
CA GLY U 332 -20.53 -15.23 -56.01
C GLY U 332 -19.89 -16.53 -55.60
N VAL U 333 -19.25 -17.20 -56.54
CA VAL U 333 -18.64 -18.45 -56.23
C VAL U 333 -17.26 -18.26 -55.71
N LEU U 334 -16.82 -17.02 -55.63
CA LEU U 334 -15.47 -16.77 -55.16
C LEU U 334 -15.43 -15.82 -54.02
N PRO U 335 -14.70 -16.19 -53.00
CA PRO U 335 -14.51 -15.34 -51.85
C PRO U 335 -13.39 -14.46 -52.28
N ARG U 336 -13.36 -13.19 -51.86
CA ARG U 336 -12.22 -12.33 -52.12
C ARG U 336 -12.21 -11.69 -53.46
N THR U 337 -13.39 -11.56 -54.02
CA THR U 337 -13.66 -10.89 -55.29
C THR U 337 -14.84 -9.93 -55.14
N HIS U 338 -14.96 -8.99 -56.08
CA HIS U 338 -16.08 -8.05 -56.10
C HIS U 338 -17.34 -8.73 -56.64
N GLY U 339 -17.20 -9.37 -57.80
CA GLY U 339 -18.31 -10.09 -58.43
C GLY U 339 -17.88 -11.40 -59.07
N SER U 340 -18.75 -12.41 -58.98
CA SER U 340 -18.48 -13.72 -59.58
C SER U 340 -19.76 -14.42 -60.06
N ALA U 341 -19.61 -15.24 -61.10
CA ALA U 341 -20.72 -15.97 -61.69
C ALA U 341 -20.26 -17.28 -62.33
N LEU U 342 -21.13 -18.29 -62.29
CA LEU U 342 -20.88 -19.57 -62.95
C LEU U 342 -22.10 -19.99 -63.77
N PHE U 343 -22.06 -19.67 -65.06
CA PHE U 343 -23.14 -19.98 -65.98
C PHE U 343 -22.83 -21.22 -66.80
N THR U 344 -23.77 -22.16 -66.82
CA THR U 344 -23.62 -23.40 -67.57
C THR U 344 -24.87 -23.68 -68.40
N ARG U 345 -24.69 -23.79 -69.72
CA ARG U 345 -25.79 -24.10 -70.63
C ARG U 345 -25.58 -25.47 -71.28
N GLY U 346 -26.04 -26.51 -70.59
CA GLY U 346 -25.86 -27.89 -71.04
C GLY U 346 -24.50 -28.43 -70.68
N GLU U 347 -23.56 -28.33 -71.61
CA GLU U 347 -22.18 -28.80 -71.38
C GLU U 347 -21.13 -27.76 -71.80
N THR U 348 -21.53 -26.50 -71.85
CA THR U 348 -20.61 -25.38 -72.02
C THR U 348 -20.70 -24.44 -70.80
N GLN U 349 -19.53 -24.05 -70.29
CA GLN U 349 -19.46 -23.31 -69.02
C GLN U 349 -18.68 -22.01 -69.16
N ALA U 350 -19.11 -20.99 -68.42
CA ALA U 350 -18.47 -19.68 -68.43
C ALA U 350 -18.35 -19.10 -67.02
N LEU U 351 -17.13 -19.11 -66.49
CA LEU U 351 -16.83 -18.49 -65.19
C LEU U 351 -16.48 -17.02 -65.40
N VAL U 352 -17.38 -16.14 -64.98
CA VAL U 352 -17.24 -14.71 -65.20
C VAL U 352 -17.04 -13.95 -63.89
N THR U 353 -16.01 -13.11 -63.86
CA THR U 353 -15.69 -12.30 -62.69
C THR U 353 -15.73 -10.81 -62.99
N ALA U 354 -16.19 -10.03 -62.02
CA ALA U 354 -16.26 -8.57 -62.14
C ALA U 354 -15.35 -7.89 -61.14
N THR U 355 -14.63 -6.86 -61.60
CA THR U 355 -13.68 -6.13 -60.77
C THR U 355 -13.95 -4.62 -60.83
N LEU U 356 -14.03 -3.99 -59.67
CA LEU U 356 -14.28 -2.56 -59.57
C LEU U 356 -13.01 -1.77 -59.26
N GLY U 357 -12.90 -0.58 -59.85
CA GLY U 357 -11.75 0.30 -59.64
C GLY U 357 -12.05 1.74 -59.94
N THR U 358 -11.07 2.61 -59.69
CA THR U 358 -11.21 4.05 -59.92
C THR U 358 -10.86 4.42 -61.36
N ALA U 359 -11.05 5.70 -61.69
CA ALA U 359 -10.69 6.24 -63.01
C ALA U 359 -9.17 6.22 -63.25
N ARG U 360 -8.42 6.08 -62.17
CA ARG U 360 -6.97 5.95 -62.21
C ARG U 360 -6.57 4.62 -62.87
N ASP U 361 -7.32 3.56 -62.58
CA ASP U 361 -7.10 2.25 -63.17
C ASP U 361 -7.98 2.07 -64.42
N ALA U 362 -7.67 2.83 -65.46
CA ALA U 362 -8.42 2.79 -66.72
C ALA U 362 -7.48 2.69 -67.91
N GLN U 363 -7.92 2.01 -68.96
CA GLN U 363 -7.14 1.84 -70.18
C GLN U 363 -7.15 3.09 -71.04
N VAL U 364 -5.95 3.56 -71.40
CA VAL U 364 -5.80 4.70 -72.29
C VAL U 364 -5.37 4.19 -73.67
N LEU U 365 -6.35 4.06 -74.56
CA LEU U 365 -6.11 3.53 -75.91
C LEU U 365 -5.56 4.60 -76.84
N ASP U 366 -4.34 4.39 -77.31
CA ASP U 366 -3.71 5.26 -78.30
C ASP U 366 -4.11 4.78 -79.69
N GLU U 367 -5.33 5.15 -80.09
CA GLU U 367 -5.91 4.66 -81.35
C GLU U 367 -5.53 5.55 -82.54
N LEU U 368 -5.78 5.03 -83.74
CA LEU U 368 -5.44 5.71 -85.00
C LEU U 368 -6.30 6.95 -85.25
N MET U 369 -7.57 6.90 -84.84
CA MET U 369 -8.48 8.03 -84.96
C MET U 369 -8.11 9.19 -84.03
N GLY U 370 -7.76 8.85 -82.79
CA GLY U 370 -7.37 9.83 -81.78
C GLY U 370 -7.12 9.19 -80.43
N GLU U 371 -7.34 9.97 -79.36
CA GLU U 371 -7.15 9.48 -78.00
C GLU U 371 -8.47 8.99 -77.42
N ARG U 372 -8.47 7.73 -76.98
CA ARG U 372 -9.67 7.10 -76.42
C ARG U 372 -9.42 6.56 -75.02
N THR U 373 -10.31 6.88 -74.09
CA THR U 373 -10.26 6.34 -72.74
C THR U 373 -11.42 5.37 -72.49
N ASP U 374 -11.08 4.18 -71.98
CA ASP U 374 -12.07 3.14 -71.73
C ASP U 374 -12.41 3.01 -70.25
N THR U 375 -13.71 2.93 -69.96
CA THR U 375 -14.20 2.73 -68.61
C THR U 375 -14.60 1.27 -68.41
N PHE U 376 -15.33 0.72 -69.38
CA PHE U 376 -15.75 -0.67 -69.35
C PHE U 376 -14.75 -1.56 -70.08
N LEU U 377 -14.24 -2.56 -69.37
CA LEU U 377 -13.26 -3.50 -69.92
C LEU U 377 -13.80 -4.92 -69.93
N PHE U 378 -13.62 -5.61 -71.05
CA PHE U 378 -14.06 -7.00 -71.19
C PHE U 378 -12.94 -7.85 -71.80
N HIS U 379 -12.68 -8.99 -71.18
CA HIS U 379 -11.65 -9.91 -71.67
C HIS U 379 -12.21 -11.33 -71.81
N TYR U 380 -11.82 -11.98 -72.90
CA TYR U 380 -12.27 -13.34 -73.20
C TYR U 380 -11.07 -14.29 -73.29
N ASN U 381 -11.01 -15.24 -72.36
CA ASN U 381 -9.97 -16.26 -72.36
C ASN U 381 -10.53 -17.62 -72.73
N PHE U 382 -9.92 -18.26 -73.73
CA PHE U 382 -10.34 -19.58 -74.18
C PHE U 382 -9.20 -20.60 -73.99
N PRO U 383 -9.15 -21.23 -72.81
CA PRO U 383 -8.12 -22.23 -72.50
C PRO U 383 -8.41 -23.59 -73.17
N PRO U 384 -7.37 -24.36 -73.42
CA PRO U 384 -7.54 -25.68 -74.05
C PRO U 384 -8.26 -26.66 -73.12
N TYR U 385 -8.00 -26.56 -71.83
CA TYR U 385 -8.63 -27.44 -70.86
C TYR U 385 -10.15 -27.24 -70.82
N SER U 386 -10.66 -26.50 -71.80
CA SER U 386 -12.08 -26.23 -71.89
C SER U 386 -12.79 -27.27 -72.75
N VAL U 387 -12.10 -27.74 -73.78
CA VAL U 387 -12.66 -28.75 -74.68
C VAL U 387 -12.00 -30.10 -74.47
N GLY U 388 -11.03 -30.15 -73.57
CA GLY U 388 -10.32 -31.39 -73.27
C GLY U 388 -9.16 -31.63 -74.21
N GLU U 389 -8.33 -30.61 -74.39
CA GLU U 389 -7.17 -30.71 -75.26
C GLU U 389 -5.94 -30.05 -74.64
N THR U 390 -4.81 -30.13 -75.34
CA THR U 390 -3.57 -29.54 -74.85
C THR U 390 -3.03 -28.50 -75.83
N GLY U 391 -2.38 -27.48 -75.30
CA GLY U 391 -1.82 -26.42 -76.11
C GLY U 391 -1.18 -25.32 -75.29
N MET U 392 -0.31 -24.55 -75.93
CA MET U 392 0.37 -23.45 -75.25
C MET U 392 -0.62 -22.41 -74.73
N VAL U 393 -0.16 -21.56 -73.83
CA VAL U 393 -1.00 -20.52 -73.25
C VAL U 393 -0.19 -19.27 -72.93
N GLY U 394 -0.07 -18.38 -73.92
CA GLY U 394 0.67 -17.15 -73.74
C GLY U 394 -0.13 -15.94 -74.18
N SER U 395 0.23 -15.38 -75.33
CA SER U 395 -0.47 -14.22 -75.86
C SER U 395 -1.80 -14.61 -76.48
N PRO U 396 -2.85 -13.86 -76.17
CA PRO U 396 -4.20 -14.15 -76.69
C PRO U 396 -4.24 -14.23 -78.22
N LYS U 397 -4.91 -15.27 -78.73
CA LYS U 397 -5.03 -15.50 -80.16
C LYS U 397 -6.08 -14.60 -80.80
N ARG U 398 -6.13 -14.60 -82.13
CA ARG U 398 -7.06 -13.76 -82.90
C ARG U 398 -8.54 -14.14 -82.70
N ARG U 399 -8.78 -15.38 -82.29
CA ARG U 399 -10.14 -15.89 -82.10
C ARG U 399 -10.76 -15.40 -80.77
N GLU U 400 -9.97 -15.40 -79.71
CA GLU U 400 -10.46 -15.01 -78.39
C GLU U 400 -10.63 -13.50 -78.21
N ILE U 401 -9.83 -12.72 -78.96
CA ILE U 401 -9.93 -11.25 -78.95
C ILE U 401 -11.22 -10.80 -79.64
N GLY U 402 -11.57 -11.48 -80.73
CA GLY U 402 -12.80 -11.21 -81.47
C GLY U 402 -14.06 -11.50 -80.66
N HIS U 403 -13.99 -12.51 -79.81
CA HIS U 403 -15.09 -12.86 -78.91
C HIS U 403 -15.11 -11.96 -77.67
N GLY U 404 -13.99 -11.29 -77.41
CA GLY U 404 -13.87 -10.34 -76.30
C GLY U 404 -14.73 -9.10 -76.49
N ARG U 405 -14.69 -8.56 -77.71
CA ARG U 405 -15.53 -7.42 -78.07
C ARG U 405 -16.97 -7.85 -78.32
N LEU U 406 -17.15 -9.09 -78.75
CA LEU U 406 -18.47 -9.68 -78.98
C LEU U 406 -19.33 -9.65 -77.72
N ALA U 407 -18.75 -10.12 -76.61
CA ALA U 407 -19.42 -10.14 -75.32
C ALA U 407 -19.47 -8.76 -74.68
N LYS U 408 -18.55 -7.88 -75.10
CA LYS U 408 -18.52 -6.49 -74.65
C LYS U 408 -19.68 -5.70 -75.24
N ARG U 409 -19.95 -5.93 -76.53
CA ARG U 409 -21.02 -5.23 -77.26
C ARG U 409 -22.41 -5.63 -76.78
N GLY U 410 -22.52 -6.82 -76.19
CA GLY U 410 -23.79 -7.30 -75.63
C GLY U 410 -24.12 -6.71 -74.28
N VAL U 411 -23.11 -6.18 -73.60
CA VAL U 411 -23.27 -5.62 -72.25
C VAL U 411 -23.17 -4.09 -72.25
N LEU U 412 -22.45 -3.54 -73.22
CA LEU U 412 -22.19 -2.10 -73.33
C LEU U 412 -23.46 -1.25 -73.32
N ALA U 413 -24.53 -1.77 -73.91
CA ALA U 413 -25.83 -1.09 -73.95
C ALA U 413 -26.49 -1.03 -72.57
N VAL U 414 -26.25 -2.06 -71.76
CA VAL U 414 -26.84 -2.17 -70.43
C VAL U 414 -26.08 -1.32 -69.40
N MET U 415 -24.77 -1.20 -69.60
CA MET U 415 -23.89 -0.47 -68.68
C MET U 415 -24.34 0.97 -68.41
N PRO U 416 -24.36 1.39 -67.13
CA PRO U 416 -24.76 2.74 -66.74
C PRO U 416 -23.76 3.82 -67.19
N ASP U 417 -24.24 5.06 -67.23
CA ASP U 417 -23.43 6.20 -67.68
C ASP U 417 -22.40 6.65 -66.63
N MET U 418 -21.52 7.57 -67.04
CA MET U 418 -20.43 8.06 -66.20
C MET U 418 -20.89 8.97 -65.06
N ASP U 419 -21.98 9.70 -65.30
CA ASP U 419 -22.49 10.69 -64.35
C ASP U 419 -23.03 10.06 -63.06
N LYS U 420 -23.80 8.99 -63.19
CA LYS U 420 -24.39 8.31 -62.04
C LYS U 420 -23.48 7.25 -61.42
N PHE U 421 -22.48 6.80 -62.19
CA PHE U 421 -21.55 5.76 -61.72
C PHE U 421 -20.13 6.02 -62.24
N PRO U 422 -19.29 6.66 -61.39
CA PRO U 422 -17.92 6.99 -61.76
C PRO U 422 -16.90 5.91 -61.35
N TYR U 423 -17.11 4.69 -61.84
CA TYR U 423 -16.22 3.56 -61.55
C TYR U 423 -15.88 2.77 -62.81
N THR U 424 -14.63 2.32 -62.89
CA THR U 424 -14.17 1.49 -64.01
C THR U 424 -14.37 0.02 -63.68
N VAL U 425 -15.02 -0.70 -64.60
CA VAL U 425 -15.34 -2.11 -64.39
C VAL U 425 -14.57 -3.00 -65.37
N ARG U 426 -13.88 -4.00 -64.82
CA ARG U 426 -13.16 -5.00 -65.62
C ARG U 426 -13.84 -6.36 -65.51
N VAL U 427 -14.22 -6.92 -66.65
CA VAL U 427 -14.91 -8.20 -66.70
C VAL U 427 -14.05 -9.25 -67.42
N VAL U 428 -13.80 -10.36 -66.74
CA VAL U 428 -12.99 -11.45 -67.29
C VAL U 428 -13.84 -12.70 -67.51
N SER U 429 -13.82 -13.21 -68.73
CA SER U 429 -14.56 -14.42 -69.08
C SER U 429 -13.62 -15.63 -69.15
N GLU U 430 -13.81 -16.55 -68.21
CA GLU U 430 -13.02 -17.78 -68.15
C GLU U 430 -13.86 -18.97 -68.61
N ILE U 431 -13.58 -19.46 -69.81
CA ILE U 431 -14.32 -20.58 -70.39
C ILE U 431 -13.84 -21.89 -69.77
N THR U 432 -14.75 -22.58 -69.09
CA THR U 432 -14.43 -23.81 -68.37
C THR U 432 -14.82 -25.05 -69.18
N GLU U 433 -15.92 -24.94 -69.93
CA GLU U 433 -16.36 -25.99 -70.85
C GLU U 433 -16.83 -25.36 -72.17
N SER U 434 -16.65 -26.08 -73.27
CA SER U 434 -17.00 -25.55 -74.59
C SER U 434 -17.67 -26.57 -75.52
N ASN U 435 -18.96 -26.36 -75.75
CA ASN U 435 -19.72 -27.09 -76.77
C ASN U 435 -20.85 -26.21 -77.29
N GLY U 436 -20.55 -25.47 -78.36
CA GLY U 436 -21.42 -24.42 -78.86
C GLY U 436 -20.83 -23.06 -78.55
N SER U 437 -21.49 -21.99 -79.02
CA SER U 437 -21.00 -20.63 -78.82
C SER U 437 -20.96 -20.25 -77.34
N SER U 438 -19.76 -20.27 -76.77
CA SER U 438 -19.54 -19.94 -75.36
C SER U 438 -19.44 -18.43 -75.14
N SER U 439 -19.38 -17.68 -76.23
CA SER U 439 -19.35 -16.21 -76.18
C SER U 439 -20.67 -15.64 -75.71
N MET U 440 -21.75 -16.36 -76.01
CA MET U 440 -23.10 -16.00 -75.56
C MET U 440 -23.32 -16.39 -74.10
N ALA U 441 -22.61 -17.41 -73.65
CA ALA U 441 -22.61 -17.81 -72.24
C ALA U 441 -21.82 -16.82 -71.39
N SER U 442 -20.90 -16.10 -72.04
CA SER U 442 -20.12 -15.05 -71.39
C SER U 442 -20.98 -13.81 -71.10
N VAL U 443 -21.94 -13.54 -71.98
CA VAL U 443 -22.87 -12.42 -71.83
C VAL U 443 -23.84 -12.69 -70.67
N CYS U 444 -24.29 -13.94 -70.55
CA CYS U 444 -25.17 -14.36 -69.47
C CYS U 444 -24.46 -14.31 -68.12
N GLY U 445 -23.18 -14.67 -68.12
CA GLY U 445 -22.35 -14.63 -66.91
C GLY U 445 -21.94 -13.22 -66.52
N ALA U 446 -21.86 -12.32 -67.50
CA ALA U 446 -21.49 -10.93 -67.26
C ALA U 446 -22.57 -10.17 -66.49
N SER U 447 -23.84 -10.45 -66.82
CA SER U 447 -24.98 -9.84 -66.16
C SER U 447 -25.09 -10.27 -64.69
N LEU U 448 -24.72 -11.52 -64.42
CA LEU U 448 -24.76 -12.07 -63.07
C LEU U 448 -23.58 -11.57 -62.22
N ALA U 449 -22.45 -11.34 -62.87
CA ALA U 449 -21.24 -10.85 -62.19
C ALA U 449 -21.36 -9.37 -61.81
N LEU U 450 -22.04 -8.59 -62.64
CA LEU U 450 -22.26 -7.17 -62.39
C LEU U 450 -23.27 -6.93 -61.27
N MET U 451 -24.27 -7.81 -61.17
CA MET U 451 -25.26 -7.76 -60.10
C MET U 451 -24.67 -8.19 -58.76
N ASP U 452 -23.70 -9.10 -58.81
CA ASP U 452 -23.00 -9.58 -57.63
C ASP U 452 -22.01 -8.54 -57.10
N ALA U 453 -21.42 -7.78 -58.02
CA ALA U 453 -20.45 -6.74 -57.68
C ALA U 453 -21.12 -5.51 -57.05
N GLY U 454 -22.38 -5.30 -57.38
CA GLY U 454 -23.14 -4.14 -56.90
C GLY U 454 -23.23 -3.03 -57.92
N VAL U 455 -22.90 -3.35 -59.17
CA VAL U 455 -22.97 -2.39 -60.27
C VAL U 455 -24.41 -2.21 -60.71
N PRO U 456 -24.93 -0.97 -60.63
CA PRO U 456 -26.32 -0.68 -61.00
C PRO U 456 -26.56 -0.72 -62.51
N ILE U 457 -26.71 -1.93 -63.05
CA ILE U 457 -27.01 -2.12 -64.47
C ILE U 457 -28.49 -1.93 -64.74
N LYS U 458 -28.83 -1.59 -65.99
CA LYS U 458 -30.21 -1.30 -66.38
C LYS U 458 -31.14 -2.51 -66.24
N ALA U 459 -30.74 -3.63 -66.84
CA ALA U 459 -31.54 -4.86 -66.80
C ALA U 459 -30.66 -6.11 -66.97
N ALA U 460 -31.28 -7.28 -66.85
CA ALA U 460 -30.60 -8.55 -67.08
C ALA U 460 -30.43 -8.79 -68.58
N VAL U 461 -29.24 -9.23 -68.97
CA VAL U 461 -28.93 -9.45 -70.40
C VAL U 461 -28.43 -10.88 -70.68
N ALA U 462 -29.09 -11.54 -71.62
CA ALA U 462 -28.76 -12.91 -72.01
C ALA U 462 -28.54 -13.03 -73.53
N GLY U 463 -28.08 -14.21 -73.96
CA GLY U 463 -27.84 -14.46 -75.38
C GLY U 463 -27.64 -15.92 -75.73
N ILE U 464 -28.06 -16.28 -76.94
CA ILE U 464 -27.92 -17.65 -77.46
C ILE U 464 -27.52 -17.66 -78.94
N ALA U 465 -27.09 -18.83 -79.43
CA ALA U 465 -26.67 -19.00 -80.82
C ALA U 465 -27.71 -19.77 -81.64
N MET U 466 -27.69 -19.56 -82.96
CA MET U 466 -28.62 -20.21 -83.89
C MET U 466 -27.86 -20.82 -85.07
N GLY U 467 -28.50 -21.80 -85.71
CA GLY U 467 -27.92 -22.47 -86.89
C GLY U 467 -28.93 -22.70 -88.00
N LEU U 468 -28.45 -23.22 -89.12
CA LEU U 468 -29.31 -23.46 -90.29
C LEU U 468 -28.79 -24.61 -91.16
N VAL U 469 -29.73 -25.39 -91.71
CA VAL U 469 -29.44 -26.40 -92.71
C VAL U 469 -30.39 -26.20 -93.90
N LYS U 470 -29.84 -25.78 -95.03
CA LYS U 470 -30.64 -25.45 -96.21
C LYS U 470 -30.17 -26.20 -97.45
N GLU U 471 -31.12 -26.67 -98.25
CA GLU U 471 -30.82 -27.39 -99.48
C GLU U 471 -31.67 -26.87 -100.64
N GLY U 472 -31.19 -25.81 -101.30
CA GLY U 472 -31.87 -25.23 -102.45
C GLY U 472 -32.95 -24.23 -102.09
N ASP U 473 -34.07 -24.74 -101.57
CA ASP U 473 -35.21 -23.90 -101.21
C ASP U 473 -35.70 -24.13 -99.78
N ASN U 474 -35.82 -25.40 -99.39
CA ASN U 474 -36.28 -25.76 -98.04
C ASN U 474 -35.18 -25.59 -96.99
N TYR U 475 -35.57 -25.12 -95.81
CA TYR U 475 -34.63 -24.78 -94.75
C TYR U 475 -35.14 -25.14 -93.35
N VAL U 476 -34.21 -25.52 -92.47
CA VAL U 476 -34.53 -25.84 -91.08
C VAL U 476 -33.69 -24.96 -90.15
N VAL U 477 -34.38 -24.12 -89.36
CA VAL U 477 -33.72 -23.23 -88.41
C VAL U 477 -33.49 -23.97 -87.09
N LEU U 478 -32.25 -23.92 -86.61
CA LEU U 478 -31.86 -24.66 -85.41
C LEU U 478 -31.51 -23.72 -84.26
N SER U 479 -31.98 -24.07 -83.06
CA SER U 479 -31.76 -23.24 -81.87
C SER U 479 -30.75 -23.86 -80.92
N ASP U 480 -29.87 -23.02 -80.37
CA ASP U 480 -28.80 -23.43 -79.46
C ASP U 480 -27.96 -24.58 -80.03
N ILE U 481 -27.13 -24.25 -81.02
CA ILE U 481 -26.32 -25.24 -81.73
C ILE U 481 -25.12 -25.74 -80.93
N LEU U 482 -24.73 -26.99 -81.19
CA LEU U 482 -23.59 -27.61 -80.54
C LEU U 482 -22.30 -27.32 -81.30
N GLY U 483 -21.20 -27.96 -80.88
CA GLY U 483 -19.91 -27.81 -81.54
C GLY U 483 -19.86 -28.41 -82.94
N ASP U 484 -20.53 -29.54 -83.10
CA ASP U 484 -20.59 -30.24 -84.39
C ASP U 484 -21.58 -29.57 -85.34
N GLU U 485 -22.65 -29.01 -84.79
CA GLU U 485 -23.71 -28.39 -85.57
C GLU U 485 -23.31 -27.04 -86.16
N ASP U 486 -22.21 -26.47 -85.67
CA ASP U 486 -21.67 -25.21 -86.16
C ASP U 486 -20.74 -25.41 -87.35
N HIS U 487 -19.87 -26.41 -87.24
CA HIS U 487 -18.87 -26.70 -88.28
C HIS U 487 -19.45 -27.49 -89.46
N LEU U 488 -20.49 -28.28 -89.20
CA LEU U 488 -21.16 -29.06 -90.24
C LEU U 488 -22.45 -28.40 -90.74
N GLY U 489 -22.84 -27.31 -90.09
CA GLY U 489 -24.02 -26.55 -90.47
C GLY U 489 -23.78 -25.60 -91.63
N ASP U 490 -24.52 -24.49 -91.64
CA ASP U 490 -24.40 -23.49 -92.70
C ASP U 490 -24.15 -22.07 -92.19
N MET U 491 -24.61 -21.77 -90.98
CA MET U 491 -24.42 -20.44 -90.41
C MET U 491 -24.26 -20.43 -88.88
N ASP U 492 -23.71 -19.33 -88.37
CA ASP U 492 -23.58 -19.11 -86.93
C ASP U 492 -24.27 -17.81 -86.54
N PHE U 493 -25.59 -17.87 -86.46
CA PHE U 493 -26.43 -16.71 -86.13
C PHE U 493 -26.33 -16.43 -84.62
N LYS U 494 -25.85 -15.23 -84.29
CA LYS U 494 -25.59 -14.87 -82.89
C LYS U 494 -26.40 -13.66 -82.44
N VAL U 495 -27.24 -13.86 -81.42
CA VAL U 495 -28.11 -12.81 -80.89
C VAL U 495 -27.91 -12.62 -79.39
N ALA U 496 -27.70 -11.38 -78.97
CA ALA U 496 -27.57 -11.03 -77.56
C ALA U 496 -28.37 -9.77 -77.24
N GLY U 497 -29.17 -9.82 -76.18
CA GLY U 497 -30.00 -8.69 -75.79
C GLY U 497 -30.75 -8.87 -74.48
N SER U 498 -31.40 -7.78 -74.04
CA SER U 498 -32.20 -7.78 -72.82
C SER U 498 -33.62 -8.29 -73.09
N ARG U 499 -34.50 -8.14 -72.10
CA ARG U 499 -35.89 -8.56 -72.22
C ARG U 499 -36.69 -7.70 -73.21
N ASP U 500 -36.30 -6.43 -73.32
CA ASP U 500 -37.03 -5.47 -74.16
C ASP U 500 -36.21 -4.94 -75.35
N GLY U 501 -35.35 -5.80 -75.91
CA GLY U 501 -34.56 -5.42 -77.08
C GLY U 501 -33.30 -6.24 -77.32
N ILE U 502 -32.62 -5.92 -78.42
CA ILE U 502 -31.38 -6.61 -78.81
C ILE U 502 -30.19 -5.66 -78.64
N SER U 503 -29.15 -6.15 -77.96
CA SER U 503 -27.95 -5.36 -77.70
C SER U 503 -26.84 -5.61 -78.73
N ALA U 504 -26.66 -6.87 -79.10
CA ALA U 504 -25.63 -7.25 -80.07
C ALA U 504 -26.14 -8.28 -81.07
N LEU U 505 -25.77 -8.11 -82.34
CA LEU U 505 -26.15 -9.05 -83.40
C LEU U 505 -24.96 -9.39 -84.28
N GLN U 506 -24.75 -10.69 -84.48
CA GLN U 506 -23.69 -11.18 -85.36
C GLN U 506 -24.21 -12.29 -86.26
N MET U 507 -23.81 -12.26 -87.53
CA MET U 507 -24.26 -13.24 -88.51
C MET U 507 -23.06 -13.78 -89.29
N ASP U 508 -22.77 -15.06 -89.09
CA ASP U 508 -21.66 -15.73 -89.78
C ASP U 508 -22.21 -16.76 -90.76
N ILE U 509 -22.27 -16.40 -92.04
CA ILE U 509 -22.85 -17.25 -93.07
C ILE U 509 -21.76 -17.90 -93.92
N LYS U 510 -21.84 -19.23 -94.07
CA LYS U 510 -20.88 -19.99 -94.87
C LYS U 510 -21.42 -20.36 -96.25
N ILE U 511 -22.74 -20.23 -96.43
CA ILE U 511 -23.40 -20.55 -97.70
C ILE U 511 -23.72 -19.30 -98.54
N GLU U 512 -24.41 -19.51 -99.66
CA GLU U 512 -24.71 -18.44 -100.61
C GLU U 512 -26.20 -18.12 -100.71
N GLY U 513 -27.04 -19.14 -100.56
CA GLY U 513 -28.48 -18.99 -100.78
C GLY U 513 -29.29 -18.58 -99.56
N ILE U 514 -28.83 -17.55 -98.87
CA ILE U 514 -29.58 -16.99 -97.72
C ILE U 514 -30.62 -15.96 -98.20
N THR U 515 -31.83 -16.07 -97.65
CA THR U 515 -32.94 -15.21 -98.05
C THR U 515 -33.31 -14.24 -96.92
N LYS U 516 -34.08 -13.20 -97.26
CA LYS U 516 -34.57 -12.22 -96.30
C LYS U 516 -35.58 -12.83 -95.32
N GLU U 517 -36.33 -13.82 -95.80
CA GLU U 517 -37.37 -14.48 -95.02
C GLU U 517 -36.82 -15.39 -93.91
N ILE U 518 -35.68 -16.03 -94.17
CA ILE U 518 -35.09 -16.97 -93.21
C ILE U 518 -34.45 -16.25 -92.02
N MET U 519 -34.11 -14.97 -92.22
CA MET U 519 -33.54 -14.12 -91.16
C MET U 519 -34.60 -13.79 -90.12
N GLN U 520 -35.84 -13.62 -90.56
CA GLN U 520 -36.97 -13.32 -89.69
C GLN U 520 -37.34 -14.52 -88.82
N VAL U 521 -37.27 -15.71 -89.39
CA VAL U 521 -37.57 -16.96 -88.68
C VAL U 521 -36.48 -17.25 -87.63
N ALA U 522 -35.23 -16.94 -87.98
CA ALA U 522 -34.09 -17.18 -87.10
C ALA U 522 -34.04 -16.20 -85.92
N LEU U 523 -34.39 -14.94 -86.18
CA LEU U 523 -34.34 -13.89 -85.16
C LEU U 523 -35.51 -13.97 -84.19
N ASN U 524 -36.69 -14.32 -84.70
CA ASN U 524 -37.90 -14.47 -83.89
C ASN U 524 -37.83 -15.68 -82.94
N GLN U 525 -37.23 -16.77 -83.43
CA GLN U 525 -37.04 -17.97 -82.63
C GLN U 525 -35.93 -17.76 -81.59
N ALA U 526 -35.00 -16.85 -81.90
CA ALA U 526 -33.95 -16.47 -80.96
C ALA U 526 -34.48 -15.59 -79.83
N LYS U 527 -35.51 -14.80 -80.14
CA LYS U 527 -36.16 -13.94 -79.15
C LYS U 527 -36.91 -14.76 -78.10
N GLY U 528 -37.64 -15.78 -78.57
CA GLY U 528 -38.38 -16.68 -77.68
C GLY U 528 -37.47 -17.54 -76.83
N ALA U 529 -36.29 -17.87 -77.38
CA ALA U 529 -35.28 -18.64 -76.64
C ALA U 529 -34.56 -17.78 -75.62
N ARG U 530 -34.30 -16.51 -75.97
CA ARG U 530 -33.60 -15.57 -75.08
C ARG U 530 -34.40 -15.24 -73.82
N LEU U 531 -35.73 -15.23 -73.96
CA LEU U 531 -36.63 -14.96 -72.84
C LEU U 531 -36.61 -16.09 -71.81
N HIS U 532 -36.31 -17.31 -72.25
CA HIS U 532 -36.22 -18.48 -71.38
C HIS U 532 -34.99 -18.44 -70.49
N ILE U 533 -33.83 -18.19 -71.10
CA ILE U 533 -32.55 -18.10 -70.37
C ILE U 533 -32.54 -16.91 -69.42
N LEU U 534 -33.08 -15.78 -69.86
CA LEU U 534 -33.17 -14.57 -69.06
C LEU U 534 -34.14 -14.74 -67.88
N GLY U 535 -35.19 -15.52 -68.10
CA GLY U 535 -36.19 -15.80 -67.06
C GLY U 535 -35.65 -16.62 -65.90
N VAL U 536 -34.83 -17.62 -66.22
CA VAL U 536 -34.17 -18.45 -65.21
C VAL U 536 -33.02 -17.68 -64.56
N MET U 537 -32.44 -16.74 -65.29
CA MET U 537 -31.39 -15.87 -64.78
C MET U 537 -31.95 -14.86 -63.77
N GLU U 538 -33.19 -14.44 -63.98
CA GLU U 538 -33.89 -13.55 -63.05
C GLU U 538 -34.44 -14.30 -61.84
N GLN U 539 -34.57 -15.62 -61.98
CA GLN U 539 -35.09 -16.49 -60.93
C GLN U 539 -34.17 -16.53 -59.71
N ALA U 540 -32.86 -16.49 -59.97
CA ALA U 540 -31.86 -16.41 -58.90
C ALA U 540 -31.81 -14.99 -58.35
N ILE U 541 -31.30 -14.05 -59.15
CA ILE U 541 -31.28 -12.63 -58.80
C ILE U 541 -31.56 -11.75 -60.02
N ASN U 542 -32.36 -10.70 -59.80
CA ASN U 542 -32.70 -9.74 -60.85
C ASN U 542 -32.39 -8.29 -60.47
N ALA U 543 -31.87 -8.11 -59.25
CA ALA U 543 -31.52 -6.79 -58.74
C ALA U 543 -30.20 -6.84 -57.96
N PRO U 544 -29.31 -5.85 -58.20
CA PRO U 544 -28.02 -5.78 -57.51
C PRO U 544 -28.19 -5.46 -56.02
N GLY V 19 -16.92 -22.78 -45.63
CA GLY V 19 -15.75 -22.97 -46.53
C GLY V 19 -15.27 -21.66 -47.14
N ALA V 20 -14.91 -21.72 -48.42
CA ALA V 20 -14.43 -20.55 -49.15
C ALA V 20 -15.01 -20.45 -50.56
N ALA V 21 -14.49 -21.28 -51.47
CA ALA V 21 -14.95 -21.28 -52.86
C ALA V 21 -15.56 -22.62 -53.25
N GLY V 22 -16.68 -22.55 -53.96
CA GLY V 22 -17.39 -23.76 -54.42
C GLY V 22 -18.81 -23.49 -54.86
N GLY V 23 -19.53 -24.58 -55.15
CA GLY V 23 -20.93 -24.50 -55.57
C GLY V 23 -21.91 -24.70 -54.44
N HIS V 24 -21.60 -24.19 -53.26
CA HIS V 24 -22.59 -24.22 -52.20
C HIS V 24 -22.69 -22.79 -51.80
N THR V 25 -21.97 -22.01 -52.57
CA THR V 25 -21.72 -20.63 -52.32
C THR V 25 -22.60 -19.91 -53.28
N ALA V 26 -23.64 -20.62 -53.69
CA ALA V 26 -24.66 -20.01 -54.49
C ALA V 26 -25.30 -18.97 -53.61
N THR V 27 -24.59 -17.87 -53.40
CA THR V 27 -25.21 -16.70 -52.83
C THR V 27 -26.52 -16.63 -53.57
N HIS V 28 -26.57 -17.34 -54.70
CA HIS V 28 -27.79 -17.41 -55.51
C HIS V 28 -27.62 -18.37 -56.67
N HIS V 29 -28.62 -19.21 -56.90
CA HIS V 29 -28.58 -20.19 -57.98
C HIS V 29 -29.98 -20.56 -58.43
N ALA V 30 -30.06 -21.34 -59.51
CA ALA V 30 -31.35 -21.77 -60.05
C ALA V 30 -31.16 -22.84 -61.13
N SER V 31 -31.99 -23.87 -61.08
CA SER V 31 -31.92 -24.96 -62.05
C SER V 31 -32.99 -24.82 -63.11
N ALA V 32 -32.79 -25.48 -64.25
CA ALA V 32 -33.73 -25.42 -65.36
C ALA V 32 -33.71 -26.72 -66.17
N ALA V 33 -34.86 -27.08 -66.72
CA ALA V 33 -34.98 -28.30 -67.53
C ALA V 33 -35.01 -27.98 -69.02
N PRO V 34 -34.22 -28.71 -69.83
CA PRO V 34 -34.18 -28.51 -71.28
C PRO V 34 -35.50 -28.89 -71.96
N ALA V 35 -36.21 -27.87 -72.46
CA ALA V 35 -37.50 -28.05 -73.11
C ALA V 35 -37.78 -26.96 -74.15
N ARG V 36 -38.94 -27.06 -74.81
CA ARG V 36 -39.38 -26.06 -75.79
C ARG V 36 -39.67 -24.73 -75.10
N PRO V 37 -39.05 -23.63 -75.58
CA PRO V 37 -39.22 -22.30 -74.98
C PRO V 37 -40.64 -21.76 -75.13
N GLN V 38 -41.05 -20.95 -74.15
CA GLN V 38 -42.37 -20.30 -74.17
C GLN V 38 -42.43 -19.21 -75.24
N PRO V 39 -43.36 -19.36 -76.21
CA PRO V 39 -43.50 -18.38 -77.30
C PRO V 39 -44.10 -17.06 -76.83
N MET W 1 -28.80 -29.12 -61.53
CA MET W 1 -28.79 -30.48 -62.13
C MET W 1 -27.60 -31.31 -61.64
N LEU W 2 -26.41 -30.70 -61.65
CA LEU W 2 -25.19 -31.35 -61.20
C LEU W 2 -24.72 -30.83 -59.84
N ASN W 3 -24.33 -31.75 -58.96
CA ASN W 3 -23.84 -31.41 -57.62
C ASN W 3 -22.44 -31.95 -57.40
N PRO W 4 -21.52 -31.10 -56.87
CA PRO W 4 -20.13 -31.51 -56.72
C PRO W 4 -19.86 -32.32 -55.45
N ILE W 5 -18.80 -33.12 -55.49
CA ILE W 5 -18.36 -33.91 -54.33
C ILE W 5 -17.23 -33.18 -53.61
N VAL W 6 -17.39 -32.96 -52.32
CA VAL W 6 -16.44 -32.16 -51.54
C VAL W 6 -15.95 -32.84 -50.25
N ARG W 7 -14.80 -32.38 -49.76
CA ARG W 7 -14.23 -32.83 -48.50
C ARG W 7 -13.50 -31.70 -47.79
N LYS W 8 -13.88 -31.45 -46.55
CA LYS W 8 -13.27 -30.40 -45.73
C LYS W 8 -12.44 -30.99 -44.61
N PHE W 9 -11.20 -30.52 -44.48
CA PHE W 9 -10.28 -31.01 -43.46
C PHE W 9 -9.39 -29.90 -42.90
N GLN W 10 -9.12 -29.96 -41.60
CA GLN W 10 -8.24 -29.00 -40.94
C GLN W 10 -6.76 -29.30 -41.21
N TYR W 11 -6.01 -28.23 -41.52
CA TYR W 11 -4.60 -28.34 -41.82
C TYR W 11 -3.81 -27.20 -41.16
N GLY W 12 -3.24 -27.50 -39.99
CA GLY W 12 -2.51 -26.52 -39.20
C GLY W 12 -3.44 -25.58 -38.47
N GLN W 13 -3.57 -24.37 -38.98
CA GLN W 13 -4.45 -23.35 -38.42
C GLN W 13 -5.57 -22.98 -39.39
N HIS W 14 -5.40 -23.40 -40.64
CA HIS W 14 -6.34 -23.05 -41.73
C HIS W 14 -7.19 -24.25 -42.15
N THR W 15 -8.25 -23.97 -42.90
CA THR W 15 -9.15 -25.00 -43.40
C THR W 15 -8.99 -25.15 -44.92
N VAL W 16 -8.83 -26.39 -45.38
CA VAL W 16 -8.67 -26.69 -46.80
C VAL W 16 -9.91 -27.37 -47.36
N THR W 17 -10.43 -26.83 -48.46
CA THR W 17 -11.61 -27.38 -49.13
C THR W 17 -11.27 -27.86 -50.53
N LEU W 18 -11.67 -29.08 -50.85
CA LEU W 18 -11.43 -29.67 -52.17
C LEU W 18 -12.74 -29.90 -52.91
N GLU W 19 -12.87 -29.29 -54.08
CA GLU W 19 -14.08 -29.42 -54.89
C GLU W 19 -13.79 -30.03 -56.26
N THR W 20 -14.62 -30.98 -56.66
CA THR W 20 -14.50 -31.64 -57.97
C THR W 20 -15.85 -32.15 -58.49
N GLY W 21 -15.95 -32.31 -59.80
CA GLY W 21 -17.15 -32.87 -60.43
C GLY W 21 -18.19 -31.85 -60.88
N MET W 22 -17.75 -30.61 -61.08
CA MET W 22 -18.64 -29.54 -61.55
C MET W 22 -18.00 -28.75 -62.69
N MET W 23 -16.86 -28.12 -62.40
CA MET W 23 -16.16 -27.29 -63.38
C MET W 23 -15.25 -28.15 -64.26
N ALA W 24 -15.18 -27.80 -65.54
CA ALA W 24 -14.37 -28.49 -66.55
C ALA W 24 -14.59 -30.01 -66.56
N ARG W 25 -15.82 -30.41 -66.83
CA ARG W 25 -16.19 -31.82 -66.91
C ARG W 25 -15.71 -32.47 -68.21
N GLN W 26 -15.43 -31.63 -69.21
CA GLN W 26 -14.94 -32.10 -70.50
C GLN W 26 -13.45 -32.44 -70.45
N ALA W 27 -12.74 -31.86 -69.47
CA ALA W 27 -11.34 -32.18 -69.22
C ALA W 27 -11.21 -33.52 -68.48
N THR W 28 -9.99 -34.05 -68.44
CA THR W 28 -9.72 -35.32 -67.75
C THR W 28 -9.98 -35.21 -66.25
N ALA W 29 -9.50 -34.13 -65.64
CA ALA W 29 -9.71 -33.87 -64.22
C ALA W 29 -9.62 -32.37 -63.90
N ALA W 30 -10.43 -31.94 -62.93
CA ALA W 30 -10.44 -30.55 -62.48
C ALA W 30 -10.76 -30.47 -60.99
N VAL W 31 -9.88 -29.82 -60.23
CA VAL W 31 -10.03 -29.69 -58.78
C VAL W 31 -9.88 -28.24 -58.34
N MET W 32 -10.85 -27.77 -57.56
CA MET W 32 -10.79 -26.45 -56.92
C MET W 32 -10.34 -26.61 -55.46
N VAL W 33 -9.15 -26.09 -55.17
CA VAL W 33 -8.60 -26.15 -53.82
C VAL W 33 -8.65 -24.75 -53.18
N SER W 34 -9.22 -24.69 -51.98
CA SER W 34 -9.37 -23.42 -51.27
C SER W 34 -8.85 -23.50 -49.83
N MET W 35 -7.80 -22.75 -49.56
CA MET W 35 -7.20 -22.69 -48.22
C MET W 35 -7.35 -21.29 -47.62
N ASP W 36 -8.41 -21.11 -46.83
CA ASP W 36 -8.77 -19.83 -46.21
C ASP W 36 -8.81 -18.66 -47.19
N ASP W 37 -9.91 -18.59 -47.95
CA ASP W 37 -10.16 -17.54 -48.94
C ASP W 37 -9.16 -17.47 -50.10
N THR W 38 -8.13 -18.31 -50.06
CA THR W 38 -7.15 -18.39 -51.14
C THR W 38 -7.51 -19.62 -51.97
N ALA W 39 -8.05 -19.39 -53.16
CA ALA W 39 -8.51 -20.47 -54.04
C ALA W 39 -7.75 -20.51 -55.36
N VAL W 40 -7.26 -21.70 -55.71
CA VAL W 40 -6.59 -21.92 -56.99
C VAL W 40 -7.27 -23.06 -57.75
N PHE W 41 -7.71 -22.78 -58.96
CA PHE W 41 -8.36 -23.76 -59.82
C PHE W 41 -7.33 -24.48 -60.70
N VAL W 42 -7.24 -25.80 -60.53
CA VAL W 42 -6.24 -26.60 -61.23
C VAL W 42 -6.88 -27.66 -62.13
N THR W 43 -6.43 -27.71 -63.38
CA THR W 43 -6.92 -28.69 -64.36
C THR W 43 -5.78 -29.53 -64.95
N VAL W 44 -6.06 -30.80 -65.19
CA VAL W 44 -5.12 -31.70 -65.84
C VAL W 44 -5.77 -32.36 -67.06
N VAL W 45 -5.15 -32.20 -68.22
CA VAL W 45 -5.63 -32.82 -69.45
C VAL W 45 -4.57 -33.76 -70.00
N GLY W 46 -4.94 -35.02 -70.18
CA GLY W 46 -4.03 -36.05 -70.69
C GLY W 46 -4.36 -36.49 -72.09
N GLN W 47 -3.32 -36.71 -72.90
CA GLN W 47 -3.47 -37.20 -74.26
C GLN W 47 -3.86 -38.67 -74.24
N LYS W 48 -4.90 -39.02 -75.02
CA LYS W 48 -5.46 -40.38 -75.04
C LYS W 48 -4.47 -41.44 -75.51
N LYS W 49 -3.68 -41.10 -76.53
CA LYS W 49 -2.69 -42.03 -77.09
C LYS W 49 -1.30 -41.40 -77.20
N ALA W 50 -0.28 -42.25 -77.23
CA ALA W 50 1.11 -41.80 -77.34
C ALA W 50 1.42 -41.30 -78.76
N LYS W 51 2.20 -40.23 -78.82
CA LYS W 51 2.61 -39.63 -80.09
C LYS W 51 3.61 -40.53 -80.83
N PRO W 52 3.31 -40.87 -82.10
CA PRO W 52 4.06 -41.77 -82.97
C PRO W 52 5.57 -41.85 -82.71
N GLY W 53 6.25 -40.69 -82.75
CA GLY W 53 7.71 -40.66 -82.61
C GLY W 53 8.21 -39.78 -81.48
N GLN W 54 7.79 -40.10 -80.26
CA GLN W 54 8.25 -39.39 -79.06
C GLN W 54 9.01 -40.31 -78.12
N ASP W 55 10.12 -39.81 -77.58
CA ASP W 55 10.97 -40.57 -76.67
C ASP W 55 10.98 -39.99 -75.26
N PHE W 56 10.99 -38.66 -75.16
CA PHE W 56 11.00 -37.98 -73.87
C PHE W 56 9.58 -37.66 -73.39
N PHE W 57 9.39 -37.73 -72.07
CA PHE W 57 8.10 -37.45 -71.45
C PHE W 57 7.82 -35.94 -71.41
N PRO W 58 6.78 -35.49 -72.14
CA PRO W 58 6.47 -34.08 -72.24
C PRO W 58 5.50 -33.59 -71.16
N LEU W 59 6.07 -33.00 -70.10
CA LEU W 59 5.28 -32.41 -69.02
C LEU W 59 5.45 -30.90 -69.00
N THR W 60 4.34 -30.19 -69.07
CA THR W 60 4.34 -28.72 -69.05
C THR W 60 3.31 -28.17 -68.05
N VAL W 61 3.82 -27.49 -67.03
CA VAL W 61 2.97 -26.90 -65.99
C VAL W 61 2.87 -25.40 -66.19
N ASN W 62 1.64 -24.92 -66.38
CA ASN W 62 1.37 -23.50 -66.58
C ASN W 62 0.68 -22.88 -65.37
N TYR W 63 1.44 -22.10 -64.60
CA TYR W 63 0.91 -21.40 -63.43
C TYR W 63 0.71 -19.93 -63.77
N GLN W 64 -0.53 -19.45 -63.60
CA GLN W 64 -0.88 -18.07 -63.90
C GLN W 64 -1.71 -17.44 -62.77
N GLU W 65 -1.33 -16.22 -62.40
CA GLU W 65 -2.04 -15.47 -61.36
C GLU W 65 -2.94 -14.41 -61.97
N ARG W 66 -4.25 -14.64 -61.90
CA ARG W 66 -5.24 -13.68 -62.38
C ARG W 66 -5.35 -12.51 -61.41
N THR W 67 -5.40 -11.31 -61.95
CA THR W 67 -5.36 -10.08 -61.14
C THR W 67 -6.61 -9.82 -60.30
N TYR W 68 -7.74 -10.41 -60.69
CA TYR W 68 -9.00 -10.25 -59.97
C TYR W 68 -9.06 -11.08 -58.68
N ALA W 69 -8.03 -11.87 -58.43
CA ALA W 69 -7.94 -12.71 -57.23
C ALA W 69 -7.80 -11.87 -55.96
N ALA W 70 -7.14 -10.73 -56.07
CA ALA W 70 -7.00 -9.79 -54.96
C ALA W 70 -8.01 -8.66 -55.06
N GLY W 71 -8.61 -8.51 -56.23
CA GLY W 71 -9.59 -7.44 -56.49
C GLY W 71 -8.92 -6.18 -57.00
N ARG W 72 -8.09 -6.34 -58.03
CA ARG W 72 -7.32 -5.23 -58.58
C ARG W 72 -7.22 -5.29 -60.10
N ILE W 73 -7.31 -4.13 -60.74
CA ILE W 73 -7.12 -4.00 -62.18
C ILE W 73 -5.61 -3.92 -62.47
N PRO W 74 -5.10 -4.78 -63.38
CA PRO W 74 -3.67 -4.84 -63.71
C PRO W 74 -3.10 -3.51 -64.18
N GLY W 75 -1.85 -3.25 -63.83
CA GLY W 75 -1.18 -1.99 -64.16
C GLY W 75 -0.37 -2.04 -65.45
N SER W 76 -0.89 -2.74 -66.45
CA SER W 76 -0.26 -2.82 -67.76
C SER W 76 -0.97 -1.91 -68.77
N PHE W 77 -0.32 -1.66 -69.90
CA PHE W 77 -0.87 -0.79 -70.95
C PHE W 77 -2.10 -1.39 -71.61
N PHE W 78 -2.11 -2.71 -71.77
CA PHE W 78 -3.25 -3.44 -72.32
C PHE W 78 -4.29 -3.81 -71.28
N ARG W 79 -3.93 -3.60 -70.01
CA ARG W 79 -4.79 -3.94 -68.86
C ARG W 79 -5.21 -5.43 -68.87
N ARG W 80 -4.24 -6.29 -69.15
CA ARG W 80 -4.49 -7.73 -69.30
C ARG W 80 -3.27 -8.54 -68.88
N GLU W 81 -3.51 -9.76 -68.41
CA GLU W 81 -2.44 -10.66 -68.01
C GLU W 81 -1.70 -11.20 -69.24
N GLY W 82 -0.44 -10.82 -69.38
CA GLY W 82 0.38 -11.21 -70.53
C GLY W 82 1.35 -12.34 -70.21
N ARG W 83 2.64 -12.04 -70.33
CA ARG W 83 3.70 -13.01 -70.05
C ARG W 83 3.86 -13.26 -68.55
N PRO W 84 4.13 -14.52 -68.15
CA PRO W 84 4.35 -14.85 -66.74
C PRO W 84 5.55 -14.13 -66.14
N SER W 85 5.39 -13.64 -64.91
CA SER W 85 6.44 -12.91 -64.20
C SER W 85 7.52 -13.85 -63.67
N GLU W 86 8.53 -13.27 -63.02
CA GLU W 86 9.63 -14.03 -62.43
C GLU W 86 9.14 -14.96 -61.32
N GLY W 87 8.16 -14.50 -60.56
CA GLY W 87 7.55 -15.29 -59.49
C GLY W 87 6.68 -16.40 -60.01
N GLU W 88 5.80 -16.08 -60.96
CA GLU W 88 4.86 -17.03 -61.56
C GLU W 88 5.53 -18.25 -62.20
N THR W 89 6.75 -18.05 -62.71
CA THR W 89 7.53 -19.12 -63.31
C THR W 89 8.11 -20.06 -62.25
N LEU W 90 8.41 -19.50 -61.08
CA LEU W 90 9.00 -20.26 -59.97
C LEU W 90 8.03 -21.24 -59.32
N ILE W 91 6.79 -20.80 -59.10
CA ILE W 91 5.74 -21.68 -58.56
C ILE W 91 5.41 -22.79 -59.55
N ALA W 92 5.44 -22.47 -60.84
CA ALA W 92 5.29 -23.45 -61.91
C ALA W 92 6.40 -24.50 -61.86
N ARG W 93 7.62 -24.07 -61.50
CA ARG W 93 8.75 -24.97 -61.28
C ARG W 93 8.61 -25.74 -59.98
N LEU W 94 7.97 -25.12 -58.99
CA LEU W 94 7.70 -25.75 -57.69
C LEU W 94 6.62 -26.82 -57.78
N ILE W 95 5.78 -26.74 -58.82
CA ILE W 95 4.72 -27.72 -59.04
C ILE W 95 5.21 -28.86 -59.95
N ASP W 96 5.99 -28.52 -60.96
CA ASP W 96 6.47 -29.48 -61.96
C ASP W 96 7.51 -30.46 -61.43
N ARG W 97 8.37 -29.99 -60.53
CA ARG W 97 9.51 -30.77 -60.05
C ARG W 97 9.17 -32.01 -59.20
N PRO W 98 8.23 -31.89 -58.22
CA PRO W 98 7.90 -33.08 -57.43
C PRO W 98 6.99 -34.09 -58.13
N ILE W 99 6.23 -33.64 -59.14
CA ILE W 99 5.24 -34.49 -59.81
C ILE W 99 5.83 -35.30 -60.98
N ARG W 100 6.94 -34.82 -61.53
CA ARG W 100 7.59 -35.44 -62.70
C ARG W 100 8.14 -36.86 -62.46
N PRO W 101 8.86 -37.09 -61.33
CA PRO W 101 9.44 -38.41 -61.10
C PRO W 101 8.43 -39.52 -60.82
N LEU W 102 7.22 -39.14 -60.41
CA LEU W 102 6.17 -40.11 -60.07
C LEU W 102 5.55 -40.79 -61.29
N PHE W 103 5.67 -40.16 -62.46
CA PHE W 103 5.27 -40.78 -63.71
C PHE W 103 6.23 -41.92 -64.04
N PRO W 104 5.68 -43.12 -64.34
CA PRO W 104 6.48 -44.33 -64.56
C PRO W 104 7.41 -44.22 -65.77
N GLU W 105 8.54 -44.92 -65.71
CA GLU W 105 9.52 -44.93 -66.79
C GLU W 105 8.98 -45.69 -68.00
N GLY W 106 8.81 -44.97 -69.11
CA GLY W 106 8.23 -45.53 -70.33
C GLY W 106 6.96 -44.83 -70.75
N PHE W 107 6.48 -43.92 -69.91
CA PHE W 107 5.28 -43.14 -70.19
C PHE W 107 5.64 -41.91 -71.02
N VAL W 108 5.09 -41.84 -72.23
CA VAL W 108 5.44 -40.77 -73.17
C VAL W 108 4.24 -39.91 -73.59
N ASN W 109 3.07 -40.22 -73.03
CA ASN W 109 1.85 -39.47 -73.32
C ASN W 109 1.89 -38.06 -72.75
N GLU W 110 1.48 -37.08 -73.56
CA GLU W 110 1.47 -35.69 -73.14
C GLU W 110 0.54 -35.43 -71.96
N VAL W 111 0.85 -34.40 -71.18
CA VAL W 111 0.05 -34.04 -70.01
C VAL W 111 0.47 -32.70 -69.44
N GLN W 112 -0.47 -31.76 -69.40
CA GLN W 112 -0.19 -30.43 -68.87
C GLN W 112 -1.08 -30.11 -67.67
N VAL W 113 -0.54 -29.32 -66.74
CA VAL W 113 -1.29 -28.93 -65.54
C VAL W 113 -1.45 -27.42 -65.47
N ILE W 114 -2.68 -26.96 -65.71
CA ILE W 114 -2.98 -25.53 -65.67
C ILE W 114 -3.46 -25.10 -64.29
N ALA W 115 -2.66 -24.26 -63.63
CA ALA W 115 -3.00 -23.77 -62.30
C ALA W 115 -3.29 -22.27 -62.34
N THR W 116 -4.57 -21.91 -62.41
CA THR W 116 -4.99 -20.51 -62.41
C THR W 116 -5.53 -20.08 -61.04
N VAL W 117 -4.99 -18.98 -60.53
CA VAL W 117 -5.40 -18.44 -59.24
C VAL W 117 -6.63 -17.55 -59.42
N VAL W 118 -7.73 -17.95 -58.77
CA VAL W 118 -8.99 -17.23 -58.88
C VAL W 118 -9.29 -16.35 -57.66
N SER W 119 -8.73 -16.73 -56.52
CA SER W 119 -8.90 -15.98 -55.27
C SER W 119 -7.65 -16.07 -54.39
N VAL W 120 -7.33 -14.96 -53.72
CA VAL W 120 -6.15 -14.91 -52.86
C VAL W 120 -6.38 -14.05 -51.60
N ASN W 121 -5.85 -14.53 -50.48
CA ASN W 121 -5.82 -13.77 -49.23
C ASN W 121 -4.41 -13.21 -49.04
N PRO W 122 -4.30 -11.90 -48.73
CA PRO W 122 -3.02 -11.22 -48.52
C PRO W 122 -2.14 -11.82 -47.40
N GLN W 123 -2.62 -12.89 -46.78
CA GLN W 123 -1.90 -13.55 -45.69
C GLN W 123 -1.47 -14.97 -46.06
N VAL W 124 -2.31 -15.67 -46.84
CA VAL W 124 -2.05 -17.06 -47.23
C VAL W 124 -1.49 -17.14 -48.65
N ASN W 125 -0.38 -17.87 -48.79
CA ASN W 125 0.29 -18.02 -50.07
C ASN W 125 -0.42 -19.06 -50.96
N PRO W 126 -0.64 -18.72 -52.25
CA PRO W 126 -1.31 -19.65 -53.17
C PRO W 126 -0.41 -20.75 -53.73
N ASP W 127 0.88 -20.75 -53.35
CA ASP W 127 1.85 -21.70 -53.89
C ASP W 127 1.65 -23.14 -53.39
N ILE W 128 1.28 -23.29 -52.12
CA ILE W 128 0.98 -24.61 -51.56
C ILE W 128 -0.46 -25.03 -51.85
N VAL W 129 -1.30 -24.05 -52.17
CA VAL W 129 -2.70 -24.30 -52.55
C VAL W 129 -2.75 -24.92 -53.95
N ALA W 130 -1.93 -24.39 -54.87
CA ALA W 130 -1.81 -24.92 -56.22
C ALA W 130 -1.03 -26.23 -56.24
N MET W 131 -0.17 -26.42 -55.24
CA MET W 131 0.65 -27.61 -55.09
C MET W 131 -0.21 -28.83 -54.73
N ILE W 132 -1.20 -28.60 -53.87
CA ILE W 132 -2.19 -29.63 -53.53
C ILE W 132 -3.17 -29.80 -54.70
N GLY W 133 -3.41 -28.71 -55.42
CA GLY W 133 -4.29 -28.71 -56.59
C GLY W 133 -3.86 -29.67 -57.68
N ALA W 134 -2.56 -29.66 -58.00
CA ALA W 134 -1.98 -30.58 -58.97
C ALA W 134 -1.90 -32.00 -58.43
N SER W 135 -1.71 -32.12 -57.11
CA SER W 135 -1.64 -33.41 -56.44
C SER W 135 -2.99 -34.12 -56.44
N ALA W 136 -4.07 -33.35 -56.36
CA ALA W 136 -5.43 -33.88 -56.37
C ALA W 136 -5.94 -34.15 -57.77
N ALA W 137 -5.55 -33.32 -58.73
CA ALA W 137 -6.00 -33.44 -60.11
C ALA W 137 -5.36 -34.62 -60.86
N LEU W 138 -4.08 -34.84 -60.62
CA LEU W 138 -3.35 -35.96 -61.25
C LEU W 138 -3.76 -37.32 -60.68
N SER W 139 -4.19 -37.32 -59.43
CA SER W 139 -4.62 -38.55 -58.75
C SER W 139 -6.05 -38.95 -59.14
N LEU W 140 -6.85 -37.96 -59.53
CA LEU W 140 -8.24 -38.19 -59.91
C LEU W 140 -8.42 -38.45 -61.42
N SER W 141 -7.39 -38.10 -62.19
CA SER W 141 -7.43 -38.23 -63.65
C SER W 141 -7.40 -39.68 -64.13
N GLY W 142 -6.72 -40.53 -63.37
CA GLY W 142 -6.56 -41.94 -63.74
C GLY W 142 -5.24 -42.21 -64.43
N ILE W 143 -4.57 -41.14 -64.85
CA ILE W 143 -3.26 -41.20 -65.50
C ILE W 143 -2.22 -41.77 -64.53
N PRO W 144 -1.44 -42.78 -64.97
CA PRO W 144 -0.38 -43.39 -64.18
C PRO W 144 0.41 -42.38 -63.35
N PHE W 145 0.13 -42.34 -62.04
CA PHE W 145 0.71 -41.37 -61.12
C PHE W 145 0.79 -41.99 -59.73
N ASN W 146 2.01 -42.15 -59.24
CA ASN W 146 2.27 -42.82 -57.95
C ASN W 146 2.16 -41.89 -56.75
N GLY W 147 1.10 -41.09 -56.72
CA GLY W 147 0.86 -40.14 -55.63
C GLY W 147 -0.17 -40.62 -54.62
N PRO W 148 -0.85 -39.67 -53.95
CA PRO W 148 -0.66 -38.22 -54.08
C PRO W 148 0.44 -37.67 -53.18
N ILE W 149 0.83 -36.41 -53.42
CA ILE W 149 1.89 -35.75 -52.64
C ILE W 149 1.34 -34.65 -51.73
N GLY W 150 2.07 -34.37 -50.66
CA GLY W 150 1.70 -33.32 -49.71
C GLY W 150 2.54 -32.06 -49.87
N ALA W 151 1.99 -30.94 -49.45
CA ALA W 151 2.68 -29.65 -49.53
C ALA W 151 2.68 -28.95 -48.18
N ALA W 152 3.86 -28.59 -47.70
CA ALA W 152 4.02 -27.95 -46.39
C ALA W 152 5.05 -26.83 -46.40
N ARG W 153 4.79 -25.79 -45.61
CA ARG W 153 5.71 -24.67 -45.45
C ARG W 153 6.21 -24.62 -44.00
N VAL W 154 7.53 -24.62 -43.84
CA VAL W 154 8.13 -24.68 -42.50
C VAL W 154 8.88 -23.38 -42.18
N GLY W 155 8.60 -22.84 -41.00
CA GLY W 155 9.29 -21.64 -40.50
C GLY W 155 9.86 -21.87 -39.10
N TYR W 156 11.05 -21.33 -38.86
CA TYR W 156 11.74 -21.50 -37.59
C TYR W 156 11.60 -20.26 -36.71
N ILE W 157 10.53 -20.22 -35.92
CA ILE W 157 10.22 -19.10 -35.05
C ILE W 157 10.38 -19.49 -33.58
N ASN W 158 11.12 -18.68 -32.83
CA ASN W 158 11.41 -18.92 -31.41
C ASN W 158 12.01 -20.29 -31.13
N ASP W 159 12.95 -20.70 -31.99
CA ASP W 159 13.61 -22.00 -31.93
C ASP W 159 12.64 -23.19 -32.03
N GLN W 160 11.53 -22.97 -32.74
CA GLN W 160 10.49 -23.99 -32.93
C GLN W 160 10.00 -24.04 -34.37
N TYR W 161 9.64 -25.23 -34.84
CA TYR W 161 9.13 -25.41 -36.20
C TYR W 161 7.65 -25.08 -36.28
N VAL W 162 7.30 -24.23 -37.25
CA VAL W 162 5.93 -23.76 -37.44
C VAL W 162 5.41 -24.13 -38.84
N LEU W 163 4.23 -24.74 -38.88
CA LEU W 163 3.60 -25.13 -40.14
C LEU W 163 2.83 -23.96 -40.77
N ASN W 164 3.12 -23.74 -42.05
CA ASN W 164 2.50 -22.67 -42.86
C ASN W 164 2.51 -21.28 -42.20
N PRO W 165 3.67 -20.60 -42.20
CA PRO W 165 3.76 -19.27 -41.62
C PRO W 165 3.21 -18.21 -42.58
N THR W 166 2.39 -17.31 -42.04
CA THR W 166 1.81 -16.21 -42.82
C THR W 166 2.85 -15.10 -43.08
N GLN W 167 2.54 -14.20 -44.01
CA GLN W 167 3.43 -13.13 -44.43
C GLN W 167 4.01 -12.29 -43.28
N ASP W 168 3.15 -11.96 -42.31
CA ASP W 168 3.55 -11.16 -41.15
C ASP W 168 4.36 -11.96 -40.13
N GLU W 169 4.06 -13.25 -40.02
CA GLU W 169 4.74 -14.16 -39.10
C GLU W 169 6.09 -14.62 -39.66
N LEU W 170 6.23 -14.55 -40.98
CA LEU W 170 7.45 -14.98 -41.67
C LEU W 170 8.60 -13.98 -41.47
N LYS W 171 8.25 -12.74 -41.17
CA LYS W 171 9.24 -11.67 -40.94
C LYS W 171 10.16 -11.94 -39.76
N GLU W 172 9.62 -12.58 -38.72
CA GLU W 172 10.38 -12.93 -37.53
C GLU W 172 11.12 -14.27 -37.69
N SER W 173 10.70 -15.05 -38.68
CA SER W 173 11.28 -16.36 -38.95
C SER W 173 12.64 -16.27 -39.62
N LYS W 174 13.53 -17.18 -39.25
CA LYS W 174 14.87 -17.28 -39.83
C LYS W 174 14.93 -18.39 -40.88
N LEU W 175 13.78 -18.98 -41.19
CA LEU W 175 13.69 -20.09 -42.13
C LEU W 175 12.39 -20.04 -42.95
N ASP W 176 12.52 -20.36 -44.23
CA ASP W 176 11.37 -20.44 -45.13
C ASP W 176 11.63 -21.52 -46.19
N LEU W 177 10.91 -22.64 -46.06
CA LEU W 177 11.10 -23.77 -46.98
C LEU W 177 9.79 -24.44 -47.38
N VAL W 178 9.77 -24.99 -48.60
CA VAL W 178 8.64 -25.75 -49.11
C VAL W 178 9.06 -27.20 -49.32
N VAL W 179 8.38 -28.11 -48.62
CA VAL W 179 8.69 -29.54 -48.69
C VAL W 179 7.58 -30.32 -49.39
N ALA W 180 7.97 -31.15 -50.36
CA ALA W 180 7.04 -31.97 -51.12
C ALA W 180 7.50 -33.42 -51.17
N GLY W 181 6.54 -34.34 -51.03
CA GLY W 181 6.83 -35.77 -51.07
C GLY W 181 5.58 -36.62 -50.93
N THR W 182 5.68 -37.87 -51.37
CA THR W 182 4.57 -38.83 -51.29
C THR W 182 4.38 -39.37 -49.86
N GLU W 183 3.42 -40.27 -49.71
CA GLU W 183 3.10 -40.89 -48.41
C GLU W 183 4.30 -41.63 -47.81
N ALA W 184 5.12 -42.23 -48.67
CA ALA W 184 6.25 -43.04 -48.23
C ALA W 184 7.54 -42.23 -48.06
N ALA W 185 7.87 -41.38 -49.03
CA ALA W 185 9.14 -40.66 -49.05
C ALA W 185 9.04 -39.23 -49.56
N VAL W 186 10.08 -38.44 -49.27
CA VAL W 186 10.20 -37.06 -49.73
C VAL W 186 10.67 -37.05 -51.19
N LEU W 187 10.27 -36.02 -51.94
CA LEU W 187 10.63 -35.93 -53.36
C LEU W 187 11.32 -34.62 -53.74
N MET W 188 10.84 -33.49 -53.26
CA MET W 188 11.52 -32.25 -53.52
C MET W 188 11.41 -31.33 -52.38
N VAL W 189 12.43 -30.52 -52.23
CA VAL W 189 12.56 -29.51 -51.17
C VAL W 189 13.26 -28.26 -51.70
N GLU W 190 12.62 -27.10 -51.50
CA GLU W 190 13.20 -25.81 -51.83
C GLU W 190 13.23 -24.94 -50.57
N SER W 191 14.41 -24.42 -50.22
CA SER W 191 14.58 -23.70 -48.95
C SER W 191 15.29 -22.36 -49.05
N GLU W 192 15.03 -21.51 -48.05
CA GLU W 192 15.76 -20.26 -47.85
C GLU W 192 16.00 -20.08 -46.36
N ALA W 193 17.24 -20.32 -45.93
CA ALA W 193 17.61 -20.28 -44.53
C ALA W 193 18.53 -19.11 -44.20
N GLN W 194 18.64 -18.78 -42.91
CA GLN W 194 19.52 -17.72 -42.44
C GLN W 194 20.61 -18.27 -41.51
N LEU W 195 21.66 -18.81 -42.13
CA LEU W 195 22.83 -19.36 -41.42
C LEU W 195 22.47 -20.39 -40.33
N LEU W 196 21.65 -21.37 -40.70
CA LEU W 196 21.21 -22.41 -39.77
C LEU W 196 22.03 -23.70 -39.95
N SER W 197 22.18 -24.44 -38.84
CA SER W 197 22.99 -25.66 -38.84
C SER W 197 22.30 -26.84 -39.53
N GLU W 198 23.06 -27.92 -39.72
CA GLU W 198 22.60 -29.12 -40.44
C GLU W 198 21.43 -29.83 -39.75
N ASP W 199 21.47 -29.92 -38.43
CA ASP W 199 20.41 -30.57 -37.65
C ASP W 199 19.11 -29.78 -37.65
N GLN W 200 19.23 -28.45 -37.76
CA GLN W 200 18.07 -27.56 -37.83
C GLN W 200 17.40 -27.60 -39.21
N MET W 201 18.21 -27.84 -40.24
CA MET W 201 17.72 -27.92 -41.61
C MET W 201 17.02 -29.25 -41.90
N LEU W 202 17.65 -30.35 -41.48
CA LEU W 202 17.10 -31.70 -41.67
C LEU W 202 15.86 -31.94 -40.81
N GLY W 203 15.87 -31.36 -39.61
CA GLY W 203 14.74 -31.47 -38.68
C GLY W 203 13.50 -30.74 -39.16
N ALA W 204 13.69 -29.81 -40.09
CA ALA W 204 12.58 -29.04 -40.67
C ALA W 204 11.94 -29.79 -41.85
N VAL W 205 12.75 -30.56 -42.56
CA VAL W 205 12.28 -31.36 -43.70
C VAL W 205 11.39 -32.51 -43.20
N VAL W 206 11.81 -33.15 -42.12
CA VAL W 206 11.06 -34.24 -41.50
C VAL W 206 9.77 -33.71 -40.86
N PHE W 207 9.84 -32.53 -40.26
CA PHE W 207 8.69 -31.87 -39.65
C PHE W 207 7.56 -31.64 -40.65
N GLY W 208 7.89 -31.01 -41.78
CA GLY W 208 6.91 -30.70 -42.81
C GLY W 208 6.36 -31.93 -43.52
N HIS W 209 7.18 -32.96 -43.65
CA HIS W 209 6.77 -34.22 -44.30
C HIS W 209 5.77 -34.99 -43.44
N GLU W 210 5.87 -34.84 -42.12
CA GLU W 210 4.92 -35.47 -41.19
C GLU W 210 3.60 -34.71 -41.13
N GLN W 211 3.68 -33.38 -41.28
CA GLN W 211 2.49 -32.51 -41.21
C GLN W 211 1.65 -32.58 -42.49
N GLN W 212 2.29 -32.81 -43.62
CA GLN W 212 1.61 -32.88 -44.92
C GLN W 212 0.90 -34.21 -45.16
N GLN W 213 1.08 -35.15 -44.24
CA GLN W 213 0.47 -36.48 -44.32
C GLN W 213 -1.06 -36.45 -44.21
N VAL W 214 -1.57 -35.47 -43.46
CA VAL W 214 -3.01 -35.30 -43.30
C VAL W 214 -3.68 -34.83 -44.60
N VAL W 215 -2.91 -34.15 -45.45
CA VAL W 215 -3.40 -33.70 -46.76
C VAL W 215 -3.45 -34.89 -47.73
N ILE W 216 -2.41 -35.72 -47.70
CA ILE W 216 -2.31 -36.91 -48.57
C ILE W 216 -3.45 -37.90 -48.31
N GLN W 217 -3.77 -38.11 -47.03
CA GLN W 217 -4.83 -39.03 -46.61
C GLN W 217 -6.21 -38.59 -47.09
N ASN W 218 -6.45 -37.28 -47.08
CA ASN W 218 -7.74 -36.72 -47.51
C ASN W 218 -7.93 -36.70 -49.03
N ILE W 219 -6.83 -36.57 -49.77
CA ILE W 219 -6.87 -36.66 -51.23
C ILE W 219 -7.10 -38.10 -51.67
N ASN W 220 -6.42 -39.04 -51.01
CA ASN W 220 -6.54 -40.47 -51.28
C ASN W 220 -7.96 -40.99 -51.03
N GLU W 221 -8.61 -40.48 -49.99
CA GLU W 221 -9.99 -40.83 -49.66
C GLU W 221 -10.98 -40.24 -50.65
N LEU W 222 -10.62 -39.11 -51.25
CA LEU W 222 -11.46 -38.43 -52.24
C LEU W 222 -11.45 -39.18 -53.58
N VAL W 223 -10.32 -39.82 -53.89
CA VAL W 223 -10.19 -40.65 -55.08
C VAL W 223 -11.05 -41.92 -54.94
N LYS W 224 -11.08 -42.47 -53.72
CA LYS W 224 -11.89 -43.63 -53.40
C LYS W 224 -13.38 -43.30 -53.38
N GLU W 225 -13.71 -42.04 -53.09
CA GLU W 225 -15.09 -41.57 -53.01
C GLU W 225 -15.69 -41.38 -54.41
N ALA W 226 -15.15 -40.42 -55.15
CA ALA W 226 -15.63 -40.11 -56.50
C ALA W 226 -14.49 -39.65 -57.41
N GLY W 227 -14.29 -40.39 -58.50
CA GLY W 227 -13.23 -40.08 -59.46
C GLY W 227 -13.17 -41.06 -60.62
N LYS W 228 -12.44 -40.68 -61.66
CA LYS W 228 -12.29 -41.52 -62.85
C LYS W 228 -11.36 -42.72 -62.59
N PRO W 229 -11.72 -43.90 -63.12
CA PRO W 229 -10.93 -45.13 -62.94
C PRO W 229 -9.53 -45.06 -63.57
N ARG W 230 -8.67 -45.99 -63.17
CA ARG W 230 -7.27 -46.03 -63.62
C ARG W 230 -7.15 -46.36 -65.11
N TRP W 231 -6.12 -45.78 -65.74
CA TRP W 231 -5.86 -45.96 -67.17
C TRP W 231 -5.32 -47.35 -67.49
N ASP W 232 -5.75 -47.88 -68.63
CA ASP W 232 -5.25 -49.15 -69.14
C ASP W 232 -3.92 -48.93 -69.84
N TRP W 233 -2.83 -49.07 -69.09
CA TRP W 233 -1.48 -48.81 -69.60
C TRP W 233 -0.44 -49.78 -69.07
N GLN W 234 0.40 -50.27 -69.96
CA GLN W 234 1.53 -51.13 -69.62
C GLN W 234 2.81 -50.58 -70.25
N PRO W 235 3.94 -50.63 -69.51
CA PRO W 235 5.23 -50.19 -70.06
C PRO W 235 5.70 -51.10 -71.20
N GLU W 236 6.61 -50.59 -72.02
CA GLU W 236 7.16 -51.35 -73.15
C GLU W 236 7.83 -52.62 -72.62
N PRO W 237 7.29 -53.80 -73.01
CA PRO W 237 7.70 -55.09 -72.46
C PRO W 237 9.20 -55.37 -72.54
N VAL W 238 9.74 -56.04 -71.52
CA VAL W 238 11.16 -56.37 -71.46
C VAL W 238 11.53 -57.42 -72.51
N ASN W 239 12.53 -57.09 -73.33
CA ASN W 239 12.98 -57.97 -74.40
C ASN W 239 14.45 -58.37 -74.22
N GLU W 240 14.66 -59.60 -73.79
CA GLU W 240 16.01 -60.13 -73.55
C GLU W 240 16.72 -60.52 -74.85
N ALA W 241 15.97 -60.58 -75.94
CA ALA W 241 16.50 -60.93 -77.26
C ALA W 241 17.37 -59.81 -77.85
N LEU W 242 17.04 -58.57 -77.50
CA LEU W 242 17.79 -57.41 -77.98
C LEU W 242 18.72 -56.81 -76.91
N ASN W 243 18.31 -56.89 -75.65
CA ASN W 243 19.10 -56.38 -74.53
C ASN W 243 20.43 -57.10 -74.34
N ALA W 244 20.45 -58.40 -74.60
CA ALA W 244 21.66 -59.21 -74.53
C ALA W 244 22.46 -59.15 -75.83
N ARG W 245 21.78 -58.76 -76.91
CA ARG W 245 22.40 -58.68 -78.23
C ARG W 245 23.15 -57.36 -78.43
N VAL W 246 22.52 -56.26 -78.05
CA VAL W 246 23.11 -54.92 -78.19
C VAL W 246 24.25 -54.69 -77.19
N ALA W 247 24.21 -55.43 -76.07
CA ALA W 247 25.27 -55.37 -75.07
C ALA W 247 26.54 -56.09 -75.53
N ALA W 248 26.38 -57.05 -76.44
CA ALA W 248 27.50 -57.79 -77.01
C ALA W 248 28.32 -56.95 -78.01
N LEU W 249 27.82 -55.74 -78.30
CA LEU W 249 28.47 -54.85 -79.24
C LEU W 249 28.79 -53.48 -78.62
N ALA W 250 28.04 -53.11 -77.59
CA ALA W 250 28.16 -51.77 -76.98
C ALA W 250 28.76 -51.77 -75.57
N GLU W 251 28.28 -52.67 -74.71
CA GLU W 251 28.64 -52.69 -73.28
C GLU W 251 30.15 -52.69 -73.03
N ALA W 252 30.89 -53.43 -73.85
CA ALA W 252 32.35 -53.49 -73.74
C ALA W 252 33.00 -52.15 -74.06
N ARG W 253 32.49 -51.47 -75.07
CA ARG W 253 33.02 -50.17 -75.48
C ARG W 253 32.54 -49.02 -74.59
N LEU W 254 31.32 -49.16 -74.06
CA LEU W 254 30.75 -48.17 -73.14
C LEU W 254 31.46 -48.15 -71.79
N SER W 255 32.01 -49.30 -71.40
CA SER W 255 32.79 -49.42 -70.17
C SER W 255 34.13 -48.69 -70.28
N ASP W 256 34.70 -48.71 -71.48
CA ASP W 256 35.96 -48.02 -71.76
C ASP W 256 35.73 -46.52 -72.01
N ALA W 257 34.52 -46.19 -72.47
CA ALA W 257 34.14 -44.79 -72.75
C ALA W 257 34.01 -43.97 -71.48
N TYR W 258 33.48 -44.59 -70.42
CA TYR W 258 33.33 -43.93 -69.13
C TYR W 258 34.53 -44.19 -68.21
N ARG W 259 35.72 -43.86 -68.70
CA ARG W 259 36.95 -43.99 -67.94
C ARG W 259 37.83 -42.75 -68.10
N ILE W 260 37.79 -42.17 -69.30
CA ILE W 260 38.53 -40.93 -69.60
C ILE W 260 37.91 -39.72 -68.92
N THR W 261 38.76 -38.80 -68.48
CA THR W 261 38.35 -37.66 -67.63
C THR W 261 37.68 -36.53 -68.42
N ASP W 262 38.31 -36.11 -69.51
CA ASP W 262 37.87 -34.94 -70.28
C ASP W 262 36.46 -35.10 -70.85
N LYS W 263 35.65 -34.06 -70.68
CA LYS W 263 34.25 -34.05 -71.12
C LYS W 263 34.13 -34.02 -72.64
N GLN W 264 34.97 -33.20 -73.28
CA GLN W 264 34.98 -33.06 -74.75
C GLN W 264 35.39 -34.35 -75.46
N GLU W 265 36.28 -35.12 -74.81
CA GLU W 265 36.75 -36.38 -75.36
C GLU W 265 35.78 -37.53 -75.09
N ARG W 266 35.05 -37.45 -73.98
CA ARG W 266 34.12 -38.49 -73.57
C ARG W 266 32.80 -38.44 -74.32
N TYR W 267 32.20 -37.24 -74.40
CA TYR W 267 30.91 -37.05 -75.08
C TYR W 267 30.98 -37.26 -76.59
N ALA W 268 32.14 -36.95 -77.17
CA ALA W 268 32.38 -37.18 -78.59
C ALA W 268 32.61 -38.66 -78.89
N GLN W 269 33.27 -39.35 -77.96
CA GLN W 269 33.55 -40.78 -78.09
C GLN W 269 32.28 -41.61 -77.89
N VAL W 270 31.54 -41.33 -76.81
CA VAL W 270 30.33 -42.08 -76.47
C VAL W 270 29.25 -41.95 -77.56
N ASP W 271 29.33 -40.89 -78.35
CA ASP W 271 28.42 -40.67 -79.48
C ASP W 271 28.80 -41.56 -80.66
N VAL W 272 30.10 -41.83 -80.81
CA VAL W 272 30.60 -42.71 -81.87
C VAL W 272 30.15 -44.16 -81.65
N ILE W 273 30.22 -44.62 -80.39
CA ILE W 273 29.75 -45.96 -80.02
C ILE W 273 28.25 -46.10 -80.30
N LYS W 274 27.47 -45.11 -79.87
CA LYS W 274 26.01 -45.12 -80.04
C LYS W 274 25.57 -45.07 -81.50
N SER W 275 26.20 -44.20 -82.28
CA SER W 275 25.84 -44.01 -83.69
C SER W 275 26.21 -45.20 -84.58
N GLU W 276 27.36 -45.81 -84.29
CA GLU W 276 27.86 -46.94 -85.08
C GLU W 276 27.10 -48.23 -84.79
N THR W 277 26.67 -48.41 -83.54
CA THR W 277 25.89 -49.58 -83.12
C THR W 277 24.51 -49.58 -83.80
N ILE W 278 23.87 -48.41 -83.83
CA ILE W 278 22.57 -48.24 -84.49
C ILE W 278 22.69 -48.44 -86.01
N ALA W 279 23.76 -47.90 -86.59
CA ALA W 279 24.02 -48.02 -88.03
C ALA W 279 24.26 -49.47 -88.47
N THR W 280 24.89 -50.25 -87.60
CA THR W 280 25.15 -51.67 -87.87
C THR W 280 23.85 -52.48 -87.72
N LEU W 281 23.03 -52.12 -86.74
CA LEU W 281 21.76 -52.79 -86.50
C LEU W 281 20.70 -52.45 -87.56
N LEU W 282 20.79 -51.25 -88.14
CA LEU W 282 19.93 -50.85 -89.25
C LEU W 282 20.34 -51.54 -90.55
N ALA W 283 21.63 -51.88 -90.65
CA ALA W 283 22.16 -52.63 -91.79
C ALA W 283 21.74 -54.11 -91.72
N GLU W 284 21.49 -54.58 -90.50
CA GLU W 284 21.01 -55.94 -90.27
C GLU W 284 19.57 -56.09 -90.77
N ASP W 285 18.68 -55.26 -90.23
CA ASP W 285 17.28 -55.20 -90.67
C ASP W 285 16.70 -53.82 -90.41
N GLU W 286 15.92 -53.32 -91.38
CA GLU W 286 15.34 -51.98 -91.30
C GLU W 286 13.94 -51.97 -90.66
N THR W 287 13.57 -53.08 -90.03
CA THR W 287 12.28 -53.21 -89.34
C THR W 287 12.35 -52.76 -87.88
N LEU W 288 13.58 -52.56 -87.38
CA LEU W 288 13.81 -52.15 -86.00
C LEU W 288 13.41 -50.69 -85.75
N ASP W 289 13.15 -50.37 -84.48
CA ASP W 289 12.79 -49.02 -84.07
C ASP W 289 14.02 -48.22 -83.66
N GLU W 290 14.05 -46.95 -84.04
CA GLU W 290 15.19 -46.07 -83.75
C GLU W 290 15.25 -45.67 -82.27
N ASN W 291 14.09 -45.33 -81.70
CA ASN W 291 14.00 -44.90 -80.31
C ASN W 291 14.19 -46.03 -79.30
N GLU W 292 13.78 -47.24 -79.69
CA GLU W 292 13.87 -48.41 -78.83
C GLU W 292 15.31 -48.87 -78.62
N LEU W 293 16.11 -48.84 -79.69
CA LEU W 293 17.52 -49.24 -79.65
C LEU W 293 18.37 -48.25 -78.86
N GLY W 294 18.06 -46.96 -79.00
CA GLY W 294 18.76 -45.89 -78.29
C GLY W 294 18.43 -45.83 -76.80
N GLU W 295 17.27 -46.39 -76.44
CA GLU W 295 16.82 -46.43 -75.06
C GLU W 295 17.61 -47.45 -74.23
N ILE W 296 17.94 -48.57 -74.86
CA ILE W 296 18.73 -49.62 -74.22
C ILE W 296 20.20 -49.19 -74.07
N LEU W 297 20.71 -48.47 -75.08
CA LEU W 297 22.07 -47.93 -75.06
C LEU W 297 22.26 -46.96 -73.90
N HIS W 298 21.21 -46.18 -73.61
CA HIS W 298 21.21 -45.27 -72.47
C HIS W 298 21.04 -46.02 -71.15
N ALA W 299 20.35 -47.16 -71.20
CA ALA W 299 20.12 -48.00 -70.03
C ALA W 299 21.36 -48.79 -69.63
N ILE W 300 22.15 -49.20 -70.62
CA ILE W 300 23.39 -49.95 -70.38
C ILE W 300 24.48 -49.06 -69.79
N GLU W 301 24.68 -47.87 -70.38
CA GLU W 301 25.67 -46.91 -69.90
C GLU W 301 25.32 -46.37 -68.50
N LYS W 302 24.04 -46.45 -68.15
CA LYS W 302 23.57 -46.11 -66.81
C LYS W 302 24.00 -47.18 -65.82
N ASN W 303 23.93 -48.44 -66.25
CA ASN W 303 24.32 -49.59 -65.43
C ASN W 303 25.81 -49.68 -65.18
N VAL W 304 26.61 -49.21 -66.14
CA VAL W 304 28.08 -49.23 -66.04
C VAL W 304 28.57 -48.23 -64.98
N VAL W 305 28.03 -47.01 -65.01
CA VAL W 305 28.41 -45.95 -64.07
C VAL W 305 27.95 -46.27 -62.64
N ARG W 306 26.69 -46.71 -62.51
CA ARG W 306 26.10 -47.02 -61.21
C ARG W 306 26.79 -48.20 -60.50
N SER W 307 27.20 -49.21 -61.27
CA SER W 307 27.85 -50.39 -60.72
C SER W 307 29.27 -50.11 -60.24
N ARG W 308 29.98 -49.22 -60.94
CA ARG W 308 31.35 -48.83 -60.58
C ARG W 308 31.40 -48.00 -59.30
N VAL W 309 30.38 -47.17 -59.10
CA VAL W 309 30.28 -46.33 -57.91
C VAL W 309 29.94 -47.16 -56.66
N LEU W 310 29.02 -48.10 -56.82
CA LEU W 310 28.58 -48.98 -55.71
C LEU W 310 29.65 -49.97 -55.27
N ALA W 311 30.48 -50.42 -56.21
CA ALA W 311 31.53 -51.40 -55.93
C ALA W 311 32.71 -50.80 -55.15
N GLY W 312 32.91 -49.50 -55.29
CA GLY W 312 34.02 -48.80 -54.63
C GLY W 312 35.09 -48.34 -55.60
N GLU W 313 34.88 -48.64 -56.89
CA GLU W 313 35.80 -48.24 -57.94
C GLU W 313 35.70 -46.73 -58.22
N PRO W 314 36.85 -46.07 -58.50
CA PRO W 314 36.88 -44.63 -58.79
C PRO W 314 35.99 -44.24 -59.97
N ARG W 315 35.45 -43.03 -59.93
CA ARG W 315 34.54 -42.54 -60.96
C ARG W 315 35.24 -42.14 -62.26
N ILE W 316 34.52 -41.45 -63.13
CA ILE W 316 35.03 -41.03 -64.45
C ILE W 316 36.15 -39.99 -64.38
N ASP W 317 36.23 -39.27 -63.26
CA ASP W 317 37.29 -38.29 -63.04
C ASP W 317 38.58 -38.90 -62.51
N GLY W 318 38.50 -40.15 -62.06
CA GLY W 318 39.59 -40.79 -61.33
C GLY W 318 39.63 -40.20 -59.93
N ARG W 319 38.48 -40.22 -59.28
CA ARG W 319 38.24 -39.47 -58.05
C ARG W 319 37.42 -40.30 -57.06
N GLU W 320 37.68 -40.10 -55.77
CA GLU W 320 36.99 -40.83 -54.70
C GLU W 320 35.56 -40.31 -54.48
N LYS W 321 34.81 -41.01 -53.63
CA LYS W 321 33.41 -40.68 -53.36
C LYS W 321 33.21 -39.37 -52.59
N ASP W 322 34.21 -39.00 -51.79
CA ASP W 322 34.17 -37.76 -51.01
C ASP W 322 35.10 -36.68 -51.57
N MET W 323 36.12 -37.11 -52.30
CA MET W 323 37.10 -36.23 -52.92
C MET W 323 36.45 -35.23 -53.87
N ILE W 324 36.81 -33.95 -53.72
CA ILE W 324 36.20 -32.87 -54.50
C ILE W 324 37.19 -32.27 -55.52
N ARG W 325 36.66 -31.90 -56.69
CA ARG W 325 37.43 -31.40 -57.83
C ARG W 325 38.28 -30.17 -57.53
N GLY W 326 39.28 -29.93 -58.39
CA GLY W 326 40.20 -28.79 -58.25
C GLY W 326 39.51 -27.44 -58.37
N LEU W 327 40.09 -26.44 -57.71
CA LEU W 327 39.49 -25.11 -57.64
C LEU W 327 40.42 -24.02 -58.15
N ASP W 328 39.85 -23.03 -58.82
CA ASP W 328 40.59 -21.86 -59.30
C ASP W 328 39.81 -20.58 -58.97
N VAL W 329 40.37 -19.78 -58.07
CA VAL W 329 39.72 -18.56 -57.59
C VAL W 329 40.47 -17.32 -58.09
N ARG W 330 39.76 -16.48 -58.86
CA ARG W 330 40.33 -15.24 -59.39
C ARG W 330 39.37 -14.07 -59.20
N THR W 331 39.92 -12.94 -58.73
CA THR W 331 39.14 -11.75 -58.44
C THR W 331 39.85 -10.50 -58.95
N GLY W 332 39.09 -9.60 -59.58
CA GLY W 332 39.62 -8.39 -60.18
C GLY W 332 39.96 -8.60 -61.65
N VAL W 333 39.15 -9.40 -62.33
CA VAL W 333 39.35 -9.67 -63.75
C VAL W 333 38.85 -8.53 -64.61
N LEU W 334 37.59 -8.14 -64.39
CA LEU W 334 36.99 -7.06 -65.15
C LEU W 334 37.57 -5.70 -64.73
N PRO W 335 37.96 -4.91 -65.72
CA PRO W 335 38.54 -3.58 -65.46
C PRO W 335 37.75 -2.28 -65.36
N ARG W 336 36.43 -2.38 -65.33
CA ARG W 336 35.57 -1.20 -65.23
C ARG W 336 34.28 -1.47 -64.47
N THR W 337 34.09 -2.72 -64.06
CA THR W 337 32.89 -3.11 -63.32
C THR W 337 33.10 -2.98 -61.82
N HIS W 338 32.05 -2.59 -61.11
CA HIS W 338 32.11 -2.42 -59.66
C HIS W 338 32.64 -3.69 -58.99
N GLY W 339 32.24 -4.85 -59.50
CA GLY W 339 32.67 -6.12 -58.95
C GLY W 339 32.85 -7.18 -60.03
N SER W 340 33.97 -7.90 -59.95
CA SER W 340 34.30 -8.94 -60.93
C SER W 340 34.88 -10.18 -60.25
N ALA W 341 34.44 -11.36 -60.69
CA ALA W 341 34.89 -12.62 -60.12
C ALA W 341 34.92 -13.75 -61.16
N LEU W 342 35.98 -14.56 -61.09
CA LEU W 342 36.13 -15.72 -61.96
C LEU W 342 36.31 -16.97 -61.09
N PHE W 343 35.31 -17.84 -61.10
CA PHE W 343 35.35 -19.07 -60.31
C PHE W 343 35.34 -20.30 -61.21
N THR W 344 36.20 -21.25 -60.91
CA THR W 344 36.32 -22.50 -61.68
C THR W 344 36.43 -23.71 -60.75
N ARG W 345 35.62 -24.73 -61.01
CA ARG W 345 35.66 -25.97 -60.25
C ARG W 345 35.72 -27.18 -61.19
N GLY W 346 36.91 -27.77 -61.30
CA GLY W 346 37.13 -28.92 -62.17
C GLY W 346 37.14 -28.53 -63.64
N GLU W 347 35.97 -28.53 -64.25
CA GLU W 347 35.80 -28.11 -65.65
C GLU W 347 34.53 -27.29 -65.89
N THR W 348 33.99 -26.72 -64.82
CA THR W 348 32.89 -25.76 -64.92
C THR W 348 33.33 -24.37 -64.42
N GLN W 349 32.91 -23.34 -65.14
CA GLN W 349 33.37 -21.98 -64.88
C GLN W 349 32.22 -20.97 -64.92
N ALA W 350 32.23 -20.03 -63.98
CA ALA W 350 31.22 -18.99 -63.91
C ALA W 350 31.81 -17.61 -63.64
N LEU W 351 31.62 -16.70 -64.60
CA LEU W 351 32.03 -15.30 -64.45
C LEU W 351 30.89 -14.50 -63.83
N VAL W 352 31.07 -14.11 -62.57
CA VAL W 352 30.03 -13.42 -61.81
C VAL W 352 30.39 -11.95 -61.59
N THR W 353 29.44 -11.07 -61.89
CA THR W 353 29.62 -9.62 -61.75
C THR W 353 28.70 -9.04 -60.67
N ALA W 354 29.12 -7.90 -60.11
CA ALA W 354 28.32 -7.19 -59.12
C ALA W 354 28.39 -5.68 -59.35
N THR W 355 27.22 -5.04 -59.41
CA THR W 355 27.13 -3.59 -59.66
C THR W 355 26.33 -2.86 -58.59
N LEU W 356 26.76 -1.64 -58.29
CA LEU W 356 26.10 -0.80 -57.29
C LEU W 356 25.25 0.28 -57.95
N GLY W 357 24.14 0.63 -57.30
CA GLY W 357 23.22 1.65 -57.81
C GLY W 357 22.45 2.37 -56.71
N THR W 358 21.70 3.39 -57.12
CA THR W 358 20.88 4.18 -56.21
C THR W 358 19.58 3.46 -55.83
N ALA W 359 18.88 3.98 -54.83
CA ALA W 359 17.62 3.40 -54.35
C ALA W 359 16.51 3.44 -55.41
N ARG W 360 16.65 4.34 -56.39
CA ARG W 360 15.71 4.46 -57.49
C ARG W 360 15.83 3.29 -58.46
N ASP W 361 17.03 2.71 -58.55
CA ASP W 361 17.32 1.61 -59.48
C ASP W 361 16.77 0.26 -59.01
N ALA W 362 16.01 0.27 -57.91
CA ALA W 362 15.38 -0.93 -57.37
C ALA W 362 14.21 -1.39 -58.23
N GLN W 363 13.99 -2.70 -58.27
CA GLN W 363 12.90 -3.29 -59.06
C GLN W 363 11.57 -3.11 -58.34
N VAL W 364 10.59 -2.55 -59.06
CA VAL W 364 9.23 -2.42 -58.54
C VAL W 364 8.41 -3.59 -59.07
N LEU W 365 8.30 -4.64 -58.26
CA LEU W 365 7.62 -5.86 -58.66
C LEU W 365 6.20 -5.90 -58.08
N ASP W 366 5.22 -5.80 -58.96
CA ASP W 366 3.81 -5.83 -58.57
C ASP W 366 3.31 -7.26 -58.44
N GLU W 367 3.40 -7.79 -57.21
CA GLU W 367 2.95 -9.15 -56.92
C GLU W 367 1.44 -9.23 -56.71
N LEU W 368 0.93 -10.45 -56.62
CA LEU W 368 -0.50 -10.69 -56.41
C LEU W 368 -0.94 -10.29 -54.99
N MET W 369 -0.05 -10.49 -54.03
CA MET W 369 -0.30 -10.11 -52.64
C MET W 369 -0.26 -8.60 -52.43
N GLY W 370 0.70 -7.95 -53.10
CA GLY W 370 0.88 -6.51 -53.00
C GLY W 370 2.17 -6.04 -53.64
N GLU W 371 2.31 -4.73 -53.80
CA GLU W 371 3.50 -4.14 -54.42
C GLU W 371 4.68 -4.17 -53.45
N ARG W 372 5.80 -4.71 -53.93
CA ARG W 372 7.00 -4.87 -53.12
C ARG W 372 8.25 -4.48 -53.90
N THR W 373 9.16 -3.76 -53.25
CA THR W 373 10.42 -3.35 -53.86
C THR W 373 11.55 -4.33 -53.53
N ASP W 374 12.37 -4.62 -54.52
CA ASP W 374 13.49 -5.55 -54.35
C ASP W 374 14.83 -4.81 -54.46
N THR W 375 15.67 -4.98 -53.44
CA THR W 375 16.96 -4.31 -53.38
C THR W 375 18.06 -5.18 -54.00
N PHE W 376 18.11 -6.46 -53.60
CA PHE W 376 19.10 -7.40 -54.11
C PHE W 376 18.58 -8.17 -55.31
N LEU W 377 19.37 -8.18 -56.38
CA LEU W 377 18.99 -8.84 -57.63
C LEU W 377 20.03 -9.86 -58.06
N PHE W 378 19.57 -11.02 -58.51
CA PHE W 378 20.45 -12.06 -59.05
C PHE W 378 19.94 -12.53 -60.40
N HIS W 379 20.83 -12.56 -61.39
CA HIS W 379 20.47 -12.98 -62.74
C HIS W 379 21.34 -14.13 -63.24
N TYR W 380 20.68 -15.16 -63.75
CA TYR W 380 21.34 -16.40 -64.18
C TYR W 380 21.28 -16.53 -65.70
N ASN W 381 22.45 -16.61 -66.32
CA ASN W 381 22.55 -16.78 -67.76
C ASN W 381 23.22 -18.10 -68.14
N PHE W 382 22.55 -18.86 -69.00
CA PHE W 382 23.07 -20.15 -69.45
C PHE W 382 23.23 -20.16 -70.98
N PRO W 383 24.39 -19.68 -71.46
CA PRO W 383 24.68 -19.61 -72.89
C PRO W 383 25.01 -20.99 -73.49
N PRO W 384 24.84 -21.15 -74.82
CA PRO W 384 25.08 -22.44 -75.47
C PRO W 384 26.56 -22.83 -75.55
N TYR W 385 27.45 -21.85 -75.40
CA TYR W 385 28.88 -22.12 -75.47
C TYR W 385 29.39 -22.68 -74.14
N SER W 386 28.46 -22.98 -73.23
CA SER W 386 28.82 -23.53 -71.93
C SER W 386 28.84 -25.06 -71.96
N VAL W 387 28.21 -25.63 -72.97
CA VAL W 387 28.15 -27.08 -73.13
C VAL W 387 28.61 -27.51 -74.51
N GLY W 388 29.23 -26.59 -75.25
CA GLY W 388 29.71 -26.86 -76.58
C GLY W 388 28.59 -27.20 -77.55
N GLU W 389 27.72 -26.21 -77.79
CA GLU W 389 26.59 -26.40 -78.70
C GLU W 389 26.00 -25.06 -79.13
N THR W 390 24.91 -25.12 -79.88
CA THR W 390 24.26 -23.91 -80.37
C THR W 390 22.84 -23.79 -79.81
N GLY W 391 22.32 -22.56 -79.77
CA GLY W 391 20.97 -22.32 -79.26
C GLY W 391 20.55 -20.86 -79.37
N MET W 392 19.24 -20.64 -79.39
CA MET W 392 18.69 -19.29 -79.50
C MET W 392 18.78 -18.54 -78.17
N VAL W 393 19.57 -17.46 -78.17
CA VAL W 393 19.78 -16.65 -76.97
C VAL W 393 18.87 -15.41 -76.93
N GLY W 394 18.70 -14.86 -75.74
CA GLY W 394 17.89 -13.66 -75.54
C GLY W 394 16.85 -13.83 -74.45
N SER W 395 15.81 -14.61 -74.74
CA SER W 395 14.72 -14.85 -73.79
C SER W 395 15.12 -15.85 -72.71
N PRO W 396 14.90 -15.49 -71.43
CA PRO W 396 15.23 -16.38 -70.31
C PRO W 396 14.31 -17.60 -70.25
N LYS W 397 14.92 -18.79 -70.19
CA LYS W 397 14.19 -20.04 -70.12
C LYS W 397 13.76 -20.35 -68.68
N ARG W 398 12.91 -21.37 -68.53
CA ARG W 398 12.40 -21.79 -67.21
C ARG W 398 13.50 -22.30 -66.28
N ARG W 399 14.58 -22.82 -66.86
CA ARG W 399 15.74 -23.28 -66.11
C ARG W 399 16.58 -22.12 -65.60
N GLU W 400 16.69 -21.07 -66.42
CA GLU W 400 17.47 -19.87 -66.08
C GLU W 400 16.82 -19.05 -64.95
N ILE W 401 15.49 -18.97 -64.98
CA ILE W 401 14.73 -18.28 -63.93
C ILE W 401 14.73 -19.12 -62.64
N GLY W 402 14.66 -20.44 -62.80
CA GLY W 402 14.68 -21.37 -61.67
C GLY W 402 16.00 -21.37 -60.92
N HIS W 403 17.10 -21.29 -61.66
CA HIS W 403 18.44 -21.24 -61.07
C HIS W 403 18.84 -19.82 -60.69
N GLY W 404 18.05 -18.83 -61.11
CA GLY W 404 18.28 -17.43 -60.79
C GLY W 404 17.94 -17.10 -59.34
N ARG W 405 16.75 -17.52 -58.92
CA ARG W 405 16.31 -17.34 -57.53
C ARG W 405 17.02 -18.33 -56.61
N LEU W 406 17.41 -19.47 -57.15
CA LEU W 406 18.16 -20.51 -56.44
C LEU W 406 19.44 -19.95 -55.82
N ALA W 407 20.20 -19.20 -56.62
CA ALA W 407 21.43 -18.57 -56.17
C ALA W 407 21.16 -17.33 -55.31
N LYS W 408 20.00 -16.71 -55.51
CA LYS W 408 19.59 -15.53 -54.75
C LYS W 408 19.22 -15.90 -53.31
N ARG W 409 18.65 -17.10 -53.13
CA ARG W 409 18.26 -17.60 -51.81
C ARG W 409 19.46 -18.01 -50.96
N GLY W 410 20.63 -18.14 -51.59
CA GLY W 410 21.86 -18.52 -50.90
C GLY W 410 22.76 -17.36 -50.52
N VAL W 411 22.45 -16.17 -51.04
CA VAL W 411 23.24 -14.97 -50.78
C VAL W 411 22.46 -13.95 -49.92
N LEU W 412 21.13 -14.03 -49.99
CA LEU W 412 20.23 -13.10 -49.29
C LEU W 412 20.45 -13.08 -47.78
N ALA W 413 20.74 -14.24 -47.20
CA ALA W 413 21.00 -14.36 -45.76
C ALA W 413 22.31 -13.68 -45.37
N VAL W 414 23.31 -13.80 -46.23
CA VAL W 414 24.63 -13.19 -46.01
C VAL W 414 24.57 -11.68 -46.29
N MET W 415 23.68 -11.29 -47.22
CA MET W 415 23.53 -9.91 -47.66
C MET W 415 23.19 -8.97 -46.49
N PRO W 416 23.93 -7.84 -46.38
CA PRO W 416 23.72 -6.85 -45.33
C PRO W 416 22.35 -6.16 -45.40
N ASP W 417 21.91 -5.61 -44.27
CA ASP W 417 20.62 -4.95 -44.15
C ASP W 417 20.58 -3.58 -44.84
N MET W 418 19.38 -3.02 -44.97
CA MET W 418 19.17 -1.73 -45.63
C MET W 418 19.74 -0.56 -44.84
N ASP W 419 19.71 -0.65 -43.51
CA ASP W 419 20.20 0.41 -42.63
C ASP W 419 21.72 0.58 -42.70
N LYS W 420 22.44 -0.53 -42.87
CA LYS W 420 23.89 -0.51 -42.96
C LYS W 420 24.37 -0.19 -44.37
N PHE W 421 23.71 -0.76 -45.37
CA PHE W 421 24.07 -0.57 -46.77
C PHE W 421 22.82 -0.29 -47.61
N PRO W 422 22.50 1.01 -47.82
CA PRO W 422 21.29 1.40 -48.55
C PRO W 422 21.51 1.59 -50.06
N TYR W 423 22.27 0.69 -50.66
CA TYR W 423 22.53 0.73 -52.10
C TYR W 423 22.01 -0.54 -52.77
N THR W 424 21.36 -0.37 -53.91
CA THR W 424 20.82 -1.50 -54.68
C THR W 424 21.93 -2.23 -55.42
N VAL W 425 22.06 -3.52 -55.15
CA VAL W 425 23.13 -4.34 -55.73
C VAL W 425 22.56 -5.35 -56.72
N ARG W 426 23.02 -5.27 -57.96
CA ARG W 426 22.64 -6.21 -59.01
C ARG W 426 23.77 -7.18 -59.29
N VAL W 427 23.46 -8.48 -59.26
CA VAL W 427 24.44 -9.52 -59.50
C VAL W 427 24.08 -10.33 -60.75
N VAL W 428 24.96 -10.30 -61.73
CA VAL W 428 24.77 -11.05 -62.97
C VAL W 428 25.81 -12.16 -63.09
N SER W 429 25.34 -13.39 -63.24
CA SER W 429 26.22 -14.56 -63.36
C SER W 429 26.24 -15.10 -64.78
N GLU W 430 27.40 -14.96 -65.43
CA GLU W 430 27.62 -15.49 -66.77
C GLU W 430 28.37 -16.83 -66.66
N ILE W 431 27.94 -17.80 -67.45
CA ILE W 431 28.56 -19.12 -67.44
C ILE W 431 29.32 -19.38 -68.75
N THR W 432 30.63 -19.55 -68.62
CA THR W 432 31.50 -19.83 -69.76
C THR W 432 31.68 -21.34 -69.96
N GLU W 433 31.59 -22.09 -68.87
CA GLU W 433 31.78 -23.54 -68.90
C GLU W 433 30.84 -24.21 -67.89
N SER W 434 30.14 -25.26 -68.34
CA SER W 434 29.16 -25.93 -67.50
C SER W 434 29.26 -27.46 -67.56
N ASN W 435 29.57 -28.07 -66.43
CA ASN W 435 29.70 -29.52 -66.34
C ASN W 435 28.75 -30.13 -65.30
N GLY W 436 29.03 -29.87 -64.04
CA GLY W 436 28.20 -30.37 -62.95
C GLY W 436 27.28 -29.32 -62.37
N SER W 437 27.57 -28.91 -61.14
CA SER W 437 26.76 -27.90 -60.47
C SER W 437 27.22 -26.49 -60.86
N SER W 438 26.40 -25.81 -61.65
CA SER W 438 26.71 -24.46 -62.09
C SER W 438 26.01 -23.42 -61.23
N SER W 439 24.84 -23.77 -60.71
CA SER W 439 24.08 -22.86 -59.86
C SER W 439 24.83 -22.52 -58.58
N MET W 440 25.45 -23.54 -57.98
CA MET W 440 26.26 -23.37 -56.78
C MET W 440 27.63 -22.78 -57.09
N ALA W 441 28.07 -22.92 -58.33
CA ALA W 441 29.29 -22.28 -58.82
C ALA W 441 29.11 -20.77 -58.94
N SER W 442 27.86 -20.37 -59.16
CA SER W 442 27.48 -18.95 -59.22
C SER W 442 27.44 -18.34 -57.82
N VAL W 443 27.07 -19.14 -56.83
CA VAL W 443 27.01 -18.71 -55.43
C VAL W 443 28.42 -18.44 -54.90
N CYS W 444 29.37 -19.30 -55.27
CA CYS W 444 30.78 -19.12 -54.90
C CYS W 444 31.36 -17.86 -55.53
N GLY W 445 31.00 -17.61 -56.79
CA GLY W 445 31.44 -16.43 -57.52
C GLY W 445 30.75 -15.15 -57.08
N ALA W 446 29.58 -15.29 -56.47
CA ALA W 446 28.80 -14.15 -55.98
C ALA W 446 29.48 -13.47 -54.79
N SER W 447 29.98 -14.28 -53.86
CA SER W 447 30.67 -13.78 -52.67
C SER W 447 31.98 -13.09 -53.00
N LEU W 448 32.67 -13.59 -54.03
CA LEU W 448 33.94 -13.02 -54.48
C LEU W 448 33.72 -11.71 -55.24
N ALA W 449 32.58 -11.60 -55.93
CA ALA W 449 32.22 -10.40 -56.67
C ALA W 449 31.75 -9.27 -55.75
N LEU W 450 31.10 -9.64 -54.64
CA LEU W 450 30.64 -8.68 -53.64
C LEU W 450 31.80 -8.09 -52.85
N MET W 451 32.86 -8.88 -52.66
CA MET W 451 34.08 -8.43 -51.99
C MET W 451 34.87 -7.46 -52.87
N ASP W 452 34.80 -7.65 -54.18
CA ASP W 452 35.46 -6.79 -55.15
C ASP W 452 34.75 -5.44 -55.27
N ALA W 453 33.43 -5.45 -55.13
CA ALA W 453 32.61 -4.25 -55.18
C ALA W 453 32.54 -3.48 -53.86
N GLY W 454 33.08 -4.08 -52.80
CA GLY W 454 33.10 -3.47 -51.47
C GLY W 454 31.84 -3.55 -50.63
N VAL W 455 31.06 -4.62 -50.83
CA VAL W 455 29.83 -4.83 -50.09
C VAL W 455 30.12 -5.56 -48.78
N PRO W 456 29.78 -4.93 -47.63
CA PRO W 456 30.02 -5.51 -46.30
C PRO W 456 29.16 -6.74 -46.01
N ILE W 457 29.60 -7.89 -46.51
CA ILE W 457 28.91 -9.16 -46.28
C ILE W 457 29.25 -9.73 -44.90
N LYS W 458 28.37 -10.58 -44.37
CA LYS W 458 28.55 -11.19 -43.05
C LYS W 458 29.72 -12.17 -43.05
N ALA W 459 29.60 -13.23 -43.84
CA ALA W 459 30.65 -14.25 -43.97
C ALA W 459 30.59 -14.88 -45.37
N ALA W 460 31.77 -15.14 -45.93
CA ALA W 460 31.90 -15.72 -47.27
C ALA W 460 31.00 -16.95 -47.46
N VAL W 461 30.33 -17.01 -48.62
CA VAL W 461 29.38 -18.07 -48.91
C VAL W 461 29.79 -18.93 -50.12
N ALA W 462 29.80 -20.24 -49.91
CA ALA W 462 30.12 -21.21 -50.97
C ALA W 462 29.01 -22.25 -51.12
N GLY W 463 29.02 -22.97 -52.23
CA GLY W 463 27.99 -23.97 -52.53
C GLY W 463 28.49 -25.25 -53.17
N ILE W 464 27.81 -26.35 -52.86
CA ILE W 464 28.11 -27.67 -53.42
C ILE W 464 26.84 -28.41 -53.86
N ALA W 465 27.01 -29.48 -54.62
CA ALA W 465 25.90 -30.34 -55.04
C ALA W 465 26.27 -31.80 -54.89
N MET W 466 25.35 -32.59 -54.32
CA MET W 466 25.58 -34.01 -54.07
C MET W 466 24.67 -34.92 -54.90
N GLY W 467 25.17 -36.12 -55.19
CA GLY W 467 24.42 -37.13 -55.91
C GLY W 467 24.43 -38.47 -55.20
N LEU W 468 23.41 -39.28 -55.47
CA LEU W 468 23.27 -40.58 -54.80
C LEU W 468 23.02 -41.70 -55.80
N VAL W 469 23.64 -42.85 -55.55
CA VAL W 469 23.40 -44.07 -56.31
C VAL W 469 22.83 -45.13 -55.37
N LYS W 470 21.54 -45.42 -55.54
CA LYS W 470 20.84 -46.34 -54.65
C LYS W 470 20.25 -47.54 -55.40
N GLU W 471 20.53 -48.73 -54.89
CA GLU W 471 19.99 -49.97 -55.44
C GLU W 471 19.56 -50.89 -54.30
N GLY W 472 18.25 -51.01 -54.11
CA GLY W 472 17.69 -51.81 -53.02
C GLY W 472 17.77 -51.07 -51.69
N ASP W 473 18.91 -51.21 -51.01
CA ASP W 473 19.16 -50.52 -49.74
C ASP W 473 20.57 -49.96 -49.65
N ASN W 474 21.46 -50.45 -50.51
CA ASN W 474 22.84 -49.98 -50.58
C ASN W 474 22.92 -48.61 -51.25
N TYR W 475 23.69 -47.70 -50.64
CA TYR W 475 23.79 -46.32 -51.11
C TYR W 475 25.22 -45.78 -51.05
N VAL W 476 25.57 -44.94 -52.02
CA VAL W 476 26.86 -44.25 -52.04
C VAL W 476 26.63 -42.75 -52.27
N VAL W 477 27.18 -41.93 -51.38
CA VAL W 477 27.06 -40.48 -51.48
C VAL W 477 28.25 -39.90 -52.24
N LEU W 478 27.96 -39.17 -53.31
CA LEU W 478 29.00 -38.57 -54.15
C LEU W 478 29.07 -37.06 -53.96
N SER W 479 30.29 -36.55 -53.83
CA SER W 479 30.53 -35.12 -53.64
C SER W 479 30.91 -34.43 -54.94
N ASP W 480 30.26 -33.30 -55.21
CA ASP W 480 30.46 -32.50 -56.43
C ASP W 480 30.38 -33.34 -57.71
N ILE W 481 29.15 -33.69 -58.08
CA ILE W 481 28.91 -34.56 -59.23
C ILE W 481 29.02 -33.82 -60.56
N LEU W 482 29.32 -34.57 -61.61
CA LEU W 482 29.40 -34.03 -62.97
C LEU W 482 28.01 -34.07 -63.63
N GLY W 483 27.97 -33.85 -64.94
CA GLY W 483 26.74 -33.94 -65.71
C GLY W 483 26.26 -35.38 -65.82
N ASP W 484 27.19 -36.30 -66.06
CA ASP W 484 26.89 -37.72 -66.22
C ASP W 484 26.41 -38.37 -64.92
N GLU W 485 27.00 -37.95 -63.80
CA GLU W 485 26.64 -38.48 -62.49
C GLU W 485 25.30 -37.92 -61.99
N ASP W 486 24.88 -36.80 -62.56
CA ASP W 486 23.60 -36.16 -62.21
C ASP W 486 22.46 -36.73 -63.03
N HIS W 487 22.72 -36.99 -64.32
CA HIS W 487 21.71 -37.54 -65.23
C HIS W 487 21.45 -39.03 -64.97
N LEU W 488 22.52 -39.79 -64.76
CA LEU W 488 22.42 -41.23 -64.54
C LEU W 488 22.29 -41.61 -63.06
N GLY W 489 22.31 -40.59 -62.19
CA GLY W 489 22.17 -40.79 -60.75
C GLY W 489 20.73 -40.96 -60.32
N ASP W 490 20.44 -40.55 -59.09
CA ASP W 490 19.09 -40.66 -58.53
C ASP W 490 18.53 -39.33 -58.04
N MET W 491 19.40 -38.47 -57.51
CA MET W 491 19.00 -37.18 -56.96
C MET W 491 20.08 -36.10 -57.06
N ASP W 492 19.64 -34.85 -57.14
CA ASP W 492 20.53 -33.70 -57.09
C ASP W 492 20.33 -32.98 -55.77
N PHE W 493 21.36 -33.00 -54.93
CA PHE W 493 21.28 -32.47 -53.56
C PHE W 493 22.14 -31.22 -53.42
N LYS W 494 21.53 -30.07 -53.75
CA LYS W 494 22.23 -28.79 -53.75
C LYS W 494 22.25 -28.14 -52.36
N VAL W 495 23.44 -27.77 -51.91
CA VAL W 495 23.63 -27.14 -50.60
C VAL W 495 24.52 -25.90 -50.74
N ALA W 496 24.13 -24.80 -50.10
CA ALA W 496 24.92 -23.56 -50.10
C ALA W 496 24.80 -22.81 -48.78
N GLY W 497 25.94 -22.35 -48.27
CA GLY W 497 25.97 -21.61 -47.02
C GLY W 497 27.34 -21.05 -46.67
N SER W 498 27.44 -20.43 -45.49
CA SER W 498 28.69 -19.88 -45.00
C SER W 498 29.47 -20.91 -44.18
N ARG W 499 30.54 -20.48 -43.53
CA ARG W 499 31.34 -21.34 -42.67
C ARG W 499 30.60 -21.69 -41.37
N ASP W 500 29.70 -20.81 -40.96
CA ASP W 500 28.93 -20.99 -39.72
C ASP W 500 27.68 -21.84 -39.93
N GLY W 501 26.93 -21.57 -41.00
CA GLY W 501 25.67 -22.27 -41.26
C GLY W 501 25.31 -22.42 -42.73
N ILE W 502 24.07 -22.82 -42.97
CA ILE W 502 23.55 -23.05 -44.32
C ILE W 502 22.54 -21.96 -44.70
N SER W 503 22.67 -21.43 -45.91
CA SER W 503 21.78 -20.37 -46.40
C SER W 503 20.72 -20.90 -47.37
N ALA W 504 21.09 -21.90 -48.17
CA ALA W 504 20.18 -22.51 -49.14
C ALA W 504 20.38 -24.01 -49.25
N LEU W 505 19.28 -24.74 -49.40
CA LEU W 505 19.30 -26.20 -49.55
C LEU W 505 18.17 -26.64 -50.49
N GLN W 506 18.55 -27.10 -51.67
CA GLN W 506 17.59 -27.60 -52.65
C GLN W 506 17.76 -29.10 -52.88
N MET W 507 16.63 -29.80 -52.94
CA MET W 507 16.62 -31.24 -53.18
C MET W 507 15.52 -31.60 -54.18
N ASP W 508 15.87 -32.41 -55.17
CA ASP W 508 14.91 -32.90 -56.16
C ASP W 508 15.23 -34.34 -56.58
N ILE W 509 14.61 -35.29 -55.88
CA ILE W 509 14.87 -36.72 -56.08
C ILE W 509 14.00 -37.28 -57.21
N LYS W 510 14.64 -38.04 -58.10
CA LYS W 510 13.97 -38.64 -59.25
C LYS W 510 13.39 -40.03 -58.94
N ILE W 511 13.72 -40.56 -57.77
CA ILE W 511 13.23 -41.87 -57.37
C ILE W 511 12.69 -41.84 -55.94
N GLU W 512 11.64 -42.62 -55.69
CA GLU W 512 11.04 -42.69 -54.37
C GLU W 512 11.90 -43.40 -53.33
N GLY W 513 13.06 -42.83 -53.04
CA GLY W 513 13.98 -43.40 -52.07
C GLY W 513 14.68 -42.58 -51.00
N ILE W 514 14.67 -41.26 -51.17
CA ILE W 514 15.31 -40.36 -50.22
C ILE W 514 15.06 -40.89 -48.82
N THR W 515 16.13 -41.32 -48.15
CA THR W 515 16.02 -41.85 -46.80
C THR W 515 16.49 -40.83 -45.77
N LYS W 516 16.11 -41.04 -44.52
CA LYS W 516 16.49 -40.13 -43.44
C LYS W 516 17.97 -39.96 -43.07
N GLU W 517 18.56 -41.02 -42.53
CA GLU W 517 19.97 -40.98 -42.14
C GLU W 517 20.76 -40.66 -43.40
N ILE W 518 20.40 -41.32 -44.50
CA ILE W 518 21.08 -41.12 -45.78
C ILE W 518 21.16 -39.64 -46.13
N MET W 519 20.09 -38.90 -45.82
CA MET W 519 20.03 -37.47 -46.10
C MET W 519 20.98 -36.71 -45.18
N GLN W 520 21.23 -37.28 -44.00
CA GLN W 520 22.18 -36.73 -43.03
C GLN W 520 23.62 -36.90 -43.52
N VAL W 521 23.91 -38.06 -44.11
CA VAL W 521 25.24 -38.36 -44.65
C VAL W 521 25.59 -37.38 -45.79
N ALA W 522 24.61 -37.11 -46.65
CA ALA W 522 24.79 -36.18 -47.76
C ALA W 522 24.91 -34.73 -47.30
N LEU W 523 24.26 -34.40 -46.19
CA LEU W 523 24.29 -33.05 -45.63
C LEU W 523 25.55 -32.81 -44.80
N ASN W 524 26.04 -33.86 -44.14
CA ASN W 524 27.28 -33.80 -43.36
C ASN W 524 28.51 -33.78 -44.27
N GLN W 525 28.41 -34.47 -45.41
CA GLN W 525 29.47 -34.50 -46.41
C GLN W 525 29.52 -33.16 -47.16
N ALA W 526 28.40 -32.44 -47.14
CA ALA W 526 28.31 -31.11 -47.73
C ALA W 526 29.07 -30.08 -46.91
N LYS W 527 29.12 -30.30 -45.59
CA LYS W 527 29.84 -29.42 -44.67
C LYS W 527 31.34 -29.44 -44.96
N GLY W 528 31.89 -30.63 -45.20
CA GLY W 528 33.30 -30.80 -45.51
C GLY W 528 33.69 -30.24 -46.87
N ALA W 529 32.87 -30.52 -47.88
CA ALA W 529 33.11 -30.07 -49.24
C ALA W 529 32.99 -28.55 -49.40
N ARG W 530 32.17 -27.94 -48.55
CA ARG W 530 31.98 -26.48 -48.55
C ARG W 530 33.18 -25.77 -47.92
N LEU W 531 33.67 -26.30 -46.81
CA LEU W 531 34.82 -25.73 -46.09
C LEU W 531 36.12 -25.82 -46.89
N HIS W 532 36.22 -26.80 -47.79
CA HIS W 532 37.37 -26.94 -48.68
C HIS W 532 37.40 -25.81 -49.71
N ILE W 533 36.22 -25.46 -50.22
CA ILE W 533 36.07 -24.35 -51.17
C ILE W 533 36.23 -23.01 -50.47
N LEU W 534 35.65 -22.90 -49.26
CA LEU W 534 35.75 -21.68 -48.45
C LEU W 534 37.18 -21.36 -48.04
N GLY W 535 38.00 -22.40 -47.85
CA GLY W 535 39.41 -22.25 -47.53
C GLY W 535 40.21 -21.60 -48.66
N VAL W 536 39.89 -22.01 -49.89
CA VAL W 536 40.54 -21.45 -51.08
C VAL W 536 39.99 -20.05 -51.39
N MET W 537 38.71 -19.84 -51.07
CA MET W 537 38.07 -18.54 -51.25
C MET W 537 38.65 -17.48 -50.29
N GLU W 538 39.07 -17.92 -49.11
CA GLU W 538 39.69 -17.05 -48.12
C GLU W 538 41.15 -16.73 -48.46
N GLN W 539 41.76 -17.57 -49.29
CA GLN W 539 43.14 -17.37 -49.73
C GLN W 539 43.29 -16.19 -50.68
N ALA W 540 42.24 -15.90 -51.45
CA ALA W 540 42.22 -14.77 -52.36
C ALA W 540 41.97 -13.46 -51.62
N ILE W 541 40.73 -13.25 -51.19
CA ILE W 541 40.35 -12.06 -50.44
C ILE W 541 39.79 -12.45 -49.07
N ASN W 542 40.16 -11.67 -48.05
CA ASN W 542 39.68 -11.91 -46.69
C ASN W 542 38.55 -10.94 -46.30
N ALA W 543 38.70 -9.67 -46.70
CA ALA W 543 37.72 -8.64 -46.42
C ALA W 543 37.63 -7.63 -47.56
N PRO W 544 36.40 -7.16 -47.87
CA PRO W 544 36.19 -6.18 -48.94
C PRO W 544 36.86 -4.83 -48.63
N GLY X 19 43.34 -0.09 -68.00
CA GLY X 19 44.35 -1.12 -68.38
C GLY X 19 43.79 -2.16 -69.33
N ALA X 20 44.04 -3.43 -69.02
CA ALA X 20 43.59 -4.55 -69.84
C ALA X 20 42.67 -5.49 -69.05
N ALA X 21 41.92 -6.33 -69.77
CA ALA X 21 41.00 -7.28 -69.16
C ALA X 21 41.41 -8.73 -69.43
N GLY X 22 41.12 -9.60 -68.48
CA GLY X 22 41.45 -11.02 -68.59
C GLY X 22 41.80 -11.64 -67.25
N GLY X 23 41.99 -12.96 -67.25
CA GLY X 23 42.34 -13.71 -66.04
C GLY X 23 43.72 -13.41 -65.50
N HIS X 24 44.58 -12.85 -66.35
CA HIS X 24 45.93 -12.46 -65.97
C HIS X 24 45.96 -11.16 -65.15
N THR X 25 44.92 -10.35 -65.31
CA THR X 25 44.83 -9.05 -64.64
C THR X 25 44.19 -9.15 -63.24
N ALA X 26 43.98 -10.39 -62.78
CA ALA X 26 43.36 -10.63 -61.48
C ALA X 26 44.25 -10.16 -60.32
N THR X 27 43.65 -9.38 -59.42
CA THR X 27 44.35 -8.83 -58.26
C THR X 27 44.62 -9.91 -57.21
N HIS X 28 43.65 -10.79 -57.01
CA HIS X 28 43.78 -11.92 -56.08
C HIS X 28 43.59 -13.24 -56.82
N HIS X 29 44.59 -14.12 -56.70
CA HIS X 29 44.59 -15.39 -57.41
C HIS X 29 44.97 -16.55 -56.48
N ALA X 30 44.11 -17.55 -56.43
CA ALA X 30 44.33 -18.73 -55.60
C ALA X 30 44.05 -20.02 -56.37
N SER X 31 44.98 -20.98 -56.27
CA SER X 31 44.86 -22.26 -56.95
C SER X 31 44.89 -23.42 -55.96
N ALA X 32 44.14 -24.47 -56.28
CA ALA X 32 44.04 -25.65 -55.41
C ALA X 32 43.94 -26.95 -56.20
N ALA X 33 44.59 -27.99 -55.68
CA ALA X 33 44.53 -29.33 -56.26
C ALA X 33 43.35 -30.11 -55.67
N PRO X 34 42.73 -30.99 -56.47
CA PRO X 34 41.62 -31.82 -55.97
C PRO X 34 42.06 -32.76 -54.83
N ALA X 35 41.30 -32.76 -53.74
CA ALA X 35 41.63 -33.57 -52.56
C ALA X 35 40.40 -33.86 -51.69
N ARG X 36 40.55 -34.82 -50.77
CA ARG X 36 39.53 -35.15 -49.79
C ARG X 36 39.41 -34.04 -48.75
N PRO X 37 38.18 -33.56 -48.50
CA PRO X 37 37.91 -32.46 -47.57
C PRO X 37 38.35 -32.74 -46.12
N GLN X 38 38.56 -31.66 -45.37
CA GLN X 38 38.89 -31.76 -43.94
C GLN X 38 37.64 -32.14 -43.15
N PRO X 39 37.67 -33.29 -42.46
CA PRO X 39 36.50 -33.78 -41.73
C PRO X 39 36.23 -33.02 -40.44
W WO4 Y . 33.74 37.89 -48.55
O1 WO4 Y . 33.13 36.00 -49.00
O2 WO4 Y . 32.23 38.87 -47.57
O3 WO4 Y . 35.39 37.81 -47.35
O4 WO4 Y . 34.18 38.89 -50.27
W WO4 Z . 28.53 40.26 -49.50
O1 WO4 Z . 26.87 40.39 -48.32
O2 WO4 Z . 28.96 42.09 -50.27
O3 WO4 Z . 30.10 39.60 -48.39
O4 WO4 Z . 28.17 38.94 -51.03
W WO4 AA . 28.77 13.28 -11.35
O1 WO4 AA . 27.09 12.35 -10.65
O2 WO4 AA . 29.77 14.13 -9.79
O3 WO4 AA . 29.97 11.92 -12.27
O4 WO4 AA . 28.24 14.73 -12.69
W WO4 BA . 33.45 15.68 -15.11
O1 WO4 BA . 31.95 14.50 -14.40
O2 WO4 BA . 32.65 17.17 -16.25
O3 WO4 BA . 34.47 16.50 -13.55
O4 WO4 BA . 34.72 14.57 -16.24
W WO4 CA . -6.88 31.59 -30.88
O1 WO4 CA . -8.37 30.20 -31.06
O2 WO4 CA . -7.44 33.01 -29.53
O3 WO4 CA . -5.18 30.66 -30.24
O4 WO4 CA . -6.55 32.46 -32.69
W WO4 DA . 17.40 17.46 73.18
O1 WO4 DA . 16.67 15.94 74.32
O2 WO4 DA . 15.84 18.50 72.36
O3 WO4 DA . 18.50 18.71 74.36
O4 WO4 DA . 18.58 16.71 71.70
W WO4 EA . 5.67 17.27 29.60
O1 WO4 EA . 6.17 15.79 28.29
O2 WO4 EA . 4.08 16.67 30.73
O3 WO4 EA . 7.26 17.68 30.81
O4 WO4 EA . 5.15 18.95 28.56
W WO4 FA . 33.58 -13.82 45.34
O1 WO4 FA . 34.17 -13.22 47.20
O2 WO4 FA . 32.52 -12.33 44.45
O3 WO4 FA . 35.22 -14.25 44.21
O4 WO4 FA . 32.41 -15.50 45.51
W WO4 GA . 31.23 -11.44 40.24
O1 WO4 GA . 31.24 -13.05 41.51
O2 WO4 GA . 30.08 -9.95 41.05
O3 WO4 GA . 33.13 -10.77 40.00
O4 WO4 GA . 30.46 -12.00 38.44
W WO4 HA . -32.10 -36.43 53.54
O1 WO4 HA . -32.11 -36.80 55.52
O2 WO4 HA . -33.17 -34.73 53.28
O3 WO4 HA . -30.24 -36.37 52.74
O4 WO4 HA . -33.03 -37.97 52.64
W WO4 IA . -30.87 -37.57 59.09
O1 WO4 IA . -30.86 -39.59 58.81
O2 WO4 IA . -31.22 -37.15 61.05
O3 WO4 IA . -29.05 -36.79 58.55
O4 WO4 IA . -32.33 -36.73 57.94
W WO4 JA . -54.85 -5.54 43.05
O1 WO4 JA . -54.64 -5.31 45.07
O2 WO4 JA . -54.14 -3.87 42.11
O3 WO4 JA . -53.79 -7.17 42.44
O4 WO4 JA . -56.82 -5.79 42.59
W WO4 KA . -57.55 -0.53 46.06
O1 WO4 KA . -57.62 -2.56 46.28
O2 WO4 KA . -58.05 0.35 47.83
O3 WO4 KA . -55.66 0.03 45.54
O4 WO4 KA . -58.87 0.05 44.62
W WO4 LA . -46.40 -13.04 88.16
O1 WO4 LA . -47.11 -12.10 89.82
O2 WO4 LA . -45.11 -11.81 87.17
O3 WO4 LA . -45.45 -14.76 88.70
O4 WO4 LA . -47.97 -13.50 86.92
W WO4 MA . -49.65 -8.48 84.65
O1 WO4 MA . -49.24 -10.21 83.66
O2 WO4 MA . -50.62 -8.91 86.39
O3 WO4 MA . -47.92 -7.49 85.05
O4 WO4 MA . -50.85 -7.31 83.47
W WO4 NA . 22.48 -7.55 -97.51
O1 WO4 NA . 23.12 -9.16 -96.43
O2 WO4 NA . 23.38 -5.86 -96.81
O3 WO4 NA . 22.95 -7.82 -99.47
O4 WO4 NA . 20.46 -7.37 -97.32
W WO4 OA . 18.70 -6.20 -101.63
O1 WO4 OA . 18.89 -8.11 -100.92
O2 WO4 OA . 19.03 -4.88 -100.11
O3 WO4 OA . 20.05 -5.89 -103.11
O4 WO4 OA . 16.81 -5.93 -102.36
W WO4 PA . -17.05 -20.88 -80.41
O1 WO4 PA . -17.47 -20.10 -78.57
O2 WO4 PA . -18.35 -20.14 -81.79
O3 WO4 PA . -15.14 -20.37 -80.94
O4 WO4 PA . -17.21 -22.92 -80.35
W WO4 QA . -16.52 -17.89 -85.60
O1 WO4 QA . -16.46 -19.09 -83.94
O2 WO4 QA . -17.31 -16.08 -85.11
O3 WO4 QA . -14.63 -17.64 -86.32
O4 WO4 QA . -17.67 -18.78 -87.03
W WO4 RA . 22.46 -28.00 -63.39
O1 WO4 RA . 20.84 -28.66 -62.33
O2 WO4 RA . 24.15 -28.88 -62.67
O3 WO4 RA . 22.22 -28.49 -65.36
O4 WO4 RA . 22.61 -25.97 -63.21
W WO4 SA . 16.55 -29.21 -62.39
O1 WO4 SA . 17.73 -30.77 -61.81
O2 WO4 SA . 16.16 -28.03 -60.76
O3 WO4 SA . 17.51 -28.11 -63.81
O4 WO4 SA . 14.79 -29.92 -63.14
#